data_7YLV
#
_entry.id   7YLV
#
loop_
_entity.id
_entity.type
_entity.pdbx_description
1 polymer 'T-complex protein 1 subunit alpha'
2 polymer 'T-complex protein 1 subunit beta'
3 polymer 'T-complex protein 1 subunit gamma'
4 polymer 'T-complex protein 1 subunit delta'
5 polymer 'T-complex protein 1 subunit epsilon'
6 polymer 'T-complex protein 1 subunit zeta'
7 polymer 'T-complex protein 1 subunit eta'
8 polymer 'T-complex protein 1 subunit theta'
9 polymer 'Phosducin-like protein 2'
#
loop_
_entity_poly.entity_id
_entity_poly.type
_entity_poly.pdbx_seq_one_letter_code
_entity_poly.pdbx_strand_id
1 'polypeptide(L)'
;MSQLFNNSRSDTLFLGGEKISGDDIRNQNVLATMAVANVVKSSLGPVGLDKMLVDDIGDFTVTNDGATILSLLDVQHPAG
KILVELAQQQDREIGDGTTSVVIIASELLKRANELVKNKIHPTTIITGFRVALREAIRFINEVLSTSVDTLGKETLINIA
KTSMSSKIIGADSDFFSNMVVDALLAVKTQNSKGEIKYPVKAVNVLKAHGKSATESLLVPGYALNCTVASQAMPKRIAGG
NVKIACLDLNLQKARMAMGVQINIDDPEQLEQIRKREAGIVLERVKKIIDAGAQVVLTTKGIDDLCLKEFVEAKIMGVRR
CKKEDLRRIARATGATLVSSMSNLEGEETFESSYLGLCDEVVQAKFSDDECILIKGTSKHSSSSIILRGANDYSLDEMER
SLHDSLSVVKRTLESGNVVPGGGCVEAALNIYLDNFATTVGSREQLAIAEFAAALLIIPKTLAVNAAKDSSELVAKLRSY
HAASQMAKPEDVKRRSYRNYGLDLIRGKIVDEIHAGVLEPTISKVKSLKSALEACVAILRIDTMITVDPEPPKEDPHDH
;
A,a
2 'polypeptide(L)'
;MSVQIFGDQVTEERAENARLSAFVGAIAVGDLVKSTLGPKGMDKLLQSASSNTCMVTNDGATILKSIPLDNPAAKVLVNI
SKVQDDEVGDGTTSVTVLSAELLREAEKLIDQSKIHPQTIIEGYRLASAAALDALTKAAVDNSHDKTMFREDLIHIAKTT
LSSKILSQDKDHFAELATNAILRLKGSTNLEHIQIIKILGGKLSDSFLDEGFILAKKFGNNQPKRIENAKILIANTTLDT
DKVKIFGTKFKVDSTAKLAQLEKAEREKMKNKIAKISKFGINTFINRQLIYDYPEQLFTDLGINSIEHADFEGVERLALV
TGGEVVSTFDEPSKCKLGECDVIEEIMLGEQPFLKFSGCKAGEACTIVLRGATDQTLDEAERSLHDALSVLSQTTKETRT
VLGGGCAEMVMSKAVDTEAQNIDGKKSLAVEAFARALRQLPTILADNAGFDSSELVSKLRSSIYNGISTSGLDLNNGTIA
DMRQLGIVESYKLKRAVVSSASEAAEVLLRVDNIIRARPRTANRQHM
;
B,b
3 'polypeptide(L)'
;MQAPVVFMNASQERTTGRQAQISNITAAKAVADVIRTCLGPKAMLKMLLDPMGGLVLTNDGHAILREIDVAHPAAKSMLE
LSRTQDEEVGDGTTTVIILAGEILAQCAPYLIEKNIHPVIIIQALKKALTDALEVIKQVSKPVDVENDAAMKKLIQASIG
TKYVIHWSEKMCELALDAVKTVRKDLGQTVEGEPNFEIDIKRYVRVEKIPGGDVLDSRVLKGVLLNKDVVHPKMSRHIEN
PRVVLLDCPLEYKKGESQTNIEIEKEEDWNRILQIEEEQVQLMCEQILAVRPTLVITEKGVSDLAQHYLLKGGCSVLRRV
KKSDNNRIARVTGATIVNRVEDLKESDVGTNCGLFKVEMIGDEYFSFLDNCKEPKACTIMLRGGSKDILNEIDRNLQDAM
AVARNVMLSPSLSPGGGATEMAVSVKLAEKAKQLEGIQQWPYQAVADAMECIPRTLIQNAGGDPIRLLSQLRAKHAQGNF
TTGIDGDKGKIVDMVSYGIWEPEVIKQQSVKTAIESACLLLRVDDIVSGVRKQE
;
G,g
4 'polypeptide(L)'
;MSAKVPSNATFKNKEKPQEVRKANIIAARSVADAIRTSLGPKGMDKMIKTSRGEIIISNDGHTILKQMAILHPVARMLVE
VSAAQDSEAGDGTTSVVILTGALLGAAERLLNKGIHPTIIADSFQSAAKRSVDILLEMCHKVSLSDREQLVRAASTSLSS
KIVSQYSSFLAPLAVDSVLKISDENSKNVDLNDIRLVKKVGGTIDDTEMIDGVVLTQTAIKSAGGPTRKEKAKIGLIQFQ
ISPPKPDTENNIIVNDYRQMDKILKEERAYLLNICKKIKKAKCNVLLIQKSILRDAVNDLALHFLSKLNIMVVKDIEREE
IEFLSKGLGCKPIADIELFTEDRLGSADLVEEIDSDGSKIVRVTGIRNNNARPTVSVVIRGANNMIIDETERSLHDALCV
IRCLVKERGLIAGGGAPEIEISRRLSKEARSMEGVQAFIWQEFASALEVIPTTLAENAGLNSIKVVTELRSKHENGELND
GISVRRSGTTNTYEEHILQPVLVSTSAITLASECVKSILRIDDIAFSR
;
D,d
5 'polypeptide(L)'
;MAARPQQPPMEMPDLSNAIVAQDEMGRPFIIVKDQGNKKRQHGLEAKKSHILAARSVASIIKTSLGPRGLDKILISPDGE
ITITNDGATILSQMELDNEIAKLLVQLSKSQDDEIGDGTTGVVVLASALLDQALELIQKGIHPIKIANGFDEAAKLAISK
LEETCDDISASNDELFRDFLLRAAKTSLGSKIVSKDHDRFAEMAVEAVINVMDKDRKDVDFDLIKMQGRVGGSISDSKLI
NGVILDKDFSHPQMPKCVLPKEGSDGVKLAILTCPFEPPKPKTKHKLDISSVEEYQKLQTYEQDKFKEMIDDVKKAGADV
VICQWGFDDEANHLLLQNDLPAVRWVGGQELEHIAISTNGRIVPRFQDLSKDKLGTCSRIYEQEFGTTKDRMLIIEQSKE
TKTVTCFVRGSNKMIVDEAERALHDSLCVVRNLVKDSRVVYGGGAAEVTMSLAVSEEADKQRGIDQYAFRGFAQALDTIP
MTLAENSGLDPIGTLSTLKSKQLKEKISNIGVDCLGYGSNDMKELFVVDPFIGKKQQILLATQLCRMILKIDNVIISGKD
EY
;
E,e
6 'polypeptide(L)'
;MSLQLLNPKAESLRRDAALKVNVTSAEGLQSVLETNLGPKGTLKMLVDGAGNIKLTKDGKVLLTEMQIQSPTAVLIARAA
AAQDEITGDGTTTVVCLVGELLRQAHRFIQEGVHPRIITDGFEIARKESMKFLDEFKISKTNLSNDREFLLQVARSSLLT
KVDADLTEVLTPIVTDAVLSVYDAQADNLDLHMVEIMQMQHLSPKDTTFIKGLVLDHGGRHPDMPTRVKNAYVLILNVSL
EYEKTEVNSGFFYSSADQRDKLAASERKFVDAKLKKIIDLKNEVCGMDPDKGFVIINQKGIDPMSLDVFAKHNILALRRA
KRRNMERLQLVTGGEAQNSVEDLSPQILGFSGLVYQETIGEEKFTYVTENTDPKSCTILIKGSTHYALAQTKDAVRDGLR
AVANVLKDKNIIPGAGAFYIALSRYLRSANMNKLGAKGKTKTGIEAFAEALLVIPKTLVKNSGFDPLDVLAMVEDELDDA
QDSDETRYVGVDLNIGDSCDPTIEGIWDSYRVLRNAITGATGIASNLLLCDELLRAGRSTLKETPQ
;
Z,z
7 'polypeptide(L)'
;MNFGSQTPTIVVLKEGTDASQGKGQIISNINACVAVQEALKPTLGPLGSDILIVTSNQKTTISNDGATILKLLDVVHPAA
KTLVDISRAQDAEVGDGTTSVTILAGELMKEAKPFLEEGISSHLIMKGYRKAVSLAVEKINELAVDITSEKSSGRELLER
CARTAMSSKLIHNNADFFVKMCVDAVLSLDRNDLDDKLIGIKKIPGGAMEESLFINGVAFKKTFSYAGFEQQPKKFNNPK
ILSLNVELELKAEKDNAEVRVEHVEDYQAIVDAEWQLIFEKLRQVEETGANIVLSKLPIGDLATQFFADRNIFCAGRVSA
DDMNRVIQAVGGSIQSTTSDIKPEHLGTCALFEEMQIGSERYNLFQGCPQAKTCTLLLRGGAEQVIAEVERSLHDAIMIV
KRALQNKLIVAGGGATEMEVSKCLRDYSKTIAGKQQMIINAFAKALEVIPRQLCENAGFDAIEILNKLRLAHSKGEKWYG
VVFETENIGDNFAKFVWEPALVKINALNSATEATNLILSVDETITNKGSESANAGMMPPQGAGRGRGMPM
;
H,h
8 'polypeptide(L)'
;MSLRLPQNPNAGLFKQGYNSYSNADGQIIKSIAAIRELHQMCLTSMGPCGRNKIIVNHLGKIIITNDAATMLRELDIVHP
AVKVLVMATEQQKIDMGDGTNLVMILAGELLNVSEKLISMGLSAVEIIQGYNMARKFTLKELDEMVVGEITDKNDKNELL
KMIKPVISSKKYGSEDILSELVSEAVSHVLPVAQQAGEIPYFNVDSIRVVKIMGGSLSNSTVIKGMVFNREPEGHVKSLS
EDKKHKVAVFTCPLDIANTETKGTVLLHNAQEMLDFSKGEEKQIDAMMKEIADMGVECIVAGAGVGELALHYLNRYGILV
LKVPSKFELRRLCRVCGATPLPRLGAPTPEELGLVETVKTMEIGGDRVTVFKQEQGEISRTSTIILRGATQNNLDDIERA
IDDGVAAVKGLMKPSGGKLLPGAGATEIELISRITKYGERTPGLLQLAIKQFAVAFEVVPRTLAETAGLDVNEVLPNLYA
AHNVTEPGAVKTDHLYKGVDIDGESDEGVKDIREENIYDMLATKKFAINVATEAATTVLSIDQIIMAKKAGGPRAPQGPR
PGNWDQED
;
Q,q
9 'polypeptide(L)'
;MQNEPMFQVQVDESEDSEWNDILRAKGVIPERAPSPTAKLEEALEEAIAKQHENRLEDKDLSDLEELEDDEDEDFLEAYK
IKRLNEIRKLQERSKFGEVFHINKPEYNKEVTLASQGKKYEGAQTNDNGEEDDGGVYVFVHLSLQSKLQSRILSHLFQSA
ACKFREIKFVEIPANRAIENYPESNCPTLIVYYRGEVIKNMITLLELGGNNSKMEDFEDFMVKVGAVAEGDNRLIMNRDD
EESREERKLHYGEKKSIRSGIRGKFNVGIGGNDDGNINDDDDGFFD
;
P
#
# COMPACT_ATOMS: atom_id res chain seq x y z
N PHE A 5 -22.75 1.45 18.98
CA PHE A 5 -23.78 2.29 19.59
C PHE A 5 -25.14 2.03 18.96
N ASN A 6 -25.21 2.17 17.63
CA ASN A 6 -26.45 1.90 16.92
C ASN A 6 -26.74 0.41 16.90
N ASN A 7 -28.03 0.08 16.82
CA ASN A 7 -28.44 -1.32 16.83
C ASN A 7 -28.48 -1.90 15.43
N SER A 8 -27.51 -2.77 15.13
CA SER A 8 -27.37 -3.36 13.81
C SER A 8 -26.68 -4.70 13.96
N ARG A 9 -26.31 -5.30 12.82
CA ARG A 9 -25.67 -6.61 12.76
C ARG A 9 -26.45 -7.66 13.54
N SER A 10 -27.75 -7.77 13.25
CA SER A 10 -28.62 -8.68 13.98
C SER A 10 -28.18 -10.13 13.88
N ASP A 11 -27.83 -10.56 12.65
CA ASP A 11 -27.37 -11.91 12.34
C ASP A 11 -28.34 -12.94 12.90
N THR A 12 -29.64 -12.65 12.81
CA THR A 12 -30.70 -13.54 13.26
C THR A 12 -31.97 -13.18 12.52
N LEU A 13 -32.92 -14.12 12.51
CA LEU A 13 -34.23 -13.91 11.89
C LEU A 13 -34.07 -13.62 10.40
N PHE A 14 -33.95 -14.68 9.59
CA PHE A 14 -33.59 -14.56 8.18
C PHE A 14 -34.74 -13.93 7.40
N LEU A 15 -34.80 -12.60 7.49
CA LEU A 15 -35.71 -11.78 6.71
C LEU A 15 -34.95 -10.64 6.06
N GLY A 16 -35.59 -9.96 5.12
CA GLY A 16 -34.95 -8.90 4.37
C GLY A 16 -34.79 -7.59 5.13
N GLY A 17 -34.02 -7.62 6.22
CA GLY A 17 -33.92 -6.47 7.09
C GLY A 17 -33.22 -6.86 8.38
N GLU A 18 -33.21 -5.91 9.32
CA GLU A 18 -32.59 -6.11 10.61
C GLU A 18 -33.64 -6.34 11.69
N LYS A 19 -33.18 -6.87 12.83
CA LYS A 19 -34.03 -7.13 13.98
C LYS A 19 -33.41 -6.44 15.19
N ILE A 20 -34.17 -5.56 15.83
CA ILE A 20 -33.77 -4.91 17.08
C ILE A 20 -34.81 -5.23 18.14
N SER A 21 -34.38 -5.88 19.22
CA SER A 21 -35.30 -6.42 20.21
C SER A 21 -34.63 -6.37 21.58
N GLY A 22 -35.46 -6.51 22.61
CA GLY A 22 -34.93 -6.60 23.97
C GLY A 22 -34.42 -5.26 24.45
N ASP A 23 -33.38 -5.30 25.28
CA ASP A 23 -32.84 -4.07 25.86
C ASP A 23 -32.36 -3.11 24.78
N ASP A 24 -32.03 -3.63 23.61
CA ASP A 24 -31.54 -2.79 22.53
C ASP A 24 -32.60 -1.80 22.07
N ILE A 25 -33.79 -2.31 21.72
CA ILE A 25 -34.86 -1.43 21.26
C ILE A 25 -35.41 -0.61 22.43
N ARG A 26 -35.41 -1.17 23.65
CA ARG A 26 -35.88 -0.41 24.79
C ARG A 26 -35.02 0.80 25.07
N ASN A 27 -33.69 0.63 25.06
CA ASN A 27 -32.79 1.77 25.23
C ASN A 27 -32.92 2.76 24.07
N GLN A 28 -33.09 2.25 22.85
CA GLN A 28 -33.30 3.12 21.70
C GLN A 28 -34.55 3.97 21.87
N ASN A 29 -35.64 3.35 22.35
CA ASN A 29 -36.87 4.11 22.57
C ASN A 29 -36.66 5.20 23.61
N VAL A 30 -35.89 4.91 24.66
CA VAL A 30 -35.60 5.92 25.67
C VAL A 30 -34.82 7.07 25.07
N LEU A 31 -33.81 6.76 24.25
CA LEU A 31 -33.01 7.81 23.62
C LEU A 31 -33.88 8.68 22.72
N ALA A 32 -34.82 8.07 21.99
CA ALA A 32 -35.66 8.83 21.07
C ALA A 32 -36.56 9.80 21.82
N THR A 33 -37.25 9.31 22.85
CA THR A 33 -38.21 10.14 23.57
C THR A 33 -37.51 11.26 24.34
N MET A 34 -36.29 11.00 24.83
CA MET A 34 -35.51 12.07 25.45
C MET A 34 -35.05 13.10 24.43
N ALA A 35 -34.67 12.64 23.23
CA ALA A 35 -34.24 13.56 22.18
C ALA A 35 -35.35 14.53 21.81
N VAL A 36 -36.60 14.06 21.81
CA VAL A 36 -37.73 14.95 21.52
C VAL A 36 -37.99 15.87 22.70
N ALA A 37 -38.07 15.31 23.90
CA ALA A 37 -38.32 16.12 25.09
C ALA A 37 -37.25 17.19 25.30
N ASN A 38 -35.99 16.86 25.01
CA ASN A 38 -34.91 17.83 25.14
C ASN A 38 -35.12 19.06 24.28
N VAL A 39 -35.96 18.97 23.24
CA VAL A 39 -36.21 20.13 22.39
C VAL A 39 -37.28 21.03 23.00
N VAL A 40 -38.43 20.45 23.34
CA VAL A 40 -39.57 21.22 23.82
C VAL A 40 -39.45 21.58 25.29
N LYS A 41 -38.60 20.88 26.05
CA LYS A 41 -38.61 21.03 27.50
C LYS A 41 -38.58 22.48 27.95
N SER A 42 -37.71 23.30 27.36
CA SER A 42 -37.41 24.62 27.90
C SER A 42 -38.53 25.63 27.64
N SER A 43 -39.54 25.25 26.86
CA SER A 43 -40.66 26.14 26.56
C SER A 43 -41.70 26.17 27.68
N LEU A 44 -41.56 25.31 28.68
CA LEU A 44 -42.54 25.18 29.74
C LEU A 44 -42.54 26.44 30.61
N GLY A 45 -43.71 27.03 30.80
CA GLY A 45 -43.88 28.13 31.73
C GLY A 45 -43.77 29.48 31.06
N PRO A 46 -44.38 30.50 31.67
CA PRO A 46 -44.31 31.84 31.07
C PRO A 46 -42.93 32.46 31.12
N VAL A 47 -42.03 31.89 31.91
CA VAL A 47 -40.68 32.46 32.05
C VAL A 47 -39.69 31.73 31.15
N GLY A 48 -40.13 30.75 30.38
CA GLY A 48 -39.22 29.94 29.60
C GLY A 48 -38.64 30.69 28.42
N LEU A 49 -37.72 30.02 27.74
CA LEU A 49 -37.03 30.59 26.59
C LEU A 49 -37.54 29.95 25.30
N ASP A 50 -37.51 30.71 24.22
CA ASP A 50 -37.91 30.23 22.91
C ASP A 50 -36.75 29.49 22.23
N LYS A 51 -37.07 28.84 21.11
CA LYS A 51 -36.08 28.10 20.34
C LYS A 51 -36.28 28.37 18.85
N MET A 52 -35.21 28.15 18.10
CA MET A 52 -35.20 28.42 16.67
C MET A 52 -35.46 27.14 15.87
N LEU A 53 -36.34 27.26 14.87
CA LEU A 53 -36.68 26.14 13.99
C LEU A 53 -36.25 26.52 12.58
N VAL A 54 -35.30 25.75 12.03
CA VAL A 54 -34.74 26.06 10.72
C VAL A 54 -35.08 24.92 9.75
N ASP A 55 -35.55 25.28 8.57
CA ASP A 55 -36.03 24.31 7.60
C ASP A 55 -34.88 23.87 6.70
N ASP A 56 -35.17 23.04 5.69
CA ASP A 56 -34.15 22.53 4.79
C ASP A 56 -33.80 23.48 3.66
N ILE A 57 -34.50 24.62 3.57
CA ILE A 57 -34.30 25.53 2.45
C ILE A 57 -33.33 26.65 2.83
N GLY A 58 -33.41 27.13 4.07
CA GLY A 58 -32.63 28.26 4.54
C GLY A 58 -33.40 29.27 5.34
N ASP A 59 -34.69 29.04 5.58
CA ASP A 59 -35.48 29.97 6.38
C ASP A 59 -35.65 29.40 7.79
N PHE A 60 -36.08 30.25 8.71
CA PHE A 60 -36.26 29.83 10.09
C PHE A 60 -37.30 30.71 10.77
N THR A 61 -37.80 30.23 11.90
CA THR A 61 -38.68 30.99 12.76
C THR A 61 -38.30 30.70 14.21
N VAL A 62 -38.58 31.64 15.10
CA VAL A 62 -38.30 31.48 16.53
C VAL A 62 -39.63 31.52 17.29
N THR A 63 -39.86 30.52 18.13
CA THR A 63 -41.12 30.40 18.84
C THR A 63 -40.90 29.64 20.13
N ASN A 64 -41.75 29.92 21.12
CA ASN A 64 -41.88 29.10 22.31
C ASN A 64 -43.16 28.26 22.33
N ASP A 65 -43.86 28.15 21.21
CA ASP A 65 -45.08 27.35 21.14
C ASP A 65 -44.70 25.88 21.06
N GLY A 66 -45.07 25.11 22.09
CA GLY A 66 -44.71 23.70 22.12
C GLY A 66 -45.27 22.93 20.95
N ALA A 67 -46.47 23.29 20.49
CA ALA A 67 -47.08 22.56 19.37
C ALA A 67 -46.27 22.77 18.09
N THR A 68 -45.91 24.01 17.79
CA THR A 68 -45.06 24.30 16.64
C THR A 68 -43.67 23.70 16.75
N ILE A 69 -43.04 23.79 17.93
CA ILE A 69 -41.70 23.23 18.09
C ILE A 69 -41.71 21.73 17.83
N LEU A 70 -42.69 21.03 18.40
CA LEU A 70 -42.76 19.57 18.22
C LEU A 70 -43.11 19.21 16.78
N SER A 71 -44.10 19.87 16.19
CA SER A 71 -44.54 19.51 14.84
C SER A 71 -43.44 19.73 13.82
N LEU A 72 -42.64 20.80 13.99
CA LEU A 72 -41.59 21.12 13.04
C LEU A 72 -40.25 20.49 13.41
N LEU A 73 -40.26 19.50 14.30
CA LEU A 73 -39.02 18.81 14.69
C LEU A 73 -38.79 17.61 13.80
N ASP A 74 -37.60 17.49 13.24
CA ASP A 74 -37.23 16.32 12.45
C ASP A 74 -36.97 15.14 13.39
N VAL A 75 -37.90 14.18 13.40
CA VAL A 75 -37.80 13.01 14.27
C VAL A 75 -37.63 11.78 13.38
N GLN A 76 -36.51 11.06 13.58
CA GLN A 76 -36.16 9.92 12.75
C GLN A 76 -36.48 8.59 13.43
N HIS A 77 -37.11 8.62 14.60
CA HIS A 77 -37.52 7.41 15.30
C HIS A 77 -39.00 7.47 15.61
N PRO A 78 -39.75 6.43 15.22
CA PRO A 78 -41.20 6.45 15.51
C PRO A 78 -41.51 6.56 16.99
N ALA A 79 -40.59 6.14 17.87
CA ALA A 79 -40.83 6.27 19.30
C ALA A 79 -41.01 7.74 19.69
N GLY A 80 -40.34 8.65 18.97
CA GLY A 80 -40.54 10.06 19.24
C GLY A 80 -41.73 10.63 18.50
N LYS A 81 -42.02 10.10 17.32
CA LYS A 81 -43.17 10.57 16.54
C LYS A 81 -44.47 10.34 17.31
N ILE A 82 -44.52 9.26 18.09
CA ILE A 82 -45.73 8.97 18.88
C ILE A 82 -46.03 10.15 19.79
N LEU A 83 -45.00 10.72 20.42
CA LEU A 83 -45.19 11.85 21.32
C LEU A 83 -45.49 13.14 20.56
N VAL A 84 -44.93 13.32 19.37
CA VAL A 84 -45.27 14.48 18.56
C VAL A 84 -46.73 14.41 18.10
N GLU A 85 -47.16 13.25 17.59
CA GLU A 85 -48.56 13.06 17.23
C GLU A 85 -49.49 13.18 18.43
N LEU A 86 -49.06 12.70 19.60
CA LEU A 86 -49.83 12.93 20.82
C LEU A 86 -50.07 14.41 21.03
N ALA A 87 -49.03 15.23 20.94
CA ALA A 87 -49.20 16.67 21.12
C ALA A 87 -50.19 17.24 20.10
N GLN A 88 -50.12 16.76 18.87
CA GLN A 88 -51.04 17.23 17.84
C GLN A 88 -52.48 16.89 18.18
N GLN A 89 -52.69 15.72 18.79
CA GLN A 89 -54.03 15.37 19.29
C GLN A 89 -54.40 16.23 20.49
N GLN A 90 -53.44 16.49 21.38
CA GLN A 90 -53.70 17.37 22.52
C GLN A 90 -54.29 18.70 22.06
N ASP A 91 -53.73 19.27 20.99
CA ASP A 91 -54.23 20.54 20.48
C ASP A 91 -55.69 20.43 20.05
N ARG A 92 -56.13 19.24 19.66
CA ARG A 92 -57.48 19.05 19.15
C ARG A 92 -58.51 18.79 20.24
N GLU A 93 -58.08 18.64 21.49
CA GLU A 93 -59.00 18.38 22.61
C GLU A 93 -58.89 19.47 23.65
N ILE A 94 -57.67 19.91 23.98
CA ILE A 94 -57.45 20.92 25.01
C ILE A 94 -57.03 22.26 24.39
N GLY A 95 -56.11 22.23 23.44
CA GLY A 95 -55.54 23.42 22.85
C GLY A 95 -54.29 23.91 23.54
N ASP A 96 -53.85 23.25 24.61
CA ASP A 96 -52.65 23.67 25.34
C ASP A 96 -52.11 22.47 26.10
N GLY A 97 -50.97 22.68 26.74
CA GLY A 97 -50.33 21.64 27.51
C GLY A 97 -49.39 20.73 26.73
N THR A 98 -49.18 20.99 25.45
CA THR A 98 -48.37 20.08 24.63
C THR A 98 -46.97 19.92 25.20
N THR A 99 -46.41 21.01 25.75
CA THR A 99 -45.07 20.94 26.33
C THR A 99 -45.04 20.03 27.55
N SER A 100 -46.00 20.18 28.45
CA SER A 100 -45.99 19.42 29.70
C SER A 100 -46.28 17.94 29.47
N VAL A 101 -47.02 17.60 28.41
CA VAL A 101 -47.32 16.20 28.13
C VAL A 101 -46.06 15.46 27.67
N VAL A 102 -45.31 16.07 26.75
CA VAL A 102 -44.08 15.44 26.25
C VAL A 102 -43.07 15.32 27.38
N ILE A 103 -42.95 16.35 28.21
CA ILE A 103 -41.98 16.31 29.30
C ILE A 103 -42.28 15.17 30.25
N ILE A 104 -43.55 15.02 30.65
CA ILE A 104 -43.93 13.93 31.55
C ILE A 104 -43.73 12.58 30.88
N ALA A 105 -44.17 12.46 29.62
CA ALA A 105 -44.09 11.19 28.92
C ALA A 105 -42.65 10.68 28.84
N SER A 106 -41.71 11.57 28.53
CA SER A 106 -40.31 11.16 28.44
C SER A 106 -39.80 10.66 29.78
N GLU A 107 -40.12 11.38 30.85
CA GLU A 107 -39.64 10.99 32.18
C GLU A 107 -40.21 9.64 32.59
N LEU A 108 -41.48 9.38 32.29
CA LEU A 108 -42.07 8.08 32.59
C LEU A 108 -41.36 6.95 31.84
N LEU A 109 -41.03 7.18 30.56
CA LEU A 109 -40.37 6.14 29.79
C LEU A 109 -38.96 5.88 30.33
N LYS A 110 -38.23 6.93 30.67
CA LYS A 110 -36.91 6.76 31.26
C LYS A 110 -37.01 6.00 32.58
N ARG A 111 -37.94 6.40 33.45
CA ARG A 111 -38.12 5.70 34.71
C ARG A 111 -38.51 4.24 34.48
N ALA A 112 -39.38 4.00 33.49
CA ALA A 112 -39.79 2.63 33.19
C ALA A 112 -38.60 1.77 32.78
N ASN A 113 -37.67 2.33 31.98
CA ASN A 113 -36.50 1.57 31.56
C ASN A 113 -35.68 1.12 32.77
N GLU A 114 -35.58 1.97 33.78
CA GLU A 114 -34.86 1.57 35.00
C GLU A 114 -35.56 0.41 35.69
N LEU A 115 -36.90 0.44 35.73
CA LEU A 115 -37.64 -0.67 36.33
C LEU A 115 -37.41 -1.97 35.57
N VAL A 116 -37.34 -1.90 34.24
CA VAL A 116 -37.05 -3.10 33.45
C VAL A 116 -35.68 -3.66 33.81
N LYS A 117 -34.68 -2.79 33.93
CA LYS A 117 -33.34 -3.25 34.28
C LYS A 117 -33.32 -3.89 35.66
N ASN A 118 -34.24 -3.50 36.53
CA ASN A 118 -34.37 -4.07 37.87
C ASN A 118 -35.30 -5.27 37.91
N LYS A 119 -35.66 -5.82 36.74
CA LYS A 119 -36.40 -7.09 36.64
C LYS A 119 -37.87 -6.91 37.04
N ILE A 120 -38.45 -5.78 36.65
CA ILE A 120 -39.90 -5.58 36.69
C ILE A 120 -40.39 -5.67 35.25
N HIS A 121 -41.32 -6.59 34.99
CA HIS A 121 -41.73 -6.87 33.63
C HIS A 121 -42.49 -5.67 33.06
N PRO A 122 -42.25 -5.31 31.79
CA PRO A 122 -43.00 -4.20 31.20
C PRO A 122 -44.51 -4.30 31.40
N THR A 123 -45.09 -5.50 31.41
CA THR A 123 -46.52 -5.62 31.62
C THR A 123 -46.92 -5.08 32.99
N THR A 124 -46.07 -5.27 33.99
CA THR A 124 -46.41 -4.83 35.34
C THR A 124 -46.11 -3.33 35.51
N ILE A 125 -45.23 -2.79 34.68
CA ILE A 125 -45.02 -1.34 34.65
C ILE A 125 -46.22 -0.65 34.04
N ILE A 126 -46.70 -1.15 32.90
CA ILE A 126 -47.88 -0.58 32.27
C ILE A 126 -49.08 -0.66 33.20
N THR A 127 -49.28 -1.83 33.81
CA THR A 127 -50.38 -1.98 34.76
C THR A 127 -50.27 -0.97 35.91
N GLY A 128 -49.10 -0.90 36.54
CA GLY A 128 -48.94 -0.02 37.68
C GLY A 128 -49.15 1.44 37.32
N PHE A 129 -48.67 1.85 36.14
CA PHE A 129 -48.86 3.22 35.70
C PHE A 129 -50.35 3.54 35.57
N ARG A 130 -51.12 2.63 34.98
CA ARG A 130 -52.55 2.87 34.82
C ARG A 130 -53.27 2.88 36.17
N VAL A 131 -52.85 2.01 37.10
CA VAL A 131 -53.42 2.05 38.45
C VAL A 131 -53.12 3.39 39.12
N ALA A 132 -51.89 3.88 38.97
CA ALA A 132 -51.54 5.19 39.53
C ALA A 132 -52.40 6.29 38.92
N LEU A 133 -52.63 6.23 37.61
CA LEU A 133 -53.44 7.27 36.95
C LEU A 133 -54.84 7.34 37.54
N ARG A 134 -55.47 6.19 37.77
CA ARG A 134 -56.83 6.16 38.31
C ARG A 134 -56.89 6.91 39.63
N GLU A 135 -55.94 6.66 40.52
CA GLU A 135 -55.91 7.36 41.79
C GLU A 135 -55.51 8.83 41.61
N ALA A 136 -54.60 9.11 40.68
CA ALA A 136 -54.18 10.48 40.43
C ALA A 136 -55.36 11.34 39.98
N ILE A 137 -56.22 10.80 39.12
CA ILE A 137 -57.39 11.56 38.67
C ILE A 137 -58.36 11.77 39.83
N ARG A 138 -58.59 10.74 40.63
CA ARG A 138 -59.46 10.88 41.80
C ARG A 138 -58.92 11.93 42.75
N PHE A 139 -57.59 12.02 42.88
CA PHE A 139 -56.99 13.04 43.74
C PHE A 139 -57.26 14.44 43.18
N ILE A 140 -57.12 14.62 41.87
CA ILE A 140 -57.37 15.92 41.27
C ILE A 140 -58.78 16.41 41.62
N ASN A 141 -59.76 15.51 41.64
CA ASN A 141 -61.12 15.86 42.00
C ASN A 141 -61.26 16.40 43.42
N GLU A 142 -60.29 16.12 44.31
CA GLU A 142 -60.36 16.53 45.70
C GLU A 142 -59.79 17.94 45.88
N VAL A 143 -58.80 18.29 45.07
CA VAL A 143 -58.16 19.61 45.11
C VAL A 143 -58.91 20.53 44.16
N LEU A 144 -59.84 19.96 43.39
CA LEU A 144 -60.69 20.70 42.48
C LEU A 144 -61.51 21.76 43.22
N SER A 145 -61.56 22.94 42.61
CA SER A 145 -62.34 24.05 43.14
C SER A 145 -63.07 24.73 41.99
N THR A 146 -64.08 25.53 42.34
CA THR A 146 -64.83 26.26 41.34
C THR A 146 -64.46 27.75 41.38
N SER A 147 -65.31 28.56 40.76
CA SER A 147 -65.09 30.00 40.80
C SER A 147 -65.29 30.51 42.23
N VAL A 148 -64.21 31.01 42.84
CA VAL A 148 -64.21 31.44 44.23
C VAL A 148 -63.58 32.82 44.32
N ASP A 149 -63.57 33.36 45.55
CA ASP A 149 -62.96 34.64 45.87
C ASP A 149 -63.60 35.81 45.11
N THR A 150 -64.92 35.89 45.10
CA THR A 150 -65.62 37.02 44.50
C THR A 150 -66.47 37.79 45.50
N LEU A 151 -66.76 37.18 46.65
CA LEU A 151 -67.65 37.77 47.64
C LEU A 151 -66.87 37.99 48.94
N GLY A 152 -66.71 39.26 49.32
CA GLY A 152 -65.96 39.61 50.50
C GLY A 152 -64.46 39.66 50.30
N LYS A 153 -63.98 39.31 49.12
CA LYS A 153 -62.55 39.31 48.80
C LYS A 153 -62.44 39.15 47.28
N GLU A 154 -61.31 39.54 46.72
CA GLU A 154 -61.05 39.30 45.30
C GLU A 154 -59.63 38.80 45.12
N THR A 155 -59.50 37.65 44.46
CA THR A 155 -58.22 37.19 43.93
C THR A 155 -58.13 37.32 42.42
N LEU A 156 -59.26 37.54 41.74
CA LEU A 156 -59.24 37.70 40.29
C LEU A 156 -58.43 38.92 39.88
N ILE A 157 -58.27 39.88 40.78
CA ILE A 157 -57.50 41.08 40.48
C ILE A 157 -56.04 40.75 40.21
N ASN A 158 -55.53 39.65 40.76
CA ASN A 158 -54.16 39.24 40.45
C ASN A 158 -54.07 38.65 39.05
N ILE A 159 -55.20 38.14 38.53
CA ILE A 159 -55.23 37.67 37.15
C ILE A 159 -55.11 38.86 36.19
N ALA A 160 -55.90 39.90 36.43
CA ALA A 160 -55.81 41.11 35.62
C ALA A 160 -54.46 41.79 35.77
N LYS A 161 -53.95 41.91 37.00
CA LYS A 161 -52.66 42.55 37.21
C LYS A 161 -51.56 41.83 36.43
N THR A 162 -51.60 40.49 36.41
CA THR A 162 -50.64 39.73 35.62
C THR A 162 -50.72 40.06 34.13
N SER A 163 -51.92 40.04 33.55
CA SER A 163 -52.10 40.36 32.15
C SER A 163 -51.71 41.80 31.80
N MET A 164 -51.80 42.72 32.77
CA MET A 164 -51.44 44.11 32.53
C MET A 164 -49.98 44.40 32.86
N SER A 165 -49.24 43.39 33.34
CA SER A 165 -47.89 43.63 33.83
C SER A 165 -46.96 44.08 32.72
N SER A 166 -47.34 43.81 31.47
CA SER A 166 -46.55 44.21 30.31
C SER A 166 -47.13 45.41 29.57
N LYS A 167 -48.16 46.04 30.11
CA LYS A 167 -48.88 47.11 29.43
C LYS A 167 -48.65 48.43 30.15
N ILE A 168 -48.81 49.52 29.40
CA ILE A 168 -48.62 50.86 29.94
C ILE A 168 -49.58 51.09 31.11
N ILE A 169 -50.76 50.48 31.04
CA ILE A 169 -51.77 50.63 32.09
C ILE A 169 -51.32 50.01 33.40
N GLY A 170 -50.34 49.10 33.36
CA GLY A 170 -49.90 48.40 34.56
C GLY A 170 -49.53 49.31 35.72
N ALA A 171 -49.07 50.53 35.45
CA ALA A 171 -48.70 51.44 36.53
C ALA A 171 -49.87 51.70 37.46
N ASP A 172 -51.09 51.68 36.92
CA ASP A 172 -52.31 52.02 37.65
C ASP A 172 -53.17 50.79 37.88
N SER A 173 -52.54 49.61 37.78
CA SER A 173 -53.22 48.32 37.94
C SER A 173 -53.84 48.15 39.33
N ASP A 174 -53.27 48.82 40.34
CA ASP A 174 -53.87 48.76 41.68
C ASP A 174 -55.25 49.40 41.71
N PHE A 175 -55.56 50.21 40.71
CA PHE A 175 -56.87 50.86 40.66
C PHE A 175 -57.74 50.25 39.55
N PHE A 176 -57.11 49.92 38.42
CA PHE A 176 -57.87 49.51 37.25
C PHE A 176 -58.24 48.03 37.30
N SER A 177 -57.41 47.20 37.93
CA SER A 177 -57.70 45.77 37.98
C SER A 177 -59.06 45.50 38.61
N ASN A 178 -59.52 46.39 39.48
CA ASN A 178 -60.85 46.25 40.05
C ASN A 178 -61.92 46.44 38.99
N MET A 179 -61.67 47.33 38.02
CA MET A 179 -62.64 47.56 36.96
C MET A 179 -62.73 46.37 36.02
N VAL A 180 -61.58 45.74 35.73
CA VAL A 180 -61.57 44.57 34.86
C VAL A 180 -62.38 43.43 35.48
N VAL A 181 -62.11 43.15 36.76
CA VAL A 181 -62.78 42.04 37.44
C VAL A 181 -64.26 42.36 37.67
N ASP A 182 -64.54 43.56 38.20
CA ASP A 182 -65.91 43.92 38.52
C ASP A 182 -66.78 43.96 37.27
N ALA A 183 -66.23 44.46 36.16
CA ALA A 183 -66.99 44.50 34.92
C ALA A 183 -67.42 43.10 34.49
N LEU A 184 -66.56 42.10 34.74
CA LEU A 184 -66.86 40.74 34.33
C LEU A 184 -67.79 40.05 35.33
N LEU A 185 -67.52 40.21 36.62
CA LEU A 185 -68.36 39.59 37.63
C LEU A 185 -69.79 40.11 37.54
N ALA A 186 -69.96 41.40 37.24
CA ALA A 186 -71.29 42.00 37.22
C ALA A 186 -72.15 41.48 36.06
N VAL A 187 -71.55 40.84 35.06
CA VAL A 187 -72.24 40.47 33.85
C VAL A 187 -72.30 38.96 33.66
N LYS A 188 -72.02 38.19 34.72
CA LYS A 188 -72.19 36.74 34.70
C LYS A 188 -73.60 36.35 34.28
N THR A 189 -73.72 35.57 33.21
CA THR A 189 -74.99 35.37 32.53
C THR A 189 -75.15 33.90 32.15
N GLN A 190 -76.22 33.62 31.42
CA GLN A 190 -76.49 32.29 30.89
C GLN A 190 -76.82 32.44 29.40
N ASN A 191 -76.00 31.86 28.54
CA ASN A 191 -76.19 32.03 27.10
C ASN A 191 -77.34 31.18 26.59
N SER A 192 -77.39 29.90 26.99
CA SER A 192 -78.45 29.03 26.53
C SER A 192 -78.50 27.79 27.42
N LYS A 193 -79.71 27.31 27.68
CA LYS A 193 -79.95 26.03 28.33
C LYS A 193 -79.14 25.83 29.60
N GLY A 194 -78.96 26.90 30.36
CA GLY A 194 -78.26 26.84 31.64
C GLY A 194 -76.77 26.62 31.61
N GLU A 195 -76.12 26.93 30.48
CA GLU A 195 -74.68 26.72 30.38
C GLU A 195 -73.95 27.43 31.52
N ILE A 196 -74.38 28.64 31.84
CA ILE A 196 -73.75 29.49 32.86
C ILE A 196 -72.34 29.84 32.39
N LYS A 197 -72.18 31.04 31.84
CA LYS A 197 -70.95 31.43 31.17
C LYS A 197 -70.80 32.94 31.21
N TYR A 198 -69.54 33.39 31.29
CA TYR A 198 -69.28 34.82 31.23
C TYR A 198 -69.31 35.30 29.78
N PRO A 199 -69.89 36.47 29.52
CA PRO A 199 -70.00 36.96 28.14
C PRO A 199 -68.63 37.07 27.48
N VAL A 200 -68.60 36.83 26.17
CA VAL A 200 -67.34 36.91 25.42
C VAL A 200 -67.07 38.36 25.00
N LYS A 201 -68.09 39.03 24.46
CA LYS A 201 -67.88 40.32 23.81
C LYS A 201 -68.51 41.48 24.60
N ALA A 202 -68.76 41.29 25.88
CA ALA A 202 -69.38 42.31 26.70
C ALA A 202 -68.37 43.40 27.04
N VAL A 203 -68.86 44.51 27.60
CA VAL A 203 -68.03 45.58 28.14
C VAL A 203 -67.47 46.40 26.99
N ASN A 204 -68.27 47.35 26.51
CA ASN A 204 -67.83 48.35 25.52
C ASN A 204 -66.77 49.26 26.11
N VAL A 205 -65.94 49.84 25.26
CA VAL A 205 -64.81 50.66 25.70
C VAL A 205 -64.87 52.00 24.98
N LEU A 206 -64.81 53.09 25.74
CA LEU A 206 -64.61 54.43 25.21
C LEU A 206 -63.31 55.01 25.75
N LYS A 207 -62.95 56.18 25.22
CA LYS A 207 -61.79 56.90 25.71
C LYS A 207 -62.05 58.40 25.69
N ALA A 208 -61.42 59.10 26.60
CA ALA A 208 -61.33 60.56 26.55
C ALA A 208 -60.15 60.99 27.39
N HIS A 209 -59.44 62.03 26.94
CA HIS A 209 -58.29 62.57 27.66
C HIS A 209 -58.74 63.79 28.46
N GLY A 210 -59.55 63.54 29.48
CA GLY A 210 -60.05 64.59 30.35
C GLY A 210 -59.39 64.63 31.72
N LYS A 211 -58.99 63.47 32.23
CA LYS A 211 -58.39 63.37 33.56
C LYS A 211 -57.36 62.24 33.61
N SER A 212 -56.77 62.07 34.79
CA SER A 212 -55.84 61.00 35.13
C SER A 212 -56.50 59.62 35.03
N ALA A 213 -55.66 58.60 34.91
CA ALA A 213 -56.15 57.24 34.69
C ALA A 213 -57.08 56.76 35.79
N THR A 214 -56.85 57.20 37.03
CA THR A 214 -57.64 56.68 38.15
C THR A 214 -59.08 57.19 38.10
N GLU A 215 -59.38 58.12 37.21
CA GLU A 215 -60.73 58.66 37.04
C GLU A 215 -61.52 57.95 35.95
N SER A 216 -61.01 56.84 35.40
CA SER A 216 -61.75 56.03 34.45
C SER A 216 -63.03 55.51 35.10
N LEU A 217 -64.09 55.37 34.30
CA LEU A 217 -65.42 55.08 34.81
C LEU A 217 -65.90 53.72 34.31
N LEU A 218 -66.71 53.06 35.14
CA LEU A 218 -67.40 51.82 34.78
C LEU A 218 -68.90 52.10 34.82
N VAL A 219 -69.57 51.93 33.69
CA VAL A 219 -71.00 52.24 33.62
C VAL A 219 -71.80 50.94 33.51
N PRO A 220 -72.79 50.72 34.36
CA PRO A 220 -73.55 49.46 34.29
C PRO A 220 -74.58 49.46 33.18
N GLY A 221 -74.10 49.52 31.95
CA GLY A 221 -74.99 49.57 30.81
C GLY A 221 -74.26 50.08 29.58
N TYR A 222 -75.03 50.36 28.53
CA TYR A 222 -74.44 50.80 27.28
C TYR A 222 -74.31 52.32 27.25
N ALA A 223 -73.07 52.77 26.99
CA ALA A 223 -72.77 54.18 26.79
C ALA A 223 -72.71 54.41 25.28
N LEU A 224 -73.79 54.95 24.72
CA LEU A 224 -73.90 55.13 23.28
C LEU A 224 -73.40 56.52 22.91
N ASN A 225 -72.35 56.58 22.10
CA ASN A 225 -71.73 57.85 21.73
C ASN A 225 -72.63 58.58 20.75
N CYS A 226 -73.33 59.59 21.27
CA CYS A 226 -74.41 60.29 20.60
C CYS A 226 -74.83 61.46 21.47
N THR A 227 -75.67 62.31 20.91
CA THR A 227 -76.27 63.44 21.63
C THR A 227 -77.71 63.63 21.18
N VAL A 228 -78.33 64.69 21.70
CA VAL A 228 -79.71 65.02 21.32
C VAL A 228 -79.75 66.36 20.60
N ALA A 229 -78.64 67.09 20.62
CA ALA A 229 -78.41 68.39 19.97
C ALA A 229 -79.39 69.45 20.44
N SER A 230 -79.93 69.35 21.66
CA SER A 230 -80.85 70.35 22.17
C SER A 230 -80.86 70.25 23.69
N GLN A 231 -81.03 71.40 24.36
CA GLN A 231 -81.24 71.41 25.80
C GLN A 231 -82.71 71.35 26.19
N ALA A 232 -83.61 71.26 25.23
CA ALA A 232 -85.03 71.25 25.54
C ALA A 232 -85.40 70.08 26.44
N MET A 233 -84.77 68.92 26.24
CA MET A 233 -85.10 67.72 27.00
C MET A 233 -84.22 67.61 28.23
N PRO A 234 -84.76 67.06 29.32
CA PRO A 234 -83.93 66.82 30.51
C PRO A 234 -82.93 65.69 30.27
N LYS A 235 -81.91 65.64 31.13
CA LYS A 235 -80.89 64.61 31.08
C LYS A 235 -81.34 63.30 31.72
N ARG A 236 -82.54 63.24 32.27
CA ARG A 236 -83.05 62.01 32.83
C ARG A 236 -84.49 61.81 32.40
N ILE A 237 -84.73 60.74 31.64
CA ILE A 237 -86.02 60.48 31.02
C ILE A 237 -86.42 59.06 31.45
N ALA A 238 -87.72 58.77 31.46
CA ALA A 238 -88.23 57.43 31.73
C ALA A 238 -87.96 56.95 33.15
N GLY A 239 -88.50 57.66 34.14
CA GLY A 239 -88.32 57.20 35.51
C GLY A 239 -88.84 55.79 35.67
N GLY A 240 -90.09 55.56 35.27
CA GLY A 240 -90.70 54.25 35.40
C GLY A 240 -90.17 53.18 34.47
N ASN A 241 -90.29 53.41 33.15
CA ASN A 241 -89.68 52.54 32.15
C ASN A 241 -89.58 53.28 30.82
N VAL A 242 -88.88 52.69 29.87
CA VAL A 242 -88.59 53.31 28.58
C VAL A 242 -88.85 52.30 27.48
N LYS A 243 -89.42 52.77 26.37
CA LYS A 243 -89.39 52.06 25.10
C LYS A 243 -88.34 52.73 24.21
N ILE A 244 -87.45 51.93 23.64
CA ILE A 244 -86.28 52.42 22.93
C ILE A 244 -86.36 51.98 21.47
N ALA A 245 -86.19 52.93 20.56
CA ALA A 245 -86.14 52.68 19.13
C ALA A 245 -84.69 52.67 18.70
N CYS A 246 -84.25 51.54 18.14
CA CYS A 246 -82.90 51.41 17.60
C CYS A 246 -82.99 51.43 16.07
N LEU A 247 -82.78 52.60 15.47
CA LEU A 247 -83.03 52.81 14.07
C LEU A 247 -81.75 53.16 13.32
N ASP A 248 -81.66 52.68 12.08
CA ASP A 248 -80.68 53.15 11.11
C ASP A 248 -81.24 54.19 10.16
N LEU A 249 -82.35 53.88 9.49
CA LEU A 249 -82.95 54.82 8.55
C LEU A 249 -83.20 56.16 9.21
N ASN A 250 -82.83 57.23 8.50
CA ASN A 250 -82.90 58.58 9.06
C ASN A 250 -84.33 59.05 9.21
N LEU A 251 -84.48 60.17 9.92
CA LEU A 251 -85.74 60.90 9.98
C LEU A 251 -85.54 62.29 9.39
N GLN A 252 -84.94 62.35 8.20
CA GLN A 252 -84.70 63.59 7.48
C GLN A 252 -85.88 63.89 6.57
N LYS A 253 -86.15 65.18 6.39
CA LYS A 253 -87.19 65.63 5.46
C LYS A 253 -86.98 64.99 4.09
N ALA A 254 -88.09 64.63 3.44
CA ALA A 254 -88.01 63.97 2.15
C ALA A 254 -87.36 64.87 1.11
N ARG A 255 -86.69 64.25 0.14
CA ARG A 255 -86.12 64.96 -0.99
C ARG A 255 -86.72 64.42 -2.28
N MET A 256 -86.84 65.26 -3.30
CA MET A 256 -87.22 64.78 -4.62
C MET A 256 -86.18 63.79 -5.14
N ALA A 257 -84.91 64.15 -5.08
CA ALA A 257 -83.83 63.23 -5.40
C ALA A 257 -82.50 63.88 -5.03
N MET A 258 -81.52 63.04 -4.72
CA MET A 258 -80.22 63.55 -4.33
C MET A 258 -79.53 64.30 -5.46
N GLY A 259 -79.86 63.98 -6.71
CA GLY A 259 -79.21 64.61 -7.83
C GLY A 259 -80.03 65.70 -8.48
N VAL A 260 -81.09 66.15 -7.80
CA VAL A 260 -81.99 67.14 -8.37
C VAL A 260 -82.01 68.38 -7.50
N GLN A 261 -81.93 69.55 -8.12
CA GLN A 261 -81.98 70.81 -7.39
C GLN A 261 -83.34 71.47 -7.59
N ILE A 262 -83.94 71.93 -6.48
CA ILE A 262 -85.25 72.56 -6.52
C ILE A 262 -85.06 74.04 -6.82
N ASN A 263 -85.64 74.49 -7.93
CA ASN A 263 -85.50 75.87 -8.39
C ASN A 263 -86.91 76.45 -8.50
N ILE A 264 -87.26 77.33 -7.56
CA ILE A 264 -88.61 77.88 -7.51
C ILE A 264 -88.54 79.40 -7.64
N ASP A 265 -89.39 79.95 -8.50
CA ASP A 265 -89.53 81.39 -8.65
C ASP A 265 -90.60 82.00 -7.76
N ASP A 266 -91.66 81.24 -7.46
CA ASP A 266 -92.78 81.72 -6.66
C ASP A 266 -92.63 81.17 -5.25
N PRO A 267 -92.35 81.99 -4.24
CA PRO A 267 -92.20 81.47 -2.87
C PRO A 267 -93.35 80.58 -2.43
N GLU A 268 -94.56 80.81 -2.92
CA GLU A 268 -95.70 79.99 -2.50
C GLU A 268 -95.46 78.53 -2.85
N GLN A 269 -94.89 78.27 -4.03
CA GLN A 269 -94.60 76.90 -4.44
C GLN A 269 -93.54 76.24 -3.57
N LEU A 270 -92.50 76.98 -3.18
CA LEU A 270 -91.43 76.42 -2.37
C LEU A 270 -91.95 76.03 -0.99
N GLU A 271 -92.78 76.89 -0.39
CA GLU A 271 -93.35 76.59 0.92
C GLU A 271 -94.23 75.34 0.88
N GLN A 272 -95.00 75.17 -0.20
CA GLN A 272 -95.82 73.98 -0.39
C GLN A 272 -94.97 72.72 -0.51
N ILE A 273 -93.84 72.83 -1.23
CA ILE A 273 -92.91 71.71 -1.35
C ILE A 273 -92.32 71.34 0.02
N ARG A 274 -91.81 72.34 0.74
CA ARG A 274 -91.17 72.09 2.04
C ARG A 274 -92.14 71.45 3.02
N LYS A 275 -93.40 71.92 3.02
CA LYS A 275 -94.42 71.33 3.88
C LYS A 275 -94.74 69.89 3.50
N ARG A 276 -94.82 69.59 2.19
CA ARG A 276 -95.06 68.22 1.79
C ARG A 276 -93.88 67.32 2.16
N GLU A 277 -92.66 67.80 1.98
CA GLU A 277 -91.48 67.01 2.34
C GLU A 277 -91.46 66.71 3.84
N ALA A 278 -91.87 67.69 4.66
CA ALA A 278 -92.04 67.42 6.09
C ALA A 278 -93.14 66.41 6.33
N GLY A 279 -94.27 66.55 5.63
CA GLY A 279 -95.36 65.60 5.79
C GLY A 279 -94.96 64.17 5.53
N ILE A 280 -94.05 63.95 4.57
CA ILE A 280 -93.65 62.58 4.23
C ILE A 280 -92.87 61.97 5.37
N VAL A 281 -91.83 62.66 5.85
CA VAL A 281 -91.00 62.13 6.93
C VAL A 281 -91.74 62.05 8.26
N LEU A 282 -92.71 62.94 8.51
CA LEU A 282 -93.48 62.89 9.74
C LEU A 282 -94.24 61.59 9.89
N GLU A 283 -94.47 60.86 8.79
CA GLU A 283 -95.00 59.51 8.89
C GLU A 283 -94.12 58.61 9.74
N ARG A 284 -92.80 58.73 9.58
CA ARG A 284 -91.88 57.95 10.41
C ARG A 284 -91.92 58.43 11.86
N VAL A 285 -91.94 59.75 12.06
CA VAL A 285 -91.94 60.29 13.42
C VAL A 285 -93.22 59.92 14.13
N LYS A 286 -94.36 60.10 13.45
CA LYS A 286 -95.66 59.87 14.09
C LYS A 286 -95.80 58.42 14.54
N LYS A 287 -95.37 57.47 13.69
CA LYS A 287 -95.46 56.07 14.03
C LYS A 287 -94.52 55.68 15.17
N ILE A 288 -93.35 56.30 15.25
CA ILE A 288 -92.45 56.15 16.39
C ILE A 288 -93.08 56.71 17.66
N ILE A 289 -93.72 57.87 17.56
CA ILE A 289 -94.40 58.45 18.72
C ILE A 289 -95.58 57.60 19.13
N ASP A 290 -96.44 57.24 18.17
CA ASP A 290 -97.61 56.41 18.45
C ASP A 290 -97.25 55.04 19.00
N ALA A 291 -96.09 54.49 18.64
CA ALA A 291 -95.62 53.22 19.19
C ALA A 291 -95.09 53.34 20.61
N GLY A 292 -95.09 54.55 21.18
CA GLY A 292 -94.71 54.74 22.56
C GLY A 292 -93.22 54.88 22.82
N ALA A 293 -92.43 55.12 21.78
CA ALA A 293 -90.98 55.25 21.96
C ALA A 293 -90.65 56.51 22.74
N GLN A 294 -90.01 56.35 23.89
CA GLN A 294 -89.56 57.47 24.71
C GLN A 294 -88.14 57.90 24.40
N VAL A 295 -87.31 57.01 23.88
CA VAL A 295 -85.95 57.32 23.44
C VAL A 295 -85.76 56.76 22.04
N VAL A 296 -85.41 57.64 21.10
CA VAL A 296 -85.31 57.29 19.68
C VAL A 296 -83.84 57.41 19.28
N LEU A 297 -83.20 56.27 19.04
CA LEU A 297 -81.77 56.19 18.78
C LEU A 297 -81.58 56.00 17.29
N THR A 298 -81.38 57.10 16.55
CA THR A 298 -81.29 57.04 15.11
C THR A 298 -79.85 57.26 14.64
N THR A 299 -79.34 56.29 13.88
CA THR A 299 -77.99 56.33 13.35
C THR A 299 -77.71 57.50 12.43
N LYS A 300 -78.51 57.68 11.37
CA LYS A 300 -78.25 58.71 10.36
C LYS A 300 -78.82 60.07 10.74
N GLY A 301 -79.39 60.20 11.95
CA GLY A 301 -79.77 61.49 12.47
C GLY A 301 -81.25 61.78 12.33
N ILE A 302 -81.70 62.77 13.10
CA ILE A 302 -83.10 63.19 13.14
C ILE A 302 -83.17 64.67 12.78
N ASP A 303 -84.13 65.03 11.93
CA ASP A 303 -84.22 66.40 11.43
C ASP A 303 -84.69 67.32 12.55
N ASP A 304 -84.62 68.64 12.34
CA ASP A 304 -85.04 69.59 13.35
C ASP A 304 -86.56 69.62 13.54
N LEU A 305 -87.32 69.59 12.44
CA LEU A 305 -88.77 69.50 12.56
C LEU A 305 -89.19 68.18 13.21
N CYS A 306 -88.48 67.10 12.90
CA CYS A 306 -88.76 65.80 13.50
C CYS A 306 -88.45 65.76 15.00
N LEU A 307 -87.32 66.33 15.42
CA LEU A 307 -87.00 66.48 16.84
C LEU A 307 -88.03 67.33 17.57
N LYS A 308 -88.49 68.42 16.93
CA LYS A 308 -89.52 69.26 17.54
C LYS A 308 -90.75 68.44 17.92
N GLU A 309 -91.22 67.58 17.02
CA GLU A 309 -92.38 66.75 17.32
C GLU A 309 -92.10 65.83 18.51
N PHE A 310 -90.90 65.26 18.56
CA PHE A 310 -90.52 64.41 19.68
C PHE A 310 -90.46 65.19 20.99
N VAL A 311 -89.87 66.38 20.97
CA VAL A 311 -89.73 67.17 22.20
C VAL A 311 -91.11 67.52 22.75
N GLU A 312 -92.00 67.99 21.89
CA GLU A 312 -93.35 68.32 22.33
C GLU A 312 -94.10 67.11 22.88
N ALA A 313 -93.80 65.92 22.37
CA ALA A 313 -94.40 64.68 22.88
C ALA A 313 -93.71 64.17 24.14
N LYS A 314 -92.73 64.91 24.65
CA LYS A 314 -91.92 64.47 25.80
C LYS A 314 -91.13 63.20 25.48
N ILE A 315 -90.64 63.13 24.24
CA ILE A 315 -89.85 62.00 23.77
C ILE A 315 -88.47 62.53 23.41
N MET A 316 -87.43 61.82 23.84
CA MET A 316 -86.06 62.28 23.60
C MET A 316 -85.50 61.69 22.31
N GLY A 317 -85.54 62.49 21.24
CA GLY A 317 -84.89 62.10 20.00
C GLY A 317 -83.38 62.25 20.09
N VAL A 318 -82.64 61.24 19.63
CA VAL A 318 -81.19 61.18 19.79
C VAL A 318 -80.57 61.16 18.40
N ARG A 319 -79.62 62.06 18.18
CA ARG A 319 -79.05 62.26 16.85
C ARG A 319 -77.65 61.66 16.76
N ARG A 320 -77.34 61.09 15.60
CA ARG A 320 -76.00 60.60 15.27
C ARG A 320 -75.56 59.43 16.15
N CYS A 321 -76.36 58.37 16.18
CA CYS A 321 -76.01 57.20 16.97
C CYS A 321 -75.03 56.32 16.21
N LYS A 322 -74.28 55.51 16.95
CA LYS A 322 -73.34 54.57 16.35
C LYS A 322 -74.06 53.26 16.08
N LYS A 323 -74.19 52.88 14.81
CA LYS A 323 -74.93 51.67 14.47
C LYS A 323 -74.34 50.43 15.11
N GLU A 324 -73.01 50.33 15.15
CA GLU A 324 -72.39 49.13 15.72
C GLU A 324 -72.80 48.91 17.17
N ASP A 325 -72.96 49.99 17.94
CA ASP A 325 -73.41 49.89 19.31
C ASP A 325 -74.91 49.59 19.39
N LEU A 326 -75.70 50.14 18.49
CA LEU A 326 -77.13 49.87 18.49
C LEU A 326 -77.45 48.40 18.25
N ARG A 327 -76.60 47.70 17.50
CA ARG A 327 -76.78 46.26 17.33
C ARG A 327 -76.88 45.56 18.67
N ARG A 328 -76.00 45.92 19.61
CA ARG A 328 -76.01 45.29 20.93
C ARG A 328 -77.07 45.86 21.85
N ILE A 329 -77.32 47.17 21.79
CA ILE A 329 -78.39 47.77 22.58
C ILE A 329 -79.75 47.21 22.15
N ALA A 330 -79.98 47.13 20.84
CA ALA A 330 -81.24 46.58 20.34
C ALA A 330 -81.51 45.20 20.92
N ARG A 331 -80.54 44.29 20.79
CA ARG A 331 -80.72 42.95 21.33
C ARG A 331 -80.94 42.97 22.84
N ALA A 332 -80.16 43.78 23.56
CA ALA A 332 -80.29 43.85 25.00
C ALA A 332 -81.68 44.30 25.44
N THR A 333 -82.30 45.19 24.67
CA THR A 333 -83.62 45.71 25.01
C THR A 333 -84.74 44.89 24.39
N GLY A 334 -84.43 43.87 23.60
CA GLY A 334 -85.43 43.15 22.85
C GLY A 334 -85.87 43.83 21.57
N ALA A 335 -85.17 44.89 21.15
CA ALA A 335 -85.56 45.64 19.98
C ALA A 335 -85.01 44.98 18.72
N THR A 336 -85.45 45.50 17.57
CA THR A 336 -84.92 45.12 16.27
C THR A 336 -84.27 46.33 15.63
N LEU A 337 -83.02 46.18 15.20
CA LEU A 337 -82.30 47.25 14.51
C LEU A 337 -82.90 47.44 13.13
N VAL A 338 -83.47 48.61 12.88
CA VAL A 338 -84.28 48.84 11.69
C VAL A 338 -83.41 49.42 10.58
N SER A 339 -83.08 48.60 9.60
CA SER A 339 -82.29 49.10 8.46
C SER A 339 -83.15 49.93 7.52
N SER A 340 -84.47 49.72 7.57
CA SER A 340 -85.40 50.45 6.70
C SER A 340 -86.80 50.26 7.26
N MET A 341 -87.62 51.30 7.17
CA MET A 341 -89.02 51.17 7.56
C MET A 341 -89.90 50.94 6.34
N SER A 342 -90.88 50.03 6.47
CA SER A 342 -91.92 49.81 5.48
C SER A 342 -92.95 48.86 6.05
N ASN A 343 -94.16 48.92 5.50
CA ASN A 343 -95.15 47.88 5.71
C ASN A 343 -95.63 47.36 4.36
N LEU A 344 -96.44 48.16 3.66
CA LEU A 344 -96.86 47.84 2.30
C LEU A 344 -96.67 49.04 1.38
N GLU A 345 -97.47 50.09 1.57
CA GLU A 345 -97.25 51.35 0.87
C GLU A 345 -96.64 52.42 1.78
N GLY A 346 -96.96 52.36 3.08
CA GLY A 346 -96.42 53.29 4.04
C GLY A 346 -95.35 52.66 4.94
N GLU A 347 -95.03 53.39 6.00
CA GLU A 347 -93.96 53.02 6.91
C GLU A 347 -94.49 53.10 8.34
N GLU A 348 -94.04 52.20 9.21
CA GLU A 348 -94.45 52.16 10.60
C GLU A 348 -93.50 51.27 11.39
N THR A 349 -93.59 51.37 12.72
CA THR A 349 -92.89 50.48 13.63
C THR A 349 -93.78 49.36 14.16
N PHE A 350 -95.00 49.24 13.63
CA PHE A 350 -95.98 48.19 13.95
C PHE A 350 -96.35 48.13 15.43
N GLU A 351 -96.63 49.26 16.07
CA GLU A 351 -97.15 49.30 17.44
C GLU A 351 -96.21 48.57 18.41
N SER A 352 -95.00 49.13 18.52
CA SER A 352 -93.99 48.70 19.48
C SER A 352 -93.46 47.30 19.17
N SER A 353 -93.40 46.95 17.89
CA SER A 353 -92.74 45.72 17.44
C SER A 353 -91.24 45.88 17.31
N TYR A 354 -90.77 46.99 16.75
CA TYR A 354 -89.35 47.25 16.66
C TYR A 354 -88.75 47.79 17.95
N LEU A 355 -89.58 48.24 18.88
CA LEU A 355 -89.10 48.88 20.10
C LEU A 355 -88.69 47.84 21.14
N GLY A 356 -87.72 48.19 21.97
CA GLY A 356 -87.37 47.38 23.11
C GLY A 356 -87.88 47.89 24.43
N LEU A 357 -87.49 47.23 25.53
CA LEU A 357 -87.94 47.59 26.86
C LEU A 357 -86.74 47.67 27.79
N CYS A 358 -86.63 48.77 28.53
CA CYS A 358 -85.54 49.00 29.47
C CYS A 358 -86.03 49.81 30.65
N ASP A 359 -85.14 50.02 31.62
CA ASP A 359 -85.50 50.72 32.85
C ASP A 359 -85.34 52.23 32.70
N GLU A 360 -84.11 52.69 32.50
CA GLU A 360 -83.81 54.10 32.63
C GLU A 360 -82.76 54.50 31.60
N VAL A 361 -82.92 55.70 31.03
CA VAL A 361 -81.97 56.27 30.09
C VAL A 361 -81.61 57.66 30.58
N VAL A 362 -80.32 57.96 30.62
CA VAL A 362 -79.81 59.25 31.08
C VAL A 362 -78.82 59.77 30.05
N GLN A 363 -78.63 61.09 30.03
CA GLN A 363 -77.65 61.72 29.16
C GLN A 363 -76.49 62.23 30.01
N ALA A 364 -75.35 61.55 29.88
CA ALA A 364 -74.20 61.80 30.74
C ALA A 364 -73.10 62.56 30.00
N LYS A 365 -72.48 63.50 30.71
CA LYS A 365 -71.30 64.20 30.21
C LYS A 365 -70.05 63.65 30.89
N PHE A 366 -69.09 63.22 30.06
CA PHE A 366 -67.90 62.53 30.54
C PHE A 366 -66.64 63.40 30.49
N SER A 367 -66.80 64.72 30.34
CA SER A 367 -65.67 65.63 30.22
C SER A 367 -64.87 65.36 28.93
N ASP A 368 -65.43 65.92 27.85
CA ASP A 368 -64.97 65.76 26.46
C ASP A 368 -65.42 64.44 25.86
N ASP A 369 -66.58 63.95 26.28
CA ASP A 369 -67.31 62.93 25.55
C ASP A 369 -68.75 63.00 26.03
N GLU A 370 -69.65 62.40 25.25
CA GLU A 370 -71.07 62.52 25.57
C GLU A 370 -71.85 61.34 25.02
N CYS A 371 -72.65 60.69 25.87
CA CYS A 371 -73.35 59.47 25.54
C CYS A 371 -74.76 59.49 26.11
N ILE A 372 -75.64 58.74 25.45
CA ILE A 372 -76.92 58.33 26.04
C ILE A 372 -76.76 56.93 26.62
N LEU A 373 -77.02 56.81 27.92
CA LEU A 373 -76.73 55.58 28.67
C LEU A 373 -78.00 54.75 28.79
N ILE A 374 -77.90 53.49 28.36
CA ILE A 374 -79.03 52.56 28.43
C ILE A 374 -78.79 51.57 29.56
N LYS A 375 -79.52 51.71 30.66
CA LYS A 375 -79.26 50.94 31.86
C LYS A 375 -80.48 50.14 32.27
N GLY A 376 -80.27 48.86 32.57
CA GLY A 376 -81.34 48.00 33.06
C GLY A 376 -82.27 47.44 32.00
N THR A 377 -81.73 46.87 30.94
CA THR A 377 -82.55 46.31 29.87
C THR A 377 -83.18 44.99 30.34
N SER A 378 -84.10 44.48 29.53
CA SER A 378 -84.66 43.15 29.76
C SER A 378 -83.58 42.12 30.04
N LYS A 379 -82.51 42.14 29.23
CA LYS A 379 -81.32 41.31 29.46
C LYS A 379 -80.18 41.92 28.66
N HIS A 380 -79.13 42.36 29.35
CA HIS A 380 -77.97 42.96 28.71
C HIS A 380 -76.70 42.15 28.99
N SER A 381 -76.44 41.81 30.26
CA SER A 381 -75.21 41.14 30.67
C SER A 381 -73.98 41.79 30.07
N SER A 382 -73.92 43.12 30.09
CA SER A 382 -72.81 43.87 29.54
C SER A 382 -72.57 45.13 30.37
N SER A 383 -71.70 46.00 29.87
CA SER A 383 -71.29 47.20 30.59
C SER A 383 -70.57 48.11 29.61
N SER A 384 -70.12 49.27 30.10
CA SER A 384 -69.23 50.12 29.34
C SER A 384 -68.15 50.65 30.27
N ILE A 385 -66.91 50.71 29.76
CA ILE A 385 -65.80 51.35 30.45
C ILE A 385 -65.33 52.54 29.64
N ILE A 386 -65.12 53.66 30.31
CA ILE A 386 -64.63 54.89 29.68
C ILE A 386 -63.22 55.10 30.21
N LEU A 387 -62.24 55.03 29.32
CA LEU A 387 -60.85 55.07 29.75
C LEU A 387 -60.30 56.50 29.71
N ARG A 388 -59.51 56.81 30.74
CA ARG A 388 -58.80 58.08 30.84
C ARG A 388 -57.33 57.74 31.07
N GLY A 389 -56.44 58.67 30.74
CA GLY A 389 -55.02 58.37 30.84
C GLY A 389 -54.14 59.57 30.58
N ALA A 390 -52.83 59.30 30.54
CA ALA A 390 -51.85 60.38 30.48
C ALA A 390 -51.98 61.18 29.18
N ASN A 391 -52.20 60.48 28.06
CA ASN A 391 -52.26 61.10 26.75
C ASN A 391 -52.97 60.13 25.81
N ASP A 392 -53.17 60.56 24.56
CA ASP A 392 -53.93 59.74 23.62
C ASP A 392 -53.22 58.43 23.33
N TYR A 393 -51.89 58.45 23.27
CA TYR A 393 -51.13 57.21 23.12
C TYR A 393 -51.52 56.20 24.19
N SER A 394 -51.54 56.63 25.46
CA SER A 394 -51.86 55.72 26.55
C SER A 394 -53.30 55.22 26.44
N LEU A 395 -54.20 56.06 25.93
CA LEU A 395 -55.60 55.68 25.82
C LEU A 395 -55.80 54.52 24.85
N ASP A 396 -55.11 54.53 23.72
CA ASP A 396 -55.20 53.41 22.78
C ASP A 396 -54.56 52.16 23.35
N GLU A 397 -53.41 52.32 24.02
CA GLU A 397 -52.76 51.17 24.65
C GLU A 397 -53.59 50.63 25.81
N MET A 398 -54.24 51.53 26.56
CA MET A 398 -55.07 51.08 27.68
C MET A 398 -56.24 50.24 27.18
N GLU A 399 -56.85 50.65 26.06
CA GLU A 399 -57.92 49.86 25.47
C GLU A 399 -57.43 48.46 25.11
N ARG A 400 -56.25 48.37 24.49
CA ARG A 400 -55.69 47.06 24.16
C ARG A 400 -55.44 46.22 25.41
N SER A 401 -54.87 46.84 26.45
CA SER A 401 -54.67 46.15 27.72
C SER A 401 -55.98 45.77 28.40
N LEU A 402 -57.03 46.59 28.25
CA LEU A 402 -58.34 46.20 28.77
C LEU A 402 -58.90 45.00 28.03
N HIS A 403 -58.84 45.00 26.70
CA HIS A 403 -59.33 43.85 25.94
C HIS A 403 -58.58 42.58 26.31
N ASP A 404 -57.26 42.68 26.48
CA ASP A 404 -56.47 41.51 26.84
C ASP A 404 -56.74 41.06 28.27
N SER A 405 -56.75 41.98 29.23
CA SER A 405 -56.97 41.66 30.64
C SER A 405 -58.34 41.07 30.87
N LEU A 406 -59.36 41.57 30.15
CA LEU A 406 -60.68 40.95 30.15
C LEU A 406 -60.65 39.53 29.60
N SER A 407 -59.91 39.30 28.52
CA SER A 407 -59.85 37.96 27.94
C SER A 407 -59.19 36.97 28.88
N VAL A 408 -58.10 37.38 29.53
CA VAL A 408 -57.38 36.46 30.41
C VAL A 408 -58.25 36.05 31.59
N VAL A 409 -58.91 37.03 32.22
CA VAL A 409 -59.78 36.73 33.36
C VAL A 409 -60.96 35.88 32.94
N LYS A 410 -61.57 36.20 31.80
CA LYS A 410 -62.68 35.38 31.30
C LYS A 410 -62.26 33.95 31.00
N ARG A 411 -61.06 33.73 30.46
CA ARG A 411 -60.59 32.37 30.22
C ARG A 411 -60.44 31.59 31.52
N THR A 412 -59.92 32.25 32.57
CA THR A 412 -59.89 31.61 33.88
C THR A 412 -61.29 31.33 34.39
N LEU A 413 -62.21 32.29 34.23
CA LEU A 413 -63.58 32.11 34.72
C LEU A 413 -64.39 31.19 33.81
N GLU A 414 -63.97 31.04 32.56
CA GLU A 414 -64.75 30.24 31.61
C GLU A 414 -64.99 28.83 32.15
N SER A 415 -64.00 28.26 32.82
CA SER A 415 -64.10 26.92 33.40
C SER A 415 -64.65 27.09 34.82
N GLY A 416 -65.72 26.34 35.12
CA GLY A 416 -66.24 26.29 36.47
C GLY A 416 -65.54 25.29 37.36
N ASN A 417 -64.50 24.62 36.83
CA ASN A 417 -63.81 23.58 37.56
C ASN A 417 -62.30 23.72 37.35
N VAL A 418 -61.62 24.39 38.27
CA VAL A 418 -60.24 24.81 38.09
C VAL A 418 -59.39 24.22 39.21
N VAL A 419 -58.10 24.06 38.91
CA VAL A 419 -57.13 23.55 39.88
C VAL A 419 -55.94 24.49 39.91
N PRO A 420 -55.18 24.55 41.01
CA PRO A 420 -54.00 25.42 41.04
C PRO A 420 -52.92 24.92 40.10
N GLY A 421 -52.17 25.87 39.54
CA GLY A 421 -51.00 25.55 38.75
C GLY A 421 -49.72 25.67 39.55
N GLY A 422 -48.64 26.02 38.86
CA GLY A 422 -47.36 26.22 39.51
C GLY A 422 -46.73 24.97 40.07
N GLY A 423 -47.12 23.79 39.57
CA GLY A 423 -46.65 22.56 40.14
C GLY A 423 -47.46 22.05 41.32
N CYS A 424 -48.54 22.75 41.67
CA CYS A 424 -49.34 22.35 42.83
C CYS A 424 -49.93 20.96 42.64
N VAL A 425 -50.50 20.68 41.47
CA VAL A 425 -51.16 19.41 41.24
C VAL A 425 -50.14 18.29 41.10
N GLU A 426 -49.05 18.56 40.37
CA GLU A 426 -48.02 17.55 40.18
C GLU A 426 -47.30 17.21 41.48
N ALA A 427 -46.92 18.25 42.24
CA ALA A 427 -46.26 18.01 43.52
C ALA A 427 -47.21 17.38 44.53
N ALA A 428 -48.47 17.84 44.56
CA ALA A 428 -49.46 17.23 45.44
C ALA A 428 -49.68 15.77 45.09
N LEU A 429 -49.74 15.45 43.79
CA LEU A 429 -49.84 14.05 43.38
C LEU A 429 -48.61 13.25 43.78
N ASN A 430 -47.42 13.86 43.65
CA ASN A 430 -46.20 13.19 44.09
C ASN A 430 -46.35 12.64 45.50
N ILE A 431 -46.89 13.46 46.41
CA ILE A 431 -47.05 13.02 47.79
C ILE A 431 -48.12 11.94 47.89
N TYR A 432 -49.27 12.17 47.25
CA TYR A 432 -50.37 11.23 47.37
C TYR A 432 -49.99 9.85 46.81
N LEU A 433 -49.37 9.84 45.62
CA LEU A 433 -49.06 8.56 44.99
C LEU A 433 -47.94 7.83 45.69
N ASP A 434 -46.99 8.56 46.27
CA ASP A 434 -45.97 7.93 47.11
C ASP A 434 -46.62 7.22 48.30
N ASN A 435 -47.66 7.82 48.88
CA ASN A 435 -48.37 7.17 49.97
C ASN A 435 -49.20 6.00 49.47
N PHE A 436 -49.93 6.18 48.37
CA PHE A 436 -50.66 5.07 47.77
C PHE A 436 -49.76 3.86 47.57
N ALA A 437 -48.53 4.07 47.07
CA ALA A 437 -47.67 2.95 46.76
C ALA A 437 -47.50 2.01 47.95
N THR A 438 -47.52 2.56 49.17
CA THR A 438 -47.24 1.77 50.35
C THR A 438 -48.37 0.80 50.71
N THR A 439 -49.52 0.91 50.06
CA THR A 439 -50.66 0.07 50.38
C THR A 439 -50.77 -1.16 49.50
N VAL A 440 -49.85 -1.34 48.54
CA VAL A 440 -49.93 -2.45 47.59
C VAL A 440 -49.24 -3.66 48.20
N GLY A 441 -47.93 -3.54 48.44
CA GLY A 441 -47.16 -4.60 49.04
C GLY A 441 -46.69 -5.71 48.12
N SER A 442 -46.75 -5.51 46.81
CA SER A 442 -46.35 -6.57 45.88
C SER A 442 -45.42 -6.03 44.80
N ARG A 443 -45.97 -5.75 43.62
CA ARG A 443 -45.18 -5.32 42.47
C ARG A 443 -45.56 -3.95 41.95
N GLU A 444 -46.85 -3.59 41.91
CA GLU A 444 -47.29 -2.34 41.31
C GLU A 444 -46.69 -1.12 42.00
N GLN A 445 -46.42 -1.20 43.30
CA GLN A 445 -45.92 -0.04 44.04
C GLN A 445 -44.59 0.44 43.48
N LEU A 446 -43.85 -0.45 42.80
CA LEU A 446 -42.60 -0.04 42.18
C LEU A 446 -42.85 0.91 41.02
N ALA A 447 -43.85 0.63 40.19
CA ALA A 447 -44.20 1.54 39.11
C ALA A 447 -44.94 2.77 39.64
N ILE A 448 -45.75 2.60 40.69
CA ILE A 448 -46.47 3.73 41.25
C ILE A 448 -45.49 4.73 41.84
N ALA A 449 -44.50 4.25 42.60
CA ALA A 449 -43.51 5.14 43.19
C ALA A 449 -42.74 5.89 42.11
N GLU A 450 -42.33 5.20 41.06
CA GLU A 450 -41.61 5.87 39.98
C GLU A 450 -42.53 6.83 39.22
N PHE A 451 -43.80 6.45 39.06
CA PHE A 451 -44.78 7.39 38.49
C PHE A 451 -44.83 8.67 39.29
N ALA A 452 -44.94 8.56 40.61
CA ALA A 452 -44.97 9.75 41.46
C ALA A 452 -43.71 10.59 41.27
N ALA A 453 -42.55 9.94 41.23
CA ALA A 453 -41.29 10.67 41.02
C ALA A 453 -41.29 11.37 39.67
N ALA A 454 -41.81 10.71 38.63
CA ALA A 454 -41.82 11.30 37.30
C ALA A 454 -42.60 12.61 37.28
N LEU A 455 -43.65 12.72 38.09
CA LEU A 455 -44.48 13.93 38.07
C LEU A 455 -43.67 15.16 38.44
N LEU A 456 -42.62 14.99 39.22
CA LEU A 456 -41.80 16.11 39.68
C LEU A 456 -41.00 16.77 38.56
N ILE A 457 -40.97 16.17 37.36
CA ILE A 457 -40.25 16.79 36.25
C ILE A 457 -40.84 18.15 35.91
N ILE A 458 -42.12 18.36 36.18
CA ILE A 458 -42.79 19.61 35.84
C ILE A 458 -42.34 20.73 36.78
N PRO A 459 -42.55 20.63 38.09
CA PRO A 459 -42.06 21.72 38.96
C PRO A 459 -40.55 21.91 38.89
N LYS A 460 -39.81 20.85 38.54
CA LYS A 460 -38.37 20.98 38.33
C LYS A 460 -38.07 21.83 37.10
N THR A 461 -38.68 21.47 35.96
CA THR A 461 -38.48 22.22 34.73
C THR A 461 -38.89 23.68 34.87
N LEU A 462 -40.02 23.96 35.51
CA LEU A 462 -40.45 25.34 35.69
C LEU A 462 -39.39 26.15 36.43
N ALA A 463 -38.83 25.60 37.50
CA ALA A 463 -37.78 26.28 38.25
C ALA A 463 -36.55 26.54 37.40
N VAL A 464 -36.14 25.56 36.60
CA VAL A 464 -34.95 25.74 35.76
C VAL A 464 -35.19 26.88 34.77
N ASN A 465 -36.35 26.91 34.13
CA ASN A 465 -36.70 27.96 33.19
C ASN A 465 -36.80 29.33 33.85
N ALA A 466 -37.07 29.39 35.16
CA ALA A 466 -37.09 30.63 35.91
C ALA A 466 -35.71 31.13 36.29
N ALA A 467 -34.66 30.39 35.94
CA ALA A 467 -33.28 30.69 36.35
C ALA A 467 -33.10 30.56 37.85
N LYS A 468 -33.84 29.66 38.48
CA LYS A 468 -33.75 29.40 39.91
C LYS A 468 -33.14 28.03 40.16
N ASP A 469 -32.72 27.80 41.39
CA ASP A 469 -32.18 26.50 41.80
C ASP A 469 -33.35 25.54 42.01
N SER A 470 -33.52 24.62 41.06
CA SER A 470 -34.72 23.77 41.07
C SER A 470 -34.74 22.82 42.26
N SER A 471 -33.59 22.53 42.86
CA SER A 471 -33.54 21.55 43.94
C SER A 471 -34.17 22.09 45.22
N GLU A 472 -33.93 23.36 45.54
CA GLU A 472 -34.50 23.96 46.75
C GLU A 472 -35.98 24.25 46.57
N LEU A 473 -36.36 24.73 45.39
CA LEU A 473 -37.76 25.06 45.11
C LEU A 473 -38.65 23.82 45.12
N VAL A 474 -38.18 22.73 44.53
CA VAL A 474 -38.95 21.48 44.52
C VAL A 474 -38.99 20.88 45.92
N ALA A 475 -37.85 20.88 46.62
CA ALA A 475 -37.83 20.34 47.98
C ALA A 475 -38.79 21.12 48.89
N LYS A 476 -38.79 22.44 48.80
CA LYS A 476 -39.71 23.24 49.59
C LYS A 476 -41.15 23.03 49.13
N LEU A 477 -41.36 22.98 47.82
CA LEU A 477 -42.68 22.74 47.27
C LEU A 477 -43.29 21.46 47.83
N ARG A 478 -42.53 20.35 47.78
CA ARG A 478 -43.02 19.08 48.27
C ARG A 478 -43.26 19.15 49.77
N SER A 479 -42.44 19.90 50.50
CA SER A 479 -42.58 20.01 51.95
C SER A 479 -43.94 20.59 52.32
N TYR A 480 -44.38 21.63 51.61
CA TYR A 480 -45.69 22.20 51.86
C TYR A 480 -46.80 21.19 51.59
N HIS A 481 -46.71 20.47 50.47
CA HIS A 481 -47.76 19.52 50.12
C HIS A 481 -47.78 18.34 51.07
N ALA A 482 -46.60 17.89 51.51
CA ALA A 482 -46.55 16.82 52.51
C ALA A 482 -47.31 17.21 53.78
N ALA A 483 -47.10 18.44 54.25
CA ALA A 483 -47.83 18.91 55.43
C ALA A 483 -49.33 18.93 55.19
N SER A 484 -49.76 19.31 53.99
CA SER A 484 -51.19 19.38 53.69
C SER A 484 -51.83 18.00 53.70
N GLN A 485 -51.04 16.95 53.49
CA GLN A 485 -51.53 15.58 53.58
C GLN A 485 -51.44 15.01 54.98
N MET A 486 -50.46 15.45 55.77
CA MET A 486 -50.35 15.03 57.16
C MET A 486 -51.56 15.38 58.00
N ALA A 487 -52.10 16.59 57.87
CA ALA A 487 -53.28 17.00 58.62
C ALA A 487 -54.57 16.56 57.94
N LYS A 488 -54.51 16.11 56.69
CA LYS A 488 -55.70 15.82 55.91
C LYS A 488 -56.66 14.88 56.66
N PRO A 489 -56.22 13.74 57.20
CA PRO A 489 -57.18 12.81 57.82
C PRO A 489 -57.78 13.33 59.11
N GLU A 490 -57.19 14.38 59.71
CA GLU A 490 -57.68 14.87 60.99
C GLU A 490 -58.39 16.22 60.86
N ASP A 491 -58.02 17.01 59.85
CA ASP A 491 -58.51 18.38 59.68
C ASP A 491 -58.18 19.25 60.89
N VAL A 492 -56.99 19.01 61.44
CA VAL A 492 -56.47 19.80 62.56
C VAL A 492 -55.18 20.47 62.09
N LYS A 493 -55.18 21.79 62.04
CA LYS A 493 -54.04 22.51 61.48
C LYS A 493 -54.11 23.97 61.89
N ARG A 494 -52.94 24.63 61.83
CA ARG A 494 -52.88 26.08 61.88
C ARG A 494 -52.99 26.61 60.46
N ARG A 495 -52.39 25.91 59.51
CA ARG A 495 -52.44 26.28 58.10
C ARG A 495 -52.63 24.99 57.31
N SER A 496 -53.35 25.08 56.19
CA SER A 496 -53.58 23.90 55.35
C SER A 496 -52.33 23.54 54.57
N TYR A 497 -51.48 24.53 54.31
CA TYR A 497 -50.30 24.38 53.44
C TYR A 497 -50.69 23.89 52.05
N ARG A 498 -51.98 23.96 51.73
CA ARG A 498 -52.47 23.36 50.50
C ARG A 498 -52.48 24.38 49.37
N ASN A 499 -52.25 23.92 48.14
CA ASN A 499 -52.23 24.74 46.93
C ASN A 499 -51.09 25.75 46.92
N TYR A 500 -49.95 25.43 47.53
CA TYR A 500 -48.76 26.26 47.45
C TYR A 500 -47.90 25.81 46.27
N GLY A 501 -47.45 26.77 45.46
CA GLY A 501 -46.74 26.47 44.24
C GLY A 501 -45.49 27.31 44.04
N LEU A 502 -44.94 27.27 42.83
CA LEU A 502 -43.70 27.95 42.50
C LEU A 502 -44.00 29.34 41.95
N ASP A 503 -43.46 30.36 42.61
CA ASP A 503 -43.46 31.73 42.11
C ASP A 503 -42.22 31.86 41.23
N LEU A 504 -42.43 31.85 39.91
CA LEU A 504 -41.30 31.77 38.99
C LEU A 504 -40.67 33.12 38.72
N ILE A 505 -41.12 34.19 39.38
CA ILE A 505 -40.51 35.49 39.21
C ILE A 505 -39.63 35.84 40.41
N ARG A 506 -40.18 35.71 41.61
CA ARG A 506 -39.45 36.01 42.84
C ARG A 506 -38.66 34.84 43.37
N GLY A 507 -39.00 33.61 42.97
CA GLY A 507 -38.25 32.43 43.37
C GLY A 507 -38.59 31.93 44.76
N LYS A 508 -39.88 31.80 45.05
CA LYS A 508 -40.32 31.39 46.37
C LYS A 508 -41.62 30.61 46.24
N ILE A 509 -42.07 30.05 47.36
CA ILE A 509 -43.30 29.27 47.40
C ILE A 509 -44.44 30.16 47.87
N VAL A 510 -45.53 30.18 47.08
CA VAL A 510 -46.64 31.10 47.31
C VAL A 510 -47.94 30.30 47.26
N ASP A 511 -49.00 30.91 47.79
CA ASP A 511 -50.34 30.35 47.70
C ASP A 511 -50.90 30.67 46.31
N GLU A 512 -51.05 29.65 45.46
CA GLU A 512 -51.35 29.89 44.06
C GLU A 512 -52.79 30.34 43.86
N ILE A 513 -53.70 29.93 44.75
CA ILE A 513 -55.10 30.30 44.61
C ILE A 513 -55.26 31.82 44.75
N HIS A 514 -54.54 32.42 45.70
CA HIS A 514 -54.57 33.87 45.85
C HIS A 514 -53.69 34.54 44.80
N ALA A 515 -52.54 33.94 44.52
CA ALA A 515 -51.62 34.52 43.53
C ALA A 515 -52.27 34.59 42.15
N GLY A 516 -53.15 33.66 41.85
CA GLY A 516 -53.84 33.63 40.59
C GLY A 516 -53.31 32.69 39.54
N VAL A 517 -52.59 31.63 39.93
CA VAL A 517 -52.04 30.67 38.98
C VAL A 517 -53.02 29.50 38.95
N LEU A 518 -53.89 29.49 37.95
CA LEU A 518 -54.95 28.50 37.82
C LEU A 518 -54.90 27.85 36.44
N GLU A 519 -55.24 26.56 36.42
CA GLU A 519 -55.39 25.82 35.18
C GLU A 519 -56.72 25.09 35.27
N PRO A 520 -57.40 24.85 34.16
CA PRO A 520 -58.66 24.11 34.22
C PRO A 520 -58.42 22.64 34.57
N THR A 521 -59.39 22.06 35.27
CA THR A 521 -59.29 20.66 35.67
C THR A 521 -58.96 19.77 34.48
N ILE A 522 -59.64 20.00 33.34
CA ILE A 522 -59.50 19.11 32.19
C ILE A 522 -58.05 19.06 31.71
N SER A 523 -57.30 20.14 31.94
CA SER A 523 -55.90 20.16 31.48
C SER A 523 -55.06 19.12 32.20
N LYS A 524 -55.22 19.03 33.53
CA LYS A 524 -54.43 18.08 34.30
C LYS A 524 -54.87 16.64 34.11
N VAL A 525 -56.18 16.38 34.02
CA VAL A 525 -56.65 15.02 33.80
C VAL A 525 -56.25 14.53 32.41
N LYS A 526 -56.43 15.37 31.39
CA LYS A 526 -56.04 14.98 30.03
C LYS A 526 -54.53 14.83 29.88
N SER A 527 -53.76 15.72 30.50
CA SER A 527 -52.31 15.65 30.35
C SER A 527 -51.74 14.38 30.95
N LEU A 528 -52.21 14.00 32.13
CA LEU A 528 -51.72 12.78 32.78
C LEU A 528 -52.07 11.54 31.95
N LYS A 529 -53.31 11.46 31.46
CA LYS A 529 -53.71 10.33 30.64
C LYS A 529 -52.97 10.33 29.30
N SER A 530 -52.88 11.50 28.66
CA SER A 530 -52.22 11.57 27.35
C SER A 530 -50.78 11.09 27.44
N ALA A 531 -50.04 11.53 28.45
CA ALA A 531 -48.66 11.10 28.61
C ALA A 531 -48.57 9.60 28.83
N LEU A 532 -49.48 9.04 29.64
CA LEU A 532 -49.45 7.62 29.93
C LEU A 532 -49.72 6.79 28.68
N GLU A 533 -50.77 7.16 27.93
CA GLU A 533 -51.18 6.35 26.79
C GLU A 533 -50.07 6.24 25.76
N ALA A 534 -49.35 7.34 25.51
CA ALA A 534 -48.20 7.28 24.62
C ALA A 534 -47.09 6.43 25.21
N CYS A 535 -46.84 6.57 26.52
CA CYS A 535 -45.82 5.77 27.16
C CYS A 535 -46.11 4.28 27.02
N VAL A 536 -47.37 3.88 27.20
CA VAL A 536 -47.74 2.48 27.07
C VAL A 536 -47.49 1.99 25.64
N ALA A 537 -47.88 2.79 24.65
CA ALA A 537 -47.67 2.42 23.26
C ALA A 537 -46.19 2.15 22.96
N ILE A 538 -45.30 2.92 23.58
CA ILE A 538 -43.87 2.74 23.36
C ILE A 538 -43.32 1.60 24.20
N LEU A 539 -43.74 1.51 25.46
CA LEU A 539 -43.29 0.42 26.33
C LEU A 539 -43.70 -0.94 25.79
N ARG A 540 -44.75 -1.00 24.97
CA ARG A 540 -45.20 -2.27 24.42
C ARG A 540 -44.34 -2.74 23.25
N ILE A 541 -43.36 -1.95 22.83
CA ILE A 541 -42.51 -2.32 21.70
C ILE A 541 -41.23 -2.95 22.25
N ASP A 542 -41.15 -4.29 22.19
CA ASP A 542 -39.90 -5.00 22.46
C ASP A 542 -39.23 -5.54 21.21
N THR A 543 -39.74 -5.26 20.02
CA THR A 543 -39.11 -5.71 18.78
C THR A 543 -39.38 -4.68 17.70
N MET A 544 -38.37 -4.40 16.86
CA MET A 544 -38.53 -3.63 15.64
C MET A 544 -37.91 -4.41 14.49
N ILE A 545 -38.62 -4.48 13.38
CA ILE A 545 -38.09 -5.04 12.14
C ILE A 545 -37.92 -3.91 11.14
N THR A 546 -36.72 -3.79 10.57
CA THR A 546 -36.39 -2.72 9.64
C THR A 546 -36.08 -3.33 8.29
N VAL A 547 -36.99 -3.17 7.34
CA VAL A 547 -36.81 -3.69 5.99
C VAL A 547 -36.24 -2.61 5.09
N PHE B 5 20.69 -6.10 -20.35
CA PHE B 5 21.68 -7.11 -20.71
C PHE B 5 22.38 -7.62 -19.45
N ASN B 6 22.03 -8.84 -19.07
CA ASN B 6 22.66 -9.53 -17.94
C ASN B 6 22.30 -11.01 -18.02
N ASN B 7 22.97 -11.82 -17.19
CA ASN B 7 22.74 -13.25 -17.15
C ASN B 7 22.90 -13.73 -15.72
N SER B 8 21.83 -14.31 -15.18
CA SER B 8 21.85 -14.92 -13.85
C SER B 8 20.60 -15.78 -13.71
N ARG B 9 20.46 -16.40 -12.54
CA ARG B 9 19.30 -17.24 -12.19
C ARG B 9 19.04 -18.29 -13.27
N SER B 10 20.09 -19.06 -13.56
CA SER B 10 19.97 -20.16 -14.49
C SER B 10 19.03 -21.24 -13.96
N ASP B 11 18.96 -21.38 -12.64
CA ASP B 11 18.11 -22.33 -11.95
C ASP B 11 18.21 -23.74 -12.51
N THR B 12 19.40 -24.18 -12.88
CA THR B 12 19.63 -25.51 -13.45
C THR B 12 20.96 -26.01 -12.93
N LEU B 13 21.40 -27.14 -13.49
CA LEU B 13 22.63 -27.81 -13.05
C LEU B 13 22.72 -27.79 -11.53
N PHE B 14 21.67 -28.24 -10.85
CA PHE B 14 21.44 -27.90 -9.46
C PHE B 14 22.74 -27.89 -8.67
N LEU B 15 23.32 -26.71 -8.50
CA LEU B 15 24.58 -26.53 -7.78
C LEU B 15 24.49 -25.31 -6.87
N GLY B 16 25.46 -25.20 -5.96
CA GLY B 16 25.59 -24.02 -5.14
C GLY B 16 26.27 -22.86 -5.84
N GLY B 17 25.72 -22.42 -6.97
CA GLY B 17 26.40 -21.47 -7.81
C GLY B 17 25.59 -21.17 -9.07
N GLU B 18 26.16 -20.29 -9.88
CA GLU B 18 25.52 -19.85 -11.12
C GLU B 18 26.09 -20.59 -12.32
N LYS B 19 25.32 -20.59 -13.40
CA LYS B 19 25.74 -21.22 -14.65
C LYS B 19 25.41 -20.28 -15.79
N ILE B 20 26.42 -19.87 -16.55
CA ILE B 20 26.24 -19.10 -17.78
C ILE B 20 27.06 -19.77 -18.87
N SER B 21 26.42 -20.05 -20.01
CA SER B 21 27.04 -20.81 -21.08
C SER B 21 26.42 -20.40 -22.41
N GLY B 22 27.09 -20.80 -23.49
CA GLY B 22 26.51 -20.62 -24.82
C GLY B 22 26.68 -19.19 -25.30
N ASP B 23 25.73 -18.75 -26.13
CA ASP B 23 25.82 -17.40 -26.71
C ASP B 23 25.85 -16.34 -25.63
N ASP B 24 25.30 -16.65 -24.44
CA ASP B 24 25.28 -15.69 -23.35
C ASP B 24 26.71 -15.29 -22.95
N ILE B 25 27.55 -16.29 -22.62
CA ILE B 25 28.91 -16.00 -22.21
C ILE B 25 29.73 -15.47 -23.39
N ARG B 26 29.42 -15.93 -24.60
CA ARG B 26 30.15 -15.45 -25.77
C ARG B 26 29.91 -13.97 -26.00
N ASN B 27 28.67 -13.50 -25.79
CA ASN B 27 28.40 -12.07 -25.87
C ASN B 27 29.16 -11.30 -24.79
N GLN B 28 29.23 -11.86 -23.57
CA GLN B 28 30.02 -11.24 -22.53
C GLN B 28 31.51 -11.23 -22.88
N ASN B 29 32.00 -12.30 -23.48
CA ASN B 29 33.41 -12.35 -23.88
C ASN B 29 33.74 -11.21 -24.82
N VAL B 30 32.84 -10.91 -25.77
CA VAL B 30 33.08 -9.82 -26.70
C VAL B 30 33.03 -8.48 -25.97
N LEU B 31 31.99 -8.25 -25.16
CA LEU B 31 31.86 -6.98 -24.48
C LEU B 31 33.02 -6.73 -23.52
N ALA B 32 33.47 -7.78 -22.83
CA ALA B 32 34.55 -7.60 -21.85
C ALA B 32 35.85 -7.23 -22.54
N THR B 33 36.24 -7.98 -23.57
CA THR B 33 37.52 -7.74 -24.23
C THR B 33 37.53 -6.41 -24.97
N MET B 34 36.38 -5.98 -25.49
CA MET B 34 36.30 -4.65 -26.09
C MET B 34 36.43 -3.56 -25.03
N ALA B 35 35.77 -3.75 -23.88
CA ALA B 35 35.83 -2.75 -22.82
C ALA B 35 37.27 -2.52 -22.37
N VAL B 36 38.06 -3.59 -22.29
CA VAL B 36 39.46 -3.45 -21.90
C VAL B 36 40.27 -2.79 -23.02
N ALA B 37 40.09 -3.27 -24.25
CA ALA B 37 40.85 -2.71 -25.37
C ALA B 37 40.58 -1.22 -25.55
N ASN B 38 39.33 -0.79 -25.34
CA ASN B 38 39.00 0.63 -25.43
C ASN B 38 39.82 1.49 -24.48
N VAL B 39 40.35 0.90 -23.40
CA VAL B 39 41.13 1.66 -22.44
C VAL B 39 42.42 2.16 -23.06
N VAL B 40 43.04 1.33 -23.91
CA VAL B 40 44.35 1.65 -24.48
C VAL B 40 44.26 2.05 -25.95
N LYS B 41 43.12 1.78 -26.60
CA LYS B 41 42.97 2.17 -28.00
C LYS B 41 43.34 3.63 -28.25
N SER B 42 42.88 4.56 -27.43
CA SER B 42 43.03 5.98 -27.69
C SER B 42 44.47 6.46 -27.48
N SER B 43 45.33 5.63 -26.89
CA SER B 43 46.70 6.02 -26.57
C SER B 43 47.71 5.46 -27.56
N LEU B 44 47.25 4.73 -28.58
CA LEU B 44 48.13 4.12 -29.56
C LEU B 44 48.83 5.20 -30.39
N GLY B 45 50.16 5.12 -30.47
CA GLY B 45 50.93 5.99 -31.32
C GLY B 45 51.40 7.23 -30.59
N PRO B 46 52.44 7.88 -31.15
CA PRO B 46 52.94 9.11 -30.51
C PRO B 46 51.93 10.25 -30.54
N VAL B 47 50.91 10.16 -31.39
CA VAL B 47 49.90 11.22 -31.46
C VAL B 47 48.68 10.91 -30.60
N GLY B 48 48.69 9.80 -29.86
CA GLY B 48 47.53 9.42 -29.10
C GLY B 48 47.31 10.30 -27.89
N LEU B 49 46.23 10.03 -27.16
CA LEU B 49 45.83 10.83 -26.02
C LEU B 49 46.02 10.04 -24.74
N ASP B 50 46.29 10.76 -23.66
CA ASP B 50 46.49 10.14 -22.36
C ASP B 50 45.16 10.04 -21.59
N LYS B 51 45.25 9.50 -20.38
CA LYS B 51 44.08 9.39 -19.52
C LYS B 51 44.50 9.50 -18.06
N MET B 52 43.52 9.81 -17.22
CA MET B 52 43.72 9.85 -15.78
C MET B 52 43.37 8.49 -15.16
N LEU B 53 44.19 8.04 -14.22
CA LEU B 53 43.98 6.78 -13.51
C LEU B 53 43.73 7.11 -12.04
N VAL B 54 42.51 6.81 -11.57
CA VAL B 54 42.06 7.27 -10.27
C VAL B 54 42.00 6.10 -9.31
N ASP B 55 42.68 6.22 -8.17
CA ASP B 55 42.81 5.13 -7.22
C ASP B 55 41.60 5.13 -6.28
N ASP B 56 41.59 4.23 -5.30
CA ASP B 56 40.46 4.11 -4.38
C ASP B 56 40.54 5.05 -3.19
N ILE B 57 41.59 5.87 -3.12
CA ILE B 57 41.79 6.74 -1.95
C ILE B 57 41.34 8.16 -2.26
N GLY B 58 41.60 8.63 -3.48
CA GLY B 58 41.36 10.01 -3.87
C GLY B 58 42.46 10.63 -4.68
N ASP B 59 43.51 9.88 -5.00
CA ASP B 59 44.60 10.42 -5.81
C ASP B 59 44.45 9.92 -7.24
N PHE B 60 45.24 10.48 -8.15
CA PHE B 60 45.23 10.04 -9.53
C PHE B 60 46.55 10.40 -10.19
N THR B 61 46.81 9.79 -11.34
CA THR B 61 47.96 10.09 -12.18
C THR B 61 47.49 10.12 -13.63
N VAL B 62 48.17 10.91 -14.46
CA VAL B 62 47.87 10.97 -15.89
C VAL B 62 49.07 10.43 -16.67
N THR B 63 48.78 9.55 -17.63
CA THR B 63 49.82 8.88 -18.39
C THR B 63 49.21 8.35 -19.69
N ASN B 64 50.08 8.18 -20.69
CA ASN B 64 49.75 7.42 -21.89
C ASN B 64 50.55 6.14 -22.02
N ASP B 65 51.19 5.68 -20.94
CA ASP B 65 51.97 4.44 -20.98
C ASP B 65 51.02 3.26 -20.89
N GLY B 66 50.99 2.45 -21.94
CA GLY B 66 50.08 1.31 -21.96
C GLY B 66 50.31 0.34 -20.83
N ALA B 67 51.58 0.13 -20.45
CA ALA B 67 51.89 -0.80 -19.37
C ALA B 67 51.34 -0.29 -18.03
N THR B 68 51.55 0.98 -17.73
CA THR B 68 50.98 1.56 -16.52
C THR B 68 49.45 1.57 -16.55
N ILE B 69 48.86 1.95 -17.68
CA ILE B 69 47.40 2.03 -17.77
C ILE B 69 46.77 0.65 -17.52
N LEU B 70 47.29 -0.38 -18.19
CA LEU B 70 46.75 -1.73 -18.00
C LEU B 70 47.07 -2.27 -16.61
N SER B 71 48.26 -1.99 -16.08
CA SER B 71 48.59 -2.45 -14.73
C SER B 71 47.63 -1.88 -13.70
N LEU B 72 47.21 -0.63 -13.87
CA LEU B 72 46.32 0.02 -12.92
C LEU B 72 44.86 -0.07 -13.33
N LEU B 73 44.53 -0.95 -14.28
CA LEU B 73 43.15 -1.08 -14.78
C LEU B 73 42.41 -2.06 -13.89
N ASP B 74 41.25 -1.64 -13.38
CA ASP B 74 40.42 -2.52 -12.56
C ASP B 74 39.57 -3.40 -13.46
N VAL B 75 39.94 -4.67 -13.59
CA VAL B 75 39.28 -5.61 -14.47
C VAL B 75 38.53 -6.62 -13.61
N GLN B 76 37.20 -6.68 -13.79
CA GLN B 76 36.37 -7.56 -12.96
C GLN B 76 36.05 -8.85 -13.70
N HIS B 77 35.60 -8.75 -14.95
CA HIS B 77 35.15 -9.92 -15.69
C HIS B 77 36.35 -10.81 -16.03
N PRO B 78 36.27 -12.11 -15.73
CA PRO B 78 37.39 -13.00 -16.05
C PRO B 78 37.83 -12.92 -17.50
N ALA B 79 36.90 -12.66 -18.42
CA ALA B 79 37.26 -12.57 -19.83
C ALA B 79 38.27 -11.46 -20.08
N GLY B 80 38.22 -10.39 -19.29
CA GLY B 80 39.18 -9.31 -19.47
C GLY B 80 40.50 -9.61 -18.79
N LYS B 81 40.47 -10.42 -17.73
CA LYS B 81 41.70 -10.79 -17.04
C LYS B 81 42.64 -11.57 -17.95
N ILE B 82 42.10 -12.24 -18.97
CA ILE B 82 42.95 -12.86 -19.99
C ILE B 82 43.81 -11.80 -20.66
N LEU B 83 43.22 -10.64 -20.96
CA LEU B 83 43.98 -9.56 -21.57
C LEU B 83 45.00 -8.96 -20.62
N VAL B 84 44.72 -8.99 -19.31
CA VAL B 84 45.69 -8.51 -18.34
C VAL B 84 46.94 -9.39 -18.36
N GLU B 85 46.77 -10.70 -18.26
CA GLU B 85 47.92 -11.61 -18.36
C GLU B 85 48.58 -11.53 -19.72
N LEU B 86 47.80 -11.37 -20.79
CA LEU B 86 48.36 -11.12 -22.10
C LEU B 86 49.37 -9.97 -22.05
N ALA B 87 48.96 -8.83 -21.49
CA ALA B 87 49.85 -7.67 -21.42
C ALA B 87 51.08 -7.97 -20.58
N GLN B 88 50.90 -8.69 -19.47
CA GLN B 88 52.02 -8.96 -18.58
C GLN B 88 53.10 -9.76 -19.28
N GLN B 89 52.71 -10.74 -20.09
CA GLN B 89 53.69 -11.53 -20.85
C GLN B 89 54.45 -10.65 -21.83
N GLN B 90 53.74 -9.75 -22.53
CA GLN B 90 54.39 -8.84 -23.46
C GLN B 90 55.38 -7.93 -22.73
N ASP B 91 54.97 -7.37 -21.60
CA ASP B 91 55.86 -6.47 -20.86
C ASP B 91 57.11 -7.18 -20.37
N ARG B 92 56.99 -8.46 -19.99
CA ARG B 92 58.14 -9.17 -19.45
C ARG B 92 59.11 -9.59 -20.56
N GLU B 93 58.58 -9.99 -21.71
CA GLU B 93 59.43 -10.53 -22.77
C GLU B 93 60.00 -9.42 -23.64
N ILE B 94 59.14 -8.51 -24.09
CA ILE B 94 59.51 -7.46 -25.04
C ILE B 94 59.70 -6.12 -24.36
N GLY B 95 58.78 -5.76 -23.46
CA GLY B 95 58.86 -4.50 -22.74
C GLY B 95 58.17 -3.34 -23.44
N ASP B 96 57.56 -3.57 -24.60
CA ASP B 96 56.86 -2.52 -25.31
C ASP B 96 55.85 -3.16 -26.25
N GLY B 97 55.01 -2.32 -26.84
CA GLY B 97 54.01 -2.79 -27.79
C GLY B 97 52.74 -3.34 -27.17
N THR B 98 52.63 -3.33 -25.83
CA THR B 98 51.50 -3.96 -25.17
C THR B 98 50.19 -3.34 -25.64
N THR B 99 50.22 -2.04 -25.98
CA THR B 99 49.01 -1.37 -26.47
C THR B 99 48.46 -2.03 -27.73
N SER B 100 49.33 -2.26 -28.72
CA SER B 100 48.88 -2.88 -29.97
C SER B 100 48.55 -4.36 -29.79
N VAL B 101 49.15 -5.02 -28.79
CA VAL B 101 48.85 -6.43 -28.55
C VAL B 101 47.41 -6.58 -28.04
N VAL B 102 47.02 -5.76 -27.08
CA VAL B 102 45.66 -5.83 -26.56
C VAL B 102 44.64 -5.46 -27.64
N ILE B 103 44.94 -4.41 -28.41
CA ILE B 103 44.00 -3.93 -29.42
C ILE B 103 43.73 -5.02 -30.45
N ILE B 104 44.78 -5.67 -30.95
CA ILE B 104 44.61 -6.71 -31.96
C ILE B 104 43.84 -7.89 -31.37
N ALA B 105 44.19 -8.29 -30.15
CA ALA B 105 43.55 -9.45 -29.53
C ALA B 105 42.04 -9.26 -29.43
N SER B 106 41.60 -8.06 -29.03
CA SER B 106 40.17 -7.79 -28.95
C SER B 106 39.50 -7.88 -30.31
N GLU B 107 40.13 -7.28 -31.33
CA GLU B 107 39.54 -7.31 -32.66
C GLU B 107 39.42 -8.74 -33.19
N LEU B 108 40.43 -9.58 -32.91
CA LEU B 108 40.35 -10.98 -33.31
C LEU B 108 39.17 -11.68 -32.62
N LEU B 109 38.99 -11.42 -31.33
CA LEU B 109 37.92 -12.09 -30.59
C LEU B 109 36.55 -11.63 -31.06
N LYS B 110 36.38 -10.31 -31.23
CA LYS B 110 35.11 -9.79 -31.72
C LYS B 110 34.72 -10.42 -33.05
N ARG B 111 35.64 -10.40 -34.02
CA ARG B 111 35.34 -10.99 -35.32
C ARG B 111 35.12 -12.50 -35.21
N ALA B 112 35.84 -13.15 -34.31
CA ALA B 112 35.62 -14.58 -34.09
C ALA B 112 34.19 -14.87 -33.69
N ASN B 113 33.60 -14.01 -32.85
CA ASN B 113 32.21 -14.20 -32.46
C ASN B 113 31.29 -14.15 -33.67
N GLU B 114 31.59 -13.27 -34.63
CA GLU B 114 30.80 -13.21 -35.85
C GLU B 114 30.91 -14.50 -36.64
N LEU B 115 32.11 -15.10 -36.69
CA LEU B 115 32.27 -16.38 -37.36
C LEU B 115 31.45 -17.47 -36.67
N VAL B 116 31.39 -17.46 -35.34
CA VAL B 116 30.59 -18.44 -34.62
C VAL B 116 29.12 -18.29 -34.97
N LYS B 117 28.62 -17.06 -35.01
CA LYS B 117 27.24 -16.83 -35.39
C LYS B 117 26.98 -17.28 -36.82
N ASN B 118 28.01 -17.27 -37.66
CA ASN B 118 27.91 -17.74 -39.04
C ASN B 118 28.15 -19.24 -39.17
N LYS B 119 28.06 -19.99 -38.06
CA LYS B 119 28.14 -21.45 -38.05
C LYS B 119 29.55 -21.96 -38.34
N ILE B 120 30.56 -21.20 -37.91
CA ILE B 120 31.95 -21.64 -37.96
C ILE B 120 32.34 -22.07 -36.55
N HIS B 121 32.62 -23.37 -36.38
CA HIS B 121 32.84 -23.90 -35.04
C HIS B 121 34.09 -23.26 -34.43
N PRO B 122 34.05 -22.89 -33.15
CA PRO B 122 35.25 -22.32 -32.51
C PRO B 122 36.52 -23.10 -32.77
N THR B 123 36.44 -24.44 -32.85
CA THR B 123 37.65 -25.23 -33.11
C THR B 123 38.25 -24.87 -34.45
N THR B 124 37.40 -24.60 -35.45
CA THR B 124 37.91 -24.29 -36.79
C THR B 124 38.37 -22.83 -36.87
N ILE B 125 37.84 -21.98 -35.99
CA ILE B 125 38.32 -20.60 -35.89
C ILE B 125 39.70 -20.58 -35.24
N ILE B 126 39.86 -21.32 -34.14
CA ILE B 126 41.15 -21.38 -33.45
C ILE B 126 42.23 -21.91 -34.39
N THR B 127 41.94 -23.03 -35.07
CA THR B 127 42.91 -23.58 -36.02
C THR B 127 43.21 -22.60 -37.14
N GLY B 128 42.17 -22.03 -37.75
CA GLY B 128 42.38 -21.15 -38.89
C GLY B 128 43.19 -19.91 -38.52
N PHE B 129 42.91 -19.35 -37.33
CA PHE B 129 43.70 -18.22 -36.87
C PHE B 129 45.17 -18.59 -36.73
N ARG B 130 45.44 -19.78 -36.18
CA ARG B 130 46.84 -20.20 -36.01
C ARG B 130 47.49 -20.47 -37.36
N VAL B 131 46.73 -20.98 -38.32
CA VAL B 131 47.25 -21.14 -39.68
C VAL B 131 47.64 -19.78 -40.26
N ALA B 132 46.77 -18.78 -40.11
CA ALA B 132 47.10 -17.43 -40.56
C ALA B 132 48.31 -16.89 -39.83
N LEU B 133 48.43 -17.16 -38.52
CA LEU B 133 49.56 -16.65 -37.75
C LEU B 133 50.88 -17.20 -38.29
N ARG B 134 50.98 -18.52 -38.45
CA ARG B 134 52.23 -19.12 -38.91
C ARG B 134 52.66 -18.55 -40.25
N GLU B 135 51.69 -18.36 -41.16
CA GLU B 135 52.02 -17.77 -42.46
C GLU B 135 52.36 -16.30 -42.31
N ALA B 136 51.67 -15.59 -41.40
CA ALA B 136 51.94 -14.17 -41.20
C ALA B 136 53.39 -13.95 -40.78
N ILE B 137 53.92 -14.82 -39.93
CA ILE B 137 55.31 -14.68 -39.47
C ILE B 137 56.28 -14.96 -40.61
N ARG B 138 55.97 -15.97 -41.43
CA ARG B 138 56.78 -16.22 -42.62
C ARG B 138 56.82 -14.99 -43.53
N PHE B 139 55.69 -14.31 -43.68
CA PHE B 139 55.67 -13.10 -44.49
C PHE B 139 56.58 -12.03 -43.92
N ILE B 140 56.48 -11.78 -42.61
CA ILE B 140 57.30 -10.75 -41.98
C ILE B 140 58.78 -11.01 -42.23
N ASN B 141 59.19 -12.27 -42.22
CA ASN B 141 60.57 -12.64 -42.51
C ASN B 141 61.02 -12.22 -43.91
N GLU B 142 60.09 -12.02 -44.85
CA GLU B 142 60.42 -11.59 -46.20
C GLU B 142 60.37 -10.07 -46.35
N VAL B 143 60.01 -9.37 -45.27
CA VAL B 143 59.87 -7.92 -45.32
C VAL B 143 61.01 -7.28 -44.53
N LEU B 144 61.37 -7.86 -43.40
CA LEU B 144 62.39 -7.31 -42.52
C LEU B 144 63.74 -7.22 -43.23
N SER B 145 64.61 -6.35 -42.72
CA SER B 145 65.95 -6.18 -43.23
C SER B 145 66.86 -5.78 -42.08
N THR B 146 68.17 -5.94 -42.30
CA THR B 146 69.17 -5.44 -41.37
C THR B 146 69.42 -3.95 -41.59
N SER B 147 70.34 -3.40 -40.79
CA SER B 147 70.75 -2.01 -40.92
C SER B 147 71.39 -1.74 -42.27
N VAL B 148 70.66 -1.06 -43.16
CA VAL B 148 71.07 -0.82 -44.53
C VAL B 148 70.77 0.64 -44.88
N ASP B 149 70.91 0.94 -46.18
CA ASP B 149 70.63 2.25 -46.75
C ASP B 149 71.51 3.35 -46.18
N THR B 150 72.83 3.12 -46.11
CA THR B 150 73.75 4.15 -45.63
C THR B 150 74.69 4.64 -46.72
N LEU B 151 74.51 4.17 -47.95
CA LEU B 151 75.37 4.55 -49.05
C LEU B 151 74.61 5.40 -50.06
N GLY B 152 75.00 6.66 -50.18
CA GLY B 152 74.30 7.60 -51.03
C GLY B 152 73.11 8.27 -50.37
N LYS B 153 72.73 7.83 -49.18
CA LYS B 153 71.61 8.35 -48.40
C LYS B 153 71.75 7.81 -46.99
N GLU B 154 71.02 8.37 -46.03
CA GLU B 154 71.04 7.90 -44.66
C GLU B 154 69.69 8.12 -44.00
N THR B 155 69.14 7.05 -43.44
CA THR B 155 67.85 7.11 -42.77
C THR B 155 67.98 7.47 -41.29
N LEU B 156 69.14 7.21 -40.68
CA LEU B 156 69.31 7.52 -39.27
C LEU B 156 69.29 9.01 -39.02
N ILE B 157 69.53 9.83 -40.05
CA ILE B 157 69.40 11.27 -39.91
C ILE B 157 67.99 11.68 -39.55
N ASN B 158 66.98 11.05 -40.16
CA ASN B 158 65.60 11.34 -39.78
C ASN B 158 65.33 10.93 -38.33
N ILE B 159 65.99 9.87 -37.87
CA ILE B 159 65.85 9.47 -36.47
C ILE B 159 66.41 10.55 -35.55
N ALA B 160 67.68 10.91 -35.76
CA ALA B 160 68.33 11.89 -34.89
C ALA B 160 67.65 13.25 -34.98
N LYS B 161 67.36 13.72 -36.20
CA LYS B 161 66.74 15.03 -36.35
C LYS B 161 65.42 15.11 -35.62
N THR B 162 64.63 14.03 -35.67
CA THR B 162 63.38 13.98 -34.90
C THR B 162 63.62 14.05 -33.41
N SER B 163 64.53 13.23 -32.88
CA SER B 163 64.73 13.12 -31.44
C SER B 163 65.17 14.43 -30.80
N MET B 164 65.93 15.27 -31.51
CA MET B 164 66.44 16.52 -30.96
C MET B 164 65.52 17.70 -31.25
N SER B 165 64.40 17.49 -31.94
CA SER B 165 63.55 18.60 -32.36
C SER B 165 62.96 19.32 -31.15
N SER B 166 62.93 18.66 -29.99
CA SER B 166 62.37 19.22 -28.78
C SER B 166 63.40 19.95 -27.93
N LYS B 167 64.67 19.98 -28.33
CA LYS B 167 65.75 20.50 -27.53
C LYS B 167 66.42 21.66 -28.24
N ILE B 168 67.16 22.46 -27.45
CA ILE B 168 67.77 23.68 -27.96
C ILE B 168 68.70 23.37 -29.12
N ILE B 169 69.34 22.20 -29.09
CA ILE B 169 70.28 21.80 -30.13
C ILE B 169 69.59 21.62 -31.48
N GLY B 170 68.28 21.38 -31.49
CA GLY B 170 67.56 21.16 -32.73
C GLY B 170 67.58 22.34 -33.69
N ALA B 171 67.91 23.53 -33.21
CA ALA B 171 67.95 24.70 -34.09
C ALA B 171 68.91 24.47 -35.25
N ASP B 172 69.98 23.71 -35.01
CA ASP B 172 71.01 23.42 -36.00
C ASP B 172 71.02 21.93 -36.34
N SER B 173 69.84 21.30 -36.26
CA SER B 173 69.69 19.85 -36.43
C SER B 173 70.23 19.34 -37.76
N ASP B 174 70.16 20.18 -38.82
CA ASP B 174 70.69 19.76 -40.12
C ASP B 174 72.18 19.52 -40.05
N PHE B 175 72.86 20.09 -39.06
CA PHE B 175 74.25 19.75 -38.81
C PHE B 175 74.37 18.67 -37.74
N PHE B 176 73.72 18.87 -36.59
CA PHE B 176 73.96 18.03 -35.44
C PHE B 176 73.39 16.63 -35.63
N SER B 177 72.35 16.50 -36.47
CA SER B 177 71.82 15.17 -36.77
C SER B 177 72.88 14.27 -37.40
N ASN B 178 73.86 14.85 -38.08
CA ASN B 178 74.96 14.06 -38.61
C ASN B 178 75.96 13.70 -37.51
N MET B 179 76.18 14.63 -36.57
CA MET B 179 77.06 14.34 -35.44
C MET B 179 76.54 13.16 -34.62
N VAL B 180 75.23 13.08 -34.45
CA VAL B 180 74.64 11.97 -33.70
C VAL B 180 74.90 10.65 -34.43
N VAL B 181 74.56 10.59 -35.71
CA VAL B 181 74.62 9.33 -36.45
C VAL B 181 76.06 8.91 -36.69
N ASP B 182 76.88 9.82 -37.22
CA ASP B 182 78.26 9.49 -37.54
C ASP B 182 79.03 9.05 -36.30
N ALA B 183 78.72 9.67 -35.16
CA ALA B 183 79.36 9.29 -33.90
C ALA B 183 78.98 7.86 -33.50
N LEU B 184 77.67 7.58 -33.49
CA LEU B 184 77.19 6.31 -32.96
C LEU B 184 77.57 5.14 -33.87
N LEU B 185 77.58 5.38 -35.19
CA LEU B 185 77.98 4.34 -36.14
C LEU B 185 79.42 3.90 -35.90
N ALA B 186 80.22 4.76 -35.27
CA ALA B 186 81.64 4.47 -35.08
C ALA B 186 81.92 3.59 -33.87
N VAL B 187 80.92 3.36 -33.01
CA VAL B 187 81.13 2.66 -31.75
C VAL B 187 80.37 1.33 -31.70
N LYS B 188 80.07 0.73 -32.86
CA LYS B 188 79.63 -0.65 -32.92
C LYS B 188 80.71 -1.62 -32.47
N THR B 189 80.36 -2.52 -31.56
CA THR B 189 81.31 -3.46 -30.98
C THR B 189 80.73 -4.86 -31.13
N GLN B 190 81.45 -5.86 -30.60
CA GLN B 190 81.08 -7.25 -30.76
C GLN B 190 80.78 -7.98 -29.46
N ASN B 191 81.10 -7.37 -28.31
CA ASN B 191 80.99 -8.01 -26.99
C ASN B 191 81.65 -9.39 -27.09
N SER B 192 80.93 -10.48 -26.91
CA SER B 192 81.50 -11.83 -26.96
C SER B 192 80.80 -12.66 -28.03
N LYS B 193 81.60 -13.35 -28.84
CA LYS B 193 81.12 -14.28 -29.85
C LYS B 193 80.26 -13.59 -30.90
N GLY B 194 80.62 -12.35 -31.24
CA GLY B 194 80.02 -11.63 -32.36
C GLY B 194 78.60 -11.15 -32.17
N GLU B 195 78.28 -10.56 -31.02
CA GLU B 195 76.92 -10.11 -30.76
C GLU B 195 76.51 -9.02 -31.75
N ILE B 196 77.47 -8.21 -32.18
CA ILE B 196 77.22 -7.08 -33.08
C ILE B 196 76.20 -6.16 -32.43
N LYS B 197 76.64 -5.37 -31.45
CA LYS B 197 75.75 -4.51 -30.69
C LYS B 197 76.43 -3.16 -30.46
N TYR B 198 75.60 -2.13 -30.27
CA TYR B 198 76.10 -0.83 -29.86
C TYR B 198 76.06 -0.72 -28.35
N PRO B 199 77.10 -0.19 -27.70
CA PRO B 199 77.08 -0.08 -26.23
C PRO B 199 75.94 0.77 -25.71
N VAL B 200 75.49 0.47 -24.49
CA VAL B 200 74.49 1.30 -23.82
C VAL B 200 75.08 2.66 -23.50
N LYS B 201 76.40 2.71 -23.34
CA LYS B 201 77.09 3.97 -23.12
C LYS B 201 78.29 4.10 -24.05
N ALA B 202 78.26 5.09 -24.94
CA ALA B 202 79.29 5.29 -25.95
C ALA B 202 79.24 6.75 -26.39
N VAL B 203 80.30 7.18 -27.06
CA VAL B 203 80.41 8.54 -27.59
C VAL B 203 80.56 9.53 -26.43
N ASN B 204 81.76 9.61 -25.88
CA ASN B 204 82.04 10.57 -24.81
C ASN B 204 81.81 11.99 -25.30
N VAL B 205 81.11 12.78 -24.50
CA VAL B 205 80.68 14.12 -24.90
C VAL B 205 81.43 15.14 -24.04
N LEU B 206 82.15 16.05 -24.69
CA LEU B 206 82.73 17.22 -24.04
C LEU B 206 82.04 18.48 -24.57
N LYS B 207 82.50 19.62 -24.08
CA LYS B 207 81.91 20.91 -24.44
C LYS B 207 83.00 21.97 -24.52
N ALA B 208 82.74 22.99 -25.34
CA ALA B 208 83.61 24.16 -25.39
C ALA B 208 82.80 25.37 -25.83
N HIS B 209 83.22 26.55 -25.39
CA HIS B 209 82.57 27.81 -25.75
C HIS B 209 83.34 28.54 -26.85
N GLY B 210 84.34 27.89 -27.43
CA GLY B 210 85.24 28.59 -28.35
C GLY B 210 84.56 29.21 -29.54
N LYS B 211 83.85 28.42 -30.34
CA LYS B 211 83.29 28.87 -31.61
C LYS B 211 81.80 28.57 -31.65
N SER B 212 81.17 28.95 -32.78
CA SER B 212 79.76 28.75 -33.03
C SER B 212 79.40 27.26 -32.98
N ALA B 213 78.11 26.97 -32.75
CA ALA B 213 77.67 25.60 -32.57
C ALA B 213 78.02 24.72 -33.77
N THR B 214 77.99 25.29 -34.98
CA THR B 214 78.20 24.47 -36.18
C THR B 214 79.65 24.04 -36.34
N GLU B 215 80.53 24.50 -35.44
CA GLU B 215 81.93 24.12 -35.42
C GLU B 215 82.23 22.98 -34.44
N SER B 216 81.21 22.32 -33.90
CA SER B 216 81.42 21.20 -32.98
C SER B 216 82.29 20.14 -33.65
N LEU B 217 83.08 19.45 -32.83
CA LEU B 217 84.12 18.55 -33.34
C LEU B 217 83.68 17.09 -33.22
N LEU B 218 83.96 16.32 -34.28
CA LEU B 218 83.79 14.87 -34.29
C LEU B 218 85.18 14.25 -34.23
N VAL B 219 85.47 13.54 -33.14
CA VAL B 219 86.79 12.96 -32.93
C VAL B 219 86.72 11.46 -33.24
N PRO B 220 87.61 10.92 -34.07
CA PRO B 220 87.56 9.49 -34.41
C PRO B 220 87.76 8.56 -33.23
N GLY B 221 88.38 9.01 -32.15
CA GLY B 221 88.53 8.18 -30.97
C GLY B 221 88.10 8.93 -29.73
N TYR B 222 88.70 8.54 -28.60
CA TYR B 222 88.29 9.06 -27.31
C TYR B 222 88.90 10.43 -27.05
N ALA B 223 88.08 11.31 -26.47
CA ALA B 223 88.52 12.63 -26.02
C ALA B 223 88.65 12.60 -24.50
N LEU B 224 89.84 12.87 -24.00
CA LEU B 224 90.10 12.85 -22.57
C LEU B 224 90.06 14.28 -22.02
N ASN B 225 89.22 14.51 -21.01
CA ASN B 225 89.06 15.84 -20.45
C ASN B 225 90.20 16.14 -19.47
N CYS B 226 91.39 16.25 -20.06
CA CYS B 226 92.64 16.52 -19.35
C CYS B 226 93.61 17.18 -20.33
N THR B 227 94.67 17.76 -19.78
CA THR B 227 95.80 18.26 -20.53
C THR B 227 97.09 17.71 -19.92
N VAL B 228 98.20 17.94 -20.60
CA VAL B 228 99.49 17.47 -20.10
C VAL B 228 99.74 18.12 -18.74
N ALA B 229 100.40 17.38 -17.85
CA ALA B 229 100.69 17.90 -16.51
C ALA B 229 101.58 19.14 -16.58
N SER B 230 102.47 19.18 -17.57
CA SER B 230 103.42 20.28 -17.69
C SER B 230 103.37 20.84 -19.11
N GLN B 231 103.39 22.17 -19.22
CA GLN B 231 103.39 22.81 -20.53
C GLN B 231 104.64 22.48 -21.33
N ALA B 232 105.66 21.89 -20.71
CA ALA B 232 106.88 21.52 -21.43
C ALA B 232 106.71 20.21 -22.18
N MET B 233 105.58 19.52 -22.00
CA MET B 233 105.39 18.23 -22.64
C MET B 233 104.90 18.40 -24.07
N PRO B 234 105.25 17.47 -24.96
CA PRO B 234 104.77 17.56 -26.34
C PRO B 234 103.25 17.55 -26.40
N LYS B 235 102.71 18.24 -27.40
CA LYS B 235 101.29 18.14 -27.76
C LYS B 235 101.05 17.12 -28.87
N ARG B 236 102.11 16.60 -29.48
CA ARG B 236 101.99 15.53 -30.47
C ARG B 236 103.17 14.59 -30.28
N ILE B 237 102.88 13.31 -30.01
CA ILE B 237 103.90 12.36 -29.57
C ILE B 237 103.72 11.06 -30.34
N ALA B 238 104.81 10.51 -30.85
CA ALA B 238 104.88 9.13 -31.33
C ALA B 238 103.76 8.82 -32.32
N GLY B 239 103.67 9.61 -33.40
CA GLY B 239 102.68 9.38 -34.43
C GLY B 239 102.71 7.99 -35.04
N GLY B 240 103.88 7.36 -35.06
CA GLY B 240 104.01 6.01 -35.56
C GLY B 240 103.31 4.96 -34.71
N ASN B 241 103.57 4.98 -33.41
CA ASN B 241 102.96 4.04 -32.47
C ASN B 241 103.18 4.54 -31.05
N VAL B 242 102.08 4.74 -30.33
CA VAL B 242 102.12 5.34 -28.99
C VAL B 242 101.37 4.43 -28.03
N LYS B 243 101.89 4.31 -26.81
CA LYS B 243 101.31 3.47 -25.77
C LYS B 243 100.80 4.37 -24.65
N ILE B 244 99.65 4.02 -24.09
CA ILE B 244 99.04 4.77 -23.00
C ILE B 244 99.04 3.90 -21.75
N ALA B 245 99.68 4.39 -20.69
CA ALA B 245 99.69 3.71 -19.39
C ALA B 245 98.65 4.40 -18.50
N CYS B 246 97.57 3.68 -18.20
CA CYS B 246 96.49 4.20 -17.38
C CYS B 246 96.61 3.62 -15.99
N LEU B 247 96.94 4.46 -15.02
CA LEU B 247 97.15 4.03 -13.64
C LEU B 247 96.21 4.76 -12.70
N ASP B 248 95.88 4.08 -11.60
CA ASP B 248 95.19 4.67 -10.47
C ASP B 248 96.19 5.04 -9.38
N LEU B 249 97.10 4.11 -9.07
CA LEU B 249 98.09 4.30 -8.04
C LEU B 249 98.91 5.57 -8.27
N ASN B 250 99.23 6.25 -7.18
CA ASN B 250 99.87 7.55 -7.21
C ASN B 250 101.34 7.45 -7.59
N LEU B 251 101.87 8.58 -8.07
CA LEU B 251 103.30 8.80 -8.21
C LEU B 251 103.73 10.01 -7.39
N GLN B 252 102.96 10.33 -6.36
CA GLN B 252 103.29 11.37 -5.40
C GLN B 252 104.20 10.80 -4.33
N LYS B 253 105.24 11.55 -3.98
CA LYS B 253 106.22 11.09 -3.00
C LYS B 253 105.52 10.30 -1.91
N ALA B 254 106.01 9.09 -1.66
CA ALA B 254 105.32 8.14 -0.80
C ALA B 254 105.36 8.61 0.66
N ARG B 255 104.25 8.37 1.36
CA ARG B 255 104.20 8.51 2.80
C ARG B 255 104.28 7.13 3.42
N MET B 256 105.23 6.93 4.34
CA MET B 256 105.41 5.63 4.96
C MET B 256 104.19 5.24 5.79
N ALA B 257 103.59 6.22 6.47
CA ALA B 257 102.36 5.96 7.21
C ALA B 257 101.72 7.29 7.57
N MET B 258 100.39 7.29 7.68
CA MET B 258 99.66 8.49 8.07
C MET B 258 99.65 8.68 9.58
N GLY B 259 99.86 7.62 10.36
CA GLY B 259 99.71 7.69 11.79
C GLY B 259 101.02 7.59 12.56
N VAL B 260 102.14 7.67 11.84
CA VAL B 260 103.45 7.50 12.45
C VAL B 260 104.29 8.76 12.22
N GLN B 261 104.90 9.27 13.29
CA GLN B 261 105.82 10.38 13.15
C GLN B 261 107.25 9.86 12.97
N ILE B 262 107.94 10.38 11.97
CA ILE B 262 109.32 9.99 11.68
C ILE B 262 110.25 10.99 12.36
N ASN B 263 111.14 10.48 13.21
CA ASN B 263 112.07 11.32 13.97
C ASN B 263 113.48 10.95 13.50
N ILE B 264 114.15 11.89 12.85
CA ILE B 264 115.42 11.61 12.22
C ILE B 264 116.54 12.26 13.02
N ASP B 265 117.42 11.43 13.58
CA ASP B 265 118.56 11.89 14.37
C ASP B 265 119.89 11.67 13.68
N ASP B 266 120.07 10.55 13.00
CA ASP B 266 121.34 10.13 12.44
C ASP B 266 121.40 10.58 10.98
N PRO B 267 122.43 11.30 10.55
CA PRO B 267 122.56 11.66 9.13
C PRO B 267 122.32 10.49 8.19
N GLU B 268 122.68 9.26 8.58
CA GLU B 268 122.38 8.10 7.74
C GLU B 268 120.87 7.95 7.54
N GLN B 269 120.08 8.26 8.57
CA GLN B 269 118.64 8.16 8.45
C GLN B 269 118.08 9.13 7.41
N LEU B 270 118.68 10.32 7.30
CA LEU B 270 118.26 11.28 6.30
C LEU B 270 118.35 10.68 4.89
N GLU B 271 119.46 10.00 4.60
CA GLU B 271 119.61 9.31 3.32
C GLU B 271 118.54 8.22 3.16
N GLN B 272 118.32 7.42 4.20
CA GLN B 272 117.39 6.30 4.10
C GLN B 272 115.97 6.79 3.82
N ILE B 273 115.54 7.84 4.52
CA ILE B 273 114.17 8.33 4.39
C ILE B 273 113.97 9.05 3.07
N ARG B 274 114.90 9.95 2.72
CA ARG B 274 114.79 10.73 1.50
C ARG B 274 114.74 9.85 0.26
N LYS B 275 115.64 8.86 0.19
CA LYS B 275 115.66 7.94 -0.95
C LYS B 275 114.47 7.00 -0.97
N ARG B 276 114.03 6.50 0.19
CA ARG B 276 112.92 5.54 0.21
C ARG B 276 111.62 6.21 -0.22
N GLU B 277 111.29 7.36 0.40
CA GLU B 277 110.01 8.00 0.13
C GLU B 277 109.91 8.40 -1.35
N ALA B 278 111.01 8.88 -1.92
CA ALA B 278 111.00 9.22 -3.35
C ALA B 278 111.19 7.97 -4.20
N GLY B 279 111.98 7.01 -3.72
CA GLY B 279 112.29 5.84 -4.53
C GLY B 279 111.07 5.05 -4.92
N ILE B 280 110.10 4.94 -4.01
CA ILE B 280 108.89 4.17 -4.30
C ILE B 280 108.28 4.60 -5.62
N VAL B 281 108.02 5.90 -5.78
CA VAL B 281 107.37 6.41 -6.98
C VAL B 281 108.32 6.60 -8.14
N LEU B 282 109.58 6.96 -7.87
CA LEU B 282 110.56 7.13 -8.95
C LEU B 282 110.89 5.82 -9.64
N GLU B 283 110.95 4.72 -8.88
CA GLU B 283 111.19 3.42 -9.50
C GLU B 283 110.00 3.01 -10.36
N ARG B 284 108.79 3.37 -9.94
CA ARG B 284 107.61 3.12 -10.76
C ARG B 284 107.70 3.89 -12.08
N VAL B 285 108.19 5.14 -12.03
CA VAL B 285 108.37 5.93 -13.24
C VAL B 285 109.33 5.23 -14.18
N LYS B 286 110.42 4.68 -13.64
CA LYS B 286 111.38 3.95 -14.46
C LYS B 286 110.69 2.80 -15.20
N LYS B 287 109.80 2.08 -14.52
CA LYS B 287 109.04 1.01 -15.17
C LYS B 287 108.04 1.54 -16.19
N ILE B 288 107.45 2.70 -15.96
CA ILE B 288 106.56 3.35 -16.92
C ILE B 288 107.31 3.76 -18.18
N ILE B 289 108.51 4.34 -18.01
CA ILE B 289 109.32 4.75 -19.15
C ILE B 289 109.79 3.54 -19.95
N ASP B 290 110.34 2.53 -19.26
CA ASP B 290 110.84 1.33 -19.93
C ASP B 290 109.75 0.59 -20.70
N ALA B 291 108.49 0.67 -20.28
CA ALA B 291 107.41 -0.01 -20.97
C ALA B 291 106.96 0.71 -22.23
N GLY B 292 107.56 1.86 -22.56
CA GLY B 292 107.18 2.60 -23.73
C GLY B 292 105.99 3.52 -23.57
N ALA B 293 105.56 3.78 -22.34
CA ALA B 293 104.35 4.57 -22.12
C ALA B 293 104.65 6.05 -22.34
N GLN B 294 104.59 6.48 -23.61
CA GLN B 294 104.76 7.88 -23.96
C GLN B 294 103.55 8.74 -23.63
N VAL B 295 102.43 8.13 -23.22
CA VAL B 295 101.35 8.84 -22.54
C VAL B 295 101.05 8.12 -21.23
N VAL B 296 101.04 8.88 -20.15
CA VAL B 296 100.91 8.34 -18.80
C VAL B 296 99.81 9.09 -18.08
N LEU B 297 98.74 8.38 -17.70
CA LEU B 297 97.53 8.97 -17.14
C LEU B 297 97.33 8.38 -15.75
N THR B 298 97.49 9.21 -14.72
CA THR B 298 97.41 8.76 -13.35
C THR B 298 96.28 9.46 -12.61
N THR B 299 95.42 8.67 -11.97
CA THR B 299 94.31 9.20 -11.18
C THR B 299 94.74 9.97 -9.95
N LYS B 300 95.58 9.40 -9.07
CA LYS B 300 95.88 9.99 -7.77
C LYS B 300 97.04 10.98 -7.82
N GLY B 301 97.53 11.30 -9.03
CA GLY B 301 98.45 12.42 -9.20
C GLY B 301 99.90 11.98 -9.32
N ILE B 302 100.72 12.92 -9.79
CA ILE B 302 102.12 12.69 -10.08
C ILE B 302 102.94 13.81 -9.43
N ASP B 303 104.06 13.44 -8.80
CA ASP B 303 104.90 14.42 -8.12
C ASP B 303 105.68 15.23 -9.15
N ASP B 304 106.30 16.33 -8.72
CA ASP B 304 107.08 17.16 -9.62
C ASP B 304 108.37 16.49 -10.09
N LEU B 305 109.04 15.74 -9.20
CA LEU B 305 110.23 15.00 -9.60
C LEU B 305 109.89 13.95 -10.65
N CYS B 306 108.76 13.25 -10.47
CA CYS B 306 108.29 12.27 -11.43
C CYS B 306 107.94 12.90 -12.78
N LEU B 307 107.27 14.05 -12.78
CA LEU B 307 106.94 14.80 -13.98
C LEU B 307 108.18 15.25 -14.75
N LYS B 308 109.21 15.71 -14.02
CA LYS B 308 110.47 16.10 -14.65
C LYS B 308 111.05 15.00 -15.53
N GLU B 309 111.10 13.77 -15.02
CA GLU B 309 111.61 12.65 -15.83
C GLU B 309 110.71 12.41 -17.03
N PHE B 310 109.39 12.56 -16.86
CA PHE B 310 108.46 12.41 -17.98
C PHE B 310 108.66 13.48 -19.03
N VAL B 311 108.92 14.72 -18.60
CA VAL B 311 109.16 15.81 -19.55
C VAL B 311 110.43 15.54 -20.35
N GLU B 312 111.52 15.18 -19.66
CA GLU B 312 112.78 14.92 -20.34
C GLU B 312 112.67 13.77 -21.32
N ALA B 313 111.87 12.75 -21.02
CA ALA B 313 111.64 11.62 -21.91
C ALA B 313 110.60 11.91 -22.98
N LYS B 314 110.06 13.13 -23.02
CA LYS B 314 109.01 13.52 -23.97
C LYS B 314 107.77 12.64 -23.80
N ILE B 315 107.36 12.43 -22.57
CA ILE B 315 106.22 11.58 -22.23
C ILE B 315 105.10 12.49 -21.77
N MET B 316 103.92 12.34 -22.39
CA MET B 316 102.77 13.17 -22.05
C MET B 316 102.14 12.66 -20.76
N GLY B 317 102.78 12.95 -19.63
CA GLY B 317 102.24 12.61 -18.33
C GLY B 317 101.07 13.50 -17.96
N VAL B 318 100.05 12.92 -17.33
CA VAL B 318 98.86 13.64 -16.90
C VAL B 318 98.56 13.25 -15.47
N ARG B 319 98.29 14.25 -14.63
CA ARG B 319 97.94 14.01 -13.23
C ARG B 319 96.54 14.52 -12.92
N ARG B 320 95.94 13.94 -11.89
CA ARG B 320 94.57 14.22 -11.49
C ARG B 320 93.55 13.81 -12.55
N CYS B 321 93.69 12.60 -13.08
CA CYS B 321 92.75 12.07 -14.06
C CYS B 321 91.48 11.58 -13.37
N LYS B 322 90.37 11.63 -14.09
CA LYS B 322 89.12 11.02 -13.64
C LYS B 322 89.17 9.52 -13.93
N LYS B 323 88.97 8.71 -12.90
CA LYS B 323 89.06 7.26 -13.07
C LYS B 323 88.11 6.76 -14.14
N GLU B 324 86.88 7.29 -14.18
CA GLU B 324 85.92 6.87 -15.20
C GLU B 324 86.45 7.05 -16.61
N ASP B 325 87.06 8.20 -16.91
CA ASP B 325 87.66 8.44 -18.22
C ASP B 325 88.78 7.46 -18.54
N LEU B 326 89.59 7.10 -17.54
CA LEU B 326 90.64 6.09 -17.75
C LEU B 326 90.07 4.71 -18.03
N ARG B 327 88.95 4.35 -17.38
CA ARG B 327 88.30 3.09 -17.71
C ARG B 327 87.85 3.05 -19.15
N ARG B 328 87.38 4.18 -19.68
CA ARG B 328 87.01 4.26 -21.09
C ARG B 328 88.20 4.16 -22.02
N ILE B 329 89.32 4.81 -21.68
CA ILE B 329 90.54 4.68 -22.48
C ILE B 329 91.07 3.25 -22.38
N ALA B 330 91.18 2.72 -21.16
CA ALA B 330 91.73 1.38 -20.99
C ALA B 330 90.93 0.35 -21.77
N ARG B 331 89.62 0.30 -21.56
CA ARG B 331 88.80 -0.65 -22.29
C ARG B 331 88.88 -0.42 -23.79
N ALA B 332 88.73 0.82 -24.23
CA ALA B 332 88.76 1.11 -25.66
C ALA B 332 90.09 0.71 -26.30
N THR B 333 91.20 0.84 -25.58
CA THR B 333 92.50 0.55 -26.13
C THR B 333 92.99 -0.85 -25.83
N GLY B 334 92.13 -1.73 -25.30
CA GLY B 334 92.50 -3.08 -25.00
C GLY B 334 93.22 -3.26 -23.68
N ALA B 335 93.32 -2.22 -22.86
CA ALA B 335 94.09 -2.28 -21.64
C ALA B 335 93.16 -2.40 -20.44
N THR B 336 93.75 -2.72 -19.28
CA THR B 336 93.08 -2.62 -18.00
C THR B 336 93.91 -1.74 -17.07
N LEU B 337 93.23 -1.06 -16.15
CA LEU B 337 93.86 -0.02 -15.34
C LEU B 337 94.89 -0.67 -14.42
N VAL B 338 95.98 0.03 -14.14
CA VAL B 338 96.91 -0.37 -13.09
C VAL B 338 96.43 0.15 -11.74
N SER B 339 95.58 -0.63 -11.07
CA SER B 339 95.15 -0.27 -9.72
C SER B 339 96.19 -0.68 -8.69
N SER B 340 97.04 -1.65 -9.04
CA SER B 340 98.08 -2.11 -8.14
C SER B 340 99.12 -2.88 -8.95
N MET B 341 100.30 -3.08 -8.37
CA MET B 341 101.32 -3.92 -8.99
C MET B 341 101.54 -5.19 -8.17
N SER B 342 101.70 -6.33 -8.84
CA SER B 342 101.94 -7.59 -8.13
C SER B 342 102.83 -8.51 -8.95
N ASN B 343 102.23 -9.47 -9.65
CA ASN B 343 102.92 -10.48 -10.44
C ASN B 343 104.08 -11.10 -9.66
N LEU B 344 103.69 -11.82 -8.59
CA LEU B 344 104.62 -12.48 -7.70
C LEU B 344 105.48 -11.48 -6.95
N GLU B 345 104.85 -10.45 -6.39
CA GLU B 345 105.49 -9.42 -5.56
C GLU B 345 106.55 -8.62 -6.30
N GLY B 346 106.37 -8.34 -7.58
CA GLY B 346 107.31 -7.48 -8.28
C GLY B 346 106.72 -6.12 -8.60
N GLU B 347 107.33 -5.41 -9.55
CA GLU B 347 106.81 -4.11 -9.96
C GLU B 347 106.97 -3.97 -11.47
N GLU B 348 105.88 -3.67 -12.15
CA GLU B 348 105.84 -3.46 -13.60
C GLU B 348 104.53 -2.78 -13.95
N THR B 349 104.49 -2.19 -15.15
CA THR B 349 103.26 -1.64 -15.70
C THR B 349 102.56 -2.60 -16.65
N PHE B 350 103.06 -3.82 -16.83
CA PHE B 350 102.39 -4.85 -17.61
C PHE B 350 102.25 -4.43 -19.07
N GLU B 351 103.39 -4.25 -19.75
CA GLU B 351 103.41 -3.83 -21.15
C GLU B 351 102.51 -4.68 -22.03
N SER B 352 101.71 -4.03 -22.86
CA SER B 352 100.77 -4.59 -23.82
C SER B 352 99.53 -5.20 -23.17
N SER B 353 99.46 -5.27 -21.84
CA SER B 353 98.27 -5.76 -21.16
C SER B 353 97.53 -4.65 -20.43
N TYR B 354 98.25 -3.85 -19.63
CA TYR B 354 97.71 -2.64 -19.03
C TYR B 354 98.04 -1.37 -19.80
N LEU B 355 98.82 -1.46 -20.88
CA LEU B 355 99.06 -0.30 -21.71
C LEU B 355 98.24 -0.37 -22.99
N GLY B 356 97.59 0.74 -23.32
CA GLY B 356 96.84 0.88 -24.56
C GLY B 356 97.77 0.99 -25.75
N LEU B 357 97.37 0.39 -26.87
CA LEU B 357 98.17 0.35 -28.08
C LEU B 357 97.50 1.23 -29.13
N CYS B 358 97.91 2.49 -29.20
CA CYS B 358 97.20 3.51 -29.96
C CYS B 358 98.08 4.01 -31.09
N ASP B 359 97.45 4.69 -32.06
CA ASP B 359 98.20 5.23 -33.19
C ASP B 359 98.88 6.55 -32.82
N GLU B 360 98.12 7.49 -32.25
CA GLU B 360 98.67 8.79 -31.92
C GLU B 360 97.78 9.47 -30.89
N VAL B 361 98.41 10.20 -29.98
CA VAL B 361 97.72 11.01 -28.98
C VAL B 361 98.21 12.44 -29.12
N VAL B 362 97.28 13.39 -29.15
CA VAL B 362 97.62 14.81 -29.27
C VAL B 362 96.84 15.59 -28.22
N GLN B 363 97.31 16.82 -27.96
CA GLN B 363 96.54 17.81 -27.20
C GLN B 363 96.06 18.88 -28.19
N ALA B 364 94.75 19.11 -28.19
CA ALA B 364 94.15 20.04 -29.14
C ALA B 364 93.66 21.31 -28.45
N LYS B 365 93.80 22.43 -29.14
CA LYS B 365 93.29 23.71 -28.68
C LYS B 365 91.94 24.01 -29.31
N PHE B 366 90.96 24.30 -28.45
CA PHE B 366 89.57 24.52 -28.86
C PHE B 366 89.16 25.98 -28.74
N SER B 367 90.10 26.91 -28.94
CA SER B 367 89.81 28.35 -28.82
C SER B 367 89.30 28.70 -27.43
N ASP B 368 90.22 28.75 -26.47
CA ASP B 368 89.98 29.03 -25.05
C ASP B 368 89.51 27.78 -24.30
N ASP B 369 89.98 26.61 -24.73
CA ASP B 369 89.86 25.39 -23.96
C ASP B 369 90.83 24.38 -24.55
N GLU B 370 91.10 23.32 -23.80
CA GLU B 370 92.02 22.30 -24.27
C GLU B 370 91.60 20.91 -23.80
N CYS B 371 91.96 19.89 -24.56
CA CYS B 371 91.87 18.51 -24.11
C CYS B 371 92.83 17.63 -24.90
N ILE B 372 92.93 16.37 -24.46
CA ILE B 372 93.77 15.36 -25.10
C ILE B 372 92.89 14.46 -25.94
N LEU B 373 93.25 14.29 -27.21
CA LEU B 373 92.50 13.47 -28.15
C LEU B 373 93.31 12.23 -28.52
N ILE B 374 92.66 11.07 -28.46
CA ILE B 374 93.28 9.83 -28.92
C ILE B 374 92.62 9.45 -30.25
N LYS B 375 93.43 9.34 -31.31
CA LYS B 375 92.88 9.25 -32.65
C LYS B 375 92.46 7.83 -32.99
N GLY B 376 93.43 6.92 -33.04
CA GLY B 376 93.17 5.53 -33.36
C GLY B 376 93.86 4.57 -32.40
N THR B 377 93.52 3.30 -32.57
CA THR B 377 94.08 2.17 -31.83
C THR B 377 93.57 0.90 -32.50
N SER B 378 94.25 -0.22 -32.24
CA SER B 378 93.99 -1.46 -32.94
C SER B 378 92.49 -1.79 -33.02
N LYS B 379 91.81 -1.87 -31.87
CA LYS B 379 90.40 -2.26 -31.85
C LYS B 379 89.76 -1.64 -30.60
N HIS B 380 88.78 -0.78 -30.82
CA HIS B 380 88.25 0.07 -29.75
C HIS B 380 86.74 0.19 -29.83
N SER B 381 86.18 0.49 -31.00
CA SER B 381 84.80 0.94 -31.15
C SER B 381 84.49 2.13 -30.27
N SER B 382 85.37 3.14 -30.24
CA SER B 382 85.18 4.33 -29.42
C SER B 382 85.07 5.57 -30.30
N SER B 383 84.48 6.62 -29.72
CA SER B 383 84.44 7.93 -30.34
C SER B 383 84.11 9.00 -29.31
N SER B 384 84.26 10.27 -29.67
CA SER B 384 83.89 11.37 -28.78
C SER B 384 83.37 12.53 -29.62
N ILE B 385 82.48 13.32 -29.03
CA ILE B 385 82.02 14.57 -29.62
C ILE B 385 82.28 15.70 -28.64
N ILE B 386 82.70 16.84 -29.18
CA ILE B 386 82.88 18.07 -28.41
C ILE B 386 81.87 19.06 -28.95
N LEU B 387 80.88 19.41 -28.13
CA LEU B 387 79.83 20.31 -28.58
C LEU B 387 80.21 21.76 -28.32
N ARG B 388 79.82 22.63 -29.25
CA ARG B 388 80.00 24.07 -29.11
C ARG B 388 78.62 24.71 -29.10
N GLY B 389 78.54 25.94 -28.61
CA GLY B 389 77.25 26.60 -28.49
C GLY B 389 77.30 28.01 -27.97
N ALA B 390 76.13 28.58 -27.69
CA ALA B 390 76.06 30.00 -27.30
C ALA B 390 76.81 30.26 -25.99
N ASN B 391 76.69 29.36 -25.03
CA ASN B 391 77.31 29.54 -23.72
C ASN B 391 77.19 28.23 -22.96
N ASP B 392 77.76 28.20 -21.75
CA ASP B 392 77.75 26.98 -20.94
C ASP B 392 76.32 26.52 -20.68
N TYR B 393 75.39 27.46 -20.48
CA TYR B 393 74.01 27.10 -20.23
C TYR B 393 73.42 26.37 -21.43
N SER B 394 73.71 26.84 -22.65
CA SER B 394 73.24 26.15 -23.84
C SER B 394 74.00 24.85 -24.05
N LEU B 395 75.29 24.82 -23.68
CA LEU B 395 76.08 23.60 -23.83
C LEU B 395 75.56 22.47 -22.96
N ASP B 396 75.08 22.78 -21.76
CA ASP B 396 74.46 21.77 -20.92
C ASP B 396 73.26 21.15 -21.61
N GLU B 397 72.34 21.99 -22.11
CA GLU B 397 71.16 21.49 -22.78
C GLU B 397 71.52 20.73 -24.05
N MET B 398 72.52 21.22 -24.80
CA MET B 398 72.94 20.53 -26.01
C MET B 398 73.50 19.15 -25.69
N GLU B 399 74.33 19.06 -24.65
CA GLU B 399 74.84 17.76 -24.23
C GLU B 399 73.70 16.83 -23.85
N ARG B 400 72.74 17.32 -23.06
CA ARG B 400 71.62 16.48 -22.66
C ARG B 400 70.85 15.97 -23.88
N SER B 401 70.68 16.80 -24.90
CA SER B 401 70.03 16.38 -26.13
C SER B 401 70.82 15.35 -26.90
N LEU B 402 72.14 15.53 -27.00
CA LEU B 402 72.97 14.52 -27.68
C LEU B 402 72.85 13.17 -26.99
N HIS B 403 72.87 13.15 -25.66
CA HIS B 403 72.68 11.91 -24.93
C HIS B 403 71.34 11.27 -25.25
N ASP B 404 70.28 12.09 -25.35
CA ASP B 404 68.97 11.57 -25.73
C ASP B 404 68.96 11.04 -27.16
N SER B 405 69.51 11.80 -28.11
CA SER B 405 69.50 11.43 -29.53
C SER B 405 70.27 10.14 -29.77
N LEU B 406 71.43 9.99 -29.12
CA LEU B 406 72.20 8.75 -29.21
C LEU B 406 71.42 7.55 -28.68
N SER B 407 70.67 7.73 -27.58
CA SER B 407 69.85 6.64 -27.06
C SER B 407 68.75 6.24 -28.04
N VAL B 408 68.13 7.23 -28.69
CA VAL B 408 67.03 6.92 -29.61
C VAL B 408 67.57 6.15 -30.83
N VAL B 409 68.66 6.65 -31.42
CA VAL B 409 69.24 5.98 -32.58
C VAL B 409 69.79 4.61 -32.19
N LYS B 410 70.45 4.52 -31.04
CA LYS B 410 70.98 3.24 -30.58
C LYS B 410 69.90 2.18 -30.49
N ARG B 411 68.79 2.48 -29.82
CA ARG B 411 67.69 1.53 -29.69
C ARG B 411 67.25 0.97 -31.04
N THR B 412 67.15 1.83 -32.06
CA THR B 412 66.82 1.34 -33.40
C THR B 412 67.90 0.42 -33.93
N LEU B 413 69.17 0.80 -33.75
CA LEU B 413 70.27 0.02 -34.31
C LEU B 413 70.49 -1.27 -33.54
N GLU B 414 70.16 -1.29 -32.25
CA GLU B 414 70.40 -2.46 -31.42
C GLU B 414 69.72 -3.70 -31.99
N SER B 415 68.57 -3.54 -32.62
CA SER B 415 67.79 -4.64 -33.18
C SER B 415 68.41 -4.95 -34.55
N GLY B 416 69.14 -6.05 -34.63
CA GLY B 416 69.79 -6.44 -35.88
C GLY B 416 68.84 -6.62 -37.04
N ASN B 417 67.58 -6.94 -36.74
CA ASN B 417 66.57 -7.08 -37.77
C ASN B 417 65.37 -6.20 -37.46
N VAL B 418 65.07 -5.25 -38.34
CA VAL B 418 63.99 -4.29 -38.14
C VAL B 418 63.01 -4.39 -39.30
N VAL B 419 61.76 -3.99 -39.04
CA VAL B 419 60.72 -3.94 -40.06
C VAL B 419 60.01 -2.60 -39.96
N PRO B 420 59.68 -1.95 -41.08
CA PRO B 420 59.04 -0.63 -41.00
C PRO B 420 57.74 -0.72 -40.21
N GLY B 421 57.47 0.33 -39.44
CA GLY B 421 56.23 0.43 -38.70
C GLY B 421 55.18 1.25 -39.44
N GLY B 422 54.42 2.00 -38.65
CA GLY B 422 53.41 2.90 -39.21
C GLY B 422 52.26 2.23 -39.89
N GLY B 423 52.00 0.95 -39.61
CA GLY B 423 50.98 0.22 -40.33
C GLY B 423 51.50 -0.62 -41.48
N CYS B 424 52.80 -0.51 -41.79
CA CYS B 424 53.35 -1.28 -42.90
C CYS B 424 53.14 -2.78 -42.71
N VAL B 425 53.40 -3.29 -41.50
CA VAL B 425 53.30 -4.73 -41.27
C VAL B 425 51.85 -5.19 -41.33
N GLU B 426 50.96 -4.44 -40.68
CA GLU B 426 49.56 -4.83 -40.62
C GLU B 426 48.89 -4.70 -41.98
N ALA B 427 49.12 -3.59 -42.68
CA ALA B 427 48.54 -3.40 -44.00
C ALA B 427 49.08 -4.43 -45.00
N ALA B 428 50.38 -4.70 -44.95
CA ALA B 428 50.97 -5.69 -45.85
C ALA B 428 50.41 -7.08 -45.58
N LEU B 429 50.29 -7.45 -44.30
CA LEU B 429 49.72 -8.74 -43.96
C LEU B 429 48.25 -8.83 -44.36
N ASN B 430 47.51 -7.73 -44.21
CA ASN B 430 46.11 -7.70 -44.62
C ASN B 430 45.96 -8.19 -46.06
N ILE B 431 46.74 -7.63 -46.98
CA ILE B 431 46.60 -7.99 -48.39
C ILE B 431 47.17 -9.37 -48.64
N TYR B 432 48.37 -9.64 -48.14
CA TYR B 432 49.01 -10.94 -48.37
C TYR B 432 48.16 -12.07 -47.82
N LEU B 433 47.72 -11.96 -46.56
CA LEU B 433 46.95 -13.04 -45.96
C LEU B 433 45.60 -13.22 -46.65
N ASP B 434 45.02 -12.13 -47.17
CA ASP B 434 43.76 -12.26 -47.91
C ASP B 434 43.94 -13.13 -49.15
N ASN B 435 45.10 -13.03 -49.80
CA ASN B 435 45.41 -13.92 -50.91
C ASN B 435 45.65 -15.34 -50.42
N PHE B 436 46.39 -15.50 -49.32
CA PHE B 436 46.57 -16.82 -48.73
C PHE B 436 45.24 -17.54 -48.55
N ALA B 437 44.23 -16.83 -48.03
CA ALA B 437 42.95 -17.48 -47.73
C ALA B 437 42.39 -18.20 -48.95
N THR B 438 42.66 -17.69 -50.14
CA THR B 438 42.06 -18.23 -51.36
C THR B 438 42.61 -19.60 -51.72
N THR B 439 43.65 -20.07 -51.04
CA THR B 439 44.23 -21.37 -51.32
C THR B 439 43.64 -22.49 -50.47
N VAL B 440 42.69 -22.19 -49.61
CA VAL B 440 42.12 -23.15 -48.68
C VAL B 440 40.83 -23.77 -49.25
N GLY B 441 39.78 -22.99 -49.36
CA GLY B 441 38.52 -23.47 -49.90
C GLY B 441 37.71 -24.39 -49.01
N SER B 442 37.78 -24.18 -47.70
CA SER B 442 37.07 -25.04 -46.76
C SER B 442 36.39 -24.21 -45.67
N ARG B 443 37.07 -24.05 -44.54
CA ARG B 443 36.57 -23.30 -43.41
C ARG B 443 37.58 -22.25 -42.99
N GLU B 444 38.86 -22.64 -42.99
CA GLU B 444 39.95 -21.74 -42.61
C GLU B 444 40.06 -20.52 -43.53
N GLN B 445 39.52 -20.61 -44.76
CA GLN B 445 39.48 -19.46 -45.64
C GLN B 445 38.78 -18.27 -44.96
N LEU B 446 37.73 -18.55 -44.18
CA LEU B 446 37.02 -17.48 -43.50
C LEU B 446 37.79 -17.01 -42.27
N ALA B 447 38.36 -17.93 -41.51
CA ALA B 447 39.15 -17.56 -40.34
C ALA B 447 40.37 -16.74 -40.74
N ILE B 448 41.01 -17.12 -41.85
CA ILE B 448 42.18 -16.38 -42.33
C ILE B 448 41.76 -14.98 -42.77
N ALA B 449 40.65 -14.88 -43.51
CA ALA B 449 40.19 -13.59 -43.98
C ALA B 449 39.88 -12.66 -42.81
N GLU B 450 39.20 -13.18 -41.78
CA GLU B 450 38.87 -12.36 -40.61
C GLU B 450 40.12 -12.04 -39.81
N PHE B 451 41.03 -13.01 -39.66
CA PHE B 451 42.33 -12.74 -39.03
C PHE B 451 43.04 -11.59 -39.75
N ALA B 452 43.13 -11.67 -41.08
CA ALA B 452 43.80 -10.62 -41.83
C ALA B 452 43.13 -9.26 -41.61
N ALA B 453 41.80 -9.22 -41.72
CA ALA B 453 41.09 -7.95 -41.54
C ALA B 453 41.34 -7.39 -40.15
N ALA B 454 41.46 -8.25 -39.14
CA ALA B 454 41.63 -7.76 -37.77
C ALA B 454 42.87 -6.89 -37.64
N LEU B 455 43.91 -7.17 -38.43
CA LEU B 455 45.17 -6.45 -38.27
C LEU B 455 45.03 -4.98 -38.66
N LEU B 456 44.01 -4.65 -39.46
CA LEU B 456 43.79 -3.26 -39.86
C LEU B 456 43.36 -2.37 -38.71
N ILE B 457 43.03 -2.93 -37.55
CA ILE B 457 42.63 -2.11 -36.42
C ILE B 457 43.77 -1.16 -36.03
N ILE B 458 45.01 -1.53 -36.30
CA ILE B 458 46.16 -0.73 -35.91
C ILE B 458 46.28 0.51 -36.80
N PRO B 459 46.44 0.39 -38.12
CA PRO B 459 46.49 1.62 -38.95
C PRO B 459 45.21 2.43 -38.88
N LYS B 460 44.08 1.79 -38.59
CA LYS B 460 42.84 2.53 -38.38
C LYS B 460 42.91 3.36 -37.10
N THR B 461 43.26 2.72 -35.98
CA THR B 461 43.41 3.44 -34.72
C THR B 461 44.45 4.54 -34.79
N LEU B 462 45.60 4.29 -35.44
CA LEU B 462 46.61 5.33 -35.56
C LEU B 462 46.07 6.55 -36.30
N ALA B 463 45.35 6.34 -37.40
CA ALA B 463 44.74 7.43 -38.14
C ALA B 463 43.76 8.24 -37.31
N VAL B 464 42.90 7.56 -36.55
CA VAL B 464 41.92 8.26 -35.72
C VAL B 464 42.63 9.11 -34.67
N ASN B 465 43.62 8.53 -34.00
CA ASN B 465 44.38 9.26 -32.99
C ASN B 465 45.15 10.44 -33.56
N ALA B 466 45.48 10.42 -34.84
CA ALA B 466 46.16 11.52 -35.52
C ALA B 466 45.20 12.65 -35.90
N ALA B 467 43.90 12.46 -35.68
CA ALA B 467 42.83 13.37 -36.11
C ALA B 467 42.64 13.40 -37.62
N LYS B 468 43.03 12.34 -38.31
CA LYS B 468 42.85 12.24 -39.75
C LYS B 468 41.78 11.21 -40.08
N ASP B 469 41.20 11.33 -41.26
CA ASP B 469 40.08 10.47 -41.67
C ASP B 469 40.64 9.11 -42.04
N SER B 470 40.35 8.10 -41.21
CA SER B 470 40.93 6.78 -41.41
C SER B 470 40.48 6.15 -42.72
N SER B 471 39.35 6.60 -43.26
CA SER B 471 38.84 5.99 -44.48
C SER B 471 39.71 6.30 -45.69
N GLU B 472 40.54 7.34 -45.61
CA GLU B 472 41.48 7.66 -46.67
C GLU B 472 42.88 7.15 -46.34
N LEU B 473 43.32 7.35 -45.10
CA LEU B 473 44.66 6.93 -44.69
C LEU B 473 44.84 5.42 -44.79
N VAL B 474 43.83 4.66 -44.36
CA VAL B 474 43.93 3.20 -44.41
C VAL B 474 43.69 2.70 -45.83
N ALA B 475 42.70 3.27 -46.52
CA ALA B 475 42.41 2.84 -47.88
C ALA B 475 43.61 3.07 -48.79
N LYS B 476 44.31 4.19 -48.63
CA LYS B 476 45.49 4.47 -49.45
C LYS B 476 46.57 3.43 -49.20
N LEU B 477 46.73 3.00 -47.95
CA LEU B 477 47.68 1.95 -47.63
C LEU B 477 47.34 0.66 -48.37
N ARG B 478 46.07 0.27 -48.38
CA ARG B 478 45.66 -0.94 -49.09
C ARG B 478 45.99 -0.84 -50.57
N SER B 479 45.80 0.35 -51.15
CA SER B 479 46.14 0.56 -52.55
C SER B 479 47.63 0.39 -52.80
N TYR B 480 48.46 1.08 -52.00
CA TYR B 480 49.90 1.03 -52.20
C TYR B 480 50.43 -0.38 -51.96
N HIS B 481 49.96 -1.04 -50.91
CA HIS B 481 50.45 -2.37 -50.59
C HIS B 481 49.93 -3.40 -51.58
N ALA B 482 48.70 -3.23 -52.05
CA ALA B 482 48.16 -4.11 -53.09
C ALA B 482 49.06 -4.12 -54.32
N ALA B 483 49.58 -2.96 -54.71
CA ALA B 483 50.49 -2.90 -55.85
C ALA B 483 51.71 -3.80 -55.63
N SER B 484 52.27 -3.78 -54.42
CA SER B 484 53.45 -4.60 -54.15
C SER B 484 53.08 -6.08 -54.03
N GLN B 485 51.88 -6.38 -53.55
CA GLN B 485 51.46 -7.76 -53.31
C GLN B 485 50.76 -8.38 -54.51
N MET B 486 50.42 -7.58 -55.52
CA MET B 486 50.05 -8.11 -56.83
C MET B 486 51.24 -8.51 -57.67
N ALA B 487 52.34 -7.77 -57.59
CA ALA B 487 53.59 -8.10 -58.28
C ALA B 487 54.35 -9.23 -57.59
N LYS B 488 54.44 -9.20 -56.26
CA LYS B 488 55.23 -10.16 -55.49
C LYS B 488 54.95 -11.62 -55.87
N PRO B 489 53.69 -12.09 -55.89
CA PRO B 489 53.47 -13.53 -56.11
C PRO B 489 53.90 -14.01 -57.48
N GLU B 490 54.09 -13.12 -58.45
CA GLU B 490 54.52 -13.51 -59.78
C GLU B 490 56.03 -13.57 -59.93
N ASP B 491 56.78 -13.06 -58.94
CA ASP B 491 58.24 -12.95 -59.03
C ASP B 491 58.66 -12.16 -60.28
N VAL B 492 57.93 -11.08 -60.54
CA VAL B 492 58.25 -10.17 -61.64
C VAL B 492 58.47 -8.78 -61.05
N LYS B 493 59.67 -8.24 -61.24
CA LYS B 493 59.97 -6.91 -60.73
C LYS B 493 61.25 -6.41 -61.37
N ARG B 494 61.39 -5.09 -61.39
CA ARG B 494 62.68 -4.43 -61.63
C ARG B 494 62.92 -3.43 -60.51
N ARG B 495 61.88 -2.70 -60.12
CA ARG B 495 61.92 -1.85 -58.93
C ARG B 495 60.62 -2.13 -58.16
N SER B 496 60.75 -2.34 -56.86
CA SER B 496 59.62 -2.72 -56.01
C SER B 496 59.52 -1.75 -54.84
N TYR B 497 58.44 -0.98 -54.82
CA TYR B 497 58.20 0.06 -53.80
C TYR B 497 57.14 -0.47 -52.83
N ARG B 498 57.56 -0.78 -51.61
CA ARG B 498 56.65 -1.34 -50.61
C ARG B 498 56.86 -0.65 -49.26
N ASN B 499 56.16 -1.14 -48.23
CA ASN B 499 56.23 -0.58 -46.88
C ASN B 499 55.81 0.88 -46.82
N TYR B 500 54.60 1.19 -47.27
CA TYR B 500 54.03 2.52 -47.13
C TYR B 500 53.34 2.58 -45.77
N GLY B 501 53.52 3.70 -45.07
CA GLY B 501 52.91 3.86 -43.76
C GLY B 501 52.24 5.20 -43.54
N LEU B 502 51.71 5.40 -42.33
CA LEU B 502 51.01 6.63 -41.98
C LEU B 502 51.99 7.65 -41.41
N ASP B 503 52.00 8.84 -42.02
CA ASP B 503 52.67 10.00 -41.44
C ASP B 503 51.63 10.67 -40.55
N LEU B 504 51.71 10.39 -39.24
CA LEU B 504 50.64 10.79 -38.34
C LEU B 504 50.71 12.26 -37.96
N ILE B 505 51.69 13.00 -38.50
CA ILE B 505 51.79 14.42 -38.18
C ILE B 505 51.22 15.26 -39.33
N ARG B 506 51.68 15.00 -40.55
CA ARG B 506 51.22 15.72 -41.73
C ARG B 506 49.95 15.15 -42.35
N GLY B 507 49.63 13.89 -42.07
CA GLY B 507 48.41 13.30 -42.59
C GLY B 507 48.52 12.80 -44.01
N LYS B 508 49.59 12.06 -44.30
CA LYS B 508 49.83 11.57 -45.65
C LYS B 508 50.49 10.21 -45.57
N ILE B 509 50.59 9.54 -46.72
CA ILE B 509 51.25 8.25 -46.81
C ILE B 509 52.68 8.46 -47.29
N VAL B 510 53.63 7.83 -46.60
CA VAL B 510 55.05 8.02 -46.86
C VAL B 510 55.71 6.66 -46.98
N ASP B 511 56.93 6.67 -47.52
CA ASP B 511 57.78 5.48 -47.51
C ASP B 511 58.49 5.41 -46.16
N GLU B 512 58.13 4.41 -45.35
CA GLU B 512 58.55 4.41 -43.96
C GLU B 512 60.04 4.07 -43.83
N ILE B 513 60.59 3.33 -44.79
CA ILE B 513 62.01 2.99 -44.75
C ILE B 513 62.85 4.26 -44.79
N HIS B 514 62.53 5.16 -45.73
CA HIS B 514 63.29 6.40 -45.85
C HIS B 514 62.88 7.39 -44.75
N ALA B 515 61.60 7.41 -44.39
CA ALA B 515 61.16 8.27 -43.30
C ALA B 515 61.81 7.87 -41.97
N GLY B 516 62.13 6.59 -41.81
CA GLY B 516 62.76 6.10 -40.61
C GLY B 516 61.85 5.54 -39.55
N VAL B 517 60.65 5.11 -39.91
CA VAL B 517 59.69 4.57 -38.92
C VAL B 517 59.96 3.07 -38.86
N LEU B 518 60.77 2.69 -37.87
CA LEU B 518 61.21 1.30 -37.73
C LEU B 518 60.81 0.75 -36.36
N GLU B 519 60.45 -0.53 -36.34
CA GLU B 519 60.11 -1.25 -35.13
C GLU B 519 60.87 -2.58 -35.16
N PRO B 520 61.37 -3.05 -34.01
CA PRO B 520 62.08 -4.33 -34.01
C PRO B 520 61.17 -5.45 -34.51
N THR B 521 61.78 -6.39 -35.24
CA THR B 521 61.03 -7.55 -35.72
C THR B 521 60.58 -8.43 -34.57
N ILE B 522 61.39 -8.54 -33.51
CA ILE B 522 61.03 -9.37 -32.38
C ILE B 522 59.76 -8.84 -31.70
N SER B 523 59.55 -7.52 -31.75
CA SER B 523 58.33 -6.91 -31.23
C SER B 523 57.12 -7.31 -32.05
N LYS B 524 57.21 -7.20 -33.38
CA LYS B 524 56.10 -7.55 -34.25
C LYS B 524 55.80 -9.04 -34.27
N VAL B 525 56.83 -9.89 -34.27
CA VAL B 525 56.59 -11.34 -34.27
C VAL B 525 55.88 -11.75 -32.99
N LYS B 526 56.40 -11.31 -31.83
CA LYS B 526 55.83 -11.76 -30.56
C LYS B 526 54.53 -11.04 -30.23
N SER B 527 54.37 -9.80 -30.70
CA SER B 527 53.11 -9.10 -30.49
C SER B 527 51.96 -9.78 -31.24
N LEU B 528 52.19 -10.14 -32.49
CA LEU B 528 51.16 -10.81 -33.27
C LEU B 528 50.85 -12.20 -32.71
N LYS B 529 51.89 -12.97 -32.37
CA LYS B 529 51.66 -14.30 -31.82
C LYS B 529 50.93 -14.23 -30.48
N SER B 530 51.32 -13.29 -29.62
CA SER B 530 50.69 -13.18 -28.31
C SER B 530 49.22 -12.79 -28.43
N ALA B 531 48.92 -11.88 -29.35
CA ALA B 531 47.54 -11.41 -29.50
C ALA B 531 46.60 -12.57 -29.84
N LEU B 532 47.07 -13.52 -30.67
CA LEU B 532 46.25 -14.67 -30.98
C LEU B 532 45.97 -15.53 -29.75
N GLU B 533 47.00 -15.74 -28.92
CA GLU B 533 46.85 -16.66 -27.79
C GLU B 533 45.74 -16.20 -26.85
N ALA B 534 45.63 -14.89 -26.63
CA ALA B 534 44.54 -14.38 -25.80
C ALA B 534 43.19 -14.60 -26.47
N CYS B 535 43.10 -14.34 -27.78
CA CYS B 535 41.86 -14.60 -28.50
C CYS B 535 41.43 -16.05 -28.35
N VAL B 536 42.38 -16.99 -28.51
CA VAL B 536 42.05 -18.40 -28.35
C VAL B 536 41.63 -18.70 -26.92
N ALA B 537 42.38 -18.17 -25.95
CA ALA B 537 42.06 -18.42 -24.54
C ALA B 537 40.64 -17.98 -24.20
N ILE B 538 40.17 -16.87 -24.77
CA ILE B 538 38.81 -16.42 -24.52
C ILE B 538 37.82 -17.22 -25.35
N LEU B 539 38.12 -17.43 -26.64
CA LEU B 539 37.20 -18.17 -27.50
C LEU B 539 36.96 -19.59 -27.02
N ARG B 540 37.90 -20.18 -26.30
CA ARG B 540 37.72 -21.54 -25.81
C ARG B 540 36.77 -21.64 -24.63
N ILE B 541 36.32 -20.50 -24.09
CA ILE B 541 35.50 -20.52 -22.88
C ILE B 541 34.05 -20.31 -23.28
N ASP B 542 33.30 -21.41 -23.38
CA ASP B 542 31.86 -21.34 -23.62
C ASP B 542 31.02 -21.57 -22.37
N THR B 543 31.63 -21.68 -21.20
CA THR B 543 30.89 -21.87 -19.96
C THR B 543 31.67 -21.23 -18.82
N MET B 544 30.96 -20.55 -17.92
CA MET B 544 31.52 -20.09 -16.66
C MET B 544 30.59 -20.53 -15.53
N ILE B 545 31.17 -21.04 -14.45
CA ILE B 545 30.43 -21.42 -13.26
C ILE B 545 30.97 -20.59 -12.09
N THR B 546 30.07 -20.02 -11.30
CA THR B 546 30.43 -19.19 -10.17
C THR B 546 29.90 -19.84 -8.90
N VAL B 547 30.81 -20.20 -7.99
CA VAL B 547 30.43 -20.87 -6.74
C VAL B 547 30.66 -19.93 -5.56
N GLN C 4 -1.85 -21.98 -28.70
CA GLN C 4 -2.98 -21.45 -29.46
C GLN C 4 -4.20 -22.37 -29.34
N ILE C 5 -4.11 -23.54 -30.01
CA ILE C 5 -5.20 -24.51 -30.17
C ILE C 5 -6.56 -23.80 -30.24
N PHE C 6 -7.55 -24.34 -29.53
CA PHE C 6 -8.92 -23.87 -29.67
C PHE C 6 -9.06 -22.40 -29.30
N GLY C 7 -10.00 -21.71 -29.92
CA GLY C 7 -10.24 -20.31 -29.65
C GLY C 7 -11.64 -19.92 -30.05
N ASP C 8 -11.87 -18.62 -30.17
CA ASP C 8 -13.17 -18.07 -30.55
C ASP C 8 -14.28 -18.62 -29.67
N GLN C 9 -14.05 -18.61 -28.35
CA GLN C 9 -14.98 -19.08 -27.32
C GLN C 9 -15.20 -20.59 -27.32
N VAL C 10 -14.34 -21.35 -28.01
CA VAL C 10 -14.38 -22.80 -27.88
C VAL C 10 -13.82 -23.21 -26.53
N THR C 11 -14.41 -24.24 -25.94
CA THR C 11 -13.92 -24.83 -24.70
C THR C 11 -13.62 -26.31 -24.92
N GLU C 12 -12.48 -26.77 -24.42
CA GLU C 12 -12.08 -28.16 -24.48
C GLU C 12 -11.57 -28.61 -23.12
N GLU C 13 -11.90 -29.84 -22.73
CA GLU C 13 -11.28 -30.52 -21.61
C GLU C 13 -10.52 -31.72 -22.16
N ARG C 14 -9.19 -31.65 -22.12
CA ARG C 14 -8.36 -32.73 -22.62
C ARG C 14 -8.44 -33.95 -21.71
N ALA C 15 -8.07 -35.10 -22.27
CA ALA C 15 -8.22 -36.39 -21.59
C ALA C 15 -7.67 -36.38 -20.18
N GLU C 16 -6.61 -35.61 -19.93
CA GLU C 16 -6.01 -35.54 -18.61
C GLU C 16 -7.03 -35.09 -17.55
N ASN C 17 -7.96 -34.22 -17.91
CA ASN C 17 -8.99 -33.80 -16.96
C ASN C 17 -10.34 -34.41 -17.31
N ALA C 18 -10.62 -34.58 -18.60
CA ALA C 18 -11.91 -35.14 -19.01
C ALA C 18 -12.10 -36.55 -18.47
N ARG C 19 -11.00 -37.28 -18.28
CA ARG C 19 -11.09 -38.61 -17.69
C ARG C 19 -11.73 -38.56 -16.31
N LEU C 20 -11.74 -37.38 -15.69
CA LEU C 20 -12.46 -37.20 -14.43
C LEU C 20 -13.86 -36.68 -14.66
N SER C 21 -14.00 -35.66 -15.52
CA SER C 21 -15.31 -35.06 -15.76
C SER C 21 -16.30 -36.09 -16.27
N ALA C 22 -15.85 -37.01 -17.12
CA ALA C 22 -16.74 -38.04 -17.65
C ALA C 22 -17.41 -38.81 -16.52
N PHE C 23 -16.71 -39.00 -15.41
CA PHE C 23 -17.31 -39.66 -14.26
C PHE C 23 -17.99 -38.67 -13.33
N VAL C 24 -17.29 -37.58 -12.99
CA VAL C 24 -17.76 -36.69 -11.93
C VAL C 24 -19.12 -36.10 -12.29
N GLY C 25 -19.27 -35.68 -13.55
CA GLY C 25 -20.52 -35.09 -14.01
C GLY C 25 -21.72 -35.99 -13.79
N ALA C 26 -21.71 -37.18 -14.38
CA ALA C 26 -22.83 -38.10 -14.23
C ALA C 26 -23.00 -38.52 -12.78
N ILE C 27 -21.90 -38.67 -12.05
CA ILE C 27 -21.99 -39.01 -10.63
C ILE C 27 -22.71 -37.90 -9.86
N ALA C 28 -22.39 -36.64 -10.16
CA ALA C 28 -23.06 -35.53 -9.50
C ALA C 28 -24.56 -35.57 -9.75
N VAL C 29 -24.98 -36.06 -10.91
CA VAL C 29 -26.41 -36.20 -11.19
C VAL C 29 -27.06 -37.13 -10.18
N GLY C 30 -26.37 -38.23 -9.84
CA GLY C 30 -26.89 -39.13 -8.84
C GLY C 30 -27.19 -38.43 -7.53
N ASP C 31 -26.36 -37.46 -7.15
CA ASP C 31 -26.55 -36.71 -5.91
C ASP C 31 -27.88 -35.95 -5.87
N LEU C 32 -28.52 -35.74 -7.01
CA LEU C 32 -29.77 -35.00 -7.06
C LEU C 32 -30.97 -35.82 -6.58
N VAL C 33 -30.90 -37.14 -6.71
CA VAL C 33 -32.05 -38.01 -6.46
C VAL C 33 -31.74 -39.13 -5.49
N LYS C 34 -30.47 -39.34 -5.13
CA LYS C 34 -30.13 -40.44 -4.23
C LYS C 34 -30.86 -40.31 -2.90
N SER C 35 -31.21 -39.09 -2.48
CA SER C 35 -31.88 -38.90 -1.21
C SER C 35 -33.39 -39.11 -1.31
N THR C 36 -33.92 -39.29 -2.51
CA THR C 36 -35.35 -39.40 -2.74
C THR C 36 -35.81 -40.84 -2.92
N LEU C 37 -34.88 -41.79 -2.92
CA LEU C 37 -35.18 -43.19 -3.17
C LEU C 37 -35.86 -43.81 -1.95
N GLY C 38 -36.95 -44.53 -2.19
CA GLY C 38 -37.58 -45.31 -1.15
C GLY C 38 -38.81 -44.61 -0.58
N PRO C 39 -39.66 -45.37 0.10
CA PRO C 39 -40.88 -44.77 0.67
C PRO C 39 -40.60 -43.75 1.76
N LYS C 40 -39.41 -43.77 2.36
CA LYS C 40 -39.03 -42.82 3.39
C LYS C 40 -38.04 -41.77 2.88
N GLY C 41 -38.00 -41.56 1.56
CA GLY C 41 -37.06 -40.62 0.98
C GLY C 41 -37.26 -39.21 1.51
N MET C 42 -36.26 -38.37 1.22
CA MET C 42 -36.22 -37.00 1.69
C MET C 42 -36.51 -36.04 0.54
N ASP C 43 -36.89 -34.82 0.92
CA ASP C 43 -37.34 -33.81 -0.03
C ASP C 43 -36.21 -32.84 -0.36
N LYS C 44 -36.32 -32.21 -1.54
CA LYS C 44 -35.48 -31.09 -1.90
C LYS C 44 -36.35 -29.89 -2.24
N LEU C 45 -35.80 -28.69 -2.07
CA LEU C 45 -36.43 -27.46 -2.53
C LEU C 45 -35.91 -27.08 -3.91
N LEU C 46 -36.79 -26.52 -4.73
CA LEU C 46 -36.41 -25.88 -5.99
C LEU C 46 -36.88 -24.44 -5.97
N GLN C 47 -36.01 -23.53 -6.43
CA GLN C 47 -36.29 -22.10 -6.39
C GLN C 47 -35.62 -21.43 -7.58
N SER C 48 -36.37 -20.61 -8.31
CA SER C 48 -35.81 -19.81 -9.39
C SER C 48 -35.17 -18.54 -8.84
N ALA C 49 -34.45 -17.83 -9.72
CA ALA C 49 -33.83 -16.58 -9.32
C ALA C 49 -34.86 -15.58 -8.80
N SER C 50 -36.10 -15.66 -9.29
CA SER C 50 -37.14 -14.73 -8.86
C SER C 50 -37.48 -14.88 -7.38
N SER C 51 -37.14 -16.03 -6.78
CA SER C 51 -37.46 -16.38 -5.39
C SER C 51 -38.93 -16.71 -5.19
N ASN C 52 -39.76 -16.45 -6.20
CA ASN C 52 -41.21 -16.51 -6.05
C ASN C 52 -41.80 -17.83 -6.56
N THR C 53 -40.95 -18.82 -6.86
CA THR C 53 -41.39 -20.09 -7.41
C THR C 53 -41.01 -21.26 -6.50
N CYS C 54 -40.69 -20.96 -5.24
CA CYS C 54 -40.17 -21.96 -4.32
C CYS C 54 -41.16 -23.13 -4.18
N MET C 55 -40.66 -24.34 -4.40
CA MET C 55 -41.46 -25.54 -4.31
C MET C 55 -40.65 -26.63 -3.62
N VAL C 56 -41.36 -27.64 -3.12
CA VAL C 56 -40.75 -28.82 -2.50
C VAL C 56 -41.22 -30.04 -3.28
N THR C 57 -40.29 -30.95 -3.55
CA THR C 57 -40.62 -32.18 -4.25
C THR C 57 -39.60 -33.26 -3.90
N ASN C 58 -40.05 -34.51 -3.97
CA ASN C 58 -39.15 -35.67 -3.98
C ASN C 58 -39.23 -36.46 -5.27
N ASP C 59 -39.82 -35.89 -6.33
CA ASP C 59 -39.99 -36.60 -7.59
C ASP C 59 -38.69 -36.53 -8.38
N GLY C 60 -38.08 -37.69 -8.62
CA GLY C 60 -36.77 -37.70 -9.27
C GLY C 60 -36.79 -36.99 -10.61
N ALA C 61 -37.77 -37.32 -11.46
CA ALA C 61 -37.83 -36.72 -12.78
C ALA C 61 -37.97 -35.20 -12.70
N THR C 62 -38.79 -34.72 -11.77
CA THR C 62 -38.94 -33.27 -11.59
C THR C 62 -37.60 -32.64 -11.19
N ILE C 63 -36.90 -33.26 -10.24
CA ILE C 63 -35.64 -32.70 -9.76
C ILE C 63 -34.60 -32.69 -10.87
N LEU C 64 -34.45 -33.81 -11.57
CA LEU C 64 -33.42 -33.90 -12.61
C LEU C 64 -33.69 -32.93 -13.75
N LYS C 65 -34.96 -32.74 -14.12
CA LYS C 65 -35.28 -31.83 -15.21
C LYS C 65 -35.21 -30.38 -14.78
N SER C 66 -35.52 -30.09 -13.51
CA SER C 66 -35.64 -28.71 -13.07
C SER C 66 -34.28 -28.07 -12.84
N ILE C 67 -33.32 -28.85 -12.32
CA ILE C 67 -32.02 -28.32 -11.95
C ILE C 67 -31.11 -28.21 -13.18
N PRO C 68 -30.55 -27.03 -13.44
CA PRO C 68 -29.62 -26.91 -14.57
C PRO C 68 -28.29 -27.58 -14.25
N LEU C 69 -27.64 -28.10 -15.29
CA LEU C 69 -26.33 -28.70 -15.17
C LEU C 69 -25.32 -27.92 -16.00
N ASP C 70 -24.13 -27.73 -15.43
CA ASP C 70 -23.03 -27.08 -16.12
C ASP C 70 -22.05 -28.03 -16.77
N ASN C 71 -22.17 -29.33 -16.51
CA ASN C 71 -21.22 -30.30 -17.03
C ASN C 71 -21.89 -31.13 -18.11
N PRO C 72 -21.49 -31.00 -19.38
CA PRO C 72 -22.13 -31.81 -20.43
C PRO C 72 -22.19 -33.28 -20.09
N ALA C 73 -21.17 -33.80 -19.39
CA ALA C 73 -21.19 -35.20 -19.00
C ALA C 73 -22.35 -35.51 -18.06
N ALA C 74 -22.68 -34.56 -17.18
CA ALA C 74 -23.84 -34.73 -16.31
C ALA C 74 -25.12 -34.77 -17.13
N LYS C 75 -25.22 -33.93 -18.17
CA LYS C 75 -26.44 -33.86 -18.97
C LYS C 75 -26.69 -35.19 -19.68
N VAL C 76 -25.62 -35.94 -19.97
CA VAL C 76 -25.77 -37.21 -20.67
C VAL C 76 -26.69 -38.14 -19.88
N LEU C 77 -26.42 -38.28 -18.57
CA LEU C 77 -27.18 -39.24 -17.78
C LEU C 77 -28.62 -38.81 -17.63
N VAL C 78 -28.86 -37.51 -17.45
CA VAL C 78 -30.23 -37.03 -17.28
C VAL C 78 -31.05 -37.32 -18.54
N ASN C 79 -30.46 -37.08 -19.71
CA ASN C 79 -31.14 -37.38 -20.96
C ASN C 79 -31.50 -38.87 -21.06
N ILE C 80 -30.59 -39.75 -20.62
CA ILE C 80 -30.89 -41.18 -20.60
C ILE C 80 -31.99 -41.47 -19.60
N SER C 81 -31.90 -40.88 -18.40
CA SER C 81 -32.92 -41.10 -17.39
C SER C 81 -34.29 -40.64 -17.86
N LYS C 82 -34.35 -39.54 -18.63
CA LYS C 82 -35.61 -39.10 -19.20
C LYS C 82 -36.26 -40.22 -20.01
N VAL C 83 -35.48 -40.88 -20.86
CA VAL C 83 -36.03 -41.94 -21.70
C VAL C 83 -36.70 -43.00 -20.84
N GLN C 84 -36.04 -43.41 -19.75
CA GLN C 84 -36.66 -44.32 -18.80
C GLN C 84 -38.01 -43.79 -18.35
N ASP C 85 -38.08 -42.51 -17.99
CA ASP C 85 -39.32 -41.95 -17.46
C ASP C 85 -40.42 -41.95 -18.52
N ASP C 86 -40.06 -41.77 -19.79
CA ASP C 86 -41.07 -41.69 -20.84
C ASP C 86 -41.48 -43.08 -21.31
N GLU C 87 -40.52 -44.00 -21.44
CA GLU C 87 -40.81 -45.29 -22.05
C GLU C 87 -41.36 -46.30 -21.05
N VAL C 88 -40.92 -46.25 -19.79
CA VAL C 88 -41.32 -47.25 -18.81
C VAL C 88 -42.31 -46.64 -17.81
N GLY C 89 -42.00 -45.44 -17.30
CA GLY C 89 -42.85 -44.77 -16.34
C GLY C 89 -42.51 -45.03 -14.89
N ASP C 90 -41.52 -45.86 -14.61
CA ASP C 90 -41.09 -46.14 -13.25
C ASP C 90 -39.64 -46.56 -13.27
N GLY C 91 -39.02 -46.54 -12.09
CA GLY C 91 -37.62 -46.87 -11.99
C GLY C 91 -36.68 -45.75 -12.36
N THR C 92 -37.20 -44.56 -12.66
CA THR C 92 -36.36 -43.46 -13.10
C THR C 92 -35.28 -43.15 -12.08
N THR C 93 -35.64 -43.04 -10.80
CA THR C 93 -34.66 -42.77 -9.76
C THR C 93 -33.65 -43.90 -9.66
N SER C 94 -34.12 -45.15 -9.70
CA SER C 94 -33.22 -46.29 -9.55
C SER C 94 -32.18 -46.33 -10.65
N VAL C 95 -32.56 -46.01 -11.89
CA VAL C 95 -31.60 -45.99 -12.98
C VAL C 95 -30.55 -44.89 -12.74
N THR C 96 -31.01 -43.70 -12.35
CA THR C 96 -30.08 -42.60 -12.12
C THR C 96 -29.12 -42.91 -10.97
N VAL C 97 -29.64 -43.46 -9.87
CA VAL C 97 -28.79 -43.76 -8.73
C VAL C 97 -27.81 -44.87 -9.08
N LEU C 98 -28.32 -45.97 -9.64
CA LEU C 98 -27.45 -47.10 -9.97
C LEU C 98 -26.41 -46.71 -11.02
N SER C 99 -26.82 -45.92 -12.02
CA SER C 99 -25.88 -45.46 -13.04
C SER C 99 -24.74 -44.68 -12.41
N ALA C 100 -25.07 -43.76 -11.49
CA ALA C 100 -24.04 -42.98 -10.83
C ALA C 100 -23.10 -43.88 -10.03
N GLU C 101 -23.65 -44.87 -9.33
CA GLU C 101 -22.82 -45.74 -8.50
C GLU C 101 -21.95 -46.67 -9.36
N LEU C 102 -22.47 -47.12 -10.50
CA LEU C 102 -21.65 -47.88 -11.44
C LEU C 102 -20.46 -47.07 -11.91
N LEU C 103 -20.67 -45.78 -12.20
CA LEU C 103 -19.56 -44.93 -12.60
C LEU C 103 -18.67 -44.58 -11.41
N ARG C 104 -19.27 -44.43 -10.23
CA ARG C 104 -18.48 -44.12 -9.04
C ARG C 104 -17.42 -45.19 -8.80
N GLU C 105 -17.84 -46.46 -8.80
CA GLU C 105 -16.90 -47.55 -8.62
C GLU C 105 -15.95 -47.67 -9.79
N ALA C 106 -16.44 -47.40 -11.02
CA ALA C 106 -15.56 -47.41 -12.18
C ALA C 106 -14.46 -46.36 -12.04
N GLU C 107 -14.77 -45.20 -11.47
CA GLU C 107 -13.74 -44.20 -11.22
C GLU C 107 -12.63 -44.77 -10.36
N LYS C 108 -12.98 -45.59 -9.37
CA LYS C 108 -11.97 -46.26 -8.56
C LYS C 108 -11.13 -47.20 -9.42
N LEU C 109 -11.77 -47.88 -10.38
CA LEU C 109 -11.06 -48.79 -11.26
C LEU C 109 -10.09 -48.04 -12.19
N ILE C 110 -10.33 -46.76 -12.44
CA ILE C 110 -9.37 -45.91 -13.13
C ILE C 110 -8.32 -45.40 -12.15
N ASP C 111 -8.78 -44.91 -10.99
CA ASP C 111 -7.89 -44.25 -10.05
C ASP C 111 -6.85 -45.19 -9.46
N GLN C 112 -7.28 -46.32 -8.89
CA GLN C 112 -6.40 -47.17 -8.10
C GLN C 112 -5.94 -48.41 -8.87
N SER C 113 -6.80 -48.96 -9.73
CA SER C 113 -6.52 -50.22 -10.42
C SER C 113 -5.90 -50.05 -11.79
N LYS C 114 -5.96 -48.86 -12.39
CA LYS C 114 -5.36 -48.56 -13.70
C LYS C 114 -5.83 -49.55 -14.76
N ILE C 115 -7.16 -49.63 -14.85
CA ILE C 115 -7.84 -50.51 -15.80
C ILE C 115 -8.37 -49.64 -16.92
N HIS C 116 -8.03 -50.00 -18.16
CA HIS C 116 -8.51 -49.25 -19.31
C HIS C 116 -10.04 -49.30 -19.38
N PRO C 117 -10.69 -48.18 -19.72
CA PRO C 117 -12.16 -48.21 -19.83
C PRO C 117 -12.69 -49.37 -20.65
N GLN C 118 -11.97 -49.81 -21.68
CA GLN C 118 -12.46 -50.92 -22.49
C GLN C 118 -12.65 -52.18 -21.65
N THR C 119 -11.75 -52.43 -20.69
CA THR C 119 -11.89 -53.61 -19.85
C THR C 119 -13.03 -53.42 -18.84
N ILE C 120 -13.19 -52.21 -18.32
CA ILE C 120 -14.28 -51.93 -17.40
C ILE C 120 -15.62 -52.15 -18.10
N ILE C 121 -15.76 -51.68 -19.33
CA ILE C 121 -17.00 -51.84 -20.08
C ILE C 121 -17.27 -53.32 -20.32
N GLU C 122 -16.25 -54.06 -20.78
CA GLU C 122 -16.44 -55.48 -21.05
C GLU C 122 -16.81 -56.23 -19.77
N GLY C 123 -16.18 -55.88 -18.64
CA GLY C 123 -16.54 -56.50 -17.38
C GLY C 123 -17.96 -56.16 -16.97
N TYR C 124 -18.36 -54.90 -17.14
CA TYR C 124 -19.72 -54.51 -16.83
C TYR C 124 -20.73 -55.27 -17.68
N ARG C 125 -20.42 -55.48 -18.97
CA ARG C 125 -21.31 -56.26 -19.82
C ARG C 125 -21.49 -57.68 -19.30
N LEU C 126 -20.39 -58.33 -18.91
CA LEU C 126 -20.49 -59.69 -18.37
C LEU C 126 -21.23 -59.70 -17.04
N ALA C 127 -20.91 -58.74 -16.16
CA ALA C 127 -21.62 -58.64 -14.89
C ALA C 127 -23.10 -58.36 -15.09
N SER C 128 -23.44 -57.54 -16.10
CA SER C 128 -24.85 -57.27 -16.38
C SER C 128 -25.58 -58.56 -16.78
N ALA C 129 -24.94 -59.39 -17.60
CA ALA C 129 -25.56 -60.66 -17.97
C ALA C 129 -25.82 -61.53 -16.75
N ALA C 130 -24.86 -61.55 -15.80
CA ALA C 130 -25.07 -62.30 -14.57
C ALA C 130 -26.25 -61.73 -13.78
N ALA C 131 -26.33 -60.41 -13.67
CA ALA C 131 -27.43 -59.80 -12.93
C ALA C 131 -28.77 -60.10 -13.60
N LEU C 132 -28.82 -60.01 -14.93
CA LEU C 132 -30.07 -60.27 -15.63
C LEU C 132 -30.49 -61.72 -15.48
N ASP C 133 -29.52 -62.64 -15.52
CA ASP C 133 -29.84 -64.06 -15.35
C ASP C 133 -30.41 -64.32 -13.96
N ALA C 134 -29.90 -63.62 -12.94
CA ALA C 134 -30.41 -63.78 -11.60
C ALA C 134 -31.87 -63.37 -11.52
N LEU C 135 -32.23 -62.27 -12.19
CA LEU C 135 -33.62 -61.81 -12.17
C LEU C 135 -34.55 -62.85 -12.78
N THR C 136 -34.12 -63.48 -13.87
CA THR C 136 -34.95 -64.49 -14.52
C THR C 136 -35.15 -65.71 -13.61
N LYS C 137 -34.07 -66.22 -13.04
CA LYS C 137 -34.14 -67.36 -12.13
C LYS C 137 -34.97 -67.07 -10.88
N ALA C 138 -34.90 -65.84 -10.36
CA ALA C 138 -35.69 -65.48 -9.18
C ALA C 138 -37.10 -65.04 -9.51
N ALA C 139 -37.49 -65.00 -10.79
CA ALA C 139 -38.79 -64.46 -11.20
C ALA C 139 -39.86 -65.54 -10.99
N VAL C 140 -40.96 -65.17 -10.36
CA VAL C 140 -42.07 -66.07 -10.11
C VAL C 140 -43.35 -65.42 -10.62
N ASP C 141 -44.13 -66.18 -11.38
CA ASP C 141 -45.42 -65.74 -11.89
C ASP C 141 -46.55 -66.46 -11.17
N ASN C 142 -47.72 -65.83 -11.16
CA ASN C 142 -48.97 -66.54 -10.90
C ASN C 142 -49.90 -66.41 -12.10
N SER C 143 -49.51 -67.03 -13.21
CA SER C 143 -50.33 -66.98 -14.42
C SER C 143 -51.64 -67.73 -14.21
N HIS C 144 -51.57 -68.86 -13.51
CA HIS C 144 -52.75 -69.60 -13.10
C HIS C 144 -53.26 -69.09 -11.76
N ASP C 145 -54.55 -69.32 -11.52
CA ASP C 145 -55.25 -68.83 -10.33
C ASP C 145 -55.24 -67.30 -10.30
N LYS C 146 -56.06 -66.72 -11.19
CA LYS C 146 -56.08 -65.27 -11.36
C LYS C 146 -56.45 -64.57 -10.06
N THR C 147 -57.04 -65.31 -9.10
CA THR C 147 -57.28 -64.75 -7.78
C THR C 147 -56.01 -64.26 -7.11
N MET C 148 -54.93 -65.06 -7.15
CA MET C 148 -53.65 -64.64 -6.63
C MET C 148 -52.94 -63.63 -7.53
N PHE C 149 -53.17 -63.70 -8.84
CA PHE C 149 -52.62 -62.69 -9.74
C PHE C 149 -53.12 -61.30 -9.37
N ARG C 150 -54.43 -61.16 -9.10
CA ARG C 150 -54.97 -59.88 -8.68
C ARG C 150 -54.27 -59.39 -7.41
N GLU C 151 -54.01 -60.30 -6.47
CA GLU C 151 -53.33 -59.92 -5.24
C GLU C 151 -51.93 -59.38 -5.55
N ASP C 152 -51.23 -59.99 -6.51
CA ASP C 152 -49.95 -59.47 -6.94
C ASP C 152 -50.08 -58.05 -7.49
N LEU C 153 -51.14 -57.80 -8.25
CA LEU C 153 -51.35 -56.46 -8.81
C LEU C 153 -51.52 -55.43 -7.70
N ILE C 154 -52.22 -55.81 -6.62
CA ILE C 154 -52.39 -54.89 -5.50
C ILE C 154 -51.05 -54.55 -4.87
N HIS C 155 -50.19 -55.55 -4.68
CA HIS C 155 -48.86 -55.29 -4.13
C HIS C 155 -48.03 -54.46 -5.09
N ILE C 156 -48.13 -54.72 -6.39
CA ILE C 156 -47.46 -53.89 -7.38
C ILE C 156 -47.97 -52.45 -7.30
N ALA C 157 -49.28 -52.29 -7.16
CA ALA C 157 -49.86 -50.96 -7.08
C ALA C 157 -49.33 -50.20 -5.87
N LYS C 158 -49.31 -50.85 -4.70
CA LYS C 158 -48.83 -50.18 -3.49
C LYS C 158 -47.35 -49.82 -3.61
N THR C 159 -46.54 -50.70 -4.21
CA THR C 159 -45.12 -50.44 -4.32
C THR C 159 -44.81 -49.21 -5.16
N THR C 160 -45.44 -49.07 -6.33
CA THR C 160 -45.23 -47.90 -7.16
C THR C 160 -45.88 -46.65 -6.59
N LEU C 161 -47.07 -46.77 -6.00
CA LEU C 161 -47.75 -45.64 -5.40
C LEU C 161 -47.00 -45.10 -4.18
N SER C 162 -46.18 -45.93 -3.53
CA SER C 162 -45.45 -45.49 -2.36
C SER C 162 -44.51 -44.34 -2.72
N SER C 163 -44.13 -43.56 -1.70
CA SER C 163 -43.27 -42.39 -1.80
C SER C 163 -44.00 -41.20 -2.44
N LYS C 164 -45.18 -41.40 -2.97
CA LYS C 164 -45.99 -40.34 -3.57
C LYS C 164 -47.00 -39.83 -2.54
N ILE C 165 -47.73 -38.77 -2.94
CA ILE C 165 -48.76 -38.20 -2.08
C ILE C 165 -49.80 -39.25 -1.70
N LEU C 166 -49.98 -40.28 -2.53
CA LEU C 166 -51.00 -41.29 -2.27
C LEU C 166 -50.49 -42.40 -1.34
N SER C 167 -49.22 -42.33 -0.91
CA SER C 167 -48.67 -43.37 -0.05
C SER C 167 -49.40 -43.49 1.28
N GLN C 168 -50.00 -42.40 1.77
CA GLN C 168 -50.76 -42.44 3.02
C GLN C 168 -52.05 -43.23 2.82
N ASP C 169 -52.67 -43.08 1.66
CA ASP C 169 -53.99 -43.64 1.34
C ASP C 169 -53.89 -44.78 0.33
N LYS C 170 -52.70 -45.36 0.17
CA LYS C 170 -52.46 -46.41 -0.83
C LYS C 170 -53.36 -47.62 -0.64
N ASP C 171 -53.83 -47.88 0.58
CA ASP C 171 -54.74 -48.99 0.80
C ASP C 171 -56.04 -48.80 0.02
N HIS C 172 -56.38 -47.56 -0.32
CA HIS C 172 -57.57 -47.30 -1.12
C HIS C 172 -57.20 -47.20 -2.60
N PHE C 173 -56.16 -46.45 -2.92
CA PHE C 173 -55.83 -46.17 -4.31
C PHE C 173 -55.19 -47.38 -5.00
N ALA C 174 -54.60 -48.30 -4.22
CA ALA C 174 -54.11 -49.55 -4.80
C ALA C 174 -55.24 -50.33 -5.46
N GLU C 175 -56.43 -50.31 -4.85
CA GLU C 175 -57.56 -51.03 -5.42
C GLU C 175 -58.15 -50.28 -6.60
N LEU C 176 -58.14 -48.94 -6.55
CA LEU C 176 -58.60 -48.14 -7.67
C LEU C 176 -57.72 -48.36 -8.90
N ALA C 177 -56.40 -48.35 -8.70
CA ALA C 177 -55.49 -48.63 -9.81
C ALA C 177 -55.60 -50.07 -10.28
N THR C 178 -55.68 -51.01 -9.33
CA THR C 178 -55.77 -52.42 -9.70
C THR C 178 -57.04 -52.71 -10.49
N ASN C 179 -58.17 -52.20 -10.01
CA ASN C 179 -59.44 -52.45 -10.70
C ASN C 179 -59.45 -51.82 -12.08
N ALA C 180 -58.85 -50.63 -12.22
CA ALA C 180 -58.82 -49.98 -13.53
C ALA C 180 -58.08 -50.81 -14.56
N ILE C 181 -56.97 -51.46 -14.15
CA ILE C 181 -56.22 -52.29 -15.09
C ILE C 181 -56.85 -53.68 -15.20
N LEU C 182 -57.25 -54.27 -14.07
CA LEU C 182 -57.92 -55.56 -14.11
C LEU C 182 -59.16 -55.53 -14.99
N ARG C 183 -59.88 -54.42 -15.02
CA ARG C 183 -61.01 -54.29 -15.93
C ARG C 183 -60.61 -54.52 -17.38
N LEU C 184 -59.38 -54.15 -17.76
CA LEU C 184 -58.95 -54.25 -19.15
C LEU C 184 -58.53 -55.68 -19.50
N LYS C 185 -57.72 -56.30 -18.64
CA LYS C 185 -57.22 -57.65 -18.86
C LYS C 185 -56.87 -57.83 -20.33
N GLY C 186 -56.03 -56.95 -20.85
CA GLY C 186 -55.87 -56.81 -22.29
C GLY C 186 -54.88 -55.73 -22.67
N SER C 187 -55.29 -54.83 -23.56
CA SER C 187 -54.42 -53.79 -24.08
C SER C 187 -53.78 -52.99 -22.96
N THR C 188 -52.51 -52.61 -23.17
CA THR C 188 -51.77 -51.76 -22.24
C THR C 188 -51.91 -50.27 -22.54
N ASN C 189 -52.75 -49.89 -23.49
CA ASN C 189 -52.91 -48.49 -23.87
C ASN C 189 -53.63 -47.71 -22.77
N LEU C 190 -52.90 -46.84 -22.08
CA LEU C 190 -53.43 -46.10 -20.95
C LEU C 190 -54.45 -45.04 -21.34
N GLU C 191 -54.63 -44.78 -22.64
CA GLU C 191 -55.65 -43.84 -23.08
C GLU C 191 -57.05 -44.27 -22.68
N HIS C 192 -57.26 -45.56 -22.40
CA HIS C 192 -58.58 -46.05 -22.03
C HIS C 192 -58.90 -45.82 -20.55
N ILE C 193 -57.96 -45.24 -19.80
CA ILE C 193 -58.18 -44.89 -18.39
C ILE C 193 -57.85 -43.41 -18.22
N GLN C 194 -58.85 -42.64 -17.80
CA GLN C 194 -58.71 -41.21 -17.59
C GLN C 194 -58.78 -40.91 -16.11
N ILE C 195 -58.20 -39.78 -15.70
CA ILE C 195 -58.28 -39.30 -14.32
C ILE C 195 -58.95 -37.93 -14.34
N ILE C 196 -59.97 -37.76 -13.50
CA ILE C 196 -60.72 -36.51 -13.39
C ILE C 196 -60.36 -35.86 -12.07
N LYS C 197 -59.96 -34.59 -12.13
CA LYS C 197 -59.45 -33.86 -10.97
C LYS C 197 -60.50 -32.88 -10.47
N ILE C 198 -61.12 -33.21 -9.35
CA ILE C 198 -62.17 -32.39 -8.75
C ILE C 198 -61.70 -31.86 -7.41
N LEU C 199 -61.88 -30.57 -7.17
CA LEU C 199 -61.58 -29.98 -5.88
C LEU C 199 -62.68 -30.27 -4.87
N GLY C 200 -62.27 -30.49 -3.63
CA GLY C 200 -63.19 -30.71 -2.53
C GLY C 200 -63.29 -32.15 -2.08
N GLY C 201 -63.16 -32.37 -0.77
CA GLY C 201 -63.14 -33.71 -0.23
C GLY C 201 -61.75 -34.28 -0.04
N LYS C 202 -61.67 -35.50 0.48
CA LYS C 202 -60.38 -36.14 0.73
C LYS C 202 -60.04 -37.08 -0.42
N LEU C 203 -58.73 -37.28 -0.62
CA LEU C 203 -58.28 -38.24 -1.63
C LEU C 203 -58.75 -39.64 -1.33
N SER C 204 -58.94 -39.98 -0.04
CA SER C 204 -59.50 -41.28 0.32
C SER C 204 -60.92 -41.47 -0.21
N ASP C 205 -61.56 -40.40 -0.70
CA ASP C 205 -62.90 -40.50 -1.24
C ASP C 205 -62.93 -40.78 -2.73
N SER C 206 -61.78 -40.99 -3.35
CA SER C 206 -61.72 -41.19 -4.79
C SER C 206 -62.55 -42.39 -5.20
N PHE C 207 -63.21 -42.27 -6.37
CA PHE C 207 -64.05 -43.34 -6.89
C PHE C 207 -63.52 -43.77 -8.25
N LEU C 208 -63.85 -45.00 -8.61
CA LEU C 208 -63.67 -45.51 -9.98
C LEU C 208 -65.04 -45.63 -10.62
N ASP C 209 -65.19 -45.02 -11.79
CA ASP C 209 -66.49 -44.93 -12.47
C ASP C 209 -66.30 -45.41 -13.91
N GLU C 210 -66.91 -46.54 -14.24
CA GLU C 210 -66.82 -47.09 -15.59
C GLU C 210 -67.42 -46.17 -16.65
N GLY C 211 -68.13 -45.12 -16.25
CA GLY C 211 -68.78 -44.22 -17.18
C GLY C 211 -67.87 -43.25 -17.92
N PHE C 212 -66.55 -43.34 -17.73
CA PHE C 212 -65.60 -42.53 -18.49
C PHE C 212 -65.98 -41.05 -18.47
N ILE C 213 -66.01 -40.47 -17.27
CA ILE C 213 -66.61 -39.16 -17.04
C ILE C 213 -65.83 -38.08 -17.78
N LEU C 214 -66.55 -37.20 -18.47
CA LEU C 214 -65.96 -36.04 -19.14
C LEU C 214 -66.38 -34.78 -18.40
N ALA C 215 -65.46 -33.83 -18.29
CA ALA C 215 -65.56 -32.75 -17.30
C ALA C 215 -66.17 -31.46 -17.86
N LYS C 216 -66.67 -31.44 -19.10
CA LYS C 216 -67.16 -30.22 -19.72
C LYS C 216 -68.61 -30.38 -20.14
N LYS C 217 -69.47 -29.53 -19.59
CA LYS C 217 -70.90 -29.59 -19.86
C LYS C 217 -71.19 -29.03 -21.26
N PHE C 218 -72.27 -29.51 -21.85
CA PHE C 218 -72.78 -28.98 -23.11
C PHE C 218 -74.14 -28.31 -22.90
N GLY C 219 -74.45 -27.38 -23.81
CA GLY C 219 -75.82 -27.01 -24.06
C GLY C 219 -76.38 -25.93 -23.16
N ASN C 220 -77.35 -25.16 -23.67
CA ASN C 220 -78.09 -24.23 -22.83
C ASN C 220 -79.38 -24.86 -22.33
N ASN C 221 -80.06 -25.61 -23.20
CA ASN C 221 -81.32 -26.25 -22.82
C ASN C 221 -81.54 -27.46 -23.72
N GLN C 222 -81.08 -28.62 -23.28
CA GLN C 222 -81.08 -29.84 -24.06
C GLN C 222 -81.50 -31.00 -23.15
N PRO C 223 -82.01 -32.09 -23.73
CA PRO C 223 -82.32 -33.26 -22.89
C PRO C 223 -81.11 -33.68 -22.07
N LYS C 224 -81.37 -34.07 -20.83
CA LYS C 224 -80.31 -34.47 -19.91
C LYS C 224 -79.99 -35.96 -19.97
N ARG C 225 -80.72 -36.74 -20.76
CA ARG C 225 -80.47 -38.17 -20.84
C ARG C 225 -80.94 -38.66 -22.20
N ILE C 226 -80.06 -39.39 -22.89
CA ILE C 226 -80.38 -39.98 -24.19
C ILE C 226 -80.08 -41.48 -24.13
N GLU C 227 -80.99 -42.27 -24.70
CA GLU C 227 -80.83 -43.71 -24.81
C GLU C 227 -80.46 -44.09 -26.23
N ASN C 228 -79.74 -45.20 -26.38
CA ASN C 228 -79.41 -45.78 -27.68
C ASN C 228 -78.75 -44.76 -28.60
N ALA C 229 -77.68 -44.13 -28.11
CA ALA C 229 -77.13 -42.97 -28.78
C ALA C 229 -76.14 -43.38 -29.85
N LYS C 230 -76.23 -42.74 -31.02
CA LYS C 230 -75.19 -42.78 -32.04
C LYS C 230 -74.38 -41.49 -31.92
N ILE C 231 -73.06 -41.62 -31.96
CA ILE C 231 -72.15 -40.52 -31.63
C ILE C 231 -71.43 -40.07 -32.89
N LEU C 232 -71.56 -38.78 -33.22
CA LEU C 232 -70.89 -38.18 -34.37
C LEU C 232 -70.12 -36.96 -33.89
N ILE C 233 -68.82 -36.95 -34.14
CA ILE C 233 -67.97 -35.84 -33.73
C ILE C 233 -67.66 -35.00 -34.97
N ALA C 234 -67.43 -33.70 -34.78
CA ALA C 234 -67.24 -32.79 -35.88
C ALA C 234 -66.16 -31.77 -35.55
N ASN C 235 -65.59 -31.17 -36.62
CA ASN C 235 -64.82 -29.92 -36.50
C ASN C 235 -65.25 -29.06 -37.69
N THR C 236 -66.33 -28.28 -37.49
CA THR C 236 -66.97 -27.55 -38.57
C THR C 236 -67.62 -26.31 -37.99
N THR C 237 -67.79 -25.29 -38.82
CA THR C 237 -68.52 -24.10 -38.40
C THR C 237 -70.00 -24.25 -38.74
N LEU C 238 -70.85 -24.18 -37.71
CA LEU C 238 -72.29 -24.31 -37.88
C LEU C 238 -72.98 -22.98 -37.60
N ASP C 239 -72.19 -21.98 -37.19
CA ASP C 239 -72.71 -20.66 -36.84
C ASP C 239 -73.01 -19.79 -38.05
N THR C 240 -72.16 -19.82 -39.07
CA THR C 240 -72.36 -18.99 -40.26
C THR C 240 -71.99 -19.79 -41.49
N ASP C 241 -72.29 -19.22 -42.65
CA ASP C 241 -71.65 -19.55 -43.91
C ASP C 241 -70.31 -18.80 -44.00
N LYS C 242 -69.72 -18.76 -45.19
CA LYS C 242 -68.37 -18.21 -45.39
C LYS C 242 -67.33 -19.00 -44.61
N VAL C 243 -67.51 -20.31 -44.53
CA VAL C 243 -66.71 -21.16 -43.66
C VAL C 243 -65.28 -21.22 -44.17
N LYS C 244 -64.32 -20.96 -43.27
CA LYS C 244 -62.89 -20.96 -43.57
C LYS C 244 -62.52 -19.93 -44.62
N ILE C 245 -63.33 -18.88 -44.75
CA ILE C 245 -62.99 -17.72 -45.57
C ILE C 245 -62.60 -16.57 -44.62
N PHE C 246 -61.44 -15.98 -44.86
CA PHE C 246 -60.87 -15.03 -43.91
C PHE C 246 -60.78 -13.65 -44.54
N GLY C 247 -61.22 -12.64 -43.79
CA GLY C 247 -61.15 -11.25 -44.23
C GLY C 247 -62.35 -10.79 -45.03
N THR C 248 -63.30 -11.67 -45.36
CA THR C 248 -64.46 -11.27 -46.15
C THR C 248 -65.34 -10.34 -45.34
N LYS C 249 -65.78 -9.25 -45.97
CA LYS C 249 -66.76 -8.35 -45.39
C LYS C 249 -67.96 -8.21 -46.32
N PHE C 250 -69.05 -7.68 -45.77
CA PHE C 250 -70.25 -7.36 -46.53
C PHE C 250 -70.49 -5.86 -46.45
N LYS C 251 -70.41 -5.18 -47.59
CA LYS C 251 -70.60 -3.74 -47.67
C LYS C 251 -72.09 -3.45 -47.76
N VAL C 252 -72.62 -2.69 -46.80
CA VAL C 252 -74.04 -2.42 -46.70
C VAL C 252 -74.26 -0.92 -46.58
N ASP C 253 -75.42 -0.47 -47.08
CA ASP C 253 -75.90 0.90 -46.88
C ASP C 253 -76.91 1.00 -45.76
N SER C 254 -77.25 -0.12 -45.10
CA SER C 254 -78.24 -0.14 -44.05
C SER C 254 -78.05 -1.39 -43.21
N THR C 255 -78.52 -1.34 -41.96
CA THR C 255 -78.57 -2.53 -41.12
C THR C 255 -79.56 -3.56 -41.65
N ALA C 256 -80.58 -3.10 -42.38
CA ALA C 256 -81.51 -4.03 -43.02
C ALA C 256 -80.82 -4.94 -44.02
N LYS C 257 -79.93 -4.39 -44.84
CA LYS C 257 -79.14 -5.23 -45.75
C LYS C 257 -78.23 -6.20 -45.00
N LEU C 258 -77.60 -5.76 -43.91
CA LEU C 258 -76.82 -6.66 -43.08
C LEU C 258 -77.67 -7.80 -42.53
N ALA C 259 -78.91 -7.49 -42.12
CA ALA C 259 -79.81 -8.53 -41.65
C ALA C 259 -80.06 -9.58 -42.74
N GLN C 260 -80.11 -9.15 -44.00
CA GLN C 260 -80.31 -10.09 -45.09
C GLN C 260 -79.17 -11.10 -45.16
N LEU C 261 -77.94 -10.64 -44.91
CA LEU C 261 -76.82 -11.57 -44.80
C LEU C 261 -77.05 -12.60 -43.70
N GLU C 262 -77.46 -12.15 -42.51
CA GLU C 262 -77.70 -13.08 -41.41
C GLU C 262 -78.80 -14.08 -41.76
N LYS C 263 -79.83 -13.63 -42.47
CA LYS C 263 -80.86 -14.56 -42.93
C LYS C 263 -80.29 -15.58 -43.90
N ALA C 264 -79.41 -15.14 -44.81
CA ALA C 264 -78.76 -16.09 -45.71
C ALA C 264 -77.91 -17.08 -44.94
N GLU C 265 -77.24 -16.62 -43.88
CA GLU C 265 -76.46 -17.52 -43.04
C GLU C 265 -77.36 -18.59 -42.41
N ARG C 266 -78.56 -18.19 -41.98
CA ARG C 266 -79.51 -19.16 -41.43
C ARG C 266 -79.96 -20.17 -42.48
N GLU C 267 -80.13 -19.73 -43.73
CA GLU C 267 -80.42 -20.67 -44.81
C GLU C 267 -79.36 -21.74 -44.90
N LYS C 268 -78.08 -21.34 -44.80
CA LYS C 268 -77.00 -22.31 -44.81
C LYS C 268 -77.07 -23.23 -43.59
N MET C 269 -77.34 -22.67 -42.41
CA MET C 269 -77.33 -23.47 -41.20
C MET C 269 -78.43 -24.53 -41.24
N LYS C 270 -79.62 -24.17 -41.72
CA LYS C 270 -80.71 -25.14 -41.85
C LYS C 270 -80.33 -26.30 -42.75
N ASN C 271 -79.71 -26.00 -43.90
CA ASN C 271 -79.30 -27.08 -44.81
C ASN C 271 -78.17 -27.89 -44.20
N LYS C 272 -77.23 -27.22 -43.52
CA LYS C 272 -76.08 -27.93 -42.97
C LYS C 272 -76.49 -28.91 -41.88
N ILE C 273 -77.37 -28.48 -40.97
CA ILE C 273 -77.81 -29.36 -39.89
C ILE C 273 -78.60 -30.54 -40.46
N ALA C 274 -79.45 -30.28 -41.45
CA ALA C 274 -80.22 -31.37 -42.07
C ALA C 274 -79.30 -32.45 -42.62
N LYS C 275 -78.26 -32.04 -43.35
CA LYS C 275 -77.33 -33.02 -43.92
C LYS C 275 -76.62 -33.81 -42.81
N ILE C 276 -76.29 -33.14 -41.70
CA ILE C 276 -75.68 -33.83 -40.58
C ILE C 276 -76.65 -34.82 -39.96
N SER C 277 -77.91 -34.42 -39.81
CA SER C 277 -78.89 -35.30 -39.17
C SER C 277 -79.13 -36.55 -40.00
N LYS C 278 -78.85 -36.51 -41.30
CA LYS C 278 -79.07 -37.67 -42.15
C LYS C 278 -78.02 -38.75 -41.92
N PHE C 279 -77.04 -38.50 -41.05
CA PHE C 279 -76.11 -39.54 -40.64
C PHE C 279 -76.75 -40.55 -39.70
N GLY C 280 -77.86 -40.20 -39.06
CA GLY C 280 -78.52 -41.10 -38.13
C GLY C 280 -77.90 -41.06 -36.74
N ILE C 281 -77.92 -39.88 -36.12
CA ILE C 281 -77.16 -39.63 -34.90
C ILE C 281 -78.11 -39.23 -33.78
N ASN C 282 -77.63 -39.38 -32.55
CA ASN C 282 -78.35 -38.90 -31.37
C ASN C 282 -77.59 -37.83 -30.60
N THR C 283 -76.27 -37.74 -30.74
CA THR C 283 -75.48 -36.70 -30.10
C THR C 283 -74.42 -36.22 -31.08
N PHE C 284 -74.23 -34.90 -31.15
CA PHE C 284 -73.33 -34.28 -32.12
C PHE C 284 -72.29 -33.47 -31.35
N ILE C 285 -71.02 -33.73 -31.63
CA ILE C 285 -69.91 -33.10 -30.91
C ILE C 285 -69.11 -32.28 -31.91
N ASN C 286 -68.93 -31.00 -31.62
CA ASN C 286 -68.19 -30.09 -32.49
C ASN C 286 -67.02 -29.49 -31.72
N ARG C 287 -65.82 -29.62 -32.27
CA ARG C 287 -64.66 -28.96 -31.69
C ARG C 287 -64.85 -27.45 -31.63
N GLN C 288 -65.67 -26.90 -32.54
CA GLN C 288 -65.91 -25.47 -32.57
C GLN C 288 -67.15 -25.14 -31.77
N LEU C 289 -67.41 -23.85 -31.61
CA LEU C 289 -68.60 -23.39 -30.91
C LEU C 289 -69.86 -23.67 -31.75
N ILE C 290 -70.98 -23.84 -31.06
CA ILE C 290 -72.29 -24.01 -31.69
C ILE C 290 -73.22 -22.94 -31.12
N TYR C 291 -73.61 -21.98 -31.96
CA TYR C 291 -74.44 -20.89 -31.51
C TYR C 291 -75.88 -21.35 -31.30
N ASP C 292 -76.69 -20.46 -30.74
CA ASP C 292 -78.07 -20.82 -30.38
C ASP C 292 -78.84 -21.36 -31.58
N TYR C 293 -78.63 -20.78 -32.77
CA TYR C 293 -79.34 -21.26 -33.95
C TYR C 293 -79.05 -22.72 -34.26
N PRO C 294 -77.82 -23.13 -34.56
CA PRO C 294 -77.59 -24.56 -34.85
C PRO C 294 -77.90 -25.45 -33.66
N GLU C 295 -77.80 -24.91 -32.44
CA GLU C 295 -78.17 -25.70 -31.26
C GLU C 295 -79.67 -26.01 -31.27
N GLN C 296 -80.51 -25.00 -31.53
CA GLN C 296 -81.95 -25.23 -31.60
C GLN C 296 -82.30 -26.18 -32.74
N LEU C 297 -81.59 -26.08 -33.86
CA LEU C 297 -81.87 -26.96 -34.99
C LEU C 297 -81.59 -28.41 -34.63
N PHE C 298 -80.50 -28.65 -33.89
CA PHE C 298 -80.24 -29.98 -33.35
C PHE C 298 -81.28 -30.35 -32.30
N THR C 299 -81.60 -29.43 -31.40
CA THR C 299 -82.50 -29.75 -30.30
C THR C 299 -83.86 -30.21 -30.83
N ASP C 300 -84.40 -29.50 -31.82
CA ASP C 300 -85.68 -29.88 -32.43
C ASP C 300 -85.68 -31.29 -32.98
N LEU C 301 -84.51 -31.83 -33.32
CA LEU C 301 -84.42 -33.18 -33.88
C LEU C 301 -84.15 -34.24 -32.83
N GLY C 302 -84.04 -33.86 -31.56
CA GLY C 302 -83.66 -34.77 -30.49
C GLY C 302 -82.17 -35.07 -30.42
N ILE C 303 -81.33 -34.19 -30.96
CA ILE C 303 -79.90 -34.45 -31.00
C ILE C 303 -79.19 -33.52 -30.03
N ASN C 304 -78.37 -34.09 -29.16
CA ASN C 304 -77.55 -33.28 -28.27
C ASN C 304 -76.48 -32.54 -29.06
N SER C 305 -76.25 -31.28 -28.70
CA SER C 305 -75.28 -30.42 -29.37
C SER C 305 -74.16 -30.10 -28.38
N ILE C 306 -73.00 -30.72 -28.58
CA ILE C 306 -71.84 -30.50 -27.72
C ILE C 306 -70.84 -29.60 -28.43
N GLU C 307 -70.49 -28.49 -27.81
CA GLU C 307 -69.65 -27.47 -28.42
C GLU C 307 -68.30 -27.37 -27.71
N HIS C 308 -67.32 -26.81 -28.44
CA HIS C 308 -65.99 -26.52 -27.91
C HIS C 308 -65.30 -27.80 -27.41
N ALA C 309 -65.46 -28.87 -28.17
CA ALA C 309 -64.81 -30.14 -27.87
C ALA C 309 -63.35 -30.08 -28.28
N ASP C 310 -62.50 -29.62 -27.38
CA ASP C 310 -61.09 -29.37 -27.69
C ASP C 310 -60.34 -30.69 -27.79
N PHE C 311 -59.01 -30.62 -27.84
CA PHE C 311 -58.19 -31.80 -28.09
C PHE C 311 -58.57 -32.95 -27.15
N GLU C 312 -58.56 -32.69 -25.85
CA GLU C 312 -58.94 -33.72 -24.89
C GLU C 312 -60.39 -34.14 -25.06
N GLY C 313 -61.26 -33.17 -25.35
CA GLY C 313 -62.67 -33.50 -25.55
C GLY C 313 -62.87 -34.51 -26.65
N VAL C 314 -62.32 -34.27 -27.83
CA VAL C 314 -62.49 -35.19 -28.96
C VAL C 314 -61.80 -36.52 -28.66
N GLU C 315 -60.55 -36.48 -28.20
CA GLU C 315 -59.79 -37.71 -28.04
C GLU C 315 -60.40 -38.60 -26.95
N ARG C 316 -60.87 -37.99 -25.86
CA ARG C 316 -61.48 -38.77 -24.78
C ARG C 316 -62.84 -39.31 -25.20
N LEU C 317 -63.70 -38.46 -25.76
CA LEU C 317 -65.04 -38.89 -26.14
C LEU C 317 -65.01 -39.86 -27.32
N ALA C 318 -64.20 -39.56 -28.33
CA ALA C 318 -64.06 -40.47 -29.47
C ALA C 318 -63.62 -41.87 -29.04
N LEU C 319 -62.67 -41.97 -28.09
CA LEU C 319 -62.17 -43.26 -27.64
C LEU C 319 -63.22 -44.14 -27.00
N VAL C 320 -63.97 -43.63 -26.02
CA VAL C 320 -64.92 -44.46 -25.29
C VAL C 320 -66.14 -44.77 -26.15
N THR C 321 -66.52 -43.85 -27.03
CA THR C 321 -67.66 -44.07 -27.90
C THR C 321 -67.29 -44.81 -29.18
N GLY C 322 -66.02 -44.80 -29.57
CA GLY C 322 -65.61 -45.47 -30.79
C GLY C 322 -66.00 -44.74 -32.05
N GLY C 323 -65.93 -43.41 -32.06
CA GLY C 323 -66.39 -42.62 -33.17
C GLY C 323 -65.26 -42.09 -34.02
N GLU C 324 -65.55 -40.98 -34.72
CA GLU C 324 -64.65 -40.41 -35.70
C GLU C 324 -64.86 -38.89 -35.73
N VAL C 325 -63.77 -38.15 -35.95
CA VAL C 325 -63.84 -36.69 -35.91
C VAL C 325 -64.65 -36.17 -37.10
N VAL C 326 -64.61 -36.91 -38.22
CA VAL C 326 -65.40 -36.60 -39.41
C VAL C 326 -65.24 -35.12 -39.76
N SER C 327 -64.21 -34.79 -40.51
CA SER C 327 -64.02 -33.42 -40.98
C SER C 327 -64.90 -33.10 -42.18
N THR C 328 -65.51 -34.08 -42.83
CA THR C 328 -66.28 -33.88 -44.06
C THR C 328 -67.69 -34.42 -43.87
N PHE C 329 -68.69 -33.59 -44.14
CA PHE C 329 -70.10 -33.93 -43.98
C PHE C 329 -70.88 -33.74 -45.26
N ASP C 330 -70.21 -33.83 -46.41
CA ASP C 330 -70.84 -33.69 -47.71
C ASP C 330 -71.90 -34.74 -48.02
N GLU C 331 -71.76 -35.97 -47.49
CA GLU C 331 -72.72 -37.03 -47.77
C GLU C 331 -72.92 -37.90 -46.53
N PRO C 332 -74.16 -38.24 -46.21
CA PRO C 332 -74.42 -39.05 -45.01
C PRO C 332 -73.98 -40.50 -45.14
N SER C 333 -73.76 -41.12 -43.98
CA SER C 333 -73.36 -42.52 -43.85
C SER C 333 -72.05 -42.84 -44.54
N LYS C 334 -71.12 -41.89 -44.59
CA LYS C 334 -69.81 -42.10 -45.20
C LYS C 334 -68.71 -42.01 -44.16
N CYS C 335 -69.07 -42.20 -42.88
CA CYS C 335 -68.11 -42.13 -41.78
C CYS C 335 -68.49 -43.13 -40.71
N LYS C 336 -67.60 -43.35 -39.75
CA LYS C 336 -67.85 -44.23 -38.61
C LYS C 336 -68.58 -43.47 -37.50
N LEU C 337 -69.66 -44.05 -36.98
CA LEU C 337 -70.34 -43.50 -35.82
C LEU C 337 -70.04 -44.32 -34.58
N GLY C 338 -70.00 -43.64 -33.42
CA GLY C 338 -69.89 -44.32 -32.14
C GLY C 338 -71.23 -44.80 -31.63
N GLU C 339 -71.18 -45.51 -30.51
CA GLU C 339 -72.40 -46.08 -29.93
C GLU C 339 -72.22 -46.26 -28.44
N CYS C 340 -73.28 -45.95 -27.69
CA CYS C 340 -73.37 -46.30 -26.28
C CYS C 340 -74.85 -46.37 -25.91
N ASP C 341 -75.12 -47.00 -24.77
CA ASP C 341 -76.50 -47.23 -24.36
C ASP C 341 -77.15 -45.97 -23.80
N VAL C 342 -76.47 -45.28 -22.88
CA VAL C 342 -77.02 -44.12 -22.21
C VAL C 342 -75.95 -43.03 -22.08
N ILE C 343 -76.36 -41.79 -22.30
CA ILE C 343 -75.56 -40.62 -21.94
C ILE C 343 -76.36 -39.78 -20.94
N GLU C 344 -75.74 -39.45 -19.81
CA GLU C 344 -76.42 -38.66 -18.80
C GLU C 344 -75.66 -37.37 -18.50
N GLU C 345 -76.41 -36.32 -18.16
CA GLU C 345 -75.86 -35.17 -17.45
C GLU C 345 -75.94 -35.45 -15.95
N ILE C 346 -74.79 -35.44 -15.29
CA ILE C 346 -74.70 -35.79 -13.87
C ILE C 346 -73.94 -34.70 -13.13
N MET C 347 -74.39 -34.44 -11.90
CA MET C 347 -73.75 -33.49 -11.00
C MET C 347 -72.88 -34.27 -10.02
N LEU C 348 -71.58 -33.96 -10.02
CA LEU C 348 -70.62 -34.58 -9.11
C LEU C 348 -69.90 -33.47 -8.36
N GLY C 349 -70.19 -33.35 -7.06
CA GLY C 349 -69.65 -32.26 -6.27
C GLY C 349 -70.22 -30.90 -6.63
N GLU C 350 -71.49 -30.90 -7.07
CA GLU C 350 -72.16 -29.68 -7.52
C GLU C 350 -71.46 -29.08 -8.74
N GLN C 351 -70.96 -29.96 -9.61
CA GLN C 351 -70.39 -29.61 -10.92
C GLN C 351 -70.94 -30.58 -11.95
N PRO C 352 -71.33 -30.09 -13.13
CA PRO C 352 -71.86 -30.99 -14.16
C PRO C 352 -70.75 -31.79 -14.82
N PHE C 353 -71.07 -33.03 -15.19
CA PHE C 353 -70.21 -33.90 -15.98
C PHE C 353 -71.06 -34.66 -16.98
N LEU C 354 -70.40 -35.26 -17.97
CA LEU C 354 -71.04 -36.20 -18.88
C LEU C 354 -70.72 -37.61 -18.40
N LYS C 355 -71.76 -38.42 -18.23
CA LYS C 355 -71.60 -39.80 -17.78
C LYS C 355 -72.09 -40.73 -18.88
N PHE C 356 -71.27 -41.73 -19.22
CA PHE C 356 -71.67 -42.69 -20.25
C PHE C 356 -71.96 -44.04 -19.60
N SER C 357 -72.74 -44.86 -20.31
CA SER C 357 -72.92 -46.25 -19.94
C SER C 357 -73.16 -47.08 -21.19
N GLY C 358 -72.65 -48.31 -21.17
CA GLY C 358 -72.93 -49.28 -22.22
C GLY C 358 -72.23 -48.99 -23.53
N CYS C 359 -71.05 -48.37 -23.46
CA CYS C 359 -70.31 -48.02 -24.66
C CYS C 359 -69.82 -49.26 -25.39
N LYS C 360 -69.72 -49.16 -26.71
CA LYS C 360 -69.12 -50.21 -27.52
C LYS C 360 -67.73 -50.53 -26.98
N ALA C 361 -67.48 -51.81 -26.70
CA ALA C 361 -66.22 -52.25 -26.09
C ALA C 361 -65.88 -51.36 -24.90
N GLY C 362 -66.85 -51.14 -24.03
CA GLY C 362 -66.72 -50.20 -22.94
C GLY C 362 -65.87 -50.67 -21.78
N GLU C 363 -64.67 -51.17 -22.08
CA GLU C 363 -63.69 -51.57 -21.08
C GLU C 363 -63.02 -50.35 -20.43
N ALA C 364 -63.20 -49.17 -21.03
CA ALA C 364 -62.56 -47.95 -20.53
C ALA C 364 -63.20 -47.56 -19.21
N CYS C 365 -62.48 -46.78 -18.41
CA CYS C 365 -62.98 -46.25 -17.15
C CYS C 365 -62.23 -44.98 -16.79
N THR C 366 -62.63 -44.36 -15.68
CA THR C 366 -61.95 -43.22 -15.11
C THR C 366 -61.85 -43.39 -13.60
N ILE C 367 -60.81 -42.81 -13.01
CA ILE C 367 -60.69 -42.66 -11.57
C ILE C 367 -60.84 -41.18 -11.24
N VAL C 368 -61.75 -40.86 -10.31
CA VAL C 368 -62.12 -39.49 -10.00
C VAL C 368 -61.43 -39.11 -8.70
N LEU C 369 -60.63 -38.04 -8.73
CA LEU C 369 -59.89 -37.58 -7.57
C LEU C 369 -60.66 -36.49 -6.84
N ARG C 370 -60.57 -36.49 -5.51
CA ARG C 370 -61.19 -35.47 -4.67
C ARG C 370 -60.10 -34.90 -3.76
N GLY C 371 -59.61 -33.70 -4.11
CA GLY C 371 -58.43 -33.17 -3.47
C GLY C 371 -58.64 -31.85 -2.76
N ALA C 372 -57.74 -31.52 -1.83
CA ALA C 372 -57.83 -30.26 -1.11
C ALA C 372 -57.53 -29.07 -2.03
N THR C 373 -56.51 -29.20 -2.89
CA THR C 373 -56.12 -28.11 -3.77
C THR C 373 -55.50 -28.70 -5.03
N ASP C 374 -55.14 -27.81 -5.96
CA ASP C 374 -54.63 -28.26 -7.25
C ASP C 374 -53.35 -29.08 -7.12
N GLN C 375 -52.46 -28.68 -6.21
CA GLN C 375 -51.20 -29.40 -6.05
C GLN C 375 -51.46 -30.84 -5.62
N THR C 376 -52.44 -31.06 -4.75
CA THR C 376 -52.73 -32.41 -4.28
C THR C 376 -53.36 -33.25 -5.39
N LEU C 377 -54.13 -32.62 -6.27
CA LEU C 377 -54.75 -33.34 -7.38
C LEU C 377 -53.71 -33.68 -8.45
N ASP C 378 -52.81 -32.74 -8.76
CA ASP C 378 -51.82 -32.98 -9.79
C ASP C 378 -50.86 -34.09 -9.37
N GLU C 379 -50.43 -34.09 -8.11
CA GLU C 379 -49.57 -35.16 -7.61
C GLU C 379 -50.29 -36.50 -7.59
N ALA C 380 -51.56 -36.50 -7.17
CA ALA C 380 -52.34 -37.74 -7.18
C ALA C 380 -52.55 -38.26 -8.59
N GLU C 381 -52.76 -37.36 -9.55
CA GLU C 381 -52.97 -37.75 -10.94
C GLU C 381 -51.75 -38.47 -11.50
N ARG C 382 -50.58 -37.86 -11.37
CA ARG C 382 -49.34 -38.49 -11.82
C ARG C 382 -49.06 -39.78 -11.05
N SER C 383 -49.35 -39.80 -9.76
CA SER C 383 -49.10 -41.00 -8.97
C SER C 383 -49.87 -42.20 -9.50
N LEU C 384 -51.16 -42.02 -9.81
CA LEU C 384 -51.93 -43.09 -10.41
C LEU C 384 -51.41 -43.44 -11.80
N HIS C 385 -51.04 -42.43 -12.58
CA HIS C 385 -50.52 -42.67 -13.92
C HIS C 385 -49.32 -43.61 -13.88
N ASP C 386 -48.36 -43.34 -12.99
CA ASP C 386 -47.20 -44.22 -12.86
C ASP C 386 -47.60 -45.63 -12.48
N ALA C 387 -48.48 -45.80 -11.48
CA ALA C 387 -48.94 -47.11 -11.08
C ALA C 387 -49.68 -47.84 -12.20
N LEU C 388 -50.53 -47.12 -12.94
CA LEU C 388 -51.26 -47.74 -14.04
C LEU C 388 -50.32 -48.22 -15.13
N SER C 389 -49.23 -47.49 -15.38
CA SER C 389 -48.27 -47.91 -16.38
C SER C 389 -47.60 -49.22 -15.98
N VAL C 390 -47.13 -49.31 -14.74
CA VAL C 390 -46.46 -50.51 -14.28
C VAL C 390 -47.45 -51.67 -14.23
N LEU C 391 -48.66 -51.42 -13.71
CA LEU C 391 -49.68 -52.46 -13.66
C LEU C 391 -50.02 -52.97 -15.05
N SER C 392 -50.11 -52.06 -16.03
CA SER C 392 -50.37 -52.48 -17.41
C SER C 392 -49.28 -53.41 -17.92
N GLN C 393 -48.02 -53.13 -17.59
CA GLN C 393 -46.91 -54.00 -17.96
C GLN C 393 -46.99 -55.35 -17.29
N THR C 394 -47.48 -55.42 -16.05
CA THR C 394 -47.65 -56.70 -15.38
C THR C 394 -48.84 -57.50 -15.90
N THR C 395 -49.78 -56.85 -16.58
CA THR C 395 -50.81 -57.57 -17.31
C THR C 395 -50.24 -58.41 -18.45
N LYS C 396 -49.29 -57.87 -19.20
CA LYS C 396 -48.62 -58.60 -20.27
C LYS C 396 -47.50 -59.50 -19.74
N GLU C 397 -46.76 -59.03 -18.73
CA GLU C 397 -45.69 -59.82 -18.14
C GLU C 397 -46.06 -60.24 -16.72
N THR C 398 -46.44 -61.50 -16.54
CA THR C 398 -46.97 -61.97 -15.27
C THR C 398 -45.89 -62.37 -14.27
N ARG C 399 -44.62 -62.33 -14.65
CA ARG C 399 -43.55 -62.62 -13.71
C ARG C 399 -43.23 -61.40 -12.86
N THR C 400 -42.99 -61.63 -11.56
CA THR C 400 -42.57 -60.60 -10.65
C THR C 400 -41.32 -61.05 -9.91
N VAL C 401 -40.62 -60.08 -9.31
CA VAL C 401 -39.48 -60.34 -8.45
C VAL C 401 -39.72 -59.67 -7.10
N LEU C 402 -38.96 -60.12 -6.10
CA LEU C 402 -39.10 -59.60 -4.75
C LEU C 402 -38.36 -58.27 -4.62
N GLY C 403 -39.00 -57.31 -3.98
CA GLY C 403 -38.45 -55.98 -3.81
C GLY C 403 -37.76 -55.79 -2.47
N GLY C 404 -37.75 -54.54 -2.00
CA GLY C 404 -37.16 -54.24 -0.71
C GLY C 404 -35.66 -54.47 -0.63
N GLY C 405 -34.98 -54.46 -1.77
CA GLY C 405 -33.58 -54.81 -1.83
C GLY C 405 -33.29 -56.27 -2.06
N CYS C 406 -34.30 -57.13 -2.05
CA CYS C 406 -34.08 -58.56 -2.27
C CYS C 406 -33.53 -58.82 -3.67
N ALA C 407 -34.22 -58.36 -4.71
CA ALA C 407 -33.72 -58.54 -6.07
C ALA C 407 -32.32 -57.98 -6.25
N GLU C 408 -32.03 -56.82 -5.63
CA GLU C 408 -30.71 -56.23 -5.76
C GLU C 408 -29.63 -57.08 -5.10
N MET C 409 -29.89 -57.61 -3.91
CA MET C 409 -28.91 -58.48 -3.26
C MET C 409 -28.76 -59.80 -4.00
N VAL C 410 -29.85 -60.36 -4.52
CA VAL C 410 -29.77 -61.62 -5.26
C VAL C 410 -28.92 -61.43 -6.51
N MET C 411 -29.12 -60.30 -7.20
CA MET C 411 -28.30 -60.01 -8.38
C MET C 411 -26.83 -59.89 -8.03
N SER C 412 -26.50 -59.16 -6.95
CA SER C 412 -25.12 -59.01 -6.54
C SER C 412 -24.50 -60.36 -6.17
N LYS C 413 -25.32 -61.27 -5.66
CA LYS C 413 -24.83 -62.63 -5.39
C LYS C 413 -24.39 -63.31 -6.68
N ALA C 414 -25.20 -63.24 -7.73
CA ALA C 414 -24.83 -63.86 -9.00
C ALA C 414 -23.61 -63.19 -9.60
N VAL C 415 -23.53 -61.85 -9.49
CA VAL C 415 -22.43 -61.12 -10.11
C VAL C 415 -21.11 -61.52 -9.46
N ASP C 416 -21.07 -61.56 -8.12
CA ASP C 416 -19.88 -62.05 -7.43
C ASP C 416 -19.56 -63.48 -7.82
N THR C 417 -20.59 -64.31 -8.04
CA THR C 417 -20.36 -65.67 -8.50
C THR C 417 -19.70 -65.68 -9.88
N GLU C 418 -20.18 -64.82 -10.78
CA GLU C 418 -19.58 -64.73 -12.12
C GLU C 418 -18.08 -64.46 -12.05
N ALA C 419 -17.63 -63.66 -11.09
CA ALA C 419 -16.22 -63.29 -11.01
C ALA C 419 -15.33 -64.46 -10.63
N GLN C 420 -15.91 -65.62 -10.32
CA GLN C 420 -15.13 -66.80 -9.94
C GLN C 420 -14.24 -67.26 -11.10
N ASN C 421 -14.71 -67.11 -12.33
CA ASN C 421 -14.05 -67.69 -13.50
C ASN C 421 -14.04 -66.61 -14.58
N ILE C 422 -13.10 -65.68 -14.48
CA ILE C 422 -13.03 -64.54 -15.39
C ILE C 422 -11.61 -64.02 -15.37
N ASP C 423 -11.23 -63.30 -16.44
CA ASP C 423 -9.88 -62.75 -16.54
C ASP C 423 -9.62 -61.78 -15.40
N GLY C 424 -8.34 -61.47 -15.17
CA GLY C 424 -7.95 -60.75 -13.98
C GLY C 424 -8.59 -59.38 -13.82
N LYS C 425 -8.22 -58.44 -14.70
CA LYS C 425 -8.75 -57.09 -14.59
C LYS C 425 -10.26 -57.05 -14.77
N LYS C 426 -10.82 -58.00 -15.55
CA LYS C 426 -12.26 -58.06 -15.69
C LYS C 426 -12.93 -58.47 -14.38
N SER C 427 -12.25 -59.29 -13.58
CA SER C 427 -12.77 -59.64 -12.26
C SER C 427 -13.03 -58.41 -11.41
N LEU C 428 -12.07 -57.48 -11.39
CA LEU C 428 -12.25 -56.26 -10.62
C LEU C 428 -13.43 -55.45 -11.12
N ALA C 429 -13.64 -55.43 -12.45
CA ALA C 429 -14.80 -54.75 -13.00
C ALA C 429 -16.10 -55.42 -12.57
N VAL C 430 -16.13 -56.76 -12.57
CA VAL C 430 -17.34 -57.48 -12.17
C VAL C 430 -17.62 -57.24 -10.69
N GLU C 431 -16.58 -57.29 -9.85
CA GLU C 431 -16.76 -57.01 -8.44
C GLU C 431 -17.27 -55.58 -8.23
N ALA C 432 -16.76 -54.62 -8.98
CA ALA C 432 -17.28 -53.26 -8.90
C ALA C 432 -18.77 -53.21 -9.24
N PHE C 433 -19.19 -53.96 -10.27
CA PHE C 433 -20.60 -53.99 -10.62
C PHE C 433 -21.44 -54.49 -9.45
N ALA C 434 -21.01 -55.56 -8.80
CA ALA C 434 -21.75 -56.10 -7.66
C ALA C 434 -21.82 -55.07 -6.53
N ARG C 435 -20.72 -54.38 -6.26
CA ARG C 435 -20.72 -53.39 -5.18
C ARG C 435 -21.70 -52.27 -5.48
N ALA C 436 -21.80 -51.86 -6.75
CA ALA C 436 -22.77 -50.85 -7.12
C ALA C 436 -24.20 -51.33 -6.87
N LEU C 437 -24.48 -52.60 -7.19
CA LEU C 437 -25.82 -53.13 -6.98
C LEU C 437 -26.21 -53.06 -5.51
N ARG C 438 -25.24 -53.27 -4.61
CA ARG C 438 -25.57 -53.29 -3.18
C ARG C 438 -25.75 -51.89 -2.62
N GLN C 439 -25.49 -50.86 -3.42
CA GLN C 439 -25.69 -49.50 -2.96
C GLN C 439 -27.16 -49.10 -2.93
N LEU C 440 -27.98 -49.67 -3.82
CA LEU C 440 -29.41 -49.34 -3.81
C LEU C 440 -30.08 -49.72 -2.50
N PRO C 441 -29.95 -50.95 -1.98
CA PRO C 441 -30.52 -51.23 -0.65
C PRO C 441 -29.85 -50.44 0.47
N THR C 442 -28.59 -50.02 0.27
CA THR C 442 -27.96 -49.15 1.24
C THR C 442 -28.64 -47.79 1.29
N ILE C 443 -28.95 -47.22 0.12
CA ILE C 443 -29.65 -45.94 0.09
C ILE C 443 -31.03 -46.07 0.73
N LEU C 444 -31.73 -47.17 0.45
CA LEU C 444 -33.06 -47.37 1.02
C LEU C 444 -33.01 -47.37 2.54
N ALA C 445 -32.12 -48.17 3.12
CA ALA C 445 -31.99 -48.21 4.57
C ALA C 445 -31.54 -46.86 5.13
N ASP C 446 -30.65 -46.17 4.41
CA ASP C 446 -30.13 -44.90 4.89
C ASP C 446 -31.23 -43.84 4.94
N ASN C 447 -31.98 -43.69 3.85
CA ASN C 447 -33.03 -42.68 3.81
C ASN C 447 -34.11 -42.96 4.85
N ALA C 448 -34.31 -44.24 5.19
CA ALA C 448 -35.34 -44.58 6.17
C ALA C 448 -34.87 -44.31 7.59
N GLY C 449 -33.62 -43.89 7.74
CA GLY C 449 -33.08 -43.57 9.05
C GLY C 449 -32.58 -44.74 9.86
N PHE C 450 -32.28 -45.86 9.22
CA PHE C 450 -31.82 -47.06 9.92
C PHE C 450 -30.32 -47.24 9.74
N ASP C 451 -29.74 -48.15 10.51
CA ASP C 451 -28.33 -48.46 10.38
C ASP C 451 -28.09 -49.21 9.07
N SER C 452 -27.86 -48.47 8.00
CA SER C 452 -27.78 -49.07 6.66
C SER C 452 -26.68 -50.10 6.60
N SER C 453 -25.63 -49.94 7.42
CA SER C 453 -24.52 -50.88 7.40
C SER C 453 -24.92 -52.21 8.05
N GLU C 454 -25.63 -52.15 9.17
CA GLU C 454 -26.11 -53.37 9.80
C GLU C 454 -27.19 -54.04 8.97
N LEU C 455 -28.15 -53.27 8.46
CA LEU C 455 -29.27 -53.85 7.72
C LEU C 455 -28.80 -54.52 6.43
N VAL C 456 -27.93 -53.84 5.68
CA VAL C 456 -27.45 -54.41 4.42
C VAL C 456 -26.50 -55.57 4.68
N SER C 457 -25.60 -55.43 5.65
CA SER C 457 -24.67 -56.51 5.96
C SER C 457 -25.41 -57.77 6.42
N LYS C 458 -26.45 -57.60 7.24
CA LYS C 458 -27.28 -58.74 7.61
C LYS C 458 -28.01 -59.31 6.41
N LEU C 459 -28.49 -58.44 5.52
CA LEU C 459 -29.15 -58.92 4.31
C LEU C 459 -28.19 -59.73 3.45
N ARG C 460 -26.93 -59.27 3.35
CA ARG C 460 -25.92 -60.02 2.62
C ARG C 460 -25.80 -61.44 3.15
N SER C 461 -25.67 -61.59 4.47
CA SER C 461 -25.58 -62.92 5.06
C SER C 461 -26.86 -63.72 4.84
N SER C 462 -28.02 -63.06 4.96
CA SER C 462 -29.29 -63.77 4.80
C SER C 462 -29.43 -64.34 3.39
N ILE C 463 -29.15 -63.52 2.38
CA ILE C 463 -29.37 -63.95 0.99
C ILE C 463 -28.30 -64.95 0.57
N TYR C 464 -27.07 -64.76 1.03
CA TYR C 464 -26.00 -65.71 0.73
C TYR C 464 -26.31 -67.09 1.29
N ASN C 465 -26.64 -67.16 2.58
CA ASN C 465 -26.82 -68.46 3.24
C ASN C 465 -28.28 -68.88 3.11
N GLY C 466 -28.69 -69.11 1.86
CA GLY C 466 -29.99 -69.62 1.50
C GLY C 466 -31.09 -68.59 1.66
N ILE C 467 -32.32 -69.11 1.78
CA ILE C 467 -33.54 -68.35 1.95
C ILE C 467 -33.49 -67.03 1.17
N SER C 468 -33.32 -67.09 -0.16
CA SER C 468 -33.17 -65.86 -0.92
C SER C 468 -34.55 -65.28 -1.22
N THR C 469 -35.24 -64.95 -0.13
CA THR C 469 -36.59 -64.41 -0.14
C THR C 469 -36.66 -63.15 0.71
N SER C 470 -35.65 -63.00 1.56
CA SER C 470 -35.54 -61.90 2.51
C SER C 470 -35.19 -60.59 1.83
N GLY C 471 -35.48 -59.49 2.53
CA GLY C 471 -35.17 -58.15 2.10
C GLY C 471 -35.28 -57.18 3.26
N LEU C 472 -35.28 -55.88 2.98
CA LEU C 472 -35.31 -54.86 4.02
C LEU C 472 -36.76 -54.63 4.45
N ASP C 473 -36.99 -54.55 5.76
CA ASP C 473 -38.25 -54.05 6.30
C ASP C 473 -38.05 -52.57 6.63
N LEU C 474 -38.42 -51.71 5.68
CA LEU C 474 -38.15 -50.28 5.81
C LEU C 474 -39.13 -49.57 6.73
N ASN C 475 -40.03 -50.30 7.39
CA ASN C 475 -40.91 -49.74 8.40
C ASN C 475 -40.47 -50.07 9.83
N ASN C 476 -39.96 -51.28 10.06
CA ASN C 476 -39.48 -51.65 11.38
C ASN C 476 -37.96 -51.54 11.51
N GLY C 477 -37.24 -51.48 10.39
CA GLY C 477 -35.80 -51.38 10.45
C GLY C 477 -35.09 -52.70 10.65
N THR C 478 -35.60 -53.78 10.09
CA THR C 478 -35.08 -55.12 10.27
C THR C 478 -35.11 -55.86 8.94
N ILE C 479 -34.84 -57.17 8.99
CA ILE C 479 -34.90 -58.01 7.80
C ILE C 479 -36.14 -58.87 7.84
N ALA C 480 -36.87 -58.93 6.72
CA ALA C 480 -38.15 -59.62 6.66
C ALA C 480 -38.27 -60.41 5.36
N ASP C 481 -39.17 -61.40 5.38
CA ASP C 481 -39.55 -62.08 4.16
C ASP C 481 -40.45 -61.19 3.30
N MET C 482 -40.01 -60.94 2.06
CA MET C 482 -40.71 -59.98 1.21
C MET C 482 -42.06 -60.51 0.77
N ARG C 483 -42.20 -61.83 0.69
CA ARG C 483 -43.49 -62.41 0.30
C ARG C 483 -44.51 -62.28 1.41
N GLN C 484 -44.10 -62.51 2.66
CA GLN C 484 -44.98 -62.25 3.79
C GLN C 484 -45.23 -60.75 4.00
N LEU C 485 -44.22 -59.91 3.78
CA LEU C 485 -44.38 -58.47 3.88
C LEU C 485 -45.18 -57.89 2.72
N GLY C 486 -45.16 -58.52 1.55
CA GLY C 486 -45.95 -58.06 0.43
C GLY C 486 -45.26 -57.02 -0.43
N ILE C 487 -43.94 -57.11 -0.56
CA ILE C 487 -43.18 -56.15 -1.35
C ILE C 487 -42.65 -56.85 -2.59
N VAL C 488 -43.29 -56.61 -3.73
CA VAL C 488 -42.91 -57.22 -4.99
C VAL C 488 -42.83 -56.13 -6.06
N GLU C 489 -42.05 -56.41 -7.11
CA GLU C 489 -41.85 -55.49 -8.21
C GLU C 489 -41.95 -56.24 -9.51
N SER C 490 -42.36 -55.52 -10.56
CA SER C 490 -42.48 -56.14 -11.88
C SER C 490 -41.14 -56.69 -12.34
N TYR C 491 -41.17 -57.90 -12.90
CA TYR C 491 -39.96 -58.47 -13.49
C TYR C 491 -39.43 -57.59 -14.60
N LYS C 492 -40.28 -57.19 -15.54
CA LYS C 492 -39.84 -56.34 -16.64
C LYS C 492 -39.28 -55.02 -16.14
N LEU C 493 -39.93 -54.42 -15.14
CA LEU C 493 -39.45 -53.16 -14.59
C LEU C 493 -38.04 -53.31 -14.04
N LYS C 494 -37.81 -54.35 -13.24
CA LYS C 494 -36.48 -54.57 -12.67
C LYS C 494 -35.45 -54.85 -13.77
N ARG C 495 -35.83 -55.60 -14.79
CA ARG C 495 -34.96 -55.78 -15.95
C ARG C 495 -34.61 -54.44 -16.58
N ALA C 496 -35.60 -53.56 -16.74
CA ALA C 496 -35.35 -52.26 -17.35
C ALA C 496 -34.32 -51.47 -16.56
N VAL C 497 -34.40 -51.54 -15.22
CA VAL C 497 -33.47 -50.77 -14.38
C VAL C 497 -32.05 -51.26 -14.60
N VAL C 498 -31.86 -52.59 -14.64
CA VAL C 498 -30.52 -53.13 -14.84
C VAL C 498 -30.01 -52.79 -16.25
N SER C 499 -30.87 -52.98 -17.25
CA SER C 499 -30.45 -52.74 -18.63
C SER C 499 -30.10 -51.28 -18.87
N SER C 500 -31.00 -50.37 -18.46
CA SER C 500 -30.76 -48.95 -18.65
C SER C 500 -29.54 -48.45 -17.88
N ALA C 501 -29.38 -48.88 -16.64
CA ALA C 501 -28.22 -48.44 -15.86
C ALA C 501 -26.92 -48.95 -16.47
N SER C 502 -26.91 -50.20 -16.93
CA SER C 502 -25.72 -50.75 -17.55
C SER C 502 -25.33 -49.96 -18.80
N GLU C 503 -26.28 -49.71 -19.70
CA GLU C 503 -25.99 -48.92 -20.88
C GLU C 503 -25.55 -47.51 -20.51
N ALA C 504 -26.22 -46.90 -19.54
CA ALA C 504 -25.88 -45.54 -19.14
C ALA C 504 -24.42 -45.45 -18.69
N ALA C 505 -23.95 -46.44 -17.93
CA ALA C 505 -22.55 -46.46 -17.53
C ALA C 505 -21.64 -46.55 -18.75
N GLU C 506 -21.95 -47.45 -19.69
CA GLU C 506 -21.11 -47.61 -20.86
C GLU C 506 -21.01 -46.31 -21.65
N VAL C 507 -22.11 -45.57 -21.76
CA VAL C 507 -22.09 -44.32 -22.52
C VAL C 507 -21.07 -43.35 -21.93
N LEU C 508 -21.04 -43.23 -20.60
CA LEU C 508 -20.11 -42.31 -19.96
C LEU C 508 -18.69 -42.88 -19.94
N LEU C 509 -18.56 -44.20 -19.77
CA LEU C 509 -17.24 -44.81 -19.73
C LEU C 509 -16.48 -44.57 -21.04
N ARG C 510 -17.21 -44.42 -22.14
CA ARG C 510 -16.56 -44.26 -23.44
C ARG C 510 -16.12 -42.83 -23.67
N VAL C 511 -16.38 -41.93 -22.73
CA VAL C 511 -16.05 -40.53 -22.93
C VAL C 511 -14.66 -40.24 -22.38
N ASP C 512 -13.84 -39.55 -23.17
CA ASP C 512 -12.52 -39.11 -22.73
C ASP C 512 -12.21 -37.67 -23.15
N ASN C 513 -13.22 -36.91 -23.57
CA ASN C 513 -12.97 -35.53 -23.99
C ASN C 513 -14.29 -34.80 -24.16
N ILE C 514 -14.28 -33.51 -23.84
CA ILE C 514 -15.44 -32.64 -24.01
C ILE C 514 -15.01 -31.44 -24.85
N ILE C 515 -15.69 -31.22 -25.97
CA ILE C 515 -15.43 -30.11 -26.87
C ILE C 515 -16.74 -29.36 -27.07
N ARG C 516 -16.71 -28.04 -26.85
CA ARG C 516 -17.87 -27.19 -27.07
C ARG C 516 -17.53 -26.13 -28.11
N ALA C 517 -18.32 -26.10 -29.18
CA ALA C 517 -18.11 -25.14 -30.25
C ALA C 517 -18.54 -23.73 -29.80
N ARG C 518 -18.03 -22.74 -30.52
CA ARG C 518 -18.35 -21.34 -30.23
C ARG C 518 -19.85 -21.14 -30.15
N PRO C 519 -20.35 -20.46 -29.12
CA PRO C 519 -21.80 -20.23 -29.02
C PRO C 519 -22.33 -19.50 -30.24
N ARG C 520 -23.55 -19.84 -30.63
CA ARG C 520 -24.25 -19.10 -31.69
C ARG C 520 -25.49 -18.40 -31.14
N GLN D 4 -12.68 -23.13 26.97
CA GLN D 4 -11.29 -23.39 26.61
C GLN D 4 -10.49 -23.85 27.83
N ILE D 5 -9.86 -25.02 27.72
CA ILE D 5 -9.02 -25.59 28.75
C ILE D 5 -7.62 -25.80 28.19
N PHE D 6 -6.76 -26.37 29.01
CA PHE D 6 -5.33 -26.56 28.70
C PHE D 6 -4.66 -25.18 28.64
N GLY D 7 -3.80 -24.93 27.66
CA GLY D 7 -2.92 -23.78 27.67
C GLY D 7 -1.46 -24.17 27.66
N ASP D 8 -0.62 -23.14 27.82
CA ASP D 8 0.84 -23.27 27.78
C ASP D 8 1.30 -23.97 26.50
N GLN D 9 0.66 -23.62 25.39
CA GLN D 9 1.00 -24.05 24.05
C GLN D 9 1.11 -25.56 23.90
N VAL D 10 0.16 -26.33 24.45
CA VAL D 10 0.20 -27.77 24.27
C VAL D 10 -0.60 -28.18 23.04
N THR D 11 -0.27 -29.36 22.51
CA THR D 11 -0.99 -29.96 21.40
C THR D 11 -2.25 -30.62 21.93
N GLU D 12 -3.37 -30.38 21.26
CA GLU D 12 -4.64 -31.02 21.57
C GLU D 12 -5.38 -31.38 20.29
N GLU D 13 -5.84 -32.63 20.20
CA GLU D 13 -6.63 -33.10 19.09
C GLU D 13 -7.82 -33.89 19.63
N ARG D 14 -9.00 -33.62 19.07
CA ARG D 14 -10.21 -34.28 19.52
C ARG D 14 -10.65 -35.36 18.53
N ALA D 15 -11.78 -36.01 18.80
CA ALA D 15 -12.21 -37.19 18.07
C ALA D 15 -11.88 -37.09 16.58
N GLU D 16 -12.41 -36.06 15.92
CA GLU D 16 -12.27 -35.97 14.47
C GLU D 16 -10.81 -35.82 14.05
N ASN D 17 -10.04 -35.02 14.80
CA ASN D 17 -8.64 -34.77 14.47
C ASN D 17 -7.71 -35.90 14.90
N ALA D 18 -7.74 -36.30 16.17
CA ALA D 18 -6.89 -37.37 16.65
C ALA D 18 -7.18 -38.70 15.95
N ARG D 19 -8.44 -39.00 15.67
CA ARG D 19 -8.77 -40.22 14.94
C ARG D 19 -8.16 -40.20 13.54
N LEU D 20 -8.31 -39.09 12.82
CA LEU D 20 -7.68 -38.95 11.51
C LEU D 20 -6.17 -39.03 11.63
N SER D 21 -5.59 -38.36 12.63
CA SER D 21 -4.15 -38.36 12.80
C SER D 21 -3.63 -39.77 13.04
N ALA D 22 -4.37 -40.57 13.80
CA ALA D 22 -3.95 -41.95 14.06
C ALA D 22 -3.80 -42.72 12.75
N PHE D 23 -4.70 -42.48 11.80
CA PHE D 23 -4.66 -43.24 10.55
C PHE D 23 -3.68 -42.61 9.55
N VAL D 24 -3.73 -41.28 9.42
CA VAL D 24 -2.80 -40.59 8.52
C VAL D 24 -1.36 -40.84 8.96
N GLY D 25 -1.11 -40.80 10.27
CA GLY D 25 0.20 -41.14 10.80
C GLY D 25 0.67 -42.52 10.40
N ALA D 26 -0.17 -43.54 10.65
CA ALA D 26 0.21 -44.90 10.28
C ALA D 26 0.47 -45.02 8.79
N ILE D 27 -0.33 -44.32 7.97
CA ILE D 27 -0.08 -44.32 6.53
C ILE D 27 1.26 -43.67 6.22
N ALA D 28 1.57 -42.55 6.89
CA ALA D 28 2.86 -41.90 6.69
C ALA D 28 4.01 -42.85 7.01
N VAL D 29 3.82 -43.72 7.99
CA VAL D 29 4.83 -44.73 8.30
C VAL D 29 4.94 -45.73 7.16
N GLY D 30 3.79 -46.23 6.69
CA GLY D 30 3.80 -47.18 5.58
C GLY D 30 4.50 -46.63 4.36
N ASP D 31 4.29 -45.34 4.06
CA ASP D 31 4.91 -44.70 2.91
C ASP D 31 6.43 -44.74 2.96
N LEU D 32 7.02 -44.98 4.12
CA LEU D 32 8.48 -45.03 4.24
C LEU D 32 9.05 -46.34 3.73
N VAL D 33 8.29 -47.43 3.82
CA VAL D 33 8.81 -48.78 3.61
C VAL D 33 8.04 -49.54 2.55
N LYS D 34 6.89 -49.03 2.09
CA LYS D 34 6.12 -49.73 1.06
C LYS D 34 6.94 -49.98 -0.19
N SER D 35 7.98 -49.18 -0.43
CA SER D 35 8.83 -49.36 -1.59
C SER D 35 9.92 -50.40 -1.38
N THR D 36 10.12 -50.86 -0.14
CA THR D 36 11.23 -51.74 0.20
C THR D 36 10.85 -53.21 0.11
N LEU D 37 9.59 -53.51 -0.19
CA LEU D 37 9.06 -54.86 -0.16
C LEU D 37 9.46 -55.60 -1.43
N GLY D 38 10.11 -56.74 -1.25
CA GLY D 38 10.44 -57.61 -2.35
C GLY D 38 11.86 -57.40 -2.84
N PRO D 39 12.40 -58.39 -3.56
CA PRO D 39 13.78 -58.25 -4.07
C PRO D 39 13.95 -57.13 -5.08
N LYS D 40 12.85 -56.65 -5.66
CA LYS D 40 12.88 -55.59 -6.67
C LYS D 40 12.46 -54.24 -6.11
N GLY D 41 12.41 -54.11 -4.79
CA GLY D 41 12.03 -52.85 -4.17
C GLY D 41 12.94 -51.70 -4.55
N MET D 42 12.42 -50.50 -4.33
CA MET D 42 13.10 -49.26 -4.69
C MET D 42 13.84 -48.69 -3.49
N ASP D 43 14.82 -47.84 -3.79
CA ASP D 43 15.71 -47.27 -2.79
C ASP D 43 15.19 -45.91 -2.32
N LYS D 44 15.57 -45.54 -1.09
CA LYS D 44 15.32 -44.21 -0.56
C LYS D 44 16.64 -43.53 -0.28
N LEU D 45 16.75 -42.26 -0.69
CA LEU D 45 17.93 -41.46 -0.41
C LEU D 45 17.75 -40.67 0.88
N LEU D 46 18.63 -40.89 1.85
CA LEU D 46 18.55 -40.26 3.15
C LEU D 46 19.73 -39.30 3.31
N GLN D 47 19.45 -38.14 3.89
CA GLN D 47 20.47 -37.10 4.07
C GLN D 47 20.19 -36.37 5.37
N SER D 48 21.24 -36.16 6.17
CA SER D 48 21.11 -35.47 7.45
C SER D 48 21.23 -33.96 7.25
N ALA D 49 21.01 -33.21 8.32
CA ALA D 49 21.09 -31.75 8.27
C ALA D 49 22.45 -31.27 7.80
N SER D 50 23.53 -32.00 8.12
CA SER D 50 24.87 -31.59 7.73
C SER D 50 25.10 -31.76 6.23
N SER D 51 24.25 -32.51 5.54
CA SER D 51 24.38 -32.85 4.13
C SER D 51 25.52 -33.83 3.85
N ASN D 52 26.38 -34.10 4.83
CA ASN D 52 27.62 -34.82 4.56
C ASN D 52 27.51 -36.31 4.88
N THR D 53 26.31 -36.82 5.14
CA THR D 53 26.09 -38.23 5.48
C THR D 53 25.15 -38.91 4.49
N CYS D 54 24.99 -38.33 3.31
CA CYS D 54 24.03 -38.82 2.32
C CYS D 54 24.29 -40.30 2.02
N MET D 55 23.22 -41.10 2.12
CA MET D 55 23.30 -42.53 1.88
C MET D 55 22.04 -42.98 1.16
N VAL D 56 22.13 -44.12 0.49
CA VAL D 56 21.00 -44.73 -0.19
C VAL D 56 20.82 -46.15 0.34
N THR D 57 19.60 -46.49 0.76
CA THR D 57 19.31 -47.82 1.27
C THR D 57 17.87 -48.18 0.93
N ASN D 58 17.65 -49.49 0.79
CA ASN D 58 16.30 -50.05 0.75
C ASN D 58 15.96 -50.84 2.00
N ASP D 59 16.73 -50.69 3.09
CA ASP D 59 16.47 -51.41 4.33
C ASP D 59 15.37 -50.70 5.10
N GLY D 60 14.19 -51.31 5.15
CA GLY D 60 13.05 -50.66 5.77
C GLY D 60 13.30 -50.30 7.23
N ALA D 61 13.99 -51.18 7.95
CA ALA D 61 14.30 -50.92 9.35
C ALA D 61 15.19 -49.70 9.50
N THR D 62 16.24 -49.60 8.67
CA THR D 62 17.10 -48.42 8.71
C THR D 62 16.31 -47.15 8.44
N ILE D 63 15.40 -47.19 7.46
CA ILE D 63 14.63 -46.01 7.11
C ILE D 63 13.73 -45.59 8.26
N LEU D 64 13.02 -46.56 8.86
CA LEU D 64 12.14 -46.24 9.98
C LEU D 64 12.92 -45.72 11.18
N LYS D 65 14.12 -46.26 11.42
CA LYS D 65 14.93 -45.77 12.53
C LYS D 65 15.61 -44.45 12.19
N SER D 66 15.92 -44.23 10.92
CA SER D 66 16.69 -43.05 10.53
C SER D 66 15.79 -41.83 10.36
N ILE D 67 14.60 -42.02 9.81
CA ILE D 67 13.71 -40.93 9.45
C ILE D 67 12.71 -40.66 10.57
N PRO D 68 12.80 -39.53 11.27
CA PRO D 68 11.81 -39.22 12.31
C PRO D 68 10.50 -38.77 11.68
N LEU D 69 9.42 -39.00 12.43
CA LEU D 69 8.14 -38.40 12.09
C LEU D 69 7.61 -37.62 13.28
N ASP D 70 6.95 -36.49 12.98
CA ASP D 70 6.41 -35.61 14.01
C ASP D 70 4.99 -35.97 14.42
N ASN D 71 4.37 -36.95 13.78
CA ASN D 71 3.03 -37.37 14.15
C ASN D 71 3.10 -38.30 15.36
N PRO D 72 2.50 -37.94 16.50
CA PRO D 72 2.70 -38.76 17.70
C PRO D 72 2.09 -40.15 17.57
N ALA D 73 1.13 -40.33 16.66
CA ALA D 73 0.59 -41.66 16.43
C ALA D 73 1.52 -42.48 15.53
N ALA D 74 2.14 -41.83 14.54
CA ALA D 74 3.14 -42.50 13.73
C ALA D 74 4.29 -43.02 14.59
N LYS D 75 4.69 -42.25 15.60
CA LYS D 75 5.76 -42.71 16.49
C LYS D 75 5.40 -44.02 17.16
N VAL D 76 4.11 -44.25 17.41
CA VAL D 76 3.68 -45.51 18.03
C VAL D 76 3.99 -46.68 17.10
N LEU D 77 3.55 -46.57 15.84
CA LEU D 77 3.75 -47.67 14.90
C LEU D 77 5.23 -47.89 14.59
N VAL D 78 6.01 -46.82 14.50
CA VAL D 78 7.44 -46.96 14.24
C VAL D 78 8.09 -47.71 15.40
N ASN D 79 7.73 -47.36 16.63
CA ASN D 79 8.27 -48.08 17.79
C ASN D 79 7.89 -49.55 17.76
N ILE D 80 6.67 -49.85 17.33
CA ILE D 80 6.25 -51.26 17.22
C ILE D 80 7.07 -51.96 16.14
N SER D 81 7.26 -51.31 15.00
CA SER D 81 8.10 -51.89 13.96
C SER D 81 9.52 -52.14 14.45
N LYS D 82 10.06 -51.23 15.26
CA LYS D 82 11.37 -51.46 15.86
C LYS D 82 11.42 -52.80 16.59
N VAL D 83 10.40 -53.08 17.42
CA VAL D 83 10.39 -54.32 18.19
C VAL D 83 10.46 -55.52 17.25
N GLN D 84 9.64 -55.49 16.20
CA GLN D 84 9.68 -56.58 15.21
C GLN D 84 11.10 -56.78 14.69
N ASP D 85 11.78 -55.69 14.31
CA ASP D 85 13.10 -55.80 13.71
C ASP D 85 14.13 -56.34 14.71
N ASP D 86 14.07 -55.87 15.96
CA ASP D 86 15.09 -56.23 16.93
C ASP D 86 14.85 -57.62 17.49
N GLU D 87 13.58 -57.97 17.72
CA GLU D 87 13.28 -59.21 18.43
C GLU D 87 13.21 -60.40 17.48
N VAL D 88 12.69 -60.21 16.27
CA VAL D 88 12.44 -61.31 15.35
C VAL D 88 13.57 -61.40 14.33
N GLY D 89 14.00 -60.26 13.78
CA GLY D 89 15.05 -60.21 12.79
C GLY D 89 14.57 -60.21 11.36
N ASP D 90 13.26 -60.31 11.13
CA ASP D 90 12.69 -60.26 9.80
C ASP D 90 11.22 -59.86 9.91
N GLY D 91 10.60 -59.58 8.76
CA GLY D 91 9.23 -59.16 8.73
C GLY D 91 8.98 -57.70 9.02
N THR D 92 10.04 -56.89 9.18
CA THR D 92 9.86 -55.49 9.55
C THR D 92 9.00 -54.76 8.53
N THR D 93 9.34 -54.86 7.25
CA THR D 93 8.55 -54.21 6.22
C THR D 93 7.15 -54.80 6.13
N SER D 94 7.05 -56.13 6.18
CA SER D 94 5.74 -56.78 6.04
C SER D 94 4.78 -56.38 7.15
N VAL D 95 5.27 -56.34 8.40
CA VAL D 95 4.41 -55.91 9.51
C VAL D 95 4.04 -54.44 9.36
N THR D 96 5.00 -53.60 8.98
CA THR D 96 4.74 -52.18 8.84
C THR D 96 3.72 -51.92 7.72
N VAL D 97 3.85 -52.63 6.60
CA VAL D 97 2.88 -52.49 5.52
C VAL D 97 1.51 -52.98 5.97
N LEU D 98 1.45 -54.22 6.49
CA LEU D 98 0.17 -54.78 6.89
C LEU D 98 -0.50 -53.93 7.96
N SER D 99 0.30 -53.40 8.90
CA SER D 99 -0.25 -52.50 9.90
C SER D 99 -0.82 -51.24 9.27
N ALA D 100 -0.07 -50.63 8.34
CA ALA D 100 -0.56 -49.44 7.67
C ALA D 100 -1.81 -49.74 6.85
N GLU D 101 -1.83 -50.88 6.17
CA GLU D 101 -2.97 -51.21 5.31
C GLU D 101 -4.19 -51.60 6.14
N LEU D 102 -3.99 -52.31 7.25
CA LEU D 102 -5.10 -52.59 8.16
C LEU D 102 -5.70 -51.31 8.70
N LEU D 103 -4.85 -50.33 9.05
CA LEU D 103 -5.36 -49.06 9.57
C LEU D 103 -5.91 -48.19 8.44
N ARG D 104 -5.31 -48.29 7.25
CA ARG D 104 -5.82 -47.53 6.11
C ARG D 104 -7.26 -47.91 5.80
N GLU D 105 -7.54 -49.21 5.74
CA GLU D 105 -8.91 -49.67 5.56
C GLU D 105 -9.80 -49.29 6.73
N ALA D 106 -9.27 -49.33 7.96
CA ALA D 106 -10.07 -48.93 9.11
C ALA D 106 -10.54 -47.49 9.00
N GLU D 107 -9.71 -46.60 8.46
CA GLU D 107 -10.14 -45.22 8.24
C GLU D 107 -11.41 -45.18 7.39
N LYS D 108 -11.44 -45.94 6.29
CA LYS D 108 -12.62 -45.96 5.43
C LYS D 108 -13.80 -46.57 6.16
N LEU D 109 -13.55 -47.61 6.97
CA LEU D 109 -14.64 -48.27 7.69
C LEU D 109 -15.37 -47.32 8.62
N ILE D 110 -14.67 -46.40 9.26
CA ILE D 110 -15.29 -45.43 10.15
C ILE D 110 -15.99 -44.35 9.33
N ASP D 111 -15.25 -43.73 8.41
CA ASP D 111 -15.76 -42.56 7.70
C ASP D 111 -16.88 -42.91 6.73
N GLN D 112 -16.75 -44.03 6.02
CA GLN D 112 -17.72 -44.40 4.99
C GLN D 112 -18.68 -45.51 5.38
N SER D 113 -18.20 -46.55 6.08
CA SER D 113 -19.06 -47.69 6.40
C SER D 113 -19.74 -47.63 7.76
N LYS D 114 -19.57 -46.56 8.53
CA LYS D 114 -20.33 -46.31 9.76
C LYS D 114 -20.02 -47.39 10.82
N ILE D 115 -18.76 -47.78 10.87
CA ILE D 115 -18.30 -48.84 11.77
C ILE D 115 -17.62 -48.19 12.96
N HIS D 116 -18.05 -48.57 14.16
CA HIS D 116 -17.45 -48.05 15.37
C HIS D 116 -16.04 -48.62 15.53
N PRO D 117 -15.06 -47.82 15.99
CA PRO D 117 -13.72 -48.38 16.23
C PRO D 117 -13.72 -49.69 16.99
N GLN D 118 -14.62 -49.85 17.97
CA GLN D 118 -14.67 -51.11 18.72
C GLN D 118 -15.08 -52.26 17.82
N THR D 119 -16.01 -52.02 16.89
CA THR D 119 -16.41 -53.06 15.95
C THR D 119 -15.24 -53.48 15.06
N ILE D 120 -14.44 -52.52 14.62
CA ILE D 120 -13.30 -52.84 13.75
C ILE D 120 -12.31 -53.73 14.49
N ILE D 121 -12.02 -53.41 15.74
CA ILE D 121 -11.02 -54.16 16.50
C ILE D 121 -11.46 -55.62 16.64
N GLU D 122 -12.71 -55.84 17.05
CA GLU D 122 -13.21 -57.20 17.21
C GLU D 122 -13.24 -57.92 15.87
N GLY D 123 -13.62 -57.22 14.80
CA GLY D 123 -13.61 -57.83 13.49
C GLY D 123 -12.22 -58.25 13.06
N TYR D 124 -11.23 -57.38 13.31
CA TYR D 124 -9.85 -57.74 13.01
C TYR D 124 -9.39 -58.94 13.82
N ARG D 125 -9.79 -59.02 15.09
CA ARG D 125 -9.42 -60.18 15.91
C ARG D 125 -9.98 -61.47 15.32
N LEU D 126 -11.24 -61.44 14.90
CA LEU D 126 -11.84 -62.63 14.29
C LEU D 126 -11.12 -62.99 12.99
N ALA D 127 -10.90 -61.99 12.12
CA ALA D 127 -10.18 -62.24 10.88
C ALA D 127 -8.76 -62.71 11.13
N SER D 128 -8.09 -62.18 12.17
CA SER D 128 -6.74 -62.62 12.48
C SER D 128 -6.71 -64.10 12.81
N ALA D 129 -7.67 -64.59 13.59
CA ALA D 129 -7.74 -66.02 13.90
C ALA D 129 -7.88 -66.84 12.63
N ALA D 130 -8.70 -66.37 11.68
CA ALA D 130 -8.84 -67.06 10.41
C ALA D 130 -7.52 -67.08 9.65
N ALA D 131 -6.80 -65.96 9.64
CA ALA D 131 -5.53 -65.89 8.93
C ALA D 131 -4.50 -66.80 9.59
N LEU D 132 -4.43 -66.78 10.92
CA LEU D 132 -3.44 -67.60 11.62
C LEU D 132 -3.75 -69.08 11.45
N ASP D 133 -5.04 -69.44 11.45
CA ASP D 133 -5.41 -70.84 11.20
C ASP D 133 -5.06 -71.23 9.77
N ALA D 134 -5.25 -70.32 8.82
CA ALA D 134 -4.91 -70.61 7.43
C ALA D 134 -3.43 -70.94 7.29
N LEU D 135 -2.57 -70.21 7.99
CA LEU D 135 -1.15 -70.51 7.97
C LEU D 135 -0.86 -71.91 8.48
N THR D 136 -1.55 -72.30 9.57
CA THR D 136 -1.30 -73.61 10.16
C THR D 136 -1.69 -74.74 9.22
N LYS D 137 -2.90 -74.67 8.68
CA LYS D 137 -3.38 -75.72 7.76
C LYS D 137 -2.54 -75.81 6.49
N ALA D 138 -2.01 -74.70 5.99
CA ALA D 138 -1.15 -74.72 4.81
C ALA D 138 0.30 -75.01 5.13
N ALA D 139 0.66 -75.18 6.40
CA ALA D 139 2.06 -75.30 6.81
C ALA D 139 2.48 -76.76 6.67
N VAL D 140 3.60 -76.99 6.00
CA VAL D 140 4.12 -78.33 5.76
C VAL D 140 5.59 -78.37 6.18
N ASP D 141 5.96 -79.40 6.93
CA ASP D 141 7.33 -79.62 7.35
C ASP D 141 7.95 -80.77 6.58
N ASN D 142 9.28 -80.79 6.56
CA ASN D 142 10.03 -81.99 6.20
C ASN D 142 10.95 -82.36 7.37
N SER D 143 10.36 -82.56 8.55
CA SER D 143 11.14 -82.96 9.72
C SER D 143 11.87 -84.27 9.44
N HIS D 144 11.20 -85.19 8.75
CA HIS D 144 11.80 -86.44 8.30
C HIS D 144 12.45 -86.25 6.93
N ASP D 145 13.41 -87.13 6.64
CA ASP D 145 14.22 -87.05 5.42
C ASP D 145 15.13 -85.81 5.44
N LYS D 146 16.22 -85.94 6.19
CA LYS D 146 17.12 -84.81 6.40
C LYS D 146 17.51 -84.14 5.10
N THR D 147 17.55 -84.89 3.99
CA THR D 147 17.84 -84.31 2.69
C THR D 147 16.90 -83.17 2.34
N MET D 148 15.60 -83.34 2.56
CA MET D 148 14.62 -82.30 2.27
C MET D 148 14.70 -81.13 3.23
N PHE D 149 14.94 -81.38 4.52
CA PHE D 149 15.08 -80.29 5.48
C PHE D 149 16.25 -79.39 5.10
N ARG D 150 17.40 -79.98 4.77
CA ARG D 150 18.57 -79.19 4.37
C ARG D 150 18.25 -78.38 3.12
N GLU D 151 17.56 -78.98 2.16
CA GLU D 151 17.13 -78.24 0.97
C GLU D 151 16.21 -77.08 1.34
N ASP D 152 15.27 -77.32 2.26
CA ASP D 152 14.35 -76.26 2.66
C ASP D 152 15.12 -75.07 3.24
N LEU D 153 16.15 -75.34 4.03
CA LEU D 153 16.94 -74.25 4.60
C LEU D 153 17.59 -73.42 3.51
N ILE D 154 18.07 -74.07 2.44
CA ILE D 154 18.67 -73.34 1.33
C ILE D 154 17.64 -72.47 0.64
N HIS D 155 16.44 -73.02 0.40
CA HIS D 155 15.36 -72.23 -0.20
C HIS D 155 14.96 -71.07 0.70
N ILE D 156 14.88 -71.32 2.01
CA ILE D 156 14.60 -70.22 2.96
C ILE D 156 15.70 -69.19 2.89
N ALA D 157 16.96 -69.63 2.88
CA ALA D 157 18.08 -68.70 2.87
C ALA D 157 18.00 -67.75 1.67
N LYS D 158 17.77 -68.30 0.48
CA LYS D 158 17.71 -67.45 -0.72
C LYS D 158 16.59 -66.41 -0.61
N THR D 159 15.47 -66.78 -0.02
CA THR D 159 14.39 -65.82 0.22
C THR D 159 14.75 -64.77 1.26
N THR D 160 15.34 -65.17 2.39
CA THR D 160 15.68 -64.23 3.44
C THR D 160 16.80 -63.29 3.05
N LEU D 161 17.64 -63.68 2.09
CA LEU D 161 18.68 -62.80 1.57
C LEU D 161 18.15 -61.80 0.54
N SER D 162 16.87 -61.89 0.19
CA SER D 162 16.31 -61.03 -0.85
C SER D 162 16.39 -59.57 -0.42
N SER D 163 16.49 -58.68 -1.42
CA SER D 163 16.54 -57.23 -1.25
C SER D 163 17.87 -56.75 -0.68
N LYS D 164 18.72 -57.66 -0.22
CA LYS D 164 20.01 -57.32 0.38
C LYS D 164 21.11 -57.38 -0.68
N ILE D 165 22.24 -56.75 -0.34
CA ILE D 165 23.41 -56.77 -1.22
C ILE D 165 23.81 -58.20 -1.55
N LEU D 166 23.56 -59.14 -0.64
CA LEU D 166 23.93 -60.54 -0.86
C LEU D 166 23.05 -61.22 -1.89
N SER D 167 21.94 -60.59 -2.29
CA SER D 167 21.07 -61.19 -3.31
C SER D 167 21.79 -61.34 -4.65
N GLN D 168 22.88 -60.61 -4.85
CA GLN D 168 23.65 -60.68 -6.09
C GLN D 168 24.29 -62.05 -6.25
N ASP D 169 24.79 -62.61 -5.16
CA ASP D 169 25.51 -63.89 -5.13
C ASP D 169 24.84 -64.91 -4.21
N LYS D 170 23.51 -64.85 -4.11
CA LYS D 170 22.75 -65.65 -3.16
C LYS D 170 23.00 -67.15 -3.31
N ASP D 171 23.37 -67.60 -4.52
CA ASP D 171 23.64 -69.02 -4.73
C ASP D 171 24.78 -69.50 -3.84
N HIS D 172 25.76 -68.64 -3.58
CA HIS D 172 26.86 -69.02 -2.69
C HIS D 172 26.48 -68.79 -1.23
N PHE D 173 25.88 -67.64 -0.93
CA PHE D 173 25.62 -67.28 0.46
C PHE D 173 24.48 -68.09 1.06
N ALA D 174 23.56 -68.58 0.23
CA ALA D 174 22.53 -69.48 0.74
C ALA D 174 23.14 -70.73 1.35
N GLU D 175 24.20 -71.25 0.73
CA GLU D 175 24.85 -72.45 1.24
C GLU D 175 25.76 -72.12 2.41
N LEU D 176 26.43 -70.97 2.37
CA LEU D 176 27.27 -70.54 3.47
C LEU D 176 26.44 -70.33 4.74
N ALA D 177 25.31 -69.62 4.61
CA ALA D 177 24.44 -69.41 5.76
C ALA D 177 23.80 -70.72 6.23
N THR D 178 23.35 -71.54 5.29
CA THR D 178 22.74 -72.82 5.65
C THR D 178 23.73 -73.72 6.38
N ASN D 179 24.96 -73.81 5.85
CA ASN D 179 25.98 -74.65 6.48
C ASN D 179 26.35 -74.12 7.86
N ALA D 180 26.37 -72.79 8.02
CA ALA D 180 26.65 -72.22 9.33
C ALA D 180 25.61 -72.65 10.36
N ILE D 181 24.34 -72.77 9.95
CA ILE D 181 23.30 -73.22 10.86
C ILE D 181 23.32 -74.73 11.01
N LEU D 182 23.44 -75.45 9.89
CA LEU D 182 23.55 -76.91 9.96
C LEU D 182 24.71 -77.34 10.84
N ARG D 183 25.81 -76.59 10.83
CA ARG D 183 26.96 -76.94 11.67
C ARG D 183 26.60 -76.95 13.16
N LEU D 184 25.60 -76.16 13.56
CA LEU D 184 25.32 -75.96 14.99
C LEU D 184 24.98 -77.28 15.66
N LYS D 185 24.14 -78.08 15.01
CA LYS D 185 23.69 -79.36 15.55
C LYS D 185 23.43 -79.22 17.05
N GLY D 186 22.73 -78.17 17.44
CA GLY D 186 22.73 -77.73 18.82
C GLY D 186 21.97 -76.44 19.03
N SER D 187 22.56 -75.52 19.80
CA SER D 187 21.91 -74.28 20.20
C SER D 187 21.58 -73.41 19.00
N THR D 188 20.44 -72.70 19.09
CA THR D 188 20.04 -71.72 18.09
C THR D 188 20.69 -70.35 18.28
N ASN D 189 21.45 -70.17 19.36
CA ASN D 189 22.02 -68.86 19.67
C ASN D 189 23.06 -68.47 18.62
N LEU D 190 22.80 -67.36 17.92
CA LEU D 190 23.68 -66.87 16.88
C LEU D 190 25.04 -66.45 17.40
N GLU D 191 25.20 -66.27 18.71
CA GLU D 191 26.50 -65.91 19.28
C GLU D 191 27.55 -66.98 19.01
N HIS D 192 27.16 -68.17 18.56
CA HIS D 192 28.12 -69.20 18.19
C HIS D 192 28.69 -68.98 16.79
N ILE D 193 28.10 -68.10 16.00
CA ILE D 193 28.50 -67.87 14.62
C ILE D 193 29.10 -66.48 14.53
N GLN D 194 30.31 -66.40 13.98
CA GLN D 194 31.05 -65.15 13.85
C GLN D 194 31.10 -64.74 12.39
N ILE D 195 31.06 -63.43 12.14
CA ILE D 195 31.28 -62.87 10.82
C ILE D 195 32.48 -61.95 10.87
N ILE D 196 33.43 -62.14 9.94
CA ILE D 196 34.61 -61.30 9.83
C ILE D 196 34.54 -60.55 8.50
N LYS D 197 34.78 -59.25 8.56
CA LYS D 197 34.71 -58.38 7.40
C LYS D 197 36.11 -58.00 6.93
N ILE D 198 36.50 -58.54 5.77
CA ILE D 198 37.82 -58.30 5.20
C ILE D 198 37.66 -57.58 3.87
N LEU D 199 38.45 -56.53 3.66
CA LEU D 199 38.52 -55.86 2.37
C LEU D 199 39.42 -56.61 1.40
N GLY D 200 39.04 -56.60 0.13
CA GLY D 200 39.77 -57.31 -0.90
C GLY D 200 39.07 -58.54 -1.41
N GLY D 201 38.88 -58.64 -2.72
CA GLY D 201 38.13 -59.72 -3.31
C GLY D 201 36.65 -59.42 -3.51
N LYS D 202 35.90 -60.42 -3.97
CA LYS D 202 34.48 -60.22 -4.23
C LYS D 202 33.64 -61.00 -3.22
N LEU D 203 32.38 -60.58 -3.09
CA LEU D 203 31.48 -61.25 -2.15
C LEU D 203 31.35 -62.73 -2.46
N SER D 204 31.43 -63.12 -3.74
CA SER D 204 31.37 -64.53 -4.10
C SER D 204 32.53 -65.33 -3.50
N ASP D 205 33.56 -64.66 -3.00
CA ASP D 205 34.74 -65.34 -2.47
C ASP D 205 34.64 -65.60 -0.97
N SER D 206 33.49 -65.33 -0.36
CA SER D 206 33.31 -65.59 1.06
C SER D 206 33.46 -67.09 1.36
N PHE D 207 34.04 -67.38 2.52
CA PHE D 207 34.26 -68.75 2.93
C PHE D 207 33.58 -68.99 4.28
N LEU D 208 33.26 -70.25 4.53
CA LEU D 208 32.83 -70.72 5.84
C LEU D 208 33.98 -71.51 6.46
N ASP D 209 34.39 -71.14 7.67
CA ASP D 209 35.49 -71.79 8.35
C ASP D 209 35.06 -72.12 9.77
N GLU D 210 35.02 -73.41 10.09
CA GLU D 210 34.50 -73.87 11.36
C GLU D 210 35.51 -73.72 12.50
N GLY D 211 36.70 -73.16 12.21
CA GLY D 211 37.76 -73.04 13.18
C GLY D 211 37.72 -71.83 14.09
N PHE D 212 36.61 -71.10 14.14
CA PHE D 212 36.47 -69.92 15.00
C PHE D 212 37.71 -69.02 14.90
N ILE D 213 37.70 -68.16 13.88
CA ILE D 213 38.86 -67.33 13.54
C ILE D 213 38.86 -66.07 14.40
N LEU D 214 40.01 -65.76 15.00
CA LEU D 214 40.15 -64.61 15.88
C LEU D 214 40.88 -63.49 15.13
N ALA D 215 40.43 -62.26 15.32
CA ALA D 215 40.96 -61.10 14.59
C ALA D 215 42.29 -60.60 15.15
N LYS D 216 42.79 -61.15 16.25
CA LYS D 216 44.03 -60.69 16.85
C LYS D 216 44.94 -61.89 17.12
N LYS D 217 46.23 -61.68 16.93
CA LYS D 217 47.25 -62.69 17.21
C LYS D 217 47.87 -62.46 18.59
N PHE D 218 48.72 -63.40 19.00
CA PHE D 218 49.35 -63.37 20.31
C PHE D 218 50.85 -63.17 20.19
N GLY D 219 51.43 -62.62 21.25
CA GLY D 219 52.87 -62.53 21.40
C GLY D 219 53.56 -61.43 20.62
N ASN D 220 54.63 -60.87 21.20
CA ASN D 220 55.60 -60.12 20.41
C ASN D 220 56.58 -61.06 19.72
N ASN D 221 57.21 -61.95 20.50
CA ASN D 221 58.19 -62.87 19.94
C ASN D 221 57.97 -64.25 20.55
N GLN D 222 56.87 -64.90 20.17
CA GLN D 222 56.40 -66.14 20.76
C GLN D 222 56.06 -67.11 19.64
N PRO D 223 56.03 -68.41 19.93
CA PRO D 223 55.83 -69.39 18.86
C PRO D 223 54.52 -69.13 18.12
N LYS D 224 54.49 -69.52 16.85
CA LYS D 224 53.33 -69.32 15.98
C LYS D 224 52.25 -70.38 16.18
N ARG D 225 52.50 -71.42 16.97
CA ARG D 225 51.52 -72.48 17.17
C ARG D 225 51.56 -72.91 18.63
N ILE D 226 50.39 -73.01 19.25
CA ILE D 226 50.25 -73.49 20.62
C ILE D 226 49.58 -74.86 20.57
N GLU D 227 50.23 -75.86 21.15
CA GLU D 227 49.68 -77.21 21.26
C GLU D 227 49.11 -77.41 22.66
N ASN D 228 47.97 -78.11 22.72
CA ASN D 228 47.30 -78.41 23.99
C ASN D 228 47.05 -77.13 24.79
N ALA D 229 46.55 -76.11 24.10
CA ALA D 229 46.36 -74.81 24.73
C ALA D 229 45.41 -74.90 25.91
N LYS D 230 45.75 -74.20 27.00
CA LYS D 230 44.90 -74.07 28.17
C LYS D 230 44.60 -72.58 28.34
N ILE D 231 43.32 -72.21 28.22
CA ILE D 231 42.93 -70.82 28.02
C ILE D 231 42.41 -70.24 29.31
N LEU D 232 43.06 -69.17 29.78
CA LEU D 232 42.63 -68.42 30.95
C LEU D 232 42.39 -66.98 30.54
N ILE D 233 41.14 -66.53 30.62
CA ILE D 233 40.76 -65.20 30.15
C ILE D 233 40.90 -64.24 31.32
N ALA D 234 41.23 -62.99 31.03
CA ALA D 234 41.44 -61.99 32.06
C ALA D 234 40.71 -60.70 31.72
N ASN D 235 40.33 -59.96 32.77
CA ASN D 235 39.90 -58.56 32.64
C ASN D 235 40.49 -57.83 33.85
N THR D 236 41.78 -57.53 33.80
CA THR D 236 42.52 -57.07 34.97
C THR D 236 43.63 -56.12 34.54
N THR D 237 44.03 -55.25 35.46
CA THR D 237 45.13 -54.33 35.21
C THR D 237 46.44 -54.97 35.65
N LEU D 238 47.39 -55.11 34.72
CA LEU D 238 48.69 -55.70 35.03
C LEU D 238 49.81 -54.66 34.95
N ASP D 239 49.47 -53.41 34.66
CA ASP D 239 50.47 -52.41 34.34
C ASP D 239 50.85 -51.67 35.62
N THR D 240 52.13 -51.76 35.99
CA THR D 240 52.66 -51.11 37.20
C THR D 240 51.72 -51.34 38.38
N ASP D 241 51.29 -52.60 38.52
CA ASP D 241 50.42 -52.98 39.64
C ASP D 241 51.21 -53.07 40.93
N LYS D 242 50.92 -52.14 41.83
CA LYS D 242 51.62 -52.02 43.10
C LYS D 242 50.85 -52.83 44.14
N VAL D 243 51.33 -54.06 44.38
CA VAL D 243 50.57 -55.02 45.15
C VAL D 243 50.87 -54.87 46.65
N LYS D 244 49.85 -54.42 47.40
CA LYS D 244 49.94 -54.27 48.85
C LYS D 244 51.14 -53.43 49.26
N ILE D 245 51.43 -52.40 48.45
CA ILE D 245 52.46 -51.41 48.76
C ILE D 245 51.91 -50.07 48.30
N PHE D 246 50.59 -49.96 48.26
CA PHE D 246 49.89 -48.76 47.80
C PHE D 246 50.27 -47.54 48.62
N GLY D 247 50.50 -46.43 47.93
CA GLY D 247 50.89 -45.18 48.58
C GLY D 247 52.37 -44.89 48.55
N THR D 248 53.21 -45.77 48.01
CA THR D 248 54.64 -45.51 47.85
C THR D 248 54.90 -44.85 46.51
N LYS D 249 55.51 -43.66 46.57
CA LYS D 249 55.79 -42.87 45.38
C LYS D 249 57.30 -42.80 45.14
N PHE D 250 57.66 -42.49 43.90
CA PHE D 250 59.06 -42.46 43.47
C PHE D 250 59.50 -41.00 43.33
N LYS D 251 60.32 -40.55 44.28
CA LYS D 251 60.85 -39.19 44.25
C LYS D 251 62.36 -39.26 44.47
N VAL D 252 63.13 -38.92 43.43
CA VAL D 252 64.57 -39.08 43.45
C VAL D 252 65.22 -37.82 42.87
N ASP D 253 66.55 -37.78 42.98
CA ASP D 253 67.34 -36.69 42.41
C ASP D 253 68.24 -37.17 41.27
N SER D 254 67.92 -38.31 40.65
CA SER D 254 68.66 -38.79 39.50
C SER D 254 67.79 -39.77 38.74
N THR D 255 68.07 -39.91 37.43
CA THR D 255 67.36 -40.90 36.63
C THR D 255 67.71 -42.31 37.08
N ALA D 256 68.97 -42.56 37.42
CA ALA D 256 69.40 -43.90 37.81
C ALA D 256 68.61 -44.39 39.02
N LYS D 257 68.40 -43.53 40.01
CA LYS D 257 67.62 -43.92 41.18
C LYS D 257 66.18 -44.24 40.82
N LEU D 258 65.59 -43.47 39.89
CA LEU D 258 64.23 -43.74 39.45
C LEU D 258 64.12 -45.13 38.83
N ALA D 259 65.05 -45.48 37.95
CA ALA D 259 65.05 -46.81 37.34
C ALA D 259 65.17 -47.90 38.40
N GLN D 260 65.99 -47.66 39.44
CA GLN D 260 66.10 -48.63 40.52
C GLN D 260 64.78 -48.80 41.25
N LEU D 261 64.03 -47.70 41.41
CA LEU D 261 62.72 -47.79 42.06
C LEU D 261 61.70 -48.49 41.17
N GLU D 262 61.76 -48.25 39.86
CA GLU D 262 60.83 -48.91 38.96
C GLU D 262 60.93 -50.44 39.07
N LYS D 263 62.13 -50.95 39.37
CA LYS D 263 62.28 -52.37 39.62
C LYS D 263 61.26 -52.85 40.65
N ALA D 264 60.94 -52.02 41.65
CA ALA D 264 60.01 -52.43 42.69
C ALA D 264 58.66 -52.78 42.09
N GLU D 265 58.20 -52.00 41.11
CA GLU D 265 56.95 -52.32 40.43
C GLU D 265 57.06 -53.64 39.69
N ARG D 266 58.22 -53.91 39.09
CA ARG D 266 58.44 -55.20 38.43
C ARG D 266 58.35 -56.35 39.42
N GLU D 267 58.90 -56.19 40.62
CA GLU D 267 58.86 -57.25 41.62
C GLU D 267 57.41 -57.55 42.03
N LYS D 268 56.60 -56.51 42.19
CA LYS D 268 55.20 -56.72 42.55
C LYS D 268 54.41 -57.31 41.40
N MET D 269 54.66 -56.85 40.17
CA MET D 269 54.01 -57.44 39.01
C MET D 269 54.45 -58.88 38.80
N LYS D 270 55.74 -59.16 39.02
CA LYS D 270 56.23 -60.52 38.89
C LYS D 270 55.45 -61.48 39.80
N ASN D 271 55.18 -61.06 41.04
CA ASN D 271 54.39 -61.90 41.94
C ASN D 271 52.98 -62.12 41.38
N LYS D 272 52.36 -61.06 40.85
CA LYS D 272 51.01 -61.19 40.32
C LYS D 272 51.00 -62.10 39.10
N ILE D 273 51.98 -61.92 38.20
CA ILE D 273 52.05 -62.76 37.01
C ILE D 273 52.36 -64.20 37.39
N ALA D 274 53.23 -64.41 38.38
CA ALA D 274 53.49 -65.75 38.87
C ALA D 274 52.22 -66.42 39.38
N LYS D 275 51.39 -65.67 40.10
CA LYS D 275 50.12 -66.22 40.57
C LYS D 275 49.22 -66.63 39.41
N ILE D 276 49.27 -65.89 38.31
CA ILE D 276 48.55 -66.29 37.11
C ILE D 276 49.12 -67.58 36.55
N SER D 277 50.45 -67.71 36.51
CA SER D 277 51.08 -68.92 36.00
C SER D 277 50.77 -70.13 36.88
N LYS D 278 50.44 -69.90 38.15
CA LYS D 278 50.11 -71.01 39.04
C LYS D 278 48.85 -71.74 38.59
N PHE D 279 48.06 -71.14 37.70
CA PHE D 279 46.86 -71.79 37.18
C PHE D 279 47.19 -72.98 36.28
N GLY D 280 48.40 -73.02 35.72
CA GLY D 280 48.74 -74.06 34.78
C GLY D 280 48.22 -73.82 33.39
N ILE D 281 48.57 -72.68 32.81
CA ILE D 281 47.97 -72.21 31.57
C ILE D 281 49.04 -72.10 30.49
N ASN D 282 48.58 -72.11 29.24
CA ASN D 282 49.44 -71.84 28.10
C ASN D 282 49.09 -70.53 27.40
N THR D 283 47.84 -70.09 27.47
CA THR D 283 47.40 -68.88 26.78
C THR D 283 46.70 -67.98 27.78
N PHE D 284 47.03 -66.69 27.74
CA PHE D 284 46.48 -65.70 28.65
C PHE D 284 45.91 -64.55 27.82
N ILE D 285 44.63 -64.25 28.01
CA ILE D 285 43.93 -63.22 27.26
C ILE D 285 43.44 -62.17 28.24
N ASN D 286 43.80 -60.91 27.98
CA ASN D 286 43.39 -59.78 28.82
C ASN D 286 42.58 -58.82 27.98
N ARG D 287 41.37 -58.50 28.46
CA ARG D 287 40.57 -57.44 27.84
C ARG D 287 41.32 -56.11 27.84
N GLN D 288 42.17 -55.90 28.84
CA GLN D 288 42.93 -54.67 28.94
C GLN D 288 44.28 -54.81 28.23
N LEU D 289 44.99 -53.70 28.11
CA LEU D 289 46.28 -53.68 27.47
C LEU D 289 47.33 -54.30 28.41
N ILE D 290 48.38 -54.88 27.83
CA ILE D 290 49.47 -55.44 28.63
C ILE D 290 50.78 -54.72 28.32
N TYR D 291 51.31 -54.01 29.32
CA TYR D 291 52.52 -53.22 29.13
C TYR D 291 53.73 -54.14 29.02
N ASP D 292 54.87 -53.54 28.65
CA ASP D 292 56.07 -54.32 28.35
C ASP D 292 56.49 -55.21 29.52
N TYR D 293 56.43 -54.68 30.75
CA TYR D 293 56.77 -55.51 31.91
C TYR D 293 55.94 -56.77 32.00
N PRO D 294 54.61 -56.72 32.20
CA PRO D 294 53.85 -57.98 32.24
C PRO D 294 53.93 -58.78 30.94
N GLU D 295 54.17 -58.12 29.81
CA GLU D 295 54.33 -58.85 28.56
C GLU D 295 55.57 -59.73 28.59
N GLN D 296 56.71 -59.17 29.03
CA GLN D 296 57.92 -59.97 29.15
C GLN D 296 57.79 -61.03 30.23
N LEU D 297 57.10 -60.69 31.33
CA LEU D 297 56.92 -61.66 32.41
C LEU D 297 56.12 -62.86 31.94
N PHE D 298 55.09 -62.63 31.11
CA PHE D 298 54.38 -63.75 30.51
C PHE D 298 55.29 -64.55 29.59
N THR D 299 56.07 -63.86 28.75
CA THR D 299 56.94 -64.56 27.82
C THR D 299 57.95 -65.44 28.54
N ASP D 300 58.62 -64.90 29.56
CA ASP D 300 59.60 -65.64 30.34
C ASP D 300 59.03 -66.89 30.98
N LEU D 301 57.74 -66.87 31.36
CA LEU D 301 57.12 -68.03 31.97
C LEU D 301 56.47 -68.96 30.96
N GLY D 302 56.58 -68.66 29.66
CA GLY D 302 56.02 -69.47 28.62
C GLY D 302 54.54 -69.26 28.37
N ILE D 303 54.00 -68.12 28.81
CA ILE D 303 52.57 -67.86 28.66
C ILE D 303 52.35 -66.98 27.44
N ASN D 304 51.48 -67.41 26.54
CA ASN D 304 51.22 -66.66 25.32
C ASN D 304 50.22 -65.54 25.58
N SER D 305 50.60 -64.33 25.17
CA SER D 305 49.96 -63.11 25.64
C SER D 305 49.05 -62.55 24.54
N ILE D 306 47.78 -62.35 24.87
CA ILE D 306 46.86 -61.61 24.02
C ILE D 306 46.33 -60.41 24.80
N GLU D 307 46.40 -59.23 24.20
CA GLU D 307 45.90 -58.01 24.84
C GLU D 307 44.74 -57.43 24.05
N HIS D 308 43.97 -56.58 24.72
CA HIS D 308 42.88 -55.81 24.09
C HIS D 308 41.84 -56.74 23.48
N ALA D 309 41.49 -57.78 24.22
CA ALA D 309 40.42 -58.69 23.84
C ALA D 309 39.09 -58.15 24.35
N ASP D 310 38.38 -57.44 23.47
CA ASP D 310 37.25 -56.61 23.87
C ASP D 310 36.08 -57.49 24.32
N PHE D 311 34.98 -56.82 24.69
CA PHE D 311 33.85 -57.51 25.31
C PHE D 311 33.35 -58.64 24.43
N GLU D 312 33.08 -58.34 23.15
CA GLU D 312 32.57 -59.36 22.24
C GLU D 312 33.54 -60.53 22.15
N GLY D 313 34.84 -60.25 22.06
CA GLY D 313 35.83 -61.32 22.04
C GLY D 313 35.75 -62.23 23.24
N VAL D 314 35.71 -61.66 24.45
CA VAL D 314 35.66 -62.46 25.66
C VAL D 314 34.41 -63.33 25.67
N GLU D 315 33.25 -62.76 25.31
CA GLU D 315 32.02 -63.53 25.33
C GLU D 315 32.05 -64.66 24.32
N ARG D 316 32.63 -64.42 23.14
CA ARG D 316 32.75 -65.48 22.14
C ARG D 316 33.70 -66.57 22.63
N LEU D 317 34.79 -66.18 23.29
CA LEU D 317 35.72 -67.18 23.83
C LEU D 317 35.02 -68.07 24.86
N ALA D 318 34.16 -67.48 25.70
CA ALA D 318 33.39 -68.27 26.66
C ALA D 318 32.54 -69.34 25.99
N LEU D 319 32.02 -69.08 24.79
CA LEU D 319 31.20 -70.04 24.07
C LEU D 319 32.01 -71.02 23.25
N VAL D 320 33.34 -70.88 23.22
CA VAL D 320 34.17 -71.73 22.37
C VAL D 320 35.19 -72.48 23.20
N THR D 321 35.99 -71.74 23.99
CA THR D 321 37.02 -72.35 24.82
C THR D 321 36.49 -72.76 26.19
N GLY D 322 35.44 -72.11 26.69
CA GLY D 322 34.85 -72.50 27.95
C GLY D 322 35.52 -71.93 29.16
N GLY D 323 36.35 -70.89 29.00
CA GLY D 323 37.04 -70.28 30.11
C GLY D 323 36.20 -69.22 30.80
N GLU D 324 36.76 -68.66 31.87
CA GLU D 324 36.12 -67.65 32.68
C GLU D 324 36.92 -66.35 32.60
N VAL D 325 36.20 -65.23 32.61
CA VAL D 325 36.83 -63.93 32.40
C VAL D 325 37.79 -63.62 33.53
N VAL D 326 37.53 -64.19 34.71
CA VAL D 326 38.37 -64.04 35.90
C VAL D 326 38.99 -62.64 35.91
N SER D 327 38.28 -61.70 36.55
CA SER D 327 38.82 -60.35 36.71
C SER D 327 39.84 -60.27 37.84
N THR D 328 39.92 -61.28 38.70
CA THR D 328 40.80 -61.27 39.87
C THR D 328 41.59 -62.57 39.90
N PHE D 329 42.92 -62.46 40.07
CA PHE D 329 43.84 -63.58 40.05
C PHE D 329 44.63 -63.71 41.35
N ASP D 330 43.97 -63.48 42.49
CA ASP D 330 44.57 -63.62 43.80
C ASP D 330 44.55 -65.04 44.34
N GLU D 331 43.87 -65.97 43.69
CA GLU D 331 43.86 -67.38 44.13
C GLU D 331 43.87 -68.31 42.93
N PRO D 332 44.68 -69.37 42.96
CA PRO D 332 44.80 -70.27 41.81
C PRO D 332 43.55 -71.09 41.53
N SER D 333 42.59 -71.13 42.44
CA SER D 333 41.36 -71.91 42.24
C SER D 333 40.20 -70.97 41.98
N LYS D 334 38.99 -71.52 42.04
CA LYS D 334 37.73 -70.80 41.84
C LYS D 334 37.66 -70.16 40.46
N CYS D 335 38.25 -70.78 39.44
CA CYS D 335 38.23 -70.28 38.07
C CYS D 335 37.96 -71.45 37.14
N LYS D 336 37.18 -71.21 36.09
CA LYS D 336 37.05 -72.17 35.00
C LYS D 336 38.09 -71.90 33.92
N LEU D 337 38.82 -72.93 33.52
CA LEU D 337 39.82 -72.81 32.45
C LEU D 337 39.33 -73.50 31.19
N GLY D 338 39.53 -72.82 30.04
CA GLY D 338 39.20 -73.41 28.76
C GLY D 338 40.35 -74.21 28.18
N GLU D 339 40.10 -74.82 27.02
CA GLU D 339 41.11 -75.62 26.36
C GLU D 339 40.76 -75.77 24.89
N CYS D 340 41.78 -76.04 24.08
CA CYS D 340 41.60 -76.52 22.73
C CYS D 340 42.90 -77.20 22.30
N ASP D 341 42.83 -77.89 21.15
CA ASP D 341 43.97 -78.68 20.69
C ASP D 341 45.07 -77.82 20.08
N VAL D 342 44.70 -76.88 19.20
CA VAL D 342 45.67 -76.08 18.48
C VAL D 342 45.22 -74.63 18.45
N ILE D 343 46.16 -73.72 18.66
CA ILE D 343 46.01 -72.31 18.28
C ILE D 343 47.14 -71.95 17.31
N GLU D 344 46.78 -71.65 16.07
CA GLU D 344 47.77 -71.41 15.04
C GLU D 344 47.57 -70.05 14.39
N GLU D 345 48.67 -69.34 14.15
CA GLU D 345 48.65 -68.06 13.45
C GLU D 345 48.39 -68.33 11.97
N ILE D 346 47.33 -67.75 11.44
CA ILE D 346 46.90 -67.99 10.07
C ILE D 346 46.62 -66.66 9.38
N MET D 347 46.94 -66.61 8.08
CA MET D 347 46.70 -65.44 7.25
C MET D 347 45.47 -65.72 6.38
N LEU D 348 44.48 -64.83 6.48
CA LEU D 348 43.31 -64.86 5.60
C LEU D 348 43.28 -63.57 4.80
N GLY D 349 43.58 -63.66 3.51
CA GLY D 349 43.61 -62.50 2.65
C GLY D 349 44.74 -61.54 2.97
N GLU D 350 45.88 -62.08 3.41
CA GLU D 350 47.04 -61.29 3.82
C GLU D 350 46.70 -60.41 5.03
N GLN D 351 45.88 -60.95 5.94
CA GLN D 351 45.56 -60.34 7.22
C GLN D 351 45.71 -61.39 8.31
N PRO D 352 46.36 -61.05 9.43
CA PRO D 352 46.64 -62.07 10.46
C PRO D 352 45.38 -62.43 11.23
N PHE D 353 45.26 -63.72 11.58
CA PHE D 353 44.25 -64.23 12.49
C PHE D 353 44.85 -65.37 13.30
N LEU D 354 44.06 -65.88 14.24
CA LEU D 354 44.35 -67.15 14.88
C LEU D 354 43.27 -68.15 14.46
N LYS D 355 43.66 -69.42 14.33
CA LYS D 355 42.72 -70.49 14.00
C LYS D 355 42.69 -71.47 15.17
N PHE D 356 41.48 -71.79 15.63
CA PHE D 356 41.34 -72.77 16.70
C PHE D 356 41.02 -74.15 16.13
N SER D 357 41.42 -75.18 16.86
CA SER D 357 40.94 -76.53 16.59
C SER D 357 40.79 -77.28 17.90
N GLY D 358 39.77 -78.13 17.98
CA GLY D 358 39.56 -78.97 19.15
C GLY D 358 38.98 -78.24 20.35
N CYS D 359 38.20 -77.21 20.09
CA CYS D 359 37.60 -76.42 21.16
C CYS D 359 36.53 -77.24 21.88
N LYS D 360 36.00 -76.68 22.97
CA LYS D 360 35.15 -77.46 23.85
C LYS D 360 33.73 -77.53 23.30
N ALA D 361 33.24 -78.74 23.04
CA ALA D 361 31.93 -79.00 22.47
C ALA D 361 31.59 -78.05 21.32
N GLY D 362 32.47 -77.97 20.33
CA GLY D 362 32.38 -76.89 19.36
C GLY D 362 31.09 -76.90 18.57
N GLU D 363 30.30 -75.83 18.71
CA GLU D 363 29.18 -75.55 17.82
C GLU D 363 29.44 -74.31 16.98
N ALA D 364 30.64 -73.75 17.10
CA ALA D 364 30.93 -72.44 16.56
C ALA D 364 31.41 -72.56 15.11
N CYS D 365 31.27 -71.48 14.35
CA CYS D 365 31.89 -71.34 13.04
C CYS D 365 32.04 -69.86 12.72
N THR D 366 32.85 -69.59 11.69
CA THR D 366 33.08 -68.22 11.22
C THR D 366 32.75 -68.14 9.74
N ILE D 367 32.03 -67.09 9.35
CA ILE D 367 31.83 -66.73 7.95
C ILE D 367 32.73 -65.54 7.63
N VAL D 368 33.58 -65.71 6.62
CA VAL D 368 34.60 -64.73 6.28
C VAL D 368 34.14 -64.01 5.01
N LEU D 369 33.92 -62.70 5.12
CA LEU D 369 33.44 -61.90 4.00
C LEU D 369 34.63 -61.25 3.29
N ARG D 370 34.52 -61.14 1.97
CA ARG D 370 35.53 -60.50 1.13
C ARG D 370 34.84 -59.44 0.29
N GLY D 371 35.09 -58.18 0.60
CA GLY D 371 34.38 -57.09 -0.06
C GLY D 371 35.28 -56.00 -0.60
N ALA D 372 34.71 -55.14 -1.46
CA ALA D 372 35.48 -54.03 -2.00
C ALA D 372 35.43 -52.80 -1.11
N THR D 373 34.30 -52.59 -0.42
CA THR D 373 34.08 -51.37 0.35
C THR D 373 33.55 -51.74 1.73
N ASP D 374 33.76 -50.83 2.68
CA ASP D 374 33.19 -51.00 4.01
C ASP D 374 31.66 -51.06 3.98
N GLN D 375 31.03 -50.22 3.16
CA GLN D 375 29.57 -50.21 3.09
C GLN D 375 29.04 -51.54 2.56
N THR D 376 29.73 -52.12 1.56
CA THR D 376 29.34 -53.43 1.05
C THR D 376 29.42 -54.48 2.15
N LEU D 377 30.51 -54.48 2.92
CA LEU D 377 30.70 -55.50 3.95
C LEU D 377 29.73 -55.31 5.10
N ASP D 378 29.45 -54.06 5.47
CA ASP D 378 28.50 -53.79 6.55
C ASP D 378 27.11 -54.31 6.20
N GLU D 379 26.68 -54.11 4.95
CA GLU D 379 25.40 -54.67 4.52
C GLU D 379 25.45 -56.19 4.45
N ALA D 380 26.59 -56.75 4.00
CA ALA D 380 26.73 -58.20 3.97
C ALA D 380 26.65 -58.80 5.36
N GLU D 381 27.26 -58.14 6.36
CA GLU D 381 27.26 -58.66 7.72
C GLU D 381 25.84 -58.70 8.29
N ARG D 382 25.13 -57.58 8.20
CA ARG D 382 23.75 -57.53 8.68
C ARG D 382 22.86 -58.51 7.94
N SER D 383 23.03 -58.62 6.62
CA SER D 383 22.19 -59.54 5.84
C SER D 383 22.37 -60.97 6.32
N LEU D 384 23.60 -61.39 6.58
CA LEU D 384 23.84 -62.72 7.14
C LEU D 384 23.16 -62.88 8.49
N HIS D 385 23.28 -61.87 9.35
CA HIS D 385 22.65 -61.94 10.67
C HIS D 385 21.16 -62.19 10.56
N ASP D 386 20.46 -61.43 9.71
CA ASP D 386 19.03 -61.62 9.53
C ASP D 386 18.69 -63.00 9.01
N ALA D 387 19.37 -63.46 7.95
CA ALA D 387 19.12 -64.78 7.40
C ALA D 387 19.44 -65.90 8.39
N LEU D 388 20.55 -65.76 9.12
CA LEU D 388 20.93 -66.80 10.08
C LEU D 388 19.91 -66.93 11.20
N SER D 389 19.29 -65.81 11.59
CA SER D 389 18.28 -65.86 12.63
C SER D 389 17.07 -66.70 12.19
N VAL D 390 16.55 -66.43 11.00
CA VAL D 390 15.41 -67.18 10.51
C VAL D 390 15.79 -68.65 10.29
N LEU D 391 16.97 -68.88 9.70
CA LEU D 391 17.43 -70.25 9.49
C LEU D 391 17.65 -70.97 10.81
N SER D 392 18.20 -70.27 11.81
CA SER D 392 18.36 -70.87 13.13
C SER D 392 17.03 -71.23 13.75
N GLN D 393 16.08 -70.29 13.75
CA GLN D 393 14.75 -70.56 14.31
C GLN D 393 14.06 -71.71 13.60
N THR D 394 14.29 -71.87 12.29
CA THR D 394 13.70 -72.98 11.56
C THR D 394 14.05 -74.33 12.16
N THR D 395 15.20 -74.45 12.83
CA THR D 395 15.63 -75.74 13.37
C THR D 395 14.80 -76.16 14.58
N LYS D 396 13.99 -75.26 15.13
CA LYS D 396 13.02 -75.61 16.15
C LYS D 396 11.59 -75.62 15.63
N GLU D 397 11.27 -74.74 14.69
CA GLU D 397 9.98 -74.79 13.99
C GLU D 397 10.20 -75.12 12.52
N THR D 398 10.03 -76.40 12.16
CA THR D 398 10.41 -76.90 10.86
C THR D 398 9.33 -76.76 9.80
N ARG D 399 8.16 -76.20 10.15
CA ARG D 399 7.10 -76.03 9.16
C ARG D 399 7.35 -74.78 8.33
N THR D 400 7.00 -74.85 7.05
CA THR D 400 7.08 -73.70 6.16
C THR D 400 5.77 -73.54 5.41
N VAL D 401 5.58 -72.35 4.82
CA VAL D 401 4.50 -72.10 3.89
C VAL D 401 5.09 -71.52 2.60
N LEU D 402 4.27 -71.51 1.56
CA LEU D 402 4.69 -70.99 0.26
C LEU D 402 4.63 -69.48 0.26
N GLY D 403 5.65 -68.84 -0.30
CA GLY D 403 5.74 -67.41 -0.41
C GLY D 403 5.20 -66.88 -1.72
N GLY D 404 5.76 -65.76 -2.16
CA GLY D 404 5.37 -65.17 -3.43
C GLY D 404 3.94 -64.64 -3.45
N GLY D 405 3.37 -64.36 -2.28
CA GLY D 405 1.96 -64.00 -2.20
C GLY D 405 1.02 -65.17 -2.00
N CYS D 406 1.50 -66.40 -2.11
CA CYS D 406 0.67 -67.58 -1.94
C CYS D 406 0.05 -67.65 -0.55
N ALA D 407 0.88 -67.60 0.49
CA ALA D 407 0.37 -67.64 1.86
C ALA D 407 -0.62 -66.51 2.10
N GLU D 408 -0.35 -65.33 1.54
CA GLU D 408 -1.23 -64.18 1.74
C GLU D 408 -2.59 -64.41 1.09
N MET D 409 -2.60 -64.98 -0.11
CA MET D 409 -3.86 -65.33 -0.75
C MET D 409 -4.60 -66.43 0.02
N VAL D 410 -3.87 -67.42 0.54
CA VAL D 410 -4.51 -68.46 1.31
C VAL D 410 -5.11 -67.90 2.58
N MET D 411 -4.39 -66.98 3.26
CA MET D 411 -4.94 -66.34 4.44
C MET D 411 -6.17 -65.51 4.11
N SER D 412 -6.10 -64.68 3.07
CA SER D 412 -7.24 -63.84 2.70
C SER D 412 -8.41 -64.70 2.23
N LYS D 413 -8.12 -65.87 1.65
CA LYS D 413 -9.18 -66.80 1.31
C LYS D 413 -9.94 -67.26 2.55
N ALA D 414 -9.21 -67.64 3.60
CA ALA D 414 -9.85 -68.05 4.85
C ALA D 414 -10.63 -66.89 5.46
N VAL D 415 -10.07 -65.69 5.40
CA VAL D 415 -10.73 -64.53 6.01
C VAL D 415 -12.01 -64.20 5.25
N ASP D 416 -11.95 -64.22 3.91
CA ASP D 416 -13.17 -64.05 3.12
C ASP D 416 -14.20 -65.13 3.42
N THR D 417 -13.74 -66.37 3.66
CA THR D 417 -14.64 -67.43 4.07
C THR D 417 -15.27 -67.12 5.42
N GLU D 418 -14.46 -66.65 6.38
CA GLU D 418 -15.00 -66.27 7.69
C GLU D 418 -16.12 -65.26 7.56
N ALA D 419 -16.01 -64.32 6.61
CA ALA D 419 -17.05 -63.31 6.41
C ALA D 419 -18.35 -63.89 5.90
N GLN D 420 -18.37 -65.16 5.49
CA GLN D 420 -19.61 -65.80 5.08
C GLN D 420 -20.51 -66.11 6.27
N ASN D 421 -19.94 -66.25 7.46
CA ASN D 421 -20.68 -66.62 8.66
C ASN D 421 -20.29 -65.63 9.75
N ILE D 422 -20.91 -64.45 9.71
CA ILE D 422 -20.47 -63.32 10.52
C ILE D 422 -21.69 -62.43 10.77
N ASP D 423 -21.71 -61.76 11.92
CA ASP D 423 -22.76 -60.79 12.19
C ASP D 423 -22.63 -59.57 11.29
N GLY D 424 -23.68 -58.77 11.19
CA GLY D 424 -23.70 -57.65 10.28
C GLY D 424 -22.59 -56.63 10.46
N LYS D 425 -22.52 -56.00 11.63
CA LYS D 425 -21.61 -54.88 11.81
C LYS D 425 -20.16 -55.31 11.60
N LYS D 426 -19.81 -56.54 11.97
CA LYS D 426 -18.42 -56.95 11.92
C LYS D 426 -18.05 -57.48 10.54
N SER D 427 -19.04 -57.66 9.67
CA SER D 427 -18.78 -58.29 8.37
C SER D 427 -17.77 -57.50 7.56
N LEU D 428 -17.97 -56.18 7.44
CA LEU D 428 -17.08 -55.38 6.61
C LEU D 428 -15.67 -55.33 7.19
N ALA D 429 -15.55 -55.36 8.52
CA ALA D 429 -14.23 -55.37 9.14
C ALA D 429 -13.45 -56.63 8.78
N VAL D 430 -14.14 -57.78 8.74
CA VAL D 430 -13.47 -59.03 8.38
C VAL D 430 -13.01 -58.98 6.93
N GLU D 431 -13.86 -58.50 6.03
CA GLU D 431 -13.47 -58.37 4.63
C GLU D 431 -12.36 -57.35 4.48
N ALA D 432 -12.40 -56.26 5.25
CA ALA D 432 -11.32 -55.28 5.21
C ALA D 432 -9.99 -55.93 5.58
N PHE D 433 -9.99 -56.81 6.58
CA PHE D 433 -8.77 -57.52 6.93
C PHE D 433 -8.21 -58.29 5.74
N ALA D 434 -9.08 -58.99 5.01
CA ALA D 434 -8.63 -59.71 3.82
C ALA D 434 -8.05 -58.76 2.79
N ARG D 435 -8.70 -57.60 2.59
CA ARG D 435 -8.21 -56.64 1.61
C ARG D 435 -6.82 -56.15 1.96
N ALA D 436 -6.54 -55.97 3.26
CA ALA D 436 -5.20 -55.61 3.68
C ALA D 436 -4.20 -56.71 3.38
N LEU D 437 -4.59 -57.97 3.60
CA LEU D 437 -3.66 -59.07 3.39
C LEU D 437 -3.19 -59.14 1.95
N ARG D 438 -4.09 -58.81 1.00
CA ARG D 438 -3.75 -58.96 -0.41
C ARG D 438 -2.98 -57.74 -0.94
N GLN D 439 -2.70 -56.77 -0.07
CA GLN D 439 -1.89 -55.63 -0.49
C GLN D 439 -0.43 -55.99 -0.68
N LEU D 440 0.09 -56.95 0.10
CA LEU D 440 1.50 -57.34 -0.05
C LEU D 440 1.78 -57.87 -1.46
N PRO D 441 1.05 -58.84 -2.00
CA PRO D 441 1.34 -59.28 -3.38
C PRO D 441 1.12 -58.17 -4.40
N THR D 442 0.25 -57.20 -4.09
CA THR D 442 0.10 -56.04 -4.98
C THR D 442 1.37 -55.20 -4.97
N ILE D 443 1.89 -54.89 -3.78
CA ILE D 443 3.12 -54.10 -3.69
C ILE D 443 4.29 -54.84 -4.33
N LEU D 444 4.38 -56.16 -4.08
CA LEU D 444 5.45 -56.94 -4.68
C LEU D 444 5.46 -56.83 -6.20
N ALA D 445 4.28 -56.99 -6.82
CA ALA D 445 4.20 -56.87 -8.27
C ALA D 445 4.54 -55.45 -8.73
N ASP D 446 3.99 -54.44 -8.05
CA ASP D 446 4.23 -53.06 -8.45
C ASP D 446 5.71 -52.73 -8.40
N ASN D 447 6.38 -53.10 -7.32
CA ASN D 447 7.81 -52.80 -7.18
C ASN D 447 8.61 -53.50 -8.25
N ALA D 448 8.18 -54.70 -8.67
CA ALA D 448 8.91 -55.44 -9.70
C ALA D 448 8.65 -54.87 -11.08
N GLY D 449 7.78 -53.87 -11.18
CA GLY D 449 7.53 -53.20 -12.43
C GLY D 449 6.51 -53.92 -13.30
N PHE D 450 5.71 -54.77 -12.68
CA PHE D 450 4.69 -55.55 -13.39
C PHE D 450 3.31 -55.00 -13.09
N ASP D 451 2.34 -55.43 -13.90
CA ASP D 451 0.96 -54.98 -13.73
C ASP D 451 0.31 -55.74 -12.58
N SER D 452 0.26 -55.11 -11.41
CA SER D 452 -0.20 -55.81 -10.21
C SER D 452 -1.68 -56.17 -10.31
N SER D 453 -2.45 -55.34 -11.02
CA SER D 453 -3.88 -55.57 -11.16
C SER D 453 -4.17 -56.88 -11.86
N GLU D 454 -3.40 -57.18 -12.92
CA GLU D 454 -3.53 -58.45 -13.62
C GLU D 454 -2.98 -59.61 -12.78
N LEU D 455 -1.76 -59.47 -12.28
CA LEU D 455 -1.12 -60.59 -11.59
C LEU D 455 -1.85 -60.95 -10.29
N VAL D 456 -2.27 -59.94 -9.53
CA VAL D 456 -2.93 -60.20 -8.26
C VAL D 456 -4.33 -60.77 -8.48
N SER D 457 -5.08 -60.18 -9.42
CA SER D 457 -6.42 -60.68 -9.68
C SER D 457 -6.39 -62.12 -10.21
N LYS D 458 -5.44 -62.41 -11.11
CA LYS D 458 -5.34 -63.77 -11.63
C LYS D 458 -4.84 -64.74 -10.56
N LEU D 459 -3.86 -64.30 -9.76
CA LEU D 459 -3.35 -65.15 -8.68
C LEU D 459 -4.47 -65.53 -7.72
N ARG D 460 -5.30 -64.55 -7.35
CA ARG D 460 -6.41 -64.84 -6.45
C ARG D 460 -7.34 -65.90 -7.04
N SER D 461 -7.65 -65.78 -8.33
CA SER D 461 -8.52 -66.77 -8.97
C SER D 461 -7.86 -68.15 -8.99
N SER D 462 -6.53 -68.19 -9.06
CA SER D 462 -5.83 -69.47 -9.01
C SER D 462 -5.95 -70.10 -7.61
N ILE D 463 -5.67 -69.33 -6.57
CA ILE D 463 -5.75 -69.86 -5.21
C ILE D 463 -7.19 -70.15 -4.83
N TYR D 464 -8.12 -69.31 -5.28
CA TYR D 464 -9.53 -69.56 -5.04
C TYR D 464 -9.97 -70.89 -5.67
N ASN D 465 -9.71 -71.07 -6.96
CA ASN D 465 -10.15 -72.27 -7.65
C ASN D 465 -9.08 -73.36 -7.49
N GLY D 466 -8.91 -73.78 -6.24
CA GLY D 466 -7.95 -74.78 -5.83
C GLY D 466 -6.51 -74.33 -6.00
N ILE D 467 -5.80 -75.04 -6.87
CA ILE D 467 -4.40 -74.81 -7.24
C ILE D 467 -3.64 -74.00 -6.19
N SER D 468 -3.72 -74.39 -4.93
CA SER D 468 -3.16 -73.50 -3.91
C SER D 468 -1.67 -73.77 -3.74
N THR D 469 -0.93 -73.60 -4.82
CA THR D 469 0.52 -73.78 -4.87
C THR D 469 1.15 -72.59 -5.58
N SER D 470 0.31 -71.86 -6.31
CA SER D 470 0.72 -70.76 -7.17
C SER D 470 1.09 -69.52 -6.36
N GLY D 471 1.88 -68.66 -7.01
CA GLY D 471 2.29 -67.38 -6.44
C GLY D 471 2.87 -66.50 -7.53
N LEU D 472 3.42 -65.35 -7.15
CA LEU D 472 3.99 -64.40 -8.10
C LEU D 472 5.39 -64.87 -8.53
N ASP D 473 5.66 -64.80 -9.83
CA ASP D 473 7.02 -64.94 -10.36
C ASP D 473 7.53 -63.53 -10.62
N LEU D 474 8.26 -62.97 -9.64
CA LEU D 474 8.69 -61.58 -9.69
C LEU D 474 9.91 -61.37 -10.58
N ASN D 475 10.34 -62.40 -11.31
CA ASN D 475 11.41 -62.27 -12.29
C ASN D 475 10.91 -62.33 -13.73
N ASN D 476 9.92 -63.19 -14.00
CA ASN D 476 9.35 -63.28 -15.33
C ASN D 476 8.07 -62.47 -15.48
N GLY D 477 7.45 -62.06 -14.38
CA GLY D 477 6.22 -61.28 -14.46
C GLY D 477 4.99 -62.08 -14.74
N THR D 478 4.90 -63.30 -14.21
CA THR D 478 3.80 -64.22 -14.46
C THR D 478 3.42 -64.93 -13.16
N ILE D 479 2.56 -65.93 -13.27
CA ILE D 479 2.16 -66.73 -12.12
C ILE D 479 2.79 -68.11 -12.23
N ALA D 480 3.39 -68.58 -11.14
CA ALA D 480 4.19 -69.80 -11.14
C ALA D 480 3.88 -70.63 -9.90
N ASP D 481 4.21 -71.92 -9.98
CA ASP D 481 4.10 -72.81 -8.84
C ASP D 481 5.27 -72.62 -7.88
N MET D 482 4.96 -72.17 -6.66
CA MET D 482 6.02 -71.81 -5.72
C MET D 482 6.82 -73.01 -5.27
N ARG D 483 6.22 -74.20 -5.27
CA ARG D 483 6.97 -75.40 -4.89
C ARG D 483 8.01 -75.76 -5.95
N GLN D 484 7.66 -75.61 -7.23
CA GLN D 484 8.63 -75.84 -8.30
C GLN D 484 9.73 -74.79 -8.32
N LEU D 485 9.41 -73.54 -8.01
CA LEU D 485 10.40 -72.46 -7.94
C LEU D 485 11.17 -72.46 -6.64
N GLY D 486 10.64 -73.07 -5.58
CA GLY D 486 11.34 -73.11 -4.32
C GLY D 486 11.15 -71.89 -3.46
N ILE D 487 9.99 -71.23 -3.56
CA ILE D 487 9.73 -70.01 -2.81
C ILE D 487 8.99 -70.35 -1.53
N VAL D 488 9.71 -70.39 -0.42
CA VAL D 488 9.15 -70.80 0.87
C VAL D 488 9.55 -69.77 1.93
N GLU D 489 8.70 -69.63 2.94
CA GLU D 489 8.99 -68.74 4.06
C GLU D 489 8.65 -69.46 5.36
N SER D 490 9.41 -69.14 6.41
CA SER D 490 9.27 -69.83 7.67
C SER D 490 7.87 -69.67 8.23
N TYR D 491 7.28 -70.78 8.70
CA TYR D 491 5.99 -70.71 9.36
C TYR D 491 6.03 -69.77 10.56
N LYS D 492 7.05 -69.92 11.41
CA LYS D 492 7.15 -69.08 12.61
C LYS D 492 7.14 -67.60 12.24
N LEU D 493 7.89 -67.24 11.20
CA LEU D 493 7.96 -65.84 10.78
C LEU D 493 6.60 -65.33 10.33
N LYS D 494 5.89 -66.13 9.53
CA LYS D 494 4.56 -65.74 9.08
C LYS D 494 3.58 -65.59 10.24
N ARG D 495 3.68 -66.45 11.23
CA ARG D 495 2.89 -66.24 12.44
C ARG D 495 3.24 -64.92 13.12
N ALA D 496 4.53 -64.59 13.19
CA ALA D 496 4.94 -63.34 13.81
C ALA D 496 4.44 -62.14 13.01
N VAL D 497 4.50 -62.21 11.68
CA VAL D 497 4.10 -61.07 10.86
C VAL D 497 2.62 -60.80 11.01
N VAL D 498 1.79 -61.85 10.93
CA VAL D 498 0.35 -61.68 11.09
C VAL D 498 0.02 -61.22 12.51
N SER D 499 0.65 -61.84 13.51
CA SER D 499 0.37 -61.49 14.90
C SER D 499 0.73 -60.05 15.19
N SER D 500 1.94 -59.64 14.80
CA SER D 500 2.40 -58.27 15.04
C SER D 500 1.56 -57.25 14.27
N ALA D 501 1.23 -57.52 13.01
CA ALA D 501 0.42 -56.58 12.24
C ALA D 501 -0.96 -56.42 12.86
N SER D 502 -1.55 -57.53 13.32
CA SER D 502 -2.87 -57.45 13.93
C SER D 502 -2.85 -56.60 15.19
N GLU D 503 -1.95 -56.92 16.13
CA GLU D 503 -1.86 -56.15 17.36
C GLU D 503 -1.44 -54.71 17.09
N ALA D 504 -0.53 -54.51 16.13
CA ALA D 504 -0.06 -53.16 15.83
C ALA D 504 -1.21 -52.26 15.41
N ALA D 505 -2.12 -52.78 14.58
CA ALA D 505 -3.30 -52.01 14.21
C ALA D 505 -4.18 -51.72 15.41
N GLU D 506 -4.39 -52.73 16.28
CA GLU D 506 -5.28 -52.55 17.42
C GLU D 506 -4.81 -51.40 18.31
N VAL D 507 -3.50 -51.24 18.46
CA VAL D 507 -2.98 -50.20 19.35
C VAL D 507 -3.48 -48.83 18.92
N LEU D 508 -3.43 -48.53 17.63
CA LEU D 508 -3.89 -47.24 17.14
C LEU D 508 -5.38 -47.20 16.89
N LEU D 509 -6.01 -48.35 16.60
CA LEU D 509 -7.47 -48.38 16.49
C LEU D 509 -8.13 -47.95 17.80
N ARG D 510 -7.48 -48.18 18.94
CA ARG D 510 -8.08 -47.82 20.22
C ARG D 510 -7.87 -46.35 20.56
N VAL D 511 -7.26 -45.57 19.68
CA VAL D 511 -6.96 -44.18 20.00
C VAL D 511 -7.91 -43.26 19.24
N ASP D 512 -8.53 -42.33 19.96
CA ASP D 512 -9.30 -41.26 19.33
C ASP D 512 -9.02 -39.88 19.94
N ASN D 513 -8.04 -39.76 20.83
CA ASN D 513 -7.69 -38.46 21.40
C ASN D 513 -6.20 -38.42 21.68
N ILE D 514 -5.61 -37.24 21.49
CA ILE D 514 -4.20 -37.00 21.75
C ILE D 514 -4.08 -35.83 22.71
N ILE D 515 -3.48 -36.08 23.88
CA ILE D 515 -3.38 -35.09 24.95
C ILE D 515 -1.91 -34.87 25.25
N ARG D 516 -1.47 -33.61 25.16
CA ARG D 516 -0.08 -33.27 25.39
C ARG D 516 0.06 -32.43 26.65
N ALA D 517 1.08 -32.73 27.44
CA ALA D 517 1.46 -31.91 28.59
C ALA D 517 2.36 -30.76 28.17
N ARG D 518 2.54 -29.81 29.08
CA ARG D 518 3.39 -28.66 28.84
C ARG D 518 4.75 -29.10 28.33
N PRO D 519 5.22 -28.54 27.21
CA PRO D 519 6.51 -28.98 26.66
C PRO D 519 7.67 -28.49 27.53
N ARG D 520 8.74 -29.28 27.53
CA ARG D 520 9.98 -28.88 28.19
C ARG D 520 11.15 -28.91 27.21
N GLU E 13 -27.13 19.05 12.77
CA GLU E 13 -28.47 18.69 13.21
C GLU E 13 -29.05 19.76 14.13
N ARG E 14 -28.52 19.82 15.36
CA ARG E 14 -28.95 20.79 16.35
C ARG E 14 -27.75 21.28 17.15
N THR E 15 -27.89 22.47 17.74
CA THR E 15 -26.90 23.04 18.66
C THR E 15 -27.64 23.46 19.93
N THR E 16 -27.28 22.83 21.05
CA THR E 16 -28.06 22.94 22.27
C THR E 16 -27.28 23.71 23.34
N GLY E 17 -28.02 24.43 24.17
CA GLY E 17 -27.44 25.08 25.33
C GLY E 17 -26.37 26.09 24.95
N ARG E 18 -25.20 25.93 25.56
CA ARG E 18 -24.09 26.84 25.30
C ARG E 18 -23.62 26.78 23.85
N GLN E 19 -23.93 25.70 23.13
CA GLN E 19 -23.63 25.63 21.71
C GLN E 19 -24.42 26.66 20.91
N ALA E 20 -25.70 26.83 21.25
CA ALA E 20 -26.50 27.86 20.60
C ALA E 20 -26.02 29.25 20.98
N GLN E 21 -25.70 29.45 22.26
CA GLN E 21 -25.24 30.76 22.71
C GLN E 21 -23.93 31.16 22.05
N ILE E 22 -22.98 30.23 21.99
CA ILE E 22 -21.69 30.53 21.35
C ILE E 22 -21.88 30.72 19.85
N SER E 23 -22.65 29.83 19.22
CA SER E 23 -22.86 29.91 17.79
C SER E 23 -23.56 31.21 17.40
N ASN E 24 -24.58 31.60 18.15
CA ASN E 24 -25.32 32.82 17.82
C ASN E 24 -24.44 34.05 17.96
N ILE E 25 -23.68 34.14 19.04
CA ILE E 25 -22.80 35.29 19.25
C ILE E 25 -21.65 35.27 18.24
N THR E 26 -21.06 34.08 18.04
CA THR E 26 -19.94 33.97 17.09
C THR E 26 -20.33 34.51 15.72
N ALA E 27 -21.48 34.07 15.19
CA ALA E 27 -21.91 34.54 13.87
C ALA E 27 -22.15 36.04 13.87
N ALA E 28 -22.82 36.55 14.91
CA ALA E 28 -23.13 37.97 14.96
C ALA E 28 -21.85 38.81 15.02
N LYS E 29 -20.85 38.34 15.78
CA LYS E 29 -19.58 39.04 15.82
C LYS E 29 -18.92 39.08 14.44
N ALA E 30 -18.98 37.97 13.70
CA ALA E 30 -18.44 37.95 12.34
C ALA E 30 -19.14 38.98 11.46
N VAL E 31 -20.46 39.12 11.59
CA VAL E 31 -21.19 40.10 10.80
C VAL E 31 -20.72 41.52 11.16
N ALA E 32 -20.57 41.78 12.46
CA ALA E 32 -20.14 43.10 12.89
C ALA E 32 -18.79 43.46 12.29
N ASP E 33 -17.84 42.52 12.29
CA ASP E 33 -16.51 42.75 11.76
C ASP E 33 -16.57 43.18 10.29
N VAL E 34 -17.48 42.58 9.53
CA VAL E 34 -17.57 42.89 8.10
C VAL E 34 -17.60 44.39 7.87
N ILE E 35 -18.32 45.12 8.72
CA ILE E 35 -18.67 46.51 8.44
C ILE E 35 -17.99 47.49 9.39
N ARG E 36 -17.08 47.02 10.24
CA ARG E 36 -16.41 47.93 11.18
C ARG E 36 -15.70 49.06 10.46
N THR E 37 -15.30 48.84 9.21
CA THR E 37 -14.61 49.86 8.42
C THR E 37 -15.58 50.84 7.78
N CYS E 38 -16.88 50.59 7.86
CA CYS E 38 -17.90 51.39 7.17
C CYS E 38 -18.31 52.62 7.97
N LEU E 39 -17.78 52.81 9.17
CA LEU E 39 -18.22 53.88 10.07
C LEU E 39 -17.39 55.13 9.81
N GLY E 40 -18.07 56.25 9.59
CA GLY E 40 -17.43 57.54 9.53
C GLY E 40 -17.11 57.98 8.11
N PRO E 41 -16.79 59.26 7.93
CA PRO E 41 -16.49 59.76 6.58
C PRO E 41 -15.20 59.19 6.03
N LYS E 42 -14.36 58.60 6.87
CA LYS E 42 -13.08 58.02 6.47
C LYS E 42 -13.19 56.50 6.33
N ALA E 43 -14.41 55.99 6.18
CA ALA E 43 -14.64 54.56 6.00
C ALA E 43 -13.68 53.95 4.98
N MET E 44 -13.14 52.79 5.33
CA MET E 44 -12.23 52.05 4.47
C MET E 44 -13.00 51.07 3.59
N LEU E 45 -12.30 50.53 2.59
CA LEU E 45 -12.90 49.75 1.52
C LEU E 45 -12.79 48.27 1.85
N LYS E 46 -13.72 47.46 1.32
CA LYS E 46 -13.66 46.01 1.42
C LYS E 46 -13.76 45.42 0.02
N MET E 47 -13.07 44.30 -0.18
CA MET E 47 -13.05 43.64 -1.48
C MET E 47 -14.00 42.45 -1.48
N LEU E 48 -15.12 42.58 -2.18
CA LEU E 48 -16.11 41.52 -2.24
C LEU E 48 -15.85 40.62 -3.44
N LEU E 49 -15.50 39.37 -3.17
CA LEU E 49 -15.00 38.45 -4.19
C LEU E 49 -16.16 37.52 -4.60
N ASP E 50 -16.68 37.74 -5.80
CA ASP E 50 -17.89 37.07 -6.23
C ASP E 50 -17.59 35.62 -6.59
N PRO E 51 -18.60 34.75 -6.59
CA PRO E 51 -18.39 33.41 -7.16
C PRO E 51 -17.95 33.45 -8.62
N MET E 52 -18.21 34.56 -9.30
CA MET E 52 -17.72 34.76 -10.66
C MET E 52 -16.37 35.47 -10.63
N GLY E 53 -15.89 35.84 -11.82
CA GLY E 53 -14.60 36.47 -11.97
C GLY E 53 -14.54 37.94 -11.61
N GLY E 54 -15.63 38.53 -11.14
CA GLY E 54 -15.67 39.94 -10.80
C GLY E 54 -15.37 40.20 -9.33
N LEU E 55 -15.29 41.48 -9.00
CA LEU E 55 -15.03 41.93 -7.64
C LEU E 55 -15.58 43.34 -7.46
N VAL E 56 -16.17 43.57 -6.28
CA VAL E 56 -16.86 44.82 -5.98
C VAL E 56 -16.13 45.50 -4.84
N LEU E 57 -15.82 46.79 -4.99
CA LEU E 57 -15.15 47.60 -3.98
C LEU E 57 -16.12 48.53 -3.25
N THR E 58 -17.40 48.50 -3.61
CA THR E 58 -18.36 49.42 -3.03
C THR E 58 -18.36 49.33 -1.52
N ASN E 59 -18.20 50.48 -0.86
CA ASN E 59 -18.07 50.54 0.58
C ASN E 59 -19.36 50.90 1.31
N ASP E 60 -20.51 50.82 0.63
CA ASP E 60 -21.81 51.09 1.25
C ASP E 60 -22.12 49.95 2.20
N GLY E 61 -22.38 50.28 3.47
CA GLY E 61 -22.65 49.28 4.48
C GLY E 61 -23.81 48.36 4.16
N HIS E 62 -24.88 48.91 3.60
CA HIS E 62 -26.00 48.10 3.15
C HIS E 62 -25.61 47.12 2.05
N ALA E 63 -24.97 47.61 0.98
CA ALA E 63 -24.56 46.73 -0.11
C ALA E 63 -23.61 45.63 0.37
N ILE E 64 -22.68 45.96 1.26
CA ILE E 64 -21.72 44.98 1.74
C ILE E 64 -22.43 43.83 2.45
N LEU E 65 -23.35 44.17 3.36
CA LEU E 65 -24.13 43.16 4.05
C LEU E 65 -25.07 42.41 3.10
N ARG E 66 -25.64 43.11 2.12
CA ARG E 66 -26.56 42.45 1.19
C ARG E 66 -25.84 41.44 0.31
N GLU E 67 -24.67 41.80 -0.22
CA GLU E 67 -24.02 41.05 -1.29
C GLU E 67 -23.09 39.97 -0.76
N ILE E 68 -22.99 39.81 0.55
CA ILE E 68 -22.17 38.78 1.17
C ILE E 68 -23.10 37.75 1.81
N ASP E 69 -23.01 36.51 1.36
CA ASP E 69 -23.85 35.44 1.90
C ASP E 69 -23.46 35.20 3.35
N VAL E 70 -24.47 34.88 4.17
CA VAL E 70 -24.23 34.44 5.54
C VAL E 70 -24.82 33.04 5.72
N ALA E 71 -24.18 32.28 6.60
CA ALA E 71 -24.54 30.88 6.86
C ALA E 71 -25.45 30.73 8.07
N HIS E 72 -25.03 31.23 9.22
CA HIS E 72 -25.74 30.96 10.47
C HIS E 72 -27.04 31.77 10.52
N PRO E 73 -28.16 31.15 10.91
CA PRO E 73 -29.39 31.94 11.08
C PRO E 73 -29.21 33.19 11.93
N ALA E 74 -28.33 33.16 12.92
CA ALA E 74 -28.10 34.35 13.73
C ALA E 74 -27.58 35.51 12.89
N ALA E 75 -26.70 35.22 11.93
CA ALA E 75 -26.24 36.24 11.01
C ALA E 75 -27.39 36.78 10.16
N LYS E 76 -28.32 35.91 9.77
CA LYS E 76 -29.47 36.37 9.01
C LYS E 76 -30.36 37.29 9.85
N SER E 77 -30.49 36.99 11.15
CA SER E 77 -31.21 37.90 12.03
C SER E 77 -30.52 39.26 12.09
N MET E 78 -29.19 39.27 12.12
CA MET E 78 -28.46 40.54 12.08
C MET E 78 -28.77 41.31 10.80
N LEU E 79 -28.87 40.59 9.66
CA LEU E 79 -29.23 41.26 8.42
C LEU E 79 -30.61 41.88 8.49
N GLU E 80 -31.56 41.18 9.13
CA GLU E 80 -32.90 41.73 9.29
C GLU E 80 -32.91 42.99 10.15
N LEU E 81 -32.01 43.06 11.13
CA LEU E 81 -31.88 44.28 11.93
C LEU E 81 -31.57 45.47 11.04
N SER E 82 -30.58 45.32 10.16
CA SER E 82 -30.23 46.42 9.25
C SER E 82 -31.38 46.75 8.31
N ARG E 83 -32.14 45.75 7.86
CA ARG E 83 -33.26 45.99 6.98
C ARG E 83 -34.36 46.75 7.71
N THR E 84 -34.65 46.36 8.95
CA THR E 84 -35.63 47.10 9.75
C THR E 84 -35.18 48.53 9.97
N GLN E 85 -33.91 48.73 10.34
CA GLN E 85 -33.40 50.08 10.54
C GLN E 85 -33.58 50.94 9.29
N ASP E 86 -33.27 50.38 8.12
CA ASP E 86 -33.43 51.12 6.87
C ASP E 86 -34.88 51.57 6.64
N GLU E 87 -35.86 50.77 7.07
CA GLU E 87 -37.26 51.14 6.93
C GLU E 87 -37.70 52.19 7.94
N GLU E 88 -37.14 52.12 9.16
CA GLU E 88 -37.55 53.05 10.21
C GLU E 88 -36.99 54.45 9.97
N VAL E 89 -35.68 54.55 9.81
CA VAL E 89 -35.00 55.83 9.64
C VAL E 89 -34.01 55.71 8.49
N GLY E 90 -33.47 56.85 8.09
CA GLY E 90 -32.66 56.93 6.88
C GLY E 90 -31.20 56.58 7.10
N ASP E 91 -30.83 56.28 8.33
CA ASP E 91 -29.45 56.07 8.72
C ASP E 91 -29.38 55.05 9.86
N GLY E 92 -28.16 54.78 10.31
CA GLY E 92 -27.95 53.78 11.35
C GLY E 92 -27.75 52.38 10.83
N THR E 93 -27.68 52.22 9.50
CA THR E 93 -27.52 50.89 8.92
C THR E 93 -26.37 50.14 9.57
N THR E 94 -25.23 50.82 9.74
CA THR E 94 -24.06 50.16 10.29
C THR E 94 -24.00 50.29 11.81
N THR E 95 -24.67 51.30 12.38
CA THR E 95 -24.62 51.50 13.82
C THR E 95 -25.29 50.36 14.57
N VAL E 96 -26.49 49.95 14.11
CA VAL E 96 -27.24 48.91 14.82
C VAL E 96 -26.54 47.56 14.68
N ILE E 97 -25.82 47.35 13.58
CA ILE E 97 -25.15 46.07 13.38
C ILE E 97 -23.86 46.00 14.18
N ILE E 98 -23.06 47.08 14.15
CA ILE E 98 -21.84 47.11 14.94
C ILE E 98 -22.16 47.06 16.43
N LEU E 99 -23.12 47.88 16.88
CA LEU E 99 -23.44 47.94 18.30
C LEU E 99 -24.03 46.61 18.78
N ALA E 100 -25.01 46.07 18.04
CA ALA E 100 -25.61 44.81 18.43
C ALA E 100 -24.57 43.69 18.54
N GLY E 101 -23.62 43.66 17.61
CA GLY E 101 -22.56 42.67 17.69
C GLY E 101 -21.72 42.83 18.94
N GLU E 102 -21.35 44.07 19.28
CA GLU E 102 -20.52 44.29 20.46
C GLU E 102 -21.28 43.97 21.74
N ILE E 103 -22.57 44.29 21.79
CA ILE E 103 -23.38 43.94 22.95
C ILE E 103 -23.37 42.43 23.17
N LEU E 104 -23.53 41.66 22.09
CA LEU E 104 -23.44 40.21 22.20
C LEU E 104 -22.06 39.78 22.67
N ALA E 105 -21.01 40.41 22.13
CA ALA E 105 -19.64 40.07 22.54
C ALA E 105 -19.43 40.35 24.02
N GLN E 106 -19.95 41.48 24.51
CA GLN E 106 -19.82 41.82 25.92
C GLN E 106 -20.62 40.89 26.82
N CYS E 107 -21.74 40.37 26.33
CA CYS E 107 -22.53 39.40 27.08
C CYS E 107 -21.93 38.01 27.05
N ALA E 108 -21.09 37.72 26.06
CA ALA E 108 -20.48 36.39 25.92
C ALA E 108 -19.79 35.89 27.19
N PRO E 109 -18.85 36.61 27.81
CA PRO E 109 -18.22 36.06 29.03
C PRO E 109 -19.21 35.87 30.17
N TYR E 110 -20.31 36.62 30.17
CA TYR E 110 -21.28 36.49 31.26
C TYR E 110 -22.10 35.21 31.13
N LEU E 111 -22.40 34.80 29.89
CA LEU E 111 -23.08 33.53 29.70
C LEU E 111 -22.17 32.35 30.04
N ILE E 112 -20.88 32.47 29.75
CA ILE E 112 -19.93 31.36 29.84
C ILE E 112 -19.13 31.41 31.14
N GLU E 113 -18.39 32.50 31.36
CA GLU E 113 -17.45 32.54 32.48
C GLU E 113 -18.17 32.74 33.82
N LYS E 114 -19.20 33.58 33.83
CA LYS E 114 -19.97 33.85 35.04
C LYS E 114 -21.17 32.91 35.19
N ASN E 115 -21.49 32.15 34.14
CA ASN E 115 -22.63 31.23 34.14
C ASN E 115 -23.93 31.94 34.53
N ILE E 116 -24.16 33.12 33.97
CA ILE E 116 -25.36 33.90 34.27
C ILE E 116 -26.47 33.50 33.31
N HIS E 117 -27.61 33.11 33.86
CA HIS E 117 -28.68 32.57 33.04
C HIS E 117 -29.14 33.61 32.03
N PRO E 118 -29.44 33.21 30.78
CA PRO E 118 -29.93 34.19 29.80
C PRO E 118 -31.06 35.06 30.32
N VAL E 119 -31.94 34.52 31.16
CA VAL E 119 -33.04 35.33 31.69
C VAL E 119 -32.48 36.54 32.44
N ILE E 120 -31.43 36.33 33.24
CA ILE E 120 -30.79 37.45 33.93
C ILE E 120 -30.19 38.42 32.91
N ILE E 121 -29.57 37.88 31.86
CA ILE E 121 -28.92 38.73 30.88
C ILE E 121 -29.93 39.64 30.20
N ILE E 122 -31.09 39.09 29.83
CA ILE E 122 -32.09 39.86 29.09
C ILE E 122 -32.67 40.95 29.97
N GLN E 123 -32.96 40.62 31.23
CA GLN E 123 -33.55 41.62 32.13
C GLN E 123 -32.67 42.85 32.25
N ALA E 124 -31.37 42.66 32.45
CA ALA E 124 -30.46 43.80 32.59
C ALA E 124 -30.39 44.61 31.30
N LEU E 125 -30.39 43.94 30.15
CA LEU E 125 -30.32 44.65 28.88
C LEU E 125 -31.53 45.56 28.69
N LYS E 126 -32.72 45.12 29.10
CA LYS E 126 -33.89 45.96 29.01
C LYS E 126 -33.76 47.19 29.91
N LYS E 127 -33.22 47.01 31.11
CA LYS E 127 -33.00 48.14 31.99
C LYS E 127 -31.94 49.08 31.44
N ALA E 128 -30.85 48.52 30.91
CA ALA E 128 -29.81 49.36 30.31
C ALA E 128 -30.34 50.16 29.14
N LEU E 129 -31.23 49.58 28.34
CA LEU E 129 -31.86 50.33 27.25
C LEU E 129 -32.62 51.53 27.79
N THR E 130 -33.49 51.32 28.78
CA THR E 130 -34.26 52.41 29.35
C THR E 130 -33.35 53.56 29.78
N ASP E 131 -32.26 53.24 30.49
CA ASP E 131 -31.34 54.28 30.93
C ASP E 131 -30.63 54.93 29.76
N ALA E 132 -30.19 54.13 28.79
CA ALA E 132 -29.50 54.69 27.63
C ALA E 132 -30.39 55.66 26.86
N LEU E 133 -31.69 55.35 26.74
CA LEU E 133 -32.60 56.23 26.03
C LEU E 133 -32.71 57.58 26.74
N GLU E 134 -32.74 57.58 28.07
CA GLU E 134 -32.79 58.82 28.81
C GLU E 134 -31.55 59.68 28.54
N VAL E 135 -30.37 59.06 28.59
CA VAL E 135 -29.13 59.82 28.44
C VAL E 135 -29.07 60.48 27.06
N ILE E 136 -29.45 59.73 26.01
CA ILE E 136 -29.43 60.27 24.67
C ILE E 136 -30.25 61.55 24.59
N LYS E 137 -31.42 61.57 25.25
CA LYS E 137 -32.20 62.79 25.35
C LYS E 137 -31.46 63.87 26.12
N GLN E 138 -30.86 63.52 27.27
CA GLN E 138 -30.30 64.54 28.14
C GLN E 138 -29.16 65.30 27.47
N VAL E 139 -28.37 64.61 26.64
CA VAL E 139 -27.21 65.25 26.02
C VAL E 139 -27.58 65.95 24.71
N SER E 140 -28.84 65.88 24.28
CA SER E 140 -29.22 66.46 23.02
C SER E 140 -29.61 67.93 23.18
N LYS E 141 -29.56 68.68 22.08
CA LYS E 141 -29.92 70.09 22.12
C LYS E 141 -31.06 70.38 21.14
N PRO E 142 -31.92 71.34 21.45
CA PRO E 142 -33.02 71.66 20.54
C PRO E 142 -32.55 72.45 19.33
N VAL E 143 -33.32 72.34 18.26
CA VAL E 143 -33.25 73.26 17.13
C VAL E 143 -34.67 73.69 16.78
N ASP E 144 -34.81 74.94 16.36
CA ASP E 144 -36.11 75.48 15.98
C ASP E 144 -36.45 74.95 14.58
N VAL E 145 -37.28 73.91 14.53
CA VAL E 145 -37.58 73.27 13.25
C VAL E 145 -38.44 74.15 12.36
N GLU E 146 -38.91 75.29 12.88
CA GLU E 146 -39.68 76.23 12.09
C GLU E 146 -38.81 77.30 11.43
N ASN E 147 -37.52 77.31 11.71
CA ASN E 147 -36.60 78.24 11.05
C ASN E 147 -36.03 77.57 9.81
N ASP E 148 -36.53 77.97 8.64
CA ASP E 148 -36.17 77.27 7.41
C ASP E 148 -34.67 77.30 7.17
N ALA E 149 -34.02 78.43 7.45
CA ALA E 149 -32.58 78.54 7.26
C ALA E 149 -31.84 77.54 8.12
N ALA E 150 -32.24 77.39 9.39
CA ALA E 150 -31.64 76.37 10.24
C ALA E 150 -31.88 74.97 9.71
N MET E 151 -33.09 74.71 9.18
CA MET E 151 -33.37 73.41 8.61
C MET E 151 -32.52 73.13 7.38
N LYS E 152 -32.30 74.15 6.55
CA LYS E 152 -31.47 73.95 5.36
C LYS E 152 -30.07 73.49 5.74
N LYS E 153 -29.49 74.10 6.78
CA LYS E 153 -28.18 73.69 7.27
C LYS E 153 -28.13 72.24 7.74
N LEU E 154 -29.22 71.73 8.32
CA LEU E 154 -29.31 70.35 8.76
C LEU E 154 -29.46 69.39 7.58
N ILE E 155 -30.32 69.73 6.61
CA ILE E 155 -30.58 68.87 5.46
C ILE E 155 -29.34 68.69 4.61
N GLN E 156 -28.55 69.76 4.42
CA GLN E 156 -27.33 69.68 3.62
C GLN E 156 -26.36 68.63 4.16
N ALA E 157 -26.51 68.22 5.42
CA ALA E 157 -25.61 67.23 6.00
C ALA E 157 -25.64 65.94 5.20
N SER E 158 -26.77 65.63 4.56
CA SER E 158 -26.94 64.41 3.79
C SER E 158 -26.83 64.64 2.29
N ILE E 159 -26.55 65.88 1.89
CA ILE E 159 -26.46 66.22 0.48
C ILE E 159 -25.02 66.47 0.03
N GLY E 160 -24.18 67.05 0.89
CA GLY E 160 -22.81 67.33 0.52
C GLY E 160 -22.00 66.08 0.27
N THR E 161 -20.74 66.31 -0.15
CA THR E 161 -19.84 65.26 -0.64
C THR E 161 -20.54 64.39 -1.67
N LYS E 162 -21.42 65.00 -2.46
CA LYS E 162 -22.10 64.34 -3.57
C LYS E 162 -22.10 65.27 -4.77
N TYR E 163 -22.20 64.67 -5.97
CA TYR E 163 -22.29 65.46 -7.19
C TYR E 163 -23.39 66.52 -7.10
N VAL E 164 -24.50 66.19 -6.45
CA VAL E 164 -25.67 67.05 -6.44
C VAL E 164 -25.57 68.11 -5.34
N ILE E 165 -24.38 68.25 -4.75
CA ILE E 165 -24.16 69.30 -3.76
C ILE E 165 -24.59 70.67 -4.29
N HIS E 166 -24.43 70.91 -5.59
CA HIS E 166 -24.82 72.17 -6.19
C HIS E 166 -26.33 72.32 -6.36
N TRP E 167 -27.07 71.25 -6.09
CA TRP E 167 -28.54 71.33 -6.08
C TRP E 167 -29.09 71.61 -4.68
N SER E 168 -28.24 71.61 -3.64
CA SER E 168 -28.68 71.47 -2.26
C SER E 168 -29.71 72.51 -1.84
N GLU E 169 -29.67 73.69 -2.46
CA GLU E 169 -30.66 74.73 -2.14
C GLU E 169 -32.06 74.29 -2.59
N LYS E 170 -32.16 73.70 -3.77
CA LYS E 170 -33.45 73.24 -4.25
C LYS E 170 -33.88 71.94 -3.58
N MET E 171 -32.92 71.04 -3.33
CA MET E 171 -33.23 69.80 -2.64
C MET E 171 -33.79 70.08 -1.25
N CYS E 172 -33.21 71.04 -0.53
CA CYS E 172 -33.75 71.43 0.77
C CYS E 172 -35.13 72.04 0.64
N GLU E 173 -35.34 72.90 -0.36
CA GLU E 173 -36.67 73.46 -0.58
C GLU E 173 -37.70 72.36 -0.77
N LEU E 174 -37.43 71.42 -1.68
CA LEU E 174 -38.41 70.37 -1.97
C LEU E 174 -38.66 69.50 -0.75
N ALA E 175 -37.59 69.10 -0.05
CA ALA E 175 -37.75 68.22 1.10
C ALA E 175 -38.48 68.92 2.24
N LEU E 176 -38.11 70.16 2.53
CA LEU E 176 -38.62 70.83 3.73
C LEU E 176 -40.09 71.19 3.58
N ASP E 177 -40.47 71.76 2.44
CA ASP E 177 -41.86 72.14 2.21
C ASP E 177 -42.81 70.95 2.17
N ALA E 178 -42.40 69.83 1.56
CA ALA E 178 -43.21 68.64 1.50
C ALA E 178 -43.43 67.98 2.86
N VAL E 179 -42.37 67.84 3.66
CA VAL E 179 -42.51 67.16 4.94
C VAL E 179 -43.31 68.00 5.92
N LYS E 180 -43.10 69.32 5.92
CA LYS E 180 -43.92 70.20 6.74
C LYS E 180 -45.39 70.08 6.39
N THR E 181 -45.72 69.91 5.12
CA THR E 181 -47.11 69.83 4.70
C THR E 181 -47.79 68.57 5.25
N VAL E 182 -47.10 67.43 5.16
CA VAL E 182 -47.70 66.17 5.58
C VAL E 182 -47.61 65.93 7.08
N ARG E 183 -46.70 66.60 7.78
CA ARG E 183 -46.58 66.38 9.22
C ARG E 183 -47.94 66.57 9.90
N LYS E 184 -48.35 65.53 10.62
CA LYS E 184 -49.64 65.51 11.30
C LYS E 184 -49.46 66.31 12.60
N ASP E 185 -49.39 67.62 12.47
CA ASP E 185 -49.19 68.52 13.61
C ASP E 185 -50.55 68.82 14.21
N LEU E 186 -50.91 68.09 15.26
CA LEU E 186 -52.22 68.15 15.86
C LEU E 186 -52.18 67.58 17.27
N GLY E 187 -53.01 68.14 18.15
CA GLY E 187 -53.26 67.53 19.44
C GLY E 187 -54.58 68.00 20.04
N GLN E 188 -55.32 67.07 20.65
CA GLN E 188 -56.61 67.33 21.26
C GLN E 188 -57.05 66.07 22.01
N THR E 189 -58.08 66.22 22.82
CA THR E 189 -58.53 65.18 23.73
C THR E 189 -59.65 64.33 23.12
N VAL E 190 -60.03 64.63 21.88
CA VAL E 190 -61.15 63.97 21.21
C VAL E 190 -60.66 63.11 20.04
N GLU E 191 -60.11 63.74 19.00
CA GLU E 191 -59.64 63.05 17.81
C GLU E 191 -58.26 62.46 18.02
N GLY E 192 -57.68 62.65 19.21
CA GLY E 192 -56.42 62.01 19.53
C GLY E 192 -55.22 62.87 19.14
N GLU E 193 -54.03 62.35 19.46
CA GLU E 193 -52.79 63.07 19.31
C GLU E 193 -51.87 62.33 18.35
N PRO E 194 -51.81 62.73 17.07
CA PRO E 194 -50.87 62.08 16.13
C PRO E 194 -49.42 62.16 16.55
N ASN E 195 -49.06 63.10 17.43
CA ASN E 195 -47.70 63.26 17.94
C ASN E 195 -46.70 63.49 16.79
N PHE E 196 -47.10 64.34 15.85
CA PHE E 196 -46.25 64.77 14.74
C PHE E 196 -45.81 63.59 13.87
N GLU E 197 -46.74 62.64 13.72
CA GLU E 197 -46.50 61.50 12.84
C GLU E 197 -46.17 61.98 11.43
N ILE E 198 -45.09 61.44 10.86
CA ILE E 198 -44.66 61.76 9.50
C ILE E 198 -44.45 60.44 8.78
N ASP E 199 -45.10 60.26 7.63
CA ASP E 199 -44.88 59.10 6.78
C ASP E 199 -44.70 59.60 5.34
N ILE E 200 -43.45 59.90 4.97
CA ILE E 200 -43.20 60.53 3.69
C ILE E 200 -43.44 59.56 2.54
N LYS E 201 -43.29 58.26 2.82
CA LYS E 201 -43.44 57.23 1.78
C LYS E 201 -44.84 57.21 1.20
N ARG E 202 -45.86 57.41 2.05
CA ARG E 202 -47.24 57.42 1.58
C ARG E 202 -47.78 58.81 1.31
N TYR E 203 -47.31 59.83 2.03
CA TYR E 203 -47.90 61.16 2.00
C TYR E 203 -47.15 62.15 1.11
N VAL E 204 -45.84 61.96 0.94
CA VAL E 204 -45.01 62.91 0.19
C VAL E 204 -44.80 62.39 -1.23
N ARG E 205 -45.49 61.30 -1.58
CA ARG E 205 -45.32 60.65 -2.87
C ARG E 205 -44.80 61.62 -3.93
N VAL E 206 -43.76 61.18 -4.65
CA VAL E 206 -43.10 62.03 -5.64
C VAL E 206 -43.35 61.50 -7.04
N GLU E 207 -43.63 62.43 -7.97
CA GLU E 207 -43.90 62.10 -9.37
C GLU E 207 -42.81 62.76 -10.22
N LYS E 208 -42.40 62.08 -11.27
CA LYS E 208 -41.35 62.60 -12.15
C LYS E 208 -41.91 62.88 -13.54
N ILE E 209 -41.80 64.13 -13.98
CA ILE E 209 -42.36 64.58 -15.24
C ILE E 209 -41.21 65.05 -16.13
N PRO E 210 -41.08 64.55 -17.35
CA PRO E 210 -40.02 65.03 -18.24
C PRO E 210 -40.16 66.52 -18.52
N GLY E 211 -39.02 67.17 -18.75
CA GLY E 211 -39.00 68.56 -19.14
C GLY E 211 -38.52 69.47 -18.03
N GLY E 212 -37.86 70.55 -18.44
CA GLY E 212 -37.33 71.50 -17.49
C GLY E 212 -36.04 71.02 -16.84
N ASP E 213 -35.74 71.59 -15.68
CA ASP E 213 -34.55 71.28 -14.91
C ASP E 213 -34.91 71.14 -13.44
N VAL E 214 -33.91 70.79 -12.63
CA VAL E 214 -34.14 70.59 -11.20
C VAL E 214 -34.74 71.84 -10.58
N LEU E 215 -34.38 73.02 -11.11
CA LEU E 215 -34.83 74.28 -10.52
C LEU E 215 -36.32 74.51 -10.75
N ASP E 216 -36.93 73.75 -11.65
CA ASP E 216 -38.34 73.92 -11.99
C ASP E 216 -39.27 73.05 -11.16
N SER E 217 -38.72 72.25 -10.24
CA SER E 217 -39.53 71.36 -9.43
C SER E 217 -40.36 72.16 -8.44
N ARG E 218 -41.49 71.57 -8.02
CA ARG E 218 -42.42 72.23 -7.13
C ARG E 218 -43.10 71.21 -6.24
N VAL E 219 -43.40 71.63 -5.02
CA VAL E 219 -44.23 70.85 -4.11
C VAL E 219 -45.67 71.30 -4.27
N LEU E 220 -46.56 70.36 -4.54
CA LEU E 220 -47.97 70.69 -4.77
C LEU E 220 -48.79 70.33 -3.55
N LYS E 221 -49.85 71.10 -3.30
CA LYS E 221 -50.80 70.78 -2.23
C LYS E 221 -52.08 70.25 -2.87
N GLY E 222 -52.16 68.92 -2.97
CA GLY E 222 -53.20 68.31 -3.78
C GLY E 222 -52.75 66.99 -4.37
N VAL E 223 -53.34 66.62 -5.51
CA VAL E 223 -53.03 65.35 -6.18
C VAL E 223 -52.54 65.66 -7.59
N LEU E 224 -51.47 64.98 -7.99
CA LEU E 224 -50.97 65.03 -9.34
C LEU E 224 -51.41 63.79 -10.09
N LEU E 225 -52.30 63.97 -11.07
CA LEU E 225 -52.88 62.86 -11.81
C LEU E 225 -52.20 62.75 -13.18
N ASN E 226 -51.91 61.51 -13.58
CA ASN E 226 -51.22 61.27 -14.84
C ASN E 226 -52.16 60.90 -15.97
N LYS E 227 -53.47 61.04 -15.78
CA LYS E 227 -54.43 60.62 -16.79
C LYS E 227 -54.85 61.79 -17.66
N ASP E 228 -55.18 61.50 -18.92
CA ASP E 228 -55.58 62.52 -19.87
C ASP E 228 -57.07 62.86 -19.76
N VAL E 229 -57.52 63.82 -20.58
CA VAL E 229 -58.83 64.43 -20.46
C VAL E 229 -59.58 64.24 -21.76
N VAL E 230 -60.90 64.50 -21.74
CA VAL E 230 -61.72 64.29 -22.92
C VAL E 230 -61.44 65.32 -24.01
N HIS E 231 -61.02 66.53 -23.64
CA HIS E 231 -60.66 67.55 -24.63
C HIS E 231 -59.52 68.37 -24.07
N PRO E 232 -58.52 68.70 -24.90
CA PRO E 232 -57.37 69.49 -24.41
C PRO E 232 -57.72 70.92 -24.06
N LYS E 233 -58.86 71.42 -24.55
CA LYS E 233 -59.19 72.82 -24.35
C LYS E 233 -60.40 72.96 -23.43
N MET E 234 -60.14 73.06 -22.12
CA MET E 234 -61.19 73.19 -21.13
C MET E 234 -60.73 74.18 -20.06
N SER E 235 -61.68 74.68 -19.27
CA SER E 235 -61.36 75.62 -18.21
C SER E 235 -60.27 75.08 -17.32
N ARG E 236 -59.28 75.93 -17.01
CA ARG E 236 -58.18 75.52 -16.14
C ARG E 236 -58.36 76.02 -14.72
N HIS E 237 -59.06 77.14 -14.52
CA HIS E 237 -59.27 77.69 -13.19
C HIS E 237 -60.75 77.93 -12.94
N ILE E 238 -61.23 77.56 -11.75
CA ILE E 238 -62.65 77.63 -11.44
C ILE E 238 -62.85 78.43 -10.16
N GLU E 239 -63.85 79.32 -10.18
CA GLU E 239 -64.15 80.20 -9.06
C GLU E 239 -64.78 79.45 -7.89
N ASN E 240 -65.66 78.49 -8.20
CA ASN E 240 -66.40 77.72 -7.21
C ASN E 240 -66.33 76.25 -7.61
N PRO E 241 -65.20 75.60 -7.38
CA PRO E 241 -65.04 74.20 -7.81
C PRO E 241 -66.05 73.28 -7.16
N ARG E 242 -66.53 72.33 -7.97
CA ARG E 242 -67.41 71.25 -7.53
C ARG E 242 -66.97 70.00 -8.29
N VAL E 243 -66.65 68.94 -7.55
CA VAL E 243 -65.96 67.79 -8.12
C VAL E 243 -66.81 66.54 -7.96
N VAL E 244 -66.88 65.75 -9.02
CA VAL E 244 -67.69 64.54 -9.07
C VAL E 244 -66.75 63.35 -9.23
N LEU E 245 -66.93 62.32 -8.41
CA LEU E 245 -66.18 61.08 -8.52
C LEU E 245 -67.14 59.93 -8.81
N LEU E 246 -66.95 59.28 -9.96
CA LEU E 246 -67.83 58.20 -10.38
C LEU E 246 -67.01 57.00 -10.82
N ASP E 247 -67.58 55.81 -10.61
CA ASP E 247 -67.02 54.59 -11.18
C ASP E 247 -67.63 54.29 -12.55
N CYS E 248 -68.96 54.18 -12.60
CA CYS E 248 -69.70 53.67 -13.74
C CYS E 248 -69.41 54.48 -15.01
N PRO E 249 -69.21 53.83 -16.15
CA PRO E 249 -68.96 54.58 -17.38
C PRO E 249 -70.22 55.28 -17.87
N LEU E 250 -70.02 56.19 -18.82
CA LEU E 250 -71.11 56.92 -19.46
C LEU E 250 -71.30 56.34 -20.86
N GLU E 251 -72.27 55.44 -20.98
CA GLU E 251 -72.49 54.65 -22.19
C GLU E 251 -73.94 54.20 -22.22
N TYR E 252 -74.31 53.51 -23.30
CA TYR E 252 -75.68 53.07 -23.47
C TYR E 252 -76.14 52.26 -22.27
N LYS E 253 -77.31 52.60 -21.73
CA LYS E 253 -77.86 51.87 -20.60
C LYS E 253 -78.54 50.59 -21.06
N LYS E 254 -78.21 49.49 -20.39
CA LYS E 254 -78.79 48.19 -20.68
C LYS E 254 -79.49 47.67 -19.43
N GLY E 255 -80.50 46.81 -19.66
CA GLY E 255 -81.19 46.21 -18.54
C GLY E 255 -80.44 45.01 -17.98
N GLU E 256 -80.94 44.51 -16.85
CA GLU E 256 -80.34 43.34 -16.20
C GLU E 256 -81.04 42.07 -16.65
N SER E 257 -82.26 42.20 -17.16
CA SER E 257 -83.10 41.05 -17.48
C SER E 257 -83.04 40.83 -18.99
N GLN E 258 -83.93 39.97 -19.49
CA GLN E 258 -83.92 39.60 -20.90
C GLN E 258 -84.68 40.64 -21.73
N THR E 259 -84.05 41.03 -22.84
CA THR E 259 -84.69 41.93 -23.79
C THR E 259 -84.62 41.36 -25.20
N ASN E 260 -85.73 41.43 -25.93
CA ASN E 260 -85.80 40.92 -27.30
C ASN E 260 -86.35 42.03 -28.18
N ILE E 261 -85.54 42.51 -29.11
CA ILE E 261 -85.94 43.55 -30.05
C ILE E 261 -85.95 42.96 -31.45
N GLU E 262 -87.10 43.06 -32.13
CA GLU E 262 -87.28 42.52 -33.47
C GLU E 262 -87.66 43.65 -34.40
N ILE E 263 -86.79 43.93 -35.38
CA ILE E 263 -86.97 45.03 -36.31
C ILE E 263 -87.24 44.45 -37.70
N GLU E 264 -88.31 44.93 -38.34
CA GLU E 264 -88.65 44.53 -39.70
C GLU E 264 -88.43 45.70 -40.65
N LYS E 265 -88.99 46.86 -40.31
CA LYS E 265 -88.82 48.07 -41.11
C LYS E 265 -87.51 48.75 -40.75
N GLU E 266 -86.74 49.10 -41.79
CA GLU E 266 -85.47 49.79 -41.57
C GLU E 266 -85.65 51.13 -40.86
N GLU E 267 -86.79 51.77 -41.03
CA GLU E 267 -87.06 53.06 -40.41
C GLU E 267 -86.92 53.04 -38.89
N ASP E 268 -87.17 51.90 -38.25
CA ASP E 268 -87.12 51.81 -36.79
C ASP E 268 -85.70 51.73 -36.25
N TRP E 269 -84.70 51.52 -37.11
CA TRP E 269 -83.32 51.53 -36.66
C TRP E 269 -82.93 52.90 -36.12
N ASN E 270 -83.38 53.97 -36.79
CA ASN E 270 -83.07 55.32 -36.32
C ASN E 270 -83.66 55.56 -34.93
N ARG E 271 -84.84 55.00 -34.66
CA ARG E 271 -85.45 55.14 -33.34
C ARG E 271 -84.58 54.51 -32.26
N ILE E 272 -84.02 53.34 -32.54
CA ILE E 272 -83.09 52.72 -31.60
C ILE E 272 -81.88 53.61 -31.36
N LEU E 273 -81.32 54.17 -32.43
CA LEU E 273 -80.16 55.05 -32.28
C LEU E 273 -80.50 56.26 -31.44
N GLN E 274 -81.70 56.83 -31.61
CA GLN E 274 -82.11 57.96 -30.79
C GLN E 274 -82.21 57.56 -29.32
N ILE E 275 -82.73 56.36 -29.04
CA ILE E 275 -82.80 55.88 -27.66
C ILE E 275 -81.40 55.73 -27.08
N GLU E 276 -80.46 55.19 -27.86
CA GLU E 276 -79.10 55.03 -27.37
C GLU E 276 -78.49 56.38 -27.00
N GLU E 277 -78.75 57.41 -27.81
CA GLU E 277 -78.26 58.75 -27.48
C GLU E 277 -78.90 59.26 -26.21
N GLU E 278 -80.22 59.04 -26.05
CA GLU E 278 -80.90 59.55 -24.87
C GLU E 278 -80.35 58.93 -23.59
N GLN E 279 -80.13 57.62 -23.58
CA GLN E 279 -79.68 56.96 -22.36
C GLN E 279 -78.33 57.50 -21.91
N VAL E 280 -77.44 57.79 -22.86
CA VAL E 280 -76.17 58.42 -22.51
C VAL E 280 -76.41 59.82 -21.97
N GLN E 281 -77.30 60.58 -22.60
CA GLN E 281 -77.61 61.93 -22.14
C GLN E 281 -78.16 61.90 -20.71
N LEU E 282 -79.05 60.94 -20.44
CA LEU E 282 -79.69 60.89 -19.13
C LEU E 282 -78.66 60.71 -18.02
N MET E 283 -77.66 59.87 -18.25
CA MET E 283 -76.55 59.77 -17.31
C MET E 283 -75.86 61.13 -17.12
N CYS E 284 -75.62 61.83 -18.23
CA CYS E 284 -74.94 63.13 -18.14
C CYS E 284 -75.82 64.17 -17.47
N GLU E 285 -77.14 64.09 -17.67
CA GLU E 285 -78.05 65.04 -17.04
C GLU E 285 -77.98 64.94 -15.52
N GLN E 286 -77.92 63.72 -14.99
CA GLN E 286 -77.78 63.54 -13.55
C GLN E 286 -76.45 64.11 -13.05
N ILE E 287 -75.39 63.99 -13.85
CA ILE E 287 -74.12 64.61 -13.49
C ILE E 287 -74.24 66.13 -13.52
N LEU E 288 -74.79 66.66 -14.61
CA LEU E 288 -74.90 68.11 -14.77
C LEU E 288 -75.91 68.73 -13.82
N ALA E 289 -76.87 67.95 -13.32
CA ALA E 289 -77.93 68.50 -12.49
C ALA E 289 -77.35 69.17 -11.24
N VAL E 290 -76.22 68.66 -10.75
CA VAL E 290 -75.66 69.13 -9.48
C VAL E 290 -74.57 70.16 -9.76
N ARG E 291 -74.58 70.72 -10.96
CA ARG E 291 -73.74 71.85 -11.33
C ARG E 291 -72.25 71.58 -11.05
N PRO E 292 -71.69 70.50 -11.63
CA PRO E 292 -70.28 70.21 -11.38
C PRO E 292 -69.36 71.11 -12.19
N THR E 293 -68.09 71.13 -11.81
CA THR E 293 -67.06 71.80 -12.58
C THR E 293 -65.93 70.88 -13.03
N LEU E 294 -65.72 69.74 -12.37
CA LEU E 294 -64.81 68.71 -12.83
C LEU E 294 -65.39 67.34 -12.50
N VAL E 295 -65.50 66.48 -13.52
CA VAL E 295 -66.07 65.15 -13.36
C VAL E 295 -64.94 64.15 -13.64
N ILE E 296 -64.74 63.22 -12.71
CA ILE E 296 -63.73 62.17 -12.84
C ILE E 296 -64.44 60.83 -12.81
N THR E 297 -64.19 60.01 -13.83
CA THR E 297 -64.76 58.67 -13.92
C THR E 297 -63.66 57.65 -14.09
N GLU E 298 -63.76 56.54 -13.34
CA GLU E 298 -62.77 55.47 -13.45
C GLU E 298 -62.84 54.80 -14.81
N LYS E 299 -64.05 54.45 -15.25
CA LYS E 299 -64.24 53.83 -16.55
C LYS E 299 -64.39 54.91 -17.62
N GLY E 300 -64.54 54.51 -18.87
CA GLY E 300 -64.42 55.45 -19.98
C GLY E 300 -65.66 56.31 -20.16
N VAL E 301 -65.56 57.25 -21.08
CA VAL E 301 -66.62 58.21 -21.37
C VAL E 301 -66.88 58.17 -22.88
N SER E 302 -68.12 57.88 -23.26
CA SER E 302 -68.45 57.78 -24.68
C SER E 302 -68.30 59.13 -25.36
N ASP E 303 -68.10 59.11 -26.68
CA ASP E 303 -67.96 60.35 -27.44
C ASP E 303 -69.14 61.28 -27.22
N LEU E 304 -70.36 60.73 -27.19
CA LEU E 304 -71.53 61.56 -26.91
C LEU E 304 -71.46 62.15 -25.50
N ALA E 305 -71.10 61.32 -24.51
CA ALA E 305 -71.02 61.80 -23.14
C ALA E 305 -69.98 62.90 -23.01
N GLN E 306 -68.87 62.79 -23.75
CA GLN E 306 -67.84 63.82 -23.68
C GLN E 306 -68.39 65.18 -24.06
N HIS E 307 -69.16 65.24 -25.15
CA HIS E 307 -69.74 66.52 -25.56
C HIS E 307 -70.89 66.92 -24.66
N TYR E 308 -71.68 65.96 -24.19
CA TYR E 308 -72.82 66.28 -23.33
C TYR E 308 -72.38 67.00 -22.06
N LEU E 309 -71.28 66.56 -21.45
CA LEU E 309 -70.79 67.18 -20.23
C LEU E 309 -70.03 68.49 -20.48
N LEU E 310 -69.13 68.52 -21.46
CA LEU E 310 -68.34 69.73 -21.69
C LEU E 310 -69.26 70.91 -22.02
N LYS E 311 -70.27 70.67 -22.86
CA LYS E 311 -71.19 71.75 -23.22
C LYS E 311 -71.95 72.26 -22.00
N GLY E 312 -71.97 71.48 -20.91
CA GLY E 312 -72.65 71.92 -19.70
C GLY E 312 -71.83 72.83 -18.82
N GLY E 313 -70.58 73.09 -19.21
CA GLY E 313 -69.72 73.99 -18.45
C GLY E 313 -68.89 73.31 -17.39
N CYS E 314 -68.32 72.15 -17.71
CA CYS E 314 -67.48 71.42 -16.78
C CYS E 314 -66.39 70.69 -17.55
N SER E 315 -65.36 70.26 -16.81
CA SER E 315 -64.30 69.45 -17.37
C SER E 315 -64.50 67.99 -16.99
N VAL E 316 -63.99 67.10 -17.83
CA VAL E 316 -64.15 65.66 -17.64
C VAL E 316 -62.78 64.99 -17.70
N LEU E 317 -62.45 64.23 -16.67
CA LEU E 317 -61.19 63.49 -16.59
C LEU E 317 -61.52 62.00 -16.55
N ARG E 318 -60.82 61.21 -17.36
CA ARG E 318 -61.18 59.83 -17.59
C ARG E 318 -60.08 58.90 -17.09
N ARG E 319 -60.47 57.63 -16.87
CA ARG E 319 -59.54 56.54 -16.62
C ARG E 319 -58.70 56.78 -15.35
N VAL E 320 -59.38 57.20 -14.29
CA VAL E 320 -58.74 57.47 -13.00
C VAL E 320 -59.17 56.40 -12.01
N LYS E 321 -58.19 55.62 -11.53
CA LYS E 321 -58.52 54.43 -10.76
C LYS E 321 -59.09 54.80 -9.39
N LYS E 322 -59.78 53.85 -8.78
CA LYS E 322 -60.28 54.06 -7.43
C LYS E 322 -59.17 54.54 -6.49
N SER E 323 -57.96 54.01 -6.66
CA SER E 323 -56.84 54.43 -5.82
C SER E 323 -56.59 55.92 -5.95
N ASP E 324 -56.67 56.46 -7.18
CA ASP E 324 -56.51 57.90 -7.37
C ASP E 324 -57.72 58.66 -6.88
N ASN E 325 -58.92 58.11 -7.11
CA ASN E 325 -60.14 58.77 -6.64
C ASN E 325 -60.14 58.93 -5.12
N ASN E 326 -59.56 57.96 -4.41
CA ASN E 326 -59.41 58.11 -2.96
C ASN E 326 -58.52 59.29 -2.62
N ARG E 327 -57.41 59.46 -3.33
CA ARG E 327 -56.57 60.63 -3.14
C ARG E 327 -57.30 61.91 -3.51
N ILE E 328 -58.08 61.88 -4.60
CA ILE E 328 -58.82 63.07 -5.02
C ILE E 328 -59.85 63.44 -3.96
N ALA E 329 -60.58 62.44 -3.44
CA ALA E 329 -61.55 62.62 -2.36
C ALA E 329 -60.95 63.26 -1.11
N ARG E 330 -59.71 62.92 -0.73
CA ARG E 330 -59.07 63.56 0.42
C ARG E 330 -58.81 65.05 0.22
N VAL E 331 -58.48 65.49 -0.99
CA VAL E 331 -58.10 66.87 -1.25
C VAL E 331 -59.26 67.69 -1.80
N THR E 332 -60.31 67.03 -2.29
CA THR E 332 -61.53 67.69 -2.71
C THR E 332 -62.62 67.53 -1.66
N GLY E 333 -62.67 66.38 -1.02
CA GLY E 333 -63.79 66.00 -0.18
C GLY E 333 -64.94 65.33 -0.91
N ALA E 334 -64.84 65.16 -2.22
CA ALA E 334 -65.93 64.57 -3.00
C ALA E 334 -66.11 63.10 -2.63
N THR E 335 -67.36 62.66 -2.52
CA THR E 335 -67.64 61.26 -2.23
C THR E 335 -67.67 60.45 -3.52
N ILE E 336 -67.07 59.27 -3.49
CA ILE E 336 -67.12 58.37 -4.64
C ILE E 336 -68.47 57.68 -4.69
N VAL E 337 -69.13 57.76 -5.85
CA VAL E 337 -70.44 57.16 -6.07
C VAL E 337 -70.30 56.19 -7.23
N ASN E 338 -70.81 54.97 -7.06
CA ASN E 338 -70.69 53.92 -8.08
C ASN E 338 -71.55 54.21 -9.31
N ARG E 339 -72.87 54.29 -9.12
CA ARG E 339 -73.80 54.47 -10.23
C ARG E 339 -74.01 55.96 -10.50
N VAL E 340 -73.97 56.32 -11.79
CA VAL E 340 -74.10 57.72 -12.17
C VAL E 340 -75.39 58.34 -11.66
N GLU E 341 -76.51 57.64 -11.74
CA GLU E 341 -77.80 58.21 -11.42
C GLU E 341 -77.94 58.60 -9.95
N ASP E 342 -77.09 58.05 -9.08
CA ASP E 342 -77.18 58.25 -7.64
C ASP E 342 -76.36 59.43 -7.16
N LEU E 343 -75.72 60.17 -8.06
CA LEU E 343 -74.89 61.31 -7.66
C LEU E 343 -75.67 62.32 -6.84
N LYS E 344 -75.09 62.77 -5.74
CA LYS E 344 -75.74 63.68 -4.81
C LYS E 344 -75.18 65.09 -4.94
N GLU E 345 -76.02 66.07 -4.62
CA GLU E 345 -75.61 67.48 -4.66
C GLU E 345 -74.57 67.82 -3.60
N SER E 346 -74.32 66.92 -2.64
CA SER E 346 -73.35 67.21 -1.58
C SER E 346 -71.92 66.94 -2.02
N ASP E 347 -71.71 66.43 -3.23
CA ASP E 347 -70.37 66.14 -3.73
C ASP E 347 -69.73 67.42 -4.26
N VAL E 348 -68.80 67.95 -3.46
CA VAL E 348 -68.17 69.22 -3.79
C VAL E 348 -66.65 69.11 -3.68
N GLY E 349 -65.95 70.07 -4.29
CA GLY E 349 -64.50 70.15 -4.21
C GLY E 349 -63.97 71.57 -4.14
N THR E 350 -64.68 72.45 -3.43
CA THR E 350 -64.40 73.87 -3.49
C THR E 350 -63.07 74.21 -2.82
N ASN E 351 -62.70 75.48 -2.94
CA ASN E 351 -61.41 76.01 -2.45
C ASN E 351 -60.24 75.31 -3.12
N CYS E 352 -60.45 74.91 -4.38
CA CYS E 352 -59.39 74.32 -5.19
C CYS E 352 -58.89 75.39 -6.15
N GLY E 353 -57.56 75.56 -6.21
CA GLY E 353 -57.00 76.69 -6.95
C GLY E 353 -57.01 76.50 -8.46
N LEU E 354 -56.86 75.26 -8.91
CA LEU E 354 -56.78 75.02 -10.35
C LEU E 354 -57.20 73.59 -10.67
N PHE E 355 -57.66 73.39 -11.90
CA PHE E 355 -57.81 72.10 -12.55
C PHE E 355 -56.92 71.98 -13.78
N LYS E 356 -55.69 72.49 -13.70
CA LYS E 356 -54.82 72.61 -14.88
C LYS E 356 -54.64 71.28 -15.59
N VAL E 357 -54.78 71.33 -16.91
CA VAL E 357 -54.67 70.19 -17.80
C VAL E 357 -53.47 70.31 -18.72
N GLU E 358 -52.43 71.01 -18.25
CA GLU E 358 -51.25 71.30 -19.07
C GLU E 358 -50.55 70.02 -19.53
N MET E 359 -50.13 70.02 -20.80
CA MET E 359 -49.26 68.99 -21.36
C MET E 359 -47.81 69.38 -21.09
N ILE E 360 -47.11 68.55 -20.35
CA ILE E 360 -45.74 68.82 -19.92
C ILE E 360 -44.86 67.67 -20.39
N GLY E 361 -43.83 67.97 -21.17
CA GLY E 361 -42.97 66.94 -21.73
C GLY E 361 -43.65 66.07 -22.76
N ASP E 362 -44.61 66.65 -23.49
CA ASP E 362 -45.45 65.92 -24.44
C ASP E 362 -46.28 64.83 -23.74
N GLU E 363 -46.74 65.11 -22.52
CA GLU E 363 -47.58 64.17 -21.79
C GLU E 363 -48.64 64.99 -21.04
N TYR E 364 -49.88 64.51 -21.07
CA TYR E 364 -50.97 65.25 -20.45
C TYR E 364 -51.09 64.90 -18.96
N PHE E 365 -51.23 65.91 -18.12
CA PHE E 365 -51.46 65.74 -16.69
C PHE E 365 -52.68 66.55 -16.27
N SER E 366 -53.15 66.27 -15.05
CA SER E 366 -54.25 67.01 -14.44
C SER E 366 -53.89 67.30 -12.99
N PHE E 367 -53.93 68.57 -12.61
CA PHE E 367 -53.50 69.01 -11.29
C PHE E 367 -54.69 69.55 -10.50
N LEU E 368 -54.80 69.12 -9.24
CA LEU E 368 -55.87 69.52 -8.35
C LEU E 368 -55.34 70.38 -7.20
N ASP E 369 -54.32 71.19 -7.47
CA ASP E 369 -53.70 72.04 -6.46
C ASP E 369 -54.71 72.96 -5.78
N ASN E 370 -54.67 72.96 -4.45
CA ASN E 370 -55.64 73.71 -3.65
C ASN E 370 -54.96 74.43 -2.49
N CYS E 371 -55.76 75.09 -1.65
CA CYS E 371 -55.27 75.78 -0.47
C CYS E 371 -55.43 74.95 0.81
N LYS E 372 -55.51 73.64 0.69
CA LYS E 372 -55.71 72.75 1.83
C LYS E 372 -54.44 71.97 2.11
N GLU E 373 -54.33 71.46 3.34
CA GLU E 373 -53.25 70.57 3.76
C GLU E 373 -53.84 69.35 4.43
N PRO E 374 -54.53 68.45 3.70
CA PRO E 374 -55.21 67.33 4.36
C PRO E 374 -54.26 66.18 4.67
N LYS E 375 -53.19 66.46 5.41
CA LYS E 375 -52.15 65.52 5.79
C LYS E 375 -51.51 64.82 4.61
N ALA E 376 -51.32 65.50 3.48
CA ALA E 376 -50.74 64.87 2.29
C ALA E 376 -50.23 65.94 1.34
N CYS E 377 -49.31 65.56 0.47
CA CYS E 377 -48.83 66.40 -0.63
C CYS E 377 -48.25 65.52 -1.73
N THR E 378 -47.85 66.17 -2.83
CA THR E 378 -47.14 65.52 -3.92
C THR E 378 -45.95 66.40 -4.29
N ILE E 379 -44.78 65.78 -4.46
CA ILE E 379 -43.64 66.47 -5.05
C ILE E 379 -43.62 66.23 -6.55
N MET E 380 -43.53 67.31 -7.31
CA MET E 380 -43.42 67.25 -8.77
C MET E 380 -41.97 67.58 -9.14
N LEU E 381 -41.26 66.59 -9.67
CA LEU E 381 -39.88 66.77 -10.08
C LEU E 381 -39.79 67.00 -11.58
N ARG E 382 -38.97 67.98 -11.98
CA ARG E 382 -38.75 68.31 -13.38
C ARG E 382 -37.30 67.97 -13.73
N GLY E 383 -37.04 67.78 -15.01
CA GLY E 383 -35.71 67.39 -15.47
C GLY E 383 -35.68 67.14 -16.96
N GLY E 384 -34.52 67.33 -17.56
CA GLY E 384 -34.42 67.32 -19.01
C GLY E 384 -34.32 65.92 -19.59
N SER E 385 -34.28 64.90 -18.73
CA SER E 385 -34.14 63.51 -19.12
C SER E 385 -34.60 62.64 -17.97
N LYS E 386 -34.88 61.37 -18.28
CA LYS E 386 -35.20 60.40 -17.22
C LYS E 386 -34.04 60.24 -16.25
N ASP E 387 -32.81 60.30 -16.74
CA ASP E 387 -31.65 60.19 -15.86
C ASP E 387 -31.62 61.33 -14.86
N ILE E 388 -31.91 62.55 -15.32
CA ILE E 388 -31.96 63.70 -14.41
C ILE E 388 -33.08 63.52 -13.40
N LEU E 389 -34.26 63.09 -13.87
CA LEU E 389 -35.39 62.88 -12.95
C LEU E 389 -35.05 61.83 -11.90
N ASN E 390 -34.38 60.75 -12.29
CA ASN E 390 -34.01 59.72 -11.31
C ASN E 390 -32.92 60.21 -10.37
N GLU E 391 -31.94 60.96 -10.91
CA GLU E 391 -30.87 61.48 -10.06
C GLU E 391 -31.42 62.42 -9.00
N ILE E 392 -32.37 63.27 -9.37
CA ILE E 392 -32.97 64.19 -8.40
C ILE E 392 -33.73 63.40 -7.34
N ASP E 393 -34.58 62.47 -7.79
CA ASP E 393 -35.38 61.66 -6.87
C ASP E 393 -34.49 60.89 -5.91
N ARG E 394 -33.54 60.12 -6.44
CA ARG E 394 -32.72 59.25 -5.61
C ARG E 394 -31.98 60.05 -4.54
N ASN E 395 -31.46 61.23 -4.89
CA ASN E 395 -30.75 62.04 -3.91
C ASN E 395 -31.71 62.80 -3.01
N LEU E 396 -32.86 63.22 -3.54
CA LEU E 396 -33.83 63.94 -2.71
C LEU E 396 -34.30 63.08 -1.55
N GLN E 397 -34.41 61.77 -1.76
CA GLN E 397 -34.90 60.89 -0.70
C GLN E 397 -34.04 61.00 0.55
N ASP E 398 -32.72 61.12 0.38
CA ASP E 398 -31.85 61.36 1.53
C ASP E 398 -32.24 62.63 2.26
N ALA E 399 -32.48 63.71 1.51
CA ALA E 399 -32.87 64.97 2.14
C ALA E 399 -34.19 64.83 2.87
N MET E 400 -35.14 64.10 2.29
CA MET E 400 -36.45 63.95 2.91
C MET E 400 -36.36 63.08 4.16
N ALA E 401 -35.52 62.05 4.15
CA ALA E 401 -35.35 61.23 5.35
C ALA E 401 -34.86 62.05 6.53
N VAL E 402 -33.92 62.96 6.29
CA VAL E 402 -33.42 63.81 7.36
C VAL E 402 -34.51 64.79 7.81
N ALA E 403 -35.20 65.41 6.85
CA ALA E 403 -36.28 66.33 7.20
C ALA E 403 -37.32 65.64 8.07
N ARG E 404 -37.65 64.38 7.77
CA ARG E 404 -38.55 63.62 8.62
C ARG E 404 -37.96 63.44 10.01
N ASN E 405 -36.69 63.01 10.08
CA ASN E 405 -36.08 62.71 11.37
C ASN E 405 -35.99 63.96 12.24
N VAL E 406 -35.73 65.11 11.61
CA VAL E 406 -35.59 66.36 12.38
C VAL E 406 -36.96 66.89 12.76
N MET E 407 -37.89 66.95 11.82
CA MET E 407 -39.22 67.49 12.12
C MET E 407 -40.02 66.60 13.04
N LEU E 408 -39.66 65.32 13.16
CA LEU E 408 -40.28 64.41 14.10
C LEU E 408 -39.83 64.63 15.55
N SER E 409 -38.72 65.36 15.74
CA SER E 409 -38.21 65.72 17.07
C SER E 409 -37.21 66.87 16.92
N PRO E 410 -37.39 67.96 17.66
CA PRO E 410 -36.47 69.10 17.59
C PRO E 410 -35.11 68.88 18.25
N SER E 411 -34.90 67.74 18.89
CA SER E 411 -33.65 67.45 19.58
C SER E 411 -32.62 66.80 18.67
N LEU E 412 -31.41 67.36 18.67
CA LEU E 412 -30.28 66.84 17.93
C LEU E 412 -29.24 66.28 18.89
N SER E 413 -28.68 65.12 18.54
CA SER E 413 -27.67 64.51 19.37
C SER E 413 -26.27 64.80 18.83
N PRO E 414 -25.27 64.95 19.70
CA PRO E 414 -23.90 65.20 19.22
C PRO E 414 -23.30 63.98 18.54
N GLY E 415 -22.53 64.20 17.49
CA GLY E 415 -21.94 63.11 16.73
C GLY E 415 -20.51 62.85 17.16
N GLY E 416 -19.76 62.21 16.25
CA GLY E 416 -18.36 61.92 16.51
C GLY E 416 -18.12 60.93 17.61
N GLY E 417 -19.12 60.10 17.93
CA GLY E 417 -19.02 59.20 19.06
C GLY E 417 -19.34 59.82 20.39
N ALA E 418 -19.68 61.12 20.42
CA ALA E 418 -19.94 61.78 21.69
C ALA E 418 -21.15 61.18 22.40
N THR E 419 -22.26 61.03 21.67
CA THR E 419 -23.48 60.51 22.28
C THR E 419 -23.24 59.11 22.86
N GLU E 420 -22.58 58.25 22.09
CA GLU E 420 -22.35 56.87 22.54
C GLU E 420 -21.44 56.84 23.77
N MET E 421 -20.40 57.68 23.77
CA MET E 421 -19.53 57.77 24.94
C MET E 421 -20.27 58.34 26.15
N ALA E 422 -21.14 59.32 25.95
CA ALA E 422 -21.94 59.84 27.05
C ALA E 422 -22.80 58.75 27.67
N VAL E 423 -23.38 57.89 26.83
CA VAL E 423 -24.16 56.77 27.34
C VAL E 423 -23.28 55.82 28.14
N SER E 424 -22.07 55.53 27.64
CA SER E 424 -21.14 54.68 28.37
C SER E 424 -20.84 55.24 29.76
N VAL E 425 -20.49 56.53 29.85
CA VAL E 425 -20.14 57.11 31.13
C VAL E 425 -21.35 57.13 32.06
N LYS E 426 -22.49 57.59 31.56
CA LYS E 426 -23.67 57.72 32.42
C LYS E 426 -24.17 56.35 32.89
N LEU E 427 -24.11 55.33 32.03
CA LEU E 427 -24.49 53.99 32.46
C LEU E 427 -23.55 53.49 33.56
N ALA E 428 -22.27 53.80 33.45
CA ALA E 428 -21.33 53.41 34.50
C ALA E 428 -21.71 54.03 35.84
N GLU E 429 -22.14 55.29 35.83
CA GLU E 429 -22.57 55.94 37.05
C GLU E 429 -23.77 55.23 37.67
N LYS E 430 -24.70 54.77 36.82
CA LYS E 430 -25.86 54.05 37.33
C LYS E 430 -25.50 52.61 37.69
N ALA E 431 -24.55 52.02 36.97
CA ALA E 431 -24.17 50.64 37.24
C ALA E 431 -23.69 50.48 38.68
N LYS E 432 -22.93 51.46 39.18
CA LYS E 432 -22.44 51.37 40.56
C LYS E 432 -23.58 51.36 41.57
N GLN E 433 -24.76 51.83 41.17
CA GLN E 433 -25.91 51.92 42.05
C GLN E 433 -26.87 50.76 41.87
N LEU E 434 -26.57 49.83 40.96
CA LEU E 434 -27.46 48.72 40.65
C LEU E 434 -27.00 47.50 41.46
N GLU E 435 -27.90 46.99 42.29
CA GLU E 435 -27.60 45.85 43.15
C GLU E 435 -28.04 44.55 42.49
N GLY E 436 -27.30 43.48 42.80
CA GLY E 436 -27.65 42.16 42.33
C GLY E 436 -26.86 41.66 41.15
N ILE E 437 -27.10 40.40 40.77
CA ILE E 437 -26.36 39.78 39.67
C ILE E 437 -26.51 40.58 38.37
N GLN E 438 -27.61 41.32 38.23
CA GLN E 438 -27.84 42.06 37.00
C GLN E 438 -26.77 43.13 36.76
N GLN E 439 -25.99 43.47 37.80
CA GLN E 439 -24.94 44.47 37.63
C GLN E 439 -24.01 44.12 36.48
N TRP E 440 -23.70 42.83 36.31
CA TRP E 440 -22.76 42.42 35.28
C TRP E 440 -23.29 42.65 33.87
N PRO E 441 -24.38 42.00 33.42
CA PRO E 441 -24.86 42.26 32.05
C PRO E 441 -25.26 43.71 31.83
N TYR E 442 -25.61 44.44 32.88
CA TYR E 442 -25.85 45.87 32.76
C TYR E 442 -24.61 46.59 32.22
N GLN E 443 -23.44 46.27 32.77
CA GLN E 443 -22.20 46.88 32.27
C GLN E 443 -21.96 46.55 30.81
N ALA E 444 -22.43 45.39 30.36
CA ALA E 444 -22.19 44.96 28.98
C ALA E 444 -22.59 46.04 27.98
N VAL E 445 -23.74 46.68 28.19
CA VAL E 445 -24.17 47.75 27.29
C VAL E 445 -23.28 48.97 27.46
N ALA E 446 -22.95 49.32 28.70
CA ALA E 446 -22.11 50.48 28.95
C ALA E 446 -20.79 50.38 28.18
N ASP E 447 -20.20 49.18 28.15
CA ASP E 447 -18.94 49.01 27.43
C ASP E 447 -19.18 48.93 25.92
N ALA E 448 -20.26 48.24 25.52
CA ALA E 448 -20.51 48.01 24.10
C ALA E 448 -20.68 49.33 23.35
N MET E 449 -21.27 50.33 24.02
CA MET E 449 -21.56 51.59 23.34
C MET E 449 -20.29 52.23 22.79
N GLU E 450 -19.14 51.92 23.40
CA GLU E 450 -17.90 52.59 23.02
C GLU E 450 -17.32 52.03 21.73
N CYS E 451 -17.97 51.02 21.13
CA CYS E 451 -17.51 50.51 19.85
C CYS E 451 -17.52 51.59 18.76
N ILE E 452 -18.37 52.60 18.90
CA ILE E 452 -18.50 53.66 17.90
C ILE E 452 -17.32 54.63 18.01
N PRO E 453 -17.09 55.31 19.13
CA PRO E 453 -15.90 56.16 19.21
C PRO E 453 -14.60 55.40 19.06
N ARG E 454 -14.59 54.11 19.41
CA ARG E 454 -13.39 53.29 19.19
C ARG E 454 -13.17 53.06 17.69
N THR E 455 -14.23 52.65 16.98
CA THR E 455 -14.09 52.40 15.55
C THR E 455 -13.72 53.68 14.80
N LEU E 456 -14.32 54.80 15.18
CA LEU E 456 -14.00 56.06 14.51
C LEU E 456 -12.52 56.39 14.62
N ILE E 457 -11.92 56.16 15.78
CA ILE E 457 -10.50 56.38 15.95
C ILE E 457 -9.71 55.46 15.03
N GLN E 458 -10.08 54.18 14.99
CA GLN E 458 -9.34 53.21 14.18
C GLN E 458 -9.40 53.58 12.70
N ASN E 459 -10.58 53.98 12.22
CA ASN E 459 -10.74 54.38 10.82
C ASN E 459 -10.06 55.70 10.50
N ALA E 460 -10.02 56.63 11.46
CA ALA E 460 -9.23 57.85 11.34
C ALA E 460 -7.73 57.58 11.31
N GLY E 461 -7.26 56.56 12.03
CA GLY E 461 -5.87 56.19 12.06
C GLY E 461 -5.16 56.51 13.36
N GLY E 462 -5.91 56.75 14.44
CA GLY E 462 -5.28 57.08 15.70
C GLY E 462 -5.09 55.86 16.59
N ASP E 463 -4.72 56.13 17.83
CA ASP E 463 -4.48 55.06 18.79
C ASP E 463 -5.80 54.68 19.45
N PRO E 464 -6.30 53.45 19.25
CA PRO E 464 -7.65 53.13 19.75
C PRO E 464 -7.76 53.12 21.26
N ILE E 465 -6.63 53.09 21.97
CA ILE E 465 -6.67 53.05 23.43
C ILE E 465 -6.39 54.43 24.02
N ARG E 466 -5.33 55.08 23.53
CA ARG E 466 -4.89 56.34 24.11
C ARG E 466 -5.90 57.46 23.83
N LEU E 467 -6.44 57.49 22.60
CA LEU E 467 -7.43 58.49 22.27
C LEU E 467 -8.78 58.19 22.89
N LEU E 468 -9.16 56.91 22.92
CA LEU E 468 -10.43 56.53 23.55
C LEU E 468 -10.41 56.82 25.04
N SER E 469 -9.28 56.54 25.70
CA SER E 469 -9.18 56.82 27.12
C SER E 469 -9.31 58.32 27.41
N GLN E 470 -8.66 59.15 26.60
CA GLN E 470 -8.78 60.59 26.77
C GLN E 470 -10.20 61.04 26.51
N LEU E 471 -10.85 60.48 25.49
CA LEU E 471 -12.24 60.83 25.20
C LEU E 471 -13.14 60.52 26.39
N ARG E 472 -13.01 59.32 26.95
CA ARG E 472 -13.81 58.95 28.11
C ARG E 472 -13.55 59.90 29.27
N ALA E 473 -12.28 60.24 29.52
CA ALA E 473 -11.95 61.13 30.62
C ALA E 473 -12.63 62.49 30.45
N LYS E 474 -12.68 62.99 29.21
CA LYS E 474 -13.32 64.27 28.97
C LYS E 474 -14.79 64.24 29.34
N HIS E 475 -15.48 63.13 29.02
CA HIS E 475 -16.88 63.00 29.37
C HIS E 475 -17.04 62.75 30.87
N ALA E 476 -16.11 62.02 31.47
CA ALA E 476 -16.21 61.72 32.90
C ALA E 476 -16.14 62.98 33.75
N GLN E 477 -15.30 63.94 33.36
CA GLN E 477 -15.08 65.13 34.17
C GLN E 477 -15.73 66.35 33.53
N GLY E 478 -15.92 66.37 32.22
CA GLY E 478 -16.34 67.57 31.53
C GLY E 478 -17.71 67.41 30.90
N ASN E 479 -17.83 67.96 29.69
CA ASN E 479 -19.11 67.96 29.00
C ASN E 479 -19.27 66.73 28.12
N PHE E 480 -20.49 66.53 27.64
CA PHE E 480 -20.85 65.40 26.78
C PHE E 480 -20.88 65.76 25.30
N THR E 481 -20.26 66.87 24.91
CA THR E 481 -20.20 67.30 23.52
C THR E 481 -18.84 67.04 22.90
N THR E 482 -17.98 66.28 23.58
CA THR E 482 -16.62 66.02 23.13
C THR E 482 -16.65 64.78 22.25
N GLY E 483 -16.09 64.88 21.05
CA GLY E 483 -16.05 63.78 20.12
C GLY E 483 -14.73 63.63 19.39
N ILE E 484 -14.72 62.79 18.35
CA ILE E 484 -13.52 62.50 17.57
C ILE E 484 -13.63 63.24 16.24
N ASP E 485 -12.55 63.92 15.86
CA ASP E 485 -12.51 64.60 14.57
C ASP E 485 -12.25 63.60 13.46
N GLY E 486 -13.24 63.44 12.59
CA GLY E 486 -13.17 62.42 11.55
C GLY E 486 -11.99 62.60 10.61
N ASP E 487 -11.54 63.84 10.44
CA ASP E 487 -10.48 64.11 9.48
C ASP E 487 -9.11 64.12 10.14
N LYS E 488 -9.01 64.71 11.32
CA LYS E 488 -7.72 64.90 11.98
C LYS E 488 -7.41 63.74 12.92
N GLY E 489 -8.45 63.10 13.45
CA GLY E 489 -8.29 62.10 14.48
C GLY E 489 -8.13 62.63 15.89
N LYS E 490 -8.21 63.94 16.07
CA LYS E 490 -8.03 64.58 17.37
C LYS E 490 -9.36 64.66 18.10
N ILE E 491 -9.28 64.85 19.41
CA ILE E 491 -10.47 65.03 20.24
C ILE E 491 -10.89 66.49 20.21
N VAL E 492 -12.10 66.76 19.70
CA VAL E 492 -12.58 68.10 19.45
C VAL E 492 -14.01 68.22 19.97
N ASP E 493 -14.43 69.46 20.19
CA ASP E 493 -15.80 69.72 20.63
C ASP E 493 -16.76 69.58 19.45
N MET E 494 -17.96 69.06 19.72
CA MET E 494 -18.90 68.78 18.63
C MET E 494 -19.78 69.99 18.33
N VAL E 495 -19.61 71.07 19.08
CA VAL E 495 -20.28 72.33 18.74
C VAL E 495 -19.39 73.16 17.83
N SER E 496 -18.09 73.22 18.14
CA SER E 496 -17.11 73.85 17.25
C SER E 496 -17.08 73.14 15.90
N TYR E 497 -17.14 71.81 15.91
CA TYR E 497 -17.15 71.01 14.69
C TYR E 497 -18.51 70.29 14.64
N GLY E 498 -19.50 70.96 14.08
CA GLY E 498 -20.85 70.44 14.13
C GLY E 498 -20.99 69.16 13.32
N ILE E 499 -21.32 68.07 14.01
CA ILE E 499 -21.50 66.76 13.39
C ILE E 499 -22.76 66.15 13.98
N TRP E 500 -23.74 67.01 14.27
CA TRP E 500 -24.94 66.63 15.01
C TRP E 500 -25.95 65.88 14.14
N GLU E 501 -26.57 64.88 14.75
CA GLU E 501 -27.50 63.96 14.12
C GLU E 501 -28.83 63.97 14.85
N PRO E 502 -29.95 63.82 14.15
CA PRO E 502 -31.24 63.80 14.82
C PRO E 502 -31.30 62.75 15.92
N GLU E 503 -31.91 63.11 17.05
CA GLU E 503 -32.12 62.16 18.13
C GLU E 503 -32.87 60.92 17.65
N VAL E 504 -33.77 61.08 16.69
CA VAL E 504 -34.58 59.95 16.22
C VAL E 504 -33.69 58.78 15.83
N ILE E 505 -32.57 59.06 15.17
CA ILE E 505 -31.69 57.99 14.71
C ILE E 505 -30.99 57.34 15.90
N LYS E 506 -30.50 58.16 16.84
CA LYS E 506 -29.75 57.62 17.97
C LYS E 506 -30.64 56.78 18.88
N GLN E 507 -31.90 57.20 19.06
CA GLN E 507 -32.82 56.46 19.93
C GLN E 507 -33.19 55.12 19.33
N GLN E 508 -33.49 55.10 18.03
CA GLN E 508 -33.77 53.84 17.34
C GLN E 508 -32.54 52.94 17.24
N SER E 509 -31.35 53.54 17.13
CA SER E 509 -30.14 52.75 16.98
C SER E 509 -29.87 51.89 18.22
N VAL E 510 -29.90 52.51 19.40
CA VAL E 510 -29.64 51.80 20.64
C VAL E 510 -30.81 50.89 20.97
N LYS E 511 -32.03 51.32 20.63
CA LYS E 511 -33.22 50.52 20.90
C LYS E 511 -33.18 49.20 20.15
N THR E 512 -33.06 49.26 18.82
CA THR E 512 -33.10 48.06 18.00
C THR E 512 -31.84 47.21 18.15
N ALA E 513 -30.70 47.83 18.47
CA ALA E 513 -29.47 47.06 18.69
C ALA E 513 -29.60 46.16 19.91
N ILE E 514 -30.07 46.70 21.03
CA ILE E 514 -30.21 45.91 22.24
C ILE E 514 -31.31 44.87 22.08
N GLU E 515 -32.44 45.26 21.48
CA GLU E 515 -33.53 44.31 21.26
C GLU E 515 -33.08 43.15 20.39
N SER E 516 -32.34 43.44 19.32
CA SER E 516 -31.84 42.38 18.45
C SER E 516 -30.91 41.44 19.21
N ALA E 517 -29.98 42.00 19.99
CA ALA E 517 -29.11 41.17 20.81
C ALA E 517 -29.93 40.29 21.75
N CYS E 518 -30.99 40.84 22.33
CA CYS E 518 -31.85 40.04 23.21
C CYS E 518 -32.49 38.88 22.47
N LEU E 519 -32.88 39.08 21.21
CA LEU E 519 -33.54 38.02 20.45
C LEU E 519 -32.61 36.83 20.27
N LEU E 520 -31.32 37.09 20.07
CA LEU E 520 -30.36 36.00 19.89
C LEU E 520 -29.92 35.42 21.22
N LEU E 521 -29.72 36.27 22.23
CA LEU E 521 -29.23 35.78 23.52
C LEU E 521 -30.21 34.83 24.17
N ARG E 522 -31.51 35.02 23.94
CA ARG E 522 -32.52 34.21 24.62
C ARG E 522 -32.78 32.88 23.93
N VAL E 523 -32.10 32.61 22.82
CA VAL E 523 -32.29 31.35 22.09
C VAL E 523 -31.18 30.38 22.50
N ASP E 524 -31.56 29.33 23.23
CA ASP E 524 -30.60 28.34 23.72
C ASP E 524 -30.64 27.03 22.92
N ASP E 525 -31.19 27.04 21.71
CA ASP E 525 -31.25 25.83 20.91
C ASP E 525 -31.73 26.17 19.51
N ILE E 526 -31.03 25.64 18.52
CA ILE E 526 -31.47 25.67 17.12
C ILE E 526 -31.58 24.23 16.65
N VAL E 527 -32.79 23.84 16.21
CA VAL E 527 -33.06 22.48 15.77
C VAL E 527 -33.59 22.52 14.34
N SER E 528 -33.35 21.44 13.61
CA SER E 528 -33.71 21.33 12.21
C SER E 528 -35.04 20.61 12.06
N GLY E 529 -35.80 21.00 11.03
CA GLY E 529 -37.00 20.28 10.68
C GLY E 529 -37.96 21.09 9.83
N VAL E 530 -38.91 20.42 9.18
CA VAL E 530 -39.82 21.08 8.25
C VAL E 530 -41.26 20.74 8.62
N GLU F 13 33.55 5.46 -11.74
CA GLU F 13 34.05 4.20 -12.29
C GLU F 13 34.86 4.46 -13.56
N ARG F 14 34.17 4.88 -14.62
CA ARG F 14 34.80 5.25 -15.87
C ARG F 14 33.92 6.22 -16.64
N THR F 15 34.55 7.29 -17.16
CA THR F 15 33.87 8.25 -18.04
C THR F 15 34.77 8.45 -19.26
N THR F 16 34.17 8.41 -20.44
CA THR F 16 34.91 8.36 -21.69
C THR F 16 34.42 9.45 -22.64
N GLY F 17 35.22 9.70 -23.68
CA GLY F 17 34.77 10.45 -24.83
C GLY F 17 34.37 11.87 -24.46
N ARG F 18 33.33 12.35 -25.15
CA ARG F 18 32.87 13.71 -24.94
C ARG F 18 32.37 13.94 -23.53
N GLN F 19 31.89 12.89 -22.86
CA GLN F 19 31.46 13.03 -21.46
C GLN F 19 32.65 13.33 -20.55
N ALA F 20 33.79 12.69 -20.81
CA ALA F 20 35.01 13.04 -20.09
C ALA F 20 35.45 14.45 -20.42
N GLN F 21 35.37 14.83 -21.69
CA GLN F 21 35.78 16.16 -22.10
C GLN F 21 34.91 17.23 -21.44
N ILE F 22 33.59 17.02 -21.46
CA ILE F 22 32.67 17.98 -20.84
C ILE F 22 32.90 18.02 -19.34
N SER F 23 33.08 16.86 -18.72
CA SER F 23 33.32 16.82 -17.29
C SER F 23 34.59 17.57 -16.90
N ASN F 24 35.66 17.42 -17.68
CA ASN F 24 36.91 18.11 -17.37
C ASN F 24 36.74 19.63 -17.46
N ILE F 25 36.09 20.09 -18.54
CA ILE F 25 35.87 21.53 -18.70
C ILE F 25 34.89 22.04 -17.63
N THR F 26 33.81 21.29 -17.41
CA THR F 26 32.80 21.71 -16.43
C THR F 26 33.43 21.89 -15.05
N ALA F 27 34.21 20.90 -14.59
CA ALA F 27 34.83 21.01 -13.27
C ALA F 27 35.81 22.18 -13.22
N ALA F 28 36.60 22.36 -14.28
CA ALA F 28 37.52 23.50 -14.32
C ALA F 28 36.78 24.83 -14.26
N LYS F 29 35.66 24.93 -14.98
CA LYS F 29 34.86 26.14 -14.91
C LYS F 29 34.34 26.39 -13.49
N ALA F 30 33.93 25.32 -12.80
CA ALA F 30 33.46 25.47 -11.42
C ALA F 30 34.55 26.05 -10.52
N VAL F 31 35.76 25.50 -10.60
CA VAL F 31 36.84 25.97 -9.73
C VAL F 31 37.14 27.44 -10.00
N ALA F 32 37.21 27.81 -11.29
CA ALA F 32 37.41 29.21 -11.65
C ALA F 32 36.29 30.09 -11.10
N ASP F 33 35.06 29.57 -11.12
CA ASP F 33 33.88 30.30 -10.64
C ASP F 33 33.92 30.51 -9.13
N VAL F 34 34.50 29.57 -8.39
CA VAL F 34 34.53 29.67 -6.95
C VAL F 34 35.15 30.99 -6.51
N ILE F 35 36.23 31.39 -7.17
CA ILE F 35 36.97 32.60 -6.81
C ILE F 35 36.90 33.67 -7.89
N ARG F 36 35.94 33.58 -8.81
CA ARG F 36 35.90 34.50 -9.93
C ARG F 36 35.88 35.96 -9.47
N THR F 37 35.12 36.26 -8.42
CA THR F 37 34.95 37.62 -7.94
C THR F 37 35.86 37.94 -6.76
N CYS F 38 36.89 37.11 -6.54
CA CYS F 38 37.87 37.34 -5.48
C CYS F 38 39.12 38.04 -5.98
N LEU F 39 39.13 38.49 -7.24
CA LEU F 39 40.27 39.16 -7.84
C LEU F 39 40.08 40.67 -7.76
N GLY F 40 41.18 41.40 -7.69
CA GLY F 40 41.15 42.85 -7.75
C GLY F 40 41.23 43.50 -6.38
N PRO F 41 41.55 44.80 -6.36
CA PRO F 41 41.64 45.51 -5.07
C PRO F 41 40.30 45.58 -4.34
N LYS F 42 39.18 45.37 -5.04
CA LYS F 42 37.85 45.38 -4.45
C LYS F 42 37.24 43.98 -4.39
N ALA F 43 38.09 42.97 -4.20
CA ALA F 43 37.62 41.57 -4.15
C ALA F 43 36.45 41.40 -3.20
N MET F 44 35.50 40.57 -3.62
CA MET F 44 34.32 40.26 -2.82
C MET F 44 34.64 39.17 -1.80
N LEU F 45 33.78 39.05 -0.80
CA LEU F 45 33.91 38.04 0.25
C LEU F 45 33.19 36.77 -0.17
N LYS F 46 33.62 35.64 0.40
CA LYS F 46 33.03 34.33 0.12
C LYS F 46 32.75 33.64 1.45
N MET F 47 31.50 33.19 1.61
CA MET F 47 31.11 32.55 2.87
C MET F 47 31.30 31.04 2.78
N LEU F 48 32.26 30.52 3.53
CA LEU F 48 32.60 29.11 3.54
C LEU F 48 32.07 28.45 4.81
N LEU F 49 31.10 27.55 4.65
CA LEU F 49 30.49 26.85 5.77
C LEU F 49 31.34 25.64 6.10
N ASP F 50 31.86 25.58 7.32
CA ASP F 50 32.71 24.48 7.73
C ASP F 50 31.86 23.29 8.17
N PRO F 51 32.27 22.06 7.83
CA PRO F 51 31.55 20.89 8.34
C PRO F 51 31.35 20.91 9.84
N MET F 52 32.24 21.57 10.59
CA MET F 52 32.19 21.59 12.05
C MET F 52 31.22 22.63 12.58
N GLY F 53 30.50 23.32 11.71
CA GLY F 53 29.49 24.27 12.12
C GLY F 53 29.88 25.72 12.07
N GLY F 54 31.18 26.03 11.97
CA GLY F 54 31.65 27.39 11.83
C GLY F 54 31.60 27.83 10.37
N LEU F 55 32.04 29.06 10.16
CA LEU F 55 32.12 29.65 8.83
C LEU F 55 33.04 30.86 8.84
N VAL F 56 33.64 31.15 7.69
CA VAL F 56 34.52 32.30 7.51
C VAL F 56 34.04 33.07 6.30
N LEU F 57 34.40 34.35 6.21
CA LEU F 57 34.10 35.20 5.06
C LEU F 57 35.34 35.52 4.24
N THR F 58 36.39 34.69 4.35
CA THR F 58 37.67 35.03 3.75
C THR F 58 37.52 35.30 2.26
N ASN F 59 38.28 36.29 1.78
CA ASN F 59 38.46 36.53 0.35
C ASN F 59 39.83 36.08 -0.15
N ASP F 60 40.56 35.27 0.61
CA ASP F 60 41.89 34.82 0.22
C ASP F 60 41.74 33.68 -0.79
N GLY F 61 42.11 33.93 -2.04
CA GLY F 61 41.91 32.95 -3.09
C GLY F 61 42.53 31.61 -2.79
N HIS F 62 43.71 31.60 -2.15
CA HIS F 62 44.35 30.36 -1.75
C HIS F 62 43.54 29.58 -0.72
N ALA F 63 43.18 30.23 0.39
CA ALA F 63 42.38 29.55 1.41
C ALA F 63 41.04 29.08 0.88
N ILE F 64 40.40 29.86 0.01
CA ILE F 64 39.09 29.48 -0.53
C ILE F 64 39.19 28.19 -1.33
N LEU F 65 40.20 28.11 -2.22
CA LEU F 65 40.43 26.89 -2.97
C LEU F 65 40.92 25.75 -2.10
N ARG F 66 41.75 26.06 -1.09
CA ARG F 66 42.24 25.00 -0.21
C ARG F 66 41.11 24.38 0.60
N GLU F 67 40.20 25.19 1.11
CA GLU F 67 39.22 24.77 2.11
C GLU F 67 37.90 24.32 1.51
N ILE F 68 37.83 24.18 0.18
CA ILE F 68 36.65 23.68 -0.51
C ILE F 68 36.98 22.28 -1.02
N ASP F 69 36.11 21.32 -0.76
CA ASP F 69 36.30 19.97 -1.26
C ASP F 69 35.90 19.90 -2.73
N VAL F 70 36.66 19.13 -3.50
CA VAL F 70 36.32 18.86 -4.90
C VAL F 70 36.34 17.34 -5.12
N ALA F 71 35.58 16.92 -6.13
CA ALA F 71 35.46 15.52 -6.50
C ALA F 71 36.17 15.21 -7.82
N HIS F 72 35.95 16.05 -8.82
CA HIS F 72 36.44 15.77 -10.17
C HIS F 72 37.96 15.88 -10.21
N PRO F 73 38.67 14.87 -10.75
CA PRO F 73 40.13 15.00 -10.89
C PRO F 73 40.57 16.28 -11.57
N ALA F 74 39.77 16.79 -12.52
CA ALA F 74 40.14 18.04 -13.19
C ALA F 74 40.21 19.20 -12.20
N ALA F 75 39.22 19.28 -11.30
CA ALA F 75 39.27 20.30 -10.25
C ALA F 75 40.49 20.12 -9.35
N LYS F 76 40.85 18.87 -9.04
CA LYS F 76 42.03 18.62 -8.23
C LYS F 76 43.30 19.08 -8.93
N SER F 77 43.36 18.94 -10.25
CA SER F 77 44.52 19.45 -10.99
C SER F 77 44.64 20.96 -10.86
N MET F 78 43.51 21.66 -10.89
CA MET F 78 43.55 23.11 -10.75
C MET F 78 44.01 23.51 -9.37
N LEU F 79 43.67 22.73 -8.35
CA LEU F 79 44.15 23.00 -7.00
C LEU F 79 45.66 22.86 -6.91
N GLU F 80 46.21 21.78 -7.48
CA GLU F 80 47.66 21.63 -7.56
C GLU F 80 48.29 22.67 -8.47
N LEU F 81 47.59 23.10 -9.52
CA LEU F 81 48.11 24.15 -10.38
C LEU F 81 48.43 25.40 -9.57
N SER F 82 47.51 25.82 -8.69
CA SER F 82 47.75 27.00 -7.88
C SER F 82 48.96 26.81 -6.96
N ARG F 83 49.17 25.59 -6.46
CA ARG F 83 50.34 25.33 -5.63
C ARG F 83 51.63 25.48 -6.43
N THR F 84 51.62 25.00 -7.67
CA THR F 84 52.79 25.17 -8.53
C THR F 84 53.08 26.65 -8.77
N GLN F 85 52.04 27.43 -9.08
CA GLN F 85 52.23 28.87 -9.27
C GLN F 85 52.89 29.51 -8.06
N ASP F 86 52.40 29.21 -6.86
CA ASP F 86 52.96 29.78 -5.64
C ASP F 86 54.44 29.46 -5.47
N GLU F 87 54.88 28.27 -5.85
CA GLU F 87 56.29 27.91 -5.71
C GLU F 87 57.16 28.64 -6.73
N GLU F 88 56.63 28.89 -7.93
CA GLU F 88 57.43 29.51 -8.98
C GLU F 88 57.46 31.02 -8.83
N VAL F 89 56.30 31.63 -8.63
CA VAL F 89 56.15 33.08 -8.54
C VAL F 89 55.27 33.41 -7.34
N GLY F 90 55.67 34.44 -6.59
CA GLY F 90 55.01 34.74 -5.33
C GLY F 90 53.62 35.31 -5.49
N ASP F 91 53.16 35.44 -6.72
CA ASP F 91 51.86 36.00 -7.04
C ASP F 91 51.30 35.33 -8.29
N GLY F 92 50.09 35.74 -8.66
CA GLY F 92 49.42 35.13 -9.80
C GLY F 92 48.55 33.95 -9.43
N THR F 93 48.37 33.68 -8.14
CA THR F 93 47.61 32.51 -7.72
C THR F 93 46.25 32.48 -8.41
N THR F 94 45.47 33.56 -8.26
CA THR F 94 44.09 33.55 -8.75
C THR F 94 44.03 33.81 -10.26
N THR F 95 45.01 34.53 -10.80
CA THR F 95 45.02 34.79 -12.24
C THR F 95 45.15 33.50 -13.04
N VAL F 96 46.03 32.60 -12.59
CA VAL F 96 46.21 31.33 -13.28
C VAL F 96 44.92 30.52 -13.28
N ILE F 97 44.25 30.44 -12.13
CA ILE F 97 43.05 29.59 -12.02
C ILE F 97 41.93 30.15 -12.88
N ILE F 98 41.75 31.47 -12.87
CA ILE F 98 40.66 32.08 -13.62
C ILE F 98 40.92 31.96 -15.12
N LEU F 99 42.14 32.30 -15.55
CA LEU F 99 42.48 32.22 -16.97
C LEU F 99 42.43 30.79 -17.47
N ALA F 100 42.99 29.85 -16.71
CA ALA F 100 42.99 28.46 -17.13
C ALA F 100 41.57 27.94 -17.33
N GLY F 101 40.66 28.26 -16.41
CA GLY F 101 39.27 27.86 -16.55
C GLY F 101 38.58 28.50 -17.74
N GLU F 102 38.80 29.79 -17.95
CA GLU F 102 38.15 30.48 -19.06
C GLU F 102 38.62 29.96 -20.41
N ILE F 103 39.92 29.62 -20.53
CA ILE F 103 40.42 29.05 -21.78
C ILE F 103 39.69 27.76 -22.11
N LEU F 104 39.52 26.89 -21.10
CA LEU F 104 38.78 25.65 -21.32
C LEU F 104 37.34 25.94 -21.71
N ALA F 105 36.72 26.94 -21.06
CA ALA F 105 35.37 27.32 -21.43
C ALA F 105 35.31 27.80 -22.87
N GLN F 106 36.24 28.66 -23.28
CA GLN F 106 36.26 29.15 -24.65
C GLN F 106 36.58 28.05 -25.66
N CYS F 107 37.31 27.01 -25.25
CA CYS F 107 37.56 25.87 -26.12
C CYS F 107 36.38 24.93 -26.21
N ALA F 108 35.40 25.05 -25.31
CA ALA F 108 34.27 24.12 -25.26
C ALA F 108 33.46 24.06 -26.55
N PRO F 109 32.98 25.18 -27.14
CA PRO F 109 32.22 25.06 -28.40
C PRO F 109 33.05 24.48 -29.52
N TYR F 110 34.38 24.60 -29.43
CA TYR F 110 35.24 24.06 -30.47
C TYR F 110 35.49 22.58 -30.27
N LEU F 111 35.64 22.14 -29.02
CA LEU F 111 35.91 20.72 -28.76
C LEU F 111 34.67 19.87 -29.03
N ILE F 112 33.50 20.34 -28.63
CA ILE F 112 32.27 19.54 -28.65
C ILE F 112 31.42 19.86 -29.88
N GLU F 113 31.02 21.12 -30.04
CA GLU F 113 30.03 21.46 -31.06
C GLU F 113 30.62 21.43 -32.46
N LYS F 114 31.85 21.94 -32.61
CA LYS F 114 32.53 21.97 -33.90
C LYS F 114 33.27 20.68 -34.20
N ASN F 115 33.39 19.79 -33.22
CA ASN F 115 34.04 18.49 -33.39
C ASN F 115 35.48 18.64 -33.86
N ILE F 116 36.21 19.53 -33.20
CA ILE F 116 37.62 19.74 -33.50
C ILE F 116 38.46 18.88 -32.56
N HIS F 117 39.31 18.04 -33.12
CA HIS F 117 40.00 17.04 -32.32
C HIS F 117 40.90 17.73 -31.29
N PRO F 118 40.98 17.19 -30.07
CA PRO F 118 41.86 17.81 -29.07
C PRO F 118 43.25 18.15 -29.57
N VAL F 119 43.82 17.31 -30.45
CA VAL F 119 45.20 17.54 -30.89
C VAL F 119 45.30 18.86 -31.64
N ILE F 120 44.22 19.27 -32.31
CA ILE F 120 44.22 20.54 -33.04
C ILE F 120 44.10 21.71 -32.06
N ILE F 121 43.22 21.56 -31.07
CA ILE F 121 43.04 22.64 -30.09
C ILE F 121 44.32 22.83 -29.27
N ILE F 122 44.92 21.73 -28.83
CA ILE F 122 46.15 21.83 -28.03
C ILE F 122 47.26 22.50 -28.83
N GLN F 123 47.43 22.10 -30.10
CA GLN F 123 48.44 22.74 -30.94
C GLN F 123 48.16 24.23 -31.09
N ALA F 124 46.90 24.59 -31.32
CA ALA F 124 46.55 26.01 -31.44
C ALA F 124 46.84 26.76 -30.14
N LEU F 125 46.54 26.13 -28.99
CA LEU F 125 46.81 26.78 -27.71
C LEU F 125 48.30 27.01 -27.50
N LYS F 126 49.13 26.05 -27.90
CA LYS F 126 50.58 26.22 -27.75
C LYS F 126 51.07 27.40 -28.57
N LYS F 127 50.54 27.57 -29.79
CA LYS F 127 50.90 28.73 -30.60
C LYS F 127 50.39 30.02 -29.97
N ALA F 128 49.17 29.99 -29.42
CA ALA F 128 48.64 31.17 -28.74
C ALA F 128 49.53 31.57 -27.55
N LEU F 129 50.06 30.58 -26.83
CA LEU F 129 50.99 30.89 -25.74
C LEU F 129 52.23 31.60 -26.27
N THR F 130 52.85 31.04 -27.31
CA THR F 130 54.05 31.65 -27.87
C THR F 130 53.81 33.10 -28.23
N ASP F 131 52.70 33.39 -28.93
CA ASP F 131 52.42 34.76 -29.34
C ASP F 131 52.10 35.64 -28.13
N ALA F 132 51.33 35.11 -27.18
CA ALA F 132 51.00 35.89 -26.00
C ALA F 132 52.23 36.30 -25.22
N LEU F 133 53.20 35.39 -25.10
CA LEU F 133 54.43 35.71 -24.36
C LEU F 133 55.18 36.86 -25.01
N GLU F 134 55.22 36.89 -26.34
CA GLU F 134 55.91 37.98 -27.03
C GLU F 134 55.20 39.32 -26.80
N VAL F 135 53.86 39.30 -26.79
CA VAL F 135 53.12 40.53 -26.57
C VAL F 135 53.37 41.08 -25.18
N ILE F 136 53.41 40.22 -24.17
CA ILE F 136 53.66 40.66 -22.80
C ILE F 136 55.00 41.40 -22.72
N LYS F 137 56.02 40.89 -23.42
CA LYS F 137 57.28 41.60 -23.50
C LYS F 137 57.12 42.95 -24.19
N GLN F 138 56.35 43.01 -25.28
CA GLN F 138 56.26 44.24 -26.06
C GLN F 138 55.66 45.37 -25.23
N VAL F 139 54.72 45.05 -24.34
CA VAL F 139 54.05 46.09 -23.55
C VAL F 139 54.76 46.39 -22.25
N SER F 140 55.90 45.76 -21.98
CA SER F 140 56.57 45.96 -20.71
C SER F 140 57.34 47.27 -20.70
N LYS F 141 57.72 47.72 -19.51
CA LYS F 141 58.62 48.85 -19.35
C LYS F 141 59.82 48.46 -18.49
N PRO F 142 61.00 49.00 -18.78
CA PRO F 142 62.18 48.62 -18.00
C PRO F 142 62.19 49.29 -16.64
N VAL F 143 62.93 48.68 -15.72
CA VAL F 143 63.28 49.32 -14.45
C VAL F 143 64.77 49.09 -14.21
N ASP F 144 65.39 49.97 -13.43
CA ASP F 144 66.80 49.87 -13.08
C ASP F 144 66.91 49.07 -11.79
N VAL F 145 67.18 47.76 -11.92
CA VAL F 145 67.21 46.89 -10.75
C VAL F 145 68.49 47.08 -9.95
N GLU F 146 69.34 48.03 -10.34
CA GLU F 146 70.48 48.41 -9.53
C GLU F 146 70.23 49.65 -8.67
N ASN F 147 69.13 50.36 -8.92
CA ASN F 147 68.82 51.58 -8.19
C ASN F 147 67.93 51.24 -7.00
N ASP F 148 68.52 51.26 -5.80
CA ASP F 148 67.78 50.80 -4.62
C ASP F 148 66.52 51.60 -4.40
N ALA F 149 66.60 52.93 -4.58
CA ALA F 149 65.43 53.77 -4.35
C ALA F 149 64.29 53.41 -5.30
N ALA F 150 64.61 53.14 -6.57
CA ALA F 150 63.58 52.69 -7.51
C ALA F 150 62.97 51.38 -7.05
N MET F 151 63.78 50.46 -6.52
CA MET F 151 63.25 49.17 -6.08
C MET F 151 62.41 49.31 -4.82
N LYS F 152 62.80 50.20 -3.90
CA LYS F 152 61.99 50.41 -2.70
C LYS F 152 60.58 50.86 -3.04
N LYS F 153 60.44 51.76 -4.00
CA LYS F 153 59.13 52.21 -4.45
C LYS F 153 58.26 51.08 -4.99
N LEU F 154 58.87 50.11 -5.68
CA LEU F 154 58.16 48.94 -6.19
C LEU F 154 57.85 47.94 -5.09
N ILE F 155 58.80 47.68 -4.19
CA ILE F 155 58.63 46.71 -3.12
C ILE F 155 57.49 47.11 -2.18
N GLN F 156 57.38 48.41 -1.88
CA GLN F 156 56.31 48.90 -1.01
C GLN F 156 54.93 48.50 -1.52
N ALA F 157 54.80 48.24 -2.83
CA ALA F 157 53.52 47.82 -3.39
C ALA F 157 53.00 46.56 -2.71
N SER F 158 53.91 45.70 -2.22
CA SER F 158 53.55 44.48 -1.54
C SER F 158 53.38 44.68 -0.04
N ILE F 159 53.75 45.85 0.47
CA ILE F 159 53.72 46.12 1.89
C ILE F 159 52.50 46.93 2.30
N GLY F 160 51.95 47.77 1.41
CA GLY F 160 50.78 48.57 1.71
C GLY F 160 49.66 47.83 2.41
N THR F 161 48.96 48.54 3.31
CA THR F 161 47.90 47.98 4.14
C THR F 161 48.35 46.70 4.83
N LYS F 162 49.63 46.64 5.20
CA LYS F 162 50.14 45.65 6.16
C LYS F 162 50.58 46.37 7.42
N TYR F 163 50.61 45.61 8.52
CA TYR F 163 51.01 46.19 9.81
C TYR F 163 52.29 47.02 9.69
N VAL F 164 53.29 46.50 8.97
CA VAL F 164 54.65 47.01 9.04
C VAL F 164 54.87 48.13 8.02
N ILE F 165 53.77 48.60 7.40
CA ILE F 165 53.88 49.69 6.44
C ILE F 165 54.59 50.91 7.04
N HIS F 166 54.41 51.14 8.33
CA HIS F 166 55.08 52.25 9.00
C HIS F 166 56.60 52.07 9.06
N TRP F 167 57.07 50.83 8.93
CA TRP F 167 58.52 50.58 8.89
C TRP F 167 58.98 50.04 7.54
N SER F 168 58.24 50.32 6.45
CA SER F 168 58.50 49.73 5.15
C SER F 168 59.91 49.99 4.61
N GLU F 169 60.56 51.03 5.12
CA GLU F 169 61.96 51.27 4.75
C GLU F 169 62.85 50.13 5.21
N LYS F 170 62.56 49.58 6.39
CA LYS F 170 63.34 48.45 6.89
C LYS F 170 62.96 47.16 6.18
N MET F 171 61.66 46.96 5.94
CA MET F 171 61.22 45.77 5.22
C MET F 171 61.77 45.75 3.80
N CYS F 172 61.83 46.91 3.15
CA CYS F 172 62.43 46.98 1.82
C CYS F 172 63.94 46.78 1.88
N GLU F 173 64.62 47.44 2.83
CA GLU F 173 66.06 47.30 2.94
C GLU F 173 66.46 45.84 3.15
N LEU F 174 65.76 45.13 4.04
CA LEU F 174 66.06 43.72 4.26
C LEU F 174 65.84 42.91 2.99
N ALA F 175 64.75 43.17 2.27
CA ALA F 175 64.49 42.49 1.01
C ALA F 175 65.56 42.80 -0.02
N LEU F 176 66.02 44.05 -0.05
CA LEU F 176 67.04 44.43 -1.03
C LEU F 176 68.38 43.77 -0.74
N ASP F 177 68.82 43.81 0.51
CA ASP F 177 70.07 43.17 0.89
C ASP F 177 70.01 41.65 0.76
N ALA F 178 68.91 41.02 1.16
CA ALA F 178 68.74 39.57 1.07
C ALA F 178 68.72 39.08 -0.37
N VAL F 179 67.96 39.73 -1.25
CA VAL F 179 67.85 39.25 -2.63
C VAL F 179 69.15 39.51 -3.39
N LYS F 180 69.70 40.72 -3.27
CA LYS F 180 70.95 41.03 -3.97
C LYS F 180 72.09 40.13 -3.51
N THR F 181 72.10 39.75 -2.24
CA THR F 181 73.15 38.84 -1.76
C THR F 181 73.10 37.50 -2.50
N VAL F 182 71.90 36.96 -2.71
CA VAL F 182 71.76 35.66 -3.36
C VAL F 182 71.60 35.77 -4.87
N ARG F 183 71.28 36.96 -5.38
CA ARG F 183 71.11 37.15 -6.81
C ARG F 183 72.41 36.90 -7.57
N LYS F 184 72.30 36.12 -8.65
CA LYS F 184 73.39 35.88 -9.58
C LYS F 184 73.27 36.95 -10.67
N ASP F 185 74.02 38.03 -10.50
CA ASP F 185 73.96 39.16 -11.44
C ASP F 185 75.22 39.11 -12.30
N LEU F 186 75.08 38.54 -13.49
CA LEU F 186 76.20 38.19 -14.36
C LEU F 186 75.74 38.18 -15.81
N GLY F 187 76.65 38.54 -16.70
CA GLY F 187 76.42 38.34 -18.12
C GLY F 187 77.70 38.29 -18.92
N GLN F 188 77.78 37.31 -19.83
CA GLN F 188 78.98 36.99 -20.58
C GLN F 188 78.63 35.96 -21.64
N THR F 189 79.58 35.70 -22.54
CA THR F 189 79.39 34.76 -23.63
C THR F 189 80.06 33.42 -23.32
N VAL F 190 80.50 33.22 -22.08
CA VAL F 190 81.15 32.00 -21.66
C VAL F 190 80.20 31.10 -20.87
N GLU F 191 79.86 31.49 -19.64
CA GLU F 191 78.86 30.79 -18.85
C GLU F 191 77.43 31.13 -19.27
N GLY F 192 77.23 32.30 -19.86
CA GLY F 192 75.89 32.75 -20.20
C GLY F 192 75.26 33.59 -19.10
N GLU F 193 74.10 34.14 -19.43
CA GLU F 193 73.38 35.02 -18.51
C GLU F 193 72.49 34.21 -17.60
N PRO F 194 72.74 34.20 -16.28
CA PRO F 194 71.89 33.41 -15.38
C PRO F 194 70.43 33.85 -15.35
N ASN F 195 70.12 35.01 -15.93
CA ASN F 195 68.78 35.61 -15.86
C ASN F 195 68.40 35.92 -14.41
N PHE F 196 69.40 36.33 -13.62
CA PHE F 196 69.21 36.81 -12.25
C PHE F 196 68.54 35.73 -11.39
N GLU F 197 69.17 34.56 -11.35
CA GLU F 197 68.74 33.50 -10.46
C GLU F 197 68.72 33.99 -9.02
N ILE F 198 67.58 33.80 -8.35
CA ILE F 198 67.37 34.28 -6.99
C ILE F 198 66.70 33.16 -6.22
N ASP F 199 67.22 32.86 -5.01
CA ASP F 199 66.61 31.86 -4.14
C ASP F 199 66.34 32.52 -2.79
N ILE F 200 65.09 32.89 -2.55
CA ILE F 200 64.71 33.49 -1.27
C ILE F 200 64.06 32.44 -0.37
N LYS F 201 64.12 31.17 -0.76
CA LYS F 201 63.53 30.10 0.02
C LYS F 201 64.50 29.49 1.02
N ARG F 202 65.76 29.35 0.62
CA ARG F 202 66.76 28.70 1.46
C ARG F 202 67.90 29.62 1.88
N TYR F 203 68.34 30.53 1.02
CA TYR F 203 69.57 31.30 1.24
C TYR F 203 69.35 32.62 1.96
N VAL F 204 68.13 32.92 2.38
CA VAL F 204 67.82 34.16 3.07
C VAL F 204 67.09 33.83 4.39
N ARG F 205 67.40 32.68 4.96
CA ARG F 205 66.65 32.15 6.11
C ARG F 205 66.25 33.24 7.08
N VAL F 206 65.00 33.17 7.55
CA VAL F 206 64.44 34.13 8.48
C VAL F 206 64.17 33.47 9.83
N GLU F 207 64.59 34.15 10.89
CA GLU F 207 64.49 33.60 12.25
C GLU F 207 63.82 34.66 13.12
N LYS F 208 62.87 34.24 13.96
CA LYS F 208 62.15 35.17 14.81
C LYS F 208 62.63 35.04 16.25
N ILE F 209 63.11 36.16 16.80
CA ILE F 209 63.70 36.20 18.13
C ILE F 209 62.84 37.12 19.01
N PRO F 210 62.38 36.68 20.18
CA PRO F 210 61.58 37.56 21.04
C PRO F 210 62.36 38.81 21.41
N GLY F 211 61.63 39.91 21.57
CA GLY F 211 62.20 41.15 22.07
C GLY F 211 62.48 42.15 20.98
N GLY F 212 62.51 43.42 21.38
CA GLY F 212 62.71 44.48 20.42
C GLY F 212 61.43 44.90 19.72
N ASP F 213 61.60 45.60 18.61
CA ASP F 213 60.50 46.12 17.82
C ASP F 213 60.79 45.89 16.34
N VAL F 214 59.84 46.33 15.50
CA VAL F 214 59.96 46.08 14.06
C VAL F 214 61.28 46.63 13.54
N LEU F 215 61.64 47.85 13.96
CA LEU F 215 62.80 48.52 13.39
C LEU F 215 64.11 47.85 13.78
N ASP F 216 64.08 46.95 14.75
CA ASP F 216 65.28 46.31 15.28
C ASP F 216 65.72 45.11 14.46
N SER F 217 64.99 44.76 13.41
CA SER F 217 65.36 43.65 12.53
C SER F 217 66.71 43.94 11.89
N ARG F 218 67.52 42.89 11.76
CA ARG F 218 68.87 43.00 11.21
C ARG F 218 69.12 41.86 10.24
N VAL F 219 70.10 42.07 9.37
CA VAL F 219 70.52 41.06 8.40
C VAL F 219 71.89 40.58 8.87
N LEU F 220 72.09 39.27 8.87
CA LEU F 220 73.38 38.70 9.24
C LEU F 220 74.13 38.29 7.98
N LYS F 221 75.45 38.46 7.99
CA LYS F 221 76.30 38.00 6.89
C LYS F 221 77.25 36.94 7.44
N GLY F 222 76.77 35.70 7.44
CA GLY F 222 77.53 34.61 8.04
C GLY F 222 76.62 33.50 8.52
N VAL F 223 77.06 32.82 9.58
CA VAL F 223 76.35 31.67 10.12
C VAL F 223 75.89 32.02 11.54
N LEU F 224 74.65 31.66 11.83
CA LEU F 224 74.10 31.77 13.18
C LEU F 224 73.80 30.37 13.69
N LEU F 225 74.31 30.04 14.87
CA LEU F 225 74.05 28.77 15.53
C LEU F 225 73.08 28.96 16.69
N ASN F 226 72.18 28.00 16.85
CA ASN F 226 71.30 27.98 18.01
C ASN F 226 71.74 26.99 19.08
N LYS F 227 72.87 26.32 18.89
CA LYS F 227 73.27 25.27 19.82
C LYS F 227 73.96 25.88 21.04
N ASP F 228 73.63 25.36 22.23
CA ASP F 228 74.23 25.83 23.47
C ASP F 228 75.62 25.25 23.68
N VAL F 229 76.37 25.85 24.61
CA VAL F 229 77.77 25.52 24.83
C VAL F 229 77.91 24.99 26.26
N VAL F 230 79.11 24.51 26.60
CA VAL F 230 79.37 23.99 27.93
C VAL F 230 79.32 25.08 29.01
N HIS F 231 79.60 26.33 28.64
CA HIS F 231 79.55 27.42 29.61
C HIS F 231 78.76 28.59 29.04
N PRO F 232 77.45 28.66 29.32
CA PRO F 232 76.63 29.71 28.72
C PRO F 232 77.12 31.13 29.01
N LYS F 233 77.91 31.29 30.08
CA LYS F 233 78.45 32.60 30.45
C LYS F 233 79.80 32.77 29.77
N MET F 234 79.82 33.63 28.74
CA MET F 234 80.99 33.83 27.91
C MET F 234 81.15 35.31 27.62
N SER F 235 82.39 35.73 27.38
CA SER F 235 82.66 37.13 27.04
C SER F 235 81.67 37.61 25.99
N ARG F 236 81.16 38.83 26.19
CA ARG F 236 80.12 39.36 25.32
C ARG F 236 80.48 39.23 23.84
N HIS F 237 81.73 39.50 23.46
CA HIS F 237 82.14 39.37 22.06
C HIS F 237 83.62 39.03 21.99
N ILE F 238 84.03 38.36 20.91
CA ILE F 238 85.44 38.04 20.72
C ILE F 238 86.01 38.85 19.57
N GLU F 239 87.04 39.65 19.85
CA GLU F 239 87.63 40.56 18.88
C GLU F 239 88.72 39.89 18.06
N ASN F 240 89.30 38.82 18.60
CA ASN F 240 90.40 38.10 17.96
C ASN F 240 90.06 36.60 18.03
N PRO F 241 89.02 36.16 17.34
CA PRO F 241 88.57 34.78 17.48
C PRO F 241 89.50 33.80 16.75
N ARG F 242 89.51 32.57 17.24
CA ARG F 242 90.12 31.44 16.54
C ARG F 242 89.22 30.23 16.78
N VAL F 243 88.79 29.59 15.70
CA VAL F 243 87.79 28.53 15.78
C VAL F 243 88.43 27.21 15.39
N VAL F 244 88.17 26.16 16.18
CA VAL F 244 88.68 24.82 15.92
C VAL F 244 87.50 23.96 15.47
N LEU F 245 87.66 23.29 14.33
CA LEU F 245 86.67 22.35 13.82
C LEU F 245 87.28 20.97 13.75
N LEU F 246 86.88 20.10 14.69
CA LEU F 246 87.53 18.81 14.88
C LEU F 246 86.48 17.71 14.95
N ASP F 247 86.70 16.64 14.17
CA ASP F 247 85.83 15.47 14.21
C ASP F 247 86.14 14.58 15.40
N CYS F 248 87.40 14.14 15.51
CA CYS F 248 87.84 13.18 16.52
C CYS F 248 87.23 13.50 17.88
N PRO F 249 86.69 12.53 18.58
CA PRO F 249 86.19 12.76 19.94
C PRO F 249 87.35 12.93 20.92
N LEU F 250 87.02 13.51 22.07
CA LEU F 250 87.98 13.70 23.15
C LEU F 250 87.57 12.79 24.30
N GLU F 251 88.06 11.56 24.26
CA GLU F 251 87.63 10.49 25.15
C GLU F 251 88.69 9.40 25.12
N TYR F 252 88.48 8.38 25.94
CA TYR F 252 89.40 7.24 25.94
C TYR F 252 89.71 6.82 24.51
N LYS F 253 91.00 6.74 24.19
CA LYS F 253 91.41 6.40 22.84
C LYS F 253 91.57 4.90 22.69
N LYS F 254 90.97 4.36 21.62
CA LYS F 254 91.06 2.94 21.29
C LYS F 254 91.89 2.78 20.03
N GLY F 255 92.41 1.57 19.85
CA GLY F 255 93.20 1.28 18.67
C GLY F 255 92.35 0.80 17.50
N GLU F 256 93.02 0.23 16.52
CA GLU F 256 92.38 -0.23 15.29
C GLU F 256 91.92 -1.67 15.44
N SER F 257 92.17 -2.26 16.61
CA SER F 257 91.80 -3.65 16.88
C SER F 257 90.33 -3.70 17.25
N GLN F 258 89.81 -4.91 17.44
CA GLN F 258 88.42 -5.14 17.82
C GLN F 258 88.27 -5.32 19.33
N THR F 259 89.36 -4.99 20.04
CA THR F 259 89.45 -5.15 21.49
C THR F 259 88.35 -4.39 22.23
N ASN F 260 87.64 -5.08 23.11
CA ASN F 260 86.57 -4.49 23.92
C ASN F 260 87.12 -4.29 25.33
N ILE F 261 86.50 -3.40 26.09
CA ILE F 261 86.84 -3.17 27.49
C ILE F 261 85.81 -3.89 28.36
N GLU F 262 86.29 -4.86 29.14
CA GLU F 262 85.43 -5.65 30.02
C GLU F 262 86.05 -5.62 31.42
N ILE F 263 85.38 -4.96 32.35
CA ILE F 263 85.87 -4.83 33.72
C ILE F 263 84.91 -5.59 34.64
N GLU F 264 85.45 -6.49 35.45
CA GLU F 264 84.66 -7.29 36.37
C GLU F 264 84.94 -6.87 37.80
N LYS F 265 86.22 -6.73 38.14
CA LYS F 265 86.61 -6.33 39.48
C LYS F 265 86.40 -4.83 39.69
N GLU F 266 85.77 -4.48 40.81
CA GLU F 266 85.45 -3.10 41.13
C GLU F 266 86.67 -2.19 41.19
N GLU F 267 87.83 -2.69 41.62
CA GLU F 267 89.03 -1.87 41.76
C GLU F 267 89.65 -1.51 40.42
N ASP F 268 89.35 -2.25 39.36
CA ASP F 268 90.04 -2.08 38.09
C ASP F 268 89.47 -0.96 37.24
N TRP F 269 88.31 -0.40 37.61
CA TRP F 269 87.73 0.68 36.83
C TRP F 269 88.64 1.90 36.79
N ASN F 270 89.47 2.08 37.83
CA ASN F 270 90.39 3.21 37.86
C ASN F 270 91.41 3.15 36.73
N ARG F 271 91.75 1.94 36.26
CA ARG F 271 92.75 1.82 35.20
C ARG F 271 92.27 2.49 33.91
N ILE F 272 90.99 2.31 33.57
CA ILE F 272 90.46 2.90 32.35
C ILE F 272 90.31 4.41 32.51
N LEU F 273 89.82 4.87 33.66
CA LEU F 273 89.66 6.30 33.89
C LEU F 273 91.00 7.02 33.90
N GLN F 274 92.01 6.43 34.53
CA GLN F 274 93.33 7.08 34.58
C GLN F 274 93.94 7.19 33.19
N ILE F 275 93.79 6.13 32.37
CA ILE F 275 94.26 6.19 31.00
C ILE F 275 93.51 7.25 30.22
N GLU F 276 92.18 7.28 30.36
CA GLU F 276 91.38 8.29 29.66
C GLU F 276 91.81 9.70 30.06
N GLU F 277 92.05 9.93 31.36
CA GLU F 277 92.43 11.26 31.81
C GLU F 277 93.69 11.74 31.11
N GLU F 278 94.71 10.90 31.02
CA GLU F 278 95.94 11.29 30.32
C GLU F 278 95.67 11.52 28.84
N GLN F 279 94.97 10.60 28.18
CA GLN F 279 94.73 10.72 26.74
C GLN F 279 93.88 11.94 26.42
N VAL F 280 92.84 12.19 27.22
CA VAL F 280 91.97 13.34 26.97
C VAL F 280 92.75 14.64 27.16
N GLN F 281 93.54 14.73 28.24
CA GLN F 281 94.35 15.92 28.47
C GLN F 281 95.28 16.18 27.28
N LEU F 282 95.97 15.15 26.80
CA LEU F 282 96.92 15.32 25.71
C LEU F 282 96.22 15.83 24.46
N MET F 283 95.04 15.28 24.15
CA MET F 283 94.28 15.77 23.02
C MET F 283 93.89 17.23 23.21
N CYS F 284 93.41 17.59 24.40
CA CYS F 284 93.00 18.96 24.65
C CYS F 284 94.17 19.93 24.59
N GLU F 285 95.33 19.50 25.08
CA GLU F 285 96.52 20.35 24.98
C GLU F 285 96.88 20.62 23.52
N GLN F 286 96.70 19.62 22.66
CA GLN F 286 96.94 19.81 21.23
C GLN F 286 95.98 20.83 20.65
N ILE F 287 94.72 20.81 21.10
CA ILE F 287 93.75 21.79 20.64
C ILE F 287 94.15 23.18 21.13
N LEU F 288 94.55 23.30 22.40
CA LEU F 288 94.89 24.59 22.98
C LEU F 288 96.19 25.17 22.41
N ALA F 289 96.94 24.37 21.64
CA ALA F 289 98.22 24.84 21.13
C ALA F 289 98.05 26.07 20.25
N VAL F 290 96.88 26.21 19.63
CA VAL F 290 96.65 27.28 18.66
C VAL F 290 95.86 28.41 19.32
N ARG F 291 95.77 28.36 20.65
CA ARG F 291 95.10 29.39 21.44
C ARG F 291 93.69 29.71 20.93
N PRO F 292 92.77 28.75 20.98
CA PRO F 292 91.44 28.98 20.40
C PRO F 292 90.59 29.85 21.30
N THR F 293 89.54 30.41 20.70
CA THR F 293 88.45 31.02 21.47
C THR F 293 87.15 30.24 21.40
N LEU F 294 86.98 29.37 20.39
CA LEU F 294 85.82 28.49 20.29
C LEU F 294 86.27 27.17 19.68
N VAL F 295 86.02 26.07 20.38
CA VAL F 295 86.35 24.73 19.91
C VAL F 295 85.03 24.01 19.64
N ILE F 296 84.89 23.46 18.45
CA ILE F 296 83.68 22.74 18.05
C ILE F 296 84.08 21.33 17.68
N THR F 297 83.47 20.35 18.34
CA THR F 297 83.74 18.94 18.13
C THR F 297 82.51 18.24 17.59
N GLU F 298 82.69 17.47 16.51
CA GLU F 298 81.56 16.80 15.88
C GLU F 298 81.12 15.57 16.66
N LYS F 299 82.07 14.81 17.19
CA LYS F 299 81.77 13.68 18.06
C LYS F 299 81.68 14.16 19.51
N GLY F 300 81.56 13.22 20.44
CA GLY F 300 81.36 13.57 21.83
C GLY F 300 82.60 14.17 22.46
N VAL F 301 82.37 14.89 23.56
CA VAL F 301 83.44 15.52 24.34
C VAL F 301 83.28 15.08 25.79
N SER F 302 84.28 14.40 26.33
CA SER F 302 84.18 13.89 27.68
C SER F 302 84.11 15.03 28.70
N ASP F 303 83.59 14.71 29.88
CA ASP F 303 83.54 15.69 30.96
C ASP F 303 84.91 16.30 31.23
N LEU F 304 85.95 15.48 31.28
CA LEU F 304 87.30 15.98 31.48
C LEU F 304 87.71 16.90 30.34
N ALA F 305 87.39 16.52 29.10
CA ALA F 305 87.75 17.35 27.96
C ALA F 305 87.08 18.72 28.05
N GLN F 306 85.83 18.77 28.52
CA GLN F 306 85.13 20.04 28.64
C GLN F 306 85.83 20.94 29.64
N HIS F 307 86.33 20.37 30.73
CA HIS F 307 87.04 21.17 31.74
C HIS F 307 88.41 21.61 31.24
N TYR F 308 89.14 20.71 30.59
CA TYR F 308 90.48 21.05 30.11
C TYR F 308 90.45 22.22 29.14
N LEU F 309 89.48 22.24 28.24
CA LEU F 309 89.37 23.32 27.26
C LEU F 309 88.73 24.58 27.85
N LEU F 310 87.69 24.42 28.66
CA LEU F 310 86.97 25.59 29.17
C LEU F 310 87.87 26.42 30.08
N LYS F 311 88.59 25.75 30.99
CA LYS F 311 89.36 26.47 32.00
C LYS F 311 90.42 27.37 31.36
N GLY F 312 90.78 27.13 30.11
CA GLY F 312 91.74 27.98 29.43
C GLY F 312 91.17 29.28 28.92
N GLY F 313 89.88 29.53 29.15
CA GLY F 313 89.23 30.72 28.65
C GLY F 313 88.64 30.56 27.26
N CYS F 314 88.01 29.42 27.00
CA CYS F 314 87.56 29.10 25.66
C CYS F 314 86.21 28.41 25.73
N SER F 315 85.32 28.81 24.84
CA SER F 315 84.02 28.16 24.68
C SER F 315 84.19 26.81 23.99
N VAL F 316 83.40 25.84 24.42
CA VAL F 316 83.42 24.50 23.85
C VAL F 316 82.01 24.15 23.40
N LEU F 317 81.87 23.68 22.17
CA LEU F 317 80.58 23.28 21.60
C LEU F 317 80.70 21.87 21.06
N ARG F 318 79.99 20.94 21.68
CA ARG F 318 80.09 19.52 21.35
C ARG F 318 78.95 19.07 20.44
N ARG F 319 79.17 17.93 19.78
CA ARG F 319 78.14 17.24 19.01
C ARG F 319 77.52 18.11 17.93
N VAL F 320 78.34 18.73 17.10
CA VAL F 320 77.89 19.57 16.01
C VAL F 320 78.07 18.80 14.70
N LYS F 321 76.99 18.66 13.94
CA LYS F 321 77.02 17.85 12.74
C LYS F 321 77.93 18.47 11.68
N LYS F 322 78.43 17.62 10.78
CA LYS F 322 79.30 18.10 9.71
C LYS F 322 78.60 19.15 8.86
N SER F 323 77.28 19.03 8.70
CA SER F 323 76.55 19.97 7.85
C SER F 323 76.62 21.38 8.42
N ASP F 324 76.87 21.50 9.72
CA ASP F 324 77.07 22.83 10.32
C ASP F 324 78.51 23.30 10.15
N ASN F 325 79.48 22.42 10.45
CA ASN F 325 80.87 22.81 10.35
C ASN F 325 81.24 23.21 8.92
N ASN F 326 80.66 22.54 7.92
CA ASN F 326 80.93 22.90 6.54
C ASN F 326 80.53 24.33 6.26
N ARG F 327 79.48 24.83 6.90
CA ARG F 327 79.09 26.22 6.74
C ARG F 327 79.89 27.13 7.66
N ILE F 328 80.23 26.65 8.85
CA ILE F 328 81.01 27.47 9.78
C ILE F 328 82.37 27.79 9.19
N ALA F 329 83.03 26.79 8.61
CA ALA F 329 84.32 27.00 7.94
C ALA F 329 84.28 28.09 6.89
N ARG F 330 83.20 28.24 6.13
CA ARG F 330 83.13 29.26 5.10
C ARG F 330 83.15 30.69 5.64
N VAL F 331 82.76 30.90 6.90
CA VAL F 331 82.66 32.24 7.46
C VAL F 331 83.64 32.46 8.59
N THR F 332 84.27 31.41 9.11
CA THR F 332 85.36 31.51 10.08
C THR F 332 86.75 31.34 9.47
N GLY F 333 86.91 30.56 8.41
CA GLY F 333 88.22 30.23 7.87
C GLY F 333 88.88 29.03 8.51
N ALA F 334 88.23 28.42 9.50
CA ALA F 334 88.78 27.26 10.18
C ALA F 334 88.80 26.04 9.26
N THR F 335 89.85 25.22 9.37
CA THR F 335 89.91 23.99 8.60
C THR F 335 89.23 22.86 9.36
N ILE F 336 88.42 22.08 8.64
CA ILE F 336 87.82 20.87 9.22
C ILE F 336 88.78 19.71 9.06
N VAL F 337 89.19 19.11 10.19
CA VAL F 337 90.18 18.05 10.22
C VAL F 337 89.59 16.85 10.93
N ASN F 338 90.18 15.67 10.71
CA ASN F 338 89.69 14.47 11.36
C ASN F 338 90.32 14.27 12.74
N ARG F 339 91.65 14.15 12.80
CA ARG F 339 92.36 13.86 14.02
C ARG F 339 92.74 15.16 14.72
N VAL F 340 92.81 15.11 16.06
CA VAL F 340 93.23 16.27 16.84
C VAL F 340 94.61 16.76 16.45
N GLU F 341 95.49 15.86 15.97
CA GLU F 341 96.83 16.25 15.56
C GLU F 341 96.88 16.86 14.17
N ASP F 342 95.75 16.90 13.46
CA ASP F 342 95.67 17.51 12.14
C ASP F 342 95.36 19.01 12.18
N LEU F 343 95.09 19.57 13.36
CA LEU F 343 94.75 20.98 13.47
C LEU F 343 95.94 21.86 13.10
N LYS F 344 95.65 23.00 12.46
CA LYS F 344 96.68 23.87 11.93
C LYS F 344 96.71 25.21 12.67
N GLU F 345 97.89 25.83 12.68
CA GLU F 345 98.04 27.18 13.22
C GLU F 345 97.26 28.21 12.42
N SER F 346 96.89 27.90 11.18
CA SER F 346 96.12 28.82 10.34
C SER F 346 94.63 28.80 10.67
N ASP F 347 94.21 27.95 11.61
CA ASP F 347 92.81 27.85 11.98
C ASP F 347 92.46 29.05 12.84
N VAL F 348 92.17 30.20 12.20
CA VAL F 348 91.92 31.45 12.91
C VAL F 348 90.59 32.03 12.47
N GLY F 349 90.14 33.07 13.17
CA GLY F 349 88.88 33.71 12.88
C GLY F 349 89.06 35.13 12.35
N THR F 350 90.11 35.33 11.56
CA THR F 350 90.41 36.65 11.02
C THR F 350 89.41 37.02 9.92
N ASN F 351 89.55 38.26 9.45
CA ASN F 351 88.61 38.87 8.50
C ASN F 351 87.20 38.94 9.09
N CYS F 352 87.15 39.24 10.39
CA CYS F 352 85.89 39.30 11.12
C CYS F 352 85.98 40.45 12.11
N GLY F 353 84.92 41.25 12.21
CA GLY F 353 84.83 42.24 13.27
C GLY F 353 84.78 41.67 14.67
N LEU F 354 83.81 40.80 14.95
CA LEU F 354 83.70 40.12 16.24
C LEU F 354 82.71 38.98 16.12
N PHE F 355 82.82 38.01 17.02
CA PHE F 355 81.83 36.97 17.25
C PHE F 355 81.03 37.30 18.51
N LYS F 356 79.71 37.19 18.43
CA LYS F 356 78.86 37.61 19.54
C LYS F 356 78.06 36.45 20.10
N VAL F 357 77.99 36.40 21.44
CA VAL F 357 77.33 35.32 22.16
C VAL F 357 76.20 35.89 23.02
N GLU F 358 75.72 37.08 22.66
CA GLU F 358 74.63 37.74 23.37
C GLU F 358 73.36 36.89 23.38
N MET F 359 72.77 36.75 24.57
CA MET F 359 71.51 36.05 24.77
C MET F 359 70.37 37.05 24.56
N ILE F 360 69.36 36.63 23.81
CA ILE F 360 68.22 37.48 23.48
C ILE F 360 66.96 36.72 23.85
N GLY F 361 66.17 37.27 24.77
CA GLY F 361 64.96 36.61 25.22
C GLY F 361 65.21 35.37 26.05
N ASP F 362 66.33 35.36 26.78
CA ASP F 362 66.76 34.20 27.57
C ASP F 362 66.99 32.98 26.68
N GLU F 363 67.52 33.21 25.48
CA GLU F 363 67.86 32.14 24.55
C GLU F 363 69.28 32.38 24.05
N TYR F 364 70.09 31.32 24.03
CA TYR F 364 71.49 31.45 23.65
C TYR F 364 71.63 31.53 22.14
N PHE F 365 72.44 32.48 21.68
CA PHE F 365 72.82 32.59 20.28
C PHE F 365 74.34 32.67 20.14
N SER F 366 74.84 32.23 18.99
CA SER F 366 76.24 32.39 18.64
C SER F 366 76.30 32.97 17.23
N PHE F 367 76.71 34.23 17.12
CA PHE F 367 76.78 34.92 15.84
C PHE F 367 78.20 34.81 15.27
N LEU F 368 78.32 34.12 14.13
CA LEU F 368 79.60 33.87 13.48
C LEU F 368 79.79 34.77 12.26
N ASP F 369 79.14 35.93 12.26
CA ASP F 369 79.23 36.90 11.19
C ASP F 369 80.67 37.37 10.96
N ASN F 370 80.97 37.63 9.69
CA ASN F 370 82.27 38.16 9.28
C ASN F 370 82.03 39.18 8.16
N CYS F 371 83.11 39.57 7.49
CA CYS F 371 83.06 40.57 6.43
C CYS F 371 82.85 39.96 5.05
N LYS F 372 82.46 38.69 4.99
CA LYS F 372 82.28 37.99 3.72
C LYS F 372 80.82 37.64 3.53
N GLU F 373 80.41 37.54 2.27
CA GLU F 373 79.05 37.15 1.93
C GLU F 373 79.06 35.78 1.25
N PRO F 374 78.77 34.70 1.98
CA PRO F 374 78.89 33.37 1.39
C PRO F 374 77.67 32.99 0.56
N LYS F 375 77.31 33.85 -0.40
CA LYS F 375 76.14 33.75 -1.27
C LYS F 375 74.83 33.62 -0.49
N ALA F 376 74.76 34.07 0.76
CA ALA F 376 73.60 33.80 1.60
C ALA F 376 73.53 34.82 2.72
N CYS F 377 72.36 34.93 3.34
CA CYS F 377 72.18 35.74 4.54
C CYS F 377 71.14 35.10 5.46
N THR F 378 71.03 35.64 6.67
CA THR F 378 69.97 35.29 7.61
C THR F 378 69.39 36.58 8.17
N ILE F 379 68.07 36.65 8.27
CA ILE F 379 67.42 37.86 8.77
C ILE F 379 66.93 37.62 10.19
N MET F 380 67.36 38.50 11.10
CA MET F 380 66.89 38.51 12.49
C MET F 380 65.65 39.39 12.56
N LEU F 381 64.54 38.81 13.01
CA LEU F 381 63.32 39.57 13.26
C LEU F 381 63.10 39.77 14.75
N ARG F 382 62.66 40.98 15.11
CA ARG F 382 62.52 41.36 16.50
C ARG F 382 61.11 41.91 16.73
N GLY F 383 60.64 41.79 17.96
CA GLY F 383 59.29 42.23 18.29
C GLY F 383 58.89 41.92 19.72
N GLY F 384 57.90 42.65 20.23
CA GLY F 384 57.53 42.55 21.63
C GLY F 384 56.63 41.39 21.95
N SER F 385 56.25 40.61 20.93
CA SER F 385 55.36 39.46 21.09
C SER F 385 55.55 38.56 19.88
N LYS F 386 55.12 37.30 20.03
CA LYS F 386 55.10 36.38 18.90
C LYS F 386 54.19 36.86 17.79
N ASP F 387 53.06 37.50 18.13
CA ASP F 387 52.17 38.04 17.11
C ASP F 387 52.87 39.08 16.26
N ILE F 388 53.65 39.96 16.91
CA ILE F 388 54.42 40.95 16.15
C ILE F 388 55.44 40.27 15.26
N LEU F 389 56.16 39.28 15.80
CA LEU F 389 57.17 38.57 15.02
C LEU F 389 56.55 37.89 13.81
N ASN F 390 55.36 37.29 13.98
CA ASN F 390 54.72 36.60 12.86
C ASN F 390 54.30 37.59 11.78
N GLU F 391 53.80 38.76 12.18
CA GLU F 391 53.39 39.76 11.20
C GLU F 391 54.60 40.30 10.45
N ILE F 392 55.72 40.48 11.14
CA ILE F 392 56.94 40.94 10.48
C ILE F 392 57.42 39.91 9.47
N ASP F 393 57.46 38.63 9.89
CA ASP F 393 57.92 37.56 9.03
C ASP F 393 57.05 37.45 7.78
N ARG F 394 55.73 37.33 7.97
CA ARG F 394 54.83 37.23 6.83
C ARG F 394 54.94 38.44 5.90
N ASN F 395 55.04 39.64 6.48
CA ASN F 395 55.09 40.84 5.65
C ASN F 395 56.44 40.97 4.95
N LEU F 396 57.52 40.55 5.61
CA LEU F 396 58.83 40.57 4.97
C LEU F 396 58.87 39.60 3.79
N GLN F 397 58.28 38.42 3.95
CA GLN F 397 58.28 37.45 2.87
C GLN F 397 57.62 38.02 1.62
N ASP F 398 56.53 38.78 1.79
CA ASP F 398 55.95 39.50 0.66
C ASP F 398 56.93 40.47 0.05
N ALA F 399 57.67 41.20 0.89
CA ALA F 399 58.67 42.14 0.38
C ALA F 399 59.76 41.41 -0.38
N MET F 400 60.19 40.25 0.13
CA MET F 400 61.21 39.46 -0.57
C MET F 400 60.68 38.86 -1.86
N ALA F 401 59.41 38.43 -1.86
CA ALA F 401 58.84 37.83 -3.06
C ALA F 401 58.78 38.83 -4.20
N VAL F 402 58.33 40.05 -3.92
CA VAL F 402 58.22 41.06 -4.97
C VAL F 402 59.61 41.57 -5.35
N ALA F 403 60.52 41.65 -4.39
CA ALA F 403 61.90 42.01 -4.69
C ALA F 403 62.53 40.97 -5.61
N ARG F 404 62.27 39.69 -5.36
CA ARG F 404 62.71 38.66 -6.28
C ARG F 404 62.04 38.82 -7.64
N ASN F 405 60.72 39.00 -7.65
CA ASN F 405 59.99 39.04 -8.91
C ASN F 405 60.50 40.16 -9.81
N VAL F 406 60.86 41.30 -9.20
CA VAL F 406 61.37 42.43 -9.98
C VAL F 406 62.82 42.19 -10.37
N MET F 407 63.65 41.76 -9.42
CA MET F 407 65.07 41.61 -9.70
C MET F 407 65.35 40.37 -10.56
N LEU F 408 64.37 39.49 -10.70
CA LEU F 408 64.46 38.38 -11.65
C LEU F 408 64.50 38.85 -13.10
N SER F 409 63.96 40.04 -13.40
CA SER F 409 63.95 40.63 -14.73
C SER F 409 63.67 42.12 -14.63
N PRO F 410 64.49 42.97 -15.24
CA PRO F 410 64.31 44.42 -15.11
C PRO F 410 63.17 44.95 -15.95
N SER F 411 61.96 44.47 -15.70
CA SER F 411 60.80 44.82 -16.51
C SER F 411 59.52 44.67 -15.70
N LEU F 412 58.59 45.59 -15.92
CA LEU F 412 57.27 45.54 -15.33
C LEU F 412 56.22 45.48 -16.44
N SER F 413 55.09 44.85 -16.14
CA SER F 413 53.95 44.87 -17.04
C SER F 413 52.83 45.72 -16.47
N PRO F 414 52.05 46.39 -17.33
CA PRO F 414 50.95 47.22 -16.83
C PRO F 414 49.80 46.38 -16.29
N GLY F 415 49.31 46.72 -15.11
CA GLY F 415 48.23 45.99 -14.48
C GLY F 415 46.87 46.57 -14.82
N GLY F 416 45.92 46.35 -13.91
CA GLY F 416 44.57 46.84 -14.11
C GLY F 416 43.85 46.17 -15.26
N GLY F 417 44.29 44.99 -15.68
CA GLY F 417 43.76 44.36 -16.87
C GLY F 417 44.37 44.82 -18.17
N ALA F 418 45.32 45.76 -18.13
CA ALA F 418 45.90 46.29 -19.36
C ALA F 418 46.64 45.20 -20.13
N THR F 419 47.57 44.51 -19.46
CA THR F 419 48.34 43.47 -20.15
C THR F 419 47.44 42.42 -20.76
N GLU F 420 46.47 41.91 -19.99
CA GLU F 420 45.57 40.88 -20.48
C GLU F 420 44.77 41.38 -21.68
N MET F 421 44.30 42.63 -21.63
CA MET F 421 43.63 43.21 -22.78
C MET F 421 44.55 43.30 -23.99
N ALA F 422 45.79 43.75 -23.81
CA ALA F 422 46.72 43.86 -24.93
C ALA F 422 46.95 42.50 -25.59
N VAL F 423 47.07 41.44 -24.78
CA VAL F 423 47.26 40.11 -25.35
C VAL F 423 46.06 39.70 -26.19
N SER F 424 44.85 39.98 -25.68
CA SER F 424 43.64 39.67 -26.44
C SER F 424 43.62 40.37 -27.79
N VAL F 425 43.90 41.67 -27.82
CA VAL F 425 43.85 42.43 -29.06
C VAL F 425 44.90 41.93 -30.04
N LYS F 426 46.12 41.70 -29.56
CA LYS F 426 47.20 41.28 -30.45
C LYS F 426 46.99 39.86 -30.95
N LEU F 427 46.48 38.96 -30.11
CA LEU F 427 46.14 37.62 -30.59
C LEU F 427 45.04 37.68 -31.63
N ALA F 428 44.03 38.53 -31.42
CA ALA F 428 42.94 38.63 -32.38
C ALA F 428 43.43 39.09 -33.74
N GLU F 429 44.35 40.05 -33.77
CA GLU F 429 44.93 40.49 -35.03
C GLU F 429 45.80 39.39 -35.64
N LYS F 430 46.60 38.72 -34.82
CA LYS F 430 47.42 37.62 -35.32
C LYS F 430 46.57 36.51 -35.92
N ALA F 431 45.39 36.26 -35.34
CA ALA F 431 44.51 35.24 -35.86
C ALA F 431 44.17 35.46 -37.33
N LYS F 432 44.18 36.71 -37.78
CA LYS F 432 43.79 37.00 -39.15
C LYS F 432 44.74 36.36 -40.15
N GLN F 433 45.99 36.08 -39.75
CA GLN F 433 47.01 35.55 -40.65
C GLN F 433 47.26 34.05 -40.44
N LEU F 434 46.48 33.43 -39.54
CA LEU F 434 46.64 32.04 -39.11
C LEU F 434 45.63 31.13 -39.80
N GLU F 435 45.56 31.18 -41.13
CA GLU F 435 44.63 30.39 -41.92
C GLU F 435 44.76 28.89 -41.66
N GLY F 436 43.63 28.20 -41.56
CA GLY F 436 43.58 26.77 -41.29
C GLY F 436 42.67 26.45 -40.12
N ILE F 437 42.47 25.16 -39.85
CA ILE F 437 41.59 24.73 -38.77
C ILE F 437 42.00 25.32 -37.43
N GLN F 438 43.30 25.58 -37.25
CA GLN F 438 43.77 26.10 -35.96
C GLN F 438 43.28 27.50 -35.67
N GLN F 439 42.85 28.24 -36.71
CA GLN F 439 42.34 29.59 -36.49
C GLN F 439 41.20 29.61 -35.48
N TRP F 440 40.36 28.57 -35.49
CA TRP F 440 39.18 28.57 -34.63
C TRP F 440 39.54 28.48 -33.15
N PRO F 441 40.17 27.41 -32.65
CA PRO F 441 40.52 27.37 -31.22
C PRO F 441 41.55 28.41 -30.83
N TYR F 442 42.37 28.88 -31.79
CA TYR F 442 43.33 29.93 -31.49
C TYR F 442 42.65 31.14 -30.87
N GLN F 443 41.51 31.55 -31.43
CA GLN F 443 40.78 32.68 -30.88
C GLN F 443 40.39 32.46 -29.42
N ALA F 444 40.26 31.19 -29.01
CA ALA F 444 39.76 30.90 -27.68
C ALA F 444 40.58 31.60 -26.61
N VAL F 445 41.90 31.68 -26.80
CA VAL F 445 42.76 32.34 -25.81
C VAL F 445 42.53 33.84 -25.84
N ALA F 446 42.44 34.43 -27.04
CA ALA F 446 42.21 35.87 -27.15
C ALA F 446 40.95 36.28 -26.40
N ASP F 447 39.89 35.46 -26.48
CA ASP F 447 38.68 35.77 -25.74
C ASP F 447 38.85 35.49 -24.26
N ALA F 448 39.57 34.42 -23.92
CA ALA F 448 39.71 34.03 -22.52
C ALA F 448 40.41 35.12 -21.71
N MET F 449 41.36 35.82 -22.34
CA MET F 449 42.15 36.80 -21.59
C MET F 449 41.26 37.86 -20.98
N GLU F 450 40.08 38.08 -21.56
CA GLU F 450 39.20 39.14 -21.08
C GLU F 450 38.68 38.89 -19.67
N CYS F 451 38.81 37.66 -19.17
CA CYS F 451 38.23 37.32 -17.87
C CYS F 451 38.79 38.20 -16.75
N ILE F 452 39.97 38.77 -16.94
CA ILE F 452 40.58 39.64 -15.94
C ILE F 452 39.96 41.04 -16.01
N PRO F 453 40.04 41.76 -17.13
CA PRO F 453 39.40 43.09 -17.16
C PRO F 453 37.90 43.02 -16.93
N ARG F 454 37.26 41.91 -17.27
CA ARG F 454 35.83 41.76 -17.01
C ARG F 454 35.55 41.63 -15.51
N THR F 455 36.35 40.82 -14.80
CA THR F 455 36.17 40.70 -13.37
C THR F 455 36.37 42.03 -12.66
N LEU F 456 37.37 42.80 -13.07
CA LEU F 456 37.62 44.09 -12.43
C LEU F 456 36.41 45.02 -12.59
N ILE F 457 35.78 44.99 -13.77
CA ILE F 457 34.59 45.80 -13.99
C ILE F 457 33.45 45.31 -13.11
N GLN F 458 33.27 43.99 -13.03
CA GLN F 458 32.17 43.44 -12.26
C GLN F 458 32.27 43.84 -10.79
N ASN F 459 33.49 43.84 -10.25
CA ASN F 459 33.71 44.29 -8.87
C ASN F 459 33.52 45.79 -8.71
N ALA F 460 33.93 46.58 -9.70
CA ALA F 460 33.67 48.02 -9.73
C ALA F 460 32.19 48.34 -9.74
N GLY F 461 31.37 47.50 -10.38
CA GLY F 461 29.94 47.71 -10.46
C GLY F 461 29.45 48.24 -11.79
N GLY F 462 30.30 48.31 -12.80
CA GLY F 462 29.88 48.82 -14.09
C GLY F 462 29.34 47.72 -14.98
N ASP F 463 28.92 48.13 -16.17
CA ASP F 463 28.42 47.19 -17.16
C ASP F 463 29.60 46.44 -17.79
N PRO F 464 29.61 45.10 -17.77
CA PRO F 464 30.78 44.39 -18.29
C PRO F 464 30.99 44.57 -19.78
N ILE F 465 29.95 44.98 -20.52
CA ILE F 465 30.07 45.13 -21.96
C ILE F 465 30.47 46.55 -22.31
N ARG F 466 29.75 47.54 -21.78
CA ARG F 466 29.95 48.92 -22.19
C ARG F 466 31.32 49.43 -21.76
N LEU F 467 31.76 49.06 -20.56
CA LEU F 467 33.07 49.50 -20.09
C LEU F 467 34.20 48.74 -20.77
N LEU F 468 34.03 47.43 -20.97
CA LEU F 468 35.02 46.66 -21.74
C LEU F 468 35.12 47.16 -23.17
N SER F 469 33.98 47.52 -23.78
CA SER F 469 34.01 48.02 -25.14
C SER F 469 34.83 49.30 -25.24
N GLN F 470 34.68 50.20 -24.26
CA GLN F 470 35.53 51.38 -24.21
C GLN F 470 37.00 51.02 -24.06
N LEU F 471 37.31 50.03 -23.22
CA LEU F 471 38.69 49.60 -23.06
C LEU F 471 39.24 49.03 -24.36
N ARG F 472 38.47 48.16 -25.02
CA ARG F 472 38.95 47.55 -26.26
C ARG F 472 39.24 48.62 -27.31
N ALA F 473 38.39 49.64 -27.41
CA ALA F 473 38.64 50.72 -28.34
C ALA F 473 39.94 51.44 -28.02
N LYS F 474 40.22 51.64 -26.73
CA LYS F 474 41.45 52.33 -26.34
C LYS F 474 42.67 51.53 -26.74
N HIS F 475 42.61 50.20 -26.60
CA HIS F 475 43.74 49.37 -27.01
C HIS F 475 43.83 49.24 -28.52
N ALA F 476 42.68 49.19 -29.20
CA ALA F 476 42.68 49.04 -30.65
C ALA F 476 43.35 50.21 -31.35
N GLN F 477 43.14 51.43 -30.85
CA GLN F 477 43.65 52.63 -31.51
C GLN F 477 44.76 53.27 -30.69
N GLY F 478 44.74 53.06 -29.37
CA GLY F 478 45.62 53.79 -28.49
C GLY F 478 46.73 52.91 -27.93
N ASN F 479 47.17 53.28 -26.73
CA ASN F 479 48.27 52.59 -26.07
C ASN F 479 47.81 51.34 -25.33
N PHE F 480 48.72 50.39 -25.11
CA PHE F 480 48.40 49.14 -24.44
C PHE F 480 48.39 49.26 -22.93
N THR F 481 48.80 50.40 -22.38
CA THR F 481 48.86 50.63 -20.94
C THR F 481 47.57 51.21 -20.38
N THR F 482 46.43 50.91 -21.00
CA THR F 482 45.13 51.40 -20.52
C THR F 482 44.46 50.28 -19.75
N GLY F 483 43.96 50.60 -18.55
CA GLY F 483 43.33 49.62 -17.70
C GLY F 483 42.08 50.12 -16.98
N ILE F 484 41.66 49.39 -15.95
CA ILE F 484 40.46 49.69 -15.18
C ILE F 484 40.88 50.29 -13.85
N ASP F 485 40.27 51.41 -13.48
CA ASP F 485 40.50 51.99 -12.16
C ASP F 485 39.77 51.18 -11.10
N GLY F 486 40.53 50.66 -10.14
CA GLY F 486 39.98 49.76 -9.13
C GLY F 486 38.90 50.41 -8.28
N ASP F 487 39.02 51.71 -8.05
CA ASP F 487 38.13 52.38 -7.11
C ASP F 487 36.94 53.03 -7.82
N LYS F 488 37.19 53.59 -9.00
CA LYS F 488 36.17 54.37 -9.70
C LYS F 488 35.44 53.54 -10.74
N GLY F 489 36.11 52.52 -11.27
CA GLY F 489 35.60 51.73 -12.37
C GLY F 489 35.78 52.35 -13.74
N LYS F 490 36.49 53.46 -13.85
CA LYS F 490 36.69 54.17 -15.10
C LYS F 490 37.88 53.55 -15.85
N ILE F 491 37.89 53.80 -17.16
CA ILE F 491 39.02 53.38 -18.00
C ILE F 491 40.09 54.47 -17.97
N VAL F 492 41.24 54.14 -17.40
CA VAL F 492 42.28 55.12 -17.09
C VAL F 492 43.62 54.61 -17.59
N ASP F 493 44.58 55.52 -17.70
CA ASP F 493 45.93 55.14 -18.10
C ASP F 493 46.70 54.59 -16.91
N MET F 494 47.47 53.52 -17.15
CA MET F 494 48.31 52.98 -16.09
C MET F 494 49.59 53.81 -15.92
N VAL F 495 49.71 54.91 -16.66
CA VAL F 495 50.83 55.82 -16.41
C VAL F 495 50.54 56.70 -15.20
N SER F 496 49.37 57.36 -15.19
CA SER F 496 48.95 58.12 -14.02
C SER F 496 48.64 57.19 -12.85
N TYR F 497 47.98 56.07 -13.13
CA TYR F 497 47.62 55.09 -12.11
C TYR F 497 48.55 53.89 -12.21
N GLY F 498 49.75 54.05 -11.65
CA GLY F 498 50.83 53.13 -11.96
C GLY F 498 50.47 51.66 -12.02
N ILE F 499 49.98 51.11 -10.90
CA ILE F 499 49.54 49.72 -10.81
C ILE F 499 50.41 48.87 -11.74
N TRP F 500 51.72 48.84 -11.48
CA TRP F 500 52.65 48.03 -12.27
C TRP F 500 52.93 46.74 -11.52
N GLU F 501 53.02 45.64 -12.27
CA GLU F 501 53.31 44.34 -11.68
C GLU F 501 54.54 43.73 -12.34
N PRO F 502 55.36 43.03 -11.57
CA PRO F 502 56.52 42.34 -12.15
C PRO F 502 56.10 41.50 -13.36
N GLU F 503 56.88 41.61 -14.43
CA GLU F 503 56.55 40.91 -15.66
C GLU F 503 56.45 39.40 -15.44
N VAL F 504 57.26 38.86 -14.53
CA VAL F 504 57.30 37.41 -14.31
C VAL F 504 55.92 36.88 -13.96
N ILE F 505 55.07 37.73 -13.35
CA ILE F 505 53.73 37.30 -12.99
C ILE F 505 52.89 37.07 -14.23
N LYS F 506 52.94 38.00 -15.18
CA LYS F 506 52.14 37.86 -16.40
C LYS F 506 52.67 36.76 -17.31
N GLN F 507 53.99 36.55 -17.33
CA GLN F 507 54.58 35.52 -18.16
C GLN F 507 54.25 34.12 -17.63
N GLN F 508 54.43 33.92 -16.32
CA GLN F 508 54.08 32.65 -15.71
C GLN F 508 52.58 32.41 -15.72
N SER F 509 51.78 33.47 -15.60
CA SER F 509 50.33 33.29 -15.53
C SER F 509 49.78 32.73 -16.83
N VAL F 510 50.12 33.32 -17.96
CA VAL F 510 49.66 32.84 -19.26
C VAL F 510 50.29 31.50 -19.61
N LYS F 511 51.55 31.28 -19.19
CA LYS F 511 52.22 30.01 -19.45
C LYS F 511 51.51 28.87 -18.73
N THR F 512 51.37 28.98 -17.41
CA THR F 512 50.79 27.88 -16.64
C THR F 512 49.31 27.72 -16.92
N ALA F 513 48.60 28.81 -17.24
CA ALA F 513 47.18 28.71 -17.51
C ALA F 513 46.91 27.90 -18.77
N ILE F 514 47.65 28.19 -19.85
CA ILE F 514 47.43 27.47 -21.11
C ILE F 514 47.89 26.03 -21.00
N GLU F 515 49.04 25.81 -20.35
CA GLU F 515 49.55 24.45 -20.20
C GLU F 515 48.56 23.56 -19.46
N SER F 516 47.94 24.10 -18.41
CA SER F 516 46.93 23.33 -17.67
C SER F 516 45.74 23.01 -18.57
N ALA F 517 45.26 24.00 -19.32
CA ALA F 517 44.16 23.76 -20.24
C ALA F 517 44.53 22.68 -21.26
N CYS F 518 45.76 22.72 -21.76
CA CYS F 518 46.20 21.71 -22.72
C CYS F 518 46.21 20.32 -22.10
N LEU F 519 46.57 20.21 -20.82
CA LEU F 519 46.56 18.91 -20.16
C LEU F 519 45.15 18.32 -20.12
N LEU F 520 44.20 19.07 -19.57
CA LEU F 520 42.85 18.53 -19.39
C LEU F 520 42.18 18.26 -20.73
N LEU F 521 42.45 19.10 -21.73
CA LEU F 521 41.92 18.84 -23.08
C LEU F 521 42.45 17.55 -23.66
N ARG F 522 43.58 17.05 -23.14
CA ARG F 522 44.18 15.83 -23.68
C ARG F 522 43.51 14.58 -23.12
N VAL F 523 42.73 14.71 -22.05
CA VAL F 523 42.21 13.56 -21.33
C VAL F 523 40.80 13.26 -21.82
N ASP F 524 40.68 12.27 -22.70
CA ASP F 524 39.38 11.82 -23.20
C ASP F 524 38.79 10.67 -22.39
N ASP F 525 39.46 10.24 -21.31
CA ASP F 525 39.02 9.09 -20.53
C ASP F 525 39.54 9.22 -19.11
N ILE F 526 38.65 8.98 -18.14
CA ILE F 526 39.04 8.85 -16.74
C ILE F 526 38.66 7.46 -16.25
N VAL F 527 39.66 6.70 -15.81
CA VAL F 527 39.51 5.30 -15.45
C VAL F 527 39.90 5.13 -13.99
N SER F 528 39.01 4.51 -13.21
CA SER F 528 39.29 4.17 -11.81
C SER F 528 40.05 2.85 -11.76
N GLY F 529 40.70 2.60 -10.62
CA GLY F 529 41.35 1.33 -10.38
C GLY F 529 42.67 1.45 -9.67
N VAL F 530 43.08 0.38 -8.98
CA VAL F 530 44.34 0.37 -8.26
C VAL F 530 45.19 -0.82 -8.70
N ASN G 8 -15.53 -40.98 20.78
CA ASN G 8 -15.34 -42.07 19.82
C ASN G 8 -15.20 -41.55 18.40
N ALA G 9 -15.62 -42.38 17.43
CA ALA G 9 -15.67 -41.96 16.03
C ALA G 9 -16.87 -42.66 15.38
N THR G 10 -17.55 -41.95 14.50
CA THR G 10 -18.73 -42.44 13.79
C THR G 10 -18.70 -41.94 12.35
N PHE G 11 -19.84 -42.08 11.67
CA PHE G 11 -19.96 -41.74 10.25
C PHE G 11 -19.51 -40.30 10.00
N LYS G 12 -18.65 -40.13 9.00
CA LYS G 12 -18.11 -38.82 8.67
C LYS G 12 -19.08 -37.95 7.88
N ASN G 13 -19.81 -38.55 6.93
CA ASN G 13 -20.75 -37.83 6.09
C ASN G 13 -20.07 -36.65 5.40
N LYS G 14 -19.10 -36.95 4.53
CA LYS G 14 -18.33 -35.90 3.87
C LYS G 14 -19.24 -34.83 3.27
N GLU G 15 -20.28 -35.26 2.54
CA GLU G 15 -21.33 -34.33 2.17
C GLU G 15 -22.17 -34.00 3.39
N LYS G 16 -22.45 -32.71 3.59
CA LYS G 16 -23.02 -32.23 4.84
C LYS G 16 -24.39 -31.60 4.60
N PRO G 17 -25.40 -32.42 4.29
CA PRO G 17 -26.79 -31.93 4.28
C PRO G 17 -27.28 -31.47 5.65
N GLN G 18 -26.64 -31.91 6.73
CA GLN G 18 -27.00 -31.44 8.06
C GLN G 18 -26.86 -29.94 8.18
N GLU G 19 -25.95 -29.34 7.40
CA GLU G 19 -25.81 -27.88 7.41
C GLU G 19 -27.09 -27.21 6.91
N VAL G 20 -27.80 -27.86 5.98
CA VAL G 20 -29.07 -27.33 5.52
C VAL G 20 -30.15 -27.51 6.58
N ARG G 21 -30.20 -28.69 7.19
CA ARG G 21 -31.20 -28.95 8.23
C ARG G 21 -31.00 -28.01 9.41
N LYS G 22 -29.75 -27.73 9.79
CA LYS G 22 -29.49 -26.76 10.83
C LYS G 22 -29.97 -25.37 10.43
N ALA G 23 -29.60 -24.91 9.23
CA ALA G 23 -30.06 -23.61 8.76
C ALA G 23 -31.58 -23.54 8.71
N ASN G 24 -32.23 -24.66 8.35
CA ASN G 24 -33.69 -24.67 8.29
C ASN G 24 -34.29 -24.45 9.67
N ILE G 25 -33.84 -25.19 10.68
CA ILE G 25 -34.39 -25.06 12.02
C ILE G 25 -34.04 -23.69 12.61
N ILE G 26 -32.79 -23.27 12.43
CA ILE G 26 -32.36 -22.00 13.01
C ILE G 26 -33.20 -20.85 12.47
N ALA G 27 -33.39 -20.78 11.15
CA ALA G 27 -34.20 -19.71 10.56
C ALA G 27 -35.66 -19.79 11.01
N ALA G 28 -36.26 -20.98 11.00
CA ALA G 28 -37.65 -21.13 11.40
C ALA G 28 -37.88 -20.81 12.87
N ARG G 29 -36.98 -21.27 13.75
CA ARG G 29 -37.14 -20.96 15.17
C ARG G 29 -37.01 -19.47 15.44
N SER G 30 -36.13 -18.79 14.71
CA SER G 30 -35.99 -17.34 14.88
C SER G 30 -37.30 -16.62 14.59
N VAL G 31 -38.01 -17.02 13.54
CA VAL G 31 -39.31 -16.43 13.23
C VAL G 31 -40.30 -16.71 14.34
N ALA G 32 -40.36 -17.98 14.78
CA ALA G 32 -41.27 -18.37 15.85
C ALA G 32 -40.97 -17.66 17.16
N ASP G 33 -39.70 -17.51 17.53
CA ASP G 33 -39.37 -16.80 18.76
C ASP G 33 -39.78 -15.33 18.68
N ALA G 34 -39.69 -14.73 17.50
CA ALA G 34 -40.11 -13.34 17.34
C ALA G 34 -41.59 -13.18 17.62
N ILE G 35 -42.44 -13.92 16.90
CA ILE G 35 -43.88 -13.79 17.09
C ILE G 35 -44.29 -14.23 18.49
N ARG G 36 -43.47 -15.07 19.13
CA ARG G 36 -43.79 -15.60 20.45
C ARG G 36 -44.16 -14.50 21.44
N THR G 37 -43.51 -13.34 21.32
CA THR G 37 -43.67 -12.31 22.33
C THR G 37 -45.01 -11.61 22.26
N SER G 38 -45.84 -11.94 21.26
CA SER G 38 -47.11 -11.28 21.03
C SER G 38 -48.28 -12.13 21.53
N LEU G 39 -47.99 -13.31 22.08
CA LEU G 39 -49.01 -14.25 22.51
C LEU G 39 -49.73 -13.68 23.73
N GLY G 40 -51.06 -13.76 23.71
CA GLY G 40 -51.86 -13.45 24.87
C GLY G 40 -52.38 -12.03 24.88
N PRO G 41 -53.47 -11.80 25.61
CA PRO G 41 -54.01 -10.43 25.71
C PRO G 41 -53.00 -9.42 26.25
N LYS G 42 -51.98 -9.87 26.98
CA LYS G 42 -50.94 -8.98 27.50
C LYS G 42 -49.68 -9.02 26.63
N GLY G 43 -49.76 -9.65 25.47
CA GLY G 43 -48.59 -9.74 24.60
C GLY G 43 -48.08 -8.37 24.19
N MET G 44 -46.85 -8.36 23.70
CA MET G 44 -46.14 -7.14 23.34
C MET G 44 -46.37 -6.81 21.86
N ASP G 45 -46.35 -5.52 21.55
CA ASP G 45 -46.50 -5.09 20.16
C ASP G 45 -45.16 -5.16 19.42
N LYS G 46 -45.24 -5.21 18.09
CA LYS G 46 -44.06 -5.11 17.24
C LYS G 46 -44.14 -3.86 16.39
N MET G 47 -42.98 -3.29 16.08
CA MET G 47 -42.84 -2.25 15.06
C MET G 47 -42.21 -2.87 13.82
N ILE G 48 -42.78 -2.56 12.66
CA ILE G 48 -42.27 -3.04 11.38
C ILE G 48 -42.19 -1.86 10.42
N LYS G 49 -41.00 -1.66 9.84
CA LYS G 49 -40.82 -0.72 8.72
C LYS G 49 -40.85 -1.54 7.43
N THR G 50 -41.84 -1.28 6.60
CA THR G 50 -42.05 -2.05 5.39
C THR G 50 -41.09 -1.58 4.29
N SER G 51 -41.01 -2.38 3.23
CA SER G 51 -40.10 -2.08 2.13
C SER G 51 -40.47 -0.76 1.44
N ARG G 52 -41.71 -0.30 1.59
CA ARG G 52 -42.13 0.94 0.96
C ARG G 52 -41.92 2.14 1.88
N GLY G 53 -41.36 1.93 3.06
CA GLY G 53 -41.07 3.00 4.00
C GLY G 53 -42.14 3.25 5.03
N GLU G 54 -43.32 2.66 4.88
CA GLU G 54 -44.38 2.83 5.86
C GLU G 54 -44.09 1.98 7.09
N ILE G 55 -44.26 2.58 8.28
CA ILE G 55 -43.98 1.92 9.54
C ILE G 55 -45.30 1.66 10.27
N ILE G 56 -45.49 0.41 10.68
CA ILE G 56 -46.74 -0.02 11.32
C ILE G 56 -46.43 -0.60 12.69
N ILE G 57 -47.39 -0.49 13.59
CA ILE G 57 -47.37 -1.16 14.88
C ILE G 57 -48.62 -2.04 14.99
N SER G 58 -48.42 -3.30 15.34
CA SER G 58 -49.49 -4.30 15.43
C SER G 58 -49.01 -5.45 16.29
N ASN G 59 -49.98 -6.11 16.93
CA ASN G 59 -49.76 -7.41 17.56
C ASN G 59 -50.49 -8.54 16.86
N ASP G 60 -50.95 -8.34 15.63
CA ASP G 60 -51.65 -9.39 14.88
C ASP G 60 -50.62 -10.36 14.32
N GLY G 61 -50.74 -11.64 14.71
CA GLY G 61 -49.72 -12.61 14.32
C GLY G 61 -49.53 -12.68 12.82
N HIS G 62 -50.62 -12.78 12.08
CA HIS G 62 -50.52 -12.94 10.64
C HIS G 62 -49.92 -11.68 9.99
N THR G 63 -50.42 -10.51 10.36
CA THR G 63 -49.85 -9.27 9.85
C THR G 63 -48.35 -9.18 10.10
N ILE G 64 -47.90 -9.59 11.29
CA ILE G 64 -46.47 -9.57 11.59
C ILE G 64 -45.71 -10.44 10.60
N LEU G 65 -46.14 -11.69 10.43
CA LEU G 65 -45.43 -12.60 9.54
C LEU G 65 -45.52 -12.14 8.09
N LYS G 66 -46.67 -11.60 7.69
CA LYS G 66 -46.83 -11.12 6.33
C LYS G 66 -45.88 -9.98 6.02
N GLN G 67 -45.77 -9.01 6.93
CA GLN G 67 -44.89 -7.87 6.77
C GLN G 67 -43.47 -8.13 7.26
N MET G 68 -43.24 -9.27 7.91
CA MET G 68 -41.89 -9.63 8.33
C MET G 68 -40.93 -9.71 7.14
N ALA G 69 -41.45 -9.96 5.94
CA ALA G 69 -40.62 -10.08 4.73
C ALA G 69 -39.62 -11.22 4.85
N ILE G 70 -40.11 -12.39 5.29
CA ILE G 70 -39.27 -13.57 5.42
C ILE G 70 -38.72 -13.99 4.06
N LEU G 71 -37.41 -14.19 3.99
CA LEU G 71 -36.72 -14.58 2.77
C LEU G 71 -36.36 -16.06 2.75
N HIS G 72 -35.93 -16.60 3.90
CA HIS G 72 -35.40 -17.96 3.95
C HIS G 72 -36.38 -18.95 3.32
N PRO G 73 -35.92 -19.82 2.42
CA PRO G 73 -36.88 -20.67 1.68
C PRO G 73 -37.72 -21.57 2.56
N VAL G 74 -37.26 -21.86 3.78
CA VAL G 74 -38.00 -22.78 4.64
C VAL G 74 -38.78 -22.01 5.70
N ALA G 75 -38.17 -20.99 6.29
CA ALA G 75 -38.84 -20.23 7.33
C ALA G 75 -40.17 -19.67 6.84
N ARG G 76 -40.26 -19.34 5.54
CA ARG G 76 -41.50 -18.81 4.99
C ARG G 76 -42.65 -19.80 5.16
N MET G 77 -42.34 -21.08 5.38
CA MET G 77 -43.38 -22.08 5.59
C MET G 77 -44.29 -21.68 6.75
N LEU G 78 -43.74 -20.98 7.75
CA LEU G 78 -44.54 -20.57 8.89
C LEU G 78 -45.62 -19.56 8.50
N VAL G 79 -45.43 -18.85 7.39
CA VAL G 79 -46.49 -17.98 6.89
C VAL G 79 -47.65 -18.83 6.36
N GLU G 80 -47.34 -19.87 5.58
CA GLU G 80 -48.39 -20.78 5.12
C GLU G 80 -49.09 -21.47 6.28
N VAL G 81 -48.35 -21.77 7.36
CA VAL G 81 -48.98 -22.36 8.54
C VAL G 81 -50.03 -21.41 9.11
N SER G 82 -49.67 -20.14 9.29
CA SER G 82 -50.63 -19.18 9.81
C SER G 82 -51.80 -18.97 8.86
N ALA G 83 -51.57 -19.14 7.55
CA ALA G 83 -52.66 -19.05 6.60
C ALA G 83 -53.60 -20.25 6.73
N ALA G 84 -53.04 -21.46 6.83
CA ALA G 84 -53.88 -22.64 7.02
C ALA G 84 -54.65 -22.57 8.33
N GLN G 85 -53.99 -22.11 9.40
CA GLN G 85 -54.69 -21.92 10.67
C GLN G 85 -55.84 -20.93 10.52
N ASP G 86 -55.59 -19.79 9.87
CA ASP G 86 -56.64 -18.82 9.64
C ASP G 86 -57.72 -19.38 8.72
N SER G 87 -57.34 -20.20 7.74
CA SER G 87 -58.31 -20.73 6.78
C SER G 87 -59.24 -21.75 7.40
N GLU G 88 -58.69 -22.69 8.19
CA GLU G 88 -59.47 -23.77 8.79
C GLU G 88 -60.13 -23.36 10.10
N ALA G 89 -59.37 -22.74 11.01
CA ALA G 89 -59.87 -22.41 12.33
C ALA G 89 -60.31 -20.95 12.43
N GLY G 90 -59.49 -20.03 11.91
CA GLY G 90 -59.72 -18.61 12.05
C GLY G 90 -59.17 -18.02 13.33
N ASP G 91 -58.50 -18.81 14.15
CA ASP G 91 -57.91 -18.34 15.39
C ASP G 91 -56.71 -19.23 15.71
N GLY G 92 -55.90 -18.77 16.64
CA GLY G 92 -54.70 -19.51 17.00
C GLY G 92 -53.54 -19.32 16.05
N THR G 93 -53.59 -18.29 15.20
CA THR G 93 -52.53 -18.10 14.21
C THR G 93 -51.19 -17.80 14.85
N THR G 94 -51.18 -17.26 16.07
CA THR G 94 -49.93 -17.09 16.80
C THR G 94 -49.49 -18.40 17.45
N SER G 95 -50.44 -19.13 18.05
CA SER G 95 -50.07 -20.30 18.84
C SER G 95 -49.46 -21.40 17.99
N VAL G 96 -50.03 -21.64 16.80
CA VAL G 96 -49.53 -22.73 15.96
C VAL G 96 -48.09 -22.46 15.53
N VAL G 97 -47.72 -21.19 15.38
CA VAL G 97 -46.35 -20.86 14.98
C VAL G 97 -45.40 -21.05 16.17
N ILE G 98 -45.83 -20.64 17.36
CA ILE G 98 -45.01 -20.82 18.56
C ILE G 98 -44.78 -22.30 18.83
N LEU G 99 -45.85 -23.11 18.75
CA LEU G 99 -45.71 -24.55 18.93
C LEU G 99 -44.75 -25.15 17.91
N THR G 100 -44.90 -24.76 16.65
CA THR G 100 -43.98 -25.24 15.62
C THR G 100 -42.53 -24.95 16.00
N GLY G 101 -42.25 -23.72 16.44
CA GLY G 101 -40.91 -23.38 16.88
C GLY G 101 -40.41 -24.26 18.00
N ALA G 102 -41.21 -24.46 19.05
CA ALA G 102 -40.84 -25.34 20.13
C ALA G 102 -40.61 -26.78 19.69
N LEU G 103 -41.46 -27.30 18.79
CA LEU G 103 -41.24 -28.64 18.28
C LEU G 103 -39.97 -28.73 17.45
N LEU G 104 -39.66 -27.67 16.69
CA LEU G 104 -38.39 -27.63 15.96
C LEU G 104 -37.21 -27.59 16.92
N GLY G 105 -37.32 -26.85 18.02
CA GLY G 105 -36.30 -26.91 19.05
C GLY G 105 -36.14 -28.30 19.64
N ALA G 106 -37.25 -28.98 19.88
CA ALA G 106 -37.19 -30.39 20.27
C ALA G 106 -36.49 -31.23 19.21
N ALA G 107 -36.80 -30.99 17.94
CA ALA G 107 -36.14 -31.72 16.86
C ALA G 107 -34.64 -31.46 16.85
N GLU G 108 -34.23 -30.22 17.11
CA GLU G 108 -32.80 -29.90 17.12
C GLU G 108 -32.08 -30.69 18.19
N ARG G 109 -32.66 -30.78 19.39
CA ARG G 109 -32.06 -31.58 20.45
C ARG G 109 -32.02 -33.06 20.06
N LEU G 110 -33.11 -33.55 19.44
CA LEU G 110 -33.12 -34.94 18.99
C LEU G 110 -32.08 -35.19 17.92
N LEU G 111 -31.91 -34.25 16.99
CA LEU G 111 -30.86 -34.39 15.97
C LEU G 111 -29.48 -34.42 16.61
N ASN G 112 -29.26 -33.59 17.63
CA ASN G 112 -27.97 -33.59 18.32
C ASN G 112 -27.72 -34.91 19.03
N LYS G 113 -28.77 -35.63 19.41
CA LYS G 113 -28.63 -36.95 20.03
C LYS G 113 -28.45 -38.06 19.00
N GLY G 114 -28.46 -37.73 17.72
CA GLY G 114 -28.22 -38.73 16.69
C GLY G 114 -29.47 -39.39 16.14
N ILE G 115 -30.64 -38.77 16.35
CA ILE G 115 -31.90 -39.31 15.87
C ILE G 115 -32.12 -38.81 14.45
N HIS G 116 -32.31 -39.74 13.52
CA HIS G 116 -32.49 -39.37 12.12
C HIS G 116 -33.76 -38.55 11.96
N PRO G 117 -33.75 -37.51 11.11
CA PRO G 117 -34.97 -36.70 10.94
C PRO G 117 -36.17 -37.49 10.46
N THR G 118 -35.97 -38.61 9.77
CA THR G 118 -37.10 -39.46 9.42
C THR G 118 -37.75 -40.06 10.66
N ILE G 119 -36.93 -40.50 11.61
CA ILE G 119 -37.46 -41.03 12.86
C ILE G 119 -38.21 -39.94 13.62
N ILE G 120 -37.64 -38.74 13.67
CA ILE G 120 -38.25 -37.65 14.44
C ILE G 120 -39.63 -37.32 13.90
N ALA G 121 -39.74 -37.15 12.58
CA ALA G 121 -41.01 -36.75 11.97
C ALA G 121 -42.08 -37.80 12.25
N ASP G 122 -41.75 -39.08 12.07
CA ASP G 122 -42.75 -40.13 12.25
C ASP G 122 -43.20 -40.23 13.70
N SER G 123 -42.26 -40.10 14.64
CA SER G 123 -42.63 -40.20 16.06
C SER G 123 -43.47 -38.99 16.48
N PHE G 124 -43.11 -37.80 16.01
CA PHE G 124 -43.90 -36.62 16.35
C PHE G 124 -45.34 -36.75 15.84
N GLN G 125 -45.51 -37.31 14.63
CA GLN G 125 -46.85 -37.50 14.09
C GLN G 125 -47.66 -38.42 15.00
N SER G 126 -47.03 -39.47 15.53
CA SER G 126 -47.74 -40.38 16.44
C SER G 126 -48.16 -39.67 17.71
N ALA G 127 -47.25 -38.86 18.29
CA ALA G 127 -47.61 -38.07 19.46
C ALA G 127 -48.72 -37.07 19.14
N ALA G 128 -48.69 -36.47 17.95
CA ALA G 128 -49.72 -35.52 17.57
C ALA G 128 -51.10 -36.19 17.51
N LYS G 129 -51.17 -37.42 16.98
CA LYS G 129 -52.42 -38.16 16.95
C LYS G 129 -53.00 -38.39 18.34
N ARG G 130 -52.18 -38.70 19.33
CA ARG G 130 -52.63 -38.77 20.73
C ARG G 130 -53.07 -37.43 21.29
N SER G 131 -52.37 -36.34 20.94
CA SER G 131 -52.79 -35.02 21.40
C SER G 131 -54.19 -34.68 20.92
N VAL G 132 -54.50 -35.03 19.66
CA VAL G 132 -55.84 -34.76 19.13
C VAL G 132 -56.88 -35.52 19.93
N ASP G 133 -56.63 -36.81 20.21
CA ASP G 133 -57.56 -37.60 21.00
C ASP G 133 -57.75 -36.99 22.39
N ILE G 134 -56.66 -36.50 22.99
CA ILE G 134 -56.77 -35.90 24.31
C ILE G 134 -57.64 -34.65 24.25
N LEU G 135 -57.44 -33.83 23.22
CA LEU G 135 -58.27 -32.63 23.05
C LEU G 135 -59.75 -33.00 22.96
N LEU G 136 -60.07 -34.06 22.21
CA LEU G 136 -61.46 -34.48 22.10
C LEU G 136 -62.01 -34.92 23.45
N GLU G 137 -61.20 -35.63 24.24
CA GLU G 137 -61.64 -36.05 25.56
C GLU G 137 -61.95 -34.86 26.45
N MET G 138 -61.22 -33.76 26.28
CA MET G 138 -61.38 -32.58 27.13
C MET G 138 -62.53 -31.69 26.70
N CYS G 139 -63.18 -31.99 25.59
CA CYS G 139 -64.15 -31.07 25.00
C CYS G 139 -65.38 -30.94 25.89
N HIS G 140 -65.92 -29.73 25.97
CA HIS G 140 -67.24 -29.50 26.54
C HIS G 140 -68.24 -29.27 25.41
N LYS G 141 -69.07 -30.27 25.18
CA LYS G 141 -69.86 -30.34 23.96
C LYS G 141 -70.96 -29.30 23.95
N VAL G 142 -71.19 -28.71 22.78
CA VAL G 142 -72.27 -27.74 22.58
C VAL G 142 -73.07 -28.17 21.37
N SER G 143 -74.24 -27.56 21.17
CA SER G 143 -75.05 -27.77 19.98
C SER G 143 -75.25 -26.47 19.24
N LEU G 144 -75.15 -26.55 17.91
CA LEU G 144 -75.42 -25.38 17.08
C LEU G 144 -76.89 -24.99 17.09
N SER G 145 -77.75 -25.79 17.71
CA SER G 145 -79.15 -25.41 17.86
C SER G 145 -79.34 -24.55 19.11
N ASP G 146 -78.32 -24.46 19.96
CA ASP G 146 -78.42 -23.71 21.21
C ASP G 146 -77.71 -22.38 21.02
N ARG G 147 -78.50 -21.36 20.67
CA ARG G 147 -77.93 -20.05 20.36
C ARG G 147 -77.15 -19.47 21.53
N GLU G 148 -77.56 -19.74 22.77
CA GLU G 148 -76.89 -19.16 23.93
C GLU G 148 -75.47 -19.68 24.05
N GLN G 149 -75.26 -20.97 23.79
CA GLN G 149 -73.92 -21.52 23.80
C GLN G 149 -73.04 -20.85 22.75
N LEU G 150 -73.60 -20.56 21.57
CA LEU G 150 -72.82 -19.95 20.50
C LEU G 150 -72.59 -18.46 20.75
N VAL G 151 -73.61 -17.77 21.28
CA VAL G 151 -73.44 -16.36 21.60
C VAL G 151 -72.38 -16.17 22.68
N ARG G 152 -72.40 -17.01 23.71
CA ARG G 152 -71.40 -16.92 24.77
C ARG G 152 -69.99 -17.15 24.21
N ALA G 153 -69.85 -18.14 23.33
CA ALA G 153 -68.54 -18.41 22.73
C ALA G 153 -68.05 -17.22 21.92
N ALA G 154 -68.94 -16.64 21.11
CA ALA G 154 -68.55 -15.50 20.28
C ALA G 154 -68.23 -14.28 21.14
N SER G 155 -69.14 -13.92 22.04
CA SER G 155 -68.92 -12.74 22.89
C SER G 155 -67.63 -12.86 23.68
N THR G 156 -67.34 -14.06 24.20
CA THR G 156 -66.09 -14.27 24.91
C THR G 156 -64.87 -13.93 24.07
N SER G 157 -64.79 -14.44 22.84
CA SER G 157 -63.62 -14.18 22.01
C SER G 157 -63.52 -12.70 21.67
N LEU G 158 -64.64 -11.99 21.71
CA LEU G 158 -64.67 -10.56 21.39
C LEU G 158 -64.32 -9.68 22.58
N SER G 159 -64.06 -10.25 23.74
CA SER G 159 -63.73 -9.49 24.94
C SER G 159 -62.42 -8.73 24.80
N SER G 160 -61.60 -9.10 23.82
CA SER G 160 -60.31 -8.45 23.60
C SER G 160 -60.40 -7.32 22.57
N LYS G 161 -61.60 -7.00 22.10
CA LYS G 161 -61.82 -5.97 21.11
C LYS G 161 -62.01 -4.63 21.79
N ILE G 162 -61.88 -3.56 21.00
CA ILE G 162 -62.02 -2.20 21.50
C ILE G 162 -63.44 -1.94 22.00
N VAL G 163 -64.45 -2.37 21.26
CA VAL G 163 -65.82 -2.21 21.72
C VAL G 163 -66.44 -3.57 21.95
N SER G 164 -66.51 -3.99 23.21
CA SER G 164 -67.01 -5.30 23.60
C SER G 164 -68.48 -5.31 23.98
N GLN G 165 -69.03 -4.16 24.38
CA GLN G 165 -70.38 -4.05 24.89
C GLN G 165 -71.45 -4.48 23.90
N TYR G 166 -71.29 -4.15 22.61
CA TYR G 166 -72.30 -4.48 21.61
C TYR G 166 -72.23 -5.92 21.13
N SER G 167 -71.34 -6.74 21.70
CA SER G 167 -71.32 -8.15 21.35
C SER G 167 -72.61 -8.87 21.72
N SER G 168 -73.39 -8.29 22.65
CA SER G 168 -74.68 -8.89 22.98
C SER G 168 -75.64 -8.85 21.79
N PHE G 169 -75.35 -7.99 20.81
CA PHE G 169 -76.13 -7.93 19.58
C PHE G 169 -75.39 -8.47 18.38
N LEU G 170 -74.08 -8.22 18.26
CA LEU G 170 -73.30 -8.72 17.14
C LEU G 170 -73.13 -10.23 17.18
N ALA G 171 -73.02 -10.81 18.37
CA ALA G 171 -72.89 -12.26 18.48
C ALA G 171 -74.10 -13.01 17.93
N PRO G 172 -75.34 -12.76 18.37
CA PRO G 172 -76.46 -13.52 17.78
C PRO G 172 -76.65 -13.24 16.30
N LEU G 173 -76.21 -12.09 15.81
CA LEU G 173 -76.22 -11.84 14.36
C LEU G 173 -75.28 -12.81 13.65
N ALA G 174 -74.09 -13.02 14.21
CA ALA G 174 -73.18 -14.01 13.65
C ALA G 174 -73.79 -15.41 13.70
N VAL G 175 -74.52 -15.72 14.78
CA VAL G 175 -75.11 -17.05 14.92
C VAL G 175 -76.16 -17.27 13.83
N ASP G 176 -77.10 -16.34 13.68
CA ASP G 176 -78.11 -16.45 12.65
C ASP G 176 -77.50 -16.46 11.26
N SER G 177 -76.43 -15.68 11.06
CA SER G 177 -75.76 -15.68 9.76
C SER G 177 -75.17 -17.05 9.45
N VAL G 178 -74.58 -17.71 10.43
CA VAL G 178 -74.01 -19.04 10.20
C VAL G 178 -75.11 -20.08 10.07
N LEU G 179 -76.10 -20.07 10.97
CA LEU G 179 -77.15 -21.08 10.92
C LEU G 179 -77.95 -21.03 9.63
N LYS G 180 -78.09 -19.86 9.02
CA LYS G 180 -78.73 -19.78 7.72
C LYS G 180 -78.02 -20.64 6.68
N ILE G 181 -76.71 -20.83 6.83
CA ILE G 181 -75.92 -21.62 5.89
C ILE G 181 -75.39 -22.91 6.52
N SER G 182 -75.61 -23.13 7.82
CA SER G 182 -75.06 -24.26 8.56
C SER G 182 -76.16 -25.12 9.16
N ASP G 183 -77.19 -25.44 8.38
CA ASP G 183 -78.23 -26.37 8.80
C ASP G 183 -77.65 -27.54 9.58
N GLU G 184 -78.43 -28.04 10.53
CA GLU G 184 -77.97 -29.00 11.54
C GLU G 184 -77.19 -30.17 10.97
N ASN G 185 -77.64 -30.73 9.86
CA ASN G 185 -77.02 -31.93 9.29
C ASN G 185 -75.89 -31.47 8.37
N SER G 186 -74.83 -30.93 8.97
CA SER G 186 -73.68 -30.44 8.23
C SER G 186 -72.47 -30.51 9.16
N LYS G 187 -71.28 -30.45 8.56
CA LYS G 187 -70.05 -30.34 9.34
C LYS G 187 -69.21 -29.16 8.88
N ASN G 188 -68.94 -29.08 7.58
CA ASN G 188 -68.03 -28.08 7.02
C ASN G 188 -68.88 -26.89 6.59
N VAL G 189 -68.65 -25.74 7.21
CA VAL G 189 -69.41 -24.53 6.93
C VAL G 189 -68.48 -23.54 6.23
N ASP G 190 -68.89 -23.09 5.04
CA ASP G 190 -68.09 -22.14 4.29
C ASP G 190 -68.59 -20.72 4.51
N LEU G 191 -67.84 -19.96 5.30
CA LEU G 191 -68.23 -18.61 5.68
C LEU G 191 -68.11 -17.62 4.53
N ASN G 192 -67.56 -18.04 3.38
CA ASN G 192 -67.45 -17.13 2.24
C ASN G 192 -68.81 -16.80 1.65
N ASP G 193 -69.87 -17.49 2.09
CA ASP G 193 -71.22 -17.17 1.64
C ASP G 193 -71.85 -16.06 2.47
N ILE G 194 -71.13 -15.53 3.45
CA ILE G 194 -71.64 -14.45 4.28
C ILE G 194 -70.89 -13.17 3.93
N ARG G 195 -71.59 -12.25 3.26
CA ARG G 195 -70.96 -11.01 2.82
C ARG G 195 -71.25 -9.89 3.81
N LEU G 196 -70.20 -9.22 4.27
CA LEU G 196 -70.33 -8.11 5.20
C LEU G 196 -70.18 -6.80 4.43
N VAL G 197 -71.26 -6.03 4.37
CA VAL G 197 -71.29 -4.77 3.63
C VAL G 197 -71.51 -3.65 4.63
N LYS G 198 -70.65 -2.63 4.59
CA LYS G 198 -70.64 -1.58 5.60
C LYS G 198 -70.80 -0.22 4.94
N LYS G 199 -71.48 0.69 5.63
CA LYS G 199 -71.53 2.10 5.26
C LYS G 199 -71.50 2.95 6.53
N VAL G 200 -70.93 4.15 6.41
CA VAL G 200 -70.98 5.10 7.52
C VAL G 200 -72.40 5.56 7.72
N GLY G 201 -72.72 5.96 8.94
CA GLY G 201 -74.06 6.40 9.29
C GLY G 201 -74.72 5.42 10.25
N GLY G 202 -75.64 5.94 11.06
CA GLY G 202 -76.29 5.13 12.07
C GLY G 202 -75.35 4.74 13.20
N THR G 203 -75.73 3.71 13.96
CA THR G 203 -74.92 3.24 15.08
C THR G 203 -74.81 1.72 14.97
N ILE G 204 -74.18 1.12 15.98
CA ILE G 204 -73.84 -0.30 15.91
C ILE G 204 -75.10 -1.15 15.96
N ASP G 205 -76.07 -0.75 16.79
CA ASP G 205 -77.32 -1.50 16.89
C ASP G 205 -78.03 -1.61 15.54
N ASP G 206 -77.75 -0.68 14.62
CA ASP G 206 -78.47 -0.65 13.36
C ASP G 206 -77.85 -1.61 12.36
N THR G 207 -77.85 -2.89 12.69
CA THR G 207 -77.19 -3.92 11.90
C THR G 207 -78.19 -5.02 11.58
N GLU G 208 -78.20 -5.48 10.34
CA GLU G 208 -79.22 -6.41 9.86
C GLU G 208 -78.57 -7.65 9.27
N MET G 209 -79.20 -8.79 9.51
CA MET G 209 -78.89 -10.03 8.80
C MET G 209 -79.91 -10.17 7.67
N ILE G 210 -79.40 -10.24 6.44
CA ILE G 210 -80.26 -10.20 5.27
C ILE G 210 -80.20 -11.53 4.55
N ASP G 211 -81.36 -12.02 4.11
CA ASP G 211 -81.46 -13.27 3.37
C ASP G 211 -81.24 -13.10 1.88
N GLY G 212 -80.51 -12.06 1.48
CA GLY G 212 -80.29 -11.77 0.07
C GLY G 212 -78.89 -11.21 -0.12
N VAL G 213 -78.77 -10.34 -1.12
CA VAL G 213 -77.47 -9.78 -1.48
C VAL G 213 -77.49 -8.25 -1.34
N VAL G 214 -76.52 -7.74 -0.59
CA VAL G 214 -76.38 -6.31 -0.32
C VAL G 214 -75.16 -5.80 -1.05
N LEU G 215 -75.27 -4.62 -1.66
CA LEU G 215 -74.18 -4.11 -2.47
C LEU G 215 -73.60 -2.84 -1.85
N THR G 216 -72.36 -2.53 -2.22
CA THR G 216 -71.70 -1.31 -1.80
C THR G 216 -72.02 -0.09 -2.66
N GLN G 217 -72.73 -0.29 -3.78
CA GLN G 217 -72.93 0.78 -4.75
C GLN G 217 -74.32 1.38 -4.64
N THR G 218 -74.46 2.58 -5.18
CA THR G 218 -75.67 3.39 -5.07
C THR G 218 -76.60 3.09 -6.26
N ALA G 219 -77.82 3.57 -6.20
CA ALA G 219 -78.78 3.42 -7.30
C ALA G 219 -78.62 4.61 -8.23
N ILE G 220 -79.62 4.84 -9.08
CA ILE G 220 -79.51 5.83 -10.14
C ILE G 220 -79.30 7.22 -9.54
N LYS G 221 -78.32 7.94 -10.07
CA LYS G 221 -78.04 9.31 -9.68
C LYS G 221 -78.82 10.34 -10.50
N SER G 222 -79.31 9.97 -11.68
CA SER G 222 -79.93 10.93 -12.58
C SER G 222 -81.41 11.10 -12.25
N ALA G 223 -81.95 12.28 -12.56
CA ALA G 223 -83.35 12.58 -12.31
C ALA G 223 -84.27 11.61 -13.04
N GLY G 224 -85.36 11.21 -12.38
CA GLY G 224 -86.35 10.35 -12.98
C GLY G 224 -86.17 8.87 -12.74
N GLY G 225 -85.00 8.49 -12.21
CA GLY G 225 -84.75 7.10 -11.89
C GLY G 225 -85.65 6.61 -10.77
N PRO G 226 -86.19 5.40 -10.94
CA PRO G 226 -87.11 4.86 -9.92
C PRO G 226 -86.42 4.53 -8.61
N THR G 227 -85.12 4.20 -8.68
CA THR G 227 -84.23 3.84 -7.58
C THR G 227 -84.78 2.70 -6.72
N ARG G 228 -86.02 2.24 -6.95
CA ARG G 228 -86.56 1.11 -6.22
C ARG G 228 -87.57 0.40 -7.11
N LYS G 229 -87.47 -0.92 -7.20
CA LYS G 229 -88.38 -1.71 -8.03
C LYS G 229 -88.99 -2.81 -7.18
N GLU G 230 -90.26 -3.12 -7.44
CA GLU G 230 -90.91 -4.25 -6.80
C GLU G 230 -91.15 -5.36 -7.81
N LYS G 231 -91.19 -6.60 -7.32
CA LYS G 231 -91.39 -7.78 -8.16
C LYS G 231 -90.44 -7.75 -9.34
N ALA G 232 -89.14 -7.70 -9.06
CA ALA G 232 -88.14 -7.31 -10.04
C ALA G 232 -87.46 -8.54 -10.63
N LYS G 233 -87.13 -8.45 -11.92
CA LYS G 233 -86.20 -9.36 -12.56
C LYS G 233 -84.86 -8.65 -12.74
N ILE G 234 -83.78 -9.33 -12.36
CA ILE G 234 -82.48 -8.70 -12.15
C ILE G 234 -81.46 -9.32 -13.10
N GLY G 235 -80.82 -8.48 -13.89
CA GLY G 235 -79.80 -8.94 -14.82
C GLY G 235 -78.40 -8.49 -14.42
N LEU G 236 -77.39 -9.29 -14.80
CA LEU G 236 -76.00 -8.93 -14.54
C LEU G 236 -75.36 -8.52 -15.87
N ILE G 237 -74.93 -7.25 -15.92
CA ILE G 237 -74.31 -6.71 -17.12
C ILE G 237 -72.80 -6.71 -16.96
N GLN G 238 -72.10 -7.32 -17.91
CA GLN G 238 -70.65 -7.30 -17.95
C GLN G 238 -70.10 -6.38 -19.04
N PHE G 239 -70.98 -5.84 -19.88
CA PHE G 239 -70.58 -4.91 -20.92
C PHE G 239 -70.79 -3.48 -20.41
N GLN G 240 -70.19 -2.50 -21.08
CA GLN G 240 -70.22 -1.12 -20.63
C GLN G 240 -71.17 -0.36 -21.56
N ILE G 241 -72.02 0.48 -20.97
CA ILE G 241 -72.97 1.25 -21.76
C ILE G 241 -72.46 2.68 -21.89
N SER G 242 -71.76 2.95 -22.97
CA SER G 242 -71.04 4.20 -23.19
C SER G 242 -71.01 4.52 -24.67
N PRO G 243 -70.89 5.79 -25.04
CA PRO G 243 -70.80 6.14 -26.46
C PRO G 243 -69.64 5.43 -27.12
N PRO G 244 -69.73 5.12 -28.41
CA PRO G 244 -68.59 4.49 -29.11
C PRO G 244 -67.35 5.36 -29.03
N LYS G 245 -66.24 4.75 -28.61
CA LYS G 245 -64.94 5.40 -28.53
C LYS G 245 -63.88 4.41 -28.98
N PRO G 246 -63.72 4.21 -30.29
CA PRO G 246 -62.72 3.26 -30.77
C PRO G 246 -61.32 3.63 -30.30
N ASP G 247 -60.50 2.60 -30.07
CA ASP G 247 -59.11 2.82 -29.66
C ASP G 247 -58.18 3.02 -30.85
N THR G 248 -58.67 2.86 -32.07
CA THR G 248 -57.85 2.96 -33.26
C THR G 248 -57.94 4.37 -33.85
N GLU G 249 -57.32 4.54 -35.02
CA GLU G 249 -57.29 5.86 -35.65
C GLU G 249 -58.54 6.07 -36.50
N ASN G 250 -59.15 7.25 -36.36
CA ASN G 250 -60.29 7.63 -37.17
C ASN G 250 -60.13 9.09 -37.59
N ASN G 251 -60.45 9.35 -38.87
CA ASN G 251 -60.34 10.70 -39.40
C ASN G 251 -61.68 11.16 -39.97
N ILE G 252 -62.30 12.14 -39.32
CA ILE G 252 -63.63 12.62 -39.69
C ILE G 252 -63.49 14.10 -40.01
N ILE G 253 -64.07 14.53 -41.14
CA ILE G 253 -64.05 15.95 -41.50
C ILE G 253 -65.44 16.52 -41.29
N VAL G 254 -65.52 17.59 -40.51
CA VAL G 254 -66.77 18.27 -40.21
C VAL G 254 -66.72 19.68 -40.77
N ASN G 255 -67.59 19.96 -41.76
CA ASN G 255 -67.64 21.29 -42.36
C ASN G 255 -68.88 22.08 -41.96
N ASP G 256 -69.89 21.45 -41.37
CA ASP G 256 -71.09 22.17 -40.98
C ASP G 256 -71.64 21.57 -39.68
N TYR G 257 -72.38 22.39 -38.93
CA TYR G 257 -72.92 21.95 -37.65
C TYR G 257 -73.84 20.75 -37.83
N ARG G 258 -74.51 20.66 -38.98
CA ARG G 258 -75.41 19.53 -39.23
C ARG G 258 -74.68 18.20 -39.15
N GLN G 259 -73.41 18.16 -39.56
CA GLN G 259 -72.64 16.93 -39.44
C GLN G 259 -72.32 16.61 -37.98
N MET G 260 -71.97 17.63 -37.19
CA MET G 260 -71.69 17.39 -35.77
C MET G 260 -72.95 16.96 -35.04
N ASP G 261 -74.10 17.51 -35.41
CA ASP G 261 -75.36 17.08 -34.82
C ASP G 261 -75.62 15.61 -35.08
N LYS G 262 -75.32 15.13 -36.30
CA LYS G 262 -75.45 13.70 -36.59
C LYS G 262 -74.51 12.88 -35.72
N ILE G 263 -73.30 13.38 -35.49
CA ILE G 263 -72.36 12.68 -34.61
C ILE G 263 -72.91 12.60 -33.20
N LEU G 264 -73.46 13.71 -32.70
CA LEU G 264 -74.03 13.72 -31.36
C LEU G 264 -75.24 12.79 -31.28
N LYS G 265 -76.05 12.75 -32.35
CA LYS G 265 -77.16 11.81 -32.39
C LYS G 265 -76.68 10.36 -32.38
N GLU G 266 -75.54 10.09 -33.01
CA GLU G 266 -74.98 8.74 -32.97
C GLU G 266 -74.65 8.34 -31.54
N GLU G 267 -73.99 9.22 -30.80
CA GLU G 267 -73.66 8.93 -29.42
C GLU G 267 -74.91 8.72 -28.56
N ARG G 268 -75.93 9.55 -28.76
CA ARG G 268 -77.16 9.40 -27.98
C ARG G 268 -77.96 8.18 -28.42
N ALA G 269 -78.10 7.98 -29.74
CA ALA G 269 -78.85 6.84 -30.24
C ALA G 269 -78.21 5.52 -29.83
N TYR G 270 -76.88 5.45 -29.85
CA TYR G 270 -76.20 4.24 -29.41
C TYR G 270 -76.58 3.88 -27.98
N LEU G 271 -76.49 4.85 -27.07
CA LEU G 271 -76.85 4.59 -25.68
C LEU G 271 -78.31 4.19 -25.56
N LEU G 272 -79.19 4.88 -26.29
CA LEU G 272 -80.61 4.56 -26.21
C LEU G 272 -80.91 3.19 -26.80
N ASN G 273 -80.27 2.86 -27.93
CA ASN G 273 -80.51 1.57 -28.56
C ASN G 273 -80.19 0.41 -27.62
N ILE G 274 -79.11 0.54 -26.85
CA ILE G 274 -78.80 -0.46 -25.83
C ILE G 274 -79.87 -0.46 -24.75
N CYS G 275 -80.23 0.72 -24.26
CA CYS G 275 -81.26 0.81 -23.22
C CYS G 275 -82.56 0.15 -23.67
N LYS G 276 -82.97 0.38 -24.92
CA LYS G 276 -84.23 -0.21 -25.39
C LYS G 276 -84.11 -1.72 -25.53
N LYS G 277 -83.00 -2.21 -26.10
CA LYS G 277 -82.81 -3.65 -26.22
C LYS G 277 -82.82 -4.32 -24.85
N ILE G 278 -82.29 -3.64 -23.84
CA ILE G 278 -82.31 -4.19 -22.49
C ILE G 278 -83.76 -4.32 -22.00
N LYS G 279 -84.57 -3.27 -22.20
CA LYS G 279 -85.95 -3.29 -21.74
C LYS G 279 -86.74 -4.42 -22.40
N LYS G 280 -86.42 -4.73 -23.66
CA LYS G 280 -87.15 -5.79 -24.36
C LYS G 280 -87.01 -7.13 -23.66
N ALA G 281 -85.96 -7.27 -22.84
CA ALA G 281 -85.75 -8.51 -22.09
C ALA G 281 -86.58 -8.59 -20.82
N LYS G 282 -87.38 -7.56 -20.53
CA LYS G 282 -88.23 -7.50 -19.33
C LYS G 282 -87.40 -7.54 -18.06
N CYS G 283 -86.27 -6.82 -18.07
CA CYS G 283 -85.40 -6.73 -16.90
C CYS G 283 -85.76 -5.45 -16.15
N ASN G 284 -85.87 -5.56 -14.83
CA ASN G 284 -86.27 -4.40 -14.03
C ASN G 284 -85.06 -3.70 -13.39
N VAL G 285 -84.04 -4.46 -12.98
CA VAL G 285 -82.88 -3.92 -12.30
C VAL G 285 -81.62 -4.34 -13.04
N LEU G 286 -80.76 -3.39 -13.34
CA LEU G 286 -79.49 -3.63 -14.00
C LEU G 286 -78.35 -3.51 -12.98
N LEU G 287 -77.67 -4.62 -12.74
CA LEU G 287 -76.55 -4.67 -11.80
C LEU G 287 -75.28 -4.86 -12.61
N ILE G 288 -74.53 -3.77 -12.80
CA ILE G 288 -73.51 -3.68 -13.84
C ILE G 288 -72.15 -3.91 -13.20
N GLN G 289 -71.38 -4.84 -13.77
CA GLN G 289 -70.06 -5.15 -13.25
C GLN G 289 -69.12 -3.98 -13.49
N LYS G 290 -68.29 -3.67 -12.49
CA LYS G 290 -67.27 -2.64 -12.64
C LYS G 290 -66.22 -3.05 -13.64
N SER G 291 -65.75 -2.10 -14.45
CA SER G 291 -64.64 -2.31 -15.38
C SER G 291 -63.86 -1.01 -15.47
N ILE G 292 -62.56 -1.11 -15.77
CA ILE G 292 -61.73 0.07 -15.98
C ILE G 292 -61.58 0.43 -17.45
N LEU G 293 -62.20 -0.35 -18.35
CA LEU G 293 -62.10 -0.06 -19.78
C LEU G 293 -62.96 1.14 -20.15
N ARG G 294 -64.25 1.08 -19.81
CA ARG G 294 -65.16 2.20 -20.01
C ARG G 294 -66.06 2.32 -18.80
N ASP G 295 -66.71 3.48 -18.66
CA ASP G 295 -67.66 3.68 -17.59
C ASP G 295 -68.76 2.63 -17.63
N ALA G 296 -69.13 2.13 -16.45
CA ALA G 296 -70.15 1.08 -16.38
C ALA G 296 -71.43 1.52 -17.09
N VAL G 297 -71.88 2.74 -16.84
CA VAL G 297 -73.08 3.29 -17.45
C VAL G 297 -72.86 4.79 -17.59
N ASN G 298 -73.08 5.32 -18.79
CA ASN G 298 -72.95 6.76 -19.01
C ASN G 298 -74.11 7.50 -18.35
N ASP G 299 -73.83 8.74 -17.93
CA ASP G 299 -74.90 9.60 -17.41
C ASP G 299 -76.10 9.64 -18.35
N LEU G 300 -75.84 9.68 -19.67
CA LEU G 300 -76.94 9.74 -20.63
C LEU G 300 -77.72 8.43 -20.63
N ALA G 301 -77.01 7.30 -20.51
CA ALA G 301 -77.68 6.01 -20.42
C ALA G 301 -78.58 5.90 -19.21
N LEU G 302 -78.17 6.46 -18.07
CA LEU G 302 -79.03 6.53 -16.89
C LEU G 302 -80.29 7.35 -17.15
N HIS G 303 -80.18 8.44 -17.91
CA HIS G 303 -81.36 9.19 -18.30
C HIS G 303 -82.30 8.34 -19.13
N PHE G 304 -81.78 7.68 -20.17
CA PHE G 304 -82.62 6.84 -21.02
C PHE G 304 -83.21 5.68 -20.24
N LEU G 305 -82.37 5.02 -19.43
CA LEU G 305 -82.86 3.89 -18.63
C LEU G 305 -83.88 4.34 -17.59
N SER G 306 -83.71 5.54 -17.04
CA SER G 306 -84.70 6.07 -16.12
C SER G 306 -86.05 6.26 -16.80
N LYS G 307 -86.03 6.80 -18.03
CA LYS G 307 -87.28 6.98 -18.77
C LYS G 307 -87.95 5.64 -19.04
N LEU G 308 -87.16 4.57 -19.15
CA LEU G 308 -87.69 3.22 -19.33
C LEU G 308 -88.11 2.58 -18.02
N ASN G 309 -88.03 3.30 -16.89
CA ASN G 309 -88.42 2.79 -15.58
C ASN G 309 -87.55 1.60 -15.19
N ILE G 310 -86.28 1.67 -15.54
CA ILE G 310 -85.29 0.64 -15.21
C ILE G 310 -84.42 1.18 -14.08
N MET G 311 -84.19 0.37 -13.07
CA MET G 311 -83.28 0.71 -11.98
C MET G 311 -81.88 0.23 -12.33
N VAL G 312 -80.87 1.07 -12.04
CA VAL G 312 -79.49 0.78 -12.40
C VAL G 312 -78.62 0.90 -11.17
N VAL G 313 -77.74 -0.07 -10.96
CA VAL G 313 -76.71 -0.02 -9.93
C VAL G 313 -75.37 -0.24 -10.62
N LYS G 314 -74.51 0.78 -10.61
CA LYS G 314 -73.32 0.80 -11.43
C LYS G 314 -72.10 0.39 -10.62
N ASP G 315 -71.03 0.01 -11.32
CA ASP G 315 -69.70 -0.14 -10.76
C ASP G 315 -69.68 -1.13 -9.60
N ILE G 316 -70.40 -2.24 -9.79
CA ILE G 316 -70.48 -3.28 -8.77
C ILE G 316 -69.21 -4.11 -8.85
N GLU G 317 -68.62 -4.42 -7.69
CA GLU G 317 -67.34 -5.10 -7.65
C GLU G 317 -67.49 -6.53 -8.17
N ARG G 318 -66.38 -7.05 -8.71
CA ARG G 318 -66.40 -8.42 -9.25
C ARG G 318 -66.88 -9.41 -8.20
N GLU G 319 -66.38 -9.32 -6.97
CA GLU G 319 -66.80 -10.25 -5.92
C GLU G 319 -68.30 -10.14 -5.67
N GLU G 320 -68.84 -8.92 -5.70
CA GLU G 320 -70.28 -8.74 -5.50
C GLU G 320 -71.08 -9.43 -6.61
N ILE G 321 -70.57 -9.39 -7.84
CA ILE G 321 -71.20 -10.12 -8.94
C ILE G 321 -71.27 -11.62 -8.67
N GLU G 322 -70.22 -12.20 -8.11
CA GLU G 322 -70.21 -13.61 -7.74
C GLU G 322 -71.27 -13.95 -6.73
N PHE G 323 -71.52 -13.09 -5.75
CA PHE G 323 -72.63 -13.24 -4.81
C PHE G 323 -73.99 -13.06 -5.45
N LEU G 324 -74.14 -12.09 -6.36
CA LEU G 324 -75.42 -11.91 -7.04
C LEU G 324 -75.77 -13.13 -7.88
N SER G 325 -74.78 -13.69 -8.60
CA SER G 325 -75.05 -14.79 -9.51
C SER G 325 -75.33 -16.10 -8.78
N LYS G 326 -75.00 -16.20 -7.50
CA LYS G 326 -75.32 -17.36 -6.68
C LYS G 326 -76.64 -17.21 -5.95
N GLY G 327 -76.86 -16.04 -5.34
CA GLY G 327 -78.06 -15.84 -4.54
C GLY G 327 -79.32 -15.70 -5.39
N LEU G 328 -79.31 -14.77 -6.34
CA LEU G 328 -80.55 -14.30 -6.92
C LEU G 328 -81.06 -15.19 -8.05
N GLY G 329 -80.25 -16.14 -8.51
CA GLY G 329 -80.59 -16.90 -9.69
C GLY G 329 -80.23 -16.24 -11.00
N CYS G 330 -79.63 -15.05 -10.95
CA CYS G 330 -79.25 -14.33 -12.16
C CYS G 330 -77.92 -14.84 -12.70
N LYS G 331 -77.66 -14.56 -13.98
CA LYS G 331 -76.51 -15.09 -14.66
C LYS G 331 -75.74 -13.94 -15.29
N PRO G 332 -74.42 -14.05 -15.47
CA PRO G 332 -73.69 -13.00 -16.17
C PRO G 332 -74.11 -12.91 -17.64
N ILE G 333 -74.07 -11.70 -18.17
CA ILE G 333 -74.43 -11.43 -19.55
C ILE G 333 -73.22 -10.78 -20.23
N ALA G 334 -72.55 -11.53 -21.11
CA ALA G 334 -71.23 -11.13 -21.58
C ALA G 334 -71.31 -9.93 -22.52
N ASP G 335 -72.40 -9.82 -23.28
CA ASP G 335 -72.48 -8.90 -24.40
C ASP G 335 -73.89 -8.31 -24.47
N ILE G 336 -74.07 -7.36 -25.38
CA ILE G 336 -75.35 -6.65 -25.47
C ILE G 336 -76.42 -7.51 -26.12
N GLU G 337 -76.12 -8.13 -27.27
CA GLU G 337 -77.08 -8.97 -27.97
C GLU G 337 -77.47 -10.20 -27.16
N LEU G 338 -76.66 -10.56 -26.16
CA LEU G 338 -76.93 -11.74 -25.35
C LEU G 338 -77.83 -11.43 -24.17
N PHE G 339 -78.30 -10.19 -24.03
CA PHE G 339 -79.15 -9.78 -22.91
C PHE G 339 -80.56 -10.29 -23.17
N THR G 340 -80.96 -11.28 -22.37
CA THR G 340 -82.20 -12.02 -22.58
C THR G 340 -82.82 -12.39 -21.23
N GLU G 341 -84.12 -12.65 -21.25
CA GLU G 341 -84.84 -12.94 -20.03
C GLU G 341 -84.24 -14.11 -19.28
N ASP G 342 -83.71 -15.10 -20.01
CA ASP G 342 -83.24 -16.34 -19.37
C ASP G 342 -82.11 -16.07 -18.39
N ARG G 343 -81.48 -14.89 -18.47
CA ARG G 343 -80.31 -14.58 -17.66
C ARG G 343 -80.66 -13.79 -16.40
N LEU G 344 -81.95 -13.59 -16.13
CA LEU G 344 -82.40 -12.71 -15.06
C LEU G 344 -82.74 -13.51 -13.81
N GLY G 345 -82.50 -12.90 -12.65
CA GLY G 345 -82.91 -13.44 -11.39
C GLY G 345 -84.24 -12.88 -10.91
N SER G 346 -84.50 -13.07 -9.63
CA SER G 346 -85.78 -12.73 -9.00
C SER G 346 -85.49 -12.02 -7.68
N ALA G 347 -86.26 -10.97 -7.40
CA ALA G 347 -86.33 -10.44 -6.05
C ALA G 347 -87.63 -9.65 -5.86
N ASP G 348 -88.18 -9.72 -4.65
CA ASP G 348 -89.44 -9.03 -4.37
C ASP G 348 -89.26 -7.52 -4.30
N LEU G 349 -88.15 -7.06 -3.72
CA LEU G 349 -87.91 -5.63 -3.59
C LEU G 349 -86.43 -5.36 -3.75
N VAL G 350 -86.10 -4.38 -4.60
CA VAL G 350 -84.75 -3.82 -4.70
C VAL G 350 -84.86 -2.32 -4.41
N GLU G 351 -84.10 -1.87 -3.40
CA GLU G 351 -84.21 -0.48 -2.95
C GLU G 351 -82.86 0.00 -2.48
N GLU G 352 -82.68 1.33 -2.51
CA GLU G 352 -81.54 1.99 -1.88
C GLU G 352 -82.02 2.55 -0.55
N ILE G 353 -81.26 2.27 0.51
CA ILE G 353 -81.60 2.79 1.83
C ILE G 353 -80.63 3.89 2.20
N ASP G 354 -81.15 5.06 2.56
CA ASP G 354 -80.32 6.20 2.96
C ASP G 354 -80.44 6.38 4.46
N SER G 355 -79.49 5.79 5.18
CA SER G 355 -79.40 5.95 6.63
C SER G 355 -78.18 6.81 6.98
N ASP G 356 -78.46 8.08 7.23
CA ASP G 356 -77.44 9.11 7.43
C ASP G 356 -76.44 9.13 6.25
N GLY G 357 -77.02 8.99 5.06
CA GLY G 357 -76.23 9.04 3.84
C GLY G 357 -75.53 7.75 3.48
N SER G 358 -75.99 6.60 3.99
CA SER G 358 -75.40 5.30 3.70
C SER G 358 -75.46 4.95 2.22
N LYS G 359 -76.53 5.37 1.53
CA LYS G 359 -76.72 5.10 0.11
C LYS G 359 -76.43 3.65 -0.25
N ILE G 360 -77.10 2.72 0.44
CA ILE G 360 -76.78 1.31 0.29
C ILE G 360 -77.92 0.58 -0.40
N VAL G 361 -77.58 -0.26 -1.37
CA VAL G 361 -78.57 -0.99 -2.17
C VAL G 361 -78.73 -2.39 -1.61
N ARG G 362 -79.98 -2.85 -1.52
CA ARG G 362 -80.29 -4.17 -1.02
C ARG G 362 -81.23 -4.88 -1.98
N VAL G 363 -80.93 -6.14 -2.26
CA VAL G 363 -81.79 -7.01 -3.06
C VAL G 363 -82.27 -8.12 -2.12
N THR G 364 -83.59 -8.16 -1.89
CA THR G 364 -84.19 -9.03 -0.91
C THR G 364 -85.45 -9.69 -1.48
N GLY G 365 -85.80 -10.85 -0.92
CA GLY G 365 -87.04 -11.49 -1.29
C GLY G 365 -87.01 -12.26 -2.59
N ILE G 366 -86.05 -13.19 -2.72
CA ILE G 366 -85.86 -13.90 -3.99
C ILE G 366 -87.14 -14.62 -4.41
N ARG G 367 -87.77 -15.32 -3.46
CA ARG G 367 -89.05 -16.01 -3.70
C ARG G 367 -89.02 -16.87 -4.96
N ASN G 368 -87.96 -17.66 -5.12
CA ASN G 368 -87.77 -18.47 -6.31
C ASN G 368 -86.96 -19.70 -5.97
N ASN G 369 -87.22 -20.79 -6.70
CA ASN G 369 -86.47 -22.04 -6.52
C ASN G 369 -84.99 -21.87 -6.80
N ASN G 370 -84.60 -20.81 -7.50
CA ASN G 370 -83.20 -20.52 -7.78
C ASN G 370 -82.47 -19.96 -6.58
N ALA G 371 -83.18 -19.66 -5.49
CA ALA G 371 -82.53 -19.14 -4.29
C ALA G 371 -81.51 -20.15 -3.76
N ARG G 372 -80.41 -19.62 -3.25
CA ARG G 372 -79.33 -20.43 -2.71
C ARG G 372 -79.00 -19.87 -1.32
N PRO G 373 -78.38 -20.65 -0.40
CA PRO G 373 -78.19 -20.11 0.96
C PRO G 373 -77.06 -19.09 1.06
N THR G 374 -77.31 -17.90 0.52
CA THR G 374 -76.38 -16.78 0.59
C THR G 374 -76.84 -15.87 1.72
N VAL G 375 -75.88 -15.23 2.40
CA VAL G 375 -76.16 -14.33 3.52
C VAL G 375 -75.43 -13.02 3.29
N SER G 376 -76.09 -11.90 3.57
CA SER G 376 -75.43 -10.59 3.60
C SER G 376 -75.71 -9.96 4.97
N VAL G 377 -74.77 -9.12 5.42
CA VAL G 377 -74.93 -8.36 6.65
C VAL G 377 -74.80 -6.87 6.35
N VAL G 378 -75.72 -6.07 6.87
CA VAL G 378 -75.71 -4.63 6.70
C VAL G 378 -75.11 -4.00 7.95
N ILE G 379 -73.94 -3.38 7.80
CA ILE G 379 -73.19 -2.81 8.91
C ILE G 379 -73.27 -1.29 8.83
N ARG G 380 -73.66 -0.67 9.95
CA ARG G 380 -73.81 0.77 10.03
C ARG G 380 -73.01 1.30 11.22
N GLY G 381 -72.72 2.59 11.17
CA GLY G 381 -71.98 3.25 12.24
C GLY G 381 -71.50 4.63 11.87
N ALA G 382 -71.52 5.56 12.82
CA ALA G 382 -71.24 6.96 12.54
C ALA G 382 -69.85 7.13 11.95
N ASN G 383 -68.84 6.57 12.62
CA ASN G 383 -67.46 6.75 12.20
C ASN G 383 -66.93 5.49 11.53
N ASN G 384 -65.85 5.66 10.75
CA ASN G 384 -65.19 4.52 10.16
C ASN G 384 -64.79 3.49 11.20
N MET G 385 -64.33 3.94 12.37
CA MET G 385 -63.90 3.01 13.41
C MET G 385 -65.06 2.16 13.90
N ILE G 386 -66.30 2.66 13.78
CA ILE G 386 -67.45 1.93 14.30
C ILE G 386 -67.82 0.78 13.37
N ILE G 387 -67.85 1.05 12.06
CA ILE G 387 -68.16 0.02 11.07
C ILE G 387 -66.99 -0.95 10.89
N ASP G 388 -65.76 -0.50 11.12
CA ASP G 388 -64.60 -1.36 11.02
C ASP G 388 -64.52 -2.34 12.20
N GLU G 389 -64.77 -1.83 13.42
CA GLU G 389 -64.79 -2.70 14.59
C GLU G 389 -65.95 -3.67 14.56
N THR G 390 -67.10 -3.23 14.03
CA THR G 390 -68.23 -4.14 13.84
C THR G 390 -67.87 -5.26 12.86
N GLU G 391 -67.32 -4.91 11.70
CA GLU G 391 -66.91 -5.92 10.74
C GLU G 391 -65.87 -6.86 11.34
N ARG G 392 -64.83 -6.29 11.96
CA ARG G 392 -63.78 -7.12 12.56
C ARG G 392 -64.35 -8.07 13.60
N SER G 393 -65.25 -7.58 14.46
CA SER G 393 -65.87 -8.43 15.47
C SER G 393 -66.69 -9.55 14.86
N LEU G 394 -67.48 -9.26 13.82
CA LEU G 394 -68.26 -10.30 13.15
C LEU G 394 -67.39 -11.34 12.46
N HIS G 395 -66.27 -10.93 11.86
CA HIS G 395 -65.37 -11.90 11.24
C HIS G 395 -64.88 -12.93 12.25
N ASP G 396 -64.51 -12.49 13.45
CA ASP G 396 -64.05 -13.42 14.47
C ASP G 396 -65.22 -14.25 15.01
N ALA G 397 -66.36 -13.60 15.24
CA ALA G 397 -67.52 -14.33 15.76
C ALA G 397 -67.94 -15.43 14.81
N LEU G 398 -67.92 -15.16 13.51
CA LEU G 398 -68.30 -16.17 12.53
C LEU G 398 -67.31 -17.33 12.55
N CYS G 399 -66.02 -17.04 12.69
CA CYS G 399 -65.01 -18.09 12.73
C CYS G 399 -65.14 -18.96 13.98
N VAL G 400 -65.40 -18.35 15.13
CA VAL G 400 -65.58 -19.11 16.37
C VAL G 400 -66.77 -20.06 16.23
N ILE G 401 -67.88 -19.56 15.69
CA ILE G 401 -69.07 -20.38 15.56
C ILE G 401 -68.85 -21.49 14.56
N ARG G 402 -68.23 -21.18 13.41
CA ARG G 402 -67.85 -22.21 12.46
C ARG G 402 -67.08 -23.34 13.14
N CYS G 403 -66.12 -22.98 13.99
CA CYS G 403 -65.37 -24.00 14.72
C CYS G 403 -66.28 -24.91 15.53
N LEU G 404 -67.29 -24.32 16.18
CA LEU G 404 -68.21 -25.10 17.01
C LEU G 404 -69.05 -26.07 16.17
N VAL G 405 -69.32 -25.73 14.91
CA VAL G 405 -70.08 -26.63 14.05
C VAL G 405 -69.19 -27.78 13.57
N LYS G 406 -67.97 -27.47 13.12
CA LYS G 406 -67.10 -28.50 12.54
C LYS G 406 -66.65 -29.49 13.61
N GLU G 407 -66.12 -28.99 14.73
CA GLU G 407 -65.68 -29.86 15.82
C GLU G 407 -66.36 -29.37 17.10
N ARG G 408 -67.44 -30.05 17.48
CA ARG G 408 -68.35 -29.52 18.49
C ARG G 408 -67.69 -29.44 19.87
N GLY G 409 -67.87 -28.32 20.55
CA GLY G 409 -67.41 -28.17 21.92
C GLY G 409 -66.31 -27.13 22.06
N LEU G 410 -66.06 -26.74 23.31
CA LEU G 410 -65.02 -25.80 23.64
C LEU G 410 -64.07 -26.45 24.65
N ILE G 411 -62.80 -26.03 24.62
CA ILE G 411 -61.82 -26.43 25.62
C ILE G 411 -61.26 -25.18 26.29
N ALA G 412 -61.07 -25.25 27.60
CA ALA G 412 -60.57 -24.11 28.38
C ALA G 412 -59.28 -23.61 27.75
N GLY G 413 -59.08 -22.29 27.76
CA GLY G 413 -57.83 -21.71 27.32
C GLY G 413 -56.81 -21.52 28.42
N GLY G 414 -55.96 -20.50 28.29
CA GLY G 414 -54.96 -20.21 29.29
C GLY G 414 -53.86 -21.23 29.40
N GLY G 415 -53.67 -22.06 28.38
CA GLY G 415 -52.71 -23.15 28.41
C GLY G 415 -53.23 -24.43 29.03
N ALA G 416 -54.49 -24.46 29.43
CA ALA G 416 -55.06 -25.65 30.06
C ALA G 416 -54.83 -26.93 29.26
N PRO G 417 -55.26 -27.04 27.99
CA PRO G 417 -54.98 -28.30 27.26
C PRO G 417 -53.50 -28.55 27.04
N GLU G 418 -52.67 -27.52 27.03
CA GLU G 418 -51.24 -27.71 26.82
C GLU G 418 -50.59 -28.35 28.04
N ILE G 419 -51.05 -27.99 29.25
CA ILE G 419 -50.56 -28.65 30.45
C ILE G 419 -51.09 -30.06 30.55
N GLU G 420 -52.38 -30.26 30.24
CA GLU G 420 -52.99 -31.57 30.36
C GLU G 420 -52.39 -32.55 29.34
N ILE G 421 -52.27 -32.11 28.09
CA ILE G 421 -51.71 -32.97 27.05
C ILE G 421 -50.27 -33.34 27.38
N SER G 422 -49.48 -32.36 27.82
CA SER G 422 -48.09 -32.62 28.19
C SER G 422 -48.01 -33.67 29.31
N ARG G 423 -48.83 -33.50 30.36
CA ARG G 423 -48.83 -34.48 31.44
C ARG G 423 -49.28 -35.85 30.93
N ARG G 424 -50.33 -35.89 30.11
CA ARG G 424 -50.82 -37.17 29.60
C ARG G 424 -49.76 -37.87 28.76
N LEU G 425 -49.15 -37.14 27.81
CA LEU G 425 -48.14 -37.76 26.96
C LEU G 425 -46.90 -38.15 27.76
N SER G 426 -46.56 -37.36 28.78
CA SER G 426 -45.41 -37.71 29.63
C SER G 426 -45.63 -39.06 30.30
N LYS G 427 -46.87 -39.34 30.70
CA LYS G 427 -47.17 -40.63 31.34
C LYS G 427 -47.37 -41.72 30.30
N GLU G 428 -48.07 -41.41 29.21
CA GLU G 428 -48.27 -42.41 28.16
C GLU G 428 -46.95 -42.81 27.51
N ALA G 429 -45.98 -41.89 27.45
CA ALA G 429 -44.67 -42.24 26.90
C ALA G 429 -44.02 -43.37 27.69
N ARG G 430 -44.43 -43.56 28.94
CA ARG G 430 -43.84 -44.62 29.76
C ARG G 430 -44.20 -46.00 29.23
N SER G 431 -45.23 -46.10 28.40
CA SER G 431 -45.60 -47.35 27.74
C SER G 431 -44.90 -47.54 26.41
N MET G 432 -44.09 -46.57 25.97
CA MET G 432 -43.40 -46.66 24.69
C MET G 432 -41.99 -47.20 24.90
N GLU G 433 -41.39 -47.69 23.82
CA GLU G 433 -40.03 -48.21 23.84
C GLU G 433 -39.18 -47.52 22.79
N GLY G 434 -37.88 -47.49 23.04
CA GLY G 434 -36.95 -47.03 22.02
C GLY G 434 -37.04 -45.53 21.76
N VAL G 435 -36.72 -45.14 20.53
CA VAL G 435 -36.62 -43.72 20.19
C VAL G 435 -37.97 -43.03 20.40
N GLN G 436 -39.07 -43.76 20.22
CA GLN G 436 -40.40 -43.18 20.37
C GLN G 436 -40.64 -42.68 21.79
N ALA G 437 -40.17 -43.44 22.79
CA ALA G 437 -40.33 -43.01 24.19
C ALA G 437 -39.60 -41.70 24.47
N PHE G 438 -38.38 -41.57 23.94
CA PHE G 438 -37.62 -40.33 24.18
C PHE G 438 -38.22 -39.16 23.42
N ILE G 439 -38.65 -39.40 22.18
CA ILE G 439 -39.18 -38.31 21.35
C ILE G 439 -40.51 -37.82 21.91
N TRP G 440 -41.36 -38.74 22.37
CA TRP G 440 -42.63 -38.36 22.98
C TRP G 440 -42.42 -37.44 24.17
N GLN G 441 -41.40 -37.71 24.98
CA GLN G 441 -41.09 -36.83 26.11
C GLN G 441 -40.68 -35.45 25.62
N GLU G 442 -39.93 -35.39 24.53
CA GLU G 442 -39.56 -34.10 23.95
C GLU G 442 -40.77 -33.37 23.40
N PHE G 443 -41.68 -34.10 22.76
CA PHE G 443 -42.93 -33.49 22.29
C PHE G 443 -43.71 -32.89 23.45
N ALA G 444 -43.90 -33.66 24.53
CA ALA G 444 -44.65 -33.17 25.67
C ALA G 444 -44.00 -31.91 26.26
N SER G 445 -42.67 -31.88 26.30
CA SER G 445 -41.98 -30.70 26.81
C SER G 445 -42.21 -29.49 25.91
N ALA G 446 -42.17 -29.70 24.59
CA ALA G 446 -42.35 -28.59 23.67
C ALA G 446 -43.69 -27.90 23.88
N LEU G 447 -44.71 -28.66 24.30
CA LEU G 447 -46.05 -28.09 24.45
C LEU G 447 -46.04 -26.95 25.47
N GLU G 448 -45.15 -27.02 26.46
CA GLU G 448 -45.11 -26.04 27.55
C GLU G 448 -44.71 -24.65 27.08
N VAL G 449 -44.26 -24.49 25.84
CA VAL G 449 -43.89 -23.16 25.35
C VAL G 449 -45.06 -22.19 25.44
N ILE G 450 -46.29 -22.70 25.33
CA ILE G 450 -47.48 -21.84 25.32
C ILE G 450 -47.77 -21.33 26.73
N PRO G 451 -48.04 -22.19 27.73
CA PRO G 451 -48.24 -21.65 29.08
C PRO G 451 -47.04 -20.92 29.63
N THR G 452 -45.83 -21.26 29.17
CA THR G 452 -44.65 -20.49 29.57
C THR G 452 -44.69 -19.09 28.99
N THR G 453 -44.93 -18.98 27.68
CA THR G 453 -45.00 -17.66 27.05
C THR G 453 -46.13 -16.82 27.63
N LEU G 454 -47.30 -17.42 27.86
CA LEU G 454 -48.42 -16.68 28.44
C LEU G 454 -48.05 -16.12 29.81
N ALA G 455 -47.40 -16.93 30.64
CA ALA G 455 -46.95 -16.44 31.94
C ALA G 455 -45.99 -15.28 31.81
N GLU G 456 -45.04 -15.38 30.87
CA GLU G 456 -44.06 -14.30 30.70
C GLU G 456 -44.72 -13.01 30.25
N ASN G 457 -45.58 -13.08 29.23
CA ASN G 457 -46.20 -11.88 28.70
C ASN G 457 -47.17 -11.26 29.69
N ALA G 458 -47.75 -12.06 30.58
CA ALA G 458 -48.67 -11.56 31.59
C ALA G 458 -47.96 -10.88 32.76
N GLY G 459 -46.63 -10.88 32.77
CA GLY G 459 -45.87 -10.35 33.89
C GLY G 459 -45.69 -11.30 35.05
N LEU G 460 -45.94 -12.59 34.86
CA LEU G 460 -45.84 -13.56 35.93
C LEU G 460 -44.52 -14.32 35.84
N ASN G 461 -44.11 -14.89 36.97
CA ASN G 461 -42.95 -15.76 37.02
C ASN G 461 -43.23 -17.02 36.22
N SER G 462 -42.41 -17.30 35.21
CA SER G 462 -42.65 -18.39 34.26
C SER G 462 -42.76 -19.73 34.98
N ILE G 463 -41.69 -20.11 35.68
CA ILE G 463 -41.64 -21.43 36.33
C ILE G 463 -42.76 -21.56 37.35
N LYS G 464 -43.00 -20.52 38.13
CA LYS G 464 -44.05 -20.57 39.16
C LYS G 464 -45.40 -20.89 38.54
N VAL G 465 -45.79 -20.18 37.48
CA VAL G 465 -47.10 -20.38 36.88
C VAL G 465 -47.22 -21.79 36.31
N VAL G 466 -46.22 -22.21 35.53
CA VAL G 466 -46.26 -23.52 34.89
C VAL G 466 -46.26 -24.62 35.96
N THR G 467 -45.45 -24.44 37.00
CA THR G 467 -45.42 -25.43 38.07
C THR G 467 -46.77 -25.54 38.77
N GLU G 468 -47.39 -24.40 39.10
CA GLU G 468 -48.70 -24.45 39.74
C GLU G 468 -49.73 -25.17 38.87
N LEU G 469 -49.71 -24.91 37.56
CA LEU G 469 -50.66 -25.57 36.68
C LEU G 469 -50.43 -27.08 36.64
N ARG G 470 -49.17 -27.50 36.52
CA ARG G 470 -48.87 -28.93 36.43
C ARG G 470 -49.31 -29.67 37.69
N SER G 471 -49.13 -29.06 38.87
CA SER G 471 -49.56 -29.71 40.10
C SER G 471 -51.07 -29.68 40.22
N LYS G 472 -51.70 -28.55 39.89
CA LYS G 472 -53.15 -28.45 40.00
C LYS G 472 -53.87 -29.44 39.10
N HIS G 473 -53.30 -29.75 37.93
CA HIS G 473 -53.90 -30.73 37.04
C HIS G 473 -53.81 -32.15 37.57
N GLU G 474 -53.27 -32.33 38.77
CA GLU G 474 -53.42 -33.62 39.46
C GLU G 474 -54.89 -33.89 39.78
N ASN G 475 -55.66 -32.85 40.09
CA ASN G 475 -57.07 -32.99 40.44
C ASN G 475 -57.97 -32.43 39.35
N GLY G 476 -57.56 -31.33 38.72
CA GLY G 476 -58.36 -30.74 37.67
C GLY G 476 -57.98 -31.26 36.30
N GLU G 477 -58.82 -30.98 35.31
CA GLU G 477 -58.50 -31.32 33.93
C GLU G 477 -58.38 -30.10 33.02
N LEU G 478 -59.50 -29.42 32.77
CA LEU G 478 -59.47 -28.18 32.00
C LEU G 478 -59.78 -26.92 32.81
N ASN G 479 -60.03 -27.02 34.11
CA ASN G 479 -60.47 -25.88 34.89
C ASN G 479 -59.34 -24.97 35.34
N ASP G 480 -58.08 -25.35 35.12
CA ASP G 480 -56.95 -24.62 35.66
C ASP G 480 -56.09 -24.07 34.52
N GLY G 481 -55.91 -22.75 34.49
CA GLY G 481 -55.15 -22.11 33.44
C GLY G 481 -54.82 -20.68 33.81
N ILE G 482 -54.11 -20.01 32.90
CA ILE G 482 -53.63 -18.66 33.16
C ILE G 482 -54.72 -17.65 32.81
N SER G 483 -55.02 -16.77 33.75
CA SER G 483 -55.97 -15.67 33.55
C SER G 483 -55.21 -14.36 33.69
N VAL G 484 -55.12 -13.59 32.60
CA VAL G 484 -54.50 -12.27 32.66
C VAL G 484 -55.39 -11.31 33.46
N ARG G 485 -56.70 -11.56 33.48
CA ARG G 485 -57.60 -10.74 34.29
C ARG G 485 -57.29 -10.88 35.78
N ARG G 486 -57.09 -12.12 36.23
CA ARG G 486 -56.75 -12.37 37.64
C ARG G 486 -55.25 -12.42 37.87
N SER G 487 -54.43 -12.36 36.82
CA SER G 487 -52.97 -12.33 36.93
C SER G 487 -52.46 -13.52 37.74
N GLY G 488 -52.93 -14.72 37.39
CA GLY G 488 -52.49 -15.93 38.06
C GLY G 488 -53.20 -17.17 37.55
N THR G 489 -52.96 -18.30 38.20
CA THR G 489 -53.55 -19.58 37.83
C THR G 489 -54.87 -19.75 38.57
N THR G 490 -55.98 -19.71 37.83
CA THR G 490 -57.30 -19.62 38.43
C THR G 490 -58.25 -20.47 37.59
N ASN G 491 -59.56 -20.32 37.85
CA ASN G 491 -60.57 -21.18 37.25
C ASN G 491 -60.88 -20.68 35.85
N THR G 492 -60.52 -21.47 34.84
CA THR G 492 -60.69 -21.07 33.45
C THR G 492 -62.15 -20.91 33.05
N TYR G 493 -63.06 -21.65 33.68
CA TYR G 493 -64.48 -21.59 33.33
C TYR G 493 -65.17 -20.38 33.95
N GLU G 494 -64.93 -20.13 35.24
CA GLU G 494 -65.52 -18.96 35.89
C GLU G 494 -65.05 -17.67 35.25
N GLU G 495 -63.83 -17.65 34.73
CA GLU G 495 -63.28 -16.47 34.05
C GLU G 495 -63.65 -16.43 32.58
N HIS G 496 -64.43 -17.41 32.10
CA HIS G 496 -64.88 -17.48 30.71
C HIS G 496 -63.71 -17.51 29.72
N ILE G 497 -62.73 -18.38 29.98
CA ILE G 497 -61.60 -18.52 29.08
C ILE G 497 -61.79 -19.80 28.29
N LEU G 498 -62.42 -19.71 27.12
CA LEU G 498 -62.80 -20.88 26.34
C LEU G 498 -62.36 -20.73 24.90
N GLN G 499 -61.91 -21.84 24.31
CA GLN G 499 -61.46 -21.87 22.92
C GLN G 499 -62.10 -23.05 22.21
N PRO G 500 -62.63 -22.86 21.00
CA PRO G 500 -63.23 -23.97 20.26
C PRO G 500 -62.23 -25.10 20.04
N VAL G 501 -62.74 -26.33 20.05
CA VAL G 501 -61.91 -27.51 19.81
C VAL G 501 -61.13 -27.39 18.51
N LEU G 502 -61.77 -26.92 17.45
CA LEU G 502 -61.09 -26.87 16.15
C LEU G 502 -59.80 -26.07 16.22
N VAL G 503 -59.76 -25.03 17.05
CA VAL G 503 -58.59 -24.15 17.09
C VAL G 503 -57.40 -24.87 17.67
N SER G 504 -57.60 -25.52 18.83
CA SER G 504 -56.55 -26.33 19.43
C SER G 504 -56.20 -27.54 18.56
N THR G 505 -57.20 -28.19 17.98
CA THR G 505 -56.93 -29.37 17.15
C THR G 505 -56.10 -28.99 15.93
N SER G 506 -56.46 -27.90 15.26
CA SER G 506 -55.73 -27.42 14.10
C SER G 506 -54.29 -27.04 14.42
N ALA G 507 -54.05 -26.40 15.56
CA ALA G 507 -52.71 -26.05 16.00
C ALA G 507 -51.82 -27.27 16.19
N ILE G 508 -52.37 -28.36 16.73
CA ILE G 508 -51.59 -29.59 16.88
C ILE G 508 -51.27 -30.18 15.52
N THR G 509 -52.27 -30.26 14.64
CA THR G 509 -52.07 -30.88 13.33
C THR G 509 -51.10 -30.07 12.48
N LEU G 510 -51.39 -28.77 12.30
CA LEU G 510 -50.61 -27.97 11.37
C LEU G 510 -49.16 -27.81 11.84
N ALA G 511 -48.97 -27.63 13.14
CA ALA G 511 -47.61 -27.54 13.68
C ALA G 511 -46.83 -28.81 13.41
N SER G 512 -47.48 -29.97 13.57
CA SER G 512 -46.81 -31.23 13.29
C SER G 512 -46.51 -31.37 11.80
N GLU G 513 -47.44 -30.98 10.93
CA GLU G 513 -47.20 -31.06 9.50
C GLU G 513 -46.04 -30.15 9.07
N CYS G 514 -45.95 -28.96 9.66
CA CYS G 514 -44.87 -28.04 9.34
C CYS G 514 -43.52 -28.63 9.72
N VAL G 515 -43.41 -29.15 10.95
CA VAL G 515 -42.17 -29.78 11.41
C VAL G 515 -41.81 -30.96 10.50
N LYS G 516 -42.81 -31.78 10.14
CA LYS G 516 -42.57 -32.84 9.17
C LYS G 516 -41.96 -32.29 7.89
N SER G 517 -42.58 -31.27 7.30
CA SER G 517 -42.11 -30.66 6.07
C SER G 517 -40.72 -30.05 6.18
N ILE G 518 -40.41 -29.40 7.30
CA ILE G 518 -39.12 -28.76 7.52
C ILE G 518 -38.02 -29.80 7.66
N LEU G 519 -38.24 -30.82 8.49
CA LEU G 519 -37.22 -31.83 8.74
C LEU G 519 -36.91 -32.64 7.48
N ARG G 520 -37.85 -32.72 6.53
CA ARG G 520 -37.61 -33.52 5.33
C ARG G 520 -36.76 -32.76 4.30
N ILE G 521 -36.40 -31.51 4.58
CA ILE G 521 -35.64 -30.72 3.62
C ILE G 521 -34.16 -30.93 3.91
N ASP G 522 -33.47 -31.61 3.00
CA ASP G 522 -32.03 -31.86 3.13
C ASP G 522 -31.19 -31.07 2.14
N ASP G 523 -31.81 -30.27 1.27
CA ASP G 523 -31.09 -29.62 0.19
C ASP G 523 -32.00 -28.57 -0.44
N ILE G 524 -31.39 -27.69 -1.23
CA ILE G 524 -32.11 -26.75 -2.09
C ILE G 524 -31.26 -26.51 -3.33
N ALA G 525 -31.90 -26.52 -4.50
CA ALA G 525 -31.22 -26.26 -5.76
C ALA G 525 -31.96 -25.19 -6.54
N PHE G 526 -31.24 -24.46 -7.38
CA PHE G 526 -31.85 -23.43 -8.21
C PHE G 526 -32.43 -24.07 -9.47
N SER G 527 -33.56 -23.52 -9.94
CA SER G 527 -34.17 -23.98 -11.18
C SER G 527 -34.63 -22.78 -11.98
N ARG G 528 -34.02 -22.57 -13.14
CA ARG G 528 -34.33 -21.40 -13.96
C ARG G 528 -34.23 -21.75 -15.44
N ASN H 8 -6.96 -40.91 -23.48
CA ASN H 8 -7.86 -41.86 -22.84
C ASN H 8 -7.94 -41.62 -21.33
N ALA H 9 -8.65 -42.50 -20.63
CA ALA H 9 -8.67 -42.49 -19.17
C ALA H 9 -7.69 -43.56 -18.69
N THR H 10 -6.77 -43.17 -17.82
CA THR H 10 -5.75 -44.05 -17.25
C THR H 10 -5.46 -43.65 -15.81
N PHE H 11 -4.40 -44.23 -15.25
CA PHE H 11 -4.02 -44.04 -13.86
C PHE H 11 -4.06 -42.56 -13.47
N LYS H 12 -4.88 -42.25 -12.46
CA LYS H 12 -5.07 -40.86 -12.07
C LYS H 12 -3.76 -40.20 -11.65
N ASN H 13 -2.83 -40.97 -11.06
CA ASN H 13 -1.51 -40.49 -10.67
C ASN H 13 -1.63 -39.33 -9.68
N LYS H 14 -2.50 -39.55 -8.69
CA LYS H 14 -2.59 -38.61 -7.57
C LYS H 14 -1.28 -38.56 -6.79
N GLU H 15 -0.79 -39.72 -6.35
CA GLU H 15 0.56 -39.79 -5.80
C GLU H 15 1.55 -39.93 -6.94
N LYS H 16 2.54 -39.03 -6.97
CA LYS H 16 3.39 -38.85 -8.16
C LYS H 16 4.84 -39.08 -7.81
N PRO H 17 5.25 -40.34 -7.61
CA PRO H 17 6.67 -40.65 -7.41
C PRO H 17 7.55 -40.31 -8.61
N GLN H 18 6.97 -40.22 -9.81
CA GLN H 18 7.75 -39.87 -10.99
C GLN H 18 8.36 -38.49 -10.87
N GLU H 19 7.75 -37.61 -10.06
CA GLU H 19 8.27 -36.26 -9.92
C GLU H 19 9.66 -36.26 -9.32
N VAL H 20 9.96 -37.24 -8.46
CA VAL H 20 11.29 -37.33 -7.86
C VAL H 20 12.28 -37.85 -8.88
N ARG H 21 11.92 -38.91 -9.61
CA ARG H 21 12.82 -39.47 -10.61
C ARG H 21 13.12 -38.46 -11.71
N LYS H 22 12.11 -37.69 -12.12
CA LYS H 22 12.34 -36.63 -13.10
C LYS H 22 13.33 -35.60 -12.58
N ALA H 23 13.15 -35.14 -11.34
CA ALA H 23 14.12 -34.22 -10.75
C ALA H 23 15.51 -34.86 -10.68
N ASN H 24 15.58 -36.15 -10.37
CA ASN H 24 16.86 -36.83 -10.30
C ASN H 24 17.54 -36.87 -11.67
N ILE H 25 16.79 -37.24 -12.71
CA ILE H 25 17.37 -37.36 -14.05
C ILE H 25 17.78 -35.99 -14.58
N ILE H 26 16.90 -34.99 -14.40
CA ILE H 26 17.19 -33.66 -14.90
C ILE H 26 18.48 -33.12 -14.28
N ALA H 27 18.62 -33.25 -12.96
CA ALA H 27 19.82 -32.78 -12.29
C ALA H 27 21.07 -33.55 -12.75
N ALA H 28 20.99 -34.86 -12.86
CA ALA H 28 22.14 -35.67 -13.26
C ALA H 28 22.54 -35.40 -14.71
N ARG H 29 21.57 -35.32 -15.61
CA ARG H 29 21.89 -35.07 -17.02
C ARG H 29 22.51 -33.70 -17.21
N SER H 30 22.08 -32.70 -16.43
CA SER H 30 22.67 -31.37 -16.50
C SER H 30 24.17 -31.42 -16.20
N VAL H 31 24.58 -32.21 -15.21
CA VAL H 31 26.00 -32.34 -14.90
C VAL H 31 26.74 -32.95 -16.08
N ALA H 32 26.20 -34.04 -16.63
CA ALA H 32 26.86 -34.72 -17.74
C ALA H 32 27.00 -33.83 -18.96
N ASP H 33 25.96 -33.07 -19.32
CA ASP H 33 26.05 -32.19 -20.48
C ASP H 33 27.11 -31.11 -20.28
N ALA H 34 27.25 -30.61 -19.05
CA ALA H 34 28.31 -29.65 -18.76
C ALA H 34 29.69 -30.24 -19.03
N ILE H 35 29.91 -31.49 -18.64
CA ILE H 35 31.21 -32.13 -18.88
C ILE H 35 31.36 -32.52 -20.34
N ARG H 36 30.25 -32.87 -21.00
CA ARG H 36 30.31 -33.37 -22.37
C ARG H 36 31.11 -32.46 -23.30
N THR H 37 30.95 -31.15 -23.15
CA THR H 37 31.52 -30.23 -24.12
C THR H 37 33.04 -30.14 -24.04
N SER H 38 33.64 -30.78 -23.05
CA SER H 38 35.09 -30.75 -22.84
C SER H 38 35.75 -32.04 -23.32
N LEU H 39 34.97 -32.95 -23.90
CA LEU H 39 35.46 -34.25 -24.32
C LEU H 39 36.43 -34.06 -25.48
N GLY H 40 37.58 -34.73 -25.41
CA GLY H 40 38.48 -34.84 -26.53
C GLY H 40 39.54 -33.77 -26.53
N PRO H 41 40.65 -34.02 -27.26
CA PRO H 41 41.72 -33.03 -27.35
C PRO H 41 41.26 -31.68 -27.90
N LYS H 42 40.16 -31.65 -28.65
CA LYS H 42 39.62 -30.42 -29.21
C LYS H 42 38.47 -29.86 -28.38
N GLY H 43 38.22 -30.42 -27.20
CA GLY H 43 37.08 -29.99 -26.42
C GLY H 43 37.23 -28.55 -25.94
N MET H 44 36.14 -28.00 -25.44
CA MET H 44 36.08 -26.62 -24.97
C MET H 44 36.40 -26.55 -23.49
N ASP H 45 37.01 -25.43 -23.09
CA ASP H 45 37.43 -25.24 -21.72
C ASP H 45 36.25 -24.81 -20.84
N LYS H 46 36.34 -25.17 -19.56
CA LYS H 46 35.43 -24.65 -18.54
C LYS H 46 36.16 -23.66 -17.65
N MET H 47 35.46 -22.57 -17.30
CA MET H 47 35.94 -21.59 -16.35
C MET H 47 35.07 -21.62 -15.11
N ILE H 48 35.70 -21.66 -13.93
CA ILE H 48 35.01 -21.71 -12.65
C ILE H 48 35.60 -20.63 -11.76
N LYS H 49 34.72 -19.86 -11.11
CA LYS H 49 35.11 -18.95 -10.04
C LYS H 49 34.85 -19.66 -8.71
N THR H 50 35.92 -19.91 -7.95
CA THR H 50 35.82 -20.70 -6.74
C THR H 50 35.30 -19.85 -5.58
N SER H 51 34.98 -20.54 -4.47
CA SER H 51 34.45 -19.85 -3.30
C SER H 51 35.44 -18.85 -2.74
N ARG H 52 36.72 -18.97 -3.09
CA ARG H 52 37.73 -18.02 -2.63
C ARG H 52 37.89 -16.84 -3.58
N GLY H 53 37.14 -16.82 -4.69
CA GLY H 53 37.27 -15.78 -5.70
C GLY H 53 38.27 -16.08 -6.78
N GLU H 54 39.00 -17.19 -6.69
CA GLU H 54 39.99 -17.53 -7.71
C GLU H 54 39.30 -17.99 -8.98
N ILE H 55 39.91 -17.67 -10.13
CA ILE H 55 39.45 -18.14 -11.42
C ILE H 55 40.34 -19.28 -11.88
N ILE H 56 39.72 -20.43 -12.18
CA ILE H 56 40.43 -21.59 -12.71
C ILE H 56 39.84 -21.96 -14.06
N ILE H 57 40.71 -22.40 -14.96
CA ILE H 57 40.32 -22.86 -16.29
C ILE H 57 40.97 -24.21 -16.53
N SER H 58 40.16 -25.19 -16.97
CA SER H 58 40.61 -26.56 -17.20
C SER H 58 39.60 -27.25 -18.11
N ASN H 59 40.10 -28.22 -18.87
CA ASN H 59 39.25 -29.19 -19.56
C ASN H 59 39.29 -30.57 -18.92
N ASP H 60 39.84 -30.71 -17.72
CA ASP H 60 39.90 -32.01 -17.05
C ASP H 60 38.57 -32.29 -16.36
N GLY H 61 37.88 -33.33 -16.81
CA GLY H 61 36.54 -33.60 -16.31
C GLY H 61 36.51 -33.72 -14.80
N HIS H 62 37.39 -34.54 -14.24
CA HIS H 62 37.36 -34.81 -12.81
C HIS H 62 37.62 -33.54 -12.01
N THR H 63 38.67 -32.79 -12.37
CA THR H 63 38.93 -31.51 -11.72
C THR H 63 37.73 -30.58 -11.82
N ILE H 64 37.11 -30.49 -13.00
CA ILE H 64 35.90 -29.67 -13.14
C ILE H 64 34.82 -30.15 -12.18
N LEU H 65 34.54 -31.45 -12.18
CA LEU H 65 33.43 -31.97 -11.38
C LEU H 65 33.60 -31.62 -9.90
N LYS H 66 34.82 -31.74 -9.38
CA LYS H 66 35.06 -31.43 -7.97
C LYS H 66 34.74 -29.97 -7.67
N GLN H 67 35.01 -29.08 -8.63
CA GLN H 67 34.84 -27.64 -8.44
C GLN H 67 33.47 -27.14 -8.88
N MET H 68 32.69 -27.98 -9.56
CA MET H 68 31.33 -27.58 -9.93
C MET H 68 30.44 -27.40 -8.70
N ALA H 69 30.81 -28.01 -7.59
CA ALA H 69 30.08 -27.86 -6.32
C ALA H 69 28.61 -28.25 -6.50
N ILE H 70 28.39 -29.42 -7.10
CA ILE H 70 27.03 -29.90 -7.33
C ILE H 70 26.31 -30.10 -6.00
N LEU H 71 25.06 -29.64 -5.95
CA LEU H 71 24.26 -29.63 -4.73
C LEU H 71 23.32 -30.81 -4.62
N HIS H 72 22.57 -31.11 -5.69
CA HIS H 72 21.53 -32.12 -5.65
C HIS H 72 22.09 -33.46 -5.16
N PRO H 73 21.49 -34.08 -4.14
CA PRO H 73 22.08 -35.31 -3.58
C PRO H 73 22.32 -36.40 -4.61
N VAL H 74 21.52 -36.46 -5.67
CA VAL H 74 21.66 -37.55 -6.63
C VAL H 74 22.64 -37.16 -7.73
N ALA H 75 22.59 -35.91 -8.21
CA ALA H 75 23.53 -35.47 -9.22
C ALA H 75 24.96 -35.59 -8.74
N ARG H 76 25.19 -35.43 -7.43
CA ARG H 76 26.54 -35.59 -6.89
C ARG H 76 27.10 -36.97 -7.19
N MET H 77 26.22 -37.96 -7.39
CA MET H 77 26.69 -39.33 -7.60
C MET H 77 27.49 -39.45 -8.89
N LEU H 78 27.23 -38.55 -9.85
CA LEU H 78 28.02 -38.55 -11.08
C LEU H 78 29.46 -38.13 -10.83
N VAL H 79 29.71 -37.38 -9.74
CA VAL H 79 31.09 -37.06 -9.36
C VAL H 79 31.77 -38.30 -8.79
N GLU H 80 31.06 -39.06 -7.96
CA GLU H 80 31.62 -40.31 -7.43
C GLU H 80 31.93 -41.29 -8.55
N VAL H 81 31.13 -41.30 -9.62
CA VAL H 81 31.42 -42.17 -10.75
C VAL H 81 32.80 -41.84 -11.34
N SER H 82 33.07 -40.55 -11.55
CA SER H 82 34.37 -40.16 -12.08
C SER H 82 35.49 -40.49 -11.10
N ALA H 83 35.21 -40.45 -9.79
CA ALA H 83 36.20 -40.87 -8.82
C ALA H 83 36.49 -42.37 -8.93
N ALA H 84 35.43 -43.18 -9.09
CA ALA H 84 35.63 -44.61 -9.27
C ALA H 84 36.45 -44.90 -10.52
N GLN H 85 36.18 -44.20 -11.62
CA GLN H 85 36.97 -44.38 -12.83
C GLN H 85 38.43 -43.99 -12.59
N ASP H 86 38.66 -42.86 -11.92
CA ASP H 86 40.02 -42.44 -11.62
C ASP H 86 40.73 -43.43 -10.72
N SER H 87 40.01 -44.06 -9.80
CA SER H 87 40.62 -45.02 -8.89
C SER H 87 40.93 -46.34 -9.57
N GLU H 88 40.01 -46.86 -10.38
CA GLU H 88 40.14 -48.19 -10.98
C GLU H 88 41.00 -48.16 -12.24
N ALA H 89 40.70 -47.24 -13.17
CA ALA H 89 41.40 -47.17 -14.45
C ALA H 89 42.43 -46.06 -14.49
N GLY H 90 42.06 -44.86 -14.02
CA GLY H 90 42.88 -43.69 -14.13
C GLY H 90 42.73 -42.92 -15.42
N ASP H 91 41.79 -43.32 -16.28
CA ASP H 91 41.52 -42.64 -17.53
C ASP H 91 40.05 -42.81 -17.88
N GLY H 92 39.58 -41.98 -18.81
CA GLY H 92 38.19 -41.99 -19.17
C GLY H 92 37.26 -41.31 -18.19
N THR H 93 37.82 -40.53 -17.25
CA THR H 93 37.01 -39.97 -16.18
C THR H 93 35.93 -39.02 -16.71
N THR H 94 36.14 -38.43 -17.89
CA THR H 94 35.12 -37.60 -18.49
C THR H 94 34.07 -38.45 -19.21
N SER H 95 34.49 -39.57 -19.78
CA SER H 95 33.61 -40.34 -20.66
C SER H 95 32.60 -41.16 -19.86
N VAL H 96 32.93 -41.52 -18.61
CA VAL H 96 32.03 -42.34 -17.82
C VAL H 96 30.82 -41.52 -17.38
N VAL H 97 30.99 -40.23 -17.18
CA VAL H 97 29.86 -39.37 -16.82
C VAL H 97 29.03 -39.04 -18.04
N ILE H 98 29.69 -38.79 -19.18
CA ILE H 98 28.99 -38.45 -20.41
C ILE H 98 28.10 -39.60 -20.84
N LEU H 99 28.62 -40.82 -20.82
CA LEU H 99 27.80 -41.99 -21.12
C LEU H 99 26.67 -42.14 -20.13
N THR H 100 26.93 -41.83 -18.85
CA THR H 100 25.86 -41.84 -17.85
C THR H 100 24.75 -40.87 -18.24
N GLY H 101 25.11 -39.64 -18.62
CA GLY H 101 24.10 -38.68 -19.03
C GLY H 101 23.25 -39.17 -20.19
N ALA H 102 23.89 -39.64 -21.26
CA ALA H 102 23.16 -40.17 -22.40
C ALA H 102 22.29 -41.37 -22.04
N LEU H 103 22.78 -42.29 -21.20
CA LEU H 103 21.98 -43.43 -20.81
C LEU H 103 20.81 -43.02 -19.94
N LEU H 104 20.99 -42.00 -19.09
CA LEU H 104 19.87 -41.43 -18.36
C LEU H 104 18.83 -40.86 -19.31
N GLY H 105 19.28 -40.18 -20.37
CA GLY H 105 18.35 -39.71 -21.38
C GLY H 105 17.57 -40.85 -22.02
N ALA H 106 18.24 -41.98 -22.28
CA ALA H 106 17.53 -43.16 -22.75
C ALA H 106 16.49 -43.62 -21.73
N ALA H 107 16.85 -43.62 -20.44
CA ALA H 107 15.90 -44.01 -19.41
C ALA H 107 14.70 -43.07 -19.37
N GLU H 108 14.96 -41.76 -19.52
CA GLU H 108 13.86 -40.80 -19.50
C GLU H 108 12.89 -41.06 -20.66
N ARG H 109 13.42 -41.31 -21.85
CA ARG H 109 12.55 -41.63 -22.99
C ARG H 109 11.80 -42.93 -22.74
N LEU H 110 12.49 -43.95 -22.21
CA LEU H 110 11.83 -45.23 -21.95
C LEU H 110 10.72 -45.08 -20.91
N LEU H 111 10.94 -44.25 -19.88
CA LEU H 111 9.87 -43.96 -18.93
C LEU H 111 8.68 -43.31 -19.62
N ASN H 112 8.91 -42.34 -20.48
CA ASN H 112 7.81 -41.71 -21.21
C ASN H 112 7.11 -42.71 -22.14
N LYS H 113 7.81 -43.74 -22.59
CA LYS H 113 7.24 -44.77 -23.43
C LYS H 113 6.44 -45.81 -22.64
N GLY H 114 6.45 -45.71 -21.31
CA GLY H 114 5.62 -46.58 -20.48
C GLY H 114 6.36 -47.76 -19.89
N ILE H 115 7.69 -47.72 -19.89
CA ILE H 115 8.51 -48.78 -19.31
C ILE H 115 8.78 -48.41 -17.86
N HIS H 116 8.47 -49.34 -16.95
CA HIS H 116 8.65 -49.08 -15.52
C HIS H 116 10.14 -48.93 -15.21
N PRO H 117 10.51 -47.98 -14.35
CA PRO H 117 11.94 -47.84 -13.99
C PRO H 117 12.60 -49.14 -13.58
N THR H 118 11.89 -50.04 -12.90
CA THR H 118 12.48 -51.33 -12.54
C THR H 118 12.88 -52.12 -13.77
N ILE H 119 12.04 -52.13 -14.80
CA ILE H 119 12.37 -52.86 -16.03
C ILE H 119 13.58 -52.23 -16.70
N ILE H 120 13.63 -50.89 -16.74
CA ILE H 120 14.72 -50.20 -17.41
C ILE H 120 16.06 -50.55 -16.78
N ALA H 121 16.14 -50.47 -15.45
CA ALA H 121 17.40 -50.67 -14.75
C ALA H 121 17.96 -52.06 -15.02
N ASP H 122 17.11 -53.09 -14.92
CA ASP H 122 17.56 -54.46 -15.13
C ASP H 122 17.91 -54.71 -16.59
N SER H 123 17.11 -54.16 -17.52
CA SER H 123 17.38 -54.37 -18.94
C SER H 123 18.69 -53.72 -19.35
N PHE H 124 18.96 -52.51 -18.85
CA PHE H 124 20.25 -51.87 -19.13
C PHE H 124 21.41 -52.69 -18.61
N GLN H 125 21.27 -53.29 -17.42
CA GLN H 125 22.32 -54.16 -16.88
C GLN H 125 22.60 -55.32 -17.83
N SER H 126 21.55 -55.94 -18.37
CA SER H 126 21.74 -57.01 -19.34
C SER H 126 22.46 -56.53 -20.59
N ALA H 127 22.08 -55.35 -21.09
CA ALA H 127 22.79 -54.77 -22.22
C ALA H 127 24.26 -54.50 -21.89
N ALA H 128 24.54 -54.04 -20.68
CA ALA H 128 25.93 -53.79 -20.28
C ALA H 128 26.75 -55.08 -20.31
N LYS H 129 26.18 -56.19 -19.85
CA LYS H 129 26.85 -57.47 -19.91
C LYS H 129 27.30 -57.84 -21.32
N ARG H 130 26.41 -57.73 -22.31
CA ARG H 130 26.76 -57.96 -23.71
C ARG H 130 27.74 -56.93 -24.25
N SER H 131 27.58 -55.66 -23.84
CA SER H 131 28.51 -54.62 -24.30
C SER H 131 29.95 -54.95 -23.93
N VAL H 132 30.16 -55.43 -22.70
CA VAL H 132 31.52 -55.77 -22.27
C VAL H 132 32.07 -56.90 -23.12
N ASP H 133 31.28 -57.95 -23.34
CA ASP H 133 31.72 -59.06 -24.17
C ASP H 133 32.10 -58.59 -25.56
N ILE H 134 31.29 -57.70 -26.15
CA ILE H 134 31.61 -57.15 -27.47
C ILE H 134 32.92 -56.39 -27.42
N LEU H 135 33.13 -55.59 -26.36
CA LEU H 135 34.35 -54.80 -26.24
C LEU H 135 35.58 -55.70 -26.17
N LEU H 136 35.55 -56.71 -25.28
CA LEU H 136 36.73 -57.52 -25.03
C LEU H 136 37.16 -58.26 -26.28
N GLU H 137 36.20 -58.80 -27.04
CA GLU H 137 36.54 -59.65 -28.17
C GLU H 137 37.27 -58.88 -29.26
N MET H 138 37.05 -57.57 -29.34
CA MET H 138 37.52 -56.76 -30.46
C MET H 138 38.85 -56.08 -30.17
N CYS H 139 39.43 -56.28 -28.99
CA CYS H 139 40.62 -55.54 -28.59
C CYS H 139 41.86 -56.19 -29.19
N HIS H 140 42.96 -55.43 -29.22
CA HIS H 140 44.25 -55.96 -29.63
C HIS H 140 45.06 -56.35 -28.38
N LYS H 141 45.35 -57.64 -28.29
CA LYS H 141 45.96 -58.20 -27.10
C LYS H 141 47.41 -57.77 -26.96
N VAL H 142 47.88 -57.73 -25.72
CA VAL H 142 49.24 -57.32 -25.39
C VAL H 142 49.86 -58.40 -24.51
N SER H 143 51.16 -58.25 -24.25
CA SER H 143 51.86 -59.08 -23.29
C SER H 143 52.90 -58.25 -22.54
N LEU H 144 52.99 -58.48 -21.23
CA LEU H 144 54.01 -57.82 -20.42
C LEU H 144 55.42 -58.23 -20.84
N SER H 145 55.56 -59.34 -21.56
CA SER H 145 56.90 -59.79 -21.96
C SER H 145 57.47 -58.91 -23.07
N ASP H 146 56.62 -58.09 -23.70
CA ASP H 146 57.04 -57.26 -24.82
C ASP H 146 57.27 -55.84 -24.30
N ARG H 147 58.50 -55.58 -23.87
CA ARG H 147 58.82 -54.29 -23.28
C ARG H 147 58.53 -53.15 -24.26
N GLU H 148 58.90 -53.31 -25.53
CA GLU H 148 58.67 -52.26 -26.51
C GLU H 148 57.18 -51.94 -26.63
N GLN H 149 56.35 -52.98 -26.66
CA GLN H 149 54.91 -52.76 -26.75
C GLN H 149 54.41 -51.91 -25.59
N LEU H 150 54.88 -52.19 -24.38
CA LEU H 150 54.49 -51.38 -23.23
C LEU H 150 54.97 -49.94 -23.38
N VAL H 151 56.17 -49.75 -23.92
CA VAL H 151 56.68 -48.40 -24.14
C VAL H 151 55.80 -47.63 -25.13
N ARG H 152 55.39 -48.30 -26.21
CA ARG H 152 54.53 -47.65 -27.20
C ARG H 152 53.18 -47.27 -26.60
N ALA H 153 52.63 -48.13 -25.74
CA ALA H 153 51.37 -47.82 -25.07
C ALA H 153 51.51 -46.57 -24.20
N ALA H 154 52.57 -46.53 -23.38
CA ALA H 154 52.83 -45.34 -22.57
C ALA H 154 53.12 -44.12 -23.43
N SER H 155 53.94 -44.30 -24.48
CA SER H 155 54.30 -43.17 -25.32
C SER H 155 53.07 -42.50 -25.93
N THR H 156 52.08 -43.30 -26.32
CA THR H 156 50.83 -42.74 -26.83
C THR H 156 50.17 -41.79 -25.85
N SER H 157 49.96 -42.22 -24.60
CA SER H 157 49.30 -41.37 -23.62
C SER H 157 50.14 -40.13 -23.31
N LEU H 158 51.46 -40.23 -23.50
CA LEU H 158 52.37 -39.13 -23.25
C LEU H 158 52.37 -38.08 -24.36
N SER H 159 51.86 -38.42 -25.54
CA SER H 159 51.94 -37.54 -26.70
C SER H 159 51.01 -36.34 -26.59
N SER H 160 50.11 -36.34 -25.60
CA SER H 160 49.17 -35.25 -25.39
C SER H 160 49.58 -34.34 -24.24
N LYS H 161 50.77 -34.55 -23.69
CA LYS H 161 51.29 -33.78 -22.57
C LYS H 161 52.04 -32.57 -23.08
N ILE H 162 52.27 -31.62 -22.17
CA ILE H 162 52.87 -30.32 -22.52
C ILE H 162 54.28 -30.50 -23.08
N VAL H 163 55.09 -31.32 -22.45
CA VAL H 163 56.44 -31.55 -22.96
C VAL H 163 56.56 -32.98 -23.49
N SER H 164 56.26 -33.15 -24.78
CA SER H 164 56.23 -34.46 -25.42
C SER H 164 57.59 -34.91 -25.92
N GLN H 165 58.54 -33.99 -26.08
CA GLN H 165 59.86 -34.29 -26.62
C GLN H 165 60.67 -35.23 -25.73
N TYR H 166 60.31 -35.36 -24.46
CA TYR H 166 60.95 -36.33 -23.57
C TYR H 166 60.14 -37.59 -23.36
N SER H 167 59.08 -37.80 -24.14
CA SER H 167 58.29 -39.02 -24.04
C SER H 167 59.11 -40.27 -24.33
N SER H 168 60.19 -40.15 -25.09
CA SER H 168 61.06 -41.30 -25.36
C SER H 168 61.77 -41.75 -24.10
N PHE H 169 61.79 -40.89 -23.07
CA PHE H 169 62.32 -41.27 -21.76
C PHE H 169 61.24 -41.61 -20.75
N LEU H 170 60.17 -40.82 -20.68
CA LEU H 170 59.15 -41.05 -19.66
C LEU H 170 58.38 -42.35 -19.90
N ALA H 171 58.23 -42.75 -21.17
CA ALA H 171 57.57 -44.01 -21.47
C ALA H 171 58.30 -45.21 -20.86
N PRO H 172 59.56 -45.51 -21.20
CA PRO H 172 60.21 -46.69 -20.60
C PRO H 172 60.39 -46.58 -19.10
N LEU H 173 60.46 -45.36 -18.56
CA LEU H 173 60.55 -45.20 -17.11
C LEU H 173 59.28 -45.72 -16.43
N ALA H 174 58.11 -45.38 -16.97
CA ALA H 174 56.87 -45.94 -16.45
C ALA H 174 56.83 -47.45 -16.63
N VAL H 175 57.33 -47.93 -17.77
CA VAL H 175 57.30 -49.37 -18.04
C VAL H 175 58.18 -50.12 -17.05
N ASP H 176 59.44 -49.68 -16.92
CA ASP H 176 60.37 -50.36 -16.03
C ASP H 176 59.92 -50.24 -14.58
N SER H 177 59.36 -49.08 -14.21
CA SER H 177 58.89 -48.90 -12.84
C SER H 177 57.83 -49.93 -12.46
N VAL H 178 56.91 -50.25 -13.38
CA VAL H 178 55.92 -51.29 -13.11
C VAL H 178 56.57 -52.67 -13.14
N LEU H 179 57.39 -52.95 -14.15
CA LEU H 179 58.00 -54.27 -14.28
C LEU H 179 58.90 -54.61 -13.10
N LYS H 180 59.51 -53.62 -12.45
CA LYS H 180 60.34 -53.90 -11.29
C LYS H 180 59.53 -54.50 -10.15
N ILE H 181 58.22 -54.26 -10.14
CA ILE H 181 57.34 -54.75 -9.08
C ILE H 181 56.27 -55.70 -9.59
N SER H 182 56.10 -55.83 -10.90
CA SER H 182 55.03 -56.65 -11.48
C SER H 182 55.61 -57.46 -12.64
N ASP H 183 55.68 -58.77 -12.47
CA ASP H 183 56.24 -59.67 -13.45
C ASP H 183 55.17 -60.02 -14.49
N GLU H 184 55.47 -61.02 -15.32
CA GLU H 184 54.63 -61.30 -16.48
C GLU H 184 53.27 -61.86 -16.06
N ASN H 185 53.17 -62.33 -14.81
CA ASN H 185 51.99 -63.05 -14.35
C ASN H 185 51.42 -62.36 -13.12
N SER H 186 50.62 -61.32 -13.37
CA SER H 186 50.07 -60.47 -12.32
C SER H 186 48.69 -60.01 -12.77
N LYS H 187 47.76 -59.88 -11.83
CA LYS H 187 46.41 -59.43 -12.17
C LYS H 187 46.19 -57.98 -11.77
N ASN H 188 46.42 -57.67 -10.49
CA ASN H 188 46.12 -56.35 -9.94
C ASN H 188 47.42 -55.73 -9.45
N VAL H 189 47.81 -54.62 -10.08
CA VAL H 189 49.01 -53.89 -9.70
C VAL H 189 48.59 -52.57 -9.08
N ASP H 190 48.92 -52.38 -7.81
CA ASP H 190 48.59 -51.13 -7.12
C ASP H 190 49.72 -50.13 -7.29
N LEU H 191 49.57 -49.21 -8.24
CA LEU H 191 50.63 -48.27 -8.57
C LEU H 191 50.90 -47.27 -7.46
N ASN H 192 50.17 -47.34 -6.35
CA ASN H 192 50.53 -46.55 -5.18
C ASN H 192 51.84 -47.02 -4.58
N ASP H 193 52.29 -48.21 -4.95
CA ASP H 193 53.61 -48.68 -4.55
C ASP H 193 54.71 -48.13 -5.45
N ILE H 194 54.36 -47.36 -6.47
CA ILE H 194 55.35 -46.68 -7.29
C ILE H 194 55.32 -45.19 -6.94
N ARG H 195 56.29 -44.75 -6.14
CA ARG H 195 56.25 -43.41 -5.58
C ARG H 195 56.99 -42.44 -6.49
N LEU H 196 56.31 -41.39 -6.94
CA LEU H 196 56.91 -40.36 -7.77
C LEU H 196 57.32 -39.20 -6.88
N VAL H 197 58.63 -38.99 -6.76
CA VAL H 197 59.20 -38.02 -5.82
C VAL H 197 59.82 -36.91 -6.64
N LYS H 198 59.40 -35.68 -6.41
CA LYS H 198 59.89 -34.54 -7.15
C LYS H 198 61.00 -33.84 -6.37
N LYS H 199 61.97 -33.28 -7.09
CA LYS H 199 62.94 -32.37 -6.52
C LYS H 199 63.38 -31.37 -7.57
N VAL H 200 63.46 -30.10 -7.19
CA VAL H 200 63.88 -29.06 -8.11
C VAL H 200 65.36 -29.26 -8.46
N GLY H 201 65.67 -29.16 -9.74
CA GLY H 201 67.02 -29.36 -10.20
C GLY H 201 67.12 -30.49 -11.21
N GLY H 202 68.13 -30.42 -12.07
CA GLY H 202 68.31 -31.41 -13.11
C GLY H 202 67.34 -31.22 -14.26
N THR H 203 67.16 -32.25 -15.07
CA THR H 203 66.37 -32.15 -16.30
C THR H 203 65.39 -33.31 -16.34
N ILE H 204 64.50 -33.29 -17.33
CA ILE H 204 63.41 -34.24 -17.37
C ILE H 204 63.93 -35.66 -17.54
N ASP H 205 64.92 -35.86 -18.42
CA ASP H 205 65.45 -37.19 -18.66
C ASP H 205 66.27 -37.68 -17.47
N ASP H 206 66.65 -36.78 -16.57
CA ASP H 206 67.58 -37.13 -15.50
C ASP H 206 66.84 -37.74 -14.33
N THR H 207 66.35 -38.96 -14.50
CA THR H 207 65.50 -39.62 -13.51
C THR H 207 66.21 -40.88 -13.04
N GLU H 208 65.79 -41.42 -11.89
CA GLU H 208 66.31 -42.68 -11.39
C GLU H 208 65.18 -43.52 -10.82
N MET H 209 65.38 -44.83 -10.82
CA MET H 209 64.48 -45.79 -10.19
C MET H 209 65.22 -46.38 -9.00
N ILE H 210 64.68 -46.17 -7.81
CA ILE H 210 65.35 -46.61 -6.59
C ILE H 210 64.47 -47.63 -5.88
N ASP H 211 65.09 -48.71 -5.40
CA ASP H 211 64.35 -49.80 -4.78
C ASP H 211 63.82 -49.41 -3.40
N GLY H 212 64.72 -48.97 -2.52
CA GLY H 212 64.33 -48.68 -1.15
C GLY H 212 63.38 -47.50 -0.94
N VAL H 213 63.86 -46.28 -1.18
CA VAL H 213 63.03 -45.08 -1.12
C VAL H 213 63.82 -43.90 -1.69
N VAL H 214 63.10 -42.92 -2.23
CA VAL H 214 63.63 -41.57 -2.46
C VAL H 214 62.89 -40.62 -1.53
N LEU H 215 63.64 -39.89 -0.70
CA LEU H 215 63.02 -38.87 0.14
C LEU H 215 63.34 -37.48 -0.40
N THR H 216 62.47 -36.53 -0.09
CA THR H 216 62.65 -35.14 -0.49
C THR H 216 63.54 -34.32 0.45
N GLN H 217 63.95 -34.85 1.60
CA GLN H 217 64.62 -34.05 2.61
C GLN H 217 66.10 -34.39 2.69
N THR H 218 66.85 -33.46 3.29
CA THR H 218 68.28 -33.65 3.54
C THR H 218 68.46 -34.48 4.80
N ALA H 219 69.70 -34.91 5.07
CA ALA H 219 69.97 -35.62 6.32
C ALA H 219 70.48 -34.69 7.41
N ILE H 220 71.81 -34.52 7.49
CA ILE H 220 72.43 -33.70 8.53
C ILE H 220 73.52 -32.85 7.89
N LYS H 221 73.51 -31.55 8.18
CA LYS H 221 74.50 -30.63 7.66
C LYS H 221 75.49 -30.17 8.71
N SER H 222 75.18 -30.37 9.99
CA SER H 222 76.00 -29.81 11.07
C SER H 222 77.29 -30.60 11.24
N ALA H 223 78.27 -29.99 11.89
CA ALA H 223 79.56 -30.64 12.13
C ALA H 223 79.39 -31.92 12.92
N GLY H 224 80.17 -32.94 12.56
CA GLY H 224 80.16 -34.20 13.27
C GLY H 224 79.21 -35.25 12.73
N GLY H 225 78.29 -34.83 11.85
CA GLY H 225 77.34 -35.75 11.28
C GLY H 225 78.01 -36.77 10.36
N PRO H 226 77.54 -38.02 10.40
CA PRO H 226 78.14 -39.06 9.56
C PRO H 226 77.81 -38.89 8.08
N THR H 227 76.70 -38.22 7.78
CA THR H 227 76.21 -37.89 6.45
C THR H 227 75.96 -39.12 5.58
N ARG H 228 76.50 -40.28 5.94
CA ARG H 228 76.28 -41.51 5.17
C ARG H 228 76.53 -42.70 6.08
N LYS H 229 75.74 -43.75 5.92
CA LYS H 229 75.87 -44.95 6.74
C LYS H 229 75.64 -46.17 5.87
N GLU H 230 76.52 -47.16 5.97
CA GLU H 230 76.30 -48.44 5.31
C GLU H 230 75.76 -49.45 6.32
N LYS H 231 75.04 -50.45 5.80
CA LYS H 231 74.50 -51.53 6.62
C LYS H 231 73.71 -50.97 7.80
N ALA H 232 72.61 -50.30 7.49
CA ALA H 232 71.87 -49.50 8.46
C ALA H 232 70.59 -50.20 8.88
N LYS H 233 70.21 -50.03 10.14
CA LYS H 233 68.86 -50.31 10.62
C LYS H 233 68.13 -48.99 10.76
N ILE H 234 66.87 -48.96 10.28
CA ILE H 234 66.13 -47.72 10.09
C ILE H 234 64.83 -47.80 10.87
N GLY H 235 64.53 -46.74 11.63
CA GLY H 235 63.26 -46.63 12.31
C GLY H 235 62.45 -45.44 11.85
N LEU H 236 61.13 -45.52 11.95
CA LEU H 236 60.24 -44.42 11.57
C LEU H 236 59.68 -43.78 12.84
N ILE H 237 60.01 -42.51 13.03
CA ILE H 237 59.67 -41.80 14.26
C ILE H 237 58.45 -40.92 13.99
N GLN H 238 57.44 -41.03 14.85
CA GLN H 238 56.30 -40.12 14.83
C GLN H 238 56.30 -39.18 16.03
N PHE H 239 57.21 -39.39 16.97
CA PHE H 239 57.38 -38.51 18.11
C PHE H 239 58.43 -37.45 17.80
N GLN H 240 58.61 -36.50 18.72
CA GLN H 240 59.57 -35.40 18.53
C GLN H 240 60.67 -35.56 19.56
N ILE H 241 61.90 -35.25 19.15
CA ILE H 241 63.04 -35.32 20.07
C ILE H 241 63.49 -33.90 20.39
N SER H 242 63.13 -33.42 21.57
CA SER H 242 63.39 -32.06 22.00
C SER H 242 63.47 -32.03 23.52
N PRO H 243 64.10 -31.01 24.09
CA PRO H 243 64.13 -30.87 25.55
C PRO H 243 62.73 -30.84 26.11
N PRO H 244 62.55 -31.16 27.39
CA PRO H 244 61.19 -31.09 27.98
C PRO H 244 60.58 -29.71 27.82
N LYS H 245 59.46 -29.66 27.10
CA LYS H 245 58.74 -28.42 26.83
C LYS H 245 57.25 -28.68 26.98
N PRO H 246 56.74 -28.68 28.21
CA PRO H 246 55.32 -28.97 28.42
C PRO H 246 54.44 -27.82 27.96
N ASP H 247 53.16 -28.12 27.73
CA ASP H 247 52.19 -27.09 27.38
C ASP H 247 51.58 -26.40 28.59
N THR H 248 51.57 -27.05 29.75
CA THR H 248 50.95 -26.48 30.95
C THR H 248 51.85 -25.41 31.55
N GLU H 249 51.30 -24.68 32.51
CA GLU H 249 52.04 -23.60 33.15
C GLU H 249 53.34 -24.13 33.75
N ASN H 250 54.44 -23.43 33.47
CA ASN H 250 55.74 -23.78 33.99
C ASN H 250 56.64 -22.55 34.00
N ASN H 251 57.62 -22.57 34.90
CA ASN H 251 58.60 -21.49 34.99
C ASN H 251 59.96 -22.03 35.36
N ILE H 252 61.02 -21.49 34.76
CA ILE H 252 62.39 -21.77 35.17
C ILE H 252 63.02 -20.44 35.53
N ILE H 253 63.66 -20.39 36.69
CA ILE H 253 64.28 -19.16 37.18
C ILE H 253 65.79 -19.32 37.09
N VAL H 254 66.43 -18.41 36.36
CA VAL H 254 67.89 -18.40 36.22
C VAL H 254 68.40 -17.01 36.55
N ASN H 255 69.17 -16.89 37.64
CA ASN H 255 69.77 -15.61 38.01
C ASN H 255 71.26 -15.54 37.70
N ASP H 256 71.85 -16.57 37.11
CA ASP H 256 73.28 -16.57 36.83
C ASP H 256 73.62 -17.70 35.88
N TYR H 257 74.84 -17.64 35.33
CA TYR H 257 75.31 -18.70 34.43
C TYR H 257 75.40 -20.03 35.17
N ARG H 258 75.59 -19.98 36.49
CA ARG H 258 75.69 -21.22 37.27
C ARG H 258 74.38 -21.99 37.22
N GLN H 259 73.24 -21.30 37.33
CA GLN H 259 71.95 -21.96 37.25
C GLN H 259 71.63 -22.35 35.81
N MET H 260 72.05 -21.52 34.85
CA MET H 260 71.90 -21.87 33.44
C MET H 260 72.59 -23.19 33.13
N ASP H 261 73.80 -23.37 33.67
CA ASP H 261 74.51 -24.63 33.49
C ASP H 261 73.70 -25.80 34.02
N LYS H 262 73.17 -25.69 35.23
CA LYS H 262 72.33 -26.76 35.77
C LYS H 262 71.15 -27.05 34.83
N ILE H 263 70.44 -26.00 34.40
CA ILE H 263 69.24 -26.21 33.59
C ILE H 263 69.61 -26.86 32.27
N LEU H 264 70.71 -26.40 31.65
CA LEU H 264 71.14 -26.96 30.37
C LEU H 264 71.49 -28.45 30.52
N LYS H 265 72.11 -28.81 31.63
CA LYS H 265 72.42 -30.22 31.87
C LYS H 265 71.16 -31.06 32.00
N GLU H 266 70.11 -30.50 32.62
CA GLU H 266 68.85 -31.23 32.71
C GLU H 266 68.23 -31.43 31.33
N GLU H 267 68.26 -30.40 30.49
CA GLU H 267 67.74 -30.54 29.14
C GLU H 267 68.59 -31.49 28.31
N ARG H 268 69.91 -31.42 28.45
CA ARG H 268 70.78 -32.28 27.65
C ARG H 268 70.73 -33.72 28.12
N ALA H 269 70.70 -33.95 29.44
CA ALA H 269 70.62 -35.31 29.95
C ALA H 269 69.34 -36.00 29.49
N TYR H 270 68.22 -35.27 29.46
CA TYR H 270 66.99 -35.83 28.91
C TYR H 270 67.21 -36.34 27.48
N LEU H 271 67.77 -35.51 26.62
CA LEU H 271 67.99 -35.92 25.23
C LEU H 271 69.03 -37.02 25.15
N LEU H 272 70.05 -36.96 26.01
CA LEU H 272 71.08 -38.00 26.02
C LEU H 272 70.46 -39.37 26.29
N ASN H 273 69.60 -39.46 27.30
CA ASN H 273 68.96 -40.74 27.62
C ASN H 273 68.14 -41.26 26.44
N ILE H 274 67.45 -40.37 25.72
CA ILE H 274 66.74 -40.78 24.52
C ILE H 274 67.72 -41.29 23.47
N CYS H 275 68.79 -40.53 23.24
CA CYS H 275 69.77 -40.92 22.22
C CYS H 275 70.46 -42.23 22.57
N LYS H 276 70.75 -42.45 23.86
CA LYS H 276 71.39 -43.71 24.25
C LYS H 276 70.46 -44.89 24.02
N LYS H 277 69.18 -44.73 24.37
CA LYS H 277 68.21 -45.80 24.11
C LYS H 277 68.09 -46.10 22.62
N ILE H 278 68.12 -45.07 21.78
CA ILE H 278 68.11 -45.28 20.34
C ILE H 278 69.34 -46.09 19.92
N LYS H 279 70.49 -45.78 20.51
CA LYS H 279 71.70 -46.56 20.23
C LYS H 279 71.56 -47.98 20.74
N LYS H 280 70.96 -48.16 21.93
CA LYS H 280 70.78 -49.50 22.47
C LYS H 280 69.90 -50.34 21.56
N ALA H 281 68.95 -49.72 20.87
CA ALA H 281 68.15 -50.39 19.86
C ALA H 281 68.92 -50.70 18.58
N LYS H 282 70.16 -50.23 18.48
CA LYS H 282 71.00 -50.46 17.29
C LYS H 282 70.38 -49.83 16.04
N CYS H 283 69.71 -48.69 16.21
CA CYS H 283 69.13 -47.95 15.10
C CYS H 283 70.19 -47.00 14.54
N ASN H 284 70.37 -47.03 13.22
CA ASN H 284 71.43 -46.27 12.59
C ASN H 284 70.92 -45.01 11.90
N VAL H 285 69.66 -45.03 11.45
CA VAL H 285 69.07 -43.91 10.73
C VAL H 285 67.70 -43.61 11.34
N LEU H 286 67.45 -42.34 11.63
CA LEU H 286 66.16 -41.89 12.15
C LEU H 286 65.43 -41.12 11.05
N LEU H 287 64.21 -41.55 10.73
CA LEU H 287 63.36 -40.90 9.75
C LEU H 287 62.12 -40.37 10.46
N ILE H 288 62.06 -39.05 10.65
CA ILE H 288 61.11 -38.43 11.56
C ILE H 288 59.97 -37.85 10.74
N GLN H 289 58.74 -38.20 11.10
CA GLN H 289 57.57 -37.67 10.43
C GLN H 289 57.44 -36.18 10.68
N LYS H 290 57.07 -35.42 9.65
CA LYS H 290 56.93 -33.98 9.77
C LYS H 290 55.89 -33.62 10.82
N SER H 291 56.22 -32.67 11.69
CA SER H 291 55.26 -32.10 12.65
C SER H 291 55.76 -30.71 13.04
N ILE H 292 54.82 -29.81 13.34
CA ILE H 292 55.18 -28.48 13.82
C ILE H 292 54.95 -28.33 15.31
N LEU H 293 54.59 -29.42 16.01
CA LEU H 293 54.31 -29.34 17.44
C LEU H 293 55.59 -29.06 18.24
N ARG H 294 56.62 -29.87 18.01
CA ARG H 294 57.93 -29.65 18.61
C ARG H 294 59.00 -29.95 17.57
N ASP H 295 60.22 -29.52 17.86
CA ASP H 295 61.34 -29.77 16.97
C ASP H 295 61.43 -31.25 16.62
N ALA H 296 61.57 -31.53 15.32
CA ALA H 296 61.70 -32.89 14.84
C ALA H 296 62.84 -33.61 15.56
N VAL H 297 64.05 -33.08 15.43
CA VAL H 297 65.17 -33.43 16.30
C VAL H 297 65.90 -32.13 16.64
N ASN H 298 65.95 -31.80 17.93
CA ASN H 298 66.58 -30.56 18.36
C ASN H 298 68.08 -30.61 18.09
N ASP H 299 68.68 -29.44 17.89
CA ASP H 299 70.11 -29.36 17.65
C ASP H 299 70.89 -30.10 18.74
N LEU H 300 70.44 -30.00 19.99
CA LEU H 300 71.13 -30.67 21.08
C LEU H 300 71.11 -32.17 20.89
N ALA H 301 69.97 -32.72 20.46
CA ALA H 301 69.88 -34.14 20.15
C ALA H 301 70.77 -34.52 18.97
N LEU H 302 70.88 -33.65 17.96
CA LEU H 302 71.72 -33.91 16.80
C LEU H 302 73.19 -34.04 17.18
N HIS H 303 73.63 -33.25 18.18
CA HIS H 303 75.02 -33.37 18.64
C HIS H 303 75.26 -34.72 19.28
N PHE H 304 74.31 -35.22 20.06
CA PHE H 304 74.43 -36.54 20.66
C PHE H 304 74.32 -37.62 19.60
N LEU H 305 73.31 -37.53 18.73
CA LEU H 305 73.11 -38.53 17.70
C LEU H 305 74.27 -38.57 16.72
N SER H 306 74.85 -37.41 16.40
CA SER H 306 76.01 -37.38 15.51
C SER H 306 77.19 -38.13 16.11
N LYS H 307 77.45 -37.90 17.40
CA LYS H 307 78.54 -38.61 18.06
C LYS H 307 78.27 -40.11 18.10
N LEU H 308 77.00 -40.50 18.08
CA LEU H 308 76.63 -41.91 18.02
C LEU H 308 76.65 -42.48 16.61
N ASN H 309 77.00 -41.66 15.61
CA ASN H 309 77.01 -42.08 14.20
C ASN H 309 75.63 -42.54 13.77
N ILE H 310 74.62 -41.77 14.16
CA ILE H 310 73.23 -42.02 13.78
C ILE H 310 72.81 -40.90 12.83
N MET H 311 72.29 -41.28 11.66
CA MET H 311 71.81 -40.30 10.69
C MET H 311 70.42 -39.84 11.09
N VAL H 312 70.08 -38.60 10.74
CA VAL H 312 68.78 -38.02 11.01
C VAL H 312 68.23 -37.41 9.73
N VAL H 313 66.97 -37.71 9.41
CA VAL H 313 66.26 -37.07 8.32
C VAL H 313 64.97 -36.50 8.89
N LYS H 314 64.78 -35.20 8.76
CA LYS H 314 63.68 -34.50 9.41
C LYS H 314 62.61 -34.12 8.39
N ASP H 315 61.42 -33.80 8.89
CA ASP H 315 60.35 -33.18 8.11
C ASP H 315 59.93 -34.05 6.94
N ILE H 316 59.80 -35.34 7.20
CA ILE H 316 59.38 -36.32 6.19
C ILE H 316 57.86 -36.34 6.18
N GLU H 317 57.27 -36.17 5.00
CA GLU H 317 55.83 -36.05 4.89
C GLU H 317 55.14 -37.37 5.21
N ARG H 318 53.89 -37.29 5.69
CA ARG H 318 53.14 -38.50 6.00
C ARG H 318 53.19 -39.50 4.86
N GLU H 319 52.95 -39.05 3.63
CA GLU H 319 52.93 -39.96 2.49
C GLU H 319 54.28 -40.67 2.33
N GLU H 320 55.38 -39.96 2.59
CA GLU H 320 56.70 -40.59 2.56
C GLU H 320 56.85 -41.64 3.66
N ILE H 321 56.32 -41.35 4.86
CA ILE H 321 56.39 -42.27 5.99
C ILE H 321 55.63 -43.55 5.70
N GLU H 322 54.45 -43.42 5.10
CA GLU H 322 53.65 -44.60 4.73
C GLU H 322 54.37 -45.46 3.71
N PHE H 323 54.97 -44.84 2.69
CA PHE H 323 55.79 -45.60 1.75
C PHE H 323 56.95 -46.28 2.45
N LEU H 324 57.65 -45.57 3.33
CA LEU H 324 58.78 -46.17 4.04
C LEU H 324 58.38 -47.44 4.77
N SER H 325 57.19 -47.47 5.36
CA SER H 325 56.77 -48.62 6.14
C SER H 325 56.61 -49.87 5.29
N LYS H 326 56.56 -49.73 3.97
CA LYS H 326 56.41 -50.86 3.06
C LYS H 326 57.71 -51.17 2.33
N GLY H 327 58.46 -50.15 1.94
CA GLY H 327 59.69 -50.38 1.19
C GLY H 327 60.83 -50.88 2.07
N LEU H 328 60.93 -50.34 3.29
CA LEU H 328 62.11 -50.61 4.11
C LEU H 328 61.90 -51.81 5.03
N GLY H 329 60.65 -52.21 5.27
CA GLY H 329 60.39 -53.24 6.25
C GLY H 329 60.41 -52.77 7.69
N CYS H 330 60.49 -51.45 7.90
CA CYS H 330 60.57 -50.90 9.25
C CYS H 330 59.18 -50.49 9.76
N LYS H 331 59.08 -50.25 11.06
CA LYS H 331 57.81 -49.96 11.70
C LYS H 331 57.87 -48.61 12.39
N PRO H 332 56.74 -47.93 12.59
CA PRO H 332 56.75 -46.68 13.34
C PRO H 332 57.02 -46.91 14.81
N ILE H 333 57.59 -45.89 15.45
CA ILE H 333 57.71 -45.85 16.91
C ILE H 333 56.91 -44.64 17.39
N ALA H 334 55.94 -44.89 18.26
CA ALA H 334 55.05 -43.82 18.71
C ALA H 334 55.71 -42.94 19.77
N ASP H 335 56.67 -43.50 20.50
CA ASP H 335 57.31 -42.82 21.61
C ASP H 335 58.66 -43.46 21.91
N ILE H 336 59.59 -42.64 22.38
CA ILE H 336 60.93 -43.12 22.73
C ILE H 336 60.87 -44.24 23.75
N GLU H 337 59.79 -44.34 24.54
CA GLU H 337 59.62 -45.42 25.49
C GLU H 337 59.63 -46.79 24.84
N LEU H 338 59.12 -46.91 23.62
CA LEU H 338 58.92 -48.22 22.99
C LEU H 338 59.94 -48.41 21.87
N PHE H 339 60.97 -47.56 21.84
CA PHE H 339 61.95 -47.54 20.75
C PHE H 339 62.91 -48.71 20.98
N THR H 340 62.74 -49.74 20.15
CA THR H 340 63.48 -50.99 20.28
C THR H 340 63.77 -51.59 18.90
N GLU H 341 64.54 -52.68 18.92
CA GLU H 341 65.06 -53.26 17.69
C GLU H 341 63.93 -53.84 16.84
N ASP H 342 62.90 -54.39 17.48
CA ASP H 342 61.85 -55.08 16.74
C ASP H 342 61.18 -54.18 15.72
N ARG H 343 61.30 -52.86 15.87
CA ARG H 343 60.62 -51.91 15.01
C ARG H 343 61.53 -51.35 13.91
N LEU H 344 62.75 -51.89 13.78
CA LEU H 344 63.72 -51.40 12.82
C LEU H 344 63.75 -52.28 11.57
N GLY H 345 64.06 -51.65 10.45
CA GLY H 345 64.30 -52.34 9.21
C GLY H 345 65.79 -52.55 8.97
N SER H 346 66.15 -52.60 7.69
CA SER H 346 67.53 -52.82 7.27
C SER H 346 67.76 -52.07 5.97
N ALA H 347 69.01 -51.71 5.68
CA ALA H 347 69.36 -51.23 4.36
C ALA H 347 70.86 -51.38 4.13
N ASP H 348 71.24 -51.72 2.90
CA ASP H 348 72.65 -51.83 2.56
C ASP H 348 73.35 -50.47 2.56
N LEU H 349 72.67 -49.43 2.09
CA LEU H 349 73.28 -48.11 1.99
C LEU H 349 72.21 -47.05 2.18
N VAL H 350 72.49 -46.07 3.05
CA VAL H 350 71.69 -44.87 3.18
C VAL H 350 72.61 -43.68 2.93
N GLU H 351 72.23 -42.84 1.96
CA GLU H 351 73.12 -41.78 1.51
C GLU H 351 72.29 -40.58 1.06
N GLU H 352 72.93 -39.41 1.03
CA GLU H 352 72.31 -38.19 0.53
C GLU H 352 73.01 -37.83 -0.78
N ILE H 353 72.19 -37.60 -1.81
CA ILE H 353 72.72 -37.34 -3.15
C ILE H 353 72.58 -35.85 -3.44
N ASP H 354 73.70 -35.20 -3.77
CA ASP H 354 73.69 -33.79 -4.16
C ASP H 354 74.00 -33.70 -5.65
N SER H 355 72.96 -33.71 -6.47
CA SER H 355 73.11 -33.61 -7.92
C SER H 355 72.30 -32.41 -8.43
N ASP H 356 73.03 -31.40 -8.87
CA ASP H 356 72.49 -30.09 -9.21
C ASP H 356 71.76 -29.46 -8.01
N GLY H 357 72.35 -29.69 -6.85
CA GLY H 357 71.81 -29.16 -5.60
C GLY H 357 70.65 -29.93 -5.01
N SER H 358 70.38 -31.14 -5.51
CA SER H 358 69.24 -31.93 -5.03
C SER H 358 69.28 -32.17 -3.53
N LYS H 359 70.33 -32.82 -3.04
CA LYS H 359 70.52 -33.09 -1.61
C LYS H 359 69.38 -33.95 -1.05
N ILE H 360 69.10 -35.05 -1.74
CA ILE H 360 67.99 -35.92 -1.36
C ILE H 360 68.55 -37.20 -0.73
N VAL H 361 67.94 -37.62 0.37
CA VAL H 361 68.29 -38.88 1.02
C VAL H 361 67.53 -40.02 0.35
N ARG H 362 68.25 -41.11 0.06
CA ARG H 362 67.65 -42.30 -0.52
C ARG H 362 68.21 -43.53 0.17
N VAL H 363 67.46 -44.63 0.11
CA VAL H 363 67.85 -45.90 0.71
C VAL H 363 67.82 -46.95 -0.39
N THR H 364 68.82 -47.83 -0.40
CA THR H 364 68.90 -48.93 -1.36
C THR H 364 69.38 -50.21 -0.68
N GLY H 365 69.02 -51.33 -1.28
CA GLY H 365 69.45 -52.63 -0.79
C GLY H 365 68.80 -53.08 0.50
N ILE H 366 67.49 -52.90 0.62
CA ILE H 366 66.74 -53.18 1.84
C ILE H 366 66.96 -54.63 2.28
N ARG H 367 66.72 -55.57 1.36
CA ARG H 367 66.94 -57.00 1.61
C ARG H 367 66.32 -57.45 2.93
N ASN H 368 65.07 -57.06 3.16
CA ASN H 368 64.36 -57.38 4.39
C ASN H 368 63.10 -58.17 4.07
N ASN H 369 62.83 -59.18 4.89
CA ASN H 369 61.65 -60.02 4.71
C ASN H 369 60.35 -59.22 4.83
N ASN H 370 60.38 -58.10 5.55
CA ASN H 370 59.22 -57.23 5.70
C ASN H 370 59.01 -56.30 4.52
N ALA H 371 59.98 -56.24 3.59
CA ALA H 371 59.85 -55.37 2.43
C ALA H 371 58.86 -55.96 1.43
N ARG H 372 58.24 -55.08 0.65
CA ARG H 372 57.27 -55.50 -0.34
C ARG H 372 57.68 -54.89 -1.68
N PRO H 373 57.22 -55.41 -2.85
CA PRO H 373 57.68 -54.85 -4.13
C PRO H 373 57.28 -53.39 -4.35
N THR H 374 58.10 -52.47 -3.82
CA THR H 374 57.89 -51.04 -4.01
C THR H 374 59.06 -50.50 -4.85
N VAL H 375 58.85 -49.33 -5.46
CA VAL H 375 59.91 -48.60 -6.16
C VAL H 375 59.59 -47.10 -6.09
N SER H 376 60.64 -46.30 -6.00
CA SER H 376 60.51 -44.84 -6.02
C SER H 376 61.19 -44.30 -7.27
N VAL H 377 60.64 -43.24 -7.85
CA VAL H 377 61.21 -42.61 -9.03
C VAL H 377 61.64 -41.19 -8.70
N VAL H 378 62.84 -40.82 -9.15
CA VAL H 378 63.36 -39.48 -8.98
C VAL H 378 62.92 -38.64 -10.18
N ILE H 379 62.11 -37.62 -9.93
CA ILE H 379 61.68 -36.67 -10.94
C ILE H 379 62.47 -35.39 -10.78
N ARG H 380 63.16 -34.97 -11.84
CA ARG H 380 64.03 -33.81 -11.80
C ARG H 380 63.59 -32.79 -12.82
N GLY H 381 64.00 -31.54 -12.60
CA GLY H 381 63.65 -30.46 -13.49
C GLY H 381 63.82 -29.09 -12.86
N ALA H 382 64.15 -28.08 -13.66
CA ALA H 382 64.51 -26.78 -13.14
C ALA H 382 63.28 -26.04 -12.60
N ASN H 383 62.28 -25.84 -13.45
CA ASN H 383 61.09 -25.10 -13.05
C ASN H 383 60.07 -26.02 -12.41
N ASN H 384 59.25 -25.45 -11.53
CA ASN H 384 58.15 -26.21 -10.92
C ASN H 384 57.27 -26.85 -11.99
N MET H 385 57.04 -26.16 -13.10
CA MET H 385 56.20 -26.71 -14.16
C MET H 385 56.79 -27.99 -14.74
N ILE H 386 58.10 -28.14 -14.67
CA ILE H 386 58.76 -29.30 -15.27
C ILE H 386 58.56 -30.55 -14.40
N ILE H 387 58.79 -30.41 -13.09
CA ILE H 387 58.63 -31.54 -12.17
C ILE H 387 57.17 -31.88 -11.95
N ASP H 388 56.28 -30.89 -12.05
CA ASP H 388 54.85 -31.15 -11.90
C ASP H 388 54.28 -31.84 -13.13
N GLU H 389 54.68 -31.39 -14.31
CA GLU H 389 54.24 -32.03 -15.55
C GLU H 389 54.82 -33.43 -15.69
N THR H 390 56.07 -33.63 -15.25
CA THR H 390 56.68 -34.95 -15.33
C THR H 390 55.98 -35.93 -14.40
N GLU H 391 55.70 -35.51 -13.16
CA GLU H 391 55.00 -36.37 -12.23
C GLU H 391 53.63 -36.79 -12.77
N ARG H 392 52.84 -35.83 -13.23
CA ARG H 392 51.55 -36.16 -13.82
C ARG H 392 51.70 -37.05 -15.05
N SER H 393 52.70 -36.78 -15.89
CA SER H 393 52.92 -37.61 -17.08
C SER H 393 53.24 -39.05 -16.72
N LEU H 394 54.15 -39.26 -15.76
CA LEU H 394 54.46 -40.61 -15.31
C LEU H 394 53.28 -41.28 -14.61
N HIS H 395 52.54 -40.53 -13.80
CA HIS H 395 51.37 -41.11 -13.14
C HIS H 395 50.37 -41.66 -14.15
N ASP H 396 50.01 -40.86 -15.14
CA ASP H 396 49.06 -41.32 -16.16
C ASP H 396 49.63 -42.52 -16.91
N ALA H 397 50.91 -42.47 -17.26
CA ALA H 397 51.53 -43.59 -17.95
C ALA H 397 51.47 -44.87 -17.11
N LEU H 398 51.69 -44.74 -15.80
CA LEU H 398 51.57 -45.90 -14.91
C LEU H 398 50.13 -46.42 -14.89
N CYS H 399 49.15 -45.51 -14.91
CA CYS H 399 47.75 -45.94 -14.95
C CYS H 399 47.45 -46.69 -16.23
N VAL H 400 48.02 -46.27 -17.36
CA VAL H 400 47.82 -46.98 -18.62
C VAL H 400 48.31 -48.41 -18.49
N ILE H 401 49.52 -48.60 -17.95
CA ILE H 401 50.08 -49.94 -17.84
C ILE H 401 49.28 -50.79 -16.86
N ARG H 402 48.95 -50.21 -15.69
CA ARG H 402 48.09 -50.91 -14.75
C ARG H 402 46.83 -51.44 -15.43
N CYS H 403 46.20 -50.61 -16.27
CA CYS H 403 45.03 -51.07 -17.00
C CYS H 403 45.35 -52.29 -17.86
N LEU H 404 46.51 -52.28 -18.51
CA LEU H 404 46.87 -53.37 -19.41
C LEU H 404 47.09 -54.68 -18.65
N VAL H 405 47.47 -54.61 -17.37
CA VAL H 405 47.63 -55.81 -16.57
C VAL H 405 46.27 -56.36 -16.14
N LYS H 406 45.37 -55.49 -15.70
CA LYS H 406 44.06 -55.93 -15.25
C LYS H 406 43.28 -56.60 -16.37
N GLU H 407 43.19 -55.95 -17.54
CA GLU H 407 42.50 -56.50 -18.70
C GLU H 407 43.40 -56.24 -19.91
N ARG H 408 44.10 -57.28 -20.36
CA ARG H 408 45.12 -57.13 -21.40
C ARG H 408 44.52 -56.66 -22.71
N GLY H 409 45.12 -55.66 -23.33
CA GLY H 409 44.73 -55.23 -24.66
C GLY H 409 44.37 -53.76 -24.71
N LEU H 410 44.40 -53.23 -25.94
CA LEU H 410 43.95 -51.87 -26.21
C LEU H 410 42.90 -51.90 -27.30
N ILE H 411 41.98 -50.94 -27.26
CA ILE H 411 41.03 -50.70 -28.34
C ILE H 411 41.32 -49.36 -28.98
N ALA H 412 40.95 -49.23 -30.24
CA ALA H 412 41.10 -47.97 -30.97
C ALA H 412 40.27 -46.89 -30.26
N GLY H 413 40.76 -45.66 -30.28
CA GLY H 413 40.01 -44.54 -29.75
C GLY H 413 39.10 -43.88 -30.75
N GLY H 414 38.83 -42.60 -30.57
CA GLY H 414 37.98 -41.86 -31.48
C GLY H 414 36.53 -42.25 -31.48
N GLY H 415 36.04 -42.86 -30.40
CA GLY H 415 34.69 -43.36 -30.33
C GLY H 415 34.48 -44.70 -31.01
N ALA H 416 35.53 -45.31 -31.56
CA ALA H 416 35.38 -46.58 -32.26
C ALA H 416 34.67 -47.66 -31.46
N PRO H 417 35.06 -47.99 -30.22
CA PRO H 417 34.35 -49.05 -29.49
C PRO H 417 32.89 -48.71 -29.21
N GLU H 418 32.53 -47.43 -29.16
CA GLU H 418 31.13 -47.06 -28.95
C GLU H 418 30.30 -47.25 -30.21
N ILE H 419 30.92 -47.02 -31.38
CA ILE H 419 30.24 -47.34 -32.63
C ILE H 419 30.15 -48.85 -32.83
N GLU H 420 31.23 -49.57 -32.49
CA GLU H 420 31.23 -51.02 -32.67
C GLU H 420 30.22 -51.69 -31.75
N ILE H 421 30.16 -51.26 -30.49
CA ILE H 421 29.20 -51.84 -29.56
C ILE H 421 27.78 -51.45 -29.96
N SER H 422 27.54 -50.17 -30.19
CA SER H 422 26.20 -49.70 -30.54
C SER H 422 25.71 -50.36 -31.83
N ARG H 423 26.57 -50.40 -32.86
CA ARG H 423 26.17 -51.00 -34.12
C ARG H 423 25.75 -52.46 -33.94
N ARG H 424 26.53 -53.24 -33.19
CA ARG H 424 26.20 -54.65 -33.01
C ARG H 424 24.94 -54.81 -32.15
N LEU H 425 24.84 -54.03 -31.07
CA LEU H 425 23.68 -54.16 -30.20
C LEU H 425 22.39 -53.80 -30.93
N SER H 426 22.42 -52.76 -31.78
CA SER H 426 21.22 -52.39 -32.52
C SER H 426 20.75 -53.50 -33.43
N LYS H 427 21.70 -54.17 -34.11
CA LYS H 427 21.33 -55.30 -34.96
C LYS H 427 20.89 -56.49 -34.12
N GLU H 428 21.68 -56.86 -33.11
CA GLU H 428 21.36 -58.03 -32.31
C GLU H 428 20.05 -57.85 -31.55
N ALA H 429 19.77 -56.63 -31.07
CA ALA H 429 18.57 -56.40 -30.29
C ALA H 429 17.31 -56.75 -31.08
N ARG H 430 17.40 -56.73 -32.41
CA ARG H 430 16.22 -56.99 -33.23
C ARG H 430 15.74 -58.43 -33.07
N SER H 431 16.59 -59.31 -32.55
CA SER H 431 16.22 -60.69 -32.31
C SER H 431 15.61 -60.91 -30.94
N MET H 432 15.55 -59.88 -30.09
CA MET H 432 15.03 -60.02 -28.75
C MET H 432 13.51 -59.80 -28.75
N GLU H 433 12.90 -60.04 -27.59
CA GLU H 433 11.44 -60.05 -27.48
C GLU H 433 11.00 -59.02 -26.46
N GLY H 434 9.86 -58.38 -26.73
CA GLY H 434 9.26 -57.51 -25.73
C GLY H 434 10.12 -56.29 -25.44
N VAL H 435 10.16 -55.88 -24.17
CA VAL H 435 10.87 -54.66 -23.80
C VAL H 435 12.36 -54.81 -24.08
N GLN H 436 12.81 -56.07 -24.21
CA GLN H 436 14.23 -56.34 -24.45
C GLN H 436 14.74 -55.59 -25.69
N ALA H 437 14.03 -55.69 -26.80
CA ALA H 437 14.48 -55.05 -28.04
C ALA H 437 14.30 -53.54 -27.97
N PHE H 438 13.15 -53.08 -27.46
CA PHE H 438 12.90 -51.65 -27.38
C PHE H 438 13.90 -50.93 -26.49
N ILE H 439 14.27 -51.55 -25.36
CA ILE H 439 15.19 -50.89 -24.43
C ILE H 439 16.61 -50.94 -24.97
N TRP H 440 17.00 -52.06 -25.57
CA TRP H 440 18.36 -52.21 -26.08
C TRP H 440 18.64 -51.28 -27.24
N GLN H 441 17.61 -50.95 -28.02
CA GLN H 441 17.78 -49.94 -29.07
C GLN H 441 18.10 -48.57 -28.46
N GLU H 442 17.45 -48.23 -27.35
CA GLU H 442 17.75 -46.97 -26.66
C GLU H 442 19.11 -47.02 -25.97
N PHE H 443 19.46 -48.17 -25.38
CA PHE H 443 20.80 -48.32 -24.81
C PHE H 443 21.87 -48.11 -25.87
N ALA H 444 21.76 -48.81 -27.00
CA ALA H 444 22.77 -48.69 -28.04
C ALA H 444 22.88 -47.27 -28.55
N SER H 445 21.73 -46.62 -28.77
CA SER H 445 21.75 -45.24 -29.27
C SER H 445 22.46 -44.31 -28.30
N ALA H 446 22.26 -44.49 -26.99
CA ALA H 446 22.90 -43.62 -26.01
C ALA H 446 24.41 -43.66 -26.14
N LEU H 447 24.96 -44.80 -26.58
CA LEU H 447 26.41 -44.96 -26.61
C LEU H 447 27.06 -43.96 -27.56
N GLU H 448 26.34 -43.56 -28.61
CA GLU H 448 26.91 -42.71 -29.65
C GLU H 448 27.14 -41.27 -29.20
N VAL H 449 26.78 -40.93 -27.95
CA VAL H 449 27.06 -39.59 -27.45
C VAL H 449 28.56 -39.29 -27.51
N ILE H 450 29.40 -40.31 -27.40
CA ILE H 450 30.85 -40.12 -27.39
C ILE H 450 31.34 -39.79 -28.80
N PRO H 451 31.19 -40.67 -29.80
CA PRO H 451 31.64 -40.28 -31.15
C PRO H 451 30.90 -39.07 -31.70
N THR H 452 29.66 -38.84 -31.26
CA THR H 452 28.95 -37.64 -31.67
C THR H 452 29.61 -36.39 -31.08
N THR H 453 29.84 -36.39 -29.77
CA THR H 453 30.51 -35.25 -29.13
C THR H 453 31.90 -35.03 -29.68
N LEU H 454 32.68 -36.09 -29.90
CA LEU H 454 34.03 -35.92 -30.43
C LEU H 454 33.98 -35.25 -31.81
N ALA H 455 33.03 -35.66 -32.64
CA ALA H 455 32.89 -35.02 -33.95
C ALA H 455 32.58 -33.53 -33.80
N GLU H 456 31.65 -33.19 -32.90
CA GLU H 456 31.24 -31.79 -32.78
C GLU H 456 32.37 -30.94 -32.20
N ASN H 457 33.03 -31.43 -31.15
CA ASN H 457 34.12 -30.67 -30.56
C ASN H 457 35.30 -30.50 -31.52
N ALA H 458 35.47 -31.44 -32.44
CA ALA H 458 36.54 -31.34 -33.43
C ALA H 458 36.23 -30.37 -34.56
N GLY H 459 35.02 -29.80 -34.58
CA GLY H 459 34.62 -28.92 -35.66
C GLY H 459 34.05 -29.62 -36.88
N LEU H 460 33.68 -30.90 -36.75
CA LEU H 460 33.16 -31.65 -37.87
C LEU H 460 31.63 -31.70 -37.83
N ASN H 461 31.04 -31.90 -39.01
CA ASN H 461 29.59 -32.05 -39.13
C ASN H 461 29.16 -33.29 -38.35
N SER H 462 28.28 -33.10 -37.38
CA SER H 462 27.90 -34.16 -36.44
C SER H 462 27.31 -35.37 -37.16
N ILE H 463 26.34 -35.14 -38.04
CA ILE H 463 25.66 -36.23 -38.74
C ILE H 463 26.60 -36.90 -39.74
N LYS H 464 27.39 -36.11 -40.46
CA LYS H 464 28.29 -36.68 -41.46
C LYS H 464 29.25 -37.68 -40.85
N VAL H 465 29.92 -37.29 -39.75
CA VAL H 465 30.92 -38.16 -39.15
C VAL H 465 30.30 -39.45 -38.63
N VAL H 466 29.20 -39.32 -37.87
CA VAL H 466 28.54 -40.52 -37.34
C VAL H 466 28.04 -41.40 -38.48
N THR H 467 27.51 -40.78 -39.54
CA THR H 467 27.12 -41.55 -40.72
C THR H 467 28.30 -42.30 -41.32
N GLU H 468 29.44 -41.64 -41.48
CA GLU H 468 30.63 -42.33 -41.98
C GLU H 468 31.07 -43.44 -41.04
N LEU H 469 31.02 -43.18 -39.73
CA LEU H 469 31.42 -44.19 -38.76
C LEU H 469 30.53 -45.43 -38.82
N ARG H 470 29.21 -45.23 -38.95
CA ARG H 470 28.31 -46.38 -39.06
C ARG H 470 28.63 -47.20 -40.31
N SER H 471 28.80 -46.53 -41.45
CA SER H 471 29.03 -47.24 -42.70
C SER H 471 30.38 -47.95 -42.69
N LYS H 472 31.43 -47.26 -42.23
CA LYS H 472 32.77 -47.84 -42.23
C LYS H 472 32.90 -49.01 -41.27
N HIS H 473 32.23 -48.97 -40.12
CA HIS H 473 32.26 -50.09 -39.19
C HIS H 473 31.47 -51.29 -39.68
N GLU H 474 30.40 -51.08 -40.45
CA GLU H 474 29.66 -52.20 -41.01
C GLU H 474 30.50 -52.98 -42.02
N ASN H 475 31.31 -52.28 -42.81
CA ASN H 475 32.17 -52.90 -43.82
C ASN H 475 33.59 -53.10 -43.28
N GLY H 476 33.98 -52.31 -42.29
CA GLY H 476 35.35 -52.32 -41.80
C GLY H 476 35.43 -52.95 -40.42
N GLU H 477 36.20 -52.30 -39.55
CA GLU H 477 36.48 -52.86 -38.24
C GLU H 477 36.74 -51.77 -37.19
N LEU H 478 36.95 -52.21 -35.95
CA LEU H 478 37.19 -51.34 -34.79
C LEU H 478 38.26 -50.28 -35.04
N ASN H 479 39.24 -50.58 -35.89
CA ASN H 479 40.37 -49.67 -36.09
C ASN H 479 39.96 -48.31 -36.63
N ASP H 480 38.78 -48.20 -37.25
CA ASP H 480 38.32 -46.94 -37.81
C ASP H 480 37.67 -46.09 -36.72
N GLY H 481 37.86 -44.78 -36.77
CA GLY H 481 37.29 -43.89 -35.80
C GLY H 481 37.65 -42.45 -36.09
N ILE H 482 37.28 -41.57 -35.16
CA ILE H 482 37.53 -40.14 -35.34
C ILE H 482 38.96 -39.82 -34.95
N SER H 483 39.65 -39.10 -35.83
CA SER H 483 41.00 -38.60 -35.56
C SER H 483 40.98 -37.08 -35.66
N VAL H 484 41.18 -36.41 -34.53
CA VAL H 484 41.21 -34.95 -34.54
C VAL H 484 42.45 -34.44 -35.25
N ARG H 485 43.52 -35.24 -35.27
CA ARG H 485 44.74 -34.83 -35.95
C ARG H 485 44.55 -34.86 -37.46
N ARG H 486 43.77 -35.83 -37.95
CA ARG H 486 43.41 -35.88 -39.36
C ARG H 486 42.11 -35.16 -39.67
N SER H 487 41.38 -34.70 -38.64
CA SER H 487 40.13 -33.96 -38.81
C SER H 487 39.13 -34.74 -39.65
N GLY H 488 38.97 -36.02 -39.32
CA GLY H 488 38.02 -36.86 -40.04
C GLY H 488 38.02 -38.29 -39.56
N THR H 489 37.28 -39.16 -40.24
CA THR H 489 37.17 -40.57 -39.89
C THR H 489 38.22 -41.35 -40.67
N THR H 490 39.14 -41.99 -39.95
CA THR H 490 40.28 -42.65 -40.56
C THR H 490 40.62 -43.88 -39.72
N ASN H 491 41.75 -44.51 -40.02
CA ASN H 491 42.19 -45.71 -39.31
C ASN H 491 42.92 -45.26 -38.05
N THR H 492 42.18 -45.15 -36.94
CA THR H 492 42.74 -44.61 -35.70
C THR H 492 43.78 -45.52 -35.07
N TYR H 493 43.70 -46.83 -35.30
CA TYR H 493 44.77 -47.74 -34.90
C TYR H 493 46.11 -47.38 -35.54
N GLU H 494 46.13 -47.18 -36.86
CA GLU H 494 47.37 -46.82 -37.53
C GLU H 494 47.87 -45.45 -37.10
N GLU H 495 46.96 -44.57 -36.68
CA GLU H 495 47.33 -43.28 -36.11
C GLU H 495 47.79 -43.37 -34.67
N HIS H 496 47.85 -44.58 -34.11
CA HIS H 496 48.30 -44.82 -32.73
C HIS H 496 47.41 -44.14 -31.71
N ILE H 497 46.10 -44.12 -31.94
CA ILE H 497 45.16 -43.58 -30.97
C ILE H 497 44.53 -44.75 -30.23
N LEU H 498 45.15 -45.14 -29.11
CA LEU H 498 44.78 -46.38 -28.43
C LEU H 498 44.52 -46.11 -26.95
N GLN H 499 43.53 -46.81 -26.41
CA GLN H 499 43.19 -46.73 -25.00
C GLN H 499 43.16 -48.15 -24.43
N PRO H 500 43.53 -48.35 -23.16
CA PRO H 500 43.45 -49.70 -22.60
C PRO H 500 42.02 -50.22 -22.59
N VAL H 501 41.89 -51.54 -22.73
CA VAL H 501 40.58 -52.17 -22.62
C VAL H 501 39.85 -51.76 -21.35
N LEU H 502 40.57 -51.73 -20.22
CA LEU H 502 39.91 -51.47 -18.94
C LEU H 502 39.10 -50.18 -18.98
N VAL H 503 39.55 -49.18 -19.74
CA VAL H 503 38.86 -47.89 -19.76
C VAL H 503 37.47 -48.05 -20.36
N SER H 504 37.38 -48.76 -21.48
CA SER H 504 36.07 -48.99 -22.11
C SER H 504 35.23 -49.95 -21.29
N THR H 505 35.84 -51.02 -20.74
CA THR H 505 35.10 -51.97 -19.94
C THR H 505 34.49 -51.30 -18.72
N SER H 506 35.30 -50.53 -17.99
CA SER H 506 34.85 -49.85 -16.78
C SER H 506 33.75 -48.83 -17.05
N ALA H 507 33.85 -48.09 -18.16
CA ALA H 507 32.84 -47.10 -18.54
C ALA H 507 31.47 -47.74 -18.78
N ILE H 508 31.44 -48.90 -19.43
CA ILE H 508 30.20 -49.63 -19.61
C ILE H 508 29.62 -50.06 -18.27
N THR H 509 30.48 -50.55 -17.36
CA THR H 509 30.02 -50.97 -16.05
C THR H 509 29.49 -49.79 -15.24
N LEU H 510 30.29 -48.71 -15.16
CA LEU H 510 29.90 -47.58 -14.31
C LEU H 510 28.62 -46.94 -14.80
N ALA H 511 28.45 -46.81 -16.12
CA ALA H 511 27.23 -46.22 -16.65
C ALA H 511 26.01 -47.02 -16.23
N SER H 512 26.10 -48.36 -16.26
CA SER H 512 25.01 -49.19 -15.79
C SER H 512 24.77 -49.02 -14.29
N GLU H 513 25.85 -49.04 -13.49
CA GLU H 513 25.69 -48.96 -12.05
C GLU H 513 25.08 -47.63 -11.63
N CYS H 514 25.50 -46.54 -12.27
CA CYS H 514 25.02 -45.22 -11.88
C CYS H 514 23.55 -45.04 -12.23
N VAL H 515 23.19 -45.36 -13.48
CA VAL H 515 21.79 -45.23 -13.91
C VAL H 515 20.89 -46.14 -13.10
N LYS H 516 21.35 -47.38 -12.85
CA LYS H 516 20.60 -48.29 -11.99
C LYS H 516 20.33 -47.64 -10.63
N SER H 517 21.37 -47.07 -10.02
CA SER H 517 21.25 -46.40 -8.73
C SER H 517 20.32 -45.19 -8.76
N ILE H 518 20.37 -44.39 -9.81
CA ILE H 518 19.55 -43.18 -9.92
C ILE H 518 18.08 -43.53 -10.12
N LEU H 519 17.79 -44.46 -11.03
CA LEU H 519 16.41 -44.82 -11.32
C LEU H 519 15.72 -45.46 -10.13
N ARG H 520 16.47 -46.08 -9.22
CA ARG H 520 15.84 -46.78 -8.10
C ARG H 520 15.44 -45.83 -6.98
N ILE H 521 15.76 -44.55 -7.10
CA ILE H 521 15.49 -43.60 -6.02
C ILE H 521 14.15 -42.94 -6.31
N ASP H 522 13.15 -43.24 -5.49
CA ASP H 522 11.80 -42.70 -5.66
C ASP H 522 11.41 -41.67 -4.60
N ASP H 523 12.34 -41.26 -3.75
CA ASP H 523 12.04 -40.28 -2.71
C ASP H 523 13.36 -39.81 -2.09
N ILE H 524 13.30 -38.67 -1.42
CA ILE H 524 14.41 -38.13 -0.66
C ILE H 524 13.86 -37.73 0.71
N ALA H 525 14.48 -38.23 1.77
CA ALA H 525 14.04 -37.98 3.13
C ALA H 525 15.21 -37.48 3.97
N PHE H 526 14.91 -36.68 4.99
CA PHE H 526 15.96 -36.15 5.85
C PHE H 526 16.02 -36.96 7.15
N SER H 527 17.24 -37.15 7.65
CA SER H 527 17.43 -37.87 8.92
C SER H 527 18.09 -36.94 9.92
N ARG H 528 17.31 -36.47 10.89
CA ARG H 528 17.78 -35.43 11.81
C ARG H 528 17.42 -35.80 13.25
N LYS I 33 -1.96 -2.98 -43.84
CA LYS I 33 -2.71 -2.27 -42.81
C LYS I 33 -2.61 -2.96 -41.46
N ASP I 34 -2.36 -2.18 -40.42
CA ASP I 34 -2.31 -2.65 -39.04
C ASP I 34 -1.23 -3.72 -38.88
N GLN I 35 0.02 -3.31 -39.10
CA GLN I 35 1.18 -4.18 -38.92
C GLN I 35 1.26 -4.72 -37.51
N GLY I 36 0.80 -3.94 -36.53
CA GLY I 36 0.83 -4.37 -35.15
C GLY I 36 -0.28 -5.35 -34.84
N ASN I 37 -0.20 -5.90 -33.63
CA ASN I 37 -1.13 -6.93 -33.15
C ASN I 37 -1.11 -8.16 -34.07
N LYS I 38 0.03 -8.45 -34.68
CA LYS I 38 0.22 -9.65 -35.49
C LYS I 38 1.11 -10.62 -34.73
N LYS I 39 0.98 -11.91 -35.05
CA LYS I 39 1.90 -12.93 -34.58
C LYS I 39 2.78 -13.39 -35.73
N ARG I 40 4.02 -13.77 -35.38
CA ARG I 40 4.96 -14.30 -36.35
C ARG I 40 5.85 -15.35 -35.71
N GLN I 41 6.10 -16.43 -36.43
CA GLN I 41 7.10 -17.43 -36.06
C GLN I 41 7.97 -17.71 -37.28
N HIS I 42 9.24 -18.02 -37.03
CA HIS I 42 10.16 -18.33 -38.13
C HIS I 42 11.24 -19.28 -37.59
N GLY I 43 11.89 -19.99 -38.52
CA GLY I 43 13.12 -20.71 -38.21
C GLY I 43 12.98 -21.92 -37.32
N LEU I 44 14.08 -22.29 -36.66
CA LEU I 44 14.13 -23.49 -35.83
C LEU I 44 13.02 -23.52 -34.78
N GLU I 45 12.77 -22.38 -34.13
CA GLU I 45 11.68 -22.26 -33.17
C GLU I 45 10.31 -22.47 -33.78
N ALA I 46 10.08 -21.97 -34.99
CA ALA I 46 8.82 -22.28 -35.68
C ALA I 46 8.68 -23.77 -35.95
N LYS I 47 9.77 -24.45 -36.30
CA LYS I 47 9.71 -25.88 -36.58
C LYS I 47 9.32 -26.68 -35.35
N LYS I 48 9.86 -26.33 -34.18
CA LYS I 48 9.46 -26.99 -32.95
C LYS I 48 8.01 -26.66 -32.60
N SER I 49 7.63 -25.38 -32.73
CA SER I 49 6.26 -24.98 -32.41
C SER I 49 5.26 -25.65 -33.35
N HIS I 50 5.57 -25.70 -34.64
CA HIS I 50 4.63 -26.25 -35.61
C HIS I 50 4.36 -27.72 -35.33
N ILE I 51 5.41 -28.49 -35.03
CA ILE I 51 5.23 -29.92 -34.78
C ILE I 51 4.50 -30.13 -33.45
N LEU I 52 4.93 -29.43 -32.40
CA LEU I 52 4.33 -29.62 -31.09
C LEU I 52 2.85 -29.25 -31.10
N ALA I 53 2.50 -28.17 -31.82
CA ALA I 53 1.08 -27.83 -31.96
C ALA I 53 0.32 -28.92 -32.71
N ALA I 54 0.91 -29.45 -33.79
CA ALA I 54 0.27 -30.53 -34.52
C ALA I 54 0.08 -31.75 -33.62
N ARG I 55 1.07 -32.05 -32.78
CA ARG I 55 0.93 -33.15 -31.84
C ARG I 55 -0.23 -32.92 -30.88
N SER I 56 -0.32 -31.70 -30.32
CA SER I 56 -1.35 -31.43 -29.31
C SER I 56 -2.75 -31.62 -29.90
N VAL I 57 -2.96 -31.17 -31.14
CA VAL I 57 -4.29 -31.28 -31.74
C VAL I 57 -4.51 -32.70 -32.26
N ALA I 58 -3.50 -33.26 -32.94
CA ALA I 58 -3.62 -34.62 -33.47
C ALA I 58 -3.89 -35.61 -32.35
N SER I 59 -3.31 -35.38 -31.16
CA SER I 59 -3.51 -36.29 -30.04
C SER I 59 -4.97 -36.36 -29.61
N ILE I 60 -5.77 -35.35 -29.97
CA ILE I 60 -7.15 -35.30 -29.55
C ILE I 60 -7.90 -36.56 -30.01
N ILE I 61 -7.62 -36.99 -31.24
CA ILE I 61 -8.37 -38.10 -31.82
C ILE I 61 -7.61 -39.41 -31.79
N LYS I 62 -6.49 -39.49 -31.06
CA LYS I 62 -5.78 -40.77 -30.96
C LYS I 62 -6.71 -41.91 -30.57
N THR I 63 -7.62 -41.66 -29.64
CA THR I 63 -8.48 -42.71 -29.10
C THR I 63 -9.61 -43.11 -30.03
N SER I 64 -9.75 -42.44 -31.17
CA SER I 64 -10.77 -42.78 -32.16
C SER I 64 -10.28 -43.84 -33.14
N LEU I 65 -9.01 -44.21 -33.09
CA LEU I 65 -8.42 -45.15 -34.03
C LEU I 65 -8.59 -46.56 -33.48
N GLY I 66 -9.51 -47.32 -34.07
CA GLY I 66 -9.75 -48.69 -33.68
C GLY I 66 -11.22 -48.97 -33.47
N PRO I 67 -11.63 -50.22 -33.69
CA PRO I 67 -13.03 -50.59 -33.47
C PRO I 67 -13.45 -50.53 -32.00
N ARG I 68 -12.48 -50.49 -31.09
CA ARG I 68 -12.74 -50.36 -29.65
C ARG I 68 -12.40 -48.98 -29.12
N GLY I 69 -12.34 -47.97 -29.99
CA GLY I 69 -12.00 -46.62 -29.56
C GLY I 69 -13.05 -46.00 -28.66
N LEU I 70 -12.73 -44.80 -28.18
CA LEU I 70 -13.53 -44.09 -27.21
C LEU I 70 -14.30 -42.95 -27.86
N ASP I 71 -15.42 -42.58 -27.25
CA ASP I 71 -16.26 -41.51 -27.73
C ASP I 71 -15.85 -40.18 -27.08
N LYS I 72 -16.36 -39.08 -27.66
CA LYS I 72 -16.14 -37.75 -27.12
C LYS I 72 -17.48 -37.04 -27.03
N ILE I 73 -17.61 -36.11 -26.09
CA ILE I 73 -18.82 -35.29 -26.01
C ILE I 73 -18.61 -34.01 -26.79
N LEU I 74 -19.49 -33.75 -27.75
CA LEU I 74 -19.43 -32.56 -28.59
C LEU I 74 -20.69 -31.73 -28.35
N ILE I 75 -20.50 -30.47 -27.97
CA ILE I 75 -21.59 -29.55 -27.68
C ILE I 75 -21.68 -28.54 -28.81
N SER I 76 -22.86 -28.43 -29.41
CA SER I 76 -23.03 -27.60 -30.59
C SER I 76 -23.02 -26.13 -30.21
N PRO I 77 -22.88 -25.23 -31.18
CA PRO I 77 -23.03 -23.80 -30.87
C PRO I 77 -24.34 -23.46 -30.20
N ASP I 78 -25.37 -24.32 -30.32
CA ASP I 78 -26.66 -24.03 -29.73
C ASP I 78 -26.84 -24.72 -28.38
N GLY I 79 -25.82 -25.42 -27.90
CA GLY I 79 -25.87 -26.11 -26.63
C GLY I 79 -26.38 -27.54 -26.68
N GLU I 80 -26.49 -28.14 -27.86
CA GLU I 80 -26.94 -29.52 -27.96
C GLU I 80 -25.75 -30.46 -27.75
N ILE I 81 -25.96 -31.49 -26.93
CA ILE I 81 -24.90 -32.39 -26.50
C ILE I 81 -25.03 -33.69 -27.28
N THR I 82 -23.97 -34.07 -27.98
CA THR I 82 -23.92 -35.31 -28.74
C THR I 82 -22.68 -36.10 -28.33
N ILE I 83 -22.74 -37.41 -28.53
CA ILE I 83 -21.64 -38.31 -28.25
C ILE I 83 -21.33 -39.09 -29.52
N THR I 84 -20.06 -39.05 -29.94
CA THR I 84 -19.64 -39.77 -31.14
C THR I 84 -18.13 -40.00 -31.07
N ASN I 85 -17.68 -41.03 -31.76
CA ASN I 85 -16.26 -41.23 -32.06
C ASN I 85 -15.93 -40.98 -33.53
N ASP I 86 -16.86 -40.44 -34.31
CA ASP I 86 -16.59 -40.18 -35.73
C ASP I 86 -15.47 -39.18 -35.88
N GLY I 87 -14.38 -39.61 -36.52
CA GLY I 87 -13.21 -38.76 -36.67
C GLY I 87 -13.49 -37.49 -37.43
N ALA I 88 -14.35 -37.57 -38.45
CA ALA I 88 -14.65 -36.39 -39.26
C ALA I 88 -15.45 -35.38 -38.47
N THR I 89 -16.43 -35.85 -37.70
CA THR I 89 -17.22 -34.94 -36.87
C THR I 89 -16.37 -34.26 -35.81
N ILE I 90 -15.48 -35.02 -35.17
CA ILE I 90 -14.64 -34.46 -34.10
C ILE I 90 -13.68 -33.41 -34.68
N LEU I 91 -13.01 -33.76 -35.78
CA LEU I 91 -12.09 -32.80 -36.41
C LEU I 91 -12.84 -31.57 -36.92
N SER I 92 -14.05 -31.75 -37.43
CA SER I 92 -14.85 -30.60 -37.88
C SER I 92 -15.33 -29.77 -36.70
N GLN I 93 -15.68 -30.41 -35.59
CA GLN I 93 -16.14 -29.67 -34.42
C GLN I 93 -15.02 -28.83 -33.81
N MET I 94 -13.77 -29.28 -33.94
CA MET I 94 -12.65 -28.55 -33.37
C MET I 94 -12.38 -27.27 -34.15
N GLU I 95 -12.69 -26.13 -33.54
CA GLU I 95 -12.48 -24.83 -34.18
C GLU I 95 -11.31 -24.14 -33.50
N LEU I 96 -10.15 -24.15 -34.16
CA LEU I 96 -8.90 -23.72 -33.54
C LEU I 96 -8.24 -22.64 -34.38
N ASP I 97 -7.34 -21.90 -33.74
CA ASP I 97 -6.63 -20.78 -34.37
C ASP I 97 -5.27 -21.17 -34.90
N ASN I 98 -4.75 -22.33 -34.53
CA ASN I 98 -3.41 -22.72 -34.95
C ASN I 98 -3.42 -23.14 -36.42
N GLU I 99 -2.72 -22.37 -37.25
CA GLU I 99 -2.82 -22.57 -38.70
C GLU I 99 -2.24 -23.92 -39.10
N ILE I 100 -1.21 -24.38 -38.40
CA ILE I 100 -0.61 -25.67 -38.73
C ILE I 100 -1.60 -26.80 -38.45
N ALA I 101 -2.31 -26.73 -37.32
CA ALA I 101 -3.33 -27.72 -37.03
C ALA I 101 -4.43 -27.71 -38.08
N LYS I 102 -4.76 -26.53 -38.63
CA LYS I 102 -5.76 -26.46 -39.68
C LYS I 102 -5.35 -27.29 -40.88
N LEU I 103 -4.04 -27.39 -41.15
CA LEU I 103 -3.57 -28.22 -42.25
C LEU I 103 -3.91 -29.68 -42.01
N LEU I 104 -3.85 -30.13 -40.74
CA LEU I 104 -4.26 -31.48 -40.42
C LEU I 104 -5.73 -31.72 -40.77
N VAL I 105 -6.58 -30.71 -40.56
CA VAL I 105 -7.99 -30.84 -40.92
C VAL I 105 -8.13 -31.01 -42.43
N GLN I 106 -7.38 -30.23 -43.20
CA GLN I 106 -7.43 -30.36 -44.66
C GLN I 106 -7.02 -31.75 -45.11
N LEU I 107 -6.04 -32.35 -44.44
CA LEU I 107 -5.66 -33.71 -44.76
C LEU I 107 -6.85 -34.66 -44.65
N SER I 108 -7.58 -34.59 -43.54
CA SER I 108 -8.71 -35.50 -43.33
C SER I 108 -9.77 -35.32 -44.41
N LYS I 109 -9.94 -34.10 -44.93
CA LYS I 109 -10.90 -33.86 -45.99
C LYS I 109 -10.53 -34.64 -47.25
N SER I 110 -9.25 -34.59 -47.63
CA SER I 110 -8.80 -35.36 -48.80
C SER I 110 -9.09 -36.84 -48.63
N GLN I 111 -8.75 -37.40 -47.46
CA GLN I 111 -8.96 -38.82 -47.23
C GLN I 111 -10.45 -39.17 -47.31
N ASP I 112 -11.30 -38.26 -46.83
CA ASP I 112 -12.75 -38.52 -46.86
C ASP I 112 -13.28 -38.49 -48.28
N ASP I 113 -12.76 -37.58 -49.11
CA ASP I 113 -13.27 -37.44 -50.47
C ASP I 113 -12.94 -38.66 -51.31
N GLU I 114 -11.75 -39.23 -51.10
CA GLU I 114 -11.30 -40.34 -51.95
C GLU I 114 -11.79 -41.68 -51.42
N ILE I 115 -11.47 -42.00 -50.17
CA ILE I 115 -11.59 -43.36 -49.64
C ILE I 115 -12.66 -43.43 -48.55
N GLY I 116 -12.55 -42.58 -47.53
CA GLY I 116 -13.48 -42.54 -46.44
C GLY I 116 -13.11 -43.36 -45.22
N ASP I 117 -12.15 -44.28 -45.34
CA ASP I 117 -11.85 -45.21 -44.27
C ASP I 117 -10.62 -44.84 -43.44
N GLY I 118 -10.03 -43.67 -43.68
CA GLY I 118 -8.76 -43.33 -43.06
C GLY I 118 -8.80 -42.00 -42.33
N THR I 119 -10.01 -41.50 -42.05
CA THR I 119 -10.15 -40.16 -41.48
C THR I 119 -9.19 -39.93 -40.33
N THR I 120 -9.14 -40.86 -39.37
CA THR I 120 -8.25 -40.74 -38.23
C THR I 120 -6.84 -41.21 -38.54
N GLY I 121 -6.67 -42.28 -39.31
CA GLY I 121 -5.36 -42.87 -39.51
C GLY I 121 -4.36 -41.93 -40.15
N VAL I 122 -4.81 -41.11 -41.10
CA VAL I 122 -3.89 -40.23 -41.81
C VAL I 122 -3.40 -39.12 -40.89
N VAL I 123 -4.22 -38.72 -39.91
CA VAL I 123 -3.79 -37.69 -38.96
C VAL I 123 -2.83 -38.29 -37.94
N VAL I 124 -3.12 -39.49 -37.46
CA VAL I 124 -2.24 -40.16 -36.50
C VAL I 124 -0.88 -40.44 -37.14
N LEU I 125 -0.89 -40.99 -38.36
CA LEU I 125 0.35 -41.27 -39.06
C LEU I 125 1.12 -39.99 -39.36
N ALA I 126 0.43 -38.98 -39.90
CA ALA I 126 1.09 -37.72 -40.20
C ALA I 126 1.71 -37.10 -38.95
N SER I 127 1.00 -37.17 -37.82
CA SER I 127 1.56 -36.70 -36.56
C SER I 127 2.81 -37.49 -36.19
N ALA I 128 2.78 -38.81 -36.35
CA ALA I 128 3.95 -39.62 -36.03
C ALA I 128 5.14 -39.21 -36.89
N LEU I 129 4.89 -38.92 -38.18
CA LEU I 129 5.96 -38.45 -39.05
C LEU I 129 6.50 -37.11 -38.58
N LEU I 130 5.61 -36.22 -38.14
CA LEU I 130 6.05 -34.93 -37.61
C LEU I 130 6.87 -35.11 -36.33
N ASP I 131 6.43 -36.01 -35.45
CA ASP I 131 7.19 -36.28 -34.24
C ASP I 131 8.59 -36.79 -34.57
N GLN I 132 8.68 -37.69 -35.56
CA GLN I 132 10.00 -38.12 -36.02
C GLN I 132 10.78 -36.96 -36.61
N ALA I 133 10.11 -36.07 -37.34
CA ALA I 133 10.78 -34.92 -37.91
C ALA I 133 11.40 -34.05 -36.83
N LEU I 134 10.71 -33.92 -35.69
CA LEU I 134 11.23 -33.10 -34.59
C LEU I 134 12.60 -33.60 -34.14
N GLU I 135 12.70 -34.90 -33.84
CA GLU I 135 13.99 -35.47 -33.45
C GLU I 135 15.01 -35.34 -34.57
N LEU I 136 14.58 -35.58 -35.81
CA LEU I 136 15.50 -35.48 -36.94
C LEU I 136 16.04 -34.05 -37.08
N ILE I 137 15.17 -33.05 -36.90
CA ILE I 137 15.63 -31.67 -36.97
C ILE I 137 16.61 -31.39 -35.83
N GLN I 138 16.29 -31.84 -34.62
CA GLN I 138 17.15 -31.67 -33.45
C GLN I 138 18.52 -32.31 -33.64
N LYS I 139 18.60 -33.41 -34.39
CA LYS I 139 19.86 -34.09 -34.67
C LYS I 139 20.65 -33.41 -35.78
N GLY I 140 20.04 -32.46 -36.50
CA GLY I 140 20.73 -31.76 -37.55
C GLY I 140 20.36 -32.18 -38.96
N ILE I 141 19.21 -32.82 -39.15
CA ILE I 141 18.72 -33.20 -40.47
C ILE I 141 17.82 -32.10 -41.00
N HIS I 142 18.21 -31.54 -42.15
CA HIS I 142 17.48 -30.42 -42.72
C HIS I 142 16.05 -30.83 -43.07
N PRO I 143 15.07 -29.96 -42.83
CA PRO I 143 13.68 -30.31 -43.17
C PRO I 143 13.54 -30.86 -44.58
N ILE I 144 14.32 -30.35 -45.52
CA ILE I 144 14.24 -30.86 -46.90
C ILE I 144 14.75 -32.29 -46.95
N LYS I 145 15.86 -32.58 -46.26
CA LYS I 145 16.35 -33.95 -46.19
C LYS I 145 15.33 -34.87 -45.53
N ILE I 146 14.60 -34.36 -44.54
CA ILE I 146 13.54 -35.14 -43.91
C ILE I 146 12.42 -35.41 -44.90
N ALA I 147 11.97 -34.37 -45.61
CA ALA I 147 10.87 -34.53 -46.56
C ALA I 147 11.23 -35.54 -47.65
N ASN I 148 12.46 -35.44 -48.17
CA ASN I 148 12.88 -36.36 -49.23
C ASN I 148 13.02 -37.78 -48.71
N GLY I 149 13.57 -37.94 -47.50
CA GLY I 149 13.69 -39.26 -46.93
C GLY I 149 12.35 -39.94 -46.73
N PHE I 150 11.40 -39.21 -46.12
CA PHE I 150 10.08 -39.79 -45.89
C PHE I 150 9.41 -40.16 -47.20
N ASP I 151 9.56 -39.32 -48.23
CA ASP I 151 8.93 -39.61 -49.52
C ASP I 151 9.45 -40.91 -50.11
N GLU I 152 10.77 -41.10 -50.15
CA GLU I 152 11.33 -42.32 -50.71
C GLU I 152 10.95 -43.52 -49.86
N ALA I 153 10.95 -43.36 -48.54
CA ALA I 153 10.54 -44.45 -47.65
C ALA I 153 9.09 -44.83 -47.90
N ALA I 154 8.24 -43.85 -48.16
CA ALA I 154 6.84 -44.14 -48.47
C ALA I 154 6.72 -45.00 -49.72
N LYS I 155 7.57 -44.75 -50.72
CA LYS I 155 7.53 -45.55 -51.94
C LYS I 155 7.79 -47.02 -51.65
N LEU I 156 8.68 -47.31 -50.70
CA LEU I 156 8.88 -48.69 -50.26
C LEU I 156 7.61 -49.25 -49.63
N ALA I 157 6.96 -48.46 -48.77
CA ALA I 157 5.77 -48.93 -48.09
C ALA I 157 4.64 -49.23 -49.08
N ILE I 158 4.42 -48.32 -50.04
CA ILE I 158 3.35 -48.52 -51.02
C ILE I 158 3.63 -49.76 -51.85
N SER I 159 4.90 -49.95 -52.24
CA SER I 159 5.25 -51.13 -53.01
C SER I 159 4.84 -52.41 -52.30
N LYS I 160 5.03 -52.48 -50.98
CA LYS I 160 4.66 -53.67 -50.24
C LYS I 160 3.15 -53.88 -50.18
N LEU I 161 2.37 -52.79 -50.12
CA LEU I 161 0.92 -52.91 -50.15
C LEU I 161 0.42 -53.57 -51.42
N GLU I 162 1.07 -53.28 -52.55
CA GLU I 162 0.67 -53.92 -53.82
C GLU I 162 1.16 -55.35 -53.89
N GLU I 163 2.43 -55.59 -53.58
CA GLU I 163 2.99 -56.93 -53.71
C GLU I 163 2.28 -57.95 -52.83
N THR I 164 1.79 -57.52 -51.65
CA THR I 164 1.18 -58.43 -50.70
C THR I 164 -0.35 -58.43 -50.75
N CYS I 165 -0.95 -57.75 -51.73
CA CYS I 165 -2.40 -57.67 -51.77
C CYS I 165 -2.99 -58.95 -52.34
N ASP I 166 -4.31 -59.09 -52.20
CA ASP I 166 -5.06 -60.20 -52.77
C ASP I 166 -6.30 -59.67 -53.49
N ASP I 167 -6.95 -60.56 -54.21
CA ASP I 167 -8.14 -60.23 -55.00
C ASP I 167 -9.34 -61.00 -54.49
N ILE I 168 -10.44 -60.29 -54.29
CA ILE I 168 -11.70 -60.89 -53.85
C ILE I 168 -12.56 -61.33 -55.03
N SER I 169 -12.72 -60.45 -56.03
CA SER I 169 -13.63 -60.72 -57.13
C SER I 169 -13.07 -61.76 -58.10
N ALA I 170 -11.89 -62.30 -57.80
CA ALA I 170 -11.24 -63.25 -58.70
C ALA I 170 -11.87 -64.63 -58.56
N SER I 171 -12.86 -64.78 -57.70
CA SER I 171 -13.57 -66.04 -57.54
C SER I 171 -14.85 -66.09 -58.36
N ASN I 172 -16.00 -65.72 -57.80
CA ASN I 172 -17.26 -65.69 -58.53
C ASN I 172 -18.23 -64.78 -57.80
N ASP I 173 -19.42 -64.61 -58.40
CA ASP I 173 -20.42 -63.68 -57.90
C ASP I 173 -20.93 -64.03 -56.51
N GLU I 174 -21.14 -65.33 -56.24
CA GLU I 174 -21.70 -65.74 -54.95
C GLU I 174 -20.72 -65.47 -53.82
N LEU I 175 -19.44 -65.80 -54.02
CA LEU I 175 -18.44 -65.52 -53.00
C LEU I 175 -18.12 -64.02 -52.94
N PHE I 176 -18.11 -63.35 -54.10
CA PHE I 176 -17.86 -61.91 -54.12
C PHE I 176 -18.86 -61.17 -53.26
N ARG I 177 -20.16 -61.42 -53.49
CA ARG I 177 -21.19 -60.81 -52.65
C ARG I 177 -21.00 -61.19 -51.18
N ASP I 178 -20.69 -62.46 -50.91
CA ASP I 178 -20.48 -62.89 -49.53
C ASP I 178 -19.33 -62.11 -48.90
N PHE I 179 -18.23 -61.95 -49.65
CA PHE I 179 -17.08 -61.23 -49.12
C PHE I 179 -17.42 -59.77 -48.86
N LEU I 180 -18.22 -59.16 -49.73
CA LEU I 180 -18.67 -57.79 -49.49
C LEU I 180 -19.52 -57.71 -48.23
N LEU I 181 -20.38 -58.70 -48.01
CA LEU I 181 -21.17 -58.74 -46.78
C LEU I 181 -20.27 -58.93 -45.56
N ARG I 182 -19.30 -59.84 -45.64
CA ARG I 182 -18.38 -60.06 -44.53
C ARG I 182 -17.58 -58.82 -44.19
N ALA I 183 -17.07 -58.10 -45.19
CA ALA I 183 -16.38 -56.84 -44.94
C ALA I 183 -17.27 -55.81 -44.27
N ALA I 184 -18.54 -55.73 -44.72
CA ALA I 184 -19.48 -54.83 -44.06
C ALA I 184 -19.76 -55.27 -42.63
N LYS I 185 -19.97 -56.58 -42.42
CA LYS I 185 -20.31 -57.07 -41.09
C LYS I 185 -19.19 -56.77 -40.10
N THR I 186 -17.94 -56.92 -40.53
CA THR I 186 -16.81 -56.59 -39.67
C THR I 186 -16.81 -55.11 -39.32
N SER I 187 -16.96 -54.24 -40.32
CA SER I 187 -17.01 -52.80 -40.09
C SER I 187 -18.16 -52.38 -39.19
N LEU I 188 -19.32 -53.04 -39.31
CA LEU I 188 -20.47 -52.71 -38.47
C LEU I 188 -20.33 -53.21 -37.04
N GLY I 189 -19.37 -54.10 -36.77
CA GLY I 189 -19.27 -54.69 -35.44
C GLY I 189 -18.79 -53.74 -34.37
N SER I 190 -18.28 -52.57 -34.76
CA SER I 190 -17.85 -51.55 -33.83
C SER I 190 -18.92 -50.50 -33.58
N LYS I 191 -20.10 -50.68 -34.16
CA LYS I 191 -21.19 -49.71 -34.10
C LYS I 191 -22.34 -50.27 -33.28
N ILE I 192 -23.22 -49.37 -32.85
CA ILE I 192 -24.49 -49.78 -32.23
C ILE I 192 -25.23 -50.79 -33.12
N VAL I 193 -24.97 -50.74 -34.43
CA VAL I 193 -25.61 -51.63 -35.38
C VAL I 193 -25.40 -53.10 -35.03
N SER I 194 -24.30 -53.40 -34.32
CA SER I 194 -23.88 -54.77 -34.02
C SER I 194 -25.02 -55.66 -33.55
N LYS I 195 -26.07 -55.07 -32.96
CA LYS I 195 -27.18 -55.87 -32.44
C LYS I 195 -27.83 -56.68 -33.56
N ASP I 196 -27.79 -56.17 -34.77
CA ASP I 196 -28.36 -56.81 -35.97
C ASP I 196 -27.57 -56.46 -37.23
N HIS I 197 -26.24 -56.59 -37.16
CA HIS I 197 -25.36 -56.26 -38.28
C HIS I 197 -25.68 -57.05 -39.55
N ASP I 198 -26.34 -58.21 -39.43
CA ASP I 198 -26.73 -58.96 -40.62
C ASP I 198 -27.67 -58.14 -41.50
N ARG I 199 -28.61 -57.42 -40.89
CA ARG I 199 -29.54 -56.61 -41.65
C ARG I 199 -28.84 -55.43 -42.31
N PHE I 200 -27.99 -54.72 -41.56
CA PHE I 200 -27.33 -53.54 -42.11
C PHE I 200 -26.28 -53.92 -43.15
N ALA I 201 -25.60 -55.05 -42.96
CA ALA I 201 -24.64 -55.50 -43.97
C ALA I 201 -25.33 -55.72 -45.31
N GLU I 202 -26.50 -56.33 -45.31
CA GLU I 202 -27.26 -56.50 -46.55
C GLU I 202 -27.70 -55.16 -47.12
N MET I 203 -28.14 -54.24 -46.26
CA MET I 203 -28.53 -52.91 -46.74
C MET I 203 -27.38 -52.24 -47.49
N ALA I 204 -26.17 -52.30 -46.94
CA ALA I 204 -25.05 -51.63 -47.58
C ALA I 204 -24.69 -52.29 -48.90
N VAL I 205 -24.57 -53.62 -48.91
CA VAL I 205 -24.10 -54.31 -50.11
C VAL I 205 -25.16 -54.26 -51.21
N GLU I 206 -26.41 -54.54 -50.85
CA GLU I 206 -27.49 -54.51 -51.83
C GLU I 206 -27.71 -53.10 -52.38
N ALA I 207 -27.56 -52.09 -51.53
CA ALA I 207 -27.69 -50.71 -52.00
C ALA I 207 -26.70 -50.40 -53.10
N VAL I 208 -25.47 -50.90 -52.96
CA VAL I 208 -24.47 -50.70 -54.02
C VAL I 208 -24.84 -51.50 -55.26
N ILE I 209 -25.23 -52.77 -55.08
CA ILE I 209 -25.55 -53.63 -56.23
C ILE I 209 -26.66 -53.01 -57.07
N ASN I 210 -27.67 -52.43 -56.43
CA ASN I 210 -28.84 -51.92 -57.12
C ASN I 210 -28.53 -50.74 -58.04
N VAL I 211 -27.37 -50.10 -57.89
CA VAL I 211 -27.07 -48.87 -58.60
C VAL I 211 -25.78 -49.01 -59.40
N MET I 212 -25.35 -50.25 -59.64
CA MET I 212 -24.13 -50.51 -60.39
C MET I 212 -24.33 -51.71 -61.30
N ASP I 213 -23.52 -51.77 -62.35
CA ASP I 213 -23.51 -52.88 -63.28
C ASP I 213 -22.27 -53.73 -63.07
N LYS I 214 -22.44 -55.05 -63.16
CA LYS I 214 -21.33 -55.96 -62.89
C LYS I 214 -20.16 -55.73 -63.84
N ASP I 215 -20.44 -55.38 -65.10
CA ASP I 215 -19.39 -55.24 -66.10
C ASP I 215 -18.70 -53.88 -65.99
N ARG I 216 -19.41 -52.85 -65.54
CA ARG I 216 -18.82 -51.52 -65.47
C ARG I 216 -18.02 -51.33 -64.19
N LYS I 217 -18.54 -51.81 -63.06
CA LYS I 217 -17.85 -51.75 -61.77
C LYS I 217 -17.57 -50.31 -61.34
N ASP I 218 -18.42 -49.39 -61.78
CA ASP I 218 -18.44 -48.01 -61.30
C ASP I 218 -19.54 -47.86 -60.27
N VAL I 219 -19.17 -47.55 -59.04
CA VAL I 219 -20.12 -47.37 -57.94
C VAL I 219 -20.03 -45.91 -57.52
N ASP I 220 -21.18 -45.23 -57.53
CA ASP I 220 -21.25 -43.83 -57.12
C ASP I 220 -22.12 -43.75 -55.86
N PHE I 221 -21.49 -43.47 -54.72
CA PHE I 221 -22.22 -43.40 -53.47
C PHE I 221 -23.34 -42.36 -53.49
N ASP I 222 -23.28 -41.39 -54.41
CA ASP I 222 -24.32 -40.37 -54.48
C ASP I 222 -25.65 -40.94 -54.93
N LEU I 223 -25.67 -42.18 -55.42
CA LEU I 223 -26.90 -42.83 -55.86
C LEU I 223 -27.61 -43.56 -54.72
N ILE I 224 -27.08 -43.51 -53.51
CA ILE I 224 -27.65 -44.22 -52.37
C ILE I 224 -28.04 -43.14 -51.36
N LYS I 225 -29.35 -42.98 -51.15
CA LYS I 225 -29.85 -41.94 -50.24
C LYS I 225 -29.95 -42.52 -48.83
N MET I 226 -29.44 -41.77 -47.84
CA MET I 226 -29.51 -42.18 -46.44
C MET I 226 -30.73 -41.48 -45.82
N GLN I 227 -31.47 -42.23 -45.01
CA GLN I 227 -32.64 -41.72 -44.31
C GLN I 227 -32.87 -42.53 -43.05
N GLY I 228 -33.44 -41.88 -42.04
CA GLY I 228 -33.78 -42.57 -40.80
C GLY I 228 -34.75 -41.74 -39.98
N ARG I 229 -35.32 -42.39 -38.96
CA ARG I 229 -36.27 -41.76 -38.07
C ARG I 229 -36.21 -42.42 -36.71
N VAL I 230 -36.28 -41.60 -35.67
CA VAL I 230 -36.22 -42.07 -34.29
C VAL I 230 -37.47 -42.89 -33.98
N GLY I 231 -37.28 -44.06 -33.37
CA GLY I 231 -38.37 -44.95 -33.07
C GLY I 231 -38.05 -46.42 -33.25
N GLY I 232 -38.72 -47.27 -32.47
CA GLY I 232 -38.43 -48.69 -32.54
C GLY I 232 -36.99 -48.98 -32.18
N SER I 233 -36.32 -49.75 -33.04
CA SER I 233 -34.93 -50.12 -32.84
C SER I 233 -34.26 -50.28 -34.20
N ILE I 234 -32.94 -50.44 -34.19
CA ILE I 234 -32.20 -50.58 -35.44
C ILE I 234 -32.61 -51.83 -36.19
N SER I 235 -33.27 -52.79 -35.52
CA SER I 235 -33.61 -54.04 -36.17
C SER I 235 -34.73 -53.89 -37.20
N ASP I 236 -35.39 -52.73 -37.23
CA ASP I 236 -36.45 -52.46 -38.20
C ASP I 236 -35.95 -51.74 -39.43
N SER I 237 -34.64 -51.53 -39.57
CA SER I 237 -34.08 -50.81 -40.70
C SER I 237 -34.31 -51.65 -41.95
N LYS I 238 -34.47 -50.98 -43.10
CA LYS I 238 -34.79 -51.64 -44.34
C LYS I 238 -34.17 -50.88 -45.52
N LEU I 239 -33.80 -51.64 -46.55
CA LEU I 239 -33.37 -51.07 -47.83
C LEU I 239 -34.57 -51.00 -48.76
N ILE I 240 -34.83 -49.83 -49.32
CA ILE I 240 -35.97 -49.59 -50.19
C ILE I 240 -35.45 -49.30 -51.59
N ASN I 241 -35.90 -50.07 -52.56
CA ASN I 241 -35.51 -49.86 -53.96
C ASN I 241 -36.38 -48.76 -54.57
N GLY I 242 -36.20 -47.55 -54.05
CA GLY I 242 -37.04 -46.44 -54.42
C GLY I 242 -36.89 -45.29 -53.44
N VAL I 243 -37.92 -44.43 -53.35
CA VAL I 243 -37.87 -43.24 -52.51
C VAL I 243 -39.01 -43.31 -51.50
N ILE I 244 -38.80 -42.68 -50.35
CA ILE I 244 -39.80 -42.63 -49.29
C ILE I 244 -40.38 -41.22 -49.23
N LEU I 245 -41.71 -41.12 -49.28
CA LEU I 245 -42.38 -39.83 -49.15
C LEU I 245 -43.15 -39.68 -47.83
N ASP I 246 -43.59 -40.79 -47.24
CA ASP I 246 -44.28 -40.79 -45.94
C ASP I 246 -45.52 -39.90 -45.97
N LYS I 247 -46.44 -40.24 -46.87
CA LYS I 247 -47.65 -39.46 -47.03
C LYS I 247 -48.85 -40.39 -47.11
N ASP I 248 -50.04 -39.84 -46.85
CA ASP I 248 -51.28 -40.59 -46.72
C ASP I 248 -52.20 -40.43 -47.94
N PHE I 249 -51.65 -40.12 -49.10
CA PHE I 249 -52.39 -39.80 -50.33
C PHE I 249 -53.40 -38.68 -50.12
N SER I 250 -53.28 -37.93 -49.03
CA SER I 250 -54.05 -36.70 -48.82
C SER I 250 -55.45 -36.92 -48.23
N HIS I 251 -55.81 -38.17 -47.91
CA HIS I 251 -57.09 -38.42 -47.25
C HIS I 251 -57.11 -39.82 -46.67
N PRO I 252 -57.60 -39.99 -45.44
CA PRO I 252 -57.61 -41.33 -44.82
C PRO I 252 -58.47 -42.34 -45.53
N GLN I 253 -59.44 -41.90 -46.35
CA GLN I 253 -60.27 -42.85 -47.08
C GLN I 253 -59.73 -43.11 -48.48
N MET I 254 -58.58 -42.53 -48.82
CA MET I 254 -57.98 -42.78 -50.11
C MET I 254 -57.31 -44.15 -50.12
N PRO I 255 -57.45 -44.91 -51.21
CA PRO I 255 -56.82 -46.23 -51.29
C PRO I 255 -55.35 -46.19 -50.91
N LYS I 256 -54.91 -47.26 -50.24
CA LYS I 256 -53.56 -47.33 -49.70
C LYS I 256 -52.51 -47.65 -50.76
N CYS I 257 -52.90 -47.79 -52.02
CA CYS I 257 -51.98 -48.04 -53.11
C CYS I 257 -52.56 -47.51 -54.42
N VAL I 258 -51.70 -47.38 -55.42
CA VAL I 258 -52.10 -47.00 -56.77
C VAL I 258 -52.08 -48.26 -57.63
N LEU I 259 -53.19 -48.52 -58.32
CA LEU I 259 -53.39 -49.79 -59.00
C LEU I 259 -52.51 -49.88 -60.24
N PRO I 260 -52.14 -51.10 -60.65
CA PRO I 260 -51.33 -51.27 -61.88
C PRO I 260 -52.08 -50.96 -63.16
N LYS I 261 -53.38 -50.67 -63.09
CA LYS I 261 -54.20 -50.24 -64.23
C LYS I 261 -54.16 -51.29 -65.35
N GLU I 262 -54.59 -52.49 -64.98
CA GLU I 262 -54.79 -53.61 -65.90
C GLU I 262 -53.59 -53.89 -66.80
N GLY I 263 -52.39 -53.96 -66.23
CA GLY I 263 -51.19 -54.29 -66.97
C GLY I 263 -50.52 -53.15 -67.68
N SER I 264 -50.70 -51.91 -67.20
CA SER I 264 -50.05 -50.77 -67.85
C SER I 264 -48.57 -50.74 -67.51
N ASP I 265 -47.89 -49.72 -68.01
CA ASP I 265 -46.44 -49.59 -67.79
C ASP I 265 -46.22 -49.19 -66.35
N GLY I 266 -46.42 -50.15 -65.45
CA GLY I 266 -46.36 -49.89 -64.02
C GLY I 266 -47.38 -48.86 -63.59
N VAL I 267 -46.92 -47.89 -62.80
CA VAL I 267 -47.74 -46.80 -62.31
C VAL I 267 -47.09 -45.49 -62.77
N LYS I 268 -47.92 -44.58 -63.29
CA LYS I 268 -47.45 -43.29 -63.77
C LYS I 268 -47.92 -42.19 -62.83
N LEU I 269 -47.00 -41.30 -62.47
CA LEU I 269 -47.26 -40.24 -61.50
C LEU I 269 -46.92 -38.90 -62.13
N ALA I 270 -47.61 -37.85 -61.68
CA ALA I 270 -47.27 -36.49 -62.06
C ALA I 270 -46.46 -35.80 -60.96
N ILE I 271 -45.48 -35.01 -61.37
CA ILE I 271 -44.65 -34.25 -60.43
C ILE I 271 -44.93 -32.77 -60.66
N LEU I 272 -45.62 -32.13 -59.72
CA LEU I 272 -46.01 -30.74 -59.84
C LEU I 272 -45.41 -29.91 -58.72
N THR I 273 -45.07 -28.67 -59.04
CA THR I 273 -44.72 -27.64 -58.07
C THR I 273 -45.93 -26.82 -57.65
N CYS I 274 -46.93 -26.69 -58.53
CA CYS I 274 -48.19 -26.04 -58.20
C CYS I 274 -49.09 -27.07 -57.52
N PRO I 275 -49.72 -26.72 -56.39
CA PRO I 275 -50.68 -27.64 -55.78
C PRO I 275 -51.90 -27.88 -56.64
N PHE I 276 -52.49 -29.06 -56.48
CA PHE I 276 -53.68 -29.43 -57.23
C PHE I 276 -54.89 -28.67 -56.67
N GLU I 277 -54.89 -27.37 -56.94
CA GLU I 277 -55.91 -26.43 -56.52
C GLU I 277 -55.71 -25.14 -57.30
N PRO I 278 -56.75 -24.33 -57.46
CA PRO I 278 -56.54 -22.98 -57.99
C PRO I 278 -55.68 -22.18 -57.05
N PRO I 279 -54.80 -21.32 -57.57
CA PRO I 279 -53.91 -20.55 -56.68
C PRO I 279 -54.69 -19.78 -55.63
N LYS I 280 -54.13 -19.71 -54.43
CA LYS I 280 -54.72 -19.00 -53.30
C LYS I 280 -53.91 -17.75 -52.96
N PRO I 281 -54.53 -16.77 -52.31
CA PRO I 281 -53.77 -15.59 -51.86
C PRO I 281 -52.79 -15.91 -50.76
N LYS I 282 -51.73 -15.08 -50.63
CA LYS I 282 -50.72 -15.35 -49.63
C LYS I 282 -51.07 -14.77 -48.26
N THR I 283 -52.13 -13.97 -48.14
CA THR I 283 -52.49 -13.36 -46.86
C THR I 283 -53.92 -13.72 -46.46
N LYS I 284 -54.92 -12.93 -46.89
CA LYS I 284 -56.31 -13.21 -46.57
C LYS I 284 -57.11 -13.23 -47.86
N HIS I 285 -58.33 -13.77 -47.77
CA HIS I 285 -59.19 -13.87 -48.94
C HIS I 285 -59.72 -12.50 -49.33
N LYS I 286 -60.32 -11.80 -48.37
CA LYS I 286 -60.96 -10.51 -48.58
C LYS I 286 -61.85 -10.50 -49.83
N LEU I 287 -62.52 -11.62 -50.07
CA LEU I 287 -63.44 -11.69 -51.20
C LEU I 287 -64.87 -11.49 -50.73
N ASP I 288 -65.45 -10.34 -51.10
CA ASP I 288 -66.74 -9.90 -50.60
C ASP I 288 -67.77 -10.96 -50.91
N ILE I 289 -68.56 -11.34 -49.92
CA ILE I 289 -69.66 -12.30 -50.08
C ILE I 289 -70.91 -11.64 -49.54
N SER I 290 -71.88 -11.39 -50.42
CA SER I 290 -73.08 -10.66 -50.01
C SER I 290 -74.10 -11.59 -49.39
N SER I 291 -74.07 -12.88 -49.72
CA SER I 291 -75.03 -13.84 -49.21
C SER I 291 -74.49 -15.25 -49.40
N VAL I 292 -75.24 -16.22 -48.90
CA VAL I 292 -74.87 -17.62 -49.07
C VAL I 292 -74.75 -17.98 -50.54
N GLU I 293 -75.45 -17.24 -51.40
CA GLU I 293 -75.43 -17.53 -52.83
C GLU I 293 -74.03 -17.38 -53.41
N GLU I 294 -73.39 -16.23 -53.15
CA GLU I 294 -72.04 -16.01 -53.65
C GLU I 294 -71.05 -16.97 -53.00
N TYR I 295 -71.24 -17.29 -51.73
CA TYR I 295 -70.40 -18.31 -51.09
C TYR I 295 -70.51 -19.63 -51.83
N GLN I 296 -71.73 -20.08 -52.11
CA GLN I 296 -71.90 -21.34 -52.84
C GLN I 296 -71.31 -21.25 -54.24
N LYS I 297 -71.39 -20.09 -54.89
CA LYS I 297 -70.77 -19.92 -56.20
C LYS I 297 -69.26 -20.05 -56.11
N LEU I 298 -68.64 -19.49 -55.07
CA LEU I 298 -67.21 -19.65 -54.89
C LEU I 298 -66.84 -21.11 -54.69
N GLN I 299 -67.60 -21.83 -53.85
CA GLN I 299 -67.39 -23.27 -53.71
C GLN I 299 -67.55 -23.97 -55.05
N THR I 300 -68.62 -23.66 -55.78
CA THR I 300 -68.85 -24.27 -57.08
C THR I 300 -67.72 -24.01 -58.06
N TYR I 301 -67.21 -22.77 -58.12
CA TYR I 301 -66.12 -22.46 -59.03
C TYR I 301 -64.91 -23.34 -58.76
N GLU I 302 -64.59 -23.54 -57.47
CA GLU I 302 -63.48 -24.42 -57.12
C GLU I 302 -63.78 -25.87 -57.53
N GLN I 303 -64.98 -26.35 -57.23
CA GLN I 303 -65.33 -27.73 -57.51
C GLN I 303 -65.30 -27.99 -59.02
N ASP I 304 -65.79 -27.04 -59.82
CA ASP I 304 -65.71 -27.17 -61.27
C ASP I 304 -64.26 -27.18 -61.74
N LYS I 305 -63.41 -26.35 -61.15
CA LYS I 305 -62.00 -26.33 -61.54
C LYS I 305 -61.29 -27.62 -61.13
N PHE I 306 -61.64 -28.16 -59.97
CA PHE I 306 -61.07 -29.43 -59.53
C PHE I 306 -61.41 -30.56 -60.49
N LYS I 307 -62.65 -30.60 -60.97
CA LYS I 307 -63.02 -31.58 -61.98
C LYS I 307 -62.25 -31.38 -63.28
N GLU I 308 -62.14 -30.13 -63.74
CA GLU I 308 -61.37 -29.86 -64.93
C GLU I 308 -59.93 -30.37 -64.83
N MET I 309 -59.27 -30.11 -63.70
CA MET I 309 -57.92 -30.61 -63.46
C MET I 309 -57.85 -32.13 -63.39
N ILE I 310 -58.83 -32.77 -62.76
CA ILE I 310 -58.87 -34.23 -62.72
C ILE I 310 -58.89 -34.81 -64.14
N ASP I 311 -59.72 -34.24 -65.01
CA ASP I 311 -59.81 -34.74 -66.38
C ASP I 311 -58.47 -34.59 -67.10
N ASP I 312 -57.80 -33.46 -66.90
CA ASP I 312 -56.53 -33.23 -67.60
C ASP I 312 -55.44 -34.15 -67.09
N VAL I 313 -55.37 -34.35 -65.78
CA VAL I 313 -54.35 -35.23 -65.20
C VAL I 313 -54.56 -36.65 -65.71
N LYS I 314 -55.80 -37.13 -65.71
CA LYS I 314 -56.07 -38.49 -66.17
C LYS I 314 -55.79 -38.64 -67.67
N LYS I 315 -56.14 -37.63 -68.46
CA LYS I 315 -55.87 -37.70 -69.90
C LYS I 315 -54.36 -37.72 -70.17
N ALA I 316 -53.58 -37.13 -69.27
CA ALA I 316 -52.12 -37.21 -69.40
C ALA I 316 -51.61 -38.63 -69.19
N GLY I 317 -52.43 -39.51 -68.60
CA GLY I 317 -52.01 -40.86 -68.29
C GLY I 317 -51.46 -41.00 -66.89
N ALA I 318 -51.69 -40.00 -66.05
CA ALA I 318 -51.21 -39.99 -64.68
C ALA I 318 -52.22 -40.66 -63.76
N ASP I 319 -51.69 -41.46 -62.84
CA ASP I 319 -52.50 -42.15 -61.82
C ASP I 319 -52.49 -41.46 -60.48
N VAL I 320 -51.36 -40.87 -60.08
CA VAL I 320 -51.25 -40.14 -58.83
C VAL I 320 -50.50 -38.83 -59.09
N VAL I 321 -50.90 -37.78 -58.38
CA VAL I 321 -50.29 -36.47 -58.50
C VAL I 321 -49.55 -36.17 -57.20
N ILE I 322 -48.29 -35.78 -57.31
CA ILE I 322 -47.47 -35.34 -56.17
C ILE I 322 -47.20 -33.86 -56.37
N CYS I 323 -47.55 -33.06 -55.37
CA CYS I 323 -47.38 -31.61 -55.43
C CYS I 323 -46.44 -31.14 -54.32
N GLN I 324 -45.74 -30.04 -54.61
CA GLN I 324 -44.88 -29.43 -53.59
C GLN I 324 -45.67 -28.96 -52.38
N TRP I 325 -46.88 -28.43 -52.59
CA TRP I 325 -47.69 -27.88 -51.52
C TRP I 325 -48.85 -28.81 -51.18
N GLY I 326 -49.59 -28.45 -50.15
CA GLY I 326 -50.74 -29.23 -49.73
C GLY I 326 -51.96 -28.99 -50.60
N PHE I 327 -53.08 -29.56 -50.16
CA PHE I 327 -54.34 -29.51 -50.87
C PHE I 327 -55.43 -28.92 -49.99
N ASP I 328 -56.42 -28.30 -50.63
CA ASP I 328 -57.58 -27.77 -49.92
C ASP I 328 -58.53 -28.90 -49.57
N ASP I 329 -59.50 -28.59 -48.69
CA ASP I 329 -60.53 -29.57 -48.36
C ASP I 329 -61.33 -29.97 -49.60
N GLU I 330 -61.72 -28.99 -50.42
CA GLU I 330 -62.46 -29.30 -51.64
C GLU I 330 -61.61 -30.14 -52.59
N ALA I 331 -60.30 -29.88 -52.62
CA ALA I 331 -59.41 -30.69 -53.45
C ALA I 331 -59.47 -32.16 -53.05
N ASN I 332 -59.37 -32.44 -51.74
CA ASN I 332 -59.38 -33.82 -51.28
C ASN I 332 -60.73 -34.48 -51.52
N HIS I 333 -61.81 -33.68 -51.49
CA HIS I 333 -63.14 -34.24 -51.74
C HIS I 333 -63.29 -34.67 -53.19
N LEU I 334 -62.84 -33.85 -54.13
CA LEU I 334 -62.98 -34.19 -55.55
C LEU I 334 -61.97 -35.26 -55.95
N LEU I 335 -60.76 -35.20 -55.38
CA LEU I 335 -59.76 -36.23 -55.68
C LEU I 335 -60.21 -37.59 -55.17
N LEU I 336 -60.83 -37.65 -53.99
CA LEU I 336 -61.30 -38.91 -53.45
C LEU I 336 -62.46 -39.46 -54.27
N GLN I 337 -63.46 -38.61 -54.54
CA GLN I 337 -64.67 -39.08 -55.22
C GLN I 337 -64.34 -39.65 -56.60
N ASN I 338 -63.35 -39.07 -57.27
CA ASN I 338 -62.98 -39.48 -58.62
C ASN I 338 -61.80 -40.44 -58.65
N ASP I 339 -61.41 -40.97 -57.49
CA ASP I 339 -60.35 -41.97 -57.37
C ASP I 339 -59.08 -41.51 -58.09
N LEU I 340 -58.60 -40.34 -57.69
CA LEU I 340 -57.33 -39.79 -58.14
C LEU I 340 -56.48 -39.45 -56.93
N PRO I 341 -55.73 -40.42 -56.39
CA PRO I 341 -54.91 -40.15 -55.22
C PRO I 341 -53.90 -39.04 -55.52
N ALA I 342 -53.52 -38.32 -54.47
CA ALA I 342 -52.50 -37.28 -54.58
C ALA I 342 -51.66 -37.21 -53.32
N VAL I 343 -50.40 -36.81 -53.48
CA VAL I 343 -49.41 -36.82 -52.40
C VAL I 343 -49.16 -35.35 -52.05
N ARG I 344 -49.19 -35.03 -50.76
CA ARG I 344 -49.12 -33.64 -50.33
C ARG I 344 -47.77 -33.34 -49.70
N TRP I 345 -47.36 -32.07 -49.81
CA TRP I 345 -46.23 -31.52 -49.05
C TRP I 345 -44.97 -32.36 -49.27
N VAL I 346 -44.58 -32.50 -50.52
CA VAL I 346 -43.31 -33.11 -50.88
C VAL I 346 -42.35 -32.01 -51.33
N GLY I 347 -41.23 -31.89 -50.63
CA GLY I 347 -40.34 -30.75 -50.80
C GLY I 347 -39.58 -30.74 -52.11
N GLY I 348 -38.90 -29.63 -52.39
CA GLY I 348 -38.21 -29.46 -53.66
C GLY I 348 -37.28 -30.60 -54.00
N GLN I 349 -36.32 -30.88 -53.10
CA GLN I 349 -35.37 -31.96 -53.36
C GLN I 349 -36.09 -33.31 -53.43
N GLU I 350 -37.13 -33.49 -52.62
CA GLU I 350 -37.85 -34.76 -52.61
C GLU I 350 -38.57 -34.98 -53.94
N LEU I 351 -39.10 -33.91 -54.52
CA LEU I 351 -39.72 -34.02 -55.84
C LEU I 351 -38.72 -34.43 -56.90
N GLU I 352 -37.51 -33.85 -56.85
CA GLU I 352 -36.46 -34.27 -57.76
C GLU I 352 -36.08 -35.73 -57.54
N HIS I 353 -36.05 -36.16 -56.27
CA HIS I 353 -35.77 -37.56 -55.97
C HIS I 353 -36.80 -38.50 -56.58
N ILE I 354 -38.06 -38.09 -56.60
CA ILE I 354 -39.09 -38.86 -57.30
C ILE I 354 -38.75 -38.95 -58.78
N ALA I 355 -38.44 -37.81 -59.40
CA ALA I 355 -38.10 -37.78 -60.82
C ALA I 355 -36.88 -38.66 -61.11
N ILE I 356 -35.86 -38.59 -60.26
CA ILE I 356 -34.65 -39.38 -60.48
C ILE I 356 -34.98 -40.86 -60.42
N SER I 357 -35.74 -41.28 -59.41
CA SER I 357 -36.18 -42.67 -59.33
C SER I 357 -36.99 -43.08 -60.56
N THR I 358 -37.94 -42.22 -60.97
CA THR I 358 -38.93 -42.59 -61.96
C THR I 358 -38.61 -42.06 -63.36
N ASN I 359 -37.45 -41.42 -63.54
CA ASN I 359 -37.01 -40.92 -64.83
C ASN I 359 -38.03 -39.92 -65.42
N GLY I 360 -38.60 -39.13 -64.51
CA GLY I 360 -39.56 -38.12 -64.91
C GLY I 360 -38.99 -36.71 -64.88
N ARG I 361 -39.88 -35.72 -64.94
CA ARG I 361 -39.48 -34.31 -64.87
C ARG I 361 -40.43 -33.57 -63.94
N ILE I 362 -39.92 -32.50 -63.34
CA ILE I 362 -40.72 -31.67 -62.43
C ILE I 362 -41.46 -30.66 -63.31
N VAL I 363 -42.79 -30.74 -63.30
CA VAL I 363 -43.60 -29.94 -64.22
C VAL I 363 -44.23 -28.80 -63.44
N PRO I 364 -44.15 -27.56 -63.94
CA PRO I 364 -44.66 -26.43 -63.15
C PRO I 364 -46.19 -26.34 -63.11
N ARG I 365 -46.89 -26.91 -64.09
CA ARG I 365 -48.33 -26.79 -64.16
C ARG I 365 -48.97 -28.13 -64.55
N PHE I 366 -50.15 -28.36 -63.97
CA PHE I 366 -50.96 -29.52 -64.33
C PHE I 366 -51.28 -29.57 -65.82
N GLN I 367 -51.40 -28.40 -66.47
CA GLN I 367 -51.79 -28.38 -67.88
C GLN I 367 -50.64 -28.76 -68.81
N ASP I 368 -49.42 -28.91 -68.27
CA ASP I 368 -48.25 -29.25 -69.08
C ASP I 368 -47.91 -30.73 -69.00
N LEU I 369 -48.75 -31.53 -68.35
CA LEU I 369 -48.48 -32.95 -68.17
C LEU I 369 -48.67 -33.72 -69.47
N SER I 370 -47.80 -34.70 -69.68
CA SER I 370 -47.92 -35.62 -70.81
C SER I 370 -47.19 -36.90 -70.45
N LYS I 371 -47.52 -37.98 -71.18
CA LYS I 371 -46.94 -39.28 -70.88
C LYS I 371 -45.42 -39.26 -70.86
N ASP I 372 -44.79 -38.33 -71.58
CA ASP I 372 -43.34 -38.32 -71.72
C ASP I 372 -42.63 -37.73 -70.52
N LYS I 373 -43.33 -36.96 -69.68
CA LYS I 373 -42.75 -36.40 -68.48
C LYS I 373 -43.28 -37.03 -67.20
N LEU I 374 -44.40 -37.76 -67.27
CA LEU I 374 -44.88 -38.51 -66.11
C LEU I 374 -43.88 -39.61 -65.73
N GLY I 375 -43.65 -39.75 -64.43
CA GLY I 375 -42.70 -40.70 -63.91
C GLY I 375 -43.27 -42.11 -63.96
N THR I 376 -42.39 -43.09 -64.17
CA THR I 376 -42.79 -44.49 -64.22
C THR I 376 -42.13 -45.21 -63.05
N CYS I 377 -42.93 -46.07 -62.39
CA CYS I 377 -42.44 -46.91 -61.33
C CYS I 377 -43.19 -48.25 -61.32
N SER I 378 -42.66 -49.22 -60.58
CA SER I 378 -43.32 -50.51 -60.42
C SER I 378 -44.63 -50.43 -59.66
N ARG I 379 -44.65 -49.74 -58.51
CA ARG I 379 -45.85 -49.60 -57.69
C ARG I 379 -45.70 -48.44 -56.72
N ILE I 380 -46.82 -47.88 -56.29
CA ILE I 380 -46.86 -46.85 -55.26
C ILE I 380 -47.82 -47.31 -54.16
N TYR I 381 -47.30 -47.46 -52.94
CA TYR I 381 -48.06 -48.10 -51.88
C TYR I 381 -47.55 -47.63 -50.53
N GLU I 382 -48.37 -47.85 -49.50
CA GLU I 382 -47.97 -47.63 -48.11
C GLU I 382 -47.26 -48.88 -47.62
N GLN I 383 -46.10 -48.71 -47.02
CA GLN I 383 -45.34 -49.84 -46.49
C GLN I 383 -45.37 -49.83 -44.98
N GLU I 384 -45.83 -50.92 -44.38
CA GLU I 384 -45.81 -51.09 -42.94
C GLU I 384 -44.45 -51.60 -42.49
N PHE I 385 -43.98 -51.06 -41.37
CA PHE I 385 -42.71 -51.47 -40.76
C PHE I 385 -43.01 -51.99 -39.36
N GLY I 386 -43.27 -53.30 -39.27
CA GLY I 386 -43.79 -53.91 -38.06
C GLY I 386 -45.09 -53.29 -37.56
N THR I 387 -45.07 -52.82 -36.31
CA THR I 387 -46.22 -52.15 -35.71
C THR I 387 -46.17 -50.64 -35.92
N THR I 388 -45.17 -50.13 -36.62
CA THR I 388 -45.02 -48.69 -36.83
C THR I 388 -46.24 -48.15 -37.59
N LYS I 389 -46.85 -47.10 -37.04
CA LYS I 389 -48.09 -46.56 -37.59
C LYS I 389 -47.85 -45.55 -38.71
N ASP I 390 -46.60 -45.16 -38.95
CA ASP I 390 -46.31 -44.19 -40.02
C ASP I 390 -46.78 -44.72 -41.37
N ARG I 391 -46.61 -46.01 -41.61
CA ARG I 391 -47.00 -46.66 -42.86
C ARG I 391 -46.57 -45.84 -44.08
N MET I 392 -45.26 -45.64 -44.16
CA MET I 392 -44.68 -44.61 -45.02
C MET I 392 -45.02 -44.92 -46.48
N LEU I 393 -45.24 -43.87 -47.27
CA LEU I 393 -45.47 -43.99 -48.70
C LEU I 393 -44.15 -44.24 -49.41
N ILE I 394 -44.12 -45.28 -50.23
CA ILE I 394 -42.93 -45.65 -50.99
C ILE I 394 -43.29 -45.71 -52.46
N ILE I 395 -42.40 -45.20 -53.31
CA ILE I 395 -42.48 -45.35 -54.76
C ILE I 395 -41.36 -46.30 -55.14
N GLU I 396 -41.70 -47.48 -55.65
CA GLU I 396 -40.72 -48.54 -55.86
C GLU I 396 -40.51 -48.82 -57.34
N GLN I 397 -39.26 -49.07 -57.69
CA GLN I 397 -38.85 -49.42 -59.06
C GLN I 397 -38.87 -50.91 -59.34
N SER I 398 -38.52 -51.77 -58.38
CA SER I 398 -38.40 -53.22 -58.52
C SER I 398 -37.44 -53.62 -59.65
N LYS I 399 -36.42 -52.82 -59.87
CA LYS I 399 -35.45 -53.04 -60.95
C LYS I 399 -34.24 -52.15 -60.67
N GLU I 400 -33.25 -52.25 -61.55
CA GLU I 400 -32.13 -51.31 -61.54
C GLU I 400 -32.62 -49.86 -61.44
N THR I 401 -32.05 -49.09 -60.54
CA THR I 401 -32.57 -47.77 -60.22
C THR I 401 -31.45 -46.73 -60.24
N LYS I 402 -31.86 -45.47 -60.37
CA LYS I 402 -30.96 -44.33 -60.24
C LYS I 402 -30.84 -43.87 -58.78
N THR I 403 -31.63 -44.46 -57.88
CA THR I 403 -31.53 -44.13 -56.47
C THR I 403 -32.16 -45.24 -55.64
N VAL I 404 -31.54 -45.53 -54.50
CA VAL I 404 -32.15 -46.34 -53.45
C VAL I 404 -32.16 -45.53 -52.17
N THR I 405 -32.98 -45.99 -51.21
CA THR I 405 -33.08 -45.35 -49.89
C THR I 405 -32.73 -46.38 -48.83
N CYS I 406 -31.83 -46.02 -47.93
CA CYS I 406 -31.46 -46.89 -46.82
C CYS I 406 -32.08 -46.33 -45.54
N PHE I 407 -33.20 -46.92 -45.12
CA PHE I 407 -34.01 -46.37 -44.03
C PHE I 407 -33.51 -46.96 -42.72
N VAL I 408 -33.13 -46.08 -41.80
CA VAL I 408 -32.54 -46.50 -40.54
C VAL I 408 -33.49 -46.16 -39.39
N ARG I 409 -33.70 -47.13 -38.50
CA ARG I 409 -34.46 -46.91 -37.27
C ARG I 409 -33.52 -46.97 -36.08
N GLY I 410 -34.06 -46.67 -34.90
CA GLY I 410 -33.27 -46.66 -33.69
C GLY I 410 -34.04 -46.09 -32.53
N SER I 411 -33.59 -46.44 -31.33
CA SER I 411 -34.32 -46.09 -30.12
C SER I 411 -34.02 -44.68 -29.64
N ASN I 412 -33.12 -43.96 -30.30
CA ASN I 412 -32.80 -42.59 -29.93
C ASN I 412 -32.17 -41.89 -31.12
N LYS I 413 -32.02 -40.57 -31.00
CA LYS I 413 -31.47 -39.75 -32.07
C LYS I 413 -30.04 -40.16 -32.43
N MET I 414 -29.19 -40.32 -31.41
CA MET I 414 -27.79 -40.67 -31.64
C MET I 414 -27.65 -42.11 -32.12
N ILE I 415 -28.62 -42.96 -31.80
CA ILE I 415 -28.61 -44.33 -32.31
C ILE I 415 -28.89 -44.34 -33.80
N VAL I 416 -29.89 -43.56 -34.24
CA VAL I 416 -30.17 -43.43 -35.67
C VAL I 416 -28.99 -42.78 -36.38
N ASP I 417 -28.42 -41.74 -35.77
CA ASP I 417 -27.27 -41.07 -36.36
C ASP I 417 -26.09 -42.02 -36.50
N GLU I 418 -25.72 -42.71 -35.42
CA GLU I 418 -24.60 -43.64 -35.49
C GLU I 418 -24.90 -44.77 -36.47
N ALA I 419 -26.12 -45.32 -36.42
CA ALA I 419 -26.46 -46.42 -37.33
C ALA I 419 -26.44 -45.96 -38.78
N GLU I 420 -26.92 -44.74 -39.04
CA GLU I 420 -26.84 -44.19 -40.39
C GLU I 420 -25.39 -43.99 -40.82
N ARG I 421 -24.56 -43.43 -39.94
CA ARG I 421 -23.14 -43.34 -40.24
C ARG I 421 -22.51 -44.72 -40.43
N ALA I 422 -22.98 -45.72 -39.68
CA ALA I 422 -22.44 -47.07 -39.84
C ALA I 422 -22.64 -47.57 -41.26
N LEU I 423 -23.81 -47.31 -41.84
CA LEU I 423 -24.05 -47.69 -43.23
C LEU I 423 -23.14 -46.92 -44.17
N HIS I 424 -22.92 -45.62 -43.90
CA HIS I 424 -22.01 -44.83 -44.72
C HIS I 424 -20.62 -45.45 -44.75
N ASP I 425 -20.09 -45.82 -43.57
CA ASP I 425 -18.79 -46.47 -43.54
C ASP I 425 -18.79 -47.77 -44.33
N SER I 426 -19.86 -48.56 -44.17
CA SER I 426 -19.94 -49.82 -44.90
C SER I 426 -20.03 -49.57 -46.40
N LEU I 427 -20.81 -48.57 -46.81
CA LEU I 427 -20.93 -48.24 -48.22
C LEU I 427 -19.60 -47.78 -48.80
N CYS I 428 -18.81 -47.05 -48.01
CA CYS I 428 -17.47 -46.66 -48.44
C CYS I 428 -16.59 -47.88 -48.67
N VAL I 429 -16.67 -48.86 -47.78
CA VAL I 429 -15.87 -50.08 -47.94
C VAL I 429 -16.33 -50.86 -49.16
N VAL I 430 -17.64 -51.12 -49.26
CA VAL I 430 -18.17 -51.91 -50.37
C VAL I 430 -17.89 -51.21 -51.70
N ARG I 431 -18.14 -49.90 -51.77
CA ARG I 431 -17.84 -49.14 -52.98
C ARG I 431 -16.38 -49.32 -53.38
N ASN I 432 -15.47 -49.17 -52.42
CA ASN I 432 -14.04 -49.30 -52.74
C ASN I 432 -13.70 -50.73 -53.17
N LEU I 433 -14.32 -51.73 -52.53
CA LEU I 433 -14.03 -53.11 -52.89
C LEU I 433 -14.52 -53.48 -54.28
N VAL I 434 -15.65 -52.90 -54.71
CA VAL I 434 -16.16 -53.18 -56.05
C VAL I 434 -15.31 -52.51 -57.12
N LYS I 435 -14.90 -51.25 -56.90
CA LYS I 435 -14.11 -50.53 -57.90
C LYS I 435 -12.73 -51.13 -58.08
N ASP I 436 -12.08 -51.53 -56.99
CA ASP I 436 -10.73 -52.09 -57.07
C ASP I 436 -10.72 -53.39 -56.27
N SER I 437 -10.57 -54.52 -56.98
CA SER I 437 -10.70 -55.82 -56.33
C SER I 437 -9.54 -56.13 -55.39
N ARG I 438 -8.47 -55.34 -55.43
CA ARG I 438 -7.29 -55.64 -54.64
C ARG I 438 -7.51 -55.20 -53.19
N VAL I 439 -7.22 -56.09 -52.25
CA VAL I 439 -7.44 -55.83 -50.83
C VAL I 439 -6.17 -56.14 -50.06
N VAL I 440 -6.03 -55.48 -48.91
CA VAL I 440 -4.96 -55.75 -47.96
C VAL I 440 -5.59 -55.91 -46.59
N TYR I 441 -4.79 -56.35 -45.62
CA TYR I 441 -5.25 -56.51 -44.25
C TYR I 441 -4.57 -55.41 -43.43
N GLY I 442 -5.33 -54.36 -43.13
CA GLY I 442 -4.76 -53.22 -42.46
C GLY I 442 -4.97 -53.08 -40.96
N GLY I 443 -5.52 -54.10 -40.30
CA GLY I 443 -5.79 -53.93 -38.89
C GLY I 443 -4.54 -54.06 -38.05
N GLY I 444 -3.54 -53.24 -38.34
CA GLY I 444 -2.22 -53.34 -37.73
C GLY I 444 -1.31 -54.37 -38.36
N ALA I 445 -1.82 -55.10 -39.36
CA ALA I 445 -1.02 -56.14 -40.01
C ALA I 445 -0.16 -55.57 -41.12
N ALA I 446 -0.78 -54.91 -42.10
CA ALA I 446 -0.01 -54.28 -43.18
C ALA I 446 0.99 -53.28 -42.63
N GLU I 447 0.63 -52.59 -41.55
CA GLU I 447 1.52 -51.59 -40.97
C GLU I 447 2.82 -52.22 -40.46
N VAL I 448 2.74 -53.42 -39.89
CA VAL I 448 3.95 -54.07 -39.41
C VAL I 448 4.77 -54.61 -40.56
N THR I 449 4.10 -55.17 -41.59
CA THR I 449 4.81 -55.59 -42.79
C THR I 449 5.57 -54.43 -43.42
N MET I 450 4.91 -53.27 -43.55
CA MET I 450 5.56 -52.11 -44.16
C MET I 450 6.67 -51.57 -43.26
N SER I 451 6.45 -51.56 -41.95
CA SER I 451 7.49 -51.13 -41.02
C SER I 451 8.73 -52.00 -41.14
N LEU I 452 8.55 -53.32 -41.15
CA LEU I 452 9.70 -54.22 -41.28
C LEU I 452 10.39 -54.03 -42.62
N ALA I 453 9.63 -53.88 -43.70
CA ALA I 453 10.23 -53.71 -45.01
C ALA I 453 11.09 -52.46 -45.08
N VAL I 454 10.56 -51.33 -44.60
CA VAL I 454 11.34 -50.09 -44.59
C VAL I 454 12.55 -50.21 -43.67
N SER I 455 12.35 -50.83 -42.49
CA SER I 455 13.47 -50.98 -41.55
C SER I 455 14.60 -51.80 -42.15
N GLU I 456 14.28 -52.92 -42.81
CA GLU I 456 15.32 -53.74 -43.40
C GLU I 456 16.03 -53.01 -44.54
N GLU I 457 15.27 -52.26 -45.34
CA GLU I 457 15.87 -51.47 -46.42
C GLU I 457 16.63 -50.25 -45.89
N ALA I 458 16.23 -49.72 -44.74
CA ALA I 458 16.93 -48.56 -44.19
C ALA I 458 18.42 -48.83 -44.01
N ASP I 459 18.77 -50.07 -43.63
CA ASP I 459 20.17 -50.42 -43.45
C ASP I 459 20.96 -50.28 -44.75
N LYS I 460 20.28 -50.34 -45.90
CA LYS I 460 20.98 -50.32 -47.18
C LYS I 460 21.25 -48.91 -47.67
N GLN I 461 20.73 -47.90 -46.99
CA GLN I 461 20.84 -46.53 -47.49
C GLN I 461 22.31 -46.09 -47.53
N ARG I 462 23.12 -46.57 -46.60
CA ARG I 462 24.55 -46.24 -46.52
C ARG I 462 24.80 -44.73 -46.58
N GLY I 463 24.04 -43.95 -45.83
CA GLY I 463 24.19 -42.51 -45.86
C GLY I 463 23.25 -41.84 -44.88
N ILE I 464 23.17 -40.51 -44.99
CA ILE I 464 22.41 -39.68 -44.06
C ILE I 464 20.95 -40.12 -44.08
N ASP I 465 20.47 -40.53 -45.26
CA ASP I 465 19.06 -40.88 -45.41
C ASP I 465 18.61 -41.93 -44.41
N GLN I 466 19.55 -42.74 -43.89
CA GLN I 466 19.17 -43.80 -42.96
C GLN I 466 18.39 -43.23 -41.77
N TYR I 467 18.64 -41.97 -41.43
CA TYR I 467 17.94 -41.36 -40.30
C TYR I 467 16.45 -41.24 -40.59
N ALA I 468 16.09 -40.88 -41.83
CA ALA I 468 14.68 -40.65 -42.15
C ALA I 468 13.96 -41.95 -42.44
N PHE I 469 14.64 -42.91 -43.08
CA PHE I 469 14.02 -44.19 -43.39
C PHE I 469 13.68 -44.96 -42.12
N ARG I 470 14.60 -44.97 -41.16
CA ARG I 470 14.31 -45.63 -39.87
C ARG I 470 13.21 -44.89 -39.12
N GLY I 471 13.24 -43.56 -39.16
CA GLY I 471 12.16 -42.79 -38.56
C GLY I 471 10.81 -43.08 -39.20
N PHE I 472 10.80 -43.19 -40.52
CA PHE I 472 9.55 -43.50 -41.22
C PHE I 472 8.96 -44.81 -40.73
N ALA I 473 9.78 -45.85 -40.62
CA ALA I 473 9.30 -47.13 -40.09
C ALA I 473 8.76 -46.97 -38.68
N GLN I 474 9.47 -46.21 -37.83
CA GLN I 474 8.98 -45.97 -36.49
C GLN I 474 7.65 -45.22 -36.50
N ALA I 475 7.47 -44.29 -37.44
CA ALA I 475 6.20 -43.60 -37.57
C ALA I 475 5.09 -44.57 -37.93
N LEU I 476 5.37 -45.52 -38.84
CA LEU I 476 4.36 -46.52 -39.19
C LEU I 476 3.94 -47.32 -37.97
N ASP I 477 4.89 -47.64 -37.09
CA ASP I 477 4.58 -48.41 -35.88
C ASP I 477 3.54 -47.72 -35.01
N THR I 478 3.38 -46.40 -35.14
CA THR I 478 2.43 -45.68 -34.29
C THR I 478 1.02 -46.24 -34.42
N ILE I 479 0.65 -46.70 -35.62
CA ILE I 479 -0.72 -47.17 -35.89
C ILE I 479 -1.01 -48.46 -35.14
N PRO I 480 -0.27 -49.56 -35.35
CA PRO I 480 -0.57 -50.78 -34.57
C PRO I 480 -0.38 -50.59 -33.08
N MET I 481 0.47 -49.65 -32.65
CA MET I 481 0.60 -49.37 -31.23
C MET I 481 -0.61 -48.60 -30.72
N THR I 482 -1.09 -47.61 -31.49
CA THR I 482 -2.31 -46.91 -31.11
C THR I 482 -3.50 -47.85 -31.06
N LEU I 483 -3.61 -48.75 -32.06
CA LEU I 483 -4.69 -49.73 -32.05
C LEU I 483 -4.62 -50.62 -30.82
N ALA I 484 -3.40 -51.02 -30.43
CA ALA I 484 -3.25 -51.83 -29.22
C ALA I 484 -3.63 -51.03 -27.98
N GLU I 485 -3.03 -49.86 -27.79
CA GLU I 485 -3.29 -49.08 -26.58
C GLU I 485 -4.78 -48.76 -26.43
N ASN I 486 -5.43 -48.36 -27.52
CA ASN I 486 -6.85 -48.02 -27.43
C ASN I 486 -7.70 -49.23 -27.05
N SER I 487 -7.18 -50.43 -27.24
CA SER I 487 -7.92 -51.66 -26.95
C SER I 487 -7.67 -52.20 -25.56
N GLY I 488 -6.82 -51.55 -24.76
CA GLY I 488 -6.46 -52.09 -23.47
C GLY I 488 -5.26 -53.01 -23.48
N LEU I 489 -4.49 -53.03 -24.57
CA LEU I 489 -3.33 -53.88 -24.70
C LEU I 489 -2.05 -53.08 -24.48
N ASP I 490 -1.00 -53.76 -24.06
CA ASP I 490 0.32 -53.16 -24.00
C ASP I 490 0.83 -52.92 -25.42
N PRO I 491 1.02 -51.66 -25.84
CA PRO I 491 1.36 -51.40 -27.24
C PRO I 491 2.75 -51.88 -27.60
N ILE I 492 3.63 -52.02 -26.59
CA ILE I 492 5.00 -52.43 -26.84
C ILE I 492 5.10 -53.95 -26.88
N GLY I 493 4.46 -54.62 -25.91
CA GLY I 493 4.36 -56.08 -25.97
C GLY I 493 3.62 -56.56 -27.21
N THR I 494 2.58 -55.82 -27.61
CA THR I 494 1.82 -56.21 -28.80
C THR I 494 2.66 -56.09 -30.06
N LEU I 495 3.30 -54.93 -30.27
CA LEU I 495 4.07 -54.70 -31.48
C LEU I 495 5.21 -55.71 -31.61
N SER I 496 5.89 -55.99 -30.49
CA SER I 496 6.94 -57.00 -30.50
C SER I 496 6.42 -58.35 -30.97
N THR I 497 5.25 -58.77 -30.47
CA THR I 497 4.66 -60.03 -30.93
C THR I 497 4.38 -59.98 -32.42
N LEU I 498 3.82 -58.87 -32.91
CA LEU I 498 3.44 -58.78 -34.31
C LEU I 498 4.67 -58.85 -35.21
N LYS I 499 5.72 -58.11 -34.86
CA LYS I 499 6.95 -58.15 -35.65
C LYS I 499 7.60 -59.52 -35.59
N SER I 500 7.62 -60.14 -34.41
CA SER I 500 8.25 -61.45 -34.26
C SER I 500 7.57 -62.49 -35.13
N LYS I 501 6.23 -62.49 -35.15
CA LYS I 501 5.50 -63.46 -35.96
C LYS I 501 5.78 -63.27 -37.44
N GLN I 502 5.78 -62.01 -37.91
CA GLN I 502 5.98 -61.71 -39.32
C GLN I 502 7.45 -61.80 -39.74
N LEU I 503 8.38 -61.72 -38.78
CA LEU I 503 9.80 -61.68 -39.09
C LEU I 503 10.43 -63.06 -38.91
N LYS I 504 10.18 -63.69 -37.76
CA LYS I 504 10.84 -64.94 -37.41
C LYS I 504 10.35 -66.11 -38.25
N GLU I 505 9.08 -66.14 -38.62
CA GLU I 505 8.48 -67.28 -39.31
C GLU I 505 8.14 -66.96 -40.76
N LYS I 506 7.22 -66.03 -41.00
CA LYS I 506 6.82 -65.63 -42.34
C LYS I 506 5.89 -64.43 -42.25
N ILE I 507 5.90 -63.56 -43.26
CA ILE I 507 5.00 -62.40 -43.28
C ILE I 507 3.60 -62.88 -43.65
N SER I 508 2.62 -62.54 -42.83
CA SER I 508 1.24 -62.91 -43.05
C SER I 508 0.31 -61.85 -42.42
N ASN I 509 -0.98 -62.14 -42.39
CA ASN I 509 -1.99 -61.16 -41.99
C ASN I 509 -2.13 -61.18 -40.47
N ILE I 510 -1.07 -60.76 -39.79
CA ILE I 510 -0.96 -60.85 -38.33
C ILE I 510 -1.14 -59.43 -37.80
N GLY I 511 -2.24 -59.19 -37.09
CA GLY I 511 -2.60 -57.86 -36.64
C GLY I 511 -2.95 -57.76 -35.17
N VAL I 512 -3.53 -56.63 -34.82
CA VAL I 512 -3.81 -56.29 -33.42
C VAL I 512 -5.13 -56.93 -33.01
N ASP I 513 -5.13 -57.55 -31.83
CA ASP I 513 -6.31 -58.19 -31.26
C ASP I 513 -7.29 -57.15 -30.68
N CYS I 514 -7.82 -56.30 -31.57
CA CYS I 514 -8.75 -55.25 -31.17
C CYS I 514 -10.15 -55.78 -30.88
N LEU I 515 -10.69 -56.63 -31.75
CA LEU I 515 -12.04 -57.16 -31.56
C LEU I 515 -12.12 -58.28 -30.53
N GLY I 516 -11.03 -59.02 -30.35
CA GLY I 516 -10.99 -60.16 -29.46
C GLY I 516 -11.07 -61.48 -30.18
N TYR I 517 -9.97 -62.22 -30.18
CA TYR I 517 -9.87 -63.55 -30.78
C TYR I 517 -8.79 -64.31 -30.00
N GLY I 518 -8.58 -65.56 -30.38
CA GLY I 518 -7.62 -66.39 -29.67
C GLY I 518 -6.21 -66.25 -30.22
N SER I 519 -6.07 -65.47 -31.29
CA SER I 519 -4.79 -65.29 -31.97
C SER I 519 -4.85 -63.96 -32.72
N ASN I 520 -3.82 -63.68 -33.52
CA ASN I 520 -3.69 -62.42 -34.24
C ASN I 520 -3.98 -62.55 -35.73
N ASP I 521 -4.58 -63.65 -36.18
CA ASP I 521 -4.80 -63.88 -37.60
C ASP I 521 -5.99 -63.06 -38.09
N MET I 522 -5.72 -62.08 -38.95
CA MET I 522 -6.75 -61.17 -39.44
C MET I 522 -7.61 -61.80 -40.53
N LYS I 523 -7.26 -62.99 -41.03
CA LYS I 523 -8.12 -63.68 -41.97
C LYS I 523 -9.20 -64.47 -41.25
N GLU I 524 -8.83 -65.16 -40.16
CA GLU I 524 -9.84 -65.83 -39.33
C GLU I 524 -10.71 -64.80 -38.61
N LEU I 525 -10.16 -63.62 -38.31
CA LEU I 525 -10.98 -62.55 -37.75
C LEU I 525 -11.72 -61.77 -38.84
N PHE I 526 -11.29 -61.90 -40.10
CA PHE I 526 -11.95 -61.26 -41.24
C PHE I 526 -11.89 -59.73 -41.16
N VAL I 527 -10.68 -59.19 -41.01
CA VAL I 527 -10.46 -57.75 -41.01
C VAL I 527 -9.76 -57.41 -42.33
N VAL I 528 -10.50 -56.85 -43.27
CA VAL I 528 -10.00 -56.62 -44.62
C VAL I 528 -10.21 -55.16 -45.00
N ASP I 529 -9.16 -54.54 -45.55
CA ASP I 529 -9.15 -53.15 -45.98
C ASP I 529 -8.85 -53.10 -47.48
N PRO I 530 -9.39 -52.11 -48.19
CA PRO I 530 -9.07 -51.99 -49.62
C PRO I 530 -7.62 -51.59 -49.83
N PHE I 531 -7.03 -52.09 -50.92
CA PHE I 531 -5.67 -51.70 -51.27
C PHE I 531 -5.56 -50.19 -51.46
N ILE I 532 -6.47 -49.62 -52.27
CA ILE I 532 -6.39 -48.19 -52.55
C ILE I 532 -6.51 -47.37 -51.28
N GLY I 533 -7.16 -47.94 -50.26
CA GLY I 533 -7.25 -47.24 -48.98
C GLY I 533 -5.89 -47.04 -48.34
N LYS I 534 -5.19 -48.15 -48.05
CA LYS I 534 -3.91 -48.04 -47.36
C LYS I 534 -2.89 -47.27 -48.20
N LYS I 535 -2.95 -47.43 -49.53
CA LYS I 535 -2.06 -46.68 -50.40
C LYS I 535 -2.23 -45.18 -50.21
N GLN I 536 -3.47 -44.70 -50.30
CA GLN I 536 -3.71 -43.26 -50.23
C GLN I 536 -3.46 -42.72 -48.83
N GLN I 537 -3.74 -43.54 -47.80
CA GLN I 537 -3.54 -43.09 -46.43
C GLN I 537 -2.11 -42.65 -46.19
N ILE I 538 -1.14 -43.49 -46.59
CA ILE I 538 0.27 -43.16 -46.40
C ILE I 538 0.71 -42.01 -47.28
N LEU I 539 0.30 -41.99 -48.55
CA LEU I 539 0.70 -40.95 -49.48
C LEU I 539 0.21 -39.57 -49.04
N LEU I 540 -1.06 -39.49 -48.62
CA LEU I 540 -1.62 -38.21 -48.19
C LEU I 540 -1.05 -37.79 -46.83
N ALA I 541 -0.89 -38.74 -45.90
CA ALA I 541 -0.29 -38.41 -44.62
C ALA I 541 1.15 -37.92 -44.79
N THR I 542 1.90 -38.54 -45.71
CA THR I 542 3.26 -38.09 -45.99
C THR I 542 3.24 -36.68 -46.58
N GLN I 543 2.32 -36.42 -47.52
CA GLN I 543 2.21 -35.09 -48.12
C GLN I 543 1.91 -34.04 -47.06
N LEU I 544 1.04 -34.37 -46.10
CA LEU I 544 0.73 -33.42 -45.04
C LEU I 544 1.95 -33.11 -44.19
N CYS I 545 2.67 -34.15 -43.74
CA CYS I 545 3.90 -33.93 -42.99
C CYS I 545 4.85 -33.01 -43.76
N ARG I 546 5.03 -33.28 -45.05
CA ARG I 546 5.89 -32.44 -45.87
C ARG I 546 5.34 -31.02 -45.99
N MET I 547 4.02 -30.88 -46.11
CA MET I 547 3.42 -29.55 -46.21
C MET I 547 3.77 -28.70 -44.98
N ILE I 548 3.63 -29.29 -43.79
CA ILE I 548 3.92 -28.53 -42.58
C ILE I 548 5.41 -28.25 -42.46
N LEU I 549 6.25 -29.27 -42.74
CA LEU I 549 7.69 -29.08 -42.65
C LEU I 549 8.17 -28.04 -43.67
N LYS I 550 7.42 -27.87 -44.77
CA LYS I 550 7.87 -26.97 -45.83
C LYS I 550 7.58 -25.51 -45.48
N ILE I 551 6.87 -25.26 -44.39
CA ILE I 551 6.52 -23.91 -43.99
C ILE I 551 7.55 -23.42 -42.98
N ASP I 552 8.22 -22.31 -43.31
CA ASP I 552 9.26 -21.75 -42.45
C ASP I 552 8.88 -20.41 -41.85
N ASN I 553 7.68 -19.90 -42.11
CA ASN I 553 7.29 -18.56 -41.67
C ASN I 553 5.77 -18.48 -41.66
N VAL I 554 5.20 -18.18 -40.50
CA VAL I 554 3.75 -18.05 -40.34
C VAL I 554 3.45 -16.66 -39.81
N ILE I 555 2.58 -15.94 -40.50
CA ILE I 555 2.16 -14.59 -40.11
C ILE I 555 0.65 -14.64 -39.95
N ILE I 556 0.16 -14.25 -38.78
CA ILE I 556 -1.26 -14.29 -38.46
C ILE I 556 -1.71 -12.88 -38.10
N SER I 557 -2.70 -12.37 -38.81
CA SER I 557 -3.30 -11.07 -38.53
C SER I 557 -4.58 -11.25 -37.73
N GLY I 558 -5.35 -10.17 -37.64
CA GLY I 558 -6.59 -10.16 -36.88
C GLY I 558 -7.75 -10.72 -37.68
N LYS I 559 -8.94 -10.58 -37.10
CA LYS I 559 -10.18 -11.09 -37.68
C LYS I 559 -11.14 -9.91 -37.83
N ASP I 560 -11.36 -9.49 -39.07
CA ASP I 560 -12.31 -8.43 -39.37
C ASP I 560 -13.62 -9.00 -39.89
N LYS J 33 -1.88 -4.79 43.00
CA LYS J 33 -0.93 -4.25 42.03
C LYS J 33 -1.10 -4.93 40.68
N ASP J 34 -0.94 -4.14 39.61
CA ASP J 34 -1.00 -4.64 38.24
C ASP J 34 -2.36 -5.29 37.94
N GLN J 35 -3.42 -4.47 38.05
CA GLN J 35 -4.77 -4.96 37.80
C GLN J 35 -4.94 -5.44 36.36
N GLY J 36 -4.19 -4.84 35.44
CA GLY J 36 -4.29 -5.21 34.04
C GLY J 36 -3.66 -6.56 33.75
N ASN J 37 -3.84 -7.00 32.50
CA ASN J 37 -3.39 -8.33 32.05
C ASN J 37 -3.99 -9.44 32.91
N LYS J 38 -5.24 -9.25 33.34
CA LYS J 38 -5.97 -10.24 34.11
C LYS J 38 -7.22 -10.64 33.34
N LYS J 39 -7.72 -11.85 33.59
CA LYS J 39 -9.00 -12.31 33.08
C LYS J 39 -10.03 -12.31 34.20
N ARG J 40 -11.29 -12.07 33.83
CA ARG J 40 -12.40 -12.11 34.76
C ARG J 40 -13.66 -12.57 34.05
N GLN J 41 -14.44 -13.41 34.72
CA GLN J 41 -15.78 -13.77 34.29
C GLN J 41 -16.71 -13.75 35.50
N HIS J 42 -17.96 -13.33 35.26
CA HIS J 42 -18.93 -13.20 36.35
C HIS J 42 -20.33 -13.35 35.76
N GLY J 43 -21.31 -13.54 36.63
CA GLY J 43 -22.71 -13.39 36.26
C GLY J 43 -23.29 -14.53 35.45
N LEU J 44 -24.45 -14.29 34.84
CA LEU J 44 -25.14 -15.33 34.08
C LEU J 44 -24.27 -15.95 33.00
N GLU J 45 -23.50 -15.13 32.26
CA GLU J 45 -22.55 -15.63 31.28
C GLU J 45 -21.47 -16.52 31.87
N ALA J 46 -20.97 -16.22 33.07
CA ALA J 46 -20.01 -17.12 33.72
C ALA J 46 -20.64 -18.48 33.99
N LYS J 47 -21.92 -18.51 34.33
CA LYS J 47 -22.59 -19.78 34.59
C LYS J 47 -22.60 -20.69 33.37
N LYS J 48 -22.91 -20.16 32.19
CA LYS J 48 -22.79 -20.90 30.94
C LYS J 48 -21.34 -21.26 30.62
N SER J 49 -20.43 -20.30 30.72
CA SER J 49 -19.02 -20.54 30.43
C SER J 49 -18.43 -21.61 31.35
N HIS J 50 -18.73 -21.53 32.65
CA HIS J 50 -18.15 -22.49 33.59
C HIS J 50 -18.64 -23.91 33.29
N ILE J 51 -19.93 -24.07 32.99
CA ILE J 51 -20.46 -25.38 32.67
C ILE J 51 -19.85 -25.92 31.38
N LEU J 52 -19.71 -25.05 30.37
CA LEU J 52 -19.08 -25.47 29.12
C LEU J 52 -17.63 -25.90 29.36
N ALA J 53 -16.91 -25.20 30.24
CA ALA J 53 -15.56 -25.62 30.60
C ALA J 53 -15.57 -27.03 31.20
N ALA J 54 -16.52 -27.29 32.10
CA ALA J 54 -16.65 -28.64 32.67
C ALA J 54 -16.98 -29.64 31.58
N ARG J 55 -17.85 -29.26 30.63
CA ARG J 55 -18.19 -30.15 29.54
C ARG J 55 -16.96 -30.50 28.71
N SER J 56 -16.07 -29.54 28.49
CA SER J 56 -14.87 -29.80 27.69
C SER J 56 -14.04 -30.91 28.31
N VAL J 57 -13.86 -30.89 29.64
CA VAL J 57 -13.10 -31.94 30.30
C VAL J 57 -13.80 -33.29 30.13
N ALA J 58 -15.11 -33.32 30.37
CA ALA J 58 -15.84 -34.58 30.23
C ALA J 58 -15.79 -35.10 28.80
N SER J 59 -15.82 -34.21 27.81
CA SER J 59 -15.81 -34.62 26.41
C SER J 59 -14.54 -35.35 26.03
N ILE J 60 -13.50 -35.28 26.86
CA ILE J 60 -12.27 -36.02 26.59
C ILE J 60 -12.28 -37.36 27.30
N ILE J 61 -12.49 -37.34 28.62
CA ILE J 61 -12.37 -38.56 29.41
C ILE J 61 -13.58 -39.47 29.28
N LYS J 62 -14.75 -38.93 28.91
CA LYS J 62 -15.93 -39.76 28.74
C LYS J 62 -15.66 -40.91 27.78
N THR J 63 -14.78 -40.71 26.79
CA THR J 63 -14.51 -41.71 25.77
C THR J 63 -13.79 -42.93 26.31
N SER J 64 -13.27 -42.85 27.55
CA SER J 64 -12.57 -43.97 28.16
C SER J 64 -13.40 -44.65 29.26
N LEU J 65 -14.65 -44.24 29.45
CA LEU J 65 -15.49 -44.79 30.52
C LEU J 65 -16.10 -46.09 30.03
N GLY J 66 -15.69 -47.20 30.64
CA GLY J 66 -16.21 -48.51 30.32
C GLY J 66 -15.09 -49.51 30.14
N PRO J 67 -15.39 -50.80 30.28
CA PRO J 67 -14.36 -51.82 30.08
C PRO J 67 -13.84 -51.88 28.65
N ARG J 68 -14.56 -51.32 27.69
CA ARG J 68 -14.13 -51.24 26.30
C ARG J 68 -13.71 -49.82 25.92
N GLY J 69 -13.47 -48.94 26.90
CA GLY J 69 -13.12 -47.57 26.61
C GLY J 69 -11.86 -47.44 25.78
N LEU J 70 -11.81 -46.36 25.02
CA LEU J 70 -10.74 -46.09 24.08
C LEU J 70 -9.54 -45.47 24.80
N ASP J 71 -8.36 -45.69 24.23
CA ASP J 71 -7.12 -45.22 24.82
C ASP J 71 -6.78 -43.81 24.34
N LYS J 72 -5.95 -43.13 25.11
CA LYS J 72 -5.40 -41.82 24.74
C LYS J 72 -3.93 -41.96 24.44
N ILE J 73 -3.40 -41.11 23.56
CA ILE J 73 -1.96 -40.90 23.47
C ILE J 73 -1.60 -39.70 24.34
N LEU J 74 -0.79 -39.95 25.37
CA LEU J 74 -0.38 -38.92 26.31
C LEU J 74 1.08 -38.57 26.03
N ILE J 75 1.33 -37.31 25.68
CA ILE J 75 2.65 -36.85 25.26
C ILE J 75 3.27 -36.09 26.41
N SER J 76 4.43 -36.56 26.88
CA SER J 76 5.07 -35.98 28.04
C SER J 76 5.73 -34.65 27.65
N PRO J 77 6.15 -33.85 28.64
CA PRO J 77 6.91 -32.64 28.30
C PRO J 77 8.13 -32.90 27.43
N ASP J 78 8.66 -34.12 27.43
CA ASP J 78 9.87 -34.39 26.64
C ASP J 78 9.53 -35.09 25.33
N GLY J 79 8.25 -35.26 25.02
CA GLY J 79 7.84 -35.90 23.78
C GLY J 79 7.67 -37.40 23.89
N GLU J 80 7.72 -37.93 25.11
CA GLU J 80 7.55 -39.37 25.32
C GLU J 80 6.12 -39.76 25.01
N ILE J 81 5.95 -40.85 24.24
CA ILE J 81 4.64 -41.29 23.78
C ILE J 81 4.20 -42.47 24.60
N THR J 82 3.15 -42.28 25.40
CA THR J 82 2.54 -43.34 26.18
C THR J 82 1.07 -43.46 25.82
N ILE J 83 0.52 -44.65 26.00
CA ILE J 83 -0.88 -44.94 25.69
C ILE J 83 -1.52 -45.53 26.93
N THR J 84 -2.68 -44.99 27.31
CA THR J 84 -3.41 -45.49 28.48
C THR J 84 -4.88 -45.10 28.35
N ASN J 85 -5.75 -45.86 29.01
CA ASN J 85 -7.12 -45.45 29.26
C ASN J 85 -7.42 -45.17 30.72
N ASP J 86 -6.40 -44.94 31.55
CA ASP J 86 -6.62 -44.63 32.96
C ASP J 86 -7.03 -43.17 33.10
N GLY J 87 -8.30 -42.95 33.45
CA GLY J 87 -8.82 -41.61 33.62
C GLY J 87 -8.05 -40.79 34.63
N ALA J 88 -7.53 -41.46 35.67
CA ALA J 88 -6.76 -40.76 36.69
C ALA J 88 -5.43 -40.27 36.13
N THR J 89 -4.77 -41.12 35.35
CA THR J 89 -3.52 -40.70 34.70
C THR J 89 -3.79 -39.61 33.67
N ILE J 90 -4.85 -39.76 32.88
CA ILE J 90 -5.16 -38.79 31.83
C ILE J 90 -5.42 -37.42 32.44
N LEU J 91 -6.31 -37.36 33.44
CA LEU J 91 -6.60 -36.10 34.11
C LEU J 91 -5.35 -35.52 34.79
N SER J 92 -4.49 -36.39 35.33
CA SER J 92 -3.25 -35.90 35.93
C SER J 92 -2.33 -35.30 34.87
N GLN J 93 -2.31 -35.88 33.67
CA GLN J 93 -1.43 -35.40 32.62
C GLN J 93 -2.03 -34.21 31.88
N MET J 94 -3.34 -33.99 32.03
CA MET J 94 -4.00 -32.80 31.50
C MET J 94 -3.59 -31.59 32.32
N GLU J 95 -2.82 -30.70 31.70
CA GLU J 95 -2.28 -29.53 32.36
C GLU J 95 -2.99 -28.30 31.81
N LEU J 96 -3.76 -27.64 32.67
CA LEU J 96 -4.69 -26.61 32.23
C LEU J 96 -4.75 -25.49 33.26
N ASP J 97 -5.02 -24.28 32.77
CA ASP J 97 -5.22 -23.11 33.63
C ASP J 97 -6.69 -22.73 33.79
N ASN J 98 -7.62 -23.55 33.31
CA ASN J 98 -9.03 -23.26 33.50
C ASN J 98 -9.46 -23.66 34.91
N GLU J 99 -9.78 -22.67 35.72
CA GLU J 99 -9.97 -22.93 37.15
C GLU J 99 -11.15 -23.85 37.40
N ILE J 100 -12.18 -23.77 36.56
CA ILE J 100 -13.34 -24.65 36.72
C ILE J 100 -12.93 -26.09 36.40
N ALA J 101 -12.13 -26.28 35.35
CA ALA J 101 -11.64 -27.62 35.04
C ALA J 101 -10.77 -28.15 36.17
N LYS J 102 -10.00 -27.28 36.83
CA LYS J 102 -9.16 -27.74 37.94
C LYS J 102 -10.02 -28.34 39.05
N LEU J 103 -11.20 -27.77 39.28
CA LEU J 103 -12.09 -28.31 40.32
C LEU J 103 -12.48 -29.75 40.00
N LEU J 104 -12.73 -30.05 38.71
CA LEU J 104 -13.00 -31.43 38.32
C LEU J 104 -11.81 -32.34 38.58
N VAL J 105 -10.59 -31.84 38.34
CA VAL J 105 -9.40 -32.63 38.62
C VAL J 105 -9.29 -32.92 40.11
N GLN J 106 -9.58 -31.92 40.94
CA GLN J 106 -9.57 -32.14 42.39
C GLN J 106 -10.54 -33.24 42.79
N LEU J 107 -11.71 -33.29 42.15
CA LEU J 107 -12.66 -34.36 42.42
C LEU J 107 -12.05 -35.72 42.13
N SER J 108 -11.45 -35.88 40.95
CA SER J 108 -10.87 -37.15 40.58
C SER J 108 -9.73 -37.56 41.51
N LYS J 109 -9.02 -36.57 42.06
CA LYS J 109 -7.96 -36.87 43.02
C LYS J 109 -8.54 -37.47 44.29
N SER J 110 -9.61 -36.88 44.81
CA SER J 110 -10.23 -37.39 46.03
C SER J 110 -10.69 -38.84 45.85
N GLN J 111 -11.33 -39.13 44.72
CA GLN J 111 -11.83 -40.49 44.49
C GLN J 111 -10.68 -41.46 44.30
N ASP J 112 -9.60 -41.03 43.64
CA ASP J 112 -8.47 -41.92 43.40
C ASP J 112 -7.80 -42.31 44.71
N ASP J 113 -7.69 -41.39 45.66
CA ASP J 113 -7.05 -41.69 46.93
C ASP J 113 -8.00 -42.49 47.83
N GLU J 114 -9.28 -42.14 47.83
CA GLU J 114 -10.21 -42.72 48.80
C GLU J 114 -10.61 -44.14 48.40
N ILE J 115 -11.07 -44.33 47.17
CA ILE J 115 -11.64 -45.59 46.73
C ILE J 115 -10.77 -46.21 45.65
N GLY J 116 -10.42 -45.42 44.63
CA GLY J 116 -9.56 -45.87 43.56
C GLY J 116 -10.29 -46.45 42.36
N ASP J 117 -11.61 -46.34 42.31
CA ASP J 117 -12.40 -46.89 41.23
C ASP J 117 -13.01 -45.84 40.31
N GLY J 118 -13.76 -44.88 40.84
CA GLY J 118 -14.63 -44.03 40.08
C GLY J 118 -14.00 -42.78 39.50
N THR J 119 -12.69 -42.79 39.27
CA THR J 119 -11.95 -41.57 38.93
C THR J 119 -12.44 -40.95 37.63
N THR J 120 -13.00 -41.77 36.74
CA THR J 120 -13.62 -41.23 35.52
C THR J 120 -15.08 -40.90 35.76
N GLY J 121 -15.82 -41.78 36.45
CA GLY J 121 -17.25 -41.61 36.60
C GLY J 121 -17.67 -40.37 37.36
N VAL J 122 -16.89 -39.99 38.38
CA VAL J 122 -17.27 -38.85 39.21
C VAL J 122 -17.17 -37.55 38.42
N VAL J 123 -16.26 -37.49 37.44
CA VAL J 123 -16.12 -36.30 36.62
C VAL J 123 -17.18 -36.29 35.52
N VAL J 124 -17.41 -37.45 34.90
CA VAL J 124 -18.43 -37.54 33.86
C VAL J 124 -19.81 -37.24 34.45
N LEU J 125 -20.12 -37.82 35.60
CA LEU J 125 -21.41 -37.58 36.23
C LEU J 125 -21.55 -36.12 36.66
N ALA J 126 -20.50 -35.57 37.29
CA ALA J 126 -20.54 -34.17 37.70
C ALA J 126 -20.80 -33.25 36.51
N SER J 127 -20.17 -33.55 35.36
CA SER J 127 -20.47 -32.80 34.15
C SER J 127 -21.93 -32.97 33.74
N ALA J 128 -22.44 -34.20 33.80
CA ALA J 128 -23.83 -34.44 33.42
C ALA J 128 -24.78 -33.62 34.29
N LEU J 129 -24.47 -33.52 35.59
CA LEU J 129 -25.28 -32.69 36.47
C LEU J 129 -25.17 -31.21 36.09
N LEU J 130 -23.98 -30.76 35.72
CA LEU J 130 -23.81 -29.38 35.29
C LEU J 130 -24.54 -29.11 33.98
N ASP J 131 -24.51 -30.08 33.05
CA ASP J 131 -25.27 -29.94 31.82
C ASP J 131 -26.76 -29.78 32.11
N GLN J 132 -27.29 -30.57 33.04
CA GLN J 132 -28.68 -30.38 33.47
C GLN J 132 -28.87 -29.02 34.13
N ALA J 133 -27.89 -28.59 34.92
CA ALA J 133 -27.98 -27.28 35.57
C ALA J 133 -28.10 -26.16 34.54
N LEU J 134 -27.39 -26.30 33.42
CA LEU J 134 -27.44 -25.28 32.37
C LEU J 134 -28.88 -25.06 31.90
N GLU J 135 -29.56 -26.14 31.52
CA GLU J 135 -30.94 -26.02 31.08
C GLU J 135 -31.83 -25.50 32.21
N LEU J 136 -31.61 -25.98 33.43
CA LEU J 136 -32.41 -25.53 34.57
C LEU J 136 -32.22 -24.03 34.81
N ILE J 137 -30.99 -23.54 34.70
CA ILE J 137 -30.76 -22.10 34.85
C ILE J 137 -31.46 -21.33 33.74
N GLN J 138 -31.33 -21.80 32.50
CA GLN J 138 -31.96 -21.15 31.36
C GLN J 138 -33.48 -21.12 31.46
N LYS J 139 -34.08 -22.10 32.13
CA LYS J 139 -35.53 -22.15 32.32
C LYS J 139 -36.00 -21.29 33.48
N GLY J 140 -35.07 -20.73 34.26
CA GLY J 140 -35.43 -19.85 35.35
C GLY J 140 -35.31 -20.46 36.74
N ILE J 141 -34.55 -21.53 36.89
CA ILE J 141 -34.32 -22.14 38.20
C ILE J 141 -33.01 -21.61 38.75
N HIS J 142 -33.08 -20.99 39.94
CA HIS J 142 -31.91 -20.34 40.52
C HIS J 142 -30.83 -21.38 40.81
N PRO J 143 -29.56 -21.04 40.55
CA PRO J 143 -28.48 -22.02 40.83
C PRO J 143 -28.55 -22.62 42.22
N ILE J 144 -28.99 -21.85 43.22
CA ILE J 144 -29.08 -22.39 44.57
C ILE J 144 -30.21 -23.42 44.65
N LYS J 145 -31.36 -23.13 44.03
CA LYS J 145 -32.44 -24.11 43.99
C LYS J 145 -32.01 -25.38 43.27
N ILE J 146 -31.16 -25.25 42.26
CA ILE J 146 -30.61 -26.44 41.60
C ILE J 146 -29.72 -27.22 42.55
N ALA J 147 -28.81 -26.51 43.23
CA ALA J 147 -27.89 -27.17 44.15
C ALA J 147 -28.66 -27.91 45.24
N ASN J 148 -29.69 -27.28 45.80
CA ASN J 148 -30.47 -27.92 46.85
C ASN J 148 -31.23 -29.13 46.31
N GLY J 149 -31.83 -28.99 45.14
CA GLY J 149 -32.56 -30.11 44.56
C GLY J 149 -31.66 -31.30 44.26
N PHE J 150 -30.49 -31.04 43.68
CA PHE J 150 -29.56 -32.12 43.39
C PHE J 150 -29.12 -32.83 44.68
N ASP J 151 -28.91 -32.07 45.75
CA ASP J 151 -28.52 -32.69 47.01
C ASP J 151 -29.59 -33.65 47.51
N GLU J 152 -30.85 -33.21 47.50
CA GLU J 152 -31.94 -34.09 47.94
C GLU J 152 -32.09 -35.28 47.01
N ALA J 153 -31.92 -35.07 45.70
CA ALA J 153 -31.99 -36.18 44.76
C ALA J 153 -30.90 -37.20 45.03
N ALA J 154 -29.70 -36.73 45.39
CA ALA J 154 -28.62 -37.66 45.75
C ALA J 154 -29.00 -38.49 46.95
N LYS J 155 -29.67 -37.89 47.93
CA LYS J 155 -30.11 -38.63 49.11
C LYS J 155 -31.10 -39.73 48.72
N LEU J 156 -32.00 -39.44 47.79
CA LEU J 156 -32.92 -40.46 47.30
C LEU J 156 -32.15 -41.55 46.55
N ALA J 157 -31.17 -41.15 45.73
CA ALA J 157 -30.41 -42.12 44.96
C ALA J 157 -29.69 -43.11 45.87
N ILE J 158 -29.07 -42.62 46.94
CA ILE J 158 -28.37 -43.51 47.87
C ILE J 158 -29.35 -44.34 48.66
N SER J 159 -30.47 -43.73 49.08
CA SER J 159 -31.48 -44.48 49.82
C SER J 159 -31.96 -45.70 49.04
N LYS J 160 -32.15 -45.56 47.73
CA LYS J 160 -32.50 -46.70 46.90
C LYS J 160 -31.31 -47.66 46.70
N LEU J 161 -30.12 -47.12 46.47
CA LEU J 161 -28.93 -47.95 46.28
C LEU J 161 -28.78 -48.98 47.40
N GLU J 162 -29.05 -48.57 48.64
CA GLU J 162 -28.95 -49.49 49.78
C GLU J 162 -29.87 -50.70 49.62
N GLU J 163 -31.03 -50.51 49.00
CA GLU J 163 -31.98 -51.62 48.87
C GLU J 163 -31.44 -52.73 47.99
N THR J 164 -30.45 -52.44 47.14
CA THR J 164 -29.92 -53.42 46.20
C THR J 164 -28.61 -54.04 46.64
N CYS J 165 -28.16 -53.77 47.87
CA CYS J 165 -26.85 -54.25 48.29
C CYS J 165 -26.93 -55.69 48.77
N ASP J 166 -25.79 -56.38 48.71
CA ASP J 166 -25.62 -57.69 49.32
C ASP J 166 -24.19 -57.84 49.82
N ASP J 167 -23.96 -58.89 50.61
CA ASP J 167 -22.68 -59.14 51.24
C ASP J 167 -21.92 -60.22 50.47
N ILE J 168 -20.61 -60.02 50.35
CA ILE J 168 -19.69 -61.01 49.81
C ILE J 168 -19.05 -61.84 50.92
N SER J 169 -18.66 -61.20 52.01
CA SER J 169 -17.97 -61.88 53.11
C SER J 169 -18.93 -62.69 53.98
N ALA J 170 -20.24 -62.53 53.77
CA ALA J 170 -21.22 -63.25 54.56
C ALA J 170 -21.15 -64.75 54.25
N SER J 171 -21.47 -65.57 55.25
CA SER J 171 -21.64 -67.01 55.07
C SER J 171 -20.30 -67.68 54.76
N ASN J 172 -20.31 -68.70 53.90
CA ASN J 172 -19.18 -69.61 53.76
C ASN J 172 -17.98 -68.83 53.22
N ASP J 173 -16.86 -68.98 53.91
CA ASP J 173 -15.59 -68.38 53.50
C ASP J 173 -15.22 -68.71 52.06
N GLU J 174 -15.59 -69.90 51.59
CA GLU J 174 -15.28 -70.27 50.22
C GLU J 174 -15.95 -69.34 49.21
N LEU J 175 -17.17 -68.88 49.52
CA LEU J 175 -17.86 -67.95 48.64
C LEU J 175 -17.13 -66.60 48.60
N PHE J 176 -16.64 -66.14 49.75
CA PHE J 176 -15.84 -64.92 49.77
C PHE J 176 -14.63 -65.04 48.85
N ARG J 177 -13.86 -66.12 49.00
CA ARG J 177 -12.67 -66.30 48.17
C ARG J 177 -13.04 -66.38 46.69
N ASP J 178 -14.13 -67.09 46.37
CA ASP J 178 -14.57 -67.17 44.99
C ASP J 178 -14.91 -65.79 44.43
N PHE J 179 -15.80 -65.07 45.12
CA PHE J 179 -16.22 -63.76 44.63
C PHE J 179 -15.05 -62.77 44.64
N LEU J 180 -14.20 -62.83 45.65
CA LEU J 180 -13.07 -61.91 45.72
C LEU J 180 -12.17 -62.05 44.50
N LEU J 181 -11.89 -63.28 44.08
CA LEU J 181 -11.11 -63.50 42.86
C LEU J 181 -11.87 -63.01 41.63
N ARG J 182 -13.14 -63.37 41.52
CA ARG J 182 -13.94 -62.98 40.36
C ARG J 182 -14.03 -61.46 40.22
N ALA J 183 -14.15 -60.73 41.32
CA ALA J 183 -14.14 -59.28 41.27
C ALA J 183 -12.82 -58.75 40.72
N ALA J 184 -11.70 -59.32 41.15
CA ALA J 184 -10.41 -58.91 40.61
C ALA J 184 -10.32 -59.22 39.11
N LYS J 185 -10.81 -60.40 38.71
CA LYS J 185 -10.73 -60.79 37.31
C LYS J 185 -11.43 -59.78 36.41
N THR J 186 -12.61 -59.31 36.84
CA THR J 186 -13.34 -58.33 36.05
C THR J 186 -12.60 -57.01 35.98
N SER J 187 -12.08 -56.54 37.12
CA SER J 187 -11.40 -55.25 37.15
C SER J 187 -10.19 -55.20 36.24
N LEU J 188 -9.56 -56.35 35.96
CA LEU J 188 -8.40 -56.40 35.10
C LEU J 188 -8.73 -56.35 33.61
N GLY J 189 -9.99 -56.53 33.24
CA GLY J 189 -10.33 -56.74 31.84
C GLY J 189 -10.28 -55.47 31.00
N SER J 190 -9.99 -54.33 31.62
CA SER J 190 -10.02 -53.04 30.94
C SER J 190 -8.65 -52.61 30.43
N LYS J 191 -7.62 -53.42 30.68
CA LYS J 191 -6.25 -53.09 30.35
C LYS J 191 -5.63 -54.26 29.59
N ILE J 192 -4.41 -54.02 29.06
CA ILE J 192 -3.71 -55.03 28.27
C ILE J 192 -3.55 -56.32 29.07
N VAL J 193 -3.54 -56.22 30.41
CA VAL J 193 -3.40 -57.36 31.29
C VAL J 193 -4.46 -58.42 31.02
N SER J 194 -5.56 -58.03 30.37
CA SER J 194 -6.69 -58.92 30.09
C SER J 194 -6.31 -60.21 29.38
N LYS J 195 -5.20 -60.19 28.63
CA LYS J 195 -4.78 -61.39 27.90
C LYS J 195 -4.60 -62.58 28.84
N ASP J 196 -3.82 -62.38 29.90
CA ASP J 196 -3.43 -63.42 30.85
C ASP J 196 -3.84 -63.08 32.27
N HIS J 197 -4.93 -62.30 32.42
CA HIS J 197 -5.31 -61.71 33.71
C HIS J 197 -5.59 -62.74 34.79
N ASP J 198 -5.75 -64.02 34.43
CA ASP J 198 -6.00 -65.05 35.44
C ASP J 198 -4.92 -65.03 36.52
N ARG J 199 -3.66 -64.85 36.12
CA ARG J 199 -2.57 -64.86 37.10
C ARG J 199 -2.57 -63.59 37.94
N PHE J 200 -2.86 -62.44 37.32
CA PHE J 200 -2.83 -61.18 38.06
C PHE J 200 -4.01 -61.07 39.03
N ALA J 201 -5.15 -61.67 38.68
CA ALA J 201 -6.26 -61.72 39.63
C ALA J 201 -5.86 -62.50 40.88
N GLU J 202 -5.17 -63.63 40.71
CA GLU J 202 -4.68 -64.39 41.85
C GLU J 202 -3.72 -63.56 42.70
N MET J 203 -2.83 -62.80 42.05
CA MET J 203 -1.90 -61.96 42.80
C MET J 203 -2.64 -60.96 43.69
N ALA J 204 -3.69 -60.32 43.16
CA ALA J 204 -4.44 -59.37 43.95
C ALA J 204 -5.10 -60.06 45.15
N VAL J 205 -5.62 -61.27 44.95
CA VAL J 205 -6.29 -61.97 46.04
C VAL J 205 -5.30 -62.36 47.12
N GLU J 206 -4.18 -62.96 46.72
CA GLU J 206 -3.17 -63.36 47.70
C GLU J 206 -2.55 -62.14 48.38
N ALA J 207 -2.34 -61.07 47.62
CA ALA J 207 -1.68 -59.89 48.18
C ALA J 207 -2.51 -59.25 49.30
N VAL J 208 -3.81 -59.12 49.07
CA VAL J 208 -4.67 -58.45 50.05
C VAL J 208 -4.86 -59.32 51.29
N ILE J 209 -4.92 -60.65 51.11
CA ILE J 209 -5.03 -61.55 52.24
C ILE J 209 -3.74 -61.58 53.05
N ASN J 210 -2.60 -61.63 52.35
CA ASN J 210 -1.31 -61.80 53.00
C ASN J 210 -0.95 -60.67 53.94
N VAL J 211 -1.56 -59.49 53.79
CA VAL J 211 -1.23 -58.34 54.62
C VAL J 211 -2.39 -57.99 55.55
N MET J 212 -3.37 -58.89 55.66
CA MET J 212 -4.60 -58.61 56.39
C MET J 212 -4.95 -59.79 57.29
N ASP J 213 -5.32 -59.48 58.52
CA ASP J 213 -5.72 -60.47 59.50
C ASP J 213 -7.24 -60.64 59.46
N LYS J 214 -7.68 -61.90 59.54
CA LYS J 214 -9.09 -62.20 59.29
C LYS J 214 -10.02 -61.47 60.23
N ASP J 215 -9.59 -61.23 61.48
CA ASP J 215 -10.46 -60.65 62.49
C ASP J 215 -10.64 -59.16 62.31
N ARG J 216 -9.57 -58.43 61.99
CA ARG J 216 -9.65 -56.97 61.91
C ARG J 216 -10.23 -56.52 60.57
N LYS J 217 -9.81 -57.19 59.49
CA LYS J 217 -10.31 -56.88 58.14
C LYS J 217 -9.96 -55.46 57.71
N ASP J 218 -8.84 -54.94 58.21
CA ASP J 218 -8.28 -53.67 57.77
C ASP J 218 -7.11 -53.96 56.84
N VAL J 219 -7.10 -53.34 55.67
CA VAL J 219 -6.05 -53.53 54.67
C VAL J 219 -5.26 -52.23 54.59
N ASP J 220 -3.95 -52.31 54.82
CA ASP J 220 -3.05 -51.19 54.63
C ASP J 220 -2.38 -51.35 53.27
N PHE J 221 -2.79 -50.53 52.30
CA PHE J 221 -2.28 -50.67 50.93
C PHE J 221 -0.75 -50.60 50.88
N ASP J 222 -0.11 -49.88 51.80
CA ASP J 222 1.33 -49.67 51.73
C ASP J 222 2.11 -50.95 51.98
N LEU J 223 1.46 -52.01 52.47
CA LEU J 223 2.11 -53.29 52.69
C LEU J 223 2.20 -54.13 51.42
N ILE J 224 1.63 -53.67 50.31
CA ILE J 224 1.67 -54.38 49.04
C ILE J 224 2.41 -53.48 48.05
N LYS J 225 3.68 -53.79 47.80
CA LYS J 225 4.50 -52.99 46.89
C LYS J 225 4.42 -53.60 45.49
N MET J 226 4.58 -52.76 44.47
CA MET J 226 4.60 -53.21 43.09
C MET J 226 6.02 -53.12 42.56
N GLN J 227 6.42 -54.13 41.81
CA GLN J 227 7.74 -54.16 41.17
C GLN J 227 7.67 -55.02 39.92
N GLY J 228 8.48 -54.68 38.91
CA GLY J 228 8.51 -55.44 37.68
C GLY J 228 9.75 -55.17 36.84
N ARG J 229 10.03 -56.05 35.88
CA ARG J 229 11.18 -55.90 35.01
C ARG J 229 10.77 -56.20 33.57
N VAL J 230 11.48 -55.57 32.64
CA VAL J 230 11.29 -55.77 31.21
C VAL J 230 11.88 -57.12 30.81
N GLY J 231 11.09 -57.91 30.10
CA GLY J 231 11.49 -59.26 29.73
C GLY J 231 10.45 -60.32 30.02
N GLY J 232 10.40 -61.35 29.17
CA GLY J 232 9.42 -62.39 29.35
C GLY J 232 8.04 -61.92 28.94
N SER J 233 7.01 -62.57 29.47
CA SER J 233 5.63 -62.25 29.18
C SER J 233 4.90 -61.94 30.48
N ILE J 234 3.75 -61.28 30.36
CA ILE J 234 2.95 -60.98 31.54
C ILE J 234 2.42 -62.24 32.22
N SER J 235 2.31 -63.34 31.49
CA SER J 235 1.91 -64.61 32.09
C SER J 235 2.93 -65.14 33.08
N ASP J 236 4.16 -64.63 33.06
CA ASP J 236 5.21 -65.07 33.97
C ASP J 236 5.19 -64.33 35.30
N SER J 237 4.27 -63.39 35.48
CA SER J 237 4.21 -62.56 36.68
C SER J 237 3.80 -63.45 37.85
N LYS J 238 4.14 -63.02 39.06
CA LYS J 238 3.78 -63.75 40.27
C LYS J 238 3.92 -62.85 41.50
N LEU J 239 3.27 -63.26 42.59
CA LEU J 239 3.37 -62.59 43.87
C LEU J 239 4.48 -63.23 44.68
N ILE J 240 5.41 -62.42 45.16
CA ILE J 240 6.52 -62.87 45.99
C ILE J 240 6.31 -62.32 47.40
N ASN J 241 6.35 -63.20 48.40
CA ASN J 241 5.97 -62.84 49.76
C ASN J 241 7.22 -62.43 50.55
N GLY J 242 8.22 -61.92 49.84
CA GLY J 242 9.47 -61.53 50.46
C GLY J 242 10.03 -60.25 49.86
N VAL J 243 11.34 -60.07 49.99
CA VAL J 243 12.01 -58.86 49.52
C VAL J 243 12.92 -59.19 48.35
N ILE J 244 12.85 -58.34 47.32
CA ILE J 244 13.61 -58.54 46.09
C ILE J 244 14.54 -57.37 45.85
N LEU J 245 15.83 -57.64 45.69
CA LEU J 245 16.82 -56.62 45.37
C LEU J 245 17.24 -56.75 43.91
N ASP J 246 17.36 -55.60 43.26
CA ASP J 246 17.80 -55.52 41.87
C ASP J 246 19.31 -55.29 41.90
N LYS J 247 20.01 -56.07 42.71
CA LYS J 247 21.45 -55.90 42.91
C LYS J 247 22.11 -57.25 42.95
N ASP J 248 23.38 -57.28 42.57
CA ASP J 248 24.17 -58.50 42.54
C ASP J 248 25.10 -58.55 43.75
N PHE J 249 25.88 -59.61 43.84
CA PHE J 249 26.76 -59.82 44.98
C PHE J 249 28.08 -59.07 44.78
N SER J 250 28.77 -58.80 45.89
CA SER J 250 29.94 -57.94 45.88
C SER J 250 31.11 -58.54 45.11
N HIS J 251 31.10 -59.84 44.83
CA HIS J 251 32.24 -60.51 44.22
C HIS J 251 31.72 -61.72 43.45
N PRO J 252 32.11 -61.87 42.18
CA PRO J 252 31.53 -62.97 41.39
C PRO J 252 31.78 -64.34 41.97
N GLN J 253 32.83 -64.51 42.77
CA GLN J 253 33.13 -65.81 43.36
C GLN J 253 32.40 -66.02 44.68
N MET J 254 31.58 -65.06 45.12
CA MET J 254 30.99 -65.14 46.44
C MET J 254 29.70 -65.96 46.39
N PRO J 255 29.46 -66.81 47.39
CA PRO J 255 28.28 -67.69 47.34
C PRO J 255 27.00 -66.91 47.11
N LYS J 256 26.11 -67.51 46.32
CA LYS J 256 24.92 -66.82 45.84
C LYS J 256 23.71 -67.07 46.74
N CYS J 257 23.84 -67.93 47.74
CA CYS J 257 22.71 -68.38 48.54
C CYS J 257 23.20 -68.83 49.92
N VAL J 258 22.36 -68.60 50.92
CA VAL J 258 22.55 -69.14 52.27
C VAL J 258 21.28 -69.88 52.63
N LEU J 259 21.42 -71.10 53.12
CA LEU J 259 20.29 -71.91 53.54
C LEU J 259 20.14 -71.88 55.05
N PRO J 260 19.03 -72.40 55.58
CA PRO J 260 18.82 -72.41 57.04
C PRO J 260 19.93 -73.09 57.82
N LYS J 261 20.79 -73.87 57.16
CA LYS J 261 21.90 -74.59 57.77
C LYS J 261 21.42 -75.64 58.77
N GLU J 262 20.73 -76.65 58.22
CA GLU J 262 20.38 -77.87 58.93
C GLU J 262 19.72 -77.63 60.29
N GLY J 263 18.72 -76.76 60.33
CA GLY J 263 17.96 -76.53 61.55
C GLY J 263 18.42 -75.37 62.41
N SER J 264 19.46 -74.65 62.00
CA SER J 264 19.89 -73.49 62.76
C SER J 264 18.89 -72.35 62.61
N ASP J 265 19.18 -71.23 63.27
CA ASP J 265 18.20 -70.17 63.38
C ASP J 265 18.19 -69.34 62.10
N GLY J 266 17.74 -69.96 61.00
CA GLY J 266 17.58 -69.27 59.74
C GLY J 266 18.86 -68.60 59.29
N VAL J 267 18.71 -67.43 58.66
CA VAL J 267 19.82 -66.64 58.15
C VAL J 267 19.81 -65.30 58.88
N LYS J 268 20.96 -64.90 59.38
CA LYS J 268 21.11 -63.61 60.05
C LYS J 268 21.69 -62.58 59.08
N LEU J 269 20.99 -61.45 58.95
CA LEU J 269 21.31 -60.45 57.95
C LEU J 269 21.83 -59.21 58.66
N ALA J 270 22.97 -58.69 58.21
CA ALA J 270 23.48 -57.42 58.68
C ALA J 270 23.18 -56.31 57.68
N ILE J 271 22.28 -55.41 58.06
CA ILE J 271 21.81 -54.34 57.19
C ILE J 271 22.40 -53.04 57.73
N LEU J 272 23.26 -52.41 56.94
CA LEU J 272 23.96 -51.20 57.35
C LEU J 272 23.98 -50.21 56.20
N THR J 273 24.32 -48.95 56.52
CA THR J 273 24.58 -47.92 55.52
C THR J 273 26.08 -47.59 55.41
N CYS J 274 26.94 -48.51 55.82
CA CYS J 274 28.38 -48.28 55.78
C CYS J 274 29.08 -49.57 55.37
N PRO J 275 30.09 -49.51 54.51
CA PRO J 275 30.83 -50.71 54.13
C PRO J 275 31.78 -51.16 55.22
N PHE J 276 32.04 -52.48 55.26
CA PHE J 276 32.90 -53.05 56.28
C PHE J 276 34.35 -52.96 55.80
N GLU J 277 34.87 -51.73 55.85
CA GLU J 277 36.23 -51.40 55.49
C GLU J 277 36.53 -50.00 55.99
N PRO J 278 37.80 -49.65 56.19
CA PRO J 278 38.12 -48.25 56.49
C PRO J 278 37.61 -47.34 55.39
N PRO J 279 36.60 -46.52 55.69
CA PRO J 279 36.04 -45.66 54.64
C PRO J 279 37.10 -44.75 54.03
N LYS J 280 37.00 -44.56 52.72
CA LYS J 280 37.89 -43.70 51.96
C LYS J 280 37.07 -42.74 51.12
N PRO J 281 37.50 -41.47 51.02
CA PRO J 281 36.72 -40.47 50.30
C PRO J 281 36.81 -40.64 48.79
N LYS J 282 35.84 -40.07 48.06
CA LYS J 282 35.95 -39.99 46.61
C LYS J 282 36.43 -38.62 46.10
N THR J 283 36.79 -37.69 47.00
CA THR J 283 37.20 -36.35 46.57
C THR J 283 38.64 -36.07 46.98
N LYS J 284 38.85 -35.59 48.20
CA LYS J 284 40.18 -35.28 48.71
C LYS J 284 40.42 -36.14 49.93
N HIS J 285 41.69 -36.47 50.17
CA HIS J 285 42.06 -37.25 51.35
C HIS J 285 42.58 -36.35 52.45
N LYS J 286 43.51 -35.45 52.10
CA LYS J 286 44.16 -34.54 53.04
C LYS J 286 44.75 -35.23 54.26
N LEU J 287 45.43 -36.37 54.05
CA LEU J 287 45.98 -37.14 55.17
C LEU J 287 47.48 -36.84 55.27
N ASP J 288 47.82 -36.05 56.29
CA ASP J 288 49.20 -35.60 56.44
C ASP J 288 50.02 -36.62 57.20
N ILE J 289 51.21 -36.92 56.68
CA ILE J 289 52.16 -37.82 57.33
C ILE J 289 53.34 -36.96 57.78
N SER J 290 53.69 -37.03 59.07
CA SER J 290 54.70 -36.16 59.62
C SER J 290 56.05 -36.87 59.76
N SER J 291 56.05 -38.19 59.67
CA SER J 291 57.25 -38.98 59.92
C SER J 291 57.18 -40.28 59.13
N VAL J 292 58.36 -40.87 58.89
CA VAL J 292 58.43 -42.19 58.28
C VAL J 292 57.79 -43.24 59.18
N GLU J 293 58.00 -43.14 60.49
CA GLU J 293 57.38 -44.06 61.45
C GLU J 293 55.87 -44.11 61.26
N GLU J 294 55.23 -42.95 61.14
CA GLU J 294 53.81 -42.91 60.82
C GLU J 294 53.51 -43.51 59.46
N TYR J 295 54.32 -43.19 58.45
CA TYR J 295 54.06 -43.70 57.10
C TYR J 295 53.91 -45.21 57.11
N GLN J 296 54.87 -45.93 57.72
CA GLN J 296 54.82 -47.38 57.72
C GLN J 296 53.60 -47.89 58.49
N LYS J 297 53.27 -47.24 59.61
CA LYS J 297 52.10 -47.64 60.37
C LYS J 297 50.81 -47.37 59.60
N LEU J 298 50.76 -46.24 58.90
CA LEU J 298 49.53 -45.87 58.19
C LEU J 298 49.19 -46.86 57.09
N GLN J 299 50.20 -47.31 56.34
CA GLN J 299 49.95 -48.32 55.31
C GLN J 299 49.46 -49.63 55.94
N THR J 300 50.06 -50.02 57.06
CA THR J 300 49.59 -51.18 57.81
C THR J 300 48.19 -50.99 58.37
N TYR J 301 47.87 -49.80 58.90
CA TYR J 301 46.56 -49.56 59.49
C TYR J 301 45.45 -49.98 58.54
N GLU J 302 45.50 -49.51 57.29
CA GLU J 302 44.46 -49.84 56.32
C GLU J 302 44.32 -51.34 56.13
N GLN J 303 45.44 -52.05 55.95
CA GLN J 303 45.38 -53.49 55.75
C GLN J 303 44.73 -54.18 56.94
N ASP J 304 45.10 -53.74 58.16
CA ASP J 304 44.54 -54.33 59.36
C ASP J 304 43.08 -53.96 59.58
N LYS J 305 42.67 -52.74 59.21
CA LYS J 305 41.27 -52.34 59.43
C LYS J 305 40.33 -53.13 58.55
N PHE J 306 40.76 -53.46 57.33
CA PHE J 306 40.00 -54.38 56.48
C PHE J 306 39.69 -55.68 57.23
N LYS J 307 40.72 -56.28 57.83
CA LYS J 307 40.50 -57.49 58.62
C LYS J 307 39.56 -57.26 59.79
N GLU J 308 39.80 -56.21 60.58
CA GLU J 308 38.99 -56.00 61.79
C GLU J 308 37.51 -55.87 61.47
N MET J 309 37.15 -55.12 60.43
CA MET J 309 35.76 -54.90 60.08
C MET J 309 35.02 -56.19 59.72
N ILE J 310 35.65 -57.06 58.94
CA ILE J 310 35.04 -58.35 58.63
C ILE J 310 34.97 -59.23 59.87
N ASP J 311 36.03 -59.21 60.69
CA ASP J 311 35.98 -59.96 61.95
C ASP J 311 34.80 -59.54 62.80
N ASP J 312 34.43 -58.25 62.77
CA ASP J 312 33.30 -57.78 63.55
C ASP J 312 32.00 -58.39 63.07
N VAL J 313 31.90 -58.71 61.77
CA VAL J 313 30.73 -59.40 61.25
C VAL J 313 30.60 -60.77 61.90
N LYS J 314 31.71 -61.50 62.01
CA LYS J 314 31.68 -62.80 62.67
C LYS J 314 31.33 -62.66 64.15
N LYS J 315 31.85 -61.62 64.80
CA LYS J 315 31.49 -61.38 66.20
C LYS J 315 30.00 -61.13 66.35
N ALA J 316 29.41 -60.36 65.44
CA ALA J 316 27.97 -60.16 65.45
C ALA J 316 27.22 -61.47 65.27
N GLY J 317 27.78 -62.40 64.49
CA GLY J 317 27.12 -63.66 64.22
C GLY J 317 26.23 -63.61 63.00
N ALA J 318 26.56 -62.71 62.07
CA ALA J 318 25.80 -62.54 60.84
C ALA J 318 26.23 -63.56 59.80
N ASP J 319 25.28 -63.94 58.95
CA ASP J 319 25.54 -64.81 57.81
C ASP J 319 25.78 -64.05 56.51
N VAL J 320 25.01 -62.99 56.26
CA VAL J 320 25.11 -62.19 55.05
C VAL J 320 25.22 -60.73 55.42
N VAL J 321 25.80 -59.92 54.53
CA VAL J 321 26.03 -58.51 54.77
C VAL J 321 25.37 -57.72 53.65
N ILE J 322 24.53 -56.76 54.01
CA ILE J 322 23.84 -55.89 53.05
C ILE J 322 24.21 -54.46 53.41
N CYS J 323 24.89 -53.77 52.49
CA CYS J 323 25.37 -52.42 52.72
C CYS J 323 24.87 -51.49 51.62
N GLN J 324 24.67 -50.22 51.98
CA GLN J 324 24.41 -49.20 50.97
C GLN J 324 25.58 -49.04 50.01
N TRP J 325 26.79 -49.36 50.45
CA TRP J 325 28.00 -49.17 49.66
C TRP J 325 28.53 -50.52 49.19
N GLY J 326 29.41 -50.48 48.19
CA GLY J 326 30.14 -51.66 47.79
C GLY J 326 31.36 -51.92 48.67
N PHE J 327 32.15 -52.88 48.23
CA PHE J 327 33.30 -53.36 48.99
C PHE J 327 34.57 -53.29 48.14
N ASP J 328 35.68 -53.02 48.79
CA ASP J 328 36.99 -53.06 48.15
C ASP J 328 37.42 -54.51 47.98
N ASP J 329 38.50 -54.72 47.21
CA ASP J 329 38.93 -56.08 46.91
C ASP J 329 39.28 -56.84 48.17
N GLU J 330 39.97 -56.19 49.10
CA GLU J 330 40.40 -56.87 50.33
C GLU J 330 39.19 -57.30 51.16
N ALA J 331 38.16 -56.45 51.24
CA ALA J 331 36.95 -56.82 51.94
C ALA J 331 36.26 -57.99 51.26
N ASN J 332 36.29 -58.03 49.93
CA ASN J 332 35.62 -59.11 49.21
C ASN J 332 36.30 -60.46 49.46
N HIS J 333 37.64 -60.47 49.50
CA HIS J 333 38.35 -61.70 49.81
C HIS J 333 38.12 -62.12 51.25
N LEU J 334 38.15 -61.17 52.18
CA LEU J 334 37.92 -61.51 53.59
C LEU J 334 36.49 -62.02 53.80
N LEU J 335 35.51 -61.39 53.17
CA LEU J 335 34.14 -61.89 53.23
C LEU J 335 34.03 -63.24 52.55
N LEU J 336 34.75 -63.44 51.45
CA LEU J 336 34.73 -64.72 50.75
C LEU J 336 35.30 -65.83 51.63
N GLN J 337 36.48 -65.60 52.20
CA GLN J 337 37.14 -66.64 52.97
C GLN J 337 36.32 -67.06 54.18
N ASN J 338 35.59 -66.13 54.78
CA ASN J 338 34.80 -66.40 55.97
C ASN J 338 33.36 -66.78 55.67
N ASP J 339 33.04 -67.03 54.39
CA ASP J 339 31.70 -67.45 53.98
C ASP J 339 30.64 -66.46 54.47
N LEU J 340 30.83 -65.20 54.12
CA LEU J 340 29.92 -64.11 54.48
C LEU J 340 29.43 -63.42 53.22
N PRO J 341 28.46 -64.01 52.52
CA PRO J 341 27.94 -63.39 51.30
C PRO J 341 27.47 -61.97 51.56
N ALA J 342 27.76 -61.08 50.60
CA ALA J 342 27.49 -59.66 50.72
C ALA J 342 26.94 -59.10 49.42
N VAL J 343 26.02 -58.15 49.54
CA VAL J 343 25.34 -57.54 48.41
C VAL J 343 25.81 -56.09 48.35
N ARG J 344 26.17 -55.61 47.17
CA ARG J 344 26.77 -54.29 47.03
C ARG J 344 25.76 -53.27 46.55
N TRP J 345 25.95 -52.02 46.99
CA TRP J 345 25.27 -50.84 46.45
C TRP J 345 23.74 -51.03 46.46
N VAL J 346 23.22 -51.35 47.63
CA VAL J 346 21.79 -51.59 47.83
C VAL J 346 21.15 -50.27 48.24
N GLY J 347 20.05 -49.92 47.57
CA GLY J 347 19.44 -48.62 47.74
C GLY J 347 18.69 -48.44 49.06
N GLY J 348 18.34 -47.20 49.38
CA GLY J 348 17.71 -46.89 50.64
C GLY J 348 16.46 -47.72 50.92
N GLN J 349 15.48 -47.64 50.01
CA GLN J 349 14.23 -48.37 50.22
C GLN J 349 14.49 -49.87 50.30
N GLU J 350 15.43 -50.38 49.51
CA GLU J 350 15.74 -51.80 49.53
C GLU J 350 16.28 -52.22 50.89
N LEU J 351 17.10 -51.37 51.51
CA LEU J 351 17.59 -51.66 52.86
C LEU J 351 16.43 -51.67 53.86
N GLU J 352 15.48 -50.75 53.70
CA GLU J 352 14.33 -50.72 54.59
C GLU J 352 13.44 -51.94 54.40
N HIS J 353 13.27 -52.38 53.14
CA HIS J 353 12.44 -53.55 52.89
C HIS J 353 12.95 -54.78 53.64
N ILE J 354 14.28 -54.96 53.67
CA ILE J 354 14.84 -56.08 54.41
C ILE J 354 14.64 -55.90 55.91
N ALA J 355 14.97 -54.72 56.43
CA ALA J 355 14.85 -54.47 57.86
C ALA J 355 13.41 -54.65 58.32
N ILE J 356 12.44 -54.22 57.52
CA ILE J 356 11.03 -54.41 57.87
C ILE J 356 10.66 -55.89 57.80
N SER J 357 10.92 -56.53 56.66
CA SER J 357 10.47 -57.90 56.47
C SER J 357 11.13 -58.84 57.47
N THR J 358 12.41 -58.62 57.80
CA THR J 358 13.17 -59.50 58.67
C THR J 358 13.07 -59.12 60.14
N ASN J 359 12.26 -58.10 60.48
CA ASN J 359 12.07 -57.65 61.85
C ASN J 359 13.40 -57.32 62.52
N GLY J 360 14.23 -56.62 61.77
CA GLY J 360 15.55 -56.22 62.25
C GLY J 360 15.72 -54.72 62.34
N ARG J 361 16.98 -54.26 62.27
CA ARG J 361 17.29 -52.85 62.30
C ARG J 361 18.29 -52.53 61.20
N ILE J 362 18.34 -51.25 60.81
CA ILE J 362 19.42 -50.72 59.99
C ILE J 362 20.39 -50.05 60.95
N VAL J 363 21.61 -50.55 60.97
CA VAL J 363 22.59 -50.13 61.99
C VAL J 363 23.66 -49.26 61.32
N PRO J 364 23.76 -47.98 61.68
CA PRO J 364 24.72 -47.10 60.99
C PRO J 364 26.17 -47.55 61.08
N ARG J 365 26.52 -48.29 62.13
CA ARG J 365 27.91 -48.65 62.39
C ARG J 365 27.99 -50.14 62.72
N PHE J 366 29.21 -50.58 63.02
CA PHE J 366 29.46 -52.02 63.17
C PHE J 366 29.45 -52.45 64.63
N GLN J 367 29.71 -51.53 65.56
CA GLN J 367 29.91 -51.92 66.96
C GLN J 367 28.61 -52.36 67.62
N ASP J 368 27.46 -52.03 67.02
CA ASP J 368 26.15 -52.32 67.60
C ASP J 368 25.56 -53.61 67.06
N LEU J 369 26.26 -54.32 66.18
CA LEU J 369 25.73 -55.51 65.55
C LEU J 369 25.74 -56.70 66.53
N SER J 370 24.58 -57.34 66.64
CA SER J 370 24.39 -58.47 67.54
C SER J 370 23.04 -59.10 67.19
N LYS J 371 22.71 -60.19 67.88
CA LYS J 371 21.42 -60.85 67.70
C LYS J 371 20.25 -59.89 67.85
N ASP J 372 20.41 -58.77 68.55
CA ASP J 372 19.32 -57.84 68.79
C ASP J 372 19.11 -56.87 67.65
N LYS J 373 20.06 -56.77 66.71
CA LYS J 373 19.92 -55.90 65.56
C LYS J 373 19.85 -56.65 64.23
N LEU J 374 20.49 -57.82 64.14
CA LEU J 374 20.53 -58.55 62.88
C LEU J 374 19.14 -59.04 62.50
N GLY J 375 18.84 -58.99 61.21
CA GLY J 375 17.59 -59.49 60.70
C GLY J 375 17.59 -61.00 60.56
N THR J 376 16.39 -61.61 60.53
CA THR J 376 16.25 -63.05 60.39
C THR J 376 15.38 -63.33 59.17
N CYS J 377 15.80 -64.32 58.38
CA CYS J 377 14.95 -64.89 57.34
C CYS J 377 15.24 -66.40 57.21
N SER J 378 14.41 -67.08 56.41
CA SER J 378 14.56 -68.50 56.17
C SER J 378 15.49 -68.84 55.01
N ARG J 379 15.53 -68.02 53.97
CA ARG J 379 16.41 -68.30 52.84
C ARG J 379 16.69 -67.01 52.08
N ILE J 380 17.92 -66.88 51.57
CA ILE J 380 18.31 -65.82 50.65
C ILE J 380 19.02 -66.47 49.48
N TYR J 381 18.53 -66.19 48.27
CA TYR J 381 19.03 -66.89 47.09
C TYR J 381 18.92 -65.99 45.87
N GLU J 382 19.68 -66.33 44.83
CA GLU J 382 19.66 -65.60 43.57
C GLU J 382 18.79 -66.38 42.59
N GLN J 383 17.83 -65.70 41.98
CA GLN J 383 16.89 -66.37 41.08
C GLN J 383 17.12 -65.89 39.64
N GLU J 384 17.33 -66.83 38.73
CA GLU J 384 17.36 -66.53 37.30
C GLU J 384 15.99 -66.74 36.68
N PHE J 385 15.68 -65.89 35.69
CA PHE J 385 14.39 -65.91 35.00
C PHE J 385 14.67 -66.06 33.50
N GLY J 386 14.77 -67.31 33.05
CA GLY J 386 15.07 -67.60 31.65
C GLY J 386 16.34 -66.96 31.14
N THR J 387 16.21 -66.14 30.10
CA THR J 387 17.35 -65.44 29.50
C THR J 387 17.54 -64.05 30.07
N THR J 388 16.75 -63.66 31.07
CA THR J 388 16.89 -62.35 31.69
C THR J 388 18.04 -62.36 32.69
N LYS J 389 18.98 -61.42 32.52
CA LYS J 389 20.21 -61.42 33.29
C LYS J 389 20.12 -60.59 34.57
N ASP J 390 18.93 -60.12 34.93
CA ASP J 390 18.78 -59.32 36.15
C ASP J 390 19.31 -60.07 37.36
N ARG J 391 19.02 -61.37 37.45
CA ARG J 391 19.47 -62.23 38.54
C ARG J 391 19.20 -61.57 39.90
N MET J 392 17.91 -61.38 40.16
CA MET J 392 17.47 -60.69 41.36
C MET J 392 17.75 -61.53 42.60
N LEU J 393 17.93 -60.86 43.74
CA LEU J 393 18.15 -61.52 45.01
C LEU J 393 16.90 -61.43 45.87
N ILE J 394 16.42 -62.59 46.30
CA ILE J 394 15.14 -62.71 46.99
C ILE J 394 15.39 -63.21 48.40
N ILE J 395 14.76 -62.54 49.38
CA ILE J 395 14.86 -62.91 50.79
C ILE J 395 13.48 -63.39 51.21
N GLU J 396 13.40 -64.63 51.68
CA GLU J 396 12.13 -65.23 52.05
C GLU J 396 12.08 -65.58 53.54
N GLN J 397 10.88 -65.44 54.10
CA GLN J 397 10.56 -65.86 55.46
C GLN J 397 10.02 -67.29 55.46
N SER J 398 9.48 -67.71 54.32
CA SER J 398 8.82 -69.01 54.12
C SER J 398 7.71 -69.24 55.14
N LYS J 399 6.98 -68.18 55.46
CA LYS J 399 5.87 -68.21 56.41
C LYS J 399 5.05 -66.95 56.20
N GLU J 400 3.95 -66.84 56.95
CA GLU J 400 3.12 -65.64 56.89
C GLU J 400 3.97 -64.38 56.97
N THR J 401 3.73 -63.44 56.05
CA THR J 401 4.53 -62.23 56.00
C THR J 401 3.73 -61.02 56.46
N LYS J 402 4.45 -59.93 56.72
CA LYS J 402 3.85 -58.64 56.98
C LYS J 402 3.74 -57.79 55.71
N THR J 403 4.44 -58.18 54.65
CA THR J 403 4.47 -57.38 53.43
C THR J 403 4.75 -58.30 52.24
N VAL J 404 4.22 -57.93 51.08
CA VAL J 404 4.41 -58.68 49.85
C VAL J 404 4.86 -57.71 48.76
N THR J 405 5.48 -58.28 47.72
CA THR J 405 5.84 -57.52 46.52
C THR J 405 5.24 -58.22 45.31
N CYS J 406 4.55 -57.46 44.47
CA CYS J 406 3.95 -58.00 43.25
C CYS J 406 4.95 -57.89 42.11
N PHE J 407 5.43 -59.03 41.62
CA PHE J 407 6.47 -59.07 40.59
C PHE J 407 5.79 -59.20 39.23
N VAL J 408 6.04 -58.21 38.37
CA VAL J 408 5.41 -58.14 37.05
C VAL J 408 6.48 -58.27 35.98
N ARG J 409 6.21 -59.09 34.96
CA ARG J 409 7.08 -59.22 33.81
C ARG J 409 6.31 -58.87 32.55
N GLY J 410 7.04 -58.77 31.44
CA GLY J 410 6.44 -58.37 30.18
C GLY J 410 7.49 -58.06 29.15
N SER J 411 7.07 -58.09 27.89
CA SER J 411 7.99 -58.03 26.76
C SER J 411 8.46 -56.62 26.44
N ASN J 412 7.94 -55.62 27.14
CA ASN J 412 8.35 -54.23 26.91
C ASN J 412 7.99 -53.41 28.14
N LYS J 413 8.51 -52.18 28.19
CA LYS J 413 8.26 -51.28 29.31
C LYS J 413 6.79 -50.95 29.47
N MET J 414 6.14 -50.53 28.36
CA MET J 414 4.72 -50.17 28.42
C MET J 414 3.85 -51.35 28.84
N ILE J 415 4.24 -52.57 28.46
CA ILE J 415 3.48 -53.74 28.87
C ILE J 415 3.60 -53.96 30.38
N VAL J 416 4.81 -53.87 30.91
CA VAL J 416 5.01 -54.04 32.36
C VAL J 416 4.32 -52.91 33.12
N ASP J 417 4.49 -51.67 32.65
CA ASP J 417 3.92 -50.53 33.36
C ASP J 417 2.40 -50.65 33.45
N GLU J 418 1.75 -51.07 32.37
CA GLU J 418 0.30 -51.12 32.35
C GLU J 418 -0.21 -52.30 33.17
N ALA J 419 0.40 -53.48 32.98
CA ALA J 419 0.02 -54.64 33.77
C ALA J 419 0.29 -54.42 35.24
N GLU J 420 1.38 -53.74 35.57
CA GLU J 420 1.67 -53.42 36.98
C GLU J 420 0.62 -52.47 37.54
N ARG J 421 0.28 -51.42 36.79
CA ARG J 421 -0.76 -50.51 37.24
C ARG J 421 -2.11 -51.21 37.30
N ALA J 422 -2.35 -52.19 36.43
CA ALA J 422 -3.59 -52.96 36.50
C ALA J 422 -3.75 -53.62 37.86
N LEU J 423 -2.65 -54.11 38.44
CA LEU J 423 -2.73 -54.67 39.79
C LEU J 423 -3.14 -53.60 40.80
N HIS J 424 -2.63 -52.39 40.66
CA HIS J 424 -3.03 -51.29 41.55
C HIS J 424 -4.55 -51.18 41.60
N ASP J 425 -5.19 -51.16 40.43
CA ASP J 425 -6.65 -51.05 40.40
C ASP J 425 -7.30 -52.25 41.08
N SER J 426 -6.84 -53.45 40.76
CA SER J 426 -7.41 -54.65 41.35
C SER J 426 -7.17 -54.68 42.86
N LEU J 427 -5.99 -54.23 43.30
CA LEU J 427 -5.72 -54.17 44.72
C LEU J 427 -6.68 -53.22 45.43
N CYS J 428 -7.04 -52.12 44.77
CA CYS J 428 -8.02 -51.20 45.35
C CYS J 428 -9.38 -51.87 45.46
N VAL J 429 -9.76 -52.68 44.48
CA VAL J 429 -11.06 -53.35 44.52
C VAL J 429 -11.12 -54.32 45.71
N VAL J 430 -10.13 -55.20 45.82
CA VAL J 430 -10.16 -56.20 46.87
C VAL J 430 -9.94 -55.54 48.23
N ARG J 431 -9.21 -54.43 48.27
CA ARG J 431 -9.12 -53.65 49.50
C ARG J 431 -10.50 -53.21 49.97
N ASN J 432 -11.32 -52.68 49.07
CA ASN J 432 -12.63 -52.18 49.45
C ASN J 432 -13.58 -53.32 49.80
N LEU J 433 -13.47 -54.45 49.11
CA LEU J 433 -14.31 -55.59 49.40
C LEU J 433 -14.04 -56.16 50.78
N VAL J 434 -12.79 -56.17 51.24
CA VAL J 434 -12.45 -56.64 52.58
C VAL J 434 -13.02 -55.67 53.61
N LYS J 435 -12.82 -54.37 53.38
CA LYS J 435 -13.22 -53.38 54.38
C LYS J 435 -14.72 -53.28 54.53
N ASP J 436 -15.46 -53.29 53.41
CA ASP J 436 -16.90 -53.13 53.44
C ASP J 436 -17.50 -54.24 52.57
N SER J 437 -18.18 -55.18 53.21
CA SER J 437 -18.66 -56.37 52.50
C SER J 437 -19.84 -56.07 51.58
N ARG J 438 -20.43 -54.89 51.68
CA ARG J 438 -21.64 -54.57 50.92
C ARG J 438 -21.25 -54.18 49.50
N VAL J 439 -21.88 -54.82 48.52
CA VAL J 439 -21.57 -54.59 47.11
C VAL J 439 -22.87 -54.39 46.34
N VAL J 440 -22.76 -53.75 45.18
CA VAL J 440 -23.86 -53.62 44.23
C VAL J 440 -23.36 -54.00 42.86
N TYR J 441 -24.29 -54.34 41.97
CA TYR J 441 -23.94 -54.74 40.62
C TYR J 441 -23.64 -53.51 39.77
N GLY J 442 -22.66 -53.65 38.87
CA GLY J 442 -22.23 -52.53 38.07
C GLY J 442 -22.79 -52.59 36.67
N GLY J 443 -21.97 -52.15 35.72
CA GLY J 443 -22.37 -52.13 34.33
C GLY J 443 -23.36 -51.02 34.04
N GLY J 444 -23.48 -50.08 34.97
CA GLY J 444 -24.47 -49.04 34.92
C GLY J 444 -25.82 -49.41 35.51
N ALA J 445 -25.98 -50.66 35.95
CA ALA J 445 -27.26 -51.09 36.48
C ALA J 445 -27.66 -50.27 37.70
N ALA J 446 -26.70 -49.94 38.57
CA ALA J 446 -27.02 -49.15 39.76
C ALA J 446 -27.55 -47.77 39.37
N GLU J 447 -26.93 -47.13 38.38
CA GLU J 447 -27.38 -45.81 37.95
C GLU J 447 -28.80 -45.86 37.38
N VAL J 448 -29.15 -46.93 36.68
CA VAL J 448 -30.50 -47.04 36.15
C VAL J 448 -31.51 -47.20 37.27
N THR J 449 -31.21 -48.07 38.24
CA THR J 449 -32.10 -48.23 39.39
C THR J 449 -32.28 -46.93 40.15
N MET J 450 -31.17 -46.23 40.41
CA MET J 450 -31.25 -44.96 41.12
C MET J 450 -31.96 -43.90 40.28
N SER J 451 -31.72 -43.90 38.98
CA SER J 451 -32.42 -42.97 38.10
C SER J 451 -33.93 -43.20 38.14
N LEU J 452 -34.36 -44.46 38.08
CA LEU J 452 -35.79 -44.76 38.14
C LEU J 452 -36.39 -44.30 39.45
N ALA J 453 -35.71 -44.56 40.57
CA ALA J 453 -36.24 -44.19 41.87
C ALA J 453 -36.39 -42.67 41.99
N VAL J 454 -35.37 -41.93 41.59
CA VAL J 454 -35.45 -40.47 41.65
C VAL J 454 -36.54 -39.95 40.73
N SER J 455 -36.66 -40.54 39.53
CA SER J 455 -37.71 -40.11 38.61
C SER J 455 -39.10 -40.32 39.20
N GLU J 456 -39.35 -41.47 39.82
CA GLU J 456 -40.66 -41.74 40.39
C GLU J 456 -40.96 -40.79 41.55
N GLU J 457 -39.95 -40.52 42.38
CA GLU J 457 -40.13 -39.59 43.50
C GLU J 457 -40.30 -38.15 43.03
N ALA J 458 -39.70 -37.78 41.89
CA ALA J 458 -39.81 -36.40 41.42
C ALA J 458 -41.27 -35.99 41.27
N ASP J 459 -42.13 -36.88 40.76
CA ASP J 459 -43.51 -36.53 40.52
C ASP J 459 -44.27 -36.30 41.83
N LYS J 460 -43.71 -36.74 42.96
CA LYS J 460 -44.38 -36.55 44.25
C LYS J 460 -44.11 -35.17 44.84
N GLN J 461 -43.20 -34.39 44.24
CA GLN J 461 -42.81 -33.12 44.86
C GLN J 461 -43.89 -32.08 44.70
N ARG J 462 -44.51 -32.02 43.52
CA ARG J 462 -45.59 -31.06 43.22
C ARG J 462 -45.11 -29.61 43.31
N GLY J 463 -43.81 -29.41 43.45
CA GLY J 463 -43.28 -28.07 43.61
C GLY J 463 -42.10 -27.78 42.70
N ILE J 464 -41.36 -26.71 43.00
CA ILE J 464 -40.31 -26.24 42.11
C ILE J 464 -39.23 -27.32 41.98
N ASP J 465 -38.91 -28.00 43.09
CA ASP J 465 -37.81 -28.95 43.11
C ASP J 465 -37.98 -30.05 42.06
N GLN J 466 -39.20 -30.25 41.56
CA GLN J 466 -39.43 -31.34 40.61
C GLN J 466 -38.47 -31.25 39.43
N TYR J 467 -38.10 -30.02 39.04
CA TYR J 467 -37.22 -29.86 37.89
C TYR J 467 -35.83 -30.41 38.18
N ALA J 468 -35.33 -30.18 39.39
CA ALA J 468 -33.98 -30.66 39.73
C ALA J 468 -33.97 -32.17 39.93
N PHE J 469 -35.03 -32.72 40.52
CA PHE J 469 -35.08 -34.16 40.74
C PHE J 469 -35.10 -34.91 39.42
N ARG J 470 -35.88 -34.43 38.44
CA ARG J 470 -35.87 -35.05 37.13
C ARG J 470 -34.52 -34.87 36.45
N GLY J 471 -33.94 -33.68 36.57
CA GLY J 471 -32.61 -33.45 36.01
C GLY J 471 -31.57 -34.40 36.59
N PHE J 472 -31.58 -34.56 37.91
CA PHE J 472 -30.63 -35.46 38.55
C PHE J 472 -30.73 -36.86 37.96
N ALA J 473 -31.95 -37.38 37.83
CA ALA J 473 -32.14 -38.70 37.25
C ALA J 473 -31.59 -38.75 35.82
N GLN J 474 -31.86 -37.73 35.02
CA GLN J 474 -31.35 -37.70 33.66
C GLN J 474 -29.83 -37.67 33.63
N ALA J 475 -29.20 -36.99 34.61
CA ALA J 475 -27.75 -37.01 34.70
C ALA J 475 -27.23 -38.42 34.95
N LEU J 476 -27.90 -39.17 35.81
CA LEU J 476 -27.49 -40.55 36.07
C LEU J 476 -27.55 -41.39 34.79
N ASP J 477 -28.54 -41.13 33.94
CA ASP J 477 -28.70 -41.92 32.73
C ASP J 477 -27.47 -41.82 31.83
N THR J 478 -26.68 -40.76 31.97
CA THR J 478 -25.58 -40.53 31.05
C THR J 478 -24.49 -41.59 31.19
N ILE J 479 -24.45 -42.27 32.34
CA ILE J 479 -23.45 -43.31 32.59
C ILE J 479 -23.75 -44.57 31.78
N PRO J 480 -24.90 -45.23 31.94
CA PRO J 480 -25.19 -46.37 31.07
C PRO J 480 -25.25 -46.01 29.59
N MET J 481 -25.59 -44.76 29.27
CA MET J 481 -25.56 -44.32 27.87
C MET J 481 -24.13 -44.20 27.38
N THR J 482 -23.24 -43.67 28.20
CA THR J 482 -21.82 -43.63 27.84
C THR J 482 -21.26 -45.03 27.66
N LEU J 483 -21.63 -45.96 28.55
CA LEU J 483 -21.18 -47.34 28.40
C LEU J 483 -21.67 -47.94 27.10
N ALA J 484 -22.88 -47.58 26.67
CA ALA J 484 -23.36 -48.00 25.36
C ALA J 484 -22.54 -47.40 24.23
N GLU J 485 -22.39 -46.07 24.23
CA GLU J 485 -21.70 -45.41 23.13
C GLU J 485 -20.27 -45.90 22.99
N ASN J 486 -19.55 -46.06 24.11
CA ASN J 486 -18.17 -46.51 24.06
C ASN J 486 -18.07 -47.99 23.66
N SER J 487 -19.19 -48.70 23.64
CA SER J 487 -19.20 -50.10 23.22
C SER J 487 -19.70 -50.30 21.79
N GLY J 488 -20.07 -49.23 21.10
CA GLY J 488 -20.66 -49.36 19.78
C GLY J 488 -22.14 -49.68 19.79
N LEU J 489 -22.82 -49.43 20.91
CA LEU J 489 -24.24 -49.74 21.05
C LEU J 489 -25.05 -48.46 20.94
N ASP J 490 -26.30 -48.61 20.52
CA ASP J 490 -27.23 -47.50 20.49
C ASP J 490 -27.61 -47.12 21.91
N PRO J 491 -27.27 -45.91 22.38
CA PRO J 491 -27.53 -45.57 23.79
C PRO J 491 -29.02 -45.39 24.07
N ILE J 492 -29.80 -45.14 23.02
CA ILE J 492 -31.24 -44.92 23.21
C ILE J 492 -31.96 -46.26 23.33
N GLY J 493 -31.67 -47.19 22.43
CA GLY J 493 -32.21 -48.53 22.57
C GLY J 493 -31.70 -49.23 23.82
N THR J 494 -30.44 -48.98 24.17
CA THR J 494 -29.87 -49.62 25.36
C THR J 494 -30.56 -49.12 26.63
N LEU J 495 -30.65 -47.81 26.81
CA LEU J 495 -31.26 -47.25 28.02
C LEU J 495 -32.74 -47.62 28.09
N SER J 496 -33.44 -47.59 26.95
CA SER J 496 -34.82 -48.04 26.93
C SER J 496 -34.94 -49.47 27.44
N THR J 497 -34.07 -50.36 26.97
CA THR J 497 -34.10 -51.74 27.44
C THR J 497 -33.78 -51.82 28.93
N LEU J 498 -32.76 -51.07 29.37
CA LEU J 498 -32.37 -51.13 30.78
C LEU J 498 -33.53 -50.73 31.69
N LYS J 499 -34.18 -49.61 31.39
CA LYS J 499 -35.28 -49.15 32.24
C LYS J 499 -36.48 -50.09 32.12
N SER J 500 -36.76 -50.56 30.90
CA SER J 500 -37.91 -51.45 30.69
C SER J 500 -37.77 -52.73 31.50
N LYS J 501 -36.60 -53.35 31.46
CA LYS J 501 -36.42 -54.62 32.17
C LYS J 501 -36.59 -54.44 33.68
N GLN J 502 -36.12 -53.32 34.23
CA GLN J 502 -36.20 -53.06 35.66
C GLN J 502 -37.57 -52.56 36.10
N LEU J 503 -38.50 -52.38 35.16
CA LEU J 503 -39.86 -51.98 35.50
C LEU J 503 -40.84 -53.10 35.17
N LYS J 504 -40.65 -53.74 34.02
CA LYS J 504 -41.59 -54.76 33.55
C LYS J 504 -41.40 -56.09 34.25
N GLU J 505 -40.16 -56.48 34.54
CA GLU J 505 -39.86 -57.81 35.04
C GLU J 505 -39.51 -57.80 36.52
N LYS J 506 -38.43 -57.14 36.93
CA LYS J 506 -38.00 -57.09 38.31
C LYS J 506 -36.94 -56.01 38.46
N ILE J 507 -36.99 -55.27 39.58
CA ILE J 507 -36.07 -54.18 39.86
C ILE J 507 -34.63 -54.69 39.87
N SER J 508 -34.44 -56.00 39.99
CA SER J 508 -33.13 -56.63 40.00
C SER J 508 -32.21 -56.02 38.96
N ASN J 509 -30.95 -55.77 39.34
CA ASN J 509 -29.98 -55.07 38.51
C ASN J 509 -29.85 -55.70 37.12
N ILE J 510 -30.03 -54.89 36.08
CA ILE J 510 -29.85 -55.30 34.70
C ILE J 510 -28.69 -54.48 34.13
N GLY J 511 -27.67 -55.16 33.63
CA GLY J 511 -26.49 -54.51 33.11
C GLY J 511 -26.53 -54.28 31.61
N VAL J 512 -25.36 -53.98 31.06
CA VAL J 512 -25.21 -53.68 29.65
C VAL J 512 -24.32 -54.74 29.01
N ASP J 513 -24.27 -54.74 27.68
CA ASP J 513 -23.58 -55.78 26.91
C ASP J 513 -22.12 -55.38 26.61
N CYS J 514 -21.65 -54.38 27.37
CA CYS J 514 -20.34 -53.78 27.13
C CYS J 514 -19.21 -54.81 27.12
N LEU J 515 -19.38 -55.93 27.83
CA LEU J 515 -18.33 -56.94 27.92
C LEU J 515 -18.39 -57.97 26.79
N GLY J 516 -19.40 -57.87 25.92
CA GLY J 516 -19.55 -58.82 24.83
C GLY J 516 -20.04 -60.18 25.26
N TYR J 517 -20.75 -60.23 26.38
CA TYR J 517 -21.25 -61.50 26.90
C TYR J 517 -22.57 -61.86 26.21
N GLY J 518 -23.01 -63.11 26.35
CA GLY J 518 -24.20 -63.54 25.63
C GLY J 518 -25.43 -62.72 25.94
N SER J 519 -25.51 -62.19 27.16
CA SER J 519 -26.67 -61.42 27.57
C SER J 519 -26.30 -60.54 28.76
N ASN J 520 -27.21 -59.65 29.13
CA ASN J 520 -27.14 -58.85 30.36
C ASN J 520 -27.64 -59.63 31.56
N ASP J 521 -28.00 -58.93 32.63
CA ASP J 521 -28.35 -59.53 33.92
C ASP J 521 -27.10 -59.97 34.67
N MET J 522 -26.41 -59.00 35.28
CA MET J 522 -25.06 -59.20 35.82
C MET J 522 -25.01 -60.26 36.91
N LYS J 523 -26.18 -60.67 37.43
CA LYS J 523 -26.20 -61.70 38.46
C LYS J 523 -25.43 -62.94 38.04
N GLU J 524 -25.42 -63.24 36.74
CA GLU J 524 -24.72 -64.43 36.27
C GLU J 524 -23.39 -64.09 35.65
N LEU J 525 -23.03 -62.79 35.65
CA LEU J 525 -21.86 -62.32 34.93
C LEU J 525 -20.77 -61.80 35.86
N PHE J 526 -21.09 -61.52 37.12
CA PHE J 526 -20.09 -61.23 38.15
C PHE J 526 -19.38 -59.89 37.91
N VAL J 527 -20.14 -58.89 37.50
CA VAL J 527 -19.64 -57.53 37.37
C VAL J 527 -20.16 -56.73 38.56
N VAL J 528 -19.32 -56.55 39.58
CA VAL J 528 -19.77 -56.09 40.90
C VAL J 528 -18.88 -54.95 41.35
N ASP J 529 -19.51 -53.88 41.85
CA ASP J 529 -18.82 -52.72 42.39
C ASP J 529 -19.06 -52.66 43.90
N PRO J 530 -18.11 -52.17 44.68
CA PRO J 530 -18.35 -52.02 46.12
C PRO J 530 -19.38 -50.93 46.40
N PHE J 531 -20.16 -51.14 47.47
CA PHE J 531 -21.16 -50.15 47.84
C PHE J 531 -20.52 -48.81 48.15
N ILE J 532 -19.49 -48.81 48.99
CA ILE J 532 -18.86 -47.56 49.40
C ILE J 532 -18.33 -46.81 48.17
N GLY J 533 -17.91 -47.55 47.15
CA GLY J 533 -17.47 -46.92 45.91
C GLY J 533 -18.58 -46.20 45.19
N LYS J 534 -19.70 -46.88 44.96
CA LYS J 534 -20.82 -46.27 44.25
C LYS J 534 -21.46 -45.17 45.09
N LYS J 535 -21.53 -45.36 46.41
CA LYS J 535 -22.07 -44.32 47.28
C LYS J 535 -21.25 -43.04 47.18
N GLN J 536 -19.93 -43.16 47.31
CA GLN J 536 -19.07 -41.97 47.22
C GLN J 536 -19.12 -41.36 45.82
N GLN J 537 -19.19 -42.20 44.79
CA GLN J 537 -19.23 -41.69 43.43
C GLN J 537 -20.39 -40.72 43.24
N ILE J 538 -21.58 -41.10 43.69
CA ILE J 538 -22.75 -40.25 43.53
C ILE J 538 -22.70 -39.01 44.41
N LEU J 539 -22.33 -39.15 45.68
CA LEU J 539 -22.30 -38.03 46.61
C LEU J 539 -21.21 -37.02 46.24
N LEU J 540 -20.03 -37.52 45.86
CA LEU J 540 -18.91 -36.63 45.56
C LEU J 540 -19.13 -35.88 44.26
N ALA J 541 -19.66 -36.56 43.24
CA ALA J 541 -19.99 -35.89 41.99
C ALA J 541 -21.03 -34.80 42.20
N THR J 542 -22.02 -35.07 43.05
CA THR J 542 -23.02 -34.06 43.37
C THR J 542 -22.39 -32.88 44.09
N GLN J 543 -21.51 -33.15 45.06
CA GLN J 543 -20.85 -32.08 45.79
C GLN J 543 -19.99 -31.22 44.87
N LEU J 544 -19.31 -31.86 43.92
CA LEU J 544 -18.50 -31.10 42.97
C LEU J 544 -19.36 -30.19 42.11
N CYS J 545 -20.45 -30.73 41.55
CA CYS J 545 -21.38 -29.91 40.79
C CYS J 545 -21.76 -28.65 41.56
N ARG J 546 -22.11 -28.82 42.85
CA ARG J 546 -22.39 -27.66 43.68
C ARG J 546 -21.17 -26.77 43.85
N MET J 547 -19.97 -27.36 43.92
CA MET J 547 -18.75 -26.58 44.04
C MET J 547 -18.60 -25.61 42.87
N ILE J 548 -19.01 -26.04 41.67
CA ILE J 548 -18.84 -25.19 40.49
C ILE J 548 -20.03 -24.26 40.33
N LEU J 549 -21.24 -24.77 40.58
CA LEU J 549 -22.44 -23.97 40.38
C LEU J 549 -22.43 -22.73 41.26
N LYS J 550 -21.82 -22.82 42.43
CA LYS J 550 -21.87 -21.70 43.37
C LYS J 550 -20.81 -20.64 43.06
N ILE J 551 -20.04 -20.84 42.00
CA ILE J 551 -18.99 -19.89 41.64
C ILE J 551 -19.60 -18.84 40.71
N ASP J 552 -19.68 -17.60 41.19
CA ASP J 552 -20.26 -16.50 40.42
C ASP J 552 -19.23 -15.48 39.95
N ASN J 553 -17.94 -15.70 40.20
CA ASN J 553 -16.90 -14.76 39.81
C ASN J 553 -15.56 -15.46 39.87
N VAL J 554 -14.78 -15.34 38.79
CA VAL J 554 -13.43 -15.88 38.72
C VAL J 554 -12.49 -14.76 38.26
N ILE J 555 -11.39 -14.58 38.99
CA ILE J 555 -10.38 -13.57 38.67
C ILE J 555 -9.05 -14.31 38.57
N ILE J 556 -8.39 -14.22 37.42
CA ILE J 556 -7.17 -14.96 37.13
C ILE J 556 -6.05 -13.97 36.90
N SER J 557 -4.98 -14.09 37.68
CA SER J 557 -3.77 -13.31 37.50
C SER J 557 -2.73 -14.12 36.73
N GLY J 558 -1.50 -13.63 36.73
CA GLY J 558 -0.41 -14.26 36.03
C GLY J 558 0.20 -15.40 36.82
N LYS J 559 1.29 -15.93 36.28
CA LYS J 559 2.01 -17.07 36.85
C LYS J 559 3.48 -16.68 36.97
N ASP J 560 3.97 -16.57 38.21
CA ASP J 560 5.37 -16.29 38.46
C ASP J 560 6.10 -17.57 38.82
N LEU K 5 -14.29 33.44 14.15
CA LEU K 5 -15.31 34.18 13.43
C LEU K 5 -15.31 33.81 11.95
N LEU K 6 -15.91 32.66 11.61
CA LEU K 6 -15.92 32.19 10.25
C LEU K 6 -17.24 31.47 9.97
N ASN K 7 -17.87 31.86 8.87
CA ASN K 7 -19.07 31.22 8.36
C ASN K 7 -18.68 30.24 7.27
N PRO K 8 -19.23 29.03 7.24
CA PRO K 8 -19.01 28.14 6.09
C PRO K 8 -19.36 28.80 4.76
N LYS K 9 -18.58 28.44 3.74
CA LYS K 9 -18.68 29.01 2.40
C LYS K 9 -18.39 30.52 2.41
N ALA K 10 -17.42 30.90 3.24
CA ALA K 10 -16.98 32.29 3.30
C ALA K 10 -15.53 32.34 3.76
N GLU K 11 -14.91 33.51 3.59
CA GLU K 11 -13.57 33.78 4.08
C GLU K 11 -13.44 35.27 4.39
N SER K 12 -12.68 35.57 5.45
CA SER K 12 -12.37 36.96 5.79
C SER K 12 -10.87 37.11 5.95
N LEU K 13 -10.23 37.81 5.00
CA LEU K 13 -8.79 37.91 4.95
C LEU K 13 -8.33 39.10 5.77
N ARG K 14 -7.65 38.83 6.88
CA ARG K 14 -7.37 39.84 7.88
C ARG K 14 -5.88 39.92 8.15
N ARG K 15 -5.53 40.67 9.20
CA ARG K 15 -4.14 40.79 9.69
C ARG K 15 -3.23 41.38 8.61
N ASP K 16 -3.73 42.40 7.91
CA ASP K 16 -3.08 43.13 6.83
C ASP K 16 -2.77 42.23 5.63
N ALA K 17 -3.19 40.97 5.63
CA ALA K 17 -2.96 40.09 4.48
C ALA K 17 -3.60 40.61 3.21
N ALA K 18 -4.75 41.28 3.32
CA ALA K 18 -5.38 41.86 2.15
C ALA K 18 -4.46 42.89 1.48
N LEU K 19 -3.75 43.67 2.27
CA LEU K 19 -2.77 44.60 1.71
C LEU K 19 -1.61 43.87 1.07
N LYS K 20 -1.14 42.79 1.71
CA LYS K 20 -0.05 42.00 1.13
C LYS K 20 -0.46 41.40 -0.21
N VAL K 21 -1.70 40.93 -0.31
CA VAL K 21 -2.19 40.40 -1.58
C VAL K 21 -2.29 41.52 -2.62
N ASN K 22 -2.86 42.67 -2.23
CA ASN K 22 -3.02 43.77 -3.17
C ASN K 22 -1.68 44.24 -3.72
N VAL K 23 -0.67 44.36 -2.85
CA VAL K 23 0.63 44.86 -3.30
C VAL K 23 1.35 43.81 -4.14
N THR K 24 1.35 42.56 -3.65
CA THR K 24 2.01 41.49 -4.39
C THR K 24 1.43 41.35 -5.79
N SER K 25 0.10 41.36 -5.89
CA SER K 25 -0.54 41.23 -7.20
C SER K 25 -0.20 42.41 -8.10
N ALA K 26 -0.21 43.63 -7.54
CA ALA K 26 0.12 44.80 -8.33
C ALA K 26 1.54 44.75 -8.85
N GLU K 27 2.48 44.26 -8.02
CA GLU K 27 3.85 44.09 -8.49
C GLU K 27 3.93 43.08 -9.63
N GLY K 28 3.09 42.04 -9.58
CA GLY K 28 3.01 41.13 -10.71
C GLY K 28 2.60 41.85 -11.99
N LEU K 29 1.48 42.57 -11.95
CA LEU K 29 1.00 43.26 -13.14
C LEU K 29 2.01 44.31 -13.60
N GLN K 30 2.62 45.03 -12.66
CA GLN K 30 3.68 45.97 -13.01
C GLN K 30 4.82 45.25 -13.74
N SER K 31 5.27 44.12 -13.20
CA SER K 31 6.39 43.40 -13.81
C SER K 31 6.08 43.01 -15.25
N VAL K 32 4.83 42.66 -15.55
CA VAL K 32 4.46 42.29 -16.91
C VAL K 32 4.61 43.48 -17.84
N LEU K 33 3.93 44.58 -17.52
CA LEU K 33 3.92 45.75 -18.40
C LEU K 33 5.20 46.60 -18.28
N GLU K 34 5.93 46.48 -17.17
CA GLU K 34 7.17 47.23 -17.03
C GLU K 34 8.14 46.89 -18.16
N THR K 35 8.09 45.65 -18.65
CA THR K 35 8.95 45.24 -19.75
C THR K 35 8.56 45.89 -21.06
N ASN K 36 7.43 46.58 -21.10
CA ASN K 36 6.95 47.22 -22.33
C ASN K 36 6.59 48.68 -22.10
N LEU K 37 7.64 49.50 -21.98
CA LEU K 37 7.51 50.94 -21.87
C LEU K 37 8.57 51.60 -22.73
N GLY K 38 8.16 52.50 -23.62
CA GLY K 38 9.07 53.25 -24.45
C GLY K 38 9.45 52.51 -25.72
N PRO K 39 10.18 53.18 -26.62
CA PRO K 39 10.62 52.51 -27.85
C PRO K 39 11.57 51.36 -27.62
N LYS K 40 12.16 51.26 -26.42
CA LYS K 40 13.10 50.19 -26.08
C LYS K 40 12.41 48.97 -25.49
N GLY K 41 11.08 48.97 -25.42
CA GLY K 41 10.36 47.88 -24.81
C GLY K 41 10.29 46.65 -25.71
N THR K 42 9.70 45.59 -25.14
CA THR K 42 9.62 44.30 -25.78
C THR K 42 8.27 44.10 -26.46
N LEU K 43 8.16 43.03 -27.23
CA LEU K 43 6.92 42.62 -27.87
C LEU K 43 6.34 41.45 -27.10
N LYS K 44 5.02 41.34 -27.08
CA LYS K 44 4.33 40.19 -26.51
C LYS K 44 3.57 39.43 -27.59
N MET K 45 3.52 38.11 -27.43
CA MET K 45 2.74 37.23 -28.28
C MET K 45 1.52 36.72 -27.53
N LEU K 46 0.34 36.97 -28.10
CA LEU K 46 -0.93 36.60 -27.48
C LEU K 46 -1.57 35.47 -28.28
N VAL K 47 -1.70 34.31 -27.65
CA VAL K 47 -2.19 33.10 -28.30
C VAL K 47 -3.61 32.84 -27.83
N ASP K 48 -4.55 32.83 -28.78
CA ASP K 48 -5.98 32.73 -28.50
C ASP K 48 -6.39 31.29 -28.31
N GLY K 49 -5.43 30.37 -28.43
CA GLY K 49 -5.71 28.96 -28.23
C GLY K 49 -6.24 28.27 -29.47
N ALA K 50 -6.59 29.07 -30.49
CA ALA K 50 -7.10 28.49 -31.73
C ALA K 50 -6.02 28.41 -32.79
N GLY K 51 -4.79 28.81 -32.46
CA GLY K 51 -3.72 28.88 -33.43
C GLY K 51 -3.45 30.25 -34.00
N ASN K 52 -4.18 31.28 -33.55
CA ASN K 52 -3.96 32.65 -34.02
C ASN K 52 -3.17 33.40 -32.95
N ILE K 53 -2.01 33.93 -33.34
CA ILE K 53 -1.15 34.63 -32.40
C ILE K 53 -1.06 36.09 -32.80
N LYS K 54 -1.34 36.97 -31.84
CA LYS K 54 -1.31 38.41 -32.07
C LYS K 54 -0.02 39.00 -31.51
N LEU K 55 0.59 39.89 -32.28
CA LEU K 55 1.79 40.61 -31.85
C LEU K 55 1.45 42.07 -31.66
N THR K 56 1.73 42.59 -30.47
CA THR K 56 1.40 43.97 -30.15
C THR K 56 2.30 44.47 -29.02
N LYS K 57 2.46 45.79 -28.95
CA LYS K 57 2.92 46.45 -27.74
C LYS K 57 1.82 47.23 -27.03
N ASP K 58 0.61 47.29 -27.60
CA ASP K 58 -0.41 48.22 -27.16
C ASP K 58 -0.95 47.78 -25.80
N GLY K 59 -0.81 48.65 -24.79
CA GLY K 59 -1.24 48.28 -23.45
C GLY K 59 -2.71 47.95 -23.37
N LYS K 60 -3.55 48.69 -24.13
CA LYS K 60 -4.98 48.43 -24.11
C LYS K 60 -5.29 47.02 -24.60
N VAL K 61 -4.71 46.64 -25.74
CA VAL K 61 -4.89 45.28 -26.24
C VAL K 61 -4.32 44.27 -25.25
N LEU K 62 -3.13 44.54 -24.73
CA LEU K 62 -2.48 43.60 -23.81
C LEU K 62 -3.35 43.34 -22.58
N LEU K 63 -3.82 44.41 -21.93
CA LEU K 63 -4.65 44.25 -20.74
C LEU K 63 -6.01 43.67 -21.07
N THR K 64 -6.57 44.03 -22.23
CA THR K 64 -7.89 43.53 -22.59
C THR K 64 -7.89 42.04 -22.87
N GLU K 65 -6.90 41.55 -23.61
CA GLU K 65 -6.89 40.15 -24.04
C GLU K 65 -6.11 39.24 -23.10
N MET K 66 -5.13 39.76 -22.37
CA MET K 66 -4.36 38.96 -21.44
C MET K 66 -5.25 38.46 -20.31
N GLN K 67 -5.19 37.15 -20.07
CA GLN K 67 -5.93 36.49 -19.00
C GLN K 67 -5.30 36.89 -17.67
N ILE K 68 -6.13 37.36 -16.74
CA ILE K 68 -5.68 37.75 -15.41
C ILE K 68 -6.49 36.97 -14.38
N GLN K 69 -5.79 36.32 -13.44
CA GLN K 69 -6.45 35.59 -12.37
C GLN K 69 -6.55 36.41 -11.09
N SER K 70 -5.47 37.09 -10.74
CA SER K 70 -5.45 37.87 -9.50
C SER K 70 -6.58 38.90 -9.52
N PRO K 71 -7.55 38.81 -8.61
CA PRO K 71 -8.61 39.82 -8.56
C PRO K 71 -8.09 41.24 -8.46
N THR K 72 -6.96 41.45 -7.80
CA THR K 72 -6.40 42.79 -7.70
C THR K 72 -5.89 43.27 -9.05
N ALA K 73 -5.15 42.42 -9.76
CA ALA K 73 -4.67 42.79 -11.08
C ALA K 73 -5.82 43.06 -12.04
N VAL K 74 -6.95 42.36 -11.87
CA VAL K 74 -8.13 42.66 -12.67
C VAL K 74 -8.62 44.07 -12.39
N LEU K 75 -8.63 44.47 -11.12
CA LEU K 75 -9.05 45.83 -10.78
C LEU K 75 -8.19 46.87 -11.49
N ILE K 76 -6.86 46.71 -11.44
CA ILE K 76 -5.97 47.70 -12.03
C ILE K 76 -6.11 47.70 -13.54
N ALA K 77 -6.15 46.50 -14.15
CA ALA K 77 -6.25 46.42 -15.60
C ALA K 77 -7.53 47.07 -16.11
N ARG K 78 -8.66 46.81 -15.45
CA ARG K 78 -9.93 47.40 -15.90
C ARG K 78 -9.92 48.91 -15.68
N ALA K 79 -9.38 49.36 -14.55
CA ALA K 79 -9.29 50.80 -14.30
C ALA K 79 -8.44 51.49 -15.36
N ALA K 80 -7.32 50.88 -15.75
CA ALA K 80 -6.54 51.44 -16.85
C ALA K 80 -7.33 51.47 -18.14
N ALA K 81 -8.10 50.42 -18.42
CA ALA K 81 -8.91 50.39 -19.64
C ALA K 81 -9.89 51.56 -19.65
N ALA K 82 -10.45 51.92 -18.50
CA ALA K 82 -11.30 53.10 -18.43
C ALA K 82 -10.54 54.35 -18.84
N GLN K 83 -9.29 54.49 -18.37
CA GLN K 83 -8.49 55.65 -18.75
C GLN K 83 -8.15 55.63 -20.24
N ASP K 84 -8.02 54.44 -20.82
CA ASP K 84 -7.72 54.35 -22.25
C ASP K 84 -8.77 55.06 -23.09
N GLU K 85 -10.05 54.86 -22.78
CA GLU K 85 -11.11 55.53 -23.54
C GLU K 85 -11.15 57.02 -23.23
N ILE K 86 -10.82 57.39 -21.99
CA ILE K 86 -10.83 58.80 -21.60
C ILE K 86 -9.68 59.55 -22.26
N THR K 87 -8.49 58.95 -22.24
CA THR K 87 -7.27 59.69 -22.61
C THR K 87 -6.79 59.31 -24.00
N GLY K 88 -6.99 58.06 -24.41
CA GLY K 88 -6.45 57.57 -25.66
C GLY K 88 -5.02 57.08 -25.58
N ASP K 89 -4.39 57.11 -24.41
CA ASP K 89 -3.03 56.63 -24.26
C ASP K 89 -2.71 56.57 -22.78
N GLY K 90 -1.48 56.19 -22.47
CA GLY K 90 -1.01 56.19 -21.10
C GLY K 90 -1.26 54.91 -20.34
N THR K 91 -1.68 53.85 -21.05
CA THR K 91 -2.03 52.60 -20.37
C THR K 91 -0.90 52.14 -19.46
N THR K 92 0.29 51.92 -20.04
CA THR K 92 1.41 51.42 -19.26
C THR K 92 1.81 52.40 -18.17
N THR K 93 1.77 53.70 -18.47
CA THR K 93 2.13 54.71 -17.49
C THR K 93 1.28 54.57 -16.24
N VAL K 94 -0.03 54.41 -16.39
CA VAL K 94 -0.92 54.27 -15.24
C VAL K 94 -0.54 53.04 -14.43
N VAL K 95 -0.40 51.89 -15.09
CA VAL K 95 -0.13 50.64 -14.37
C VAL K 95 1.20 50.73 -13.64
N CYS K 96 2.23 51.28 -14.29
CA CYS K 96 3.52 51.43 -13.64
C CYS K 96 3.43 52.35 -12.42
N LEU K 97 2.70 53.46 -12.56
CA LEU K 97 2.55 54.37 -11.43
C LEU K 97 1.82 53.71 -10.27
N VAL K 98 0.74 52.98 -10.58
CA VAL K 98 -0.01 52.31 -9.53
C VAL K 98 0.86 51.29 -8.81
N GLY K 99 1.59 50.47 -9.55
CA GLY K 99 2.44 49.46 -8.93
C GLY K 99 3.45 50.06 -7.97
N GLU K 100 4.21 51.05 -8.43
CA GLU K 100 5.26 51.63 -7.59
C GLU K 100 4.67 52.39 -6.41
N LEU K 101 3.53 53.05 -6.61
CA LEU K 101 2.85 53.71 -5.50
C LEU K 101 2.50 52.69 -4.42
N LEU K 102 2.04 51.51 -4.81
CA LEU K 102 1.69 50.48 -3.83
C LEU K 102 2.95 49.90 -3.20
N ARG K 103 4.02 49.74 -3.97
CA ARG K 103 5.27 49.21 -3.42
C ARG K 103 5.84 50.18 -2.37
N GLN K 104 5.92 51.46 -2.71
CA GLN K 104 6.45 52.44 -1.77
C GLN K 104 5.55 52.56 -0.55
N ALA K 105 4.23 52.56 -0.76
CA ALA K 105 3.30 52.61 0.37
C ALA K 105 3.47 51.41 1.29
N HIS K 106 3.64 50.22 0.69
CA HIS K 106 3.76 49.00 1.51
C HIS K 106 4.95 49.08 2.44
N ARG K 107 6.09 49.56 1.94
CA ARG K 107 7.28 49.67 2.79
C ARG K 107 7.01 50.53 4.01
N PHE K 108 6.23 51.60 3.84
CA PHE K 108 5.90 52.47 4.96
C PHE K 108 4.82 51.88 5.85
N ILE K 109 3.84 51.19 5.25
CA ILE K 109 2.80 50.55 6.06
C ILE K 109 3.41 49.55 7.03
N GLN K 110 4.41 48.80 6.57
CA GLN K 110 5.08 47.85 7.45
C GLN K 110 5.68 48.55 8.66
N GLU K 111 5.98 49.84 8.53
CA GLU K 111 6.66 50.56 9.61
C GLU K 111 5.66 51.21 10.56
N GLY K 112 4.36 51.00 10.34
CA GLY K 112 3.35 51.50 11.26
C GLY K 112 2.57 52.69 10.72
N VAL K 113 2.75 52.99 9.44
CA VAL K 113 2.03 54.10 8.82
C VAL K 113 0.66 53.61 8.36
N HIS K 114 -0.39 54.26 8.88
CA HIS K 114 -1.74 53.83 8.57
C HIS K 114 -2.03 54.02 7.08
N PRO K 115 -2.68 53.05 6.43
CA PRO K 115 -2.99 53.23 5.00
C PRO K 115 -3.67 54.55 4.66
N ARG K 116 -4.51 55.07 5.56
CA ARG K 116 -5.20 56.33 5.25
C ARG K 116 -4.21 57.48 5.23
N ILE K 117 -3.23 57.48 6.13
CA ILE K 117 -2.24 58.55 6.17
C ILE K 117 -1.52 58.67 4.83
N ILE K 118 -1.12 57.52 4.26
CA ILE K 118 -0.48 57.54 2.95
C ILE K 118 -1.46 57.99 1.88
N THR K 119 -2.69 57.49 1.92
CA THR K 119 -3.69 57.88 0.93
C THR K 119 -3.90 59.39 0.91
N ASP K 120 -4.07 60.00 2.08
CA ASP K 120 -4.23 61.46 2.13
C ASP K 120 -3.00 62.16 1.54
N GLY K 121 -1.81 61.66 1.84
CA GLY K 121 -0.61 62.23 1.24
C GLY K 121 -0.61 62.11 -0.28
N PHE K 122 -1.11 60.99 -0.79
CA PHE K 122 -1.22 60.82 -2.25
C PHE K 122 -2.14 61.88 -2.85
N GLU K 123 -3.26 62.16 -2.19
CA GLU K 123 -4.19 63.15 -2.71
C GLU K 123 -3.59 64.55 -2.70
N ILE K 124 -2.83 64.88 -1.65
CA ILE K 124 -2.16 66.18 -1.59
C ILE K 124 -1.13 66.29 -2.71
N ALA K 125 -0.27 65.27 -2.83
CA ALA K 125 0.75 65.31 -3.88
C ALA K 125 0.12 65.34 -5.27
N ARG K 126 -0.99 64.65 -5.47
CA ARG K 126 -1.68 64.69 -6.76
C ARG K 126 -2.12 66.10 -7.09
N LYS K 127 -2.77 66.79 -6.15
CA LYS K 127 -3.21 68.15 -6.39
C LYS K 127 -2.03 69.07 -6.69
N GLU K 128 -0.93 68.91 -5.94
CA GLU K 128 0.27 69.71 -6.21
C GLU K 128 0.88 69.35 -7.55
N SER K 129 0.80 68.07 -7.94
CA SER K 129 1.32 67.67 -9.25
C SER K 129 0.56 68.35 -10.37
N MET K 130 -0.77 68.48 -10.22
CA MET K 130 -1.56 69.16 -11.24
C MET K 130 -1.23 70.64 -11.33
N LYS K 131 -0.92 71.27 -10.20
CA LYS K 131 -0.45 72.66 -10.23
C LYS K 131 0.86 72.77 -11.00
N PHE K 132 1.82 71.88 -10.72
CA PHE K 132 3.06 71.86 -11.48
C PHE K 132 2.80 71.69 -12.97
N LEU K 133 1.95 70.74 -13.35
CA LEU K 133 1.63 70.52 -14.75
C LEU K 133 1.25 71.84 -15.43
N ASP K 134 0.44 72.66 -14.76
CA ASP K 134 -0.04 73.90 -15.37
C ASP K 134 1.11 74.84 -15.68
N GLU K 135 2.13 74.86 -14.82
CA GLU K 135 3.30 75.70 -15.08
C GLU K 135 4.32 74.99 -15.96
N PHE K 136 4.24 73.66 -16.04
CA PHE K 136 5.19 72.91 -16.85
C PHE K 136 4.85 72.97 -18.33
N LYS K 137 3.56 73.03 -18.66
CA LYS K 137 3.14 72.87 -20.05
C LYS K 137 3.65 74.03 -20.90
N ILE K 138 3.78 73.77 -22.20
CA ILE K 138 4.10 74.79 -23.19
C ILE K 138 2.88 75.01 -24.06
N SER K 139 2.54 76.26 -24.31
CA SER K 139 1.41 76.57 -25.19
C SER K 139 1.86 76.57 -26.64
N LYS K 140 1.29 75.66 -27.42
CA LYS K 140 1.58 75.53 -28.84
C LYS K 140 0.85 76.62 -29.61
N THR K 141 1.45 77.02 -30.74
CA THR K 141 0.76 77.88 -31.68
C THR K 141 -0.54 77.25 -32.15
N ASN K 142 -1.55 78.10 -32.39
CA ASN K 142 -2.82 77.64 -32.93
C ASN K 142 -2.78 77.43 -34.44
N LEU K 143 -1.66 77.75 -35.08
CA LEU K 143 -1.53 77.59 -36.53
C LEU K 143 -1.61 76.13 -36.93
N SER K 144 -2.34 75.85 -38.02
CA SER K 144 -2.39 74.50 -38.56
C SER K 144 -1.22 74.23 -39.50
N ASN K 145 -0.34 75.22 -39.69
CA ASN K 145 0.79 75.12 -40.60
C ASN K 145 2.03 74.65 -39.84
N ASP K 146 1.77 74.02 -38.70
CA ASP K 146 2.78 73.51 -37.76
C ASP K 146 3.22 72.10 -38.12
N ARG K 147 3.14 71.74 -39.42
CA ARG K 147 3.50 70.41 -39.87
C ARG K 147 4.86 69.95 -39.35
N GLU K 148 5.85 70.85 -39.34
CA GLU K 148 7.18 70.49 -38.85
C GLU K 148 7.11 70.03 -37.40
N PHE K 149 6.20 70.61 -36.61
CA PHE K 149 6.05 70.17 -35.22
C PHE K 149 5.25 68.87 -35.15
N LEU K 150 4.13 68.80 -35.87
CA LEU K 150 3.27 67.62 -35.78
C LEU K 150 4.01 66.36 -36.22
N LEU K 151 5.00 66.50 -37.11
CA LEU K 151 5.84 65.37 -37.46
C LEU K 151 6.53 64.80 -36.23
N GLN K 152 7.00 65.69 -35.34
CA GLN K 152 7.62 65.23 -34.10
C GLN K 152 6.61 64.53 -33.21
N VAL K 153 5.36 65.02 -33.18
CA VAL K 153 4.32 64.38 -32.39
C VAL K 153 4.02 62.99 -32.95
N ALA K 154 3.86 62.88 -34.26
CA ALA K 154 3.62 61.57 -34.87
C ALA K 154 4.74 60.60 -34.56
N ARG K 155 6.00 61.07 -34.63
CA ARG K 155 7.13 60.20 -34.29
C ARG K 155 7.07 59.77 -32.83
N SER K 156 6.69 60.67 -31.94
CA SER K 156 6.62 60.33 -30.52
C SER K 156 5.60 59.22 -30.28
N SER K 157 4.43 59.31 -30.94
CA SER K 157 3.38 58.32 -30.77
C SER K 157 3.60 57.05 -31.58
N LEU K 158 4.31 57.13 -32.70
CA LEU K 158 4.62 55.96 -33.51
C LEU K 158 5.85 55.20 -33.02
N LEU K 159 6.97 55.91 -32.84
CA LEU K 159 8.25 55.29 -32.48
C LEU K 159 8.14 54.37 -31.27
N THR K 160 7.26 54.69 -30.31
CA THR K 160 7.11 53.83 -29.14
C THR K 160 6.66 52.43 -29.51
N LYS K 161 5.80 52.29 -30.52
CA LYS K 161 5.11 51.04 -30.80
C LYS K 161 5.54 50.34 -32.09
N VAL K 162 6.52 50.87 -32.81
CA VAL K 162 6.97 50.25 -34.06
C VAL K 162 8.46 49.95 -33.98
N ASP K 163 8.97 49.34 -35.05
CA ASP K 163 10.33 48.82 -35.09
C ASP K 163 11.37 49.88 -35.40
N ALA K 164 10.97 51.15 -35.45
CA ALA K 164 11.78 52.37 -35.64
C ALA K 164 12.13 52.58 -37.11
N ASP K 165 12.16 51.53 -37.93
CA ASP K 165 12.22 51.69 -39.39
C ASP K 165 10.87 52.01 -39.99
N LEU K 166 9.81 51.34 -39.54
CA LEU K 166 8.46 51.68 -39.99
C LEU K 166 8.10 53.12 -39.63
N THR K 167 8.74 53.67 -38.60
CA THR K 167 8.46 55.05 -38.20
C THR K 167 8.63 56.00 -39.38
N GLU K 168 9.69 55.81 -40.16
CA GLU K 168 9.93 56.71 -41.29
C GLU K 168 8.83 56.62 -42.34
N VAL K 169 8.18 55.46 -42.44
CA VAL K 169 7.08 55.31 -43.38
C VAL K 169 5.81 55.97 -42.82
N LEU K 170 5.48 55.66 -41.56
CA LEU K 170 4.21 56.08 -40.99
C LEU K 170 4.19 57.55 -40.57
N THR K 171 5.33 58.11 -40.18
CA THR K 171 5.34 59.50 -39.72
C THR K 171 4.63 60.44 -40.69
N PRO K 172 5.01 60.53 -41.97
CA PRO K 172 4.26 61.42 -42.87
C PRO K 172 2.84 60.95 -43.12
N ILE K 173 2.55 59.66 -42.92
CA ILE K 173 1.21 59.14 -43.19
C ILE K 173 0.23 59.60 -42.12
N VAL K 174 0.59 59.43 -40.85
CA VAL K 174 -0.25 59.92 -39.76
C VAL K 174 -0.33 61.44 -39.79
N THR K 175 0.81 62.11 -40.01
CA THR K 175 0.83 63.57 -39.91
C THR K 175 -0.08 64.21 -40.96
N ASP K 176 0.09 63.84 -42.22
CA ASP K 176 -0.63 64.52 -43.29
C ASP K 176 -2.09 64.07 -43.35
N ALA K 177 -2.36 62.83 -42.94
CA ALA K 177 -3.73 62.33 -42.98
C ALA K 177 -4.65 63.17 -42.11
N VAL K 178 -4.20 63.50 -40.90
CA VAL K 178 -5.05 64.27 -39.98
C VAL K 178 -5.08 65.74 -40.39
N LEU K 179 -3.94 66.29 -40.80
CA LEU K 179 -3.92 67.66 -41.30
C LEU K 179 -4.80 67.82 -42.53
N SER K 180 -4.93 66.77 -43.35
CA SER K 180 -5.75 66.87 -44.54
C SER K 180 -7.22 67.01 -44.17
N VAL K 181 -7.67 66.26 -43.16
CA VAL K 181 -9.09 66.27 -42.80
C VAL K 181 -9.37 67.37 -41.79
N TYR K 182 -8.31 67.92 -41.18
CA TYR K 182 -8.48 69.02 -40.24
C TYR K 182 -8.59 70.35 -40.97
N ASP K 183 -9.80 70.92 -40.97
CA ASP K 183 -10.08 72.18 -41.63
C ASP K 183 -9.21 73.26 -40.99
N ALA K 184 -8.59 74.10 -41.81
CA ALA K 184 -7.76 75.14 -41.20
C ALA K 184 -8.61 76.35 -40.85
N GLN K 185 -9.50 76.16 -39.88
CA GLN K 185 -10.49 77.10 -39.38
C GLN K 185 -10.86 76.59 -37.99
N ALA K 186 -11.28 77.50 -37.11
CA ALA K 186 -11.67 77.06 -35.77
C ALA K 186 -13.01 76.35 -35.90
N ASP K 187 -12.99 75.12 -36.40
CA ASP K 187 -14.23 74.35 -36.59
C ASP K 187 -14.17 73.17 -35.61
N ASN K 188 -13.57 72.06 -36.02
CA ASN K 188 -13.43 70.85 -35.20
C ASN K 188 -12.43 69.93 -35.88
N LEU K 189 -12.16 68.79 -35.26
CA LEU K 189 -11.24 67.78 -35.81
C LEU K 189 -11.77 66.41 -35.45
N ASP K 190 -12.07 65.61 -36.49
CA ASP K 190 -12.63 64.27 -36.32
C ASP K 190 -11.71 63.28 -37.00
N LEU K 191 -11.00 62.48 -36.20
CA LEU K 191 -10.06 61.51 -36.76
C LEU K 191 -10.78 60.37 -37.48
N HIS K 192 -12.10 60.31 -37.38
CA HIS K 192 -12.86 59.29 -38.10
C HIS K 192 -12.98 59.63 -39.58
N MET K 193 -12.47 60.79 -40.00
CA MET K 193 -12.43 61.13 -41.42
C MET K 193 -11.27 60.45 -42.15
N VAL K 194 -10.46 59.67 -41.46
CA VAL K 194 -9.37 58.90 -42.06
C VAL K 194 -9.73 57.44 -41.92
N GLU K 195 -9.93 56.76 -43.05
CA GLU K 195 -10.33 55.35 -43.02
C GLU K 195 -9.10 54.46 -42.93
N ILE K 196 -9.26 53.32 -42.25
CA ILE K 196 -8.16 52.39 -42.00
C ILE K 196 -8.47 51.13 -42.80
N MET K 197 -7.68 50.87 -43.83
CA MET K 197 -7.82 49.67 -44.63
C MET K 197 -6.58 48.80 -44.52
N GLN K 198 -6.74 47.51 -44.78
CA GLN K 198 -5.64 46.56 -44.76
C GLN K 198 -5.61 45.76 -46.06
N MET K 199 -4.40 45.50 -46.54
CA MET K 199 -4.20 44.68 -47.73
C MET K 199 -3.00 43.76 -47.51
N GLN K 200 -3.09 42.57 -48.10
CA GLN K 200 -2.02 41.58 -47.99
C GLN K 200 -1.17 41.59 -49.25
N HIS K 201 -0.11 40.78 -49.25
CA HIS K 201 0.84 40.57 -50.35
C HIS K 201 1.81 41.72 -50.57
N LEU K 202 1.88 42.70 -49.68
CA LEU K 202 2.96 43.68 -49.76
C LEU K 202 3.62 43.81 -48.39
N SER K 203 4.89 44.23 -48.38
CA SER K 203 5.65 44.51 -47.17
C SER K 203 5.03 45.66 -46.36
N PRO K 204 5.14 45.63 -45.03
CA PRO K 204 4.64 46.76 -44.24
C PRO K 204 5.28 48.10 -44.59
N LYS K 205 6.47 48.10 -45.19
CA LYS K 205 7.09 49.36 -45.59
C LYS K 205 6.27 50.10 -46.64
N ASP K 206 5.35 49.41 -47.31
CA ASP K 206 4.63 50.00 -48.43
C ASP K 206 3.33 50.67 -48.02
N THR K 207 3.10 50.83 -46.71
CA THR K 207 1.96 51.59 -46.22
C THR K 207 1.94 52.99 -46.83
N THR K 208 0.78 53.38 -47.37
CA THR K 208 0.69 54.52 -48.26
C THR K 208 -0.52 55.36 -47.87
N PHE K 209 -0.44 56.65 -48.16
CA PHE K 209 -1.53 57.59 -47.97
C PHE K 209 -2.25 57.80 -49.30
N ILE K 210 -3.58 57.67 -49.29
CA ILE K 210 -4.40 57.85 -50.47
C ILE K 210 -5.33 59.04 -50.22
N LYS K 211 -5.36 59.98 -51.18
CA LYS K 211 -6.12 61.21 -50.97
C LYS K 211 -7.62 60.95 -51.00
N GLY K 212 -8.05 59.90 -51.68
CA GLY K 212 -9.46 59.60 -51.81
C GLY K 212 -9.81 58.25 -51.22
N LEU K 213 -10.82 57.59 -51.77
CA LEU K 213 -11.29 56.31 -51.26
C LEU K 213 -10.77 55.19 -52.16
N VAL K 214 -10.78 53.97 -51.64
CA VAL K 214 -10.36 52.79 -52.37
C VAL K 214 -11.50 51.79 -52.37
N LEU K 215 -11.80 51.22 -53.54
CA LEU K 215 -12.85 50.23 -53.69
C LEU K 215 -12.25 48.89 -54.06
N ASP K 216 -12.89 47.82 -53.61
CA ASP K 216 -12.38 46.47 -53.85
C ASP K 216 -12.70 45.97 -55.26
N HIS K 217 -13.98 46.02 -55.65
CA HIS K 217 -14.36 45.51 -56.96
C HIS K 217 -13.85 46.39 -58.10
N GLY K 218 -13.17 45.78 -59.06
CA GLY K 218 -12.65 46.48 -60.21
C GLY K 218 -13.45 46.23 -61.47
N GLY K 219 -12.84 46.58 -62.60
CA GLY K 219 -13.47 46.35 -63.89
C GLY K 219 -13.36 44.91 -64.34
N ARG K 220 -14.32 44.43 -65.12
CA ARG K 220 -14.30 43.06 -65.62
C ARG K 220 -14.49 43.06 -67.13
N HIS K 221 -13.59 43.79 -67.80
CA HIS K 221 -13.46 43.86 -69.25
C HIS K 221 -12.06 44.36 -69.56
N PRO K 222 -11.29 43.68 -70.41
CA PRO K 222 -9.86 44.03 -70.55
C PRO K 222 -9.64 45.36 -71.23
N ASP K 223 -10.62 45.89 -71.96
CA ASP K 223 -10.44 47.11 -72.74
C ASP K 223 -10.87 48.38 -72.00
N MET K 224 -11.29 48.27 -70.73
CA MET K 224 -11.59 49.50 -70.00
C MET K 224 -10.31 50.11 -69.43
N PRO K 225 -10.22 51.44 -69.42
CA PRO K 225 -8.99 52.09 -68.94
C PRO K 225 -8.66 51.68 -67.51
N THR K 226 -7.38 51.52 -67.22
CA THR K 226 -6.93 51.40 -65.84
C THR K 226 -6.56 52.77 -65.27
N ARG K 227 -6.47 53.79 -66.12
CA ARG K 227 -6.22 55.16 -65.69
C ARG K 227 -7.17 56.09 -66.42
N VAL K 228 -8.04 56.77 -65.67
CA VAL K 228 -9.01 57.70 -66.22
C VAL K 228 -8.58 59.10 -65.77
N LYS K 229 -8.40 60.00 -66.73
CA LYS K 229 -7.90 61.35 -66.44
C LYS K 229 -9.06 62.32 -66.29
N ASN K 230 -9.08 63.04 -65.16
CA ASN K 230 -10.08 64.07 -64.86
C ASN K 230 -11.50 63.53 -65.09
N ALA K 231 -11.81 62.47 -64.34
CA ALA K 231 -13.03 61.70 -64.55
C ALA K 231 -14.25 62.48 -64.08
N TYR K 232 -15.36 62.27 -64.79
CA TYR K 232 -16.68 62.48 -64.22
C TYR K 232 -17.19 61.18 -63.60
N VAL K 233 -17.94 61.34 -62.50
CA VAL K 233 -18.37 60.23 -61.66
C VAL K 233 -19.89 60.12 -61.72
N LEU K 234 -20.38 58.96 -62.17
CA LEU K 234 -21.79 58.63 -62.12
C LEU K 234 -22.05 57.69 -60.95
N ILE K 235 -23.02 58.05 -60.11
CA ILE K 235 -23.36 57.26 -58.93
C ILE K 235 -24.73 56.66 -59.18
N LEU K 236 -24.79 55.33 -59.32
CA LEU K 236 -25.93 54.64 -59.91
C LEU K 236 -26.24 53.40 -59.08
N ASN K 237 -27.50 53.28 -58.65
CA ASN K 237 -27.92 52.24 -57.71
C ASN K 237 -28.68 51.11 -58.40
N VAL K 238 -28.84 51.17 -59.73
CA VAL K 238 -29.68 50.21 -60.44
C VAL K 238 -28.82 49.32 -61.32
N SER K 239 -29.19 48.05 -61.40
CA SER K 239 -28.42 47.06 -62.15
C SER K 239 -28.42 47.41 -63.64
N LEU K 240 -27.28 47.15 -64.30
CA LEU K 240 -27.22 47.10 -65.75
C LEU K 240 -26.97 45.71 -66.30
N GLU K 241 -27.35 44.66 -65.58
CA GLU K 241 -27.26 43.30 -66.07
C GLU K 241 -28.37 43.02 -67.08
N TYR K 242 -28.12 42.07 -67.96
CA TYR K 242 -29.12 41.71 -68.97
C TYR K 242 -30.50 41.63 -68.34
N GLU K 243 -31.43 42.42 -68.89
CA GLU K 243 -32.80 42.45 -68.41
C GLU K 243 -33.70 41.65 -69.34
N LYS K 244 -34.75 41.07 -68.77
CA LYS K 244 -35.71 40.25 -69.50
C LYS K 244 -37.01 41.02 -69.67
N THR K 245 -37.86 40.50 -70.55
CA THR K 245 -39.19 41.07 -70.74
C THR K 245 -39.86 41.35 -69.40
N GLU K 246 -40.45 42.53 -69.27
CA GLU K 246 -41.03 42.93 -67.99
C GLU K 246 -42.06 41.92 -67.49
N VAL K 247 -42.79 41.30 -68.41
CA VAL K 247 -43.88 40.41 -68.06
C VAL K 247 -43.61 39.05 -68.68
N ASN K 248 -44.29 38.03 -68.17
CA ASN K 248 -44.14 36.68 -68.70
C ASN K 248 -44.40 36.65 -70.20
N SER K 249 -43.48 36.04 -70.95
CA SER K 249 -43.57 35.97 -72.39
C SER K 249 -42.77 34.77 -72.88
N GLY K 250 -42.42 34.79 -74.16
CA GLY K 250 -41.67 33.68 -74.74
C GLY K 250 -41.27 33.99 -76.17
N PHE K 251 -40.46 33.09 -76.72
CA PHE K 251 -39.93 33.25 -78.06
C PHE K 251 -40.70 32.35 -79.03
N PHE K 252 -41.58 32.97 -79.82
CA PHE K 252 -42.44 32.26 -80.76
C PHE K 252 -42.02 32.66 -82.17
N TYR K 253 -41.35 31.76 -82.88
CA TYR K 253 -40.69 32.08 -84.13
C TYR K 253 -40.77 30.89 -85.09
N SER K 254 -40.46 31.13 -86.36
CA SER K 254 -40.57 30.10 -87.38
C SER K 254 -39.21 29.66 -87.91
N SER K 255 -38.20 30.51 -87.81
CA SER K 255 -36.88 30.25 -88.37
C SER K 255 -35.81 30.44 -87.30
N ALA K 256 -34.75 29.64 -87.41
CA ALA K 256 -33.76 29.58 -86.33
C ALA K 256 -33.17 30.96 -86.05
N ASP K 257 -32.90 31.74 -87.09
CA ASP K 257 -32.28 33.05 -86.88
C ASP K 257 -33.17 33.97 -86.06
N GLN K 258 -34.49 33.75 -86.09
CA GLN K 258 -35.39 34.60 -85.33
C GLN K 258 -35.23 34.41 -83.83
N ARG K 259 -34.76 33.24 -83.40
CA ARG K 259 -34.56 32.98 -81.98
C ARG K 259 -33.66 34.05 -81.36
N ASP K 260 -32.49 34.28 -81.97
CA ASP K 260 -31.53 35.21 -81.38
C ASP K 260 -31.92 36.65 -81.67
N LYS K 261 -32.56 36.91 -82.80
CA LYS K 261 -33.03 38.26 -83.09
C LYS K 261 -34.10 38.69 -82.10
N LEU K 262 -34.99 37.78 -81.72
CA LEU K 262 -35.97 38.11 -80.69
C LEU K 262 -35.30 38.35 -79.34
N ALA K 263 -34.29 37.54 -79.01
CA ALA K 263 -33.53 37.78 -77.79
C ALA K 263 -32.83 39.14 -77.84
N ALA K 264 -32.30 39.51 -79.00
CA ALA K 264 -31.69 40.83 -79.14
C ALA K 264 -32.71 41.94 -78.86
N SER K 265 -33.96 41.74 -79.28
CA SER K 265 -35.00 42.71 -78.96
C SER K 265 -35.25 42.78 -77.47
N GLU K 266 -35.30 41.62 -76.80
CA GLU K 266 -35.44 41.62 -75.35
C GLU K 266 -34.29 42.37 -74.68
N ARG K 267 -33.09 42.30 -75.26
CA ARG K 267 -31.94 43.00 -74.68
C ARG K 267 -32.18 44.50 -74.63
N LYS K 268 -33.07 45.02 -75.48
CA LYS K 268 -33.28 46.47 -75.56
C LYS K 268 -33.67 47.06 -74.21
N PHE K 269 -34.21 46.23 -73.31
CA PHE K 269 -34.65 46.75 -72.02
C PHE K 269 -33.49 47.38 -71.26
N VAL K 270 -32.30 46.77 -71.36
CA VAL K 270 -31.15 47.30 -70.65
C VAL K 270 -30.31 48.19 -71.56
N ASP K 271 -30.30 47.88 -72.86
CA ASP K 271 -29.52 48.68 -73.80
C ASP K 271 -29.99 50.13 -73.83
N ALA K 272 -31.30 50.36 -73.69
CA ALA K 272 -31.80 51.72 -73.62
C ALA K 272 -31.16 52.49 -72.47
N LYS K 273 -30.96 51.81 -71.33
CA LYS K 273 -30.30 52.46 -70.20
C LYS K 273 -28.83 52.75 -70.52
N LEU K 274 -28.17 51.83 -71.23
CA LEU K 274 -26.79 52.05 -71.62
C LEU K 274 -26.66 53.28 -72.51
N LYS K 275 -27.53 53.40 -73.51
CA LYS K 275 -27.47 54.56 -74.39
C LYS K 275 -27.61 55.86 -73.63
N LYS K 276 -28.56 55.92 -72.69
CA LYS K 276 -28.73 57.13 -71.89
C LYS K 276 -27.47 57.47 -71.12
N ILE K 277 -26.77 56.46 -70.60
CA ILE K 277 -25.55 56.70 -69.84
C ILE K 277 -24.42 57.14 -70.77
N ILE K 278 -24.31 56.49 -71.94
CA ILE K 278 -23.35 56.93 -72.94
C ILE K 278 -23.64 58.35 -73.42
N ASP K 279 -24.91 58.67 -73.66
CA ASP K 279 -25.26 60.03 -74.05
C ASP K 279 -24.94 61.02 -72.94
N LEU K 280 -25.11 60.62 -71.68
CA LEU K 280 -24.75 61.48 -70.57
C LEU K 280 -23.34 62.03 -70.74
N LYS K 281 -22.37 61.15 -71.03
CA LYS K 281 -21.03 61.62 -71.35
C LYS K 281 -21.03 62.54 -72.56
N ASN K 282 -21.75 62.18 -73.62
CA ASN K 282 -21.77 63.00 -74.82
C ASN K 282 -22.22 64.42 -74.50
N GLU K 283 -23.15 64.57 -73.55
CA GLU K 283 -23.62 65.90 -73.17
C GLU K 283 -22.63 66.62 -72.27
N VAL K 284 -21.93 65.90 -71.40
CA VAL K 284 -21.01 66.48 -70.44
C VAL K 284 -19.60 66.09 -70.82
N CYS K 285 -18.90 67.00 -71.49
CA CYS K 285 -17.52 66.84 -71.95
C CYS K 285 -17.32 65.56 -72.76
N GLY K 286 -18.23 65.35 -73.71
CA GLY K 286 -18.19 64.12 -74.49
C GLY K 286 -16.83 63.87 -75.12
N MET K 287 -16.38 64.82 -75.95
CA MET K 287 -15.12 64.66 -76.68
C MET K 287 -14.04 65.62 -76.19
N ASP K 288 -14.29 66.33 -75.09
CA ASP K 288 -13.31 67.29 -74.60
C ASP K 288 -12.01 66.59 -74.22
N PRO K 289 -10.86 67.21 -74.50
CA PRO K 289 -9.58 66.61 -74.09
C PRO K 289 -9.41 66.66 -72.58
N ASP K 290 -8.62 65.69 -72.08
CA ASP K 290 -8.30 65.61 -70.66
C ASP K 290 -9.56 65.51 -69.80
N LYS K 291 -10.54 64.74 -70.27
CA LYS K 291 -11.73 64.45 -69.49
C LYS K 291 -12.02 62.95 -69.61
N GLY K 292 -12.57 62.38 -68.54
CA GLY K 292 -12.94 60.98 -68.56
C GLY K 292 -14.30 60.76 -67.95
N PHE K 293 -14.61 59.49 -67.70
CA PHE K 293 -15.91 59.07 -67.21
C PHE K 293 -15.76 57.74 -66.49
N VAL K 294 -16.18 57.67 -65.24
CA VAL K 294 -16.15 56.44 -64.44
C VAL K 294 -17.52 56.24 -63.80
N ILE K 295 -17.97 54.99 -63.74
CA ILE K 295 -19.22 54.61 -63.10
C ILE K 295 -18.92 53.66 -61.95
N ILE K 296 -19.52 53.95 -60.79
CA ILE K 296 -19.26 53.25 -59.54
C ILE K 296 -20.50 52.46 -59.14
N ASN K 297 -21.19 51.89 -60.14
CA ASN K 297 -22.51 51.26 -59.96
C ASN K 297 -22.54 50.31 -58.77
N GLN K 298 -23.50 50.55 -57.87
CA GLN K 298 -23.70 49.67 -56.72
C GLN K 298 -24.09 48.26 -57.13
N LYS K 299 -24.70 48.10 -58.29
CA LYS K 299 -25.22 46.80 -58.71
C LYS K 299 -24.40 46.28 -59.89
N GLY K 300 -24.77 45.10 -60.40
CA GLY K 300 -24.00 44.47 -61.45
C GLY K 300 -24.13 45.19 -62.78
N ILE K 301 -23.15 44.93 -63.65
CA ILE K 301 -23.17 45.41 -65.03
C ILE K 301 -22.86 44.23 -65.95
N ASP K 302 -23.69 44.02 -66.96
CA ASP K 302 -23.51 42.91 -67.86
C ASP K 302 -22.17 43.01 -68.58
N PRO K 303 -21.47 41.89 -68.77
CA PRO K 303 -20.31 41.90 -69.68
C PRO K 303 -20.57 42.59 -71.01
N MET K 304 -21.79 42.47 -71.55
CA MET K 304 -22.11 43.20 -72.78
C MET K 304 -22.23 44.69 -72.52
N SER K 305 -22.80 45.08 -71.39
CA SER K 305 -22.87 46.50 -71.04
C SER K 305 -21.46 47.07 -70.83
N LEU K 306 -20.56 46.29 -70.22
CA LEU K 306 -19.19 46.73 -70.08
C LEU K 306 -18.52 46.92 -71.44
N ASP K 307 -18.84 46.04 -72.40
CA ASP K 307 -18.31 46.20 -73.75
C ASP K 307 -18.79 47.51 -74.38
N VAL K 308 -20.03 47.89 -74.11
CA VAL K 308 -20.54 49.17 -74.60
C VAL K 308 -19.72 50.31 -74.03
N PHE K 309 -19.39 50.24 -72.74
CA PHE K 309 -18.58 51.29 -72.12
C PHE K 309 -17.14 51.24 -72.59
N ALA K 310 -16.57 50.04 -72.74
CA ALA K 310 -15.18 49.93 -73.16
C ALA K 310 -14.97 50.58 -74.54
N LYS K 311 -15.93 50.41 -75.44
CA LYS K 311 -15.79 50.98 -76.78
C LYS K 311 -15.69 52.50 -76.72
N HIS K 312 -16.21 53.10 -75.64
CA HIS K 312 -16.21 54.54 -75.49
C HIS K 312 -15.16 55.03 -74.51
N ASN K 313 -14.20 54.18 -74.13
CA ASN K 313 -13.14 54.51 -73.18
C ASN K 313 -13.73 54.96 -71.84
N ILE K 314 -14.80 54.31 -71.42
CA ILE K 314 -15.46 54.58 -70.15
C ILE K 314 -15.12 53.44 -69.19
N LEU K 315 -14.78 53.79 -67.95
CA LEU K 315 -14.48 52.78 -66.94
C LEU K 315 -15.73 52.53 -66.11
N ALA K 316 -16.42 51.43 -66.40
CA ALA K 316 -17.69 51.10 -65.75
C ALA K 316 -17.47 50.04 -64.69
N LEU K 317 -17.55 50.44 -63.43
CA LEU K 317 -17.40 49.54 -62.29
C LEU K 317 -18.76 49.13 -61.75
N ARG K 318 -18.78 48.00 -61.05
CA ARG K 318 -20.03 47.36 -60.67
C ARG K 318 -19.92 46.85 -59.25
N ARG K 319 -21.07 46.62 -58.62
CA ARG K 319 -21.20 45.89 -57.36
C ARG K 319 -20.34 46.53 -56.28
N ALA K 320 -20.40 47.86 -56.23
CA ALA K 320 -19.81 48.65 -55.17
C ALA K 320 -20.59 48.47 -53.87
N LYS K 321 -19.87 48.58 -52.75
CA LYS K 321 -20.50 48.51 -51.44
C LYS K 321 -21.21 49.81 -51.11
N ARG K 322 -22.34 49.71 -50.42
CA ARG K 322 -23.10 50.90 -50.03
C ARG K 322 -22.21 51.91 -49.31
N ARG K 323 -21.32 51.42 -48.43
CA ARG K 323 -20.53 52.33 -47.61
C ARG K 323 -19.74 53.30 -48.47
N ASN K 324 -19.18 52.83 -49.59
CA ASN K 324 -18.45 53.70 -50.49
C ASN K 324 -19.37 54.53 -51.37
N MET K 325 -20.55 54.00 -51.72
CA MET K 325 -21.49 54.76 -52.52
C MET K 325 -21.92 56.05 -51.81
N GLU K 326 -22.22 55.95 -50.53
CA GLU K 326 -22.65 57.13 -49.78
C GLU K 326 -21.49 58.10 -49.58
N ARG K 327 -20.30 57.60 -49.27
CA ARG K 327 -19.14 58.47 -49.09
C ARG K 327 -18.75 59.12 -50.41
N LEU K 328 -18.77 58.35 -51.51
CA LEU K 328 -18.30 58.88 -52.79
C LEU K 328 -19.20 60.01 -53.28
N GLN K 329 -20.47 60.01 -52.90
CA GLN K 329 -21.33 61.16 -53.16
C GLN K 329 -20.79 62.41 -52.47
N LEU K 330 -20.29 62.25 -51.24
CA LEU K 330 -19.69 63.39 -50.53
C LEU K 330 -18.30 63.70 -51.08
N VAL K 331 -17.56 62.69 -51.54
CA VAL K 331 -16.20 62.89 -52.00
C VAL K 331 -16.20 63.54 -53.38
N THR K 332 -17.04 63.05 -54.29
CA THR K 332 -17.00 63.49 -55.68
C THR K 332 -18.00 64.60 -55.97
N GLY K 333 -19.00 64.78 -55.10
CA GLY K 333 -20.01 65.80 -55.28
C GLY K 333 -21.21 65.38 -56.09
N GLY K 334 -21.18 64.18 -56.67
CA GLY K 334 -22.29 63.73 -57.49
C GLY K 334 -23.44 63.21 -56.65
N GLU K 335 -24.58 63.05 -57.31
CA GLU K 335 -25.76 62.48 -56.67
C GLU K 335 -26.00 61.06 -57.12
N ALA K 336 -26.47 60.22 -56.20
CA ALA K 336 -26.86 58.84 -56.51
C ALA K 336 -28.19 58.88 -57.25
N GLN K 337 -28.30 58.08 -58.31
CA GLN K 337 -29.56 57.92 -59.03
C GLN K 337 -30.11 56.52 -58.74
N ASN K 338 -31.37 56.45 -58.30
CA ASN K 338 -32.00 55.16 -58.06
C ASN K 338 -32.37 54.47 -59.36
N SER K 339 -32.38 55.23 -60.46
CA SER K 339 -32.71 54.69 -61.78
C SER K 339 -32.12 55.58 -62.87
N VAL K 340 -31.71 54.95 -63.96
CA VAL K 340 -31.25 55.69 -65.13
C VAL K 340 -32.36 56.58 -65.68
N GLU K 341 -33.62 56.28 -65.35
CA GLU K 341 -34.74 57.06 -65.87
C GLU K 341 -34.65 58.52 -65.44
N ASP K 342 -33.98 58.79 -64.33
CA ASP K 342 -33.80 60.15 -63.84
C ASP K 342 -32.47 60.76 -64.27
N LEU K 343 -31.68 60.08 -65.09
CA LEU K 343 -30.33 60.51 -65.43
C LEU K 343 -30.34 61.87 -66.09
N SER K 344 -29.44 62.76 -65.66
CA SER K 344 -29.34 64.12 -66.16
C SER K 344 -27.90 64.59 -66.05
N PRO K 345 -27.51 65.59 -66.86
CA PRO K 345 -26.11 66.05 -66.82
C PRO K 345 -25.70 66.65 -65.50
N GLN K 346 -26.64 67.05 -64.64
CA GLN K 346 -26.28 67.72 -63.40
C GLN K 346 -25.94 66.72 -62.30
N ILE K 347 -25.99 65.42 -62.61
CA ILE K 347 -25.76 64.40 -61.59
C ILE K 347 -24.28 64.14 -61.40
N LEU K 348 -23.49 64.25 -62.47
CA LEU K 348 -22.12 63.75 -62.45
C LEU K 348 -21.26 64.53 -61.44
N GLY K 349 -20.43 63.78 -60.71
CA GLY K 349 -19.34 64.35 -59.95
C GLY K 349 -18.08 64.50 -60.80
N PHE K 350 -17.00 64.90 -60.13
CA PHE K 350 -15.73 65.14 -60.80
C PHE K 350 -14.58 64.77 -59.87
N SER K 351 -13.57 64.12 -60.44
CA SER K 351 -12.34 63.81 -59.73
C SER K 351 -11.19 63.74 -60.72
N GLY K 352 -9.98 63.65 -60.19
CA GLY K 352 -8.80 63.48 -61.02
C GLY K 352 -8.58 62.05 -61.44
N LEU K 353 -7.36 61.54 -61.22
CA LEU K 353 -7.00 60.22 -61.68
C LEU K 353 -7.79 59.15 -60.95
N VAL K 354 -8.42 58.25 -61.70
CA VAL K 354 -9.00 57.03 -61.17
C VAL K 354 -8.12 55.89 -61.66
N TYR K 355 -7.58 55.11 -60.73
CA TYR K 355 -6.56 54.13 -61.03
C TYR K 355 -6.99 52.76 -60.56
N GLN K 356 -6.79 51.76 -61.41
CA GLN K 356 -7.01 50.36 -61.08
C GLN K 356 -5.66 49.70 -60.84
N GLU K 357 -5.44 49.24 -59.60
CA GLU K 357 -4.24 48.47 -59.30
C GLU K 357 -4.60 46.98 -59.30
N THR K 358 -3.79 46.18 -59.96
CA THR K 358 -3.97 44.73 -60.00
C THR K 358 -2.80 44.04 -59.32
N ILE K 359 -3.10 43.14 -58.40
CA ILE K 359 -2.10 42.28 -57.78
C ILE K 359 -2.50 40.84 -58.00
N GLY K 360 -1.74 39.92 -57.43
CA GLY K 360 -1.93 38.51 -57.71
C GLY K 360 -3.36 38.04 -57.57
N GLU K 361 -3.99 38.39 -56.44
CA GLU K 361 -5.30 37.84 -56.10
C GLU K 361 -6.43 38.86 -56.25
N GLU K 362 -6.12 40.15 -56.11
CA GLU K 362 -7.14 41.17 -55.97
C GLU K 362 -6.88 42.37 -56.88
N LYS K 363 -7.94 43.14 -57.13
CA LYS K 363 -7.84 44.47 -57.73
C LYS K 363 -8.32 45.50 -56.73
N PHE K 364 -7.81 46.73 -56.89
CA PHE K 364 -8.23 47.87 -56.06
C PHE K 364 -8.38 49.09 -56.96
N THR K 365 -9.47 49.84 -56.77
CA THR K 365 -9.72 51.06 -57.51
C THR K 365 -9.48 52.25 -56.59
N TYR K 366 -8.74 53.24 -57.10
CA TYR K 366 -8.43 54.45 -56.34
C TYR K 366 -9.15 55.65 -56.95
N VAL K 367 -9.85 56.40 -56.10
CA VAL K 367 -10.58 57.59 -56.50
C VAL K 367 -9.93 58.86 -55.92
N THR K 368 -8.72 59.17 -56.35
CA THR K 368 -7.96 60.27 -55.76
C THR K 368 -8.21 61.59 -56.49
N GLU K 369 -7.61 62.65 -55.95
CA GLU K 369 -7.55 63.97 -56.56
C GLU K 369 -8.97 64.55 -56.74
N ASN K 370 -9.66 64.64 -55.60
CA ASN K 370 -10.97 65.25 -55.55
C ASN K 370 -10.86 66.70 -55.11
N THR K 371 -11.86 67.50 -55.51
CA THR K 371 -11.85 68.91 -55.18
C THR K 371 -11.93 69.12 -53.67
N ASP K 372 -12.84 68.41 -53.01
CA ASP K 372 -13.03 68.53 -51.56
C ASP K 372 -13.51 67.18 -51.02
N PRO K 373 -12.61 66.19 -50.89
CA PRO K 373 -13.05 64.83 -50.56
C PRO K 373 -13.63 64.70 -49.16
N LYS K 374 -13.24 65.61 -48.26
CA LYS K 374 -13.56 65.55 -46.84
C LYS K 374 -13.33 64.17 -46.24
N SER K 375 -12.33 63.44 -46.71
CA SER K 375 -12.08 62.08 -46.26
C SER K 375 -10.73 61.64 -46.79
N CYS K 376 -9.99 60.87 -46.00
CA CYS K 376 -8.76 60.25 -46.47
C CYS K 376 -8.76 58.76 -46.15
N THR K 377 -7.85 58.04 -46.81
CA THR K 377 -7.70 56.61 -46.59
C THR K 377 -6.22 56.30 -46.36
N ILE K 378 -5.94 55.44 -45.40
CA ILE K 378 -4.60 54.89 -45.20
C ILE K 378 -4.68 53.39 -45.45
N LEU K 379 -3.78 52.89 -46.28
CA LEU K 379 -3.73 51.47 -46.62
C LEU K 379 -2.57 50.83 -45.86
N ILE K 380 -2.89 49.94 -44.92
CA ILE K 380 -1.88 49.28 -44.11
C ILE K 380 -1.49 47.97 -44.80
N LYS K 381 -0.21 47.82 -45.11
CA LYS K 381 0.30 46.67 -45.83
C LYS K 381 0.91 45.67 -44.86
N GLY K 382 0.89 44.40 -45.26
CA GLY K 382 1.67 43.38 -44.58
C GLY K 382 1.51 42.01 -45.20
N SER K 383 2.40 41.09 -44.85
CA SER K 383 2.33 39.74 -45.41
C SER K 383 1.50 38.82 -44.52
N THR K 384 1.52 39.06 -43.21
CA THR K 384 0.81 38.25 -42.24
C THR K 384 0.09 39.15 -41.24
N HIS K 385 -0.68 38.51 -40.36
CA HIS K 385 -1.42 39.26 -39.34
C HIS K 385 -0.49 39.85 -38.28
N TYR K 386 0.79 39.47 -38.29
CA TYR K 386 1.74 40.08 -37.37
C TYR K 386 1.97 41.55 -37.71
N ALA K 387 2.46 41.82 -38.93
CA ALA K 387 2.68 43.20 -39.33
C ALA K 387 1.37 43.98 -39.41
N LEU K 388 0.30 43.33 -39.88
CA LEU K 388 -0.96 44.04 -40.06
C LEU K 388 -1.53 44.49 -38.72
N ALA K 389 -1.46 43.63 -37.70
CA ALA K 389 -1.98 44.00 -36.39
C ALA K 389 -1.15 45.12 -35.76
N GLN K 390 0.17 44.97 -35.75
CA GLN K 390 1.02 45.99 -35.13
C GLN K 390 0.89 47.33 -35.85
N THR K 391 0.92 47.31 -37.18
CA THR K 391 0.86 48.57 -37.93
C THR K 391 -0.49 49.25 -37.75
N LYS K 392 -1.58 48.48 -37.80
CA LYS K 392 -2.90 49.06 -37.61
C LYS K 392 -3.00 49.79 -36.28
N ASP K 393 -2.52 49.17 -35.20
CA ASP K 393 -2.50 49.84 -33.90
C ASP K 393 -1.67 51.11 -33.95
N ALA K 394 -0.50 51.05 -34.60
CA ALA K 394 0.36 52.23 -34.69
C ALA K 394 -0.34 53.36 -35.41
N VAL K 395 -1.04 53.06 -36.51
CA VAL K 395 -1.70 54.09 -37.28
C VAL K 395 -2.87 54.68 -36.50
N ARG K 396 -3.73 53.83 -35.94
CA ARG K 396 -4.90 54.32 -35.24
C ARG K 396 -4.51 55.20 -34.06
N ASP K 397 -3.47 54.81 -33.32
CA ASP K 397 -3.05 55.60 -32.18
C ASP K 397 -2.30 56.86 -32.61
N GLY K 398 -1.46 56.76 -33.64
CA GLY K 398 -0.80 57.94 -34.16
C GLY K 398 -1.76 59.01 -34.64
N LEU K 399 -2.81 58.61 -35.35
CA LEU K 399 -3.84 59.56 -35.75
C LEU K 399 -4.48 60.24 -34.55
N ARG K 400 -4.78 59.47 -33.50
CA ARG K 400 -5.34 60.07 -32.29
C ARG K 400 -4.35 61.00 -31.61
N ALA K 401 -3.07 60.62 -31.56
CA ALA K 401 -2.08 61.44 -30.85
C ALA K 401 -1.97 62.81 -31.47
N VAL K 402 -1.78 62.88 -32.79
CA VAL K 402 -1.63 64.16 -33.46
C VAL K 402 -2.96 64.91 -33.48
N ALA K 403 -4.07 64.17 -33.49
CA ALA K 403 -5.38 64.81 -33.39
C ALA K 403 -5.54 65.53 -32.06
N ASN K 404 -5.15 64.90 -30.96
CA ASN K 404 -5.27 65.54 -29.65
C ASN K 404 -4.40 66.78 -29.55
N VAL K 405 -3.21 66.75 -30.13
CA VAL K 405 -2.33 67.92 -30.09
C VAL K 405 -2.90 69.06 -30.92
N LEU K 406 -3.44 68.74 -32.11
CA LEU K 406 -4.04 69.79 -32.92
C LEU K 406 -5.27 70.39 -32.23
N LYS K 407 -6.03 69.57 -31.51
CA LYS K 407 -7.22 70.08 -30.82
C LYS K 407 -6.84 70.83 -29.55
N ASP K 408 -5.89 70.30 -28.80
CA ASP K 408 -5.50 70.87 -27.51
C ASP K 408 -4.09 71.40 -27.63
N LYS K 409 -3.95 72.73 -27.64
CA LYS K 409 -2.66 73.37 -27.89
C LYS K 409 -1.62 73.06 -26.81
N ASN K 410 -2.02 72.41 -25.73
CA ASN K 410 -1.13 72.17 -24.60
C ASN K 410 -0.27 70.94 -24.85
N ILE K 411 1.04 71.17 -24.89
CA ILE K 411 2.02 70.11 -25.16
C ILE K 411 2.97 70.03 -23.98
N ILE K 412 3.38 68.81 -23.65
CA ILE K 412 4.27 68.53 -22.52
C ILE K 412 5.55 67.96 -23.08
N PRO K 413 6.71 68.61 -22.88
CA PRO K 413 7.97 67.97 -23.21
C PRO K 413 8.12 66.63 -22.49
N GLY K 414 8.54 65.63 -23.24
CA GLY K 414 8.64 64.25 -22.77
C GLY K 414 10.05 63.90 -22.33
N ALA K 415 10.48 62.69 -22.71
CA ALA K 415 11.77 62.13 -22.32
C ALA K 415 11.91 62.00 -20.81
N GLY K 416 10.81 61.91 -20.08
CA GLY K 416 10.86 61.82 -18.64
C GLY K 416 10.99 63.14 -17.92
N ALA K 417 11.15 64.25 -18.65
CA ALA K 417 11.31 65.55 -18.00
C ALA K 417 10.13 65.88 -17.11
N PHE K 418 8.92 65.50 -17.52
CA PHE K 418 7.74 65.79 -16.72
C PHE K 418 7.80 65.09 -15.36
N TYR K 419 8.05 63.78 -15.35
CA TYR K 419 7.95 63.01 -14.12
C TYR K 419 9.17 63.23 -13.23
N ILE K 420 10.35 63.42 -13.83
CA ILE K 420 11.55 63.70 -13.04
C ILE K 420 11.44 65.06 -12.38
N ALA K 421 10.97 66.06 -13.12
CA ALA K 421 10.78 67.39 -12.54
C ALA K 421 9.73 67.36 -11.43
N LEU K 422 8.68 66.56 -11.59
CA LEU K 422 7.69 66.41 -10.53
C LEU K 422 8.35 65.90 -9.25
N SER K 423 9.25 64.92 -9.37
CA SER K 423 9.93 64.39 -8.20
C SER K 423 10.70 65.50 -7.48
N ARG K 424 11.49 66.27 -8.23
CA ARG K 424 12.21 67.39 -7.63
C ARG K 424 11.24 68.41 -7.04
N TYR K 425 10.18 68.74 -7.77
CA TYR K 425 9.21 69.72 -7.28
C TYR K 425 8.59 69.27 -5.96
N LEU K 426 8.06 68.04 -5.91
CA LEU K 426 7.39 67.56 -4.70
C LEU K 426 8.36 67.41 -3.54
N ARG K 427 9.57 66.92 -3.80
CA ARG K 427 10.57 66.80 -2.74
C ARG K 427 10.80 68.14 -2.05
N SER K 428 11.08 69.18 -2.83
CA SER K 428 11.34 70.50 -2.27
C SER K 428 10.08 71.17 -1.72
N ALA K 429 8.98 71.16 -2.46
CA ALA K 429 7.77 71.82 -2.01
C ALA K 429 7.28 71.23 -0.69
N ASN K 430 7.38 69.90 -0.54
CA ASN K 430 6.98 69.26 0.70
C ASN K 430 7.83 69.73 1.89
N MET K 431 9.15 69.71 1.74
CA MET K 431 10.01 70.14 2.85
C MET K 431 9.91 71.65 3.07
N ASN K 432 9.60 72.40 2.00
CA ASN K 432 9.46 73.85 2.14
C ASN K 432 8.13 74.21 2.78
N LYS K 433 7.09 73.43 2.52
CA LYS K 433 5.76 73.76 3.04
C LYS K 433 5.49 73.05 4.37
N LEU K 434 5.67 71.74 4.40
CA LEU K 434 5.31 70.89 5.54
C LEU K 434 3.92 71.21 6.09
N GLY K 435 2.99 71.57 5.20
CA GLY K 435 1.67 71.98 5.65
C GLY K 435 0.66 70.87 5.72
N ALA K 436 1.11 69.62 5.62
CA ALA K 436 0.17 68.49 5.59
C ALA K 436 -0.07 67.96 6.99
N LYS K 437 0.90 67.22 7.53
CA LYS K 437 0.86 66.67 8.88
C LYS K 437 2.21 66.02 9.15
N GLY K 438 2.55 65.92 10.44
CA GLY K 438 3.81 65.26 10.80
C GLY K 438 3.90 63.85 10.25
N LYS K 439 2.76 63.20 10.04
CA LYS K 439 2.76 61.86 9.48
C LYS K 439 2.47 61.85 7.99
N THR K 440 1.59 62.75 7.53
CA THR K 440 1.14 62.72 6.15
C THR K 440 2.28 62.97 5.17
N LYS K 441 3.28 63.77 5.58
CA LYS K 441 4.44 64.03 4.74
C LYS K 441 5.11 62.74 4.27
N THR K 442 4.90 61.65 4.98
CA THR K 442 5.43 60.36 4.54
C THR K 442 4.80 59.95 3.21
N GLY K 443 3.48 60.09 3.09
CA GLY K 443 2.81 59.70 1.86
C GLY K 443 3.22 60.58 0.68
N ILE K 444 3.45 61.87 0.93
CA ILE K 444 3.87 62.76 -0.14
C ILE K 444 5.22 62.36 -0.68
N GLU K 445 6.16 62.02 0.21
CA GLU K 445 7.47 61.53 -0.22
C GLU K 445 7.34 60.20 -0.97
N ALA K 446 6.47 59.31 -0.48
CA ALA K 446 6.23 58.07 -1.20
C ALA K 446 5.67 58.33 -2.60
N PHE K 447 4.77 59.31 -2.71
CA PHE K 447 4.23 59.67 -4.03
C PHE K 447 5.33 60.21 -4.94
N ALA K 448 6.13 61.14 -4.45
CA ALA K 448 7.16 61.75 -5.28
C ALA K 448 8.15 60.71 -5.78
N GLU K 449 8.52 59.75 -4.93
CA GLU K 449 9.45 58.71 -5.34
C GLU K 449 8.81 57.77 -6.37
N ALA K 450 7.55 57.41 -6.18
CA ALA K 450 6.89 56.50 -7.11
C ALA K 450 6.83 57.07 -8.51
N LEU K 451 6.73 58.40 -8.64
CA LEU K 451 6.66 59.00 -9.96
C LEU K 451 7.86 58.64 -10.81
N LEU K 452 8.99 58.33 -10.17
CA LEU K 452 10.22 58.04 -10.90
C LEU K 452 10.23 56.66 -11.55
N VAL K 453 9.20 55.84 -11.31
CA VAL K 453 9.13 54.53 -11.95
C VAL K 453 9.14 54.67 -13.46
N ILE K 454 8.64 55.78 -13.99
CA ILE K 454 8.56 55.97 -15.45
C ILE K 454 9.94 56.28 -16.01
N PRO K 455 10.63 57.35 -15.58
CA PRO K 455 11.98 57.58 -16.15
C PRO K 455 12.95 56.46 -15.84
N LYS K 456 12.78 55.77 -14.71
CA LYS K 456 13.68 54.66 -14.38
C LYS K 456 13.41 53.46 -15.27
N THR K 457 12.13 53.13 -15.50
CA THR K 457 11.80 52.04 -16.41
C THR K 457 12.22 52.34 -17.86
N LEU K 458 12.02 53.57 -18.33
CA LEU K 458 12.43 53.91 -19.69
C LEU K 458 13.93 53.64 -19.88
N VAL K 459 14.74 54.01 -18.88
CA VAL K 459 16.18 53.78 -18.97
C VAL K 459 16.52 52.30 -18.86
N LYS K 460 15.96 51.60 -17.88
CA LYS K 460 16.29 50.19 -17.70
C LYS K 460 16.05 49.41 -18.99
N ASN K 461 14.94 49.68 -19.67
CA ASN K 461 14.63 48.95 -20.89
C ASN K 461 15.65 49.24 -21.98
N SER K 462 16.38 50.34 -21.85
CA SER K 462 17.35 50.72 -22.89
C SER K 462 18.67 49.98 -22.70
N GLY K 463 18.85 49.34 -21.56
CA GLY K 463 20.12 48.74 -21.22
C GLY K 463 21.05 49.65 -20.44
N PHE K 464 20.67 50.93 -20.30
CA PHE K 464 21.46 51.85 -19.51
C PHE K 464 21.09 51.72 -18.03
N ASP K 465 22.05 51.98 -17.17
CA ASP K 465 21.85 51.89 -15.73
C ASP K 465 21.02 53.08 -15.24
N PRO K 466 19.80 52.86 -14.75
CA PRO K 466 19.02 54.00 -14.23
C PRO K 466 19.73 54.78 -13.15
N LEU K 467 20.67 54.16 -12.43
CA LEU K 467 21.32 54.83 -11.32
C LEU K 467 22.17 56.00 -11.80
N ASP K 468 22.71 55.90 -13.02
CA ASP K 468 23.56 56.96 -13.54
C ASP K 468 22.77 57.93 -14.39
N VAL K 469 21.83 57.41 -15.18
CA VAL K 469 21.12 58.25 -16.15
C VAL K 469 20.21 59.24 -15.42
N LEU K 470 19.47 58.78 -14.42
CA LEU K 470 18.63 59.69 -13.65
C LEU K 470 19.48 60.74 -12.93
N ALA K 471 20.61 60.34 -12.38
CA ALA K 471 21.48 61.29 -11.68
C ALA K 471 21.94 62.40 -12.61
N MET K 472 22.32 62.04 -13.84
CA MET K 472 22.80 63.05 -14.79
C MET K 472 21.69 64.03 -15.15
N VAL K 473 20.46 63.55 -15.28
CA VAL K 473 19.33 64.45 -15.54
C VAL K 473 19.13 65.40 -14.37
N GLU K 474 19.15 64.86 -13.14
CA GLU K 474 18.98 65.71 -11.97
C GLU K 474 20.08 66.76 -11.87
N ASP K 475 21.32 66.38 -12.18
CA ASP K 475 22.42 67.32 -12.10
C ASP K 475 22.20 68.51 -13.03
N GLU K 476 21.96 68.24 -14.32
CA GLU K 476 21.76 69.32 -15.28
C GLU K 476 20.52 70.13 -14.92
N LEU K 477 19.46 69.47 -14.45
CA LEU K 477 18.26 70.20 -14.03
C LEU K 477 18.57 71.17 -12.91
N ASP K 478 19.33 70.72 -11.90
CA ASP K 478 19.70 71.60 -10.81
C ASP K 478 20.58 72.74 -11.29
N ASP K 479 21.54 72.44 -12.18
CA ASP K 479 22.41 73.49 -12.70
C ASP K 479 21.62 74.58 -13.40
N ALA K 480 20.61 74.18 -14.18
CA ALA K 480 19.77 75.16 -14.87
C ALA K 480 19.05 76.07 -13.88
N GLN K 481 18.51 75.48 -12.80
CA GLN K 481 17.81 76.29 -11.80
C GLN K 481 18.78 77.20 -11.04
N ASP K 482 19.96 76.70 -10.69
CA ASP K 482 20.96 77.54 -10.06
C ASP K 482 21.42 78.65 -11.01
N SER K 483 21.34 78.41 -12.32
CA SER K 483 21.72 79.42 -13.29
C SER K 483 20.61 80.42 -13.56
N ASP K 484 19.46 80.24 -12.94
CA ASP K 484 18.30 81.12 -13.09
C ASP K 484 17.86 81.20 -14.55
N GLU K 485 17.71 80.02 -15.15
CA GLU K 485 17.18 79.90 -16.51
C GLU K 485 16.16 78.78 -16.53
N THR K 486 15.23 78.86 -17.49
CA THR K 486 14.29 77.77 -17.73
C THR K 486 14.87 76.80 -18.74
N ARG K 487 14.90 75.51 -18.38
CA ARG K 487 15.43 74.46 -19.23
C ARG K 487 14.66 73.18 -18.98
N TYR K 488 14.26 72.50 -20.04
CA TYR K 488 13.66 71.18 -19.94
C TYR K 488 14.73 70.12 -20.15
N VAL K 489 14.89 69.25 -19.15
CA VAL K 489 15.94 68.25 -19.14
C VAL K 489 15.30 66.87 -19.01
N GLY K 490 15.64 65.97 -19.93
CA GLY K 490 15.07 64.65 -19.97
C GLY K 490 16.14 63.63 -20.30
N VAL K 491 15.69 62.44 -20.67
CA VAL K 491 16.57 61.29 -20.82
C VAL K 491 16.79 61.02 -22.31
N ASP K 492 18.05 60.78 -22.68
CA ASP K 492 18.39 60.33 -24.02
C ASP K 492 18.53 58.81 -23.97
N LEU K 493 17.52 58.10 -24.49
CA LEU K 493 17.51 56.65 -24.40
C LEU K 493 18.46 55.98 -25.39
N ASN K 494 19.13 56.76 -26.24
CA ASN K 494 20.07 56.18 -27.19
C ASN K 494 21.51 56.43 -26.78
N ILE K 495 21.78 57.57 -26.16
CA ILE K 495 23.15 57.89 -25.74
C ILE K 495 23.36 57.51 -24.28
N GLY K 496 22.34 57.67 -23.44
CA GLY K 496 22.44 57.45 -22.02
C GLY K 496 22.65 58.71 -21.20
N ASP K 497 22.88 59.85 -21.84
CA ASP K 497 23.05 61.12 -21.15
C ASP K 497 21.72 61.86 -21.08
N SER K 498 21.75 63.11 -20.62
CA SER K 498 20.56 63.95 -20.63
C SER K 498 20.35 64.54 -22.02
N CYS K 499 19.14 65.07 -22.24
CA CYS K 499 18.83 65.77 -23.48
C CYS K 499 17.77 66.82 -23.18
N ASP K 500 17.56 67.71 -24.15
CA ASP K 500 16.46 68.67 -24.09
C ASP K 500 15.33 68.15 -24.97
N PRO K 501 14.22 67.67 -24.39
CA PRO K 501 13.16 67.10 -25.23
C PRO K 501 12.54 68.11 -26.20
N THR K 502 12.68 69.40 -25.93
CA THR K 502 12.08 70.40 -26.82
C THR K 502 12.97 70.68 -28.02
N ILE K 503 14.21 70.19 -28.00
CA ILE K 503 15.05 70.23 -29.21
C ILE K 503 15.04 68.90 -29.92
N GLU K 504 15.09 67.80 -29.16
CA GLU K 504 15.09 66.48 -29.78
C GLU K 504 13.77 66.18 -30.48
N GLY K 505 12.66 66.66 -29.93
CA GLY K 505 11.36 66.42 -30.53
C GLY K 505 10.56 65.33 -29.88
N ILE K 506 10.67 65.21 -28.56
CA ILE K 506 9.98 64.17 -27.79
C ILE K 506 8.88 64.84 -26.99
N TRP K 507 7.63 64.60 -27.37
CA TRP K 507 6.49 65.32 -26.82
C TRP K 507 5.46 64.34 -26.30
N ASP K 508 4.88 64.66 -25.14
CA ASP K 508 3.79 63.90 -24.56
C ASP K 508 2.51 64.73 -24.60
N SER K 509 1.37 64.05 -24.52
CA SER K 509 0.09 64.74 -24.51
C SER K 509 -0.17 65.37 -23.14
N TYR K 510 -0.66 66.61 -23.16
CA TYR K 510 -1.14 67.24 -21.93
C TYR K 510 -2.23 66.41 -21.27
N ARG K 511 -3.26 66.04 -22.03
CA ARG K 511 -4.42 65.40 -21.45
C ARG K 511 -4.09 64.01 -20.92
N VAL K 512 -3.22 63.26 -21.60
CA VAL K 512 -2.88 61.92 -21.15
C VAL K 512 -2.17 61.99 -19.80
N LEU K 513 -1.14 62.84 -19.71
CA LEU K 513 -0.38 62.92 -18.46
C LEU K 513 -1.21 63.47 -17.32
N ARG K 514 -2.08 64.45 -17.59
CA ARG K 514 -2.95 64.97 -16.55
C ARG K 514 -3.79 63.84 -15.93
N ASN K 515 -4.52 63.11 -16.77
CA ASN K 515 -5.40 62.05 -16.27
C ASN K 515 -4.62 60.82 -15.84
N ALA K 516 -3.45 60.57 -16.41
CA ALA K 516 -2.67 59.40 -16.01
C ALA K 516 -2.27 59.47 -14.54
N ILE K 517 -1.85 60.65 -14.08
CA ILE K 517 -1.49 60.80 -12.67
C ILE K 517 -2.73 60.73 -11.79
N THR K 518 -3.80 61.42 -12.19
CA THR K 518 -5.03 61.40 -11.41
C THR K 518 -5.60 59.99 -11.33
N GLY K 519 -5.64 59.28 -12.46
CA GLY K 519 -6.14 57.91 -12.44
C GLY K 519 -5.30 56.99 -11.57
N ALA K 520 -3.98 56.99 -11.80
CA ALA K 520 -3.10 56.13 -11.02
C ALA K 520 -3.20 56.42 -9.54
N THR K 521 -3.37 57.70 -9.18
CA THR K 521 -3.55 58.05 -7.78
C THR K 521 -4.80 57.40 -7.21
N GLY K 522 -5.92 57.48 -7.94
CA GLY K 522 -7.14 56.85 -7.47
C GLY K 522 -7.04 55.34 -7.37
N ILE K 523 -6.41 54.72 -8.37
CA ILE K 523 -6.34 53.26 -8.41
C ILE K 523 -5.54 52.75 -7.21
N ALA K 524 -4.35 53.30 -6.99
CA ALA K 524 -3.54 52.92 -5.85
C ALA K 524 -4.26 53.20 -4.54
N SER K 525 -4.96 54.34 -4.45
CA SER K 525 -5.70 54.66 -3.25
C SER K 525 -6.82 53.65 -2.98
N ASN K 526 -7.53 53.25 -4.04
CA ASN K 526 -8.63 52.31 -3.88
C ASN K 526 -8.14 50.97 -3.34
N LEU K 527 -6.89 50.59 -3.64
CA LEU K 527 -6.36 49.33 -3.14
C LEU K 527 -5.72 49.51 -1.76
N LEU K 528 -5.04 50.65 -1.54
CA LEU K 528 -4.46 50.92 -0.23
C LEU K 528 -5.53 51.03 0.85
N LEU K 529 -6.73 51.49 0.48
CA LEU K 529 -7.80 51.63 1.46
C LEU K 529 -8.53 50.31 1.72
N CYS K 530 -8.11 49.22 1.10
CA CYS K 530 -8.77 47.94 1.29
C CYS K 530 -8.15 47.20 2.46
N ASP K 531 -8.89 47.08 3.56
CA ASP K 531 -8.40 46.43 4.77
C ASP K 531 -8.57 44.92 4.76
N GLU K 532 -9.68 44.42 4.23
CA GLU K 532 -9.97 42.99 4.26
C GLU K 532 -10.60 42.57 2.94
N LEU K 533 -10.37 41.31 2.56
CA LEU K 533 -11.00 40.69 1.41
C LEU K 533 -12.14 39.81 1.93
N LEU K 534 -13.34 40.01 1.37
CA LEU K 534 -14.52 39.31 1.82
C LEU K 534 -15.08 38.42 0.73
N ARG K 535 -14.99 37.10 0.95
CA ARG K 535 -15.41 36.10 -0.02
C ARG K 535 -16.60 35.34 0.54
N ALA K 536 -17.60 35.12 -0.29
CA ALA K 536 -18.77 34.33 0.11
C ALA K 536 -19.44 33.78 -1.14
N GLY K 537 -19.98 32.56 -1.00
CA GLY K 537 -20.68 31.94 -2.09
C GLY K 537 -19.80 31.26 -3.12
N ARG K 538 -18.50 31.20 -2.88
CA ARG K 538 -17.57 30.62 -3.85
C ARG K 538 -16.87 29.39 -3.27
N LEU L 5 27.92 23.58 -12.39
CA LEU L 5 29.26 23.86 -11.86
C LEU L 5 29.31 23.54 -10.37
N LEU L 6 29.20 22.25 -10.03
CA LEU L 6 29.10 21.85 -8.64
C LEU L 6 29.59 20.41 -8.48
N ASN L 7 30.38 20.20 -7.44
CA ASN L 7 30.90 18.89 -7.10
C ASN L 7 29.86 18.18 -6.23
N PRO L 8 29.72 16.86 -6.29
CA PRO L 8 28.82 16.18 -5.35
C PRO L 8 29.18 16.44 -3.90
N LYS L 9 28.19 16.25 -3.03
CA LYS L 9 28.31 16.47 -1.59
C LYS L 9 28.63 17.94 -1.27
N ALA L 10 28.07 18.82 -2.08
CA ALA L 10 28.30 20.26 -1.91
C ALA L 10 27.11 21.03 -2.45
N GLU L 11 27.05 22.32 -2.10
CA GLU L 11 26.01 23.23 -2.55
C GLU L 11 26.55 24.65 -2.52
N SER L 12 26.06 25.48 -3.44
CA SER L 12 26.42 26.90 -3.42
C SER L 12 25.23 27.74 -3.87
N LEU L 13 25.14 28.95 -3.34
CA LEU L 13 24.21 29.94 -3.86
C LEU L 13 24.97 30.94 -4.72
N ARG L 14 24.77 30.86 -6.04
CA ARG L 14 25.49 31.68 -6.99
C ARG L 14 24.81 33.00 -7.33
N ARG L 15 23.51 33.00 -7.59
CA ARG L 15 22.79 34.23 -7.89
C ARG L 15 22.49 35.03 -6.62
N ASP L 16 21.76 36.14 -6.77
CA ASP L 16 21.52 37.05 -5.66
C ASP L 16 20.94 36.35 -4.44
N ALA L 17 20.58 35.07 -4.55
CA ALA L 17 20.06 34.34 -3.41
C ALA L 17 21.01 34.41 -2.22
N ALA L 18 22.31 34.44 -2.48
CA ALA L 18 23.29 34.53 -1.40
C ALA L 18 23.05 35.77 -0.54
N LEU L 19 22.62 36.86 -1.16
CA LEU L 19 22.36 38.08 -0.41
C LEU L 19 21.03 38.00 0.33
N LYS L 20 20.01 37.41 -0.30
CA LYS L 20 18.70 37.33 0.32
C LYS L 20 18.73 36.53 1.63
N VAL L 21 19.49 35.43 1.64
CA VAL L 21 19.56 34.60 2.83
C VAL L 21 20.40 35.26 3.91
N ASN L 22 21.39 36.07 3.50
CA ASN L 22 22.19 36.80 4.48
C ASN L 22 21.39 37.93 5.13
N VAL L 23 20.61 38.65 4.34
CA VAL L 23 19.76 39.71 4.91
C VAL L 23 18.65 39.09 5.74
N THR L 24 17.99 38.04 5.21
CA THR L 24 16.90 37.41 5.93
C THR L 24 17.35 36.92 7.30
N SER L 25 18.51 36.26 7.35
CA SER L 25 19.02 35.76 8.63
C SER L 25 19.26 36.91 9.60
N ALA L 26 19.87 38.00 9.12
CA ALA L 26 20.11 39.15 9.98
C ALA L 26 18.80 39.75 10.46
N GLU L 27 17.79 39.82 9.58
CA GLU L 27 16.49 40.33 9.99
C GLU L 27 15.88 39.50 11.11
N GLY L 28 16.05 38.18 11.05
CA GLY L 28 15.59 37.35 12.16
C GLY L 28 16.23 37.73 13.48
N LEU L 29 17.56 37.73 13.52
CA LEU L 29 18.26 38.08 14.75
C LEU L 29 17.84 39.44 15.26
N GLN L 30 17.67 40.41 14.35
CA GLN L 30 17.16 41.71 14.74
C GLN L 30 15.79 41.60 15.40
N SER L 31 14.87 40.85 14.76
CA SER L 31 13.49 40.81 15.25
C SER L 31 13.40 40.19 16.64
N VAL L 32 14.44 39.46 17.06
CA VAL L 32 14.47 38.92 18.41
C VAL L 32 15.04 39.95 19.38
N LEU L 33 16.26 40.41 19.14
CA LEU L 33 16.98 41.24 20.09
C LEU L 33 16.47 42.67 20.15
N GLU L 34 15.79 43.17 19.10
CA GLU L 34 15.27 44.53 19.17
C GLU L 34 14.32 44.70 20.36
N THR L 35 13.71 43.61 20.82
CA THR L 35 12.72 43.73 21.89
C THR L 35 13.38 43.94 23.25
N ASN L 36 14.70 43.81 23.33
CA ASN L 36 15.43 43.95 24.58
C ASN L 36 16.03 45.35 24.75
N LEU L 37 15.81 46.23 23.77
CA LEU L 37 16.45 47.53 23.72
C LEU L 37 15.63 48.55 24.48
N GLY L 38 16.27 49.22 25.44
CA GLY L 38 15.64 50.31 26.16
C GLY L 38 15.09 49.90 27.50
N PRO L 39 14.85 50.87 28.38
CA PRO L 39 14.31 50.54 29.71
C PRO L 39 12.90 49.98 29.66
N LYS L 40 12.19 50.16 28.55
CA LYS L 40 10.83 49.67 28.37
C LYS L 40 10.77 48.37 27.60
N GLY L 41 11.91 47.73 27.36
CA GLY L 41 11.96 46.49 26.61
C GLY L 41 11.43 45.30 27.40
N THR L 42 11.36 44.16 26.72
CA THR L 42 10.84 42.93 27.28
C THR L 42 11.98 42.07 27.80
N LEU L 43 11.61 40.99 28.49
CA LEU L 43 12.56 40.13 29.19
C LEU L 43 12.56 38.75 28.54
N LYS L 44 13.73 38.27 28.13
CA LYS L 44 13.87 36.99 27.47
C LYS L 44 14.14 35.88 28.49
N MET L 45 13.63 34.70 28.18
CA MET L 45 13.84 33.50 28.99
C MET L 45 14.83 32.58 28.30
N LEU L 46 15.81 32.08 29.04
CA LEU L 46 16.71 31.05 28.56
C LEU L 46 16.47 29.75 29.34
N VAL L 47 16.37 28.64 28.60
CA VAL L 47 16.25 27.32 29.18
C VAL L 47 17.45 26.49 28.76
N ASP L 48 18.17 25.97 29.74
CA ASP L 48 19.45 25.31 29.51
C ASP L 48 19.27 23.86 29.08
N GLY L 49 18.02 23.42 28.95
CA GLY L 49 17.74 22.05 28.57
C GLY L 49 17.72 21.10 29.74
N ALA L 50 18.19 21.56 30.89
CA ALA L 50 18.16 20.73 32.10
C ALA L 50 17.03 21.14 33.02
N GLY L 51 16.28 22.18 32.66
CA GLY L 51 15.17 22.65 33.45
C GLY L 51 15.42 23.90 34.28
N ASN L 52 16.60 24.52 34.14
CA ASN L 52 16.94 25.71 34.90
C ASN L 52 16.52 26.93 34.10
N ILE L 53 16.02 27.96 34.79
CA ILE L 53 15.56 29.16 34.11
C ILE L 53 16.51 30.31 34.41
N LYS L 54 16.92 31.02 33.36
CA LYS L 54 17.65 32.28 33.50
C LYS L 54 16.99 33.35 32.65
N LEU L 55 16.76 34.51 33.26
CA LEU L 55 16.15 35.65 32.58
C LEU L 55 17.16 36.77 32.44
N THR L 56 17.15 37.42 31.29
CA THR L 56 18.10 38.50 31.01
C THR L 56 17.53 39.38 29.90
N LYS L 57 18.01 40.63 29.85
CA LYS L 57 17.90 41.47 28.68
C LYS L 57 19.24 41.70 27.99
N ASP L 58 20.34 41.22 28.56
CA ASP L 58 21.67 41.65 28.14
C ASP L 58 22.00 41.04 26.79
N GLY L 59 22.39 41.89 25.84
CA GLY L 59 22.71 41.39 24.51
C GLY L 59 23.76 40.29 24.54
N LYS L 60 24.87 40.53 25.22
CA LYS L 60 25.95 39.54 25.25
C LYS L 60 25.46 38.21 25.80
N VAL L 61 24.73 38.23 26.93
CA VAL L 61 24.22 36.99 27.49
C VAL L 61 23.29 36.29 26.51
N LEU L 62 22.42 37.05 25.85
CA LEU L 62 21.49 36.46 24.90
C LEU L 62 22.24 35.80 23.74
N LEU L 63 23.29 36.47 23.24
CA LEU L 63 23.99 35.97 22.05
C LEU L 63 24.94 34.83 22.38
N THR L 64 25.51 34.83 23.59
CA THR L 64 26.57 33.86 23.90
C THR L 64 26.01 32.61 24.56
N GLU L 65 24.83 32.70 25.17
CA GLU L 65 24.22 31.54 25.80
C GLU L 65 23.16 30.88 24.93
N MET L 66 22.59 31.61 23.98
CA MET L 66 21.65 31.03 23.03
C MET L 66 22.39 30.49 21.80
N GLN L 67 21.90 29.36 21.29
CA GLN L 67 22.45 28.72 20.11
C GLN L 67 21.71 29.26 18.90
N ILE L 68 22.43 29.41 17.78
CA ILE L 68 21.87 29.92 16.53
C ILE L 68 22.12 28.91 15.42
N GLN L 69 21.12 28.69 14.58
CA GLN L 69 21.26 27.77 13.46
C GLN L 69 21.80 28.48 12.22
N SER L 70 21.22 29.63 11.87
CA SER L 70 21.62 30.36 10.68
C SER L 70 23.10 30.72 10.75
N PRO L 71 23.94 30.15 9.88
CA PRO L 71 25.37 30.47 9.93
C PRO L 71 25.66 31.96 9.79
N THR L 72 24.80 32.71 9.08
CA THR L 72 25.03 34.14 8.93
C THR L 72 24.76 34.88 10.23
N ALA L 73 23.64 34.56 10.89
CA ALA L 73 23.35 35.16 12.19
C ALA L 73 24.41 34.83 13.22
N VAL L 74 25.06 33.66 13.10
CA VAL L 74 26.14 33.32 14.00
C VAL L 74 27.27 34.35 13.89
N LEU L 75 27.63 34.72 12.66
CA LEU L 75 28.68 35.70 12.46
C LEU L 75 28.33 37.03 13.11
N ILE L 76 27.07 37.46 12.99
CA ILE L 76 26.65 38.70 13.63
C ILE L 76 26.70 38.56 15.14
N ALA L 77 26.21 37.42 15.65
CA ALA L 77 26.19 37.22 17.10
C ALA L 77 27.59 37.29 17.68
N ARG L 78 28.56 36.65 17.03
CA ARG L 78 29.92 36.62 17.55
C ARG L 78 30.56 38.00 17.47
N ALA L 79 30.41 38.68 16.33
CA ALA L 79 31.02 40.00 16.16
C ALA L 79 30.44 41.00 17.17
N ALA L 80 29.13 40.93 17.40
CA ALA L 80 28.51 41.82 18.38
C ALA L 80 28.95 41.47 19.80
N ALA L 81 29.02 40.17 20.10
CA ALA L 81 29.44 39.75 21.43
C ALA L 81 30.86 40.23 21.74
N ALA L 82 31.70 40.34 20.72
CA ALA L 82 33.07 40.79 20.93
C ALA L 82 33.10 42.16 21.59
N GLN L 83 32.01 42.93 21.46
CA GLN L 83 31.98 44.27 22.04
C GLN L 83 32.16 44.22 23.55
N ASP L 84 31.83 43.09 24.18
CA ASP L 84 31.92 42.98 25.62
C ASP L 84 33.35 43.21 26.11
N GLU L 85 34.34 42.85 25.28
CA GLU L 85 35.73 43.00 25.68
C GLU L 85 36.27 44.37 25.31
N ILE L 86 35.44 45.19 24.66
CA ILE L 86 35.89 46.50 24.20
C ILE L 86 35.19 47.62 24.97
N THR L 87 33.86 47.57 25.03
CA THR L 87 33.07 48.61 25.68
C THR L 87 32.36 48.10 26.93
N GLY L 88 31.98 46.82 26.96
CA GLY L 88 31.15 46.29 28.02
C GLY L 88 29.68 46.53 27.86
N ASP L 89 29.25 47.19 26.77
CA ASP L 89 27.84 47.48 26.55
C ASP L 89 27.64 47.80 25.08
N GLY L 90 26.38 47.91 24.69
CA GLY L 90 26.06 48.23 23.31
C GLY L 90 25.86 47.04 22.41
N THR L 91 25.91 45.82 22.95
CA THR L 91 25.78 44.63 22.11
C THR L 91 24.46 44.62 21.36
N THR L 92 23.34 44.89 22.05
CA THR L 92 22.05 44.93 21.39
C THR L 92 22.00 46.03 20.35
N THR L 93 22.59 47.19 20.66
CA THR L 93 22.61 48.29 19.70
C THR L 93 23.24 47.86 18.39
N VAL L 94 24.39 47.17 18.45
CA VAL L 94 25.08 46.74 17.23
C VAL L 94 24.17 45.86 16.39
N VAL L 95 23.53 44.86 17.01
CA VAL L 95 22.67 43.95 16.28
C VAL L 95 21.52 44.72 15.61
N CYS L 96 20.93 45.68 16.33
CA CYS L 96 19.87 46.48 15.74
C CYS L 96 20.38 47.30 14.56
N LEU L 97 21.57 47.89 14.69
CA LEU L 97 22.12 48.69 13.60
C LEU L 97 22.46 47.81 12.39
N VAL L 98 23.04 46.65 12.63
CA VAL L 98 23.39 45.75 11.53
C VAL L 98 22.14 45.33 10.77
N GLY L 99 21.09 44.94 11.49
CA GLY L 99 19.85 44.56 10.82
C GLY L 99 19.33 45.62 9.89
N GLU L 100 19.15 46.84 10.40
CA GLU L 100 18.54 47.90 9.60
C GLU L 100 19.47 48.34 8.47
N LEU L 101 20.78 48.34 8.71
CA LEU L 101 21.72 48.65 7.63
C LEU L 101 21.56 47.67 6.47
N LEU L 102 21.35 46.39 6.78
CA LEU L 102 21.16 45.40 5.73
C LEU L 102 19.79 45.54 5.08
N ARG L 103 18.78 45.91 5.87
CA ARG L 103 17.46 46.18 5.30
C ARG L 103 17.54 47.32 4.29
N GLN L 104 18.13 48.45 4.68
CA GLN L 104 18.19 49.60 3.79
C GLN L 104 19.08 49.32 2.58
N ALA L 105 20.22 48.67 2.80
CA ALA L 105 21.09 48.30 1.69
C ALA L 105 20.37 47.40 0.70
N HIS L 106 19.60 46.43 1.22
CA HIS L 106 18.86 45.52 0.33
C HIS L 106 17.88 46.29 -0.55
N ARG L 107 17.20 47.28 0.01
CA ARG L 107 16.25 48.06 -0.78
C ARG L 107 16.94 48.71 -1.98
N PHE L 108 18.15 49.18 -1.78
CA PHE L 108 18.90 49.79 -2.88
C PHE L 108 19.50 48.74 -3.82
N ILE L 109 19.97 47.62 -3.27
CA ILE L 109 20.52 46.56 -4.12
C ILE L 109 19.46 46.07 -5.10
N GLN L 110 18.20 46.01 -4.66
CA GLN L 110 17.12 45.62 -5.56
C GLN L 110 17.04 46.55 -6.76
N GLU L 111 17.53 47.79 -6.61
CA GLU L 111 17.46 48.75 -7.71
C GLU L 111 18.65 48.64 -8.64
N GLY L 112 19.57 47.71 -8.35
CA GLY L 112 20.74 47.52 -9.19
C GLY L 112 22.00 48.14 -8.61
N VAL L 113 21.93 48.57 -7.35
CA VAL L 113 23.11 49.14 -6.70
C VAL L 113 24.05 48.03 -6.26
N HIS L 114 25.26 48.04 -6.82
CA HIS L 114 26.23 47.01 -6.50
C HIS L 114 26.57 47.07 -5.01
N PRO L 115 26.68 45.92 -4.33
CA PRO L 115 27.05 45.96 -2.90
C PRO L 115 28.26 46.83 -2.59
N ARG L 116 29.24 46.91 -3.50
CA ARG L 116 30.40 47.76 -3.25
C ARG L 116 29.98 49.22 -3.12
N ILE L 117 29.01 49.65 -3.94
CA ILE L 117 28.58 51.04 -3.90
C ILE L 117 28.01 51.38 -2.53
N ILE L 118 27.19 50.50 -1.97
CA ILE L 118 26.68 50.69 -0.62
C ILE L 118 27.81 50.64 0.40
N THR L 119 28.73 49.68 0.24
CA THR L 119 29.83 49.55 1.19
C THR L 119 30.66 50.83 1.27
N ASP L 120 31.05 51.39 0.12
CA ASP L 120 31.83 52.63 0.13
C ASP L 120 31.03 53.76 0.77
N GLY L 121 29.74 53.83 0.47
CA GLY L 121 28.91 54.85 1.11
C GLY L 121 28.85 54.70 2.62
N PHE L 122 28.80 53.45 3.10
CA PHE L 122 28.82 53.22 4.54
C PHE L 122 30.12 53.72 5.15
N GLU L 123 31.26 53.50 4.46
CA GLU L 123 32.53 53.92 5.00
C GLU L 123 32.64 55.45 5.05
N ILE L 124 32.08 56.13 4.05
CA ILE L 124 32.06 57.59 4.08
C ILE L 124 31.19 58.08 5.23
N ALA L 125 30.01 57.48 5.42
CA ALA L 125 29.15 57.85 6.54
C ALA L 125 29.83 57.55 7.87
N ARG L 126 30.55 56.44 7.96
CA ARG L 126 31.24 56.09 9.20
C ARG L 126 32.25 57.16 9.58
N LYS L 127 33.09 57.57 8.63
CA LYS L 127 34.11 58.57 8.93
C LYS L 127 33.48 59.87 9.39
N GLU L 128 32.39 60.30 8.73
CA GLU L 128 31.70 61.51 9.14
C GLU L 128 30.97 61.32 10.46
N SER L 129 30.48 60.10 10.73
CA SER L 129 29.81 59.83 11.98
C SER L 129 30.76 59.99 13.16
N MET L 130 32.00 59.53 13.01
CA MET L 130 32.99 59.71 14.08
C MET L 130 33.32 61.17 14.30
N LYS L 131 33.38 61.97 13.23
CA LYS L 131 33.54 63.42 13.39
C LYS L 131 32.36 64.00 14.14
N PHE L 132 31.14 63.61 13.79
CA PHE L 132 29.97 64.09 14.50
C PHE L 132 30.05 63.76 15.98
N LEU L 133 30.37 62.50 16.32
CA LEU L 133 30.45 62.10 17.71
C LEU L 133 31.39 63.01 18.49
N ASP L 134 32.57 63.28 17.93
CA ASP L 134 33.55 64.10 18.65
C ASP L 134 33.02 65.50 18.91
N GLU L 135 32.25 66.05 17.97
CA GLU L 135 31.69 67.38 18.17
C GLU L 135 30.37 67.33 18.93
N PHE L 136 29.69 66.18 18.89
CA PHE L 136 28.41 66.06 19.57
C PHE L 136 28.58 65.82 21.07
N LYS L 137 29.67 65.16 21.47
CA LYS L 137 29.83 64.80 22.87
C LYS L 137 29.98 66.04 23.74
N ILE L 138 29.74 65.86 25.04
CA ILE L 138 29.93 66.90 26.04
C ILE L 138 31.08 66.46 26.94
N SER L 139 31.99 67.38 27.24
CA SER L 139 33.07 67.09 28.16
C SER L 139 32.58 67.15 29.60
N LYS L 140 32.80 66.07 30.33
CA LYS L 140 32.42 65.97 31.73
C LYS L 140 33.43 66.71 32.60
N THR L 141 32.92 67.35 33.65
CA THR L 141 33.78 67.93 34.68
C THR L 141 34.71 66.86 35.25
N ASN L 142 35.99 67.22 35.37
CA ASN L 142 37.03 66.26 35.71
C ASN L 142 37.06 65.91 37.19
N LEU L 143 36.11 66.44 37.97
CA LEU L 143 36.00 66.12 39.39
C LEU L 143 35.36 64.75 39.59
N SER L 144 35.95 63.95 40.48
CA SER L 144 35.38 62.65 40.84
C SER L 144 34.35 62.77 41.95
N ASN L 145 34.15 63.96 42.49
CA ASN L 145 33.28 64.18 43.66
C ASN L 145 31.84 64.42 43.22
N ASP L 146 31.64 64.38 41.90
CA ASP L 146 30.35 64.61 41.26
C ASP L 146 29.41 63.42 41.41
N ARG L 147 29.05 63.08 42.65
CA ARG L 147 28.17 61.94 42.92
C ARG L 147 26.83 62.07 42.19
N GLU L 148 26.31 63.30 42.06
CA GLU L 148 24.99 63.47 41.44
C GLU L 148 24.97 62.96 40.01
N PHE L 149 26.03 63.25 39.25
CA PHE L 149 26.12 62.77 37.87
C PHE L 149 26.34 61.26 37.86
N LEU L 150 27.25 60.76 38.70
CA LEU L 150 27.55 59.33 38.71
C LEU L 150 26.32 58.50 39.05
N LEU L 151 25.42 59.05 39.87
CA LEU L 151 24.14 58.38 40.10
C LEU L 151 23.33 58.29 38.81
N GLN L 152 23.35 59.36 38.01
CA GLN L 152 22.65 59.34 36.73
C GLN L 152 23.23 58.29 35.80
N VAL L 153 24.56 58.10 35.85
CA VAL L 153 25.19 57.07 35.02
C VAL L 153 24.74 55.68 35.44
N ALA L 154 24.87 55.38 36.75
CA ALA L 154 24.44 54.08 37.23
C ALA L 154 22.95 53.85 36.99
N ARG L 155 22.13 54.88 37.21
CA ARG L 155 20.70 54.73 36.99
C ARG L 155 20.39 54.38 35.54
N SER L 156 20.99 55.10 34.59
CA SER L 156 20.72 54.84 33.18
C SER L 156 21.06 53.40 32.81
N SER L 157 22.21 52.90 33.30
CA SER L 157 22.59 51.52 33.08
C SER L 157 21.63 50.52 33.74
N LEU L 158 21.29 50.72 35.01
CA LEU L 158 20.41 49.80 35.71
C LEU L 158 19.00 49.73 35.13
N LEU L 159 18.42 50.88 34.78
CA LEU L 159 17.06 50.92 34.24
C LEU L 159 16.89 50.04 33.01
N THR L 160 17.96 49.81 32.24
CA THR L 160 17.87 48.90 31.11
C THR L 160 17.60 47.48 31.56
N LYS L 161 18.11 47.08 32.72
CA LYS L 161 18.24 45.69 33.10
C LYS L 161 17.29 45.23 34.19
N VAL L 162 16.85 46.12 35.09
CA VAL L 162 16.04 45.73 36.24
C VAL L 162 14.65 46.32 36.10
N ASP L 163 13.82 46.03 37.11
CA ASP L 163 12.39 46.32 37.07
C ASP L 163 12.06 47.75 37.49
N ALA L 164 13.08 48.60 37.65
CA ALA L 164 13.01 50.02 38.04
C ALA L 164 12.77 50.21 39.53
N ASP L 165 12.23 49.21 40.21
CA ASP L 165 12.20 49.19 41.67
C ASP L 165 13.52 48.83 42.29
N LEU L 166 14.23 47.84 41.71
CA LEU L 166 15.56 47.51 42.17
C LEU L 166 16.56 48.60 41.82
N THR L 167 16.22 49.47 40.85
CA THR L 167 17.09 50.58 40.49
C THR L 167 17.31 51.50 41.69
N GLU L 168 16.25 51.78 42.45
CA GLU L 168 16.39 52.61 43.65
C GLU L 168 17.32 51.98 44.67
N VAL L 169 17.41 50.66 44.69
CA VAL L 169 18.31 49.98 45.63
C VAL L 169 19.72 49.94 45.06
N LEU L 170 19.87 49.52 43.81
CA LEU L 170 21.19 49.27 43.23
C LEU L 170 21.91 50.55 42.83
N THR L 171 21.18 51.60 42.45
CA THR L 171 21.85 52.81 41.95
C THR L 171 22.86 53.36 42.94
N PRO L 172 22.53 53.66 44.19
CA PRO L 172 23.57 54.13 45.12
C PRO L 172 24.62 53.08 45.43
N ILE L 173 24.29 51.79 45.29
CA ILE L 173 25.27 50.74 45.55
C ILE L 173 26.33 50.72 44.44
N VAL L 174 25.88 50.73 43.18
CA VAL L 174 26.82 50.79 42.06
C VAL L 174 27.66 52.06 42.13
N THR L 175 27.01 53.20 42.37
CA THR L 175 27.72 54.48 42.33
C THR L 175 28.80 54.54 43.41
N ASP L 176 28.44 54.21 44.65
CA ASP L 176 29.38 54.38 45.74
C ASP L 176 30.46 53.30 45.72
N ALA L 177 30.10 52.09 45.28
CA ALA L 177 31.07 51.01 45.22
C ALA L 177 32.22 51.35 44.27
N VAL L 178 31.89 51.94 43.12
CA VAL L 178 32.92 52.30 42.15
C VAL L 178 33.72 53.51 42.62
N LEU L 179 33.01 54.55 43.09
CA LEU L 179 33.70 55.73 43.60
C LEU L 179 34.59 55.38 44.80
N SER L 180 34.17 54.43 45.63
CA SER L 180 34.96 54.06 46.79
C SER L 180 36.33 53.51 46.38
N VAL L 181 36.36 52.70 45.32
CA VAL L 181 37.62 52.12 44.87
C VAL L 181 38.33 53.03 43.87
N TYR L 182 37.68 54.10 43.42
CA TYR L 182 38.35 55.07 42.57
C TYR L 182 39.55 55.68 43.29
N ASP L 183 40.71 55.58 42.66
CA ASP L 183 41.96 56.01 43.28
C ASP L 183 41.96 57.52 43.46
N ALA L 184 42.62 57.99 44.51
CA ALA L 184 42.77 59.41 44.76
C ALA L 184 43.62 60.08 43.69
N GLN L 185 43.60 61.42 43.70
CA GLN L 185 44.37 62.24 42.78
C GLN L 185 43.95 62.03 41.32
N ALA L 186 42.67 61.78 41.13
CA ALA L 186 42.05 61.62 39.80
C ALA L 186 42.76 60.59 38.94
N ASP L 187 43.16 59.46 39.52
CA ASP L 187 43.85 58.42 38.77
C ASP L 187 42.81 57.44 38.23
N ASN L 188 43.25 56.29 37.72
CA ASN L 188 42.35 55.30 37.17
C ASN L 188 41.74 54.47 38.30
N LEU L 189 41.03 53.40 37.94
CA LEU L 189 40.43 52.50 38.91
C LEU L 189 40.28 51.12 38.29
N ASP L 190 40.21 50.10 39.14
CA ASP L 190 39.98 48.73 38.71
C ASP L 190 38.72 48.22 39.40
N LEU L 191 37.65 48.04 38.63
CA LEU L 191 36.37 47.62 39.21
C LEU L 191 36.42 46.19 39.72
N HIS L 192 37.51 45.46 39.50
CA HIS L 192 37.67 44.16 40.12
C HIS L 192 37.93 44.28 41.62
N MET L 193 38.08 45.51 42.12
CA MET L 193 38.18 45.74 43.55
C MET L 193 36.84 45.63 44.26
N VAL L 194 35.75 45.41 43.53
CA VAL L 194 34.42 45.26 44.10
C VAL L 194 34.04 43.79 43.96
N GLU L 195 33.82 43.11 45.09
CA GLU L 195 33.46 41.71 45.05
C GLU L 195 31.95 41.54 44.89
N ILE L 196 31.57 40.65 43.98
CA ILE L 196 30.16 40.39 43.67
C ILE L 196 29.81 39.07 44.35
N MET L 197 29.04 39.16 45.44
CA MET L 197 28.72 38.00 46.26
C MET L 197 27.21 37.79 46.32
N GLN L 198 26.79 36.54 46.12
CA GLN L 198 25.40 36.16 46.15
C GLN L 198 25.06 35.46 47.47
N MET L 199 23.83 35.66 47.92
CA MET L 199 23.31 34.93 49.08
C MET L 199 21.80 34.79 48.95
N GLN L 200 21.26 33.77 49.59
CA GLN L 200 19.84 33.46 49.51
C GLN L 200 19.13 33.79 50.81
N HIS L 201 17.82 33.50 50.84
CA HIS L 201 16.94 33.68 52.00
C HIS L 201 16.59 35.14 52.29
N LEU L 202 16.88 36.05 51.37
CA LEU L 202 16.46 37.44 51.51
C LEU L 202 15.97 37.95 50.16
N SER L 203 15.09 38.94 50.19
CA SER L 203 14.46 39.49 48.99
C SER L 203 15.48 40.23 48.13
N PRO L 204 15.25 40.33 46.81
CA PRO L 204 16.18 41.10 45.97
C PRO L 204 16.25 42.57 46.33
N LYS L 205 15.21 43.12 46.96
CA LYS L 205 15.23 44.53 47.35
C LYS L 205 16.13 44.78 48.56
N ASP L 206 16.66 43.73 49.17
CA ASP L 206 17.55 43.88 50.31
C ASP L 206 19.02 43.98 49.92
N THR L 207 19.31 43.95 48.61
CA THR L 207 20.68 44.13 48.13
C THR L 207 21.31 45.37 48.75
N THR L 208 22.54 45.20 49.26
CA THR L 208 23.16 46.19 50.12
C THR L 208 24.63 46.32 49.76
N PHE L 209 25.19 47.48 50.09
CA PHE L 209 26.62 47.74 49.94
C PHE L 209 27.32 47.51 51.26
N ILE L 210 28.42 46.76 51.24
CA ILE L 210 29.23 46.48 52.41
C ILE L 210 30.57 47.17 52.25
N LYS L 211 30.98 47.92 53.27
CA LYS L 211 32.20 48.71 53.17
C LYS L 211 33.44 47.83 53.05
N GLY L 212 33.40 46.65 53.64
CA GLY L 212 34.55 45.76 53.66
C GLY L 212 34.26 44.41 53.05
N LEU L 213 34.86 43.36 53.60
CA LEU L 213 34.70 42.01 53.09
C LEU L 213 33.66 41.28 53.92
N VAL L 214 33.07 40.24 53.34
CA VAL L 214 32.18 39.32 54.05
C VAL L 214 32.75 37.92 53.95
N LEU L 215 32.92 37.26 55.10
CA LEU L 215 33.55 35.96 55.18
C LEU L 215 32.50 34.88 55.37
N ASP L 216 32.77 33.70 54.82
CA ASP L 216 31.80 32.62 54.83
C ASP L 216 31.78 31.89 56.16
N HIS L 217 32.94 31.40 56.59
CA HIS L 217 33.02 30.67 57.85
C HIS L 217 32.98 31.63 59.03
N GLY L 218 32.08 31.37 59.98
CA GLY L 218 31.95 32.17 61.17
C GLY L 218 32.49 31.47 62.40
N GLY L 219 32.04 31.94 63.56
CA GLY L 219 32.38 31.30 64.81
C GLY L 219 31.53 30.07 65.07
N ARG L 220 32.08 29.11 65.81
CA ARG L 220 31.35 27.88 66.13
C ARG L 220 31.44 27.60 67.64
N HIS L 221 30.83 28.51 68.40
CA HIS L 221 30.68 28.43 69.85
C HIS L 221 29.62 29.44 70.25
N PRO L 222 28.70 29.09 71.14
CA PRO L 222 27.59 30.02 71.43
C PRO L 222 28.03 31.32 72.09
N ASP L 223 29.22 31.35 72.69
CA ASP L 223 29.68 32.53 73.41
C ASP L 223 30.59 33.43 72.58
N MET L 224 30.65 33.23 71.25
CA MET L 224 31.40 34.13 70.40
C MET L 224 30.76 35.52 70.38
N PRO L 225 31.57 36.58 70.38
CA PRO L 225 31.01 37.94 70.36
C PRO L 225 30.07 38.13 69.17
N THR L 226 29.00 38.88 69.40
CA THR L 226 28.09 39.22 68.31
C THR L 226 28.57 40.42 67.52
N ARG L 227 29.07 41.45 68.21
CA ARG L 227 29.60 42.63 67.53
C ARG L 227 30.64 43.28 68.42
N VAL L 228 31.75 43.71 67.81
CA VAL L 228 32.84 44.38 68.51
C VAL L 228 33.02 45.74 67.83
N LYS L 229 33.08 46.80 68.64
CA LYS L 229 33.21 48.15 68.09
C LYS L 229 34.54 48.34 67.39
N ASN L 230 35.63 47.88 68.01
CA ASN L 230 36.96 47.95 67.39
C ASN L 230 37.74 46.73 67.85
N ALA L 231 38.53 46.15 66.94
CA ALA L 231 39.22 44.90 67.24
C ALA L 231 40.57 44.88 66.55
N TYR L 232 41.50 44.13 67.12
CA TYR L 232 42.73 43.76 66.45
C TYR L 232 42.61 42.36 65.86
N VAL L 233 43.22 42.16 64.70
CA VAL L 233 43.05 40.97 63.90
C VAL L 233 44.36 40.19 63.88
N LEU L 234 44.32 38.94 64.35
CA LEU L 234 45.46 38.04 64.30
C LEU L 234 45.35 37.16 63.05
N ILE L 235 46.37 37.23 62.20
CA ILE L 235 46.38 36.48 60.94
C ILE L 235 47.36 35.32 61.14
N LEU L 236 46.83 34.11 61.23
CA LEU L 236 47.57 32.96 61.75
C LEU L 236 47.38 31.75 60.85
N ASN L 237 48.49 31.14 60.43
CA ASN L 237 48.48 29.97 59.57
C ASN L 237 48.73 28.68 60.36
N VAL L 238 48.82 28.78 61.68
CA VAL L 238 49.17 27.66 62.54
C VAL L 238 47.89 26.97 63.01
N SER L 239 47.82 25.66 62.79
CA SER L 239 46.66 24.88 63.21
C SER L 239 46.52 24.91 64.73
N LEU L 240 45.29 25.02 65.21
CA LEU L 240 44.99 24.87 66.63
C LEU L 240 44.10 23.67 66.93
N GLU L 241 44.10 22.65 66.08
CA GLU L 241 43.42 21.39 66.37
C GLU L 241 44.28 20.52 67.26
N TYR L 242 43.61 19.69 68.07
CA TYR L 242 44.33 18.73 68.90
C TYR L 242 45.47 18.10 68.13
N GLU L 243 46.68 18.24 68.65
CA GLU L 243 47.90 17.79 67.98
C GLU L 243 48.28 16.42 68.51
N LYS L 244 48.88 15.62 67.64
CA LYS L 244 49.50 14.36 68.02
C LYS L 244 51.00 14.41 67.74
N THR L 245 51.70 13.42 68.27
CA THR L 245 53.16 13.38 68.14
C THR L 245 53.56 13.29 66.67
N GLU L 246 54.71 13.89 66.35
CA GLU L 246 55.24 13.79 65.00
C GLU L 246 55.96 12.47 64.78
N VAL L 247 56.26 11.75 65.86
CA VAL L 247 57.02 10.52 65.78
C VAL L 247 56.19 9.39 66.39
N ASN L 248 56.62 8.16 66.14
CA ASN L 248 55.93 7.00 66.68
C ASN L 248 55.80 7.10 68.20
N SER L 249 54.57 6.94 68.69
CA SER L 249 54.29 7.03 70.12
C SER L 249 52.99 6.30 70.41
N GLY L 250 52.43 6.58 71.58
CA GLY L 250 51.18 5.96 71.98
C GLY L 250 50.84 6.30 73.41
N PHE L 251 49.62 5.96 73.81
CA PHE L 251 49.12 6.20 75.15
C PHE L 251 49.01 4.90 75.91
N PHE L 252 49.95 4.67 76.84
CA PHE L 252 50.05 3.41 77.57
C PHE L 252 49.63 3.68 79.02
N TYR L 253 48.49 3.13 79.42
CA TYR L 253 47.85 3.46 80.68
C TYR L 253 47.43 2.18 81.40
N SER L 254 47.34 2.26 82.73
CA SER L 254 46.75 1.17 83.49
C SER L 254 45.36 1.52 84.02
N SER L 255 44.94 2.77 83.85
CA SER L 255 43.66 3.25 84.36
C SER L 255 43.07 4.30 83.42
N ALA L 256 41.75 4.48 83.52
CA ALA L 256 41.10 5.51 82.73
C ALA L 256 41.65 6.89 83.06
N ASP L 257 42.01 7.13 84.32
CA ASP L 257 42.59 8.42 84.69
C ASP L 257 43.89 8.68 83.94
N GLN L 258 44.78 7.68 83.90
CA GLN L 258 46.04 7.84 83.17
C GLN L 258 45.80 8.00 81.68
N ARG L 259 44.82 7.26 81.14
CA ARG L 259 44.50 7.38 79.72
C ARG L 259 44.27 8.83 79.33
N ASP L 260 43.35 9.51 80.04
CA ASP L 260 42.99 10.88 79.66
C ASP L 260 44.11 11.85 79.99
N LYS L 261 44.81 11.62 81.11
CA LYS L 261 45.90 12.51 81.48
C LYS L 261 47.01 12.46 80.44
N LEU L 262 47.30 11.27 79.92
CA LEU L 262 48.30 11.15 78.86
C LEU L 262 47.87 11.89 77.60
N ALA L 263 46.60 11.76 77.21
CA ALA L 263 46.09 12.51 76.08
C ALA L 263 46.14 14.01 76.36
N ALA L 264 45.82 14.43 77.58
CA ALA L 264 45.91 15.84 77.93
C ALA L 264 47.35 16.34 77.84
N SER L 265 48.32 15.50 78.21
CA SER L 265 49.72 15.91 78.17
C SER L 265 50.12 16.35 76.77
N GLU L 266 49.67 15.61 75.75
CA GLU L 266 49.90 16.05 74.38
C GLU L 266 49.06 17.27 74.03
N ARG L 267 47.83 17.33 74.55
CA ARG L 267 46.98 18.48 74.30
C ARG L 267 47.62 19.77 74.80
N LYS L 268 48.46 19.69 75.83
CA LYS L 268 49.09 20.88 76.38
C LYS L 268 49.90 21.62 75.32
N PHE L 269 50.30 20.91 74.27
CA PHE L 269 51.01 21.57 73.17
C PHE L 269 50.16 22.65 72.53
N VAL L 270 48.85 22.39 72.38
CA VAL L 270 47.95 23.39 71.84
C VAL L 270 47.71 24.49 72.85
N ASP L 271 47.51 24.12 74.12
CA ASP L 271 47.30 25.12 75.17
C ASP L 271 48.46 26.10 75.26
N ALA L 272 49.70 25.60 75.10
CA ALA L 272 50.85 26.50 75.12
C ALA L 272 50.77 27.53 73.99
N LYS L 273 50.38 27.09 72.80
CA LYS L 273 50.19 28.03 71.70
C LYS L 273 49.05 28.98 71.99
N LEU L 274 47.97 28.48 72.60
CA LEU L 274 46.85 29.34 72.95
C LEU L 274 47.26 30.39 73.97
N LYS L 275 48.08 29.99 74.96
CA LYS L 275 48.55 30.95 75.96
C LYS L 275 49.25 32.13 75.30
N LYS L 276 50.15 31.87 74.35
CA LYS L 276 50.85 32.96 73.68
C LYS L 276 49.89 33.83 72.90
N ILE L 277 48.85 33.24 72.30
CA ILE L 277 47.84 34.01 71.60
C ILE L 277 47.03 34.85 72.58
N ILE L 278 46.62 34.25 73.70
CA ILE L 278 45.87 35.00 74.70
C ILE L 278 46.74 36.06 75.36
N ASP L 279 48.00 35.74 75.65
CA ASP L 279 48.89 36.75 76.24
C ASP L 279 49.04 37.96 75.33
N LEU L 280 49.13 37.74 74.01
CA LEU L 280 49.14 38.86 73.07
C LEU L 280 47.88 39.71 73.25
N LYS L 281 46.71 39.08 73.25
CA LYS L 281 45.47 39.82 73.47
C LYS L 281 45.52 40.61 74.78
N ASN L 282 46.02 40.00 75.85
CA ASN L 282 46.12 40.69 77.13
C ASN L 282 47.03 41.92 77.02
N GLU L 283 48.08 41.84 76.20
CA GLU L 283 49.00 42.97 76.08
C GLU L 283 48.38 44.10 75.25
N VAL L 284 47.71 43.75 74.16
CA VAL L 284 47.22 44.72 73.19
C VAL L 284 45.73 44.95 73.48
N CYS L 285 45.44 46.00 74.25
CA CYS L 285 44.07 46.35 74.63
C CYS L 285 43.37 45.19 75.33
N GLY L 286 44.10 44.53 76.25
CA GLY L 286 43.52 43.38 76.93
C GLY L 286 42.21 43.71 77.62
N MET L 287 42.23 44.72 78.50
CA MET L 287 41.04 45.07 79.26
C MET L 287 40.48 46.43 78.85
N ASP L 288 41.01 47.01 77.79
CA ASP L 288 40.57 48.33 77.37
C ASP L 288 39.09 48.28 76.99
N PRO L 289 38.31 49.30 77.34
CA PRO L 289 36.90 49.31 76.97
C PRO L 289 36.72 49.52 75.48
N ASP L 290 35.62 48.96 74.96
CA ASP L 290 35.24 49.10 73.55
C ASP L 290 36.35 48.60 72.63
N LYS L 291 36.99 47.51 73.04
CA LYS L 291 38.00 46.85 72.21
C LYS L 291 37.74 45.36 72.22
N GLY L 292 38.16 44.69 71.15
CA GLY L 292 38.17 43.24 71.14
C GLY L 292 39.30 42.71 70.29
N PHE L 293 39.16 41.45 69.89
CA PHE L 293 40.26 40.69 69.30
C PHE L 293 39.67 39.60 68.43
N VAL L 294 40.18 39.47 67.19
CA VAL L 294 39.62 38.57 66.19
C VAL L 294 40.75 37.70 65.65
N ILE L 295 40.46 36.41 65.45
CA ILE L 295 41.39 35.48 64.83
C ILE L 295 40.73 34.89 63.59
N ILE L 296 41.45 34.93 62.47
CA ILE L 296 40.95 34.48 61.17
C ILE L 296 41.80 33.29 60.70
N ASN L 297 42.14 32.39 61.63
CA ASN L 297 43.04 31.28 61.38
C ASN L 297 42.75 30.52 60.10
N GLN L 298 43.78 30.40 59.24
CA GLN L 298 43.70 29.65 57.99
C GLN L 298 43.34 28.19 58.20
N LYS L 299 43.74 27.61 59.33
CA LYS L 299 43.56 26.19 59.57
C LYS L 299 42.44 25.96 60.59
N GLY L 300 42.15 24.70 60.88
CA GLY L 300 41.12 24.38 61.86
C GLY L 300 41.47 24.82 63.27
N ILE L 301 40.42 25.00 64.06
CA ILE L 301 40.56 25.36 65.48
C ILE L 301 39.75 24.35 66.28
N ASP L 302 40.40 23.72 67.26
CA ASP L 302 39.74 22.69 68.07
C ASP L 302 38.54 23.28 68.79
N PRO L 303 37.41 22.57 68.81
CA PRO L 303 36.31 22.98 69.68
C PRO L 303 36.74 23.34 71.10
N MET L 304 37.73 22.63 71.65
CA MET L 304 38.27 23.03 72.95
C MET L 304 38.81 24.44 72.92
N SER L 305 39.59 24.78 71.88
CA SER L 305 40.24 26.09 71.84
C SER L 305 39.24 27.18 71.48
N LEU L 306 38.16 26.82 70.79
CA LEU L 306 37.07 27.77 70.56
C LEU L 306 36.37 28.13 71.87
N ASP L 307 36.23 27.16 72.77
CA ASP L 307 35.72 27.46 74.11
C ASP L 307 36.67 28.39 74.86
N VAL L 308 37.97 28.18 74.70
CA VAL L 308 38.95 29.07 75.33
C VAL L 308 38.81 30.48 74.80
N PHE L 309 38.83 30.63 73.48
CA PHE L 309 38.77 31.95 72.87
C PHE L 309 37.49 32.69 73.25
N ALA L 310 36.34 32.00 73.24
CA ALA L 310 35.08 32.66 73.59
C ALA L 310 35.11 33.17 75.03
N LYS L 311 35.68 32.38 75.95
CA LYS L 311 35.73 32.81 77.35
C LYS L 311 36.58 34.07 77.50
N HIS L 312 37.53 34.28 76.59
CA HIS L 312 38.36 35.47 76.60
C HIS L 312 37.83 36.57 75.67
N ASN L 313 36.57 36.48 75.25
CA ASN L 313 35.93 37.48 74.40
C ASN L 313 36.70 37.66 73.09
N ILE L 314 37.17 36.55 72.52
CA ILE L 314 37.86 36.54 71.24
C ILE L 314 36.95 35.89 70.21
N LEU L 315 36.83 36.54 69.05
CA LEU L 315 36.04 35.98 67.95
C LEU L 315 36.95 35.14 67.06
N ALA L 316 36.83 33.82 67.16
CA ALA L 316 37.77 32.90 66.54
C ALA L 316 37.12 32.28 65.31
N LEU L 317 37.66 32.59 64.13
CA LEU L 317 37.27 31.96 62.88
C LEU L 317 38.33 30.95 62.48
N ARG L 318 37.90 29.93 61.74
CA ARG L 318 38.77 28.80 61.40
C ARG L 318 38.56 28.44 59.93
N ARG L 319 39.58 27.77 59.37
CA ARG L 319 39.51 27.18 58.03
C ARG L 319 39.11 28.22 56.98
N ALA L 320 39.73 29.39 57.11
CA ALA L 320 39.58 30.47 56.15
C ALA L 320 40.16 30.07 54.79
N LYS L 321 39.48 30.48 53.73
CA LYS L 321 39.95 30.22 52.38
C LYS L 321 41.13 31.13 52.05
N ARG L 322 42.06 30.62 51.21
CA ARG L 322 43.21 31.41 50.82
C ARG L 322 42.79 32.79 50.33
N ARG L 323 41.76 32.86 49.47
CA ARG L 323 41.37 34.14 48.90
C ARG L 323 40.99 35.13 49.99
N ASN L 324 40.34 34.65 51.05
CA ASN L 324 40.01 35.53 52.17
C ASN L 324 41.27 35.94 52.95
N MET L 325 42.19 35.00 53.16
CA MET L 325 43.38 35.31 53.95
C MET L 325 44.24 36.38 53.26
N GLU L 326 44.45 36.22 51.95
CA GLU L 326 45.27 37.18 51.22
C GLU L 326 44.61 38.56 51.18
N ARG L 327 43.28 38.60 50.97
CA ARG L 327 42.59 39.88 50.95
C ARG L 327 42.56 40.51 52.34
N LEU L 328 42.33 39.69 53.38
CA LEU L 328 42.26 40.22 54.73
C LEU L 328 43.60 40.79 55.18
N GLN L 329 44.71 40.22 54.72
CA GLN L 329 46.01 40.81 55.00
C GLN L 329 46.10 42.23 54.46
N LEU L 330 45.63 42.45 53.23
CA LEU L 330 45.58 43.77 52.64
C LEU L 330 44.58 44.68 53.37
N VAL L 331 43.37 44.17 53.63
CA VAL L 331 42.33 45.02 54.20
C VAL L 331 42.69 45.44 55.62
N THR L 332 43.18 44.50 56.42
CA THR L 332 43.40 44.77 57.84
C THR L 332 44.79 45.34 58.11
N GLY L 333 45.73 45.15 57.18
CA GLY L 333 47.09 45.62 57.34
C GLY L 333 47.98 44.69 58.14
N GLY L 334 47.45 43.56 58.61
CA GLY L 334 48.25 42.66 59.40
C GLY L 334 49.11 41.76 58.54
N GLU L 335 49.97 40.98 59.20
CA GLU L 335 50.79 39.98 58.51
C GLU L 335 50.43 38.58 58.97
N ALA L 336 50.65 37.61 58.08
CA ALA L 336 50.38 36.21 58.38
C ALA L 336 51.52 35.65 59.22
N GLN L 337 51.19 35.09 60.38
CA GLN L 337 52.17 34.48 61.28
C GLN L 337 52.25 33.00 60.97
N ASN L 338 53.42 32.54 60.54
CA ASN L 338 53.58 31.13 60.17
C ASN L 338 53.90 30.27 61.38
N SER L 339 54.28 30.90 62.50
CA SER L 339 54.59 30.18 63.72
C SER L 339 54.28 31.04 64.94
N VAL L 340 53.49 30.47 65.85
CA VAL L 340 53.14 31.18 67.08
C VAL L 340 54.39 31.49 67.89
N GLU L 341 55.49 30.79 67.63
CA GLU L 341 56.70 30.97 68.43
C GLU L 341 57.24 32.39 68.31
N ASP L 342 57.00 33.04 67.16
CA ASP L 342 57.44 34.41 66.95
C ASP L 342 56.32 35.44 67.09
N LEU L 343 55.18 35.05 67.66
CA LEU L 343 54.02 35.92 67.75
C LEU L 343 54.32 37.19 68.54
N SER L 344 53.95 38.33 67.99
CA SER L 344 54.20 39.64 68.58
C SER L 344 53.14 40.62 68.11
N PRO L 345 52.97 41.75 68.81
CA PRO L 345 51.99 42.75 68.37
C PRO L 345 52.18 43.20 66.93
N GLN L 346 53.39 43.11 66.39
CA GLN L 346 53.63 43.57 65.02
C GLN L 346 52.80 42.79 64.02
N ILE L 347 52.29 41.62 64.41
CA ILE L 347 51.53 40.79 63.49
C ILE L 347 50.14 41.38 63.26
N LEU L 348 49.58 42.07 64.26
CA LEU L 348 48.15 42.31 64.29
C LEU L 348 47.75 43.36 63.27
N GLY L 349 46.57 43.15 62.67
CA GLY L 349 45.86 44.20 61.97
C GLY L 349 44.81 44.87 62.86
N PHE L 350 44.02 45.73 62.23
CA PHE L 350 43.00 46.49 62.94
C PHE L 350 41.78 46.66 62.04
N SER L 351 40.60 46.46 62.62
CA SER L 351 39.35 46.73 61.94
C SER L 351 38.41 47.47 62.89
N GLY L 352 37.43 48.15 62.31
CA GLY L 352 36.37 48.78 63.06
C GLY L 352 35.28 47.82 63.49
N LEU L 353 34.03 48.17 63.22
CA LEU L 353 32.90 47.33 63.61
C LEU L 353 32.97 45.97 62.93
N VAL L 354 33.12 44.93 63.74
CA VAL L 354 33.14 43.55 63.26
C VAL L 354 31.97 42.85 63.92
N TYR L 355 31.15 42.18 63.12
CA TYR L 355 29.94 41.52 63.62
C TYR L 355 29.60 40.34 62.71
N GLN L 356 28.73 39.47 63.24
CA GLN L 356 28.25 38.30 62.50
C GLN L 356 26.75 38.47 62.26
N GLU L 357 26.31 38.11 61.06
CA GLU L 357 24.88 38.05 60.78
C GLU L 357 24.45 36.59 60.72
N THR L 358 23.34 36.27 61.39
CA THR L 358 22.81 34.91 61.41
C THR L 358 21.67 34.79 60.42
N ILE L 359 21.86 33.93 59.42
CA ILE L 359 20.84 33.62 58.44
C ILE L 359 20.42 32.17 58.67
N GLY L 360 19.13 31.91 58.48
CA GLY L 360 18.57 30.59 58.73
C GLY L 360 19.48 29.43 58.42
N GLU L 361 20.19 29.51 57.28
CA GLU L 361 21.05 28.42 56.87
C GLU L 361 22.53 28.71 57.15
N GLU L 362 22.93 29.99 57.06
CA GLU L 362 24.34 30.35 57.08
C GLU L 362 24.61 31.50 58.03
N LYS L 363 25.87 31.62 58.46
CA LYS L 363 26.37 32.80 59.14
C LYS L 363 27.34 33.55 58.24
N PHE L 364 27.33 34.87 58.34
CA PHE L 364 28.24 35.72 57.57
C PHE L 364 28.95 36.66 58.52
N THR L 365 30.28 36.77 58.36
CA THR L 365 31.10 37.61 59.21
C THR L 365 31.50 38.87 58.45
N TYR L 366 31.34 40.03 59.08
CA TYR L 366 31.63 41.31 58.47
C TYR L 366 32.85 41.95 59.12
N VAL L 367 33.83 42.31 58.30
CA VAL L 367 35.10 42.89 58.73
C VAL L 367 35.18 44.32 58.19
N THR L 368 34.13 45.10 58.41
CA THR L 368 34.02 46.42 57.80
C THR L 368 34.77 47.48 58.60
N GLU L 369 34.78 48.70 58.04
CA GLU L 369 35.32 49.89 58.69
C GLU L 369 36.82 49.73 58.93
N ASN L 370 37.60 49.67 57.85
CA ASN L 370 39.05 49.56 57.93
C ASN L 370 39.69 50.86 57.49
N THR L 371 40.94 51.07 57.92
CA THR L 371 41.64 52.30 57.60
C THR L 371 41.72 52.52 56.10
N ASP L 372 42.09 51.48 55.35
CA ASP L 372 42.15 51.53 53.89
C ASP L 372 41.89 50.13 53.34
N PRO L 373 40.62 49.72 53.23
CA PRO L 373 40.32 48.34 52.83
C PRO L 373 40.72 48.04 51.39
N LYS L 374 40.78 49.09 50.57
CA LYS L 374 41.03 49.00 49.13
C LYS L 374 40.17 47.92 48.46
N SER L 375 38.91 47.78 48.89
CA SER L 375 38.04 46.73 48.37
C SER L 375 36.63 47.04 48.84
N CYS L 376 35.63 46.70 48.02
CA CYS L 376 34.25 46.73 48.44
C CYS L 376 33.57 45.39 48.17
N THR L 377 32.46 45.17 48.85
CA THR L 377 31.64 43.98 48.64
C THR L 377 30.20 44.43 48.40
N ILE L 378 29.55 43.84 47.40
CA ILE L 378 28.12 44.02 47.19
C ILE L 378 27.46 42.67 47.40
N LEU L 379 26.44 42.64 48.25
CA LEU L 379 25.71 41.41 48.56
C LEU L 379 24.43 41.39 47.74
N ILE L 380 24.38 40.49 46.76
CA ILE L 380 23.21 40.36 45.90
C ILE L 380 22.31 39.27 46.46
N LYS L 381 21.08 39.63 46.78
CA LYS L 381 20.16 38.76 47.50
C LYS L 381 19.00 38.34 46.61
N GLY L 382 18.44 37.18 46.92
CA GLY L 382 17.24 36.70 46.25
C GLY L 382 16.82 35.33 46.72
N SER L 383 15.63 34.89 46.31
CA SER L 383 15.13 33.59 46.74
C SER L 383 15.26 32.54 45.64
N THR L 384 15.39 32.99 44.39
CA THR L 384 15.45 32.10 43.24
C THR L 384 16.76 32.29 42.48
N HIS L 385 17.09 31.30 41.66
CA HIS L 385 18.25 31.39 40.78
C HIS L 385 18.13 32.55 39.79
N TYR L 386 17.01 32.61 39.05
CA TYR L 386 16.87 33.64 38.03
C TYR L 386 16.87 35.04 38.65
N ALA L 387 16.32 35.18 39.86
CA ALA L 387 16.36 36.48 40.52
C ALA L 387 17.78 36.88 40.86
N LEU L 388 18.59 35.95 41.37
CA LEU L 388 19.99 36.24 41.66
C LEU L 388 20.76 36.52 40.38
N ALA L 389 20.48 35.77 39.32
CA ALA L 389 21.22 35.94 38.06
C ALA L 389 20.95 37.31 37.45
N GLN L 390 19.68 37.71 37.36
CA GLN L 390 19.35 38.99 36.76
C GLN L 390 19.95 40.14 37.56
N THR L 391 19.82 40.09 38.89
CA THR L 391 20.35 41.17 39.73
C THR L 391 21.87 41.23 39.65
N LYS L 392 22.53 40.06 39.70
CA LYS L 392 23.98 40.03 39.60
C LYS L 392 24.46 40.71 38.33
N ASP L 393 23.84 40.40 37.19
CA ASP L 393 24.21 41.06 35.95
C ASP L 393 23.97 42.56 36.02
N ALA L 394 22.84 42.97 36.60
CA ALA L 394 22.53 44.39 36.69
C ALA L 394 23.59 45.13 37.49
N VAL L 395 24.10 44.51 38.57
CA VAL L 395 25.14 45.15 39.36
C VAL L 395 26.43 45.27 38.55
N ARG L 396 26.86 44.17 37.92
CA ARG L 396 28.10 44.20 37.15
C ARG L 396 28.00 45.16 35.97
N ASP L 397 26.81 45.24 35.36
CA ASP L 397 26.61 46.19 34.28
C ASP L 397 26.75 47.63 34.77
N GLY L 398 26.13 47.96 35.90
CA GLY L 398 26.27 49.30 36.45
C GLY L 398 27.70 49.63 36.85
N LEU L 399 28.41 48.69 37.47
CA LEU L 399 29.78 48.95 37.88
C LEU L 399 30.67 49.30 36.69
N ARG L 400 30.48 48.60 35.57
CA ARG L 400 31.26 48.90 34.38
C ARG L 400 30.86 50.23 33.77
N ALA L 401 29.56 50.56 33.81
CA ALA L 401 29.08 51.81 33.24
C ALA L 401 29.70 53.01 33.95
N VAL L 402 29.73 52.98 35.29
CA VAL L 402 30.28 54.09 36.04
C VAL L 402 31.79 54.15 35.89
N ALA L 403 32.45 53.01 35.96
CA ALA L 403 33.91 52.97 35.80
C ALA L 403 34.32 53.51 34.43
N ASN L 404 33.54 53.20 33.40
CA ASN L 404 33.86 53.70 32.06
C ASN L 404 33.79 55.22 31.99
N VAL L 405 32.82 55.82 32.69
CA VAL L 405 32.70 57.27 32.69
C VAL L 405 33.85 57.90 33.49
N LEU L 406 34.21 57.29 34.61
CA LEU L 406 35.33 57.81 35.39
C LEU L 406 36.63 57.73 34.61
N LYS L 407 36.82 56.65 33.84
CA LYS L 407 38.02 56.54 33.01
C LYS L 407 37.95 57.47 31.81
N ASP L 408 36.81 57.51 31.13
CA ASP L 408 36.64 58.29 29.91
C ASP L 408 35.66 59.42 30.20
N LYS L 409 36.17 60.65 30.28
CA LYS L 409 35.36 61.78 30.70
C LYS L 409 34.38 62.26 29.64
N ASN L 410 34.29 61.56 28.51
CA ASN L 410 33.40 61.96 27.43
C ASN L 410 32.03 61.36 27.61
N ILE L 411 31.01 62.24 27.70
CA ILE L 411 29.64 61.84 27.92
C ILE L 411 28.77 62.39 26.79
N ILE L 412 27.81 61.58 26.37
CA ILE L 412 26.93 61.94 25.25
C ILE L 412 25.49 61.85 25.72
N PRO L 413 24.70 62.92 25.63
CA PRO L 413 23.27 62.81 25.96
C PRO L 413 22.60 61.72 25.14
N GLY L 414 21.80 60.91 25.81
CA GLY L 414 21.19 59.72 25.22
C GLY L 414 19.75 59.97 24.81
N ALA L 415 18.89 58.99 25.09
CA ALA L 415 17.49 58.99 24.69
C ALA L 415 17.30 59.13 23.18
N GLY L 416 18.29 58.68 22.40
CA GLY L 416 18.19 58.78 20.96
C GLY L 416 18.69 60.07 20.38
N ALA L 417 19.09 61.03 21.22
CA ALA L 417 19.53 62.32 20.71
C ALA L 417 20.72 62.17 19.77
N PHE L 418 21.65 61.27 20.10
CA PHE L 418 22.80 61.05 19.22
C PHE L 418 22.34 60.54 17.86
N TYR L 419 21.48 59.53 17.84
CA TYR L 419 21.21 58.82 16.60
C TYR L 419 20.32 59.63 15.67
N ILE L 420 19.35 60.36 16.23
CA ILE L 420 18.50 61.22 15.41
C ILE L 420 19.29 62.41 14.89
N ALA L 421 20.07 63.06 15.76
CA ALA L 421 20.88 64.19 15.33
C ALA L 421 21.91 63.76 14.29
N LEU L 422 22.53 62.59 14.48
CA LEU L 422 23.51 62.12 13.51
C LEU L 422 22.85 61.85 12.16
N SER L 423 21.67 61.22 12.15
CA SER L 423 20.97 60.98 10.90
C SER L 423 20.73 62.28 10.15
N ARG L 424 20.27 63.31 10.85
CA ARG L 424 20.05 64.61 10.21
C ARG L 424 21.37 65.19 9.72
N TYR L 425 22.43 65.08 10.51
CA TYR L 425 23.73 65.60 10.11
C TYR L 425 24.19 64.97 8.80
N LEU L 426 24.18 63.63 8.73
CA LEU L 426 24.70 62.94 7.56
C LEU L 426 23.89 63.28 6.31
N ARG L 427 22.57 63.40 6.43
CA ARG L 427 21.74 63.73 5.28
C ARG L 427 22.11 65.10 4.73
N SER L 428 22.32 66.07 5.62
CA SER L 428 22.72 67.41 5.19
C SER L 428 24.16 67.49 4.70
N ALA L 429 25.11 66.90 5.44
CA ALA L 429 26.51 67.00 5.04
C ALA L 429 26.74 66.35 3.68
N ASN L 430 26.05 65.24 3.42
CA ASN L 430 26.24 64.52 2.16
C ASN L 430 25.91 65.41 0.96
N MET L 431 24.83 66.18 1.04
CA MET L 431 24.46 67.04 -0.09
C MET L 431 25.30 68.30 -0.12
N ASN L 432 25.77 68.75 1.05
CA ASN L 432 26.63 69.94 1.09
C ASN L 432 28.03 69.62 0.59
N LYS L 433 28.50 68.40 0.80
CA LYS L 433 29.86 68.05 0.42
C LYS L 433 29.92 67.41 -0.97
N LEU L 434 28.99 66.50 -1.25
CA LEU L 434 28.98 65.69 -2.47
C LEU L 434 30.34 65.06 -2.76
N GLY L 435 31.05 64.64 -1.70
CA GLY L 435 32.42 64.19 -1.88
C GLY L 435 32.56 62.70 -2.11
N ALA L 436 31.45 62.00 -2.35
CA ALA L 436 31.50 60.55 -2.52
C ALA L 436 31.39 60.17 -3.99
N LYS L 437 30.16 60.08 -4.51
CA LYS L 437 29.88 59.77 -5.90
C LYS L 437 28.37 59.90 -6.09
N GLY L 438 27.96 60.12 -7.35
CA GLY L 438 26.54 60.25 -7.63
C GLY L 438 25.75 59.04 -7.19
N LYS L 439 26.36 57.85 -7.25
CA LYS L 439 25.65 56.64 -6.88
C LYS L 439 25.99 56.20 -5.45
N THR L 440 27.19 56.52 -4.98
CA THR L 440 27.58 56.17 -3.62
C THR L 440 26.68 56.81 -2.58
N LYS L 441 26.08 57.96 -2.89
CA LYS L 441 25.14 58.61 -1.98
C LYS L 441 24.07 57.65 -1.48
N THR L 442 23.77 56.59 -2.25
CA THR L 442 22.75 55.64 -1.85
C THR L 442 23.14 54.93 -0.56
N GLY L 443 24.43 54.63 -0.40
CA GLY L 443 24.90 54.03 0.84
C GLY L 443 24.80 54.97 2.02
N ILE L 444 25.08 56.25 1.80
CA ILE L 444 25.01 57.23 2.89
C ILE L 444 23.57 57.44 3.32
N GLU L 445 22.65 57.57 2.35
CA GLU L 445 21.24 57.67 2.69
C GLU L 445 20.76 56.43 3.44
N ALA L 446 21.15 55.24 2.96
CA ALA L 446 20.81 54.01 3.68
C ALA L 446 21.34 54.04 5.10
N PHE L 447 22.57 54.55 5.28
CA PHE L 447 23.15 54.61 6.62
C PHE L 447 22.36 55.57 7.51
N ALA L 448 22.09 56.77 7.00
CA ALA L 448 21.41 57.78 7.82
C ALA L 448 20.04 57.29 8.26
N GLU L 449 19.33 56.58 7.40
CA GLU L 449 18.04 56.02 7.78
C GLU L 449 18.21 54.88 8.78
N ALA L 450 19.21 54.02 8.55
CA ALA L 450 19.41 52.86 9.43
C ALA L 450 19.68 53.31 10.86
N LEU L 451 20.33 54.46 11.05
CA LEU L 451 20.62 54.94 12.40
C LEU L 451 19.35 55.07 13.22
N LEU L 452 18.21 55.33 12.56
CA LEU L 452 16.95 55.59 13.26
C LEU L 452 16.33 54.32 13.83
N VAL L 453 16.91 53.15 13.56
CA VAL L 453 16.38 51.92 14.15
C VAL L 453 16.42 51.97 15.66
N ILE L 454 17.35 52.73 16.24
CA ILE L 454 17.50 52.79 17.70
C ILE L 454 16.39 53.65 18.31
N PRO L 455 16.21 54.93 17.94
CA PRO L 455 15.08 55.67 18.50
C PRO L 455 13.73 55.06 18.16
N LYS L 456 13.63 54.37 17.02
CA LYS L 456 12.37 53.72 16.67
C LYS L 456 12.15 52.47 17.51
N THR L 457 13.19 51.65 17.67
CA THR L 457 13.04 50.44 18.50
C THR L 457 12.82 50.80 19.96
N LEU L 458 13.58 51.77 20.48
CA LEU L 458 13.39 52.20 21.86
C LEU L 458 11.94 52.56 22.13
N VAL L 459 11.33 53.34 21.25
CA VAL L 459 9.95 53.77 21.46
C VAL L 459 8.95 52.66 21.14
N LYS L 460 9.17 51.91 20.06
CA LYS L 460 8.31 50.77 19.76
C LYS L 460 8.07 49.94 21.02
N ASN L 461 9.12 49.69 21.80
CA ASN L 461 8.97 48.90 23.01
C ASN L 461 8.17 49.66 24.06
N SER L 462 8.31 50.99 24.10
CA SER L 462 7.59 51.79 25.09
C SER L 462 6.09 51.76 24.83
N GLY L 463 5.68 51.49 23.59
CA GLY L 463 4.29 51.45 23.20
C GLY L 463 3.78 52.75 22.60
N PHE L 464 4.62 53.79 22.58
CA PHE L 464 4.24 55.04 21.96
C PHE L 464 4.45 54.99 20.45
N ASP L 465 3.70 55.83 19.73
CA ASP L 465 3.69 55.81 18.28
C ASP L 465 5.07 56.16 17.74
N PRO L 466 5.76 55.23 17.07
CA PRO L 466 7.11 55.54 16.59
C PRO L 466 7.15 56.71 15.62
N LEU L 467 6.02 57.05 14.99
CA LEU L 467 6.02 58.11 13.99
C LEU L 467 5.98 59.48 14.65
N ASP L 468 5.20 59.61 15.73
CA ASP L 468 5.05 60.91 16.38
C ASP L 468 6.32 61.30 17.13
N VAL L 469 6.96 60.34 17.79
CA VAL L 469 8.13 60.64 18.59
C VAL L 469 9.25 61.20 17.71
N LEU L 470 9.37 60.70 16.48
CA LEU L 470 10.39 61.23 15.57
C LEU L 470 10.03 62.65 15.11
N ALA L 471 8.78 62.86 14.69
CA ALA L 471 8.36 64.18 14.24
C ALA L 471 8.52 65.21 15.36
N MET L 472 8.15 64.84 16.59
CA MET L 472 8.26 65.78 17.71
C MET L 472 9.70 66.19 17.94
N VAL L 473 10.62 65.23 17.91
CA VAL L 473 12.04 65.56 18.05
C VAL L 473 12.49 66.44 16.88
N GLU L 474 12.06 66.12 15.66
CA GLU L 474 12.43 66.94 14.52
C GLU L 474 11.95 68.38 14.69
N ASP L 475 10.73 68.57 15.18
CA ASP L 475 10.21 69.91 15.36
C ASP L 475 11.08 70.72 16.31
N GLU L 476 11.43 70.14 17.46
CA GLU L 476 12.23 70.86 18.44
C GLU L 476 13.62 71.15 17.90
N LEU L 477 14.22 70.20 17.19
CA LEU L 477 15.56 70.41 16.62
C LEU L 477 15.53 71.52 15.58
N ASP L 478 14.49 71.55 14.75
CA ASP L 478 14.37 72.62 13.76
C ASP L 478 14.35 74.00 14.41
N ASP L 479 13.60 74.14 15.51
CA ASP L 479 13.59 75.42 16.23
C ASP L 479 14.98 75.78 16.73
N ALA L 480 15.71 74.80 17.25
CA ALA L 480 17.07 75.06 17.75
C ALA L 480 17.99 75.51 16.61
N GLN L 481 17.88 74.89 15.45
CA GLN L 481 18.73 75.26 14.32
C GLN L 481 18.39 76.66 13.81
N ASP L 482 17.09 76.96 13.69
CA ASP L 482 16.68 78.29 13.25
C ASP L 482 17.10 79.35 14.28
N SER L 483 17.19 78.97 15.55
CA SER L 483 17.58 79.91 16.60
C SER L 483 19.09 80.00 16.78
N ASP L 484 19.86 79.19 16.05
CA ASP L 484 21.32 79.15 16.16
C ASP L 484 21.76 78.89 17.60
N GLU L 485 21.18 77.84 18.18
CA GLU L 485 21.51 77.41 19.53
C GLU L 485 21.82 75.92 19.50
N THR L 486 22.55 75.45 20.50
CA THR L 486 22.80 74.04 20.71
C THR L 486 21.74 73.47 21.64
N ARG L 487 21.05 72.42 21.20
CA ARG L 487 19.98 71.80 21.96
C ARG L 487 20.03 70.30 21.75
N TYR L 488 20.03 69.55 22.84
CA TYR L 488 20.00 68.08 22.77
C TYR L 488 18.58 67.60 23.01
N VAL L 489 18.00 66.94 22.01
CA VAL L 489 16.61 66.54 22.01
C VAL L 489 16.53 65.02 21.89
N GLY L 490 15.81 64.40 22.82
CA GLY L 490 15.54 62.98 22.77
C GLY L 490 14.07 62.73 22.95
N VAL L 491 13.74 61.46 23.21
CA VAL L 491 12.36 61.02 23.38
C VAL L 491 12.18 60.54 24.82
N ASP L 492 11.10 60.98 25.46
CA ASP L 492 10.76 60.55 26.82
C ASP L 492 9.90 59.30 26.71
N LEU L 493 10.48 58.16 27.06
CA LEU L 493 9.76 56.90 26.89
C LEU L 493 8.67 56.69 27.93
N ASN L 494 8.51 57.64 28.87
CA ASN L 494 7.40 57.55 29.81
C ASN L 494 6.24 58.45 29.41
N ILE L 495 6.54 59.60 28.80
CA ILE L 495 5.48 60.54 28.43
C ILE L 495 5.09 60.39 26.97
N GLY L 496 6.07 60.15 26.09
CA GLY L 496 5.84 60.05 24.67
C GLY L 496 6.24 61.28 23.88
N ASP L 497 6.43 62.42 24.53
CA ASP L 497 6.88 63.64 23.86
C ASP L 497 8.40 63.73 23.94
N SER L 498 8.94 64.85 23.46
CA SER L 498 10.38 65.01 23.44
C SER L 498 10.86 65.52 24.81
N CYS L 499 12.17 65.39 25.03
CA CYS L 499 12.76 65.86 26.28
C CYS L 499 14.20 66.25 26.02
N ASP L 500 14.78 66.96 26.98
CA ASP L 500 16.20 67.27 26.97
C ASP L 500 16.92 66.22 27.80
N PRO L 501 17.70 65.32 27.21
CA PRO L 501 18.33 64.26 28.01
C PRO L 501 19.26 64.77 29.10
N THR L 502 19.74 66.01 28.98
CA THR L 502 20.68 66.52 29.98
C THR L 502 19.97 67.02 31.22
N ILE L 503 18.64 67.18 31.15
CA ILE L 503 17.85 67.45 32.35
C ILE L 503 17.29 66.15 32.93
N GLU L 504 16.84 65.23 32.08
CA GLU L 504 16.32 63.95 32.57
C GLU L 504 17.41 63.10 33.19
N GLY L 505 18.63 63.16 32.66
CA GLY L 505 19.73 62.38 33.19
C GLY L 505 19.97 61.07 32.46
N ILE L 506 19.88 61.10 31.13
CA ILE L 506 20.07 59.92 30.30
C ILE L 506 21.33 60.16 29.48
N TRP L 507 22.35 59.32 29.70
CA TRP L 507 23.67 59.52 29.11
C TRP L 507 24.17 58.23 28.48
N ASP L 508 24.86 58.36 27.36
CA ASP L 508 25.57 57.26 26.73
C ASP L 508 27.07 57.44 26.91
N SER L 509 27.82 56.35 26.81
CA SER L 509 29.26 56.42 26.92
C SER L 509 29.91 56.62 25.56
N TYR L 510 31.00 57.41 25.54
CA TYR L 510 31.73 57.62 24.30
C TYR L 510 32.20 56.29 23.71
N ARG L 511 32.83 55.44 24.53
CA ARG L 511 33.34 54.18 24.03
C ARG L 511 32.24 53.33 23.42
N VAL L 512 31.05 53.33 24.01
CA VAL L 512 29.96 52.49 23.50
C VAL L 512 29.51 52.99 22.13
N LEU L 513 29.25 54.29 22.02
CA LEU L 513 28.79 54.84 20.75
C LEU L 513 29.86 54.73 19.67
N ARG L 514 31.12 55.01 20.01
CA ARG L 514 32.18 54.93 19.01
C ARG L 514 32.27 53.53 18.40
N ASN L 515 32.35 52.51 19.25
CA ASN L 515 32.53 51.15 18.76
C ASN L 515 31.24 50.54 18.24
N ALA L 516 30.08 50.92 18.79
CA ALA L 516 28.82 50.42 18.26
C ALA L 516 28.62 50.84 16.81
N ILE L 517 28.96 52.08 16.48
CA ILE L 517 28.81 52.56 15.11
C ILE L 517 29.85 51.89 14.20
N THR L 518 31.10 51.84 14.65
CA THR L 518 32.15 51.22 13.83
C THR L 518 31.88 49.73 13.64
N GLY L 519 31.54 49.03 14.72
CA GLY L 519 31.29 47.60 14.61
C GLY L 519 30.13 47.28 13.69
N ALA L 520 28.98 47.92 13.92
CA ALA L 520 27.80 47.63 13.10
C ALA L 520 28.07 47.92 11.62
N THR L 521 28.83 48.98 11.33
CA THR L 521 29.19 49.27 9.95
C THR L 521 30.02 48.15 9.35
N GLY L 522 31.03 47.66 10.07
CA GLY L 522 31.84 46.57 9.57
C GLY L 522 31.04 45.29 9.36
N ILE L 523 30.19 44.95 10.33
CA ILE L 523 29.45 43.70 10.25
C ILE L 523 28.51 43.70 9.05
N ALA L 524 27.71 44.76 8.91
CA ALA L 524 26.81 44.86 7.77
C ALA L 524 27.58 44.83 6.45
N SER L 525 28.72 45.52 6.39
CA SER L 525 29.51 45.52 5.18
C SER L 525 30.02 44.12 4.86
N ASN L 526 30.46 43.38 5.88
CA ASN L 526 31.00 42.04 5.66
C ASN L 526 29.94 41.12 5.06
N LEU L 527 28.67 41.32 5.41
CA LEU L 527 27.60 40.50 4.85
C LEU L 527 27.22 40.98 3.46
N LEU L 528 27.17 42.30 3.26
CA LEU L 528 26.78 42.84 1.96
C LEU L 528 27.80 42.46 0.89
N LEU L 529 29.08 42.36 1.27
CA LEU L 529 30.13 42.02 0.31
C LEU L 529 30.21 40.53 0.02
N CYS L 530 29.35 39.71 0.61
CA CYS L 530 29.39 38.28 0.36
C CYS L 530 28.74 37.98 -0.98
N ASP L 531 29.53 37.47 -1.92
CA ASP L 531 29.07 37.20 -3.28
C ASP L 531 28.48 35.81 -3.44
N GLU L 532 28.95 34.84 -2.65
CA GLU L 532 28.53 33.46 -2.81
C GLU L 532 28.52 32.78 -1.45
N LEU L 533 27.55 31.90 -1.24
CA LEU L 533 27.44 31.08 -0.05
C LEU L 533 27.92 29.67 -0.40
N LEU L 534 29.07 29.29 0.16
CA LEU L 534 29.67 28.00 -0.16
C LEU L 534 29.33 26.97 0.91
N ARG L 535 28.96 25.77 0.47
CA ARG L 535 28.71 24.64 1.36
C ARG L 535 29.39 23.41 0.79
N ALA L 536 30.27 22.81 1.59
CA ALA L 536 30.93 21.57 1.21
C ALA L 536 31.22 20.74 2.46
N GLY L 537 30.79 19.49 2.43
CA GLY L 537 31.05 18.58 3.52
C GLY L 537 30.19 18.79 4.75
N ARG L 538 29.17 19.65 4.66
CA ARG L 538 28.33 19.96 5.81
C ARG L 538 26.90 19.48 5.58
N ILE M 10 3.20 24.92 -22.16
CA ILE M 10 1.79 24.84 -22.54
C ILE M 10 1.67 24.89 -24.05
N VAL M 11 2.32 25.88 -24.67
CA VAL M 11 2.51 25.86 -26.12
C VAL M 11 3.47 24.75 -26.51
N VAL M 12 3.22 24.15 -27.67
CA VAL M 12 3.93 22.99 -28.15
C VAL M 12 4.43 23.26 -29.57
N LEU M 13 5.35 22.42 -30.03
CA LEU M 13 5.90 22.52 -31.38
C LEU M 13 5.20 21.61 -32.38
N LYS M 14 4.73 20.44 -31.94
CA LYS M 14 4.26 19.41 -32.87
C LYS M 14 2.86 18.92 -32.54
N GLU M 15 2.28 19.39 -31.44
CA GLU M 15 0.96 18.96 -30.98
C GLU M 15 0.83 17.44 -31.00
N GLY M 16 1.88 16.77 -30.52
CA GLY M 16 1.86 15.33 -30.42
C GLY M 16 2.23 14.60 -31.69
N THR M 17 2.48 15.36 -32.77
CA THR M 17 2.91 14.80 -34.05
C THR M 17 4.32 14.25 -33.85
N ASP M 18 4.53 13.00 -34.26
CA ASP M 18 5.83 12.35 -34.10
C ASP M 18 6.83 12.85 -35.14
N ALA M 19 8.08 13.00 -34.70
CA ALA M 19 9.18 13.34 -35.60
C ALA M 19 10.48 12.89 -34.95
N SER M 20 11.36 12.29 -35.75
CA SER M 20 12.67 11.86 -35.28
C SER M 20 13.66 11.87 -36.43
N GLN M 21 14.88 12.34 -36.14
CA GLN M 21 15.91 12.51 -37.15
C GLN M 21 17.25 12.05 -36.59
N GLY M 22 18.17 11.75 -37.49
CA GLY M 22 19.56 11.48 -37.15
C GLY M 22 19.97 10.08 -37.59
N LYS M 23 21.25 9.79 -37.35
CA LYS M 23 21.78 8.47 -37.69
C LYS M 23 20.93 7.35 -37.14
N GLY M 24 20.45 7.47 -35.90
CA GLY M 24 19.60 6.42 -35.35
C GLY M 24 18.34 6.20 -36.17
N GLN M 25 17.87 7.24 -36.86
CA GLN M 25 16.67 7.10 -37.68
C GLN M 25 16.93 6.22 -38.89
N ILE M 26 18.11 6.34 -39.50
CA ILE M 26 18.46 5.47 -40.62
C ILE M 26 18.66 4.04 -40.13
N ILE M 27 19.31 3.88 -38.98
CA ILE M 27 19.49 2.54 -38.42
C ILE M 27 18.15 1.88 -38.15
N SER M 28 17.19 2.64 -37.62
CA SER M 28 15.83 2.12 -37.46
C SER M 28 15.22 1.73 -38.80
N ASN M 29 15.44 2.55 -39.84
CA ASN M 29 14.94 2.21 -41.16
C ASN M 29 15.59 0.94 -41.68
N ILE M 30 16.87 0.75 -41.39
CA ILE M 30 17.55 -0.49 -41.78
C ILE M 30 16.90 -1.68 -41.09
N ASN M 31 16.65 -1.57 -39.79
CA ASN M 31 16.03 -2.66 -39.04
C ASN M 31 14.68 -3.04 -39.63
N ALA M 32 13.89 -2.04 -40.05
CA ALA M 32 12.63 -2.32 -40.72
C ALA M 32 12.84 -3.12 -42.00
N CYS M 33 13.87 -2.75 -42.78
CA CYS M 33 14.15 -3.48 -44.00
C CYS M 33 14.59 -4.90 -43.71
N VAL M 34 15.34 -5.11 -42.63
CA VAL M 34 15.78 -6.46 -42.26
C VAL M 34 14.56 -7.36 -42.03
N ALA M 35 13.56 -6.84 -41.31
CA ALA M 35 12.36 -7.62 -41.05
C ALA M 35 11.71 -8.07 -42.35
N VAL M 36 11.69 -7.20 -43.36
CA VAL M 36 11.10 -7.56 -44.65
C VAL M 36 11.97 -8.58 -45.37
N GLN M 37 13.29 -8.35 -45.39
CA GLN M 37 14.21 -9.27 -46.04
C GLN M 37 14.09 -10.67 -45.44
N GLU M 38 14.09 -10.75 -44.10
CA GLU M 38 13.99 -12.04 -43.43
C GLU M 38 12.66 -12.72 -43.69
N ALA M 39 11.58 -11.95 -43.84
CA ALA M 39 10.28 -12.53 -44.11
C ALA M 39 10.28 -13.33 -45.42
N LEU M 40 10.93 -12.80 -46.45
CA LEU M 40 10.98 -13.46 -47.74
C LEU M 40 12.19 -14.39 -47.90
N LYS M 41 13.24 -14.18 -47.12
CA LYS M 41 14.42 -15.04 -47.20
C LYS M 41 14.08 -16.51 -47.46
N PRO M 42 13.16 -17.15 -46.71
CA PRO M 42 13.03 -18.61 -46.87
C PRO M 42 12.47 -19.02 -48.21
N THR M 43 11.92 -18.10 -48.99
CA THR M 43 11.23 -18.43 -50.23
C THR M 43 12.17 -18.45 -51.44
N LEU M 44 13.44 -18.10 -51.25
CA LEU M 44 14.38 -18.01 -52.36
C LEU M 44 14.80 -19.40 -52.81
N GLY M 45 14.79 -19.62 -54.13
CA GLY M 45 15.29 -20.83 -54.71
C GLY M 45 14.19 -21.80 -55.10
N PRO M 46 14.48 -22.71 -56.04
CA PRO M 46 13.47 -23.68 -56.44
C PRO M 46 13.08 -24.64 -55.33
N LEU M 47 13.92 -24.79 -54.31
CA LEU M 47 13.59 -25.59 -53.13
C LEU M 47 13.19 -24.71 -51.94
N GLY M 48 12.80 -23.47 -52.21
CA GLY M 48 12.47 -22.55 -51.13
C GLY M 48 11.27 -23.01 -50.33
N SER M 49 11.16 -22.49 -49.11
CA SER M 49 10.04 -22.81 -48.24
C SER M 49 8.84 -21.90 -48.51
N ASP M 50 7.71 -22.28 -47.93
CA ASP M 50 6.45 -21.56 -48.11
C ASP M 50 6.23 -20.62 -46.93
N ILE M 51 5.44 -19.58 -47.16
CA ILE M 51 4.99 -18.69 -46.09
C ILE M 51 3.48 -18.77 -45.98
N LEU M 52 3.00 -18.85 -44.74
CA LEU M 52 1.57 -18.97 -44.43
C LEU M 52 1.11 -17.64 -43.84
N ILE M 53 0.19 -16.98 -44.54
CA ILE M 53 -0.32 -15.67 -44.14
C ILE M 53 -1.81 -15.80 -43.89
N VAL M 54 -2.27 -15.30 -42.76
CA VAL M 54 -3.70 -15.21 -42.44
C VAL M 54 -4.10 -13.75 -42.62
N THR M 55 -5.00 -13.50 -43.57
CA THR M 55 -5.39 -12.14 -43.89
C THR M 55 -6.44 -11.63 -42.91
N SER M 56 -6.60 -10.30 -42.88
CA SER M 56 -7.62 -9.69 -42.03
C SER M 56 -9.03 -10.11 -42.44
N ASN M 57 -9.20 -10.56 -43.68
CA ASN M 57 -10.50 -11.04 -44.15
C ASN M 57 -10.76 -12.48 -43.75
N GLN M 58 -9.92 -13.05 -42.88
CA GLN M 58 -10.01 -14.42 -42.39
C GLN M 58 -9.82 -15.46 -43.48
N LYS M 59 -8.96 -15.18 -44.45
CA LYS M 59 -8.59 -16.14 -45.49
C LYS M 59 -7.12 -16.49 -45.34
N THR M 60 -6.83 -17.79 -45.26
CA THR M 60 -5.46 -18.28 -45.13
C THR M 60 -4.90 -18.64 -46.50
N THR M 61 -3.68 -18.15 -46.77
CA THR M 61 -2.99 -18.45 -48.01
C THR M 61 -1.62 -19.01 -47.70
N ILE M 62 -1.13 -19.89 -48.58
CA ILE M 62 0.23 -20.40 -48.53
C ILE M 62 0.84 -20.22 -49.91
N SER M 63 2.03 -19.62 -49.97
CA SER M 63 2.69 -19.37 -51.25
C SER M 63 4.17 -19.09 -50.97
N ASN M 64 5.00 -19.39 -51.98
CA ASN M 64 6.36 -18.90 -52.03
C ASN M 64 6.59 -17.79 -53.06
N ASP M 65 5.53 -17.19 -53.60
CA ASP M 65 5.68 -16.12 -54.59
C ASP M 65 5.85 -14.78 -53.86
N GLY M 66 7.06 -14.22 -53.95
CA GLY M 66 7.34 -12.97 -53.26
C GLY M 66 6.35 -11.86 -53.59
N ALA M 67 5.78 -11.89 -54.80
CA ALA M 67 4.82 -10.87 -55.19
C ALA M 67 3.52 -10.99 -54.39
N THR M 68 3.00 -12.23 -54.29
CA THR M 68 1.83 -12.48 -53.44
C THR M 68 2.13 -12.22 -51.98
N ILE M 69 3.29 -12.65 -51.50
CA ILE M 69 3.63 -12.50 -50.08
C ILE M 69 3.62 -11.02 -49.69
N LEU M 70 4.39 -10.20 -50.39
CA LEU M 70 4.46 -8.78 -50.06
C LEU M 70 3.12 -8.08 -50.19
N LYS M 71 2.32 -8.41 -51.21
CA LYS M 71 1.03 -7.76 -51.37
C LYS M 71 0.07 -8.10 -50.23
N LEU M 72 0.19 -9.29 -49.65
CA LEU M 72 -0.62 -9.68 -48.51
C LEU M 72 -0.10 -9.16 -47.17
N LEU M 73 1.22 -9.06 -47.00
CA LEU M 73 1.77 -8.62 -45.72
C LEU M 73 1.45 -7.15 -45.46
N ASP M 74 1.57 -6.30 -46.48
CA ASP M 74 1.28 -4.86 -46.39
C ASP M 74 1.93 -4.26 -45.14
N VAL M 75 3.25 -4.44 -45.06
CA VAL M 75 4.03 -3.97 -43.92
C VAL M 75 3.85 -2.45 -43.88
N VAL M 76 3.56 -1.93 -42.69
CA VAL M 76 3.12 -0.54 -42.57
C VAL M 76 4.31 0.41 -42.38
N HIS M 77 5.32 -0.03 -41.64
CA HIS M 77 6.44 0.85 -41.33
C HIS M 77 6.82 1.68 -42.54
N PRO M 78 6.89 3.01 -42.43
CA PRO M 78 7.17 3.82 -43.63
C PRO M 78 8.42 3.41 -44.38
N ALA M 79 9.45 2.94 -43.67
CA ALA M 79 10.66 2.49 -44.36
C ALA M 79 10.40 1.21 -45.13
N ALA M 80 9.63 0.28 -44.56
CA ALA M 80 9.26 -0.93 -45.28
C ALA M 80 8.41 -0.60 -46.51
N LYS M 81 7.52 0.38 -46.41
CA LYS M 81 6.69 0.75 -47.55
C LYS M 81 7.53 1.15 -48.75
N THR M 82 8.63 1.88 -48.54
CA THR M 82 9.54 2.20 -49.63
C THR M 82 10.15 0.95 -50.24
N LEU M 83 10.64 0.04 -49.39
CA LEU M 83 11.23 -1.20 -49.90
C LEU M 83 10.19 -2.05 -50.63
N VAL M 84 9.01 -2.23 -50.04
CA VAL M 84 8.01 -3.12 -50.61
C VAL M 84 7.50 -2.56 -51.93
N ASP M 85 7.24 -1.25 -51.98
CA ASP M 85 6.68 -0.63 -53.19
C ASP M 85 7.62 -0.81 -54.37
N ILE M 86 8.93 -0.74 -54.13
CA ILE M 86 9.89 -0.92 -55.21
C ILE M 86 9.85 -2.37 -55.71
N SER M 87 9.78 -3.33 -54.80
CA SER M 87 9.61 -4.72 -55.21
C SER M 87 8.30 -4.93 -55.95
N ARG M 88 7.24 -4.25 -55.51
CA ARG M 88 5.98 -4.29 -56.26
C ARG M 88 6.18 -3.79 -57.68
N ALA M 89 6.87 -2.66 -57.85
CA ALA M 89 7.12 -2.14 -59.18
C ALA M 89 7.83 -3.17 -60.05
N GLN M 90 8.76 -3.91 -59.47
CA GLN M 90 9.41 -4.99 -60.21
C GLN M 90 8.39 -5.96 -60.79
N ASP M 91 7.41 -6.37 -59.98
CA ASP M 91 6.36 -7.27 -60.41
C ASP M 91 5.52 -6.70 -61.55
N ALA M 92 5.33 -5.38 -61.56
CA ALA M 92 4.50 -4.72 -62.58
C ALA M 92 5.31 -4.44 -63.84
N GLU M 93 6.56 -3.97 -63.70
CA GLU M 93 7.31 -3.53 -64.86
C GLU M 93 8.02 -4.70 -65.56
N VAL M 94 8.45 -5.70 -64.80
CA VAL M 94 9.26 -6.78 -65.35
C VAL M 94 8.47 -8.07 -65.36
N GLY M 95 7.84 -8.39 -64.23
CA GLY M 95 7.11 -9.63 -64.06
C GLY M 95 7.88 -10.73 -63.35
N ASP M 96 9.15 -10.50 -63.05
CA ASP M 96 9.96 -11.47 -62.34
C ASP M 96 11.06 -10.74 -61.58
N GLY M 97 11.72 -11.46 -60.68
CA GLY M 97 12.75 -10.89 -59.85
C GLY M 97 12.26 -10.20 -58.59
N THR M 98 10.99 -10.39 -58.22
CA THR M 98 10.45 -9.71 -57.06
C THR M 98 11.23 -10.05 -55.80
N THR M 99 11.49 -11.34 -55.55
CA THR M 99 12.25 -11.73 -54.37
C THR M 99 13.69 -11.21 -54.42
N SER M 100 14.27 -11.20 -55.63
CA SER M 100 15.64 -10.70 -55.79
C SER M 100 15.76 -9.22 -55.40
N VAL M 101 14.78 -8.40 -55.77
CA VAL M 101 14.84 -6.99 -55.41
C VAL M 101 14.79 -6.81 -53.88
N THR M 102 13.87 -7.49 -53.21
CA THR M 102 13.78 -7.38 -51.76
C THR M 102 15.06 -7.87 -51.08
N ILE M 103 15.59 -9.02 -51.53
CA ILE M 103 16.73 -9.62 -50.86
C ILE M 103 17.99 -8.80 -51.11
N LEU M 104 18.21 -8.39 -52.37
CA LEU M 104 19.40 -7.60 -52.68
C LEU M 104 19.38 -6.27 -51.94
N ALA M 105 18.23 -5.58 -51.92
CA ALA M 105 18.14 -4.31 -51.20
C ALA M 105 18.36 -4.51 -49.71
N GLY M 106 17.77 -5.55 -49.14
CA GLY M 106 17.91 -5.83 -47.72
C GLY M 106 19.36 -6.01 -47.31
N GLU M 107 20.11 -6.83 -48.06
CA GLU M 107 21.50 -7.08 -47.72
C GLU M 107 22.32 -5.79 -47.78
N LEU M 108 22.01 -4.92 -48.75
CA LEU M 108 22.72 -3.65 -48.86
C LEU M 108 22.44 -2.77 -47.64
N MET M 109 21.20 -2.80 -47.15
CA MET M 109 20.87 -2.05 -45.94
C MET M 109 21.63 -2.60 -44.73
N LYS M 110 21.80 -3.92 -44.68
CA LYS M 110 22.60 -4.52 -43.62
C LYS M 110 24.06 -4.08 -43.72
N GLU M 111 24.60 -4.05 -44.94
CA GLU M 111 25.97 -3.60 -45.14
C GLU M 111 26.14 -2.11 -44.82
N ALA M 112 25.12 -1.30 -45.10
CA ALA M 112 25.18 0.12 -44.77
C ALA M 112 25.33 0.37 -43.27
N LYS M 113 24.70 -0.47 -42.44
CA LYS M 113 24.72 -0.24 -41.00
C LYS M 113 26.11 -0.08 -40.42
N PRO M 114 27.04 -1.03 -40.56
CA PRO M 114 28.37 -0.82 -39.95
C PRO M 114 29.10 0.39 -40.49
N PHE M 115 28.79 0.82 -41.71
CA PHE M 115 29.42 2.02 -42.25
C PHE M 115 28.86 3.27 -41.59
N LEU M 116 27.53 3.35 -41.44
CA LEU M 116 26.93 4.48 -40.75
C LEU M 116 27.41 4.57 -39.31
N GLU M 117 27.52 3.43 -38.62
CA GLU M 117 27.96 3.44 -37.23
C GLU M 117 29.38 4.00 -37.11
N GLU M 118 30.23 3.73 -38.11
CA GLU M 118 31.61 4.20 -38.06
C GLU M 118 31.74 5.65 -38.52
N GLY M 119 30.62 6.29 -38.86
CA GLY M 119 30.63 7.70 -39.21
C GLY M 119 30.83 7.95 -40.69
N ILE M 120 30.55 6.94 -41.51
CA ILE M 120 30.62 7.07 -42.97
C ILE M 120 29.33 7.70 -43.46
N SER M 121 29.46 8.85 -44.13
CA SER M 121 28.29 9.61 -44.54
C SER M 121 27.40 8.78 -45.45
N SER M 122 26.08 8.95 -45.29
CA SER M 122 25.14 8.29 -46.18
C SER M 122 25.30 8.71 -47.64
N HIS M 123 25.90 9.89 -47.89
CA HIS M 123 26.17 10.30 -49.26
C HIS M 123 27.21 9.40 -49.92
N LEU M 124 28.30 9.09 -49.22
CA LEU M 124 29.35 8.29 -49.83
C LEU M 124 28.92 6.83 -49.94
N ILE M 125 28.09 6.35 -49.01
CA ILE M 125 27.53 5.01 -49.12
C ILE M 125 26.66 4.90 -50.37
N MET M 126 25.79 5.88 -50.58
CA MET M 126 24.94 5.88 -51.77
C MET M 126 25.76 6.10 -53.03
N LYS M 127 26.76 6.98 -52.97
CA LYS M 127 27.57 7.26 -54.15
C LYS M 127 28.34 6.03 -54.60
N GLY M 128 28.98 5.34 -53.66
CA GLY M 128 29.69 4.11 -54.00
C GLY M 128 28.77 3.05 -54.58
N TYR M 129 27.56 2.92 -54.03
CA TYR M 129 26.60 1.98 -54.59
C TYR M 129 26.19 2.38 -56.00
N ARG M 130 25.96 3.67 -56.24
CA ARG M 130 25.54 4.11 -57.56
C ARG M 130 26.60 3.81 -58.61
N LYS M 131 27.87 4.05 -58.29
CA LYS M 131 28.93 3.74 -59.24
C LYS M 131 29.10 2.23 -59.40
N ALA M 132 29.17 1.50 -58.29
CA ALA M 132 29.40 0.06 -58.37
C ALA M 132 28.28 -0.64 -59.11
N VAL M 133 27.03 -0.22 -58.88
CA VAL M 133 25.91 -0.83 -59.57
C VAL M 133 25.96 -0.53 -61.06
N SER M 134 26.29 0.72 -61.42
CA SER M 134 26.41 1.09 -62.82
C SER M 134 27.43 0.19 -63.52
N LEU M 135 28.54 -0.10 -62.85
CA LEU M 135 29.52 -1.03 -63.41
C LEU M 135 28.92 -2.41 -63.57
N ALA M 136 28.13 -2.85 -62.58
CA ALA M 136 27.50 -4.18 -62.66
C ALA M 136 26.59 -4.28 -63.87
N VAL M 137 25.84 -3.21 -64.16
CA VAL M 137 24.93 -3.23 -65.30
C VAL M 137 25.72 -3.42 -66.59
N GLU M 138 26.86 -2.75 -66.73
CA GLU M 138 27.70 -2.94 -67.90
C GLU M 138 28.17 -4.39 -68.01
N LYS M 139 28.50 -5.02 -66.88
CA LYS M 139 28.95 -6.41 -66.92
C LYS M 139 27.81 -7.36 -67.25
N ILE M 140 26.62 -7.13 -66.67
CA ILE M 140 25.48 -7.99 -66.95
C ILE M 140 25.11 -7.92 -68.44
N ASN M 141 25.13 -6.71 -69.00
CA ASN M 141 24.88 -6.57 -70.43
C ASN M 141 25.92 -7.32 -71.25
N GLU M 142 27.20 -7.18 -70.88
CA GLU M 142 28.25 -7.89 -71.59
C GLU M 142 28.03 -9.39 -71.61
N LEU M 143 27.45 -9.95 -70.53
CA LEU M 143 27.22 -11.38 -70.43
C LEU M 143 26.05 -11.87 -71.28
N ALA M 144 25.26 -10.95 -71.84
CA ALA M 144 24.03 -11.31 -72.53
C ALA M 144 24.37 -12.25 -73.69
N VAL M 145 23.59 -13.31 -73.81
CA VAL M 145 23.71 -14.22 -74.94
C VAL M 145 22.48 -14.09 -75.84
N ASP M 146 22.72 -13.80 -77.11
CA ASP M 146 21.62 -13.69 -78.07
C ASP M 146 21.33 -15.06 -78.64
N ILE M 147 20.28 -15.72 -78.12
CA ILE M 147 20.03 -17.12 -78.43
C ILE M 147 18.62 -17.27 -79.00
N THR M 148 18.50 -17.95 -80.13
CA THR M 148 17.19 -18.21 -80.73
C THR M 148 17.02 -19.70 -80.99
N SER M 149 17.51 -20.16 -82.14
CA SER M 149 17.45 -21.56 -82.53
C SER M 149 18.81 -22.24 -82.45
N GLU M 150 19.78 -21.62 -81.76
CA GLU M 150 21.15 -22.11 -81.75
C GLU M 150 21.21 -23.45 -81.00
N LYS M 151 21.47 -24.50 -81.77
CA LYS M 151 21.58 -25.87 -81.25
C LYS M 151 20.33 -26.29 -80.49
N SER M 152 19.18 -25.74 -80.89
CA SER M 152 17.91 -26.06 -80.24
C SER M 152 16.78 -25.62 -81.18
N SER M 153 15.86 -26.54 -81.46
CA SER M 153 14.69 -26.20 -82.25
C SER M 153 13.70 -25.40 -81.40
N GLY M 154 12.70 -24.82 -82.06
CA GLY M 154 11.67 -24.10 -81.32
C GLY M 154 10.99 -24.96 -80.28
N ARG M 155 10.88 -26.26 -80.55
CA ARG M 155 10.32 -27.21 -79.59
C ARG M 155 11.32 -27.57 -78.49
N GLU M 156 12.57 -27.88 -78.86
CA GLU M 156 13.56 -28.29 -77.88
C GLU M 156 13.86 -27.19 -76.87
N LEU M 157 13.97 -25.94 -77.32
CA LEU M 157 14.27 -24.84 -76.40
C LEU M 157 13.23 -24.77 -75.29
N LEU M 158 11.94 -24.81 -75.65
CA LEU M 158 10.90 -24.57 -74.66
C LEU M 158 10.68 -25.79 -73.77
N GLU M 159 10.79 -27.00 -74.33
CA GLU M 159 10.71 -28.21 -73.52
C GLU M 159 11.89 -28.31 -72.55
N ARG M 160 13.09 -27.94 -72.99
CA ARG M 160 14.24 -27.92 -72.09
C ARG M 160 14.07 -26.88 -70.99
N CYS M 161 13.49 -25.73 -71.31
CA CYS M 161 13.24 -24.70 -70.29
C CYS M 161 12.25 -25.17 -69.24
N ALA M 162 11.10 -25.70 -69.66
CA ALA M 162 10.12 -26.19 -68.70
C ALA M 162 10.63 -27.39 -67.92
N ARG M 163 11.26 -28.35 -68.61
CA ARG M 163 11.79 -29.53 -67.92
C ARG M 163 12.79 -29.13 -66.83
N THR M 164 13.63 -28.14 -67.13
CA THR M 164 14.56 -27.65 -66.11
C THR M 164 13.82 -27.03 -64.94
N ALA M 165 12.81 -26.19 -65.20
CA ALA M 165 12.07 -25.57 -64.11
C ALA M 165 11.41 -26.61 -63.23
N MET M 166 11.03 -27.75 -63.79
CA MET M 166 10.30 -28.78 -63.05
C MET M 166 11.22 -29.72 -62.28
N SER M 167 12.53 -29.47 -62.31
CA SER M 167 13.47 -30.31 -61.59
C SER M 167 13.28 -30.16 -60.07
N SER M 168 13.42 -31.28 -59.36
CA SER M 168 13.27 -31.33 -57.90
C SER M 168 11.90 -30.83 -57.46
N LYS M 169 10.89 -31.04 -58.30
CA LYS M 169 9.51 -30.69 -58.01
C LYS M 169 8.67 -31.96 -57.91
N LEU M 170 7.44 -31.80 -57.41
CA LEU M 170 6.53 -32.93 -57.33
C LEU M 170 6.32 -33.61 -58.67
N ILE M 171 6.44 -32.87 -59.77
CA ILE M 171 6.11 -33.35 -61.10
C ILE M 171 7.39 -33.55 -61.91
N HIS M 172 8.53 -33.65 -61.23
CA HIS M 172 9.81 -33.91 -61.89
C HIS M 172 9.81 -35.25 -62.61
N ASN M 173 9.46 -36.33 -61.91
CA ASN M 173 9.42 -37.65 -62.53
C ASN M 173 8.38 -37.75 -63.62
N ASN M 174 7.37 -36.89 -63.62
CA ASN M 174 6.29 -36.89 -64.61
C ASN M 174 6.47 -35.76 -65.61
N ALA M 175 7.70 -35.22 -65.68
CA ALA M 175 7.98 -34.10 -66.57
C ALA M 175 7.56 -34.40 -68.01
N ASP M 176 7.71 -35.66 -68.44
CA ASP M 176 7.35 -36.01 -69.81
C ASP M 176 5.89 -35.68 -70.11
N PHE M 177 5.05 -35.65 -69.07
CA PHE M 177 3.65 -35.31 -69.26
C PHE M 177 3.43 -33.81 -69.11
N PHE M 178 3.93 -33.22 -68.03
CA PHE M 178 3.59 -31.84 -67.70
C PHE M 178 4.36 -30.84 -68.55
N VAL M 179 5.60 -31.17 -68.96
CA VAL M 179 6.35 -30.28 -69.83
C VAL M 179 5.57 -30.00 -71.11
N LYS M 180 4.97 -31.04 -71.70
CA LYS M 180 4.20 -30.85 -72.93
C LYS M 180 3.11 -29.82 -72.75
N MET M 181 2.35 -29.91 -71.64
CA MET M 181 1.25 -28.98 -71.42
C MET M 181 1.76 -27.54 -71.34
N CYS M 182 2.88 -27.32 -70.66
CA CYS M 182 3.40 -25.97 -70.52
C CYS M 182 3.84 -25.42 -71.88
N VAL M 183 4.54 -26.23 -72.67
CA VAL M 183 5.05 -25.77 -73.96
C VAL M 183 3.90 -25.54 -74.94
N ASP M 184 2.97 -26.50 -75.00
CA ASP M 184 1.81 -26.33 -75.87
C ASP M 184 0.97 -25.13 -75.46
N ALA M 185 0.81 -24.89 -74.16
CA ALA M 185 0.00 -23.78 -73.69
C ALA M 185 0.53 -22.44 -74.19
N VAL M 186 1.85 -22.22 -74.12
CA VAL M 186 2.41 -20.96 -74.56
C VAL M 186 2.43 -20.87 -76.08
N LEU M 187 2.77 -21.97 -76.77
CA LEU M 187 2.81 -21.96 -78.22
C LEU M 187 1.42 -21.84 -78.84
N SER M 188 0.37 -22.09 -78.06
CA SER M 188 -0.98 -21.86 -78.55
C SER M 188 -1.32 -20.37 -78.58
N LEU M 189 -0.47 -19.54 -78.00
CA LEU M 189 -0.69 -18.10 -77.90
C LEU M 189 0.00 -17.39 -79.05
N ASP M 190 -0.42 -16.15 -79.28
CA ASP M 190 0.24 -15.29 -80.26
C ASP M 190 1.54 -14.75 -79.69
N ARG M 191 2.67 -15.19 -80.23
CA ARG M 191 3.97 -14.77 -79.70
C ARG M 191 4.14 -13.26 -79.64
N ASN M 192 3.40 -12.50 -80.44
CA ASN M 192 3.52 -11.05 -80.47
C ASN M 192 3.09 -10.40 -79.16
N ASP M 193 2.26 -11.08 -78.37
CA ASP M 193 1.76 -10.51 -77.12
C ASP M 193 1.38 -11.62 -76.16
N LEU M 194 2.33 -12.05 -75.32
CA LEU M 194 2.09 -13.12 -74.36
C LEU M 194 1.82 -12.51 -72.99
N ASP M 195 0.86 -13.09 -72.27
CA ASP M 195 0.46 -12.60 -70.96
C ASP M 195 -0.03 -13.79 -70.13
N ASP M 196 0.36 -13.81 -68.84
CA ASP M 196 0.01 -14.94 -68.01
C ASP M 196 -1.49 -15.18 -67.98
N LYS M 197 -2.28 -14.11 -68.14
CA LYS M 197 -3.73 -14.22 -68.09
C LYS M 197 -4.28 -15.09 -69.20
N LEU M 198 -3.52 -15.34 -70.27
CA LEU M 198 -4.00 -16.09 -71.41
C LEU M 198 -3.96 -17.60 -71.20
N ILE M 199 -3.36 -18.06 -70.10
CA ILE M 199 -3.29 -19.48 -69.80
C ILE M 199 -4.02 -19.68 -68.48
N GLY M 200 -5.24 -20.21 -68.56
CA GLY M 200 -6.03 -20.44 -67.36
C GLY M 200 -5.78 -21.82 -66.78
N ILE M 201 -6.00 -21.95 -65.47
CA ILE M 201 -5.84 -23.20 -64.76
C ILE M 201 -7.07 -23.44 -63.90
N LYS M 202 -7.67 -24.61 -64.04
CA LYS M 202 -8.80 -25.01 -63.21
C LYS M 202 -8.38 -26.16 -62.30
N LYS M 203 -9.00 -26.21 -61.12
CA LYS M 203 -8.72 -27.23 -60.12
C LYS M 203 -9.83 -28.26 -60.11
N ILE M 204 -9.47 -29.53 -60.26
CA ILE M 204 -10.42 -30.63 -60.28
C ILE M 204 -9.99 -31.64 -59.22
N PRO M 205 -10.59 -31.63 -58.03
CA PRO M 205 -10.25 -32.64 -57.01
C PRO M 205 -10.54 -34.04 -57.54
N GLY M 206 -9.70 -34.99 -57.14
CA GLY M 206 -9.92 -36.39 -57.44
C GLY M 206 -9.15 -36.85 -58.66
N GLY M 207 -8.71 -38.10 -58.59
CA GLY M 207 -7.93 -38.69 -59.67
C GLY M 207 -6.44 -38.37 -59.54
N ALA M 208 -5.69 -38.91 -60.49
CA ALA M 208 -4.25 -38.69 -60.51
C ALA M 208 -3.90 -37.46 -61.34
N MET M 209 -2.82 -36.79 -60.94
CA MET M 209 -2.28 -35.63 -61.65
C MET M 209 -1.92 -35.93 -63.10
N GLU M 210 -1.55 -37.18 -63.42
CA GLU M 210 -1.26 -37.57 -64.80
C GLU M 210 -2.49 -37.59 -65.69
N GLU M 211 -3.69 -37.48 -65.13
CA GLU M 211 -4.93 -37.50 -65.91
C GLU M 211 -5.40 -36.10 -66.30
N SER M 212 -4.58 -35.08 -66.06
CA SER M 212 -4.98 -33.71 -66.35
C SER M 212 -5.27 -33.53 -67.83
N LEU M 213 -6.12 -32.55 -68.14
CA LEU M 213 -6.56 -32.28 -69.49
C LEU M 213 -5.91 -30.99 -70.01
N PHE M 214 -5.69 -30.95 -71.33
CA PHE M 214 -5.23 -29.76 -72.02
C PHE M 214 -6.32 -29.32 -73.00
N ILE M 215 -6.75 -28.08 -72.87
CA ILE M 215 -7.81 -27.53 -73.72
C ILE M 215 -7.26 -26.37 -74.53
N ASN M 216 -7.46 -26.41 -75.84
CA ASN M 216 -7.01 -25.31 -76.69
C ASN M 216 -7.94 -24.10 -76.55
N GLY M 217 -9.19 -24.34 -76.18
CA GLY M 217 -10.10 -23.26 -75.83
C GLY M 217 -10.17 -23.00 -74.34
N VAL M 218 -11.39 -22.85 -73.82
CA VAL M 218 -11.60 -22.53 -72.41
C VAL M 218 -12.61 -23.50 -71.82
N ALA M 219 -12.71 -23.53 -70.49
CA ALA M 219 -13.68 -24.35 -69.79
C ALA M 219 -14.05 -23.66 -68.48
N PHE M 220 -15.15 -24.11 -67.88
CA PHE M 220 -15.54 -23.60 -66.56
C PHE M 220 -16.17 -24.72 -65.75
N LYS M 221 -16.31 -24.46 -64.45
CA LYS M 221 -16.53 -25.50 -63.45
C LYS M 221 -17.94 -26.08 -63.47
N LYS M 222 -18.80 -25.55 -64.35
CA LYS M 222 -20.21 -25.93 -64.38
C LYS M 222 -20.83 -25.64 -63.02
N THR M 223 -20.85 -24.37 -62.64
CA THR M 223 -21.48 -23.93 -61.39
C THR M 223 -22.99 -24.05 -61.42
N PHE M 224 -23.59 -24.49 -62.53
CA PHE M 224 -25.02 -24.71 -62.59
C PHE M 224 -25.37 -26.09 -62.03
N SER M 225 -26.00 -26.11 -60.85
CA SER M 225 -26.22 -27.33 -60.09
C SER M 225 -27.70 -27.65 -59.90
N TYR M 226 -28.56 -27.19 -60.80
CA TYR M 226 -30.00 -27.35 -60.67
C TYR M 226 -30.47 -28.63 -61.34
N ALA M 227 -31.76 -28.93 -61.17
CA ALA M 227 -32.35 -30.14 -61.71
C ALA M 227 -32.23 -30.17 -63.23
N GLY M 228 -32.53 -31.33 -63.80
CA GLY M 228 -32.36 -31.54 -65.23
C GLY M 228 -31.45 -32.67 -65.59
N PHE M 229 -31.54 -33.80 -64.90
CA PHE M 229 -30.79 -35.00 -65.25
C PHE M 229 -31.26 -35.55 -66.59
N GLU M 230 -30.33 -36.20 -67.29
CA GLU M 230 -30.57 -36.90 -68.55
C GLU M 230 -31.32 -36.06 -69.56
N GLN M 231 -30.96 -34.79 -69.70
CA GLN M 231 -31.48 -33.87 -70.70
C GLN M 231 -30.44 -32.79 -70.94
N GLN M 232 -30.74 -31.87 -71.88
CA GLN M 232 -29.79 -30.87 -72.34
C GLN M 232 -28.56 -31.54 -72.95
N PRO M 233 -28.59 -31.84 -74.26
CA PRO M 233 -27.47 -32.53 -74.90
C PRO M 233 -26.10 -31.92 -74.58
N LYS M 234 -25.17 -32.78 -74.17
CA LYS M 234 -23.90 -32.33 -73.60
C LYS M 234 -22.84 -32.09 -74.68
N LYS M 235 -23.11 -32.51 -75.91
CA LYS M 235 -22.09 -32.46 -76.95
C LYS M 235 -22.67 -31.83 -78.20
N PHE M 236 -21.96 -30.86 -78.76
CA PHE M 236 -22.33 -30.21 -80.00
C PHE M 236 -21.11 -30.13 -80.92
N ASN M 237 -21.36 -30.23 -82.23
CA ASN M 237 -20.30 -30.13 -83.22
C ASN M 237 -19.93 -28.67 -83.49
N ASN M 238 -20.92 -27.86 -83.85
CA ASN M 238 -20.73 -26.44 -84.15
C ASN M 238 -21.83 -25.63 -83.48
N PRO M 239 -21.81 -25.54 -82.16
CA PRO M 239 -22.88 -24.82 -81.46
C PRO M 239 -22.77 -23.32 -81.64
N LYS M 240 -23.91 -22.66 -81.58
CA LYS M 240 -23.98 -21.20 -81.43
C LYS M 240 -24.08 -20.91 -79.94
N ILE M 241 -23.18 -20.05 -79.45
CA ILE M 241 -23.11 -19.76 -78.03
C ILE M 241 -23.72 -18.38 -77.76
N LEU M 242 -24.72 -18.34 -76.89
CA LEU M 242 -25.35 -17.09 -76.45
C LEU M 242 -25.11 -16.92 -74.96
N SER M 243 -24.72 -15.71 -74.56
CA SER M 243 -24.57 -15.38 -73.15
C SER M 243 -25.58 -14.31 -72.76
N LEU M 244 -26.18 -14.44 -71.59
CA LEU M 244 -27.13 -13.44 -71.12
C LEU M 244 -26.79 -12.98 -69.71
N ASN M 245 -27.34 -11.84 -69.31
CA ASN M 245 -27.34 -11.41 -67.92
C ASN M 245 -28.66 -11.78 -67.22
N VAL M 246 -29.78 -11.62 -67.91
CA VAL M 246 -31.10 -11.79 -67.33
C VAL M 246 -31.28 -13.19 -66.76
N GLU M 247 -31.90 -13.28 -65.58
CA GLU M 247 -32.26 -14.56 -64.96
C GLU M 247 -33.49 -15.13 -65.65
N LEU M 248 -33.47 -16.43 -65.96
CA LEU M 248 -34.50 -17.10 -66.72
C LEU M 248 -35.39 -18.03 -65.87
N GLU M 249 -35.36 -17.92 -64.55
CA GLU M 249 -36.30 -18.65 -63.72
C GLU M 249 -37.60 -17.87 -63.54
N LEU M 250 -38.70 -18.62 -63.37
CA LEU M 250 -40.04 -18.06 -63.22
C LEU M 250 -40.18 -17.33 -61.89
N LYS M 251 -39.79 -17.98 -60.80
CA LYS M 251 -39.95 -17.41 -59.46
C LYS M 251 -38.59 -17.08 -58.90
N ALA M 252 -38.47 -15.90 -58.29
CA ALA M 252 -37.22 -15.51 -57.67
C ALA M 252 -37.14 -16.03 -56.23
N GLU M 253 -35.91 -16.11 -55.73
CA GLU M 253 -35.64 -16.35 -54.31
C GLU M 253 -36.00 -15.18 -53.41
N LYS M 254 -36.08 -13.97 -53.96
CA LYS M 254 -36.45 -12.80 -53.17
C LYS M 254 -37.75 -12.16 -53.66
N ASP M 255 -37.87 -11.85 -54.95
CA ASP M 255 -39.05 -11.17 -55.46
C ASP M 255 -40.22 -12.14 -55.63
N ASN M 256 -41.42 -11.58 -55.54
CA ASN M 256 -42.66 -12.32 -55.70
C ASN M 256 -43.80 -11.33 -55.90
N ALA M 257 -45.02 -11.85 -55.98
CA ALA M 257 -46.20 -11.01 -56.09
C ALA M 257 -47.35 -11.67 -55.33
N GLU M 258 -48.21 -10.83 -54.77
CA GLU M 258 -49.44 -11.27 -54.13
C GLU M 258 -50.57 -11.24 -55.14
N VAL M 259 -51.29 -12.35 -55.27
CA VAL M 259 -52.39 -12.50 -56.21
C VAL M 259 -53.68 -12.68 -55.42
N ARG M 260 -54.65 -11.82 -55.65
CA ARG M 260 -55.96 -11.90 -55.00
C ARG M 260 -57.04 -11.52 -56.01
N VAL M 261 -57.89 -12.48 -56.36
CA VAL M 261 -58.99 -12.27 -57.29
C VAL M 261 -60.21 -13.03 -56.80
N GLU M 262 -61.35 -12.77 -57.43
CA GLU M 262 -62.62 -13.34 -57.02
C GLU M 262 -62.98 -14.65 -57.71
N HIS M 263 -62.17 -15.11 -58.67
CA HIS M 263 -62.51 -16.29 -59.45
C HIS M 263 -61.30 -17.22 -59.54
N VAL M 264 -61.56 -18.53 -59.50
CA VAL M 264 -60.50 -19.52 -59.60
C VAL M 264 -59.88 -19.50 -60.98
N GLU M 265 -60.66 -19.11 -62.00
CA GLU M 265 -60.10 -18.96 -63.34
C GLU M 265 -59.08 -17.83 -63.39
N ASP M 266 -59.35 -16.73 -62.68
CA ASP M 266 -58.42 -15.60 -62.68
C ASP M 266 -57.17 -15.91 -61.86
N TYR M 267 -57.31 -16.65 -60.76
CA TYR M 267 -56.14 -17.07 -59.99
C TYR M 267 -55.16 -17.83 -60.88
N GLN M 268 -55.66 -18.80 -61.65
CA GLN M 268 -54.79 -19.54 -62.55
C GLN M 268 -54.31 -18.66 -63.70
N ALA M 269 -55.16 -17.77 -64.20
CA ALA M 269 -54.78 -16.92 -65.32
C ALA M 269 -53.55 -16.09 -64.99
N ILE M 270 -53.47 -15.59 -63.75
CA ILE M 270 -52.31 -14.78 -63.36
C ILE M 270 -51.06 -15.65 -63.30
N VAL M 271 -51.15 -16.86 -62.73
CA VAL M 271 -50.01 -17.75 -62.70
C VAL M 271 -49.58 -18.11 -64.11
N ASP M 272 -50.55 -18.41 -64.98
CA ASP M 272 -50.23 -18.70 -66.37
C ASP M 272 -49.63 -17.47 -67.06
N ALA M 273 -50.12 -16.27 -66.72
CA ALA M 273 -49.58 -15.05 -67.32
C ALA M 273 -48.10 -14.92 -67.02
N GLU M 274 -47.71 -15.17 -65.77
CA GLU M 274 -46.29 -15.11 -65.40
C GLU M 274 -45.50 -16.18 -66.15
N TRP M 275 -46.08 -17.37 -66.31
CA TRP M 275 -45.45 -18.41 -67.11
C TRP M 275 -45.29 -17.95 -68.56
N GLN M 276 -46.32 -17.31 -69.11
CA GLN M 276 -46.25 -16.83 -70.48
C GLN M 276 -45.15 -15.77 -70.64
N LEU M 277 -45.00 -14.90 -69.65
CA LEU M 277 -44.01 -13.83 -69.76
C LEU M 277 -42.60 -14.39 -69.86
N ILE M 278 -42.27 -15.36 -69.00
CA ILE M 278 -40.96 -16.00 -69.07
C ILE M 278 -40.87 -16.91 -70.30
N PHE M 279 -41.98 -17.54 -70.68
CA PHE M 279 -42.00 -18.35 -71.88
C PHE M 279 -41.60 -17.54 -73.11
N GLU M 280 -42.14 -16.34 -73.27
CA GLU M 280 -41.81 -15.50 -74.41
C GLU M 280 -40.33 -15.16 -74.43
N LYS M 281 -39.76 -14.86 -73.25
CA LYS M 281 -38.33 -14.64 -73.16
C LYS M 281 -37.54 -15.88 -73.56
N LEU M 282 -37.99 -17.07 -73.14
CA LEU M 282 -37.31 -18.30 -73.53
C LEU M 282 -37.44 -18.54 -75.03
N ARG M 283 -38.62 -18.29 -75.59
CA ARG M 283 -38.82 -18.45 -77.03
C ARG M 283 -37.92 -17.54 -77.83
N GLN M 284 -37.74 -16.29 -77.39
CA GLN M 284 -36.85 -15.37 -78.09
C GLN M 284 -35.42 -15.90 -78.13
N VAL M 285 -34.98 -16.56 -77.06
CA VAL M 285 -33.66 -17.19 -77.07
C VAL M 285 -33.62 -18.29 -78.13
N GLU M 286 -34.69 -19.08 -78.22
CA GLU M 286 -34.79 -20.06 -79.28
C GLU M 286 -34.73 -19.40 -80.66
N GLU M 287 -35.45 -18.29 -80.83
CA GLU M 287 -35.42 -17.58 -82.11
C GLU M 287 -34.02 -17.10 -82.45
N THR M 288 -33.20 -16.80 -81.44
CA THR M 288 -31.82 -16.43 -81.70
C THR M 288 -31.10 -17.51 -82.50
N GLY M 289 -31.48 -18.77 -82.29
CA GLY M 289 -30.79 -19.88 -82.91
C GLY M 289 -29.58 -20.36 -82.12
N ALA M 290 -29.60 -20.15 -80.82
CA ALA M 290 -28.52 -20.55 -79.93
C ALA M 290 -28.59 -22.05 -79.66
N ASN M 291 -27.42 -22.67 -79.53
CA ASN M 291 -27.29 -24.03 -79.04
C ASN M 291 -26.86 -24.12 -77.58
N ILE M 292 -26.06 -23.18 -77.09
CA ILE M 292 -25.66 -23.14 -75.68
C ILE M 292 -26.09 -21.80 -75.10
N VAL M 293 -26.83 -21.85 -74.00
CA VAL M 293 -27.34 -20.66 -73.33
C VAL M 293 -26.63 -20.55 -71.98
N LEU M 294 -25.81 -19.51 -71.84
CA LEU M 294 -25.04 -19.30 -70.62
C LEU M 294 -25.43 -17.96 -69.99
N SER M 295 -25.53 -17.96 -68.66
CA SER M 295 -25.97 -16.79 -67.93
C SER M 295 -25.13 -16.63 -66.67
N LYS M 296 -24.90 -15.37 -66.29
CA LYS M 296 -24.34 -15.08 -64.97
C LYS M 296 -25.30 -15.43 -63.84
N LEU M 297 -26.60 -15.50 -64.13
CA LEU M 297 -27.63 -15.81 -63.17
C LEU M 297 -28.26 -17.16 -63.48
N PRO M 298 -28.99 -17.74 -62.53
CA PRO M 298 -29.58 -19.07 -62.76
C PRO M 298 -30.49 -19.11 -63.98
N ILE M 299 -30.47 -20.26 -64.65
CA ILE M 299 -31.41 -20.59 -65.72
C ILE M 299 -32.32 -21.68 -65.15
N GLY M 300 -33.59 -21.35 -64.93
CA GLY M 300 -34.43 -22.09 -64.01
C GLY M 300 -34.91 -23.44 -64.50
N ASP M 301 -35.63 -24.15 -63.62
CA ASP M 301 -36.03 -25.53 -63.92
C ASP M 301 -36.93 -25.59 -65.14
N LEU M 302 -37.88 -24.66 -65.25
CA LEU M 302 -38.73 -24.61 -66.44
C LEU M 302 -37.92 -24.23 -67.67
N ALA M 303 -37.04 -23.24 -67.55
CA ALA M 303 -36.24 -22.80 -68.68
C ALA M 303 -35.42 -23.96 -69.25
N THR M 304 -34.80 -24.76 -68.39
CA THR M 304 -33.94 -25.83 -68.87
C THR M 304 -34.75 -26.97 -69.48
N GLN M 305 -35.97 -27.21 -68.97
CA GLN M 305 -36.84 -28.19 -69.60
C GLN M 305 -37.35 -27.69 -70.94
N PHE M 306 -37.73 -26.41 -71.01
CA PHE M 306 -38.05 -25.78 -72.28
C PHE M 306 -36.89 -25.93 -73.25
N PHE M 307 -35.69 -25.48 -72.85
CA PHE M 307 -34.55 -25.52 -73.75
C PHE M 307 -34.16 -26.95 -74.09
N ALA M 308 -34.24 -27.85 -73.11
CA ALA M 308 -33.89 -29.25 -73.37
C ALA M 308 -34.79 -29.85 -74.43
N ASP M 309 -36.10 -29.56 -74.38
CA ASP M 309 -37.00 -30.05 -75.42
C ASP M 309 -36.68 -29.43 -76.77
N ARG M 310 -35.99 -28.29 -76.77
CA ARG M 310 -35.47 -27.67 -77.98
C ARG M 310 -34.06 -28.15 -78.31
N ASN M 311 -33.57 -29.12 -77.53
CA ASN M 311 -32.20 -29.65 -77.66
C ASN M 311 -31.16 -28.56 -77.51
N ILE M 312 -31.41 -27.65 -76.56
CA ILE M 312 -30.51 -26.54 -76.25
C ILE M 312 -29.94 -26.77 -74.86
N PHE M 313 -28.62 -26.61 -74.73
CA PHE M 313 -27.93 -26.83 -73.47
C PHE M 313 -27.76 -25.51 -72.72
N CYS M 314 -28.04 -25.56 -71.42
CA CYS M 314 -27.95 -24.37 -70.59
C CYS M 314 -26.86 -24.58 -69.53
N ALA M 315 -26.28 -23.46 -69.10
CA ALA M 315 -25.46 -23.43 -67.89
C ALA M 315 -25.50 -22.03 -67.32
N GLY M 316 -26.16 -21.88 -66.16
CA GLY M 316 -26.31 -20.57 -65.55
C GLY M 316 -25.43 -20.36 -64.33
N ARG M 317 -25.60 -19.21 -63.69
CA ARG M 317 -24.85 -18.84 -62.48
C ARG M 317 -23.34 -18.94 -62.71
N VAL M 318 -22.89 -18.57 -63.92
CA VAL M 318 -21.49 -18.67 -64.28
C VAL M 318 -20.80 -17.37 -63.88
N SER M 319 -19.60 -17.49 -63.30
CA SER M 319 -18.87 -16.33 -62.81
C SER M 319 -18.56 -15.37 -63.94
N ALA M 320 -18.37 -14.08 -63.59
CA ALA M 320 -18.07 -13.08 -64.60
C ALA M 320 -16.80 -13.42 -65.37
N ASP M 321 -15.80 -13.97 -64.68
CA ASP M 321 -14.55 -14.32 -65.35
C ASP M 321 -14.74 -15.47 -66.33
N ASP M 322 -15.39 -16.55 -65.92
CA ASP M 322 -15.69 -17.68 -66.80
C ASP M 322 -16.60 -17.30 -67.96
N MET M 323 -17.62 -16.47 -67.71
CA MET M 323 -18.46 -15.99 -68.80
C MET M 323 -17.65 -15.21 -69.83
N ASN M 324 -16.80 -14.29 -69.40
CA ASN M 324 -15.98 -13.53 -70.33
C ASN M 324 -15.07 -14.45 -71.14
N ARG M 325 -14.42 -15.41 -70.48
CA ARG M 325 -13.49 -16.30 -71.19
C ARG M 325 -14.20 -17.13 -72.24
N VAL M 326 -15.44 -17.55 -71.96
CA VAL M 326 -16.23 -18.27 -72.97
C VAL M 326 -16.49 -17.37 -74.17
N ILE M 327 -17.06 -16.18 -73.92
CA ILE M 327 -17.41 -15.27 -75.02
C ILE M 327 -16.16 -14.86 -75.78
N GLN M 328 -15.08 -14.58 -75.05
CA GLN M 328 -13.82 -14.21 -75.69
C GLN M 328 -13.22 -15.35 -76.51
N ALA M 329 -13.60 -16.59 -76.24
CA ALA M 329 -13.08 -17.74 -76.97
C ALA M 329 -13.91 -18.07 -78.20
N VAL M 330 -15.22 -17.90 -78.12
CA VAL M 330 -16.12 -18.26 -79.21
C VAL M 330 -16.44 -17.09 -80.13
N GLY M 331 -16.16 -15.86 -79.71
CA GLY M 331 -16.33 -14.72 -80.59
C GLY M 331 -17.71 -14.10 -80.53
N GLY M 332 -18.45 -14.32 -79.45
CA GLY M 332 -19.80 -13.83 -79.31
C GLY M 332 -19.85 -12.54 -78.52
N SER M 333 -21.01 -12.30 -77.92
CA SER M 333 -21.22 -11.12 -77.08
C SER M 333 -22.33 -11.42 -76.09
N ILE M 334 -22.26 -10.80 -74.91
CA ILE M 334 -23.31 -11.01 -73.91
C ILE M 334 -24.36 -9.91 -74.05
N GLN M 335 -25.63 -10.32 -74.09
CA GLN M 335 -26.75 -9.40 -74.17
C GLN M 335 -27.57 -9.51 -72.91
N SER M 336 -27.93 -8.37 -72.32
CA SER M 336 -28.69 -8.38 -71.08
C SER M 336 -30.10 -8.94 -71.29
N THR M 337 -30.78 -8.50 -72.35
CA THR M 337 -32.16 -8.88 -72.58
C THR M 337 -32.27 -9.98 -73.62
N THR M 338 -33.49 -10.49 -73.79
CA THR M 338 -33.79 -11.50 -74.80
C THR M 338 -34.46 -10.93 -76.04
N SER M 339 -35.07 -9.75 -75.94
CA SER M 339 -35.79 -9.14 -77.05
C SER M 339 -34.86 -8.39 -77.99
N ASP M 340 -33.66 -8.07 -77.50
CA ASP M 340 -32.68 -7.26 -78.23
C ASP M 340 -31.51 -8.05 -78.80
N ILE M 341 -31.61 -9.38 -78.82
CA ILE M 341 -30.52 -10.25 -79.26
C ILE M 341 -30.39 -10.15 -80.77
N LYS M 342 -29.15 -10.05 -81.27
CA LYS M 342 -28.68 -10.00 -82.64
C LYS M 342 -27.89 -11.26 -83.00
N PRO M 343 -27.92 -11.69 -84.26
CA PRO M 343 -27.11 -12.85 -84.66
C PRO M 343 -25.62 -12.65 -84.47
N GLU M 344 -25.12 -11.41 -84.44
CA GLU M 344 -23.70 -11.20 -84.20
C GLU M 344 -23.31 -11.40 -82.75
N HIS M 345 -24.27 -11.70 -81.87
CA HIS M 345 -23.94 -12.00 -80.49
C HIS M 345 -23.47 -13.44 -80.31
N LEU M 346 -23.68 -14.28 -81.33
CA LEU M 346 -23.40 -15.70 -81.22
C LEU M 346 -21.95 -15.99 -81.57
N GLY M 347 -21.36 -16.94 -80.85
CA GLY M 347 -20.04 -17.45 -81.19
C GLY M 347 -20.13 -18.91 -81.53
N THR M 348 -18.96 -19.48 -81.86
CA THR M 348 -18.88 -20.90 -82.21
C THR M 348 -17.58 -21.48 -81.70
N CYS M 349 -17.67 -22.69 -81.14
CA CYS M 349 -16.51 -23.52 -80.84
C CYS M 349 -16.49 -24.74 -81.78
N ALA M 350 -15.30 -25.29 -81.96
CA ALA M 350 -15.15 -26.52 -82.74
C ALA M 350 -15.77 -27.73 -82.07
N LEU M 351 -15.80 -27.77 -80.74
CA LEU M 351 -16.42 -28.87 -80.02
C LEU M 351 -16.85 -28.37 -78.64
N PHE M 352 -18.04 -28.76 -78.21
CA PHE M 352 -18.47 -28.64 -76.83
C PHE M 352 -18.71 -30.02 -76.24
N GLU M 353 -18.27 -30.21 -75.00
CA GLU M 353 -18.45 -31.49 -74.33
C GLU M 353 -18.51 -31.26 -72.82
N GLU M 354 -19.10 -32.22 -72.11
CA GLU M 354 -19.15 -32.22 -70.66
C GLU M 354 -18.42 -33.46 -70.18
N MET M 355 -17.41 -33.26 -69.32
CA MET M 355 -16.59 -34.37 -68.88
C MET M 355 -16.94 -34.79 -67.45
N GLN M 356 -16.66 -36.06 -67.16
CA GLN M 356 -16.94 -36.67 -65.87
C GLN M 356 -15.68 -36.78 -65.03
N ILE M 357 -14.63 -36.05 -65.43
CA ILE M 357 -13.34 -36.09 -64.75
C ILE M 357 -13.52 -35.69 -63.29
N GLY M 358 -12.81 -36.37 -62.40
CA GLY M 358 -12.84 -36.04 -60.99
C GLY M 358 -14.13 -36.43 -60.30
N SER M 359 -14.96 -37.23 -60.96
CA SER M 359 -16.29 -37.63 -60.46
C SER M 359 -17.18 -36.40 -60.27
N GLU M 360 -16.95 -35.39 -61.10
CA GLU M 360 -17.81 -34.23 -61.17
C GLU M 360 -17.88 -33.70 -62.59
N ARG M 361 -19.01 -33.10 -62.96
CA ARG M 361 -19.23 -32.65 -64.33
C ARG M 361 -18.60 -31.28 -64.55
N TYR M 362 -17.87 -31.15 -65.66
CA TYR M 362 -17.24 -29.89 -66.05
C TYR M 362 -17.65 -29.55 -67.48
N ASN M 363 -17.84 -28.27 -67.77
CA ASN M 363 -18.27 -27.87 -69.09
C ASN M 363 -17.07 -27.37 -69.90
N LEU M 364 -16.75 -28.08 -70.97
CA LEU M 364 -15.56 -27.78 -71.77
C LEU M 364 -15.96 -27.21 -73.11
N PHE M 365 -15.18 -26.24 -73.59
CA PHE M 365 -15.13 -25.85 -74.99
C PHE M 365 -13.77 -26.30 -75.51
N GLN M 366 -13.71 -26.70 -76.78
CA GLN M 366 -12.47 -27.16 -77.35
C GLN M 366 -12.32 -26.67 -78.80
N GLY M 367 -11.08 -26.39 -79.17
CA GLY M 367 -10.78 -25.99 -80.53
C GLY M 367 -11.45 -24.72 -81.00
N CYS M 368 -11.66 -23.76 -80.09
CA CYS M 368 -12.36 -22.53 -80.43
C CYS M 368 -11.55 -21.74 -81.45
N PRO M 369 -12.10 -21.49 -82.64
CA PRO M 369 -11.29 -20.85 -83.69
C PRO M 369 -11.00 -19.38 -83.43
N GLN M 370 -11.75 -18.74 -82.55
CA GLN M 370 -11.59 -17.32 -82.25
C GLN M 370 -10.77 -17.06 -81.00
N ALA M 371 -10.35 -18.12 -80.31
CA ALA M 371 -9.72 -18.00 -79.00
C ALA M 371 -8.29 -17.49 -79.12
N LYS M 372 -7.89 -16.67 -78.15
CA LYS M 372 -6.48 -16.30 -77.97
C LYS M 372 -5.92 -16.88 -76.69
N THR M 373 -6.64 -17.79 -76.05
CA THR M 373 -6.30 -18.27 -74.72
C THR M 373 -6.25 -19.79 -74.73
N CYS M 374 -5.82 -20.37 -73.62
CA CYS M 374 -5.97 -21.80 -73.36
C CYS M 374 -6.15 -22.04 -71.87
N THR M 375 -6.54 -23.28 -71.54
CA THR M 375 -6.83 -23.68 -70.17
C THR M 375 -6.20 -25.04 -69.90
N LEU M 376 -5.61 -25.19 -68.71
CA LEU M 376 -5.20 -26.49 -68.19
C LEU M 376 -6.17 -26.91 -67.10
N LEU M 377 -6.56 -28.18 -67.10
CA LEU M 377 -7.41 -28.75 -66.06
C LEU M 377 -6.59 -29.73 -65.22
N LEU M 378 -6.25 -29.33 -64.01
CA LEU M 378 -5.33 -30.08 -63.16
C LEU M 378 -6.10 -30.90 -62.14
N ARG M 379 -5.81 -32.19 -62.08
CA ARG M 379 -6.48 -33.11 -61.17
C ARG M 379 -5.53 -33.51 -60.05
N GLY M 380 -6.12 -33.89 -58.91
CA GLY M 380 -5.34 -34.43 -57.82
C GLY M 380 -6.21 -34.63 -56.60
N GLY M 381 -5.74 -35.49 -55.71
CA GLY M 381 -6.48 -35.92 -54.56
C GLY M 381 -6.64 -34.90 -53.45
N ALA M 382 -5.92 -33.79 -53.52
CA ALA M 382 -5.97 -32.80 -52.45
C ALA M 382 -5.61 -31.44 -53.02
N GLU M 383 -6.04 -30.38 -52.33
CA GLU M 383 -5.59 -29.02 -52.65
C GLU M 383 -4.08 -28.88 -52.64
N GLN M 384 -3.38 -29.57 -51.73
CA GLN M 384 -1.93 -29.54 -51.69
C GLN M 384 -1.28 -30.18 -52.91
N VAL M 385 -1.88 -31.24 -53.44
CA VAL M 385 -1.36 -31.86 -54.66
C VAL M 385 -1.56 -30.94 -55.86
N ILE M 386 -2.78 -30.45 -56.05
CA ILE M 386 -3.09 -29.59 -57.19
C ILE M 386 -2.32 -28.28 -57.09
N ALA M 387 -2.27 -27.69 -55.90
CA ALA M 387 -1.54 -26.45 -55.71
C ALA M 387 -0.06 -26.63 -56.02
N GLU M 388 0.55 -27.73 -55.56
CA GLU M 388 1.96 -27.96 -55.81
C GLU M 388 2.22 -28.17 -57.30
N VAL M 389 1.32 -28.87 -57.98
CA VAL M 389 1.45 -29.02 -59.43
C VAL M 389 1.25 -27.67 -60.12
N GLU M 390 0.25 -26.91 -59.68
CA GLU M 390 -0.01 -25.60 -60.27
C GLU M 390 1.19 -24.68 -60.12
N ARG M 391 1.80 -24.66 -58.94
CA ARG M 391 2.96 -23.80 -58.71
C ARG M 391 4.13 -24.22 -59.59
N SER M 392 4.36 -25.53 -59.71
CA SER M 392 5.43 -26.01 -60.58
C SER M 392 5.13 -25.68 -62.04
N LEU M 393 3.89 -25.85 -62.48
CA LEU M 393 3.51 -25.49 -63.84
C LEU M 393 3.65 -23.98 -64.07
N HIS M 394 3.27 -23.17 -63.08
CA HIS M 394 3.37 -21.72 -63.24
C HIS M 394 4.80 -21.29 -63.54
N ASP M 395 5.76 -21.73 -62.72
CA ASP M 395 7.15 -21.40 -62.98
C ASP M 395 7.61 -21.93 -64.33
N ALA M 396 7.19 -23.14 -64.70
CA ALA M 396 7.53 -23.70 -66.00
C ALA M 396 6.93 -22.87 -67.12
N ILE M 397 5.69 -22.39 -66.96
CA ILE M 397 5.08 -21.55 -67.98
C ILE M 397 5.86 -20.25 -68.14
N MET M 398 6.31 -19.67 -67.02
CA MET M 398 7.05 -18.42 -67.10
C MET M 398 8.32 -18.55 -67.92
N ILE M 399 9.12 -19.59 -67.66
CA ILE M 399 10.38 -19.73 -68.37
C ILE M 399 10.15 -20.08 -69.83
N VAL M 400 9.07 -20.81 -70.13
CA VAL M 400 8.69 -21.06 -71.52
C VAL M 400 8.29 -19.77 -72.20
N LYS M 401 7.47 -18.95 -71.52
CA LYS M 401 7.09 -17.65 -72.06
C LYS M 401 8.32 -16.79 -72.33
N ARG M 402 9.20 -16.65 -71.33
CA ARG M 402 10.38 -15.80 -71.48
C ARG M 402 11.35 -16.32 -72.54
N ALA M 403 11.38 -17.63 -72.80
CA ALA M 403 12.17 -18.18 -73.89
C ALA M 403 11.80 -17.61 -75.25
N LEU M 404 10.55 -17.16 -75.44
CA LEU M 404 10.11 -16.58 -76.69
C LEU M 404 10.21 -15.07 -76.71
N GLN M 405 10.13 -14.42 -75.55
CA GLN M 405 10.06 -12.96 -75.50
C GLN M 405 11.43 -12.32 -75.36
N ASN M 406 12.37 -12.96 -74.66
CA ASN M 406 13.67 -12.37 -74.34
C ASN M 406 14.76 -13.25 -74.95
N LYS M 407 15.37 -12.78 -76.03
CA LYS M 407 16.47 -13.49 -76.66
C LYS M 407 17.81 -13.28 -75.95
N LEU M 408 17.90 -12.26 -75.10
CA LEU M 408 19.14 -11.90 -74.42
C LEU M 408 19.09 -12.45 -73.01
N ILE M 409 19.86 -13.51 -72.75
CA ILE M 409 19.81 -14.23 -71.49
C ILE M 409 21.20 -14.27 -70.87
N VAL M 410 21.23 -14.48 -69.55
CA VAL M 410 22.45 -14.71 -68.82
C VAL M 410 22.25 -15.92 -67.92
N ALA M 411 23.35 -16.59 -67.58
CA ALA M 411 23.29 -17.79 -66.77
C ALA M 411 22.71 -17.45 -65.41
N GLY M 412 21.85 -18.31 -64.88
CA GLY M 412 21.27 -18.13 -63.57
C GLY M 412 21.99 -18.92 -62.49
N GLY M 413 21.27 -19.22 -61.41
CA GLY M 413 21.84 -19.98 -60.32
C GLY M 413 22.93 -19.27 -59.57
N GLY M 414 22.97 -17.94 -59.64
CA GLY M 414 24.04 -17.16 -59.05
C GLY M 414 25.19 -16.87 -59.99
N ALA M 415 25.22 -17.50 -61.16
CA ALA M 415 26.32 -17.35 -62.10
C ALA M 415 26.55 -15.89 -62.49
N THR M 416 25.46 -15.18 -62.80
CA THR M 416 25.57 -13.76 -63.13
C THR M 416 26.08 -12.95 -61.94
N GLU M 417 25.54 -13.21 -60.75
CA GLU M 417 25.99 -12.49 -59.56
C GLU M 417 27.46 -12.76 -59.27
N MET M 418 27.93 -13.98 -59.54
CA MET M 418 29.33 -14.29 -59.29
C MET M 418 30.26 -13.48 -60.20
N GLU M 419 29.94 -13.37 -61.49
CA GLU M 419 30.80 -12.63 -62.39
C GLU M 419 30.84 -11.15 -62.04
N VAL M 420 29.69 -10.57 -61.68
CA VAL M 420 29.66 -9.17 -61.27
C VAL M 420 30.47 -8.97 -60.00
N SER M 421 30.26 -9.84 -59.01
CA SER M 421 31.00 -9.71 -57.75
C SER M 421 32.50 -9.79 -57.97
N LYS M 422 32.95 -10.72 -58.81
CA LYS M 422 34.37 -10.84 -59.10
C LYS M 422 34.92 -9.58 -59.75
N CYS M 423 34.24 -9.07 -60.78
CA CYS M 423 34.70 -7.88 -61.47
C CYS M 423 34.71 -6.67 -60.54
N LEU M 424 33.80 -6.63 -59.57
CA LEU M 424 33.83 -5.55 -58.58
C LEU M 424 35.00 -5.68 -57.62
N ARG M 425 35.29 -6.91 -57.16
CA ARG M 425 36.43 -7.11 -56.26
C ARG M 425 37.73 -6.69 -56.93
N ASP M 426 37.85 -6.93 -58.24
CA ASP M 426 39.04 -6.50 -58.96
C ASP M 426 39.03 -5.00 -59.21
N TYR M 427 37.87 -4.45 -59.58
CA TYR M 427 37.78 -3.01 -59.82
C TYR M 427 38.24 -2.23 -58.59
N SER M 428 37.78 -2.63 -57.41
CA SER M 428 38.05 -1.84 -56.21
C SER M 428 39.54 -1.75 -55.91
N LYS M 429 40.35 -2.63 -56.51
CA LYS M 429 41.78 -2.63 -56.23
C LYS M 429 42.43 -1.33 -56.67
N THR M 430 41.77 -0.59 -57.56
CA THR M 430 42.34 0.66 -58.06
C THR M 430 41.67 1.89 -57.46
N ILE M 431 40.80 1.70 -56.47
CA ILE M 431 40.01 2.78 -55.88
C ILE M 431 40.55 3.01 -54.48
N ALA M 432 40.76 4.28 -54.13
CA ALA M 432 41.14 4.65 -52.77
C ALA M 432 40.10 5.57 -52.16
N GLY M 433 40.01 5.55 -50.84
CA GLY M 433 39.06 6.37 -50.10
C GLY M 433 37.81 5.60 -49.75
N LYS M 434 36.80 6.35 -49.29
CA LYS M 434 35.56 5.74 -48.83
C LYS M 434 34.92 4.86 -49.91
N GLN M 435 35.10 5.23 -51.18
CA GLN M 435 34.48 4.48 -52.27
C GLN M 435 34.95 3.04 -52.30
N GLN M 436 36.19 2.77 -51.89
CA GLN M 436 36.71 1.41 -51.93
C GLN M 436 35.90 0.48 -51.03
N MET M 437 35.59 0.94 -49.81
CA MET M 437 34.86 0.10 -48.88
C MET M 437 33.44 -0.17 -49.37
N ILE M 438 32.82 0.81 -50.00
CA ILE M 438 31.43 0.66 -50.42
C ILE M 438 31.33 -0.25 -51.65
N ILE M 439 32.28 -0.12 -52.58
CA ILE M 439 32.30 -1.02 -53.73
C ILE M 439 32.46 -2.47 -53.29
N ASN M 440 33.39 -2.72 -52.36
CA ASN M 440 33.58 -4.07 -51.85
C ASN M 440 32.32 -4.57 -51.14
N ALA M 441 31.66 -3.70 -50.37
CA ALA M 441 30.42 -4.08 -49.71
C ALA M 441 29.37 -4.50 -50.73
N PHE M 442 29.26 -3.76 -51.84
CA PHE M 442 28.35 -4.16 -52.91
C PHE M 442 28.72 -5.53 -53.45
N ALA M 443 30.00 -5.76 -53.73
CA ALA M 443 30.44 -7.05 -54.24
C ALA M 443 30.08 -8.17 -53.27
N LYS M 444 30.15 -7.89 -51.96
CA LYS M 444 29.79 -8.90 -50.97
C LYS M 444 28.28 -9.11 -50.92
N ALA M 445 27.52 -8.01 -50.93
CA ALA M 445 26.07 -8.12 -50.82
C ALA M 445 25.48 -8.97 -51.95
N LEU M 446 26.08 -8.90 -53.14
CA LEU M 446 25.59 -9.69 -54.27
C LEU M 446 25.62 -11.18 -53.97
N GLU M 447 26.50 -11.63 -53.07
CA GLU M 447 26.60 -13.05 -52.75
C GLU M 447 25.40 -13.56 -51.95
N VAL M 448 24.53 -12.66 -51.49
CA VAL M 448 23.36 -13.10 -50.73
C VAL M 448 22.50 -14.03 -51.58
N ILE M 449 22.53 -13.88 -52.90
CA ILE M 449 21.71 -14.70 -53.80
C ILE M 449 22.23 -16.14 -53.83
N PRO M 450 23.47 -16.40 -54.29
CA PRO M 450 23.94 -17.80 -54.25
C PRO M 450 23.99 -18.38 -52.85
N ARG M 451 24.12 -17.52 -51.83
CA ARG M 451 24.12 -17.97 -50.45
C ARG M 451 22.75 -18.53 -50.06
N GLN M 452 21.70 -17.70 -50.20
CA GLN M 452 20.35 -18.12 -49.84
C GLN M 452 19.84 -19.24 -50.75
N LEU M 453 20.24 -19.26 -52.01
CA LEU M 453 19.90 -20.38 -52.88
C LEU M 453 20.41 -21.70 -52.32
N CYS M 454 21.64 -21.71 -51.79
CA CYS M 454 22.19 -22.89 -51.16
C CYS M 454 21.51 -23.20 -49.82
N GLU M 455 21.38 -22.20 -48.95
CA GLU M 455 20.89 -22.46 -47.60
C GLU M 455 19.46 -22.97 -47.62
N ASN M 456 18.59 -22.34 -48.41
CA ASN M 456 17.19 -22.75 -48.47
C ASN M 456 17.06 -24.15 -49.06
N ALA M 457 18.02 -24.55 -49.89
CA ALA M 457 17.97 -25.88 -50.50
C ALA M 457 18.53 -26.97 -49.59
N GLY M 458 19.05 -26.61 -48.42
CA GLY M 458 19.69 -27.55 -47.53
C GLY M 458 21.13 -27.85 -47.86
N PHE M 459 21.77 -27.04 -48.69
CA PHE M 459 23.15 -27.32 -49.09
C PHE M 459 24.13 -26.71 -48.09
N ASP M 460 25.37 -27.17 -48.15
CA ASP M 460 26.43 -26.54 -47.39
C ASP M 460 26.87 -25.25 -48.07
N ALA M 461 26.22 -24.13 -47.71
CA ALA M 461 26.45 -22.89 -48.43
C ALA M 461 27.90 -22.45 -48.36
N ILE M 462 28.57 -22.73 -47.23
CA ILE M 462 29.96 -22.32 -47.08
C ILE M 462 30.84 -23.04 -48.10
N GLU M 463 30.67 -24.36 -48.22
CA GLU M 463 31.45 -25.12 -49.20
C GLU M 463 31.15 -24.67 -50.63
N ILE M 464 29.85 -24.54 -50.96
CA ILE M 464 29.47 -24.21 -52.33
C ILE M 464 29.94 -22.81 -52.70
N LEU M 465 29.78 -21.85 -51.80
CA LEU M 465 30.24 -20.49 -52.08
C LEU M 465 31.75 -20.46 -52.27
N ASN M 466 32.48 -21.23 -51.47
CA ASN M 466 33.93 -21.31 -51.66
C ASN M 466 34.28 -21.92 -53.01
N LYS M 467 33.58 -22.99 -53.40
CA LYS M 467 33.84 -23.60 -54.69
C LYS M 467 33.49 -22.66 -55.84
N LEU M 468 32.39 -21.90 -55.69
CA LEU M 468 32.01 -20.97 -56.73
C LEU M 468 33.05 -19.88 -56.90
N ARG M 469 33.53 -19.31 -55.79
CA ARG M 469 34.54 -18.26 -55.88
C ARG M 469 35.80 -18.77 -56.57
N LEU M 470 36.29 -19.94 -56.15
CA LEU M 470 37.56 -20.45 -56.64
C LEU M 470 37.44 -20.96 -58.07
N ALA M 471 36.39 -21.72 -58.35
CA ALA M 471 36.15 -22.24 -59.69
C ALA M 471 35.94 -21.11 -60.69
N HIS M 472 35.20 -20.06 -60.29
CA HIS M 472 34.97 -18.92 -61.17
C HIS M 472 36.26 -18.24 -61.58
N SER M 473 37.23 -18.12 -60.68
CA SER M 473 38.48 -17.45 -60.96
C SER M 473 39.27 -18.13 -62.08
N LYS M 474 38.87 -19.33 -62.48
CA LYS M 474 39.54 -20.07 -63.55
C LYS M 474 39.08 -19.63 -64.94
N GLY M 475 38.10 -18.74 -65.03
CA GLY M 475 37.65 -18.24 -66.31
C GLY M 475 36.32 -18.80 -66.79
N GLU M 476 35.73 -19.72 -66.03
CA GLU M 476 34.44 -20.28 -66.41
C GLU M 476 33.32 -19.47 -65.76
N LYS M 477 32.76 -18.53 -66.54
CA LYS M 477 31.91 -17.47 -66.02
C LYS M 477 30.47 -17.91 -65.79
N TRP M 478 30.15 -19.16 -66.12
CA TRP M 478 28.79 -19.69 -65.94
C TRP M 478 28.66 -20.68 -64.80
N TYR M 479 29.66 -20.82 -63.92
CA TYR M 479 29.51 -21.64 -62.73
C TYR M 479 28.40 -21.08 -61.86
N GLY M 480 27.59 -21.99 -61.30
CA GLY M 480 26.54 -21.63 -60.36
C GLY M 480 26.10 -22.79 -59.50
N VAL M 481 25.01 -22.61 -58.76
CA VAL M 481 24.52 -23.60 -57.80
C VAL M 481 23.76 -24.66 -58.60
N VAL M 482 24.12 -25.92 -58.39
CA VAL M 482 23.42 -27.06 -58.99
C VAL M 482 22.43 -27.59 -57.96
N PHE M 483 21.16 -27.74 -58.37
CA PHE M 483 20.14 -28.21 -57.44
C PHE M 483 19.79 -29.67 -57.66
N GLU M 484 20.34 -30.29 -58.71
CA GLU M 484 20.11 -31.71 -58.94
C GLU M 484 20.92 -32.56 -57.97
N THR M 485 22.24 -32.41 -57.99
CA THR M 485 23.11 -32.94 -56.95
C THR M 485 23.97 -31.80 -56.42
N GLU M 486 24.00 -31.65 -55.10
CA GLU M 486 24.74 -30.56 -54.49
C GLU M 486 26.16 -30.49 -55.02
N ASN M 487 26.45 -29.46 -55.81
CA ASN M 487 27.74 -29.22 -56.46
C ASN M 487 27.66 -27.87 -57.16
N ILE M 488 28.72 -27.53 -57.89
CA ILE M 488 28.66 -26.41 -58.81
C ILE M 488 28.87 -26.90 -60.24
N GLY M 489 28.30 -26.17 -61.19
CA GLY M 489 28.44 -26.55 -62.58
C GLY M 489 28.04 -25.43 -63.51
N ASP M 490 28.11 -25.72 -64.80
CA ASP M 490 27.84 -24.74 -65.85
C ASP M 490 26.33 -24.62 -66.04
N ASN M 491 25.72 -23.63 -65.38
CA ASN M 491 24.27 -23.51 -65.41
C ASN M 491 23.77 -22.99 -66.74
N PHE M 492 24.66 -22.52 -67.62
CA PHE M 492 24.25 -22.18 -68.98
C PHE M 492 24.05 -23.42 -69.81
N ALA M 493 25.03 -24.33 -69.81
CA ALA M 493 24.87 -25.59 -70.53
C ALA M 493 23.69 -26.40 -69.99
N LYS M 494 23.40 -26.28 -68.69
CA LYS M 494 22.29 -27.00 -68.09
C LYS M 494 20.96 -26.29 -68.28
N PHE M 495 20.93 -25.18 -69.01
CA PHE M 495 19.70 -24.46 -69.34
C PHE M 495 19.05 -23.82 -68.11
N VAL M 496 19.86 -23.39 -67.15
CA VAL M 496 19.34 -22.63 -66.00
C VAL M 496 19.75 -21.19 -66.24
N TRP M 497 18.80 -20.42 -66.78
CA TRP M 497 19.07 -19.07 -67.27
C TRP M 497 17.94 -18.13 -66.89
N GLU M 498 18.25 -16.83 -66.88
CA GLU M 498 17.29 -15.78 -66.63
C GLU M 498 17.53 -14.67 -67.65
N PRO M 499 16.49 -13.96 -68.07
CA PRO M 499 16.70 -12.87 -69.03
C PRO M 499 17.67 -11.83 -68.48
N ALA M 500 18.49 -11.29 -69.39
CA ALA M 500 19.41 -10.21 -69.00
C ALA M 500 18.66 -9.01 -68.44
N LEU M 501 17.48 -8.70 -68.98
CA LEU M 501 16.74 -7.54 -68.49
C LEU M 501 16.28 -7.72 -67.05
N VAL M 502 15.98 -8.96 -66.65
CA VAL M 502 15.56 -9.21 -65.27
C VAL M 502 16.69 -8.92 -64.31
N LYS M 503 17.92 -9.32 -64.67
CA LYS M 503 19.06 -9.08 -63.80
C LYS M 503 19.41 -7.59 -63.74
N ILE M 504 19.35 -6.91 -64.88
CA ILE M 504 19.62 -5.47 -64.89
C ILE M 504 18.56 -4.71 -64.12
N ASN M 505 17.29 -5.01 -64.39
CA ASN M 505 16.20 -4.27 -63.73
C ASN M 505 16.09 -4.61 -62.26
N ALA M 506 16.23 -5.89 -61.90
CA ALA M 506 16.14 -6.28 -60.50
C ALA M 506 17.25 -5.61 -59.68
N LEU M 507 18.45 -5.52 -60.26
CA LEU M 507 19.55 -4.85 -59.57
C LEU M 507 19.30 -3.35 -59.44
N ASN M 508 18.87 -2.71 -60.52
CA ASN M 508 18.58 -1.28 -60.47
C ASN M 508 17.47 -0.98 -59.47
N SER M 509 16.44 -1.84 -59.44
CA SER M 509 15.36 -1.66 -58.47
C SER M 509 15.86 -1.83 -57.04
N ALA M 510 16.64 -2.88 -56.77
CA ALA M 510 17.23 -3.04 -55.45
C ALA M 510 18.10 -1.83 -55.09
N THR M 511 18.81 -1.28 -56.07
CA THR M 511 19.64 -0.11 -55.80
C THR M 511 18.78 1.10 -55.45
N GLU M 512 17.69 1.33 -56.19
CA GLU M 512 16.82 2.45 -55.90
C GLU M 512 16.27 2.36 -54.48
N ALA M 513 15.73 1.20 -54.10
CA ALA M 513 15.19 1.03 -52.76
C ALA M 513 16.26 1.29 -51.71
N THR M 514 17.47 0.79 -51.93
CA THR M 514 18.56 1.02 -50.99
C THR M 514 18.84 2.52 -50.84
N ASN M 515 18.98 3.23 -51.95
CA ASN M 515 19.35 4.64 -51.90
C ASN M 515 18.22 5.50 -51.35
N LEU M 516 16.97 5.20 -51.71
CA LEU M 516 15.87 6.04 -51.23
C LEU M 516 15.79 6.05 -49.72
N ILE M 517 15.97 4.89 -49.08
CA ILE M 517 15.79 4.80 -47.64
C ILE M 517 17.01 5.33 -46.90
N LEU M 518 18.21 4.99 -47.37
CA LEU M 518 19.43 5.54 -46.79
C LEU M 518 19.52 7.04 -46.93
N SER M 519 18.83 7.62 -47.92
CA SER M 519 18.82 9.07 -48.09
C SER M 519 17.97 9.78 -47.05
N VAL M 520 17.20 9.06 -46.24
CA VAL M 520 16.26 9.69 -45.31
C VAL M 520 16.97 9.97 -44.00
N ASP M 521 16.88 11.21 -43.54
CA ASP M 521 17.34 11.60 -42.22
C ASP M 521 16.25 11.63 -41.16
N GLU M 522 14.99 11.82 -41.56
CA GLU M 522 13.92 12.13 -40.63
C GLU M 522 12.64 11.43 -41.07
N THR M 523 11.84 11.00 -40.09
CA THR M 523 10.48 10.52 -40.32
C THR M 523 9.54 11.40 -39.52
N ILE M 524 8.47 11.86 -40.17
CA ILE M 524 7.40 12.62 -39.52
C ILE M 524 6.10 11.86 -39.78
N THR M 525 5.31 11.66 -38.73
CA THR M 525 4.04 10.96 -38.82
C THR M 525 2.92 11.88 -38.41
N ASN M 526 2.12 12.32 -39.37
CA ASN M 526 1.01 13.23 -39.10
C ASN M 526 -0.11 12.49 -38.37
N LYS M 527 -0.55 13.05 -37.25
CA LYS M 527 -1.56 12.44 -36.42
C LYS M 527 -2.89 13.16 -36.58
N GLY M 528 -3.98 12.39 -36.45
CA GLY M 528 -5.32 12.95 -36.55
C GLY M 528 -6.37 11.91 -36.85
N ILE N 10 8.34 25.62 22.31
CA ILE N 10 9.45 24.68 22.43
C ILE N 10 9.39 23.98 23.78
N VAL N 11 8.50 24.46 24.66
CA VAL N 11 8.35 23.85 25.98
C VAL N 11 6.99 23.19 26.10
N VAL N 12 6.93 22.16 26.94
CA VAL N 12 5.67 21.51 27.30
C VAL N 12 5.52 21.51 28.80
N LEU N 13 4.35 21.08 29.30
CA LEU N 13 4.10 21.07 30.73
C LEU N 13 4.21 19.68 31.36
N LYS N 14 4.13 18.59 30.56
CA LYS N 14 3.93 17.27 31.13
C LYS N 14 5.15 16.36 31.00
N GLU N 15 5.61 16.11 29.77
CA GLU N 15 6.65 15.12 29.46
C GLU N 15 6.34 13.77 30.12
N GLY N 16 5.10 13.31 29.96
CA GLY N 16 4.68 12.04 30.52
C GLY N 16 4.13 12.13 31.92
N THR N 17 3.73 13.34 32.35
CA THR N 17 3.14 13.57 33.67
C THR N 17 1.63 13.68 33.47
N ASP N 18 0.88 12.84 34.17
CA ASP N 18 -0.56 12.77 33.98
C ASP N 18 -1.29 13.49 35.10
N ALA N 19 -2.35 14.20 34.75
CA ALA N 19 -3.28 14.76 35.73
C ALA N 19 -4.64 14.91 35.08
N SER N 20 -5.70 14.55 35.81
CA SER N 20 -7.07 14.65 35.32
C SER N 20 -7.95 15.23 36.40
N GLN N 21 -8.67 16.30 36.05
CA GLN N 21 -9.44 17.06 37.03
C GLN N 21 -10.84 17.31 36.48
N GLY N 22 -11.78 17.50 37.38
CA GLY N 22 -13.14 17.88 37.03
C GLY N 22 -14.15 16.88 37.55
N LYS N 23 -15.42 17.28 37.46
CA LYS N 23 -16.50 16.41 37.91
C LYS N 23 -16.42 15.04 37.24
N GLY N 24 -16.02 14.99 35.97
CA GLY N 24 -15.90 13.71 35.29
C GLY N 24 -14.98 12.75 36.02
N GLN N 25 -13.96 13.29 36.70
CA GLN N 25 -13.05 12.44 37.46
C GLN N 25 -13.73 11.84 38.68
N ILE N 26 -14.62 12.61 39.31
CA ILE N 26 -15.38 12.08 40.45
C ILE N 26 -16.26 10.92 40.00
N ILE N 27 -16.96 11.10 38.88
CA ILE N 27 -17.79 10.02 38.35
C ILE N 27 -16.94 8.83 37.94
N SER N 28 -15.78 9.08 37.31
CA SER N 28 -14.87 8.01 36.97
C SER N 28 -14.40 7.27 38.21
N ASN N 29 -14.10 8.00 39.28
CA ASN N 29 -13.72 7.37 40.54
C ASN N 29 -14.85 6.48 41.06
N ILE N 30 -16.09 6.95 40.95
CA ILE N 30 -17.23 6.16 41.41
C ILE N 30 -17.32 4.86 40.63
N ASN N 31 -17.22 4.96 39.29
CA ASN N 31 -17.36 3.78 38.46
C ASN N 31 -16.33 2.71 38.82
N ALA N 32 -15.07 3.11 38.99
CA ALA N 32 -14.04 2.17 39.40
C ALA N 32 -14.36 1.57 40.76
N CYS N 33 -14.88 2.40 41.68
CA CYS N 33 -15.19 1.91 43.02
C CYS N 33 -16.37 0.95 43.02
N VAL N 34 -17.35 1.18 42.14
CA VAL N 34 -18.47 0.25 42.01
C VAL N 34 -17.97 -1.11 41.55
N ALA N 35 -16.99 -1.12 40.65
CA ALA N 35 -16.44 -2.39 40.17
C ALA N 35 -15.98 -3.26 41.33
N VAL N 36 -15.36 -2.64 42.33
CA VAL N 36 -14.95 -3.39 43.52
C VAL N 36 -16.17 -3.96 44.23
N GLN N 37 -17.21 -3.14 44.40
CA GLN N 37 -18.44 -3.61 45.01
C GLN N 37 -18.99 -4.82 44.27
N GLU N 38 -19.00 -4.76 42.93
CA GLU N 38 -19.54 -5.86 42.13
C GLU N 38 -18.76 -7.14 42.34
N ALA N 39 -17.44 -7.05 42.55
CA ALA N 39 -16.64 -8.23 42.86
C ALA N 39 -17.08 -8.86 44.17
N LEU N 40 -17.47 -8.03 45.15
CA LEU N 40 -17.75 -8.51 46.50
C LEU N 40 -19.23 -8.73 46.77
N LYS N 41 -20.12 -8.15 45.96
CA LYS N 41 -21.55 -8.20 46.27
C LYS N 41 -22.10 -9.63 46.40
N PRO N 42 -21.59 -10.64 45.69
CA PRO N 42 -22.14 -11.99 45.87
C PRO N 42 -21.70 -12.67 47.15
N THR N 43 -20.78 -12.08 47.93
CA THR N 43 -20.27 -12.69 49.14
C THR N 43 -21.12 -12.39 50.36
N LEU N 44 -22.15 -11.56 50.24
CA LEU N 44 -22.96 -11.16 51.38
C LEU N 44 -23.95 -12.25 51.74
N GLY N 45 -24.02 -12.57 53.03
CA GLY N 45 -25.03 -13.46 53.54
C GLY N 45 -24.50 -14.85 53.80
N PRO N 46 -25.22 -15.63 54.61
CA PRO N 46 -24.78 -17.00 54.90
C PRO N 46 -24.78 -17.90 53.69
N LEU N 47 -25.52 -17.55 52.64
CA LEU N 47 -25.53 -18.27 51.38
C LEU N 47 -24.69 -17.58 50.31
N GLY N 48 -23.77 -16.71 50.72
CA GLY N 48 -22.95 -16.00 49.76
C GLY N 48 -22.09 -16.93 48.93
N SER N 49 -21.83 -16.51 47.69
CA SER N 49 -21.10 -17.31 46.73
C SER N 49 -19.59 -17.14 46.91
N ASP N 50 -18.85 -18.19 46.55
CA ASP N 50 -17.40 -18.20 46.63
C ASP N 50 -16.80 -17.64 45.35
N ILE N 51 -15.61 -17.06 45.48
CA ILE N 51 -14.89 -16.47 44.35
C ILE N 51 -13.56 -17.19 44.20
N LEU N 52 -13.17 -17.47 42.96
CA LEU N 52 -11.93 -18.15 42.63
C LEU N 52 -10.91 -17.07 42.23
N ILE N 53 -9.84 -16.97 43.00
CA ILE N 53 -8.74 -16.05 42.72
C ILE N 53 -7.46 -16.85 42.47
N VAL N 54 -6.83 -16.56 41.34
CA VAL N 54 -5.52 -17.14 41.00
C VAL N 54 -4.48 -16.08 41.33
N THR N 55 -3.57 -16.39 42.25
CA THR N 55 -2.56 -15.44 42.66
C THR N 55 -1.28 -15.62 41.83
N SER N 56 -0.39 -14.63 41.93
CA SER N 56 0.87 -14.69 41.20
C SER N 56 1.73 -15.88 41.60
N ASN N 57 1.48 -16.45 42.79
CA ASN N 57 2.21 -17.60 43.28
C ASN N 57 1.70 -18.91 42.70
N GLN N 58 0.75 -18.86 41.76
CA GLN N 58 0.13 -19.99 41.07
C GLN N 58 -0.72 -20.85 42.00
N LYS N 59 -1.02 -20.37 43.21
CA LYS N 59 -2.00 -21.02 44.08
C LYS N 59 -3.36 -20.39 43.85
N THR N 60 -4.41 -21.19 43.97
CA THR N 60 -5.79 -20.72 43.84
C THR N 60 -6.43 -20.61 45.22
N THR N 61 -7.11 -19.48 45.45
CA THR N 61 -7.85 -19.27 46.68
C THR N 61 -9.35 -19.29 46.39
N ILE N 62 -10.07 -20.06 47.20
CA ILE N 62 -11.53 -20.15 47.13
C ILE N 62 -12.09 -19.71 48.47
N SER N 63 -12.93 -18.68 48.46
CA SER N 63 -13.53 -18.16 49.68
C SER N 63 -14.69 -17.26 49.31
N ASN N 64 -15.72 -17.24 50.17
CA ASN N 64 -16.68 -16.15 50.19
C ASN N 64 -16.44 -15.12 51.29
N ASP N 65 -15.26 -15.09 51.90
CA ASP N 65 -14.94 -14.10 52.92
C ASP N 65 -14.52 -12.80 52.24
N GLY N 66 -15.30 -11.74 52.46
CA GLY N 66 -15.01 -10.47 51.80
C GLY N 66 -13.63 -9.93 52.10
N ALA N 67 -13.15 -10.11 53.33
CA ALA N 67 -11.82 -9.64 53.71
C ALA N 67 -10.74 -10.39 52.93
N THR N 68 -10.85 -11.72 52.86
CA THR N 68 -9.91 -12.50 52.07
C THR N 68 -9.92 -12.08 50.60
N ILE N 69 -11.11 -11.89 50.02
CA ILE N 69 -11.21 -11.61 48.59
C ILE N 69 -10.60 -10.26 48.26
N LEU N 70 -11.02 -9.21 48.98
CA LEU N 70 -10.55 -7.87 48.70
C LEU N 70 -9.06 -7.69 48.99
N LYS N 71 -8.54 -8.32 50.04
CA LYS N 71 -7.10 -8.26 50.29
C LYS N 71 -6.30 -8.86 49.15
N LEU N 72 -6.79 -9.94 48.54
CA LEU N 72 -6.16 -10.54 47.38
C LEU N 72 -6.45 -9.79 46.08
N LEU N 73 -7.61 -9.14 45.97
CA LEU N 73 -7.93 -8.40 44.75
C LEU N 73 -6.92 -7.29 44.50
N ASP N 74 -6.66 -6.47 45.52
CA ASP N 74 -5.68 -5.37 45.45
C ASP N 74 -5.94 -4.51 44.21
N VAL N 75 -7.15 -3.95 44.14
CA VAL N 75 -7.52 -3.08 43.02
C VAL N 75 -6.47 -2.00 42.87
N VAL N 76 -6.07 -1.75 41.61
CA VAL N 76 -4.96 -0.84 41.35
C VAL N 76 -5.43 0.62 41.31
N HIS N 77 -6.68 0.84 40.88
CA HIS N 77 -7.15 2.19 40.61
C HIS N 77 -6.93 3.08 41.82
N PRO N 78 -6.32 4.26 41.66
CA PRO N 78 -5.93 5.07 42.83
C PRO N 78 -7.09 5.40 43.75
N ALA N 79 -8.31 5.47 43.20
CA ALA N 79 -9.46 5.84 44.01
C ALA N 79 -10.09 4.62 44.66
N ALA N 80 -10.25 3.54 43.90
CA ALA N 80 -10.85 2.33 44.44
C ALA N 80 -10.05 1.76 45.60
N LYS N 81 -8.73 2.01 45.63
CA LYS N 81 -7.91 1.51 46.74
C LYS N 81 -8.40 2.04 48.08
N THR N 82 -9.16 3.14 48.07
CA THR N 82 -9.79 3.62 49.29
C THR N 82 -10.73 2.58 49.89
N LEU N 83 -11.47 1.85 49.04
CA LEU N 83 -12.31 0.78 49.54
C LEU N 83 -11.49 -0.34 50.17
N VAL N 84 -10.30 -0.60 49.63
CA VAL N 84 -9.42 -1.60 50.25
C VAL N 84 -8.98 -1.13 51.63
N ASP N 85 -8.55 0.12 51.74
CA ASP N 85 -8.05 0.63 53.01
C ASP N 85 -9.13 0.59 54.08
N ILE N 86 -10.31 1.14 53.78
CA ILE N 86 -11.38 1.19 54.76
C ILE N 86 -11.86 -0.20 55.15
N SER N 87 -11.84 -1.16 54.21
CA SER N 87 -12.17 -2.53 54.55
C SER N 87 -11.15 -3.12 55.53
N ARG N 88 -9.86 -2.80 55.33
CA ARG N 88 -8.84 -3.25 56.27
C ARG N 88 -9.04 -2.61 57.64
N ALA N 89 -9.47 -1.34 57.65
CA ALA N 89 -9.81 -0.71 58.93
C ALA N 89 -10.95 -1.44 59.62
N GLN N 90 -11.99 -1.82 58.87
CA GLN N 90 -13.06 -2.61 59.44
C GLN N 90 -12.54 -3.94 59.98
N ASP N 91 -11.67 -4.61 59.22
CA ASP N 91 -11.09 -5.88 59.63
C ASP N 91 -10.25 -5.75 60.91
N ALA N 92 -9.61 -4.61 61.12
CA ALA N 92 -8.79 -4.39 62.30
C ALA N 92 -9.63 -3.89 63.47
N GLU N 93 -10.56 -2.96 63.25
CA GLU N 93 -11.28 -2.34 64.35
C GLU N 93 -12.44 -3.21 64.83
N VAL N 94 -13.09 -3.94 63.93
CA VAL N 94 -14.28 -4.70 64.28
C VAL N 94 -13.99 -6.20 64.16
N GLY N 95 -13.42 -6.61 63.04
CA GLY N 95 -13.15 -8.01 62.76
C GLY N 95 -14.19 -8.68 61.89
N ASP N 96 -15.26 -7.96 61.52
CA ASP N 96 -16.29 -8.50 60.67
C ASP N 96 -17.01 -7.34 59.99
N GLY N 97 -17.88 -7.69 59.03
CA GLY N 97 -18.65 -6.70 58.33
C GLY N 97 -17.95 -6.09 57.12
N THR N 98 -16.77 -6.57 56.76
CA THR N 98 -16.00 -5.95 55.69
C THR N 98 -16.77 -5.96 54.37
N THR N 99 -17.56 -7.00 54.13
CA THR N 99 -18.39 -7.04 52.92
C THR N 99 -19.42 -5.91 52.94
N SER N 100 -20.08 -5.70 54.08
CA SER N 100 -21.15 -4.71 54.15
C SER N 100 -20.61 -3.28 54.11
N VAL N 101 -19.37 -3.07 54.53
CA VAL N 101 -18.81 -1.72 54.47
C VAL N 101 -18.63 -1.26 53.02
N THR N 102 -18.06 -2.13 52.18
CA THR N 102 -17.90 -1.81 50.76
C THR N 102 -19.24 -1.66 50.05
N ILE N 103 -20.20 -2.54 50.35
CA ILE N 103 -21.49 -2.48 49.68
C ILE N 103 -22.20 -1.18 50.01
N LEU N 104 -22.26 -0.82 51.29
CA LEU N 104 -22.90 0.44 51.68
C LEU N 104 -22.18 1.64 51.08
N ALA N 105 -20.85 1.62 51.10
CA ALA N 105 -20.10 2.71 50.48
C ALA N 105 -20.38 2.81 48.99
N GLY N 106 -20.48 1.67 48.31
CA GLY N 106 -20.77 1.66 46.89
C GLY N 106 -22.09 2.32 46.55
N GLU N 107 -23.16 1.91 47.23
CA GLU N 107 -24.48 2.42 46.89
C GLU N 107 -24.59 3.91 47.18
N LEU N 108 -23.94 4.38 48.25
CA LEU N 108 -23.93 5.81 48.54
C LEU N 108 -23.25 6.58 47.41
N MET N 109 -22.18 6.02 46.85
CA MET N 109 -21.51 6.67 45.73
C MET N 109 -22.33 6.57 44.46
N LYS N 110 -23.07 5.45 44.29
CA LYS N 110 -23.96 5.33 43.15
C LYS N 110 -25.00 6.44 43.15
N GLU N 111 -25.58 6.73 44.31
CA GLU N 111 -26.54 7.83 44.41
C GLU N 111 -25.89 9.20 44.27
N ALA N 112 -24.65 9.36 44.71
CA ALA N 112 -23.92 10.61 44.50
C ALA N 112 -23.79 10.96 43.02
N LYS N 113 -23.63 9.97 42.15
CA LYS N 113 -23.49 10.22 40.72
C LYS N 113 -24.63 11.04 40.13
N PRO N 114 -25.89 10.62 40.19
CA PRO N 114 -26.95 11.45 39.61
C PRO N 114 -27.10 12.80 40.30
N PHE N 115 -26.73 12.89 41.58
CA PHE N 115 -26.74 14.19 42.26
C PHE N 115 -25.69 15.12 41.66
N LEU N 116 -24.49 14.61 41.37
CA LEU N 116 -23.50 15.41 40.68
C LEU N 116 -23.97 15.83 39.30
N GLU N 117 -24.65 14.94 38.58
CA GLU N 117 -25.15 15.29 37.26
C GLU N 117 -26.17 16.41 37.33
N GLU N 118 -26.95 16.47 38.41
CA GLU N 118 -27.98 17.50 38.52
C GLU N 118 -27.41 18.82 39.03
N GLY N 119 -26.10 18.87 39.28
CA GLY N 119 -25.46 20.12 39.64
C GLY N 119 -25.31 20.32 41.13
N ILE N 120 -25.51 19.26 41.90
CA ILE N 120 -25.35 19.30 43.35
C ILE N 120 -23.87 19.06 43.67
N SER N 121 -23.27 20.01 44.39
CA SER N 121 -21.84 19.95 44.65
C SER N 121 -21.50 18.74 45.51
N SER N 122 -20.26 18.26 45.39
CA SER N 122 -19.80 17.17 46.23
C SER N 122 -19.82 17.52 47.71
N HIS N 123 -19.66 18.79 48.06
CA HIS N 123 -19.79 19.19 49.46
C HIS N 123 -21.21 18.95 49.96
N LEU N 124 -22.21 19.41 49.21
CA LEU N 124 -23.59 19.27 49.66
C LEU N 124 -23.98 17.81 49.81
N ILE N 125 -23.48 16.95 48.91
CA ILE N 125 -23.72 15.52 49.02
C ILE N 125 -23.07 14.97 50.28
N MET N 126 -21.81 15.30 50.50
CA MET N 126 -21.09 14.79 51.67
C MET N 126 -21.69 15.34 52.96
N LYS N 127 -22.05 16.62 52.96
CA LYS N 127 -22.64 17.21 54.17
C LYS N 127 -23.90 16.47 54.59
N GLY N 128 -24.79 16.20 53.64
CA GLY N 128 -26.00 15.45 53.96
C GLY N 128 -25.69 14.05 54.48
N TYR N 129 -24.69 13.40 53.89
CA TYR N 129 -24.31 12.07 54.37
C TYR N 129 -23.82 12.12 55.81
N ARG N 130 -23.00 13.12 56.14
CA ARG N 130 -22.50 13.24 57.51
C ARG N 130 -23.65 13.41 58.50
N LYS N 131 -24.63 14.25 58.16
CA LYS N 131 -25.81 14.38 59.00
C LYS N 131 -26.59 13.07 59.07
N ALA N 132 -26.77 12.41 57.91
CA ALA N 132 -27.56 11.19 57.89
C ALA N 132 -26.96 10.11 58.77
N VAL N 133 -25.62 10.00 58.77
CA VAL N 133 -24.97 9.01 59.62
C VAL N 133 -25.26 9.28 61.09
N SER N 134 -25.12 10.55 61.51
CA SER N 134 -25.42 10.90 62.89
C SER N 134 -26.83 10.51 63.27
N LEU N 135 -27.80 10.74 62.37
CA LEU N 135 -29.17 10.32 62.65
C LEU N 135 -29.27 8.80 62.74
N ALA N 136 -28.58 8.08 61.87
CA ALA N 136 -28.63 6.63 61.88
C ALA N 136 -27.99 6.07 63.15
N VAL N 137 -26.84 6.60 63.55
CA VAL N 137 -26.12 6.05 64.69
C VAL N 137 -26.96 6.17 65.96
N GLU N 138 -27.65 7.30 66.12
CA GLU N 138 -28.54 7.46 67.27
C GLU N 138 -29.60 6.38 67.30
N LYS N 139 -30.15 6.04 66.13
CA LYS N 139 -31.14 4.97 66.07
C LYS N 139 -30.52 3.62 66.38
N ILE N 140 -29.33 3.35 65.84
CA ILE N 140 -28.68 2.06 66.06
C ILE N 140 -28.42 1.84 67.55
N ASN N 141 -27.97 2.89 68.24
CA ASN N 141 -27.78 2.79 69.69
C ASN N 141 -29.10 2.55 70.40
N GLU N 142 -30.14 3.31 70.04
CA GLU N 142 -31.45 3.11 70.65
C GLU N 142 -31.95 1.69 70.44
N LEU N 143 -31.65 1.09 69.30
CA LEU N 143 -32.08 -0.26 68.97
C LEU N 143 -31.28 -1.33 69.70
N ALA N 144 -30.13 -0.98 70.27
CA ALA N 144 -29.19 -1.98 70.80
C ALA N 144 -29.79 -2.56 72.07
N VAL N 145 -29.52 -3.85 72.29
CA VAL N 145 -30.02 -4.57 73.45
C VAL N 145 -28.84 -4.99 74.32
N ASP N 146 -28.94 -4.73 75.63
CA ASP N 146 -27.93 -5.20 76.56
C ASP N 146 -28.41 -6.50 77.19
N ILE N 147 -27.92 -7.63 76.65
CA ILE N 147 -28.43 -8.94 77.03
C ILE N 147 -27.28 -9.95 77.09
N THR N 148 -27.29 -10.79 78.12
CA THR N 148 -26.32 -11.87 78.25
C THR N 148 -26.98 -13.23 78.34
N SER N 149 -27.30 -13.70 79.56
CA SER N 149 -27.89 -15.01 79.78
C SER N 149 -29.35 -14.90 80.20
N GLU N 150 -29.99 -13.77 79.90
CA GLU N 150 -31.38 -13.55 80.30
C GLU N 150 -32.26 -14.68 79.77
N LYS N 151 -32.98 -15.30 80.71
CA LYS N 151 -33.88 -16.42 80.43
C LYS N 151 -33.17 -17.55 79.69
N SER N 152 -31.87 -17.70 79.97
CA SER N 152 -31.06 -18.73 79.37
C SER N 152 -29.83 -18.97 80.24
N SER N 153 -28.82 -19.61 79.66
CA SER N 153 -27.54 -19.81 80.33
C SER N 153 -26.43 -19.52 79.34
N GLY N 154 -25.18 -19.73 79.79
CA GLY N 154 -24.04 -19.41 78.94
C GLY N 154 -23.96 -20.28 77.70
N ARG N 155 -23.78 -21.59 77.90
CA ARG N 155 -23.71 -22.53 76.78
C ARG N 155 -24.98 -22.53 75.93
N GLU N 156 -26.14 -22.27 76.54
CA GLU N 156 -27.40 -22.25 75.80
C GLU N 156 -27.41 -21.18 74.72
N LEU N 157 -26.98 -19.95 75.04
CA LEU N 157 -26.85 -18.92 74.02
C LEU N 157 -25.80 -19.30 72.97
N LEU N 158 -24.62 -19.72 73.41
CA LEU N 158 -23.53 -19.96 72.46
C LEU N 158 -23.84 -21.13 71.56
N GLU N 159 -24.55 -22.14 72.08
CA GLU N 159 -25.02 -23.24 71.24
C GLU N 159 -25.95 -22.74 70.14
N ARG N 160 -26.95 -21.93 70.51
CA ARG N 160 -27.85 -21.35 69.52
C ARG N 160 -27.11 -20.50 68.51
N CYS N 161 -26.10 -19.75 68.95
CA CYS N 161 -25.34 -18.88 68.05
C CYS N 161 -24.60 -19.67 66.97
N ALA N 162 -23.81 -20.68 67.36
CA ALA N 162 -23.14 -21.51 66.37
C ALA N 162 -24.13 -22.31 65.53
N ARG N 163 -25.19 -22.84 66.16
CA ARG N 163 -26.17 -23.61 65.42
C ARG N 163 -26.79 -22.79 64.29
N THR N 164 -27.08 -21.51 64.57
CA THR N 164 -27.60 -20.62 63.54
C THR N 164 -26.58 -20.44 62.41
N ALA N 165 -25.31 -20.21 62.76
CA ALA N 165 -24.29 -19.97 61.74
C ALA N 165 -24.18 -21.15 60.79
N MET N 166 -24.38 -22.37 61.30
CA MET N 166 -24.19 -23.58 60.50
C MET N 166 -25.43 -23.97 59.72
N SER N 167 -26.50 -23.19 59.81
CA SER N 167 -27.76 -23.54 59.16
C SER N 167 -27.58 -23.59 57.65
N SER N 168 -28.19 -24.59 57.03
CA SER N 168 -28.20 -24.76 55.57
C SER N 168 -26.80 -24.94 55.00
N LYS N 169 -25.94 -25.62 55.76
CA LYS N 169 -24.60 -25.98 55.32
C LYS N 169 -24.51 -27.49 55.16
N LEU N 170 -23.38 -27.95 54.61
CA LEU N 170 -23.17 -29.39 54.46
C LEU N 170 -23.22 -30.11 55.81
N ILE N 171 -23.01 -29.37 56.90
CA ILE N 171 -23.01 -29.95 58.24
C ILE N 171 -24.29 -29.56 58.98
N HIS N 172 -25.32 -29.18 58.23
CA HIS N 172 -26.62 -28.85 58.83
C HIS N 172 -27.14 -29.98 59.70
N ASN N 173 -27.28 -31.18 59.13
CA ASN N 173 -27.75 -32.33 59.91
C ASN N 173 -26.76 -32.75 60.98
N ASN N 174 -25.49 -32.41 60.84
CA ASN N 174 -24.43 -32.80 61.77
C ASN N 174 -24.08 -31.64 62.70
N ALA N 175 -24.95 -30.63 62.74
CA ALA N 175 -24.71 -29.48 63.62
C ALA N 175 -24.56 -29.91 65.09
N ASP N 176 -25.28 -30.95 65.49
CA ASP N 176 -25.20 -31.40 66.87
C ASP N 176 -23.78 -31.75 67.27
N PHE N 177 -22.94 -32.09 66.29
CA PHE N 177 -21.55 -32.46 66.58
C PHE N 177 -20.63 -31.24 66.50
N PHE N 178 -20.75 -30.45 65.43
CA PHE N 178 -19.83 -29.34 65.22
C PHE N 178 -20.15 -28.14 66.11
N VAL N 179 -21.43 -27.93 66.43
CA VAL N 179 -21.79 -26.81 67.30
C VAL N 179 -21.08 -26.94 68.64
N LYS N 180 -21.05 -28.15 69.21
CA LYS N 180 -20.32 -28.36 70.45
C LYS N 180 -18.85 -28.00 70.29
N MET N 181 -18.23 -28.41 69.20
CA MET N 181 -16.82 -28.08 68.98
C MET N 181 -16.59 -26.58 69.05
N CYS N 182 -17.47 -25.79 68.42
CA CYS N 182 -17.26 -24.35 68.37
C CYS N 182 -17.46 -23.73 69.75
N VAL N 183 -18.51 -24.16 70.46
CA VAL N 183 -18.78 -23.61 71.79
C VAL N 183 -17.65 -23.96 72.74
N ASP N 184 -17.20 -25.21 72.72
CA ASP N 184 -16.06 -25.62 73.55
C ASP N 184 -14.80 -24.86 73.14
N ALA N 185 -14.58 -24.66 71.85
CA ALA N 185 -13.35 -24.00 71.40
C ALA N 185 -13.21 -22.60 71.97
N VAL N 186 -14.26 -21.78 71.91
CA VAL N 186 -14.20 -20.44 72.48
C VAL N 186 -14.14 -20.44 74.00
N LEU N 187 -14.92 -21.29 74.66
CA LEU N 187 -14.91 -21.35 76.11
C LEU N 187 -13.62 -21.92 76.67
N SER N 188 -12.82 -22.58 75.83
CA SER N 188 -11.53 -23.10 76.28
C SER N 188 -10.47 -22.00 76.35
N LEU N 189 -10.80 -20.81 75.85
CA LEU N 189 -9.87 -19.70 75.79
C LEU N 189 -9.97 -18.86 77.07
N ASP N 190 -9.00 -17.96 77.23
CA ASP N 190 -9.06 -16.93 78.27
C ASP N 190 -10.37 -16.15 78.15
N ARG N 191 -11.06 -15.97 79.28
CA ARG N 191 -12.38 -15.36 79.25
C ARG N 191 -12.33 -13.84 79.21
N ASN N 192 -11.16 -13.24 79.38
CA ASN N 192 -11.00 -11.79 79.30
C ASN N 192 -10.61 -11.32 77.91
N ASP N 193 -9.83 -12.11 77.17
CA ASP N 193 -9.40 -11.73 75.83
C ASP N 193 -9.54 -12.93 74.90
N LEU N 194 -10.61 -12.97 74.11
CA LEU N 194 -10.88 -14.09 73.23
C LEU N 194 -10.23 -13.82 71.88
N ASP N 195 -9.24 -14.63 71.53
CA ASP N 195 -8.46 -14.43 70.32
C ASP N 195 -8.64 -15.63 69.40
N ASP N 196 -9.22 -15.40 68.23
CA ASP N 196 -9.48 -16.51 67.30
C ASP N 196 -8.20 -17.24 66.92
N LYS N 197 -7.06 -16.54 66.98
CA LYS N 197 -5.78 -17.17 66.68
C LYS N 197 -5.44 -18.31 67.62
N LEU N 198 -6.09 -18.39 68.78
CA LEU N 198 -5.83 -19.48 69.72
C LEU N 198 -6.59 -20.75 69.41
N ILE N 199 -7.44 -20.73 68.37
CA ILE N 199 -8.20 -21.92 68.00
C ILE N 199 -7.65 -22.43 66.67
N GLY N 200 -6.95 -23.56 66.72
CA GLY N 200 -6.37 -24.12 65.50
C GLY N 200 -7.31 -25.11 64.84
N ILE N 201 -7.25 -25.15 63.51
CA ILE N 201 -8.06 -26.06 62.70
C ILE N 201 -7.14 -26.84 61.77
N LYS N 202 -7.26 -28.16 61.80
CA LYS N 202 -6.43 -29.04 60.98
C LYS N 202 -7.32 -29.94 60.14
N LYS N 203 -6.89 -30.18 58.91
CA LYS N 203 -7.63 -31.00 57.96
C LYS N 203 -7.02 -32.39 57.90
N ILE N 204 -7.84 -33.40 58.19
CA ILE N 204 -7.46 -34.81 58.06
C ILE N 204 -8.45 -35.48 57.13
N PRO N 205 -8.01 -36.01 55.99
CA PRO N 205 -8.95 -36.65 55.05
C PRO N 205 -9.47 -37.98 55.60
N GLY N 206 -10.67 -38.34 55.19
CA GLY N 206 -11.23 -39.64 55.52
C GLY N 206 -12.24 -39.57 56.66
N GLY N 207 -13.11 -40.55 56.68
CA GLY N 207 -14.14 -40.64 57.69
C GLY N 207 -15.35 -39.76 57.39
N ALA N 208 -16.34 -39.84 58.28
CA ALA N 208 -17.51 -38.99 58.17
C ALA N 208 -17.30 -37.70 58.97
N MET N 209 -18.00 -36.64 58.54
CA MET N 209 -17.90 -35.33 59.17
C MET N 209 -18.27 -35.34 60.65
N GLU N 210 -19.27 -36.12 61.05
CA GLU N 210 -19.70 -36.17 62.45
C GLU N 210 -18.67 -36.82 63.36
N GLU N 211 -17.62 -37.42 62.80
CA GLU N 211 -16.58 -38.07 63.58
C GLU N 211 -15.43 -37.11 63.94
N SER N 212 -15.60 -35.82 63.65
CA SER N 212 -14.57 -34.85 63.99
C SER N 212 -14.31 -34.82 65.48
N LEU N 213 -13.09 -34.41 65.85
CA LEU N 213 -12.61 -34.52 67.22
C LEU N 213 -12.20 -33.16 67.74
N PHE N 214 -12.42 -32.95 69.03
CA PHE N 214 -11.96 -31.76 69.74
C PHE N 214 -10.78 -32.15 70.60
N ILE N 215 -9.68 -31.40 70.48
CA ILE N 215 -8.47 -31.67 71.24
C ILE N 215 -8.08 -30.41 72.01
N ASN N 216 -7.68 -30.59 73.27
CA ASN N 216 -7.26 -29.44 74.07
C ASN N 216 -5.83 -29.03 73.78
N GLY N 217 -4.99 -29.98 73.36
CA GLY N 217 -3.61 -29.69 73.03
C GLY N 217 -3.35 -29.57 71.54
N VAL N 218 -2.20 -30.03 71.09
CA VAL N 218 -1.73 -29.86 69.72
C VAL N 218 -1.55 -31.24 69.08
N ALA N 219 -2.06 -31.40 67.87
CA ALA N 219 -1.89 -32.62 67.11
C ALA N 219 -0.72 -32.50 66.15
N PHE N 220 -0.18 -33.65 65.75
CA PHE N 220 0.95 -33.69 64.83
C PHE N 220 0.55 -34.51 63.61
N LYS N 221 1.33 -34.39 62.53
CA LYS N 221 1.00 -35.06 61.28
C LYS N 221 1.59 -36.46 61.15
N LYS N 222 2.44 -36.86 62.09
CA LYS N 222 3.09 -38.17 62.05
C LYS N 222 3.78 -38.39 60.70
N THR N 223 4.92 -37.74 60.50
CA THR N 223 5.60 -37.77 59.21
C THR N 223 6.51 -38.98 59.04
N PHE N 224 6.46 -39.97 59.94
CA PHE N 224 7.43 -41.06 59.88
C PHE N 224 7.01 -42.17 58.93
N SER N 225 7.95 -42.63 58.10
CA SER N 225 7.79 -43.84 57.31
C SER N 225 9.00 -44.77 57.39
N TYR N 226 10.05 -44.36 58.09
CA TYR N 226 11.33 -45.05 58.03
C TYR N 226 11.31 -46.35 58.84
N ALA N 227 11.91 -47.38 58.26
CA ALA N 227 12.00 -48.67 58.93
C ALA N 227 12.62 -48.53 60.31
N GLY N 228 12.05 -49.25 61.27
CA GLY N 228 12.56 -49.26 62.62
C GLY N 228 11.83 -48.33 63.58
N PHE N 229 10.95 -47.48 63.07
CA PHE N 229 10.19 -46.54 63.88
C PHE N 229 9.02 -47.31 64.51
N GLU N 230 8.21 -46.61 65.31
CA GLU N 230 7.07 -47.12 66.08
C GLU N 230 7.47 -47.88 67.33
N GLN N 231 8.75 -48.25 67.48
CA GLN N 231 9.19 -49.07 68.60
C GLN N 231 9.69 -48.14 69.69
N GLN N 232 8.76 -47.36 70.26
CA GLN N 232 8.97 -46.41 71.33
C GLN N 232 7.65 -46.28 72.08
N PRO N 233 7.64 -45.93 73.36
CA PRO N 233 6.36 -45.82 74.07
C PRO N 233 5.45 -44.80 73.41
N LYS N 234 4.15 -45.09 73.44
CA LYS N 234 3.16 -44.27 72.74
C LYS N 234 2.28 -43.48 73.71
N LYS N 235 2.32 -43.81 75.00
CA LYS N 235 1.40 -43.23 75.96
C LYS N 235 2.17 -42.82 77.20
N PHE N 236 1.88 -41.63 77.72
CA PHE N 236 2.43 -41.14 78.97
C PHE N 236 1.33 -40.52 79.81
N ASN N 237 1.44 -40.66 81.13
CA ASN N 237 0.45 -40.11 82.06
C ASN N 237 0.78 -38.66 82.38
N ASN N 238 2.00 -38.40 82.84
CA ASN N 238 2.43 -37.05 83.24
C ASN N 238 3.77 -36.72 82.60
N PRO N 239 3.82 -36.57 81.28
CA PRO N 239 5.11 -36.39 80.61
C PRO N 239 5.65 -34.98 80.81
N LYS N 240 6.96 -34.87 80.74
CA LYS N 240 7.64 -33.60 80.51
C LYS N 240 7.92 -33.48 79.02
N ILE N 241 7.73 -32.28 78.49
CA ILE N 241 7.82 -32.07 77.05
C ILE N 241 8.98 -31.12 76.73
N LEU N 242 9.86 -31.57 75.84
CA LEU N 242 11.01 -30.78 75.40
C LEU N 242 10.89 -30.54 73.90
N SER N 243 11.14 -29.30 73.48
CA SER N 243 11.13 -28.96 72.07
C SER N 243 12.51 -28.47 71.64
N LEU N 244 13.03 -29.01 70.54
CA LEU N 244 14.32 -28.57 70.02
C LEU N 244 14.15 -27.93 68.66
N ASN N 245 15.09 -27.04 68.32
CA ASN N 245 15.18 -26.49 66.97
C ASN N 245 16.19 -27.23 66.09
N VAL N 246 16.75 -28.33 66.57
CA VAL N 246 17.81 -29.03 65.86
C VAL N 246 17.38 -30.47 65.59
N GLU N 247 18.00 -31.08 64.57
CA GLU N 247 17.72 -32.45 64.19
C GLU N 247 18.39 -33.44 65.12
N LEU N 248 17.85 -34.65 65.17
CA LEU N 248 18.45 -35.76 65.91
C LEU N 248 18.49 -37.00 65.00
N GLU N 249 19.43 -36.99 64.06
CA GLU N 249 19.61 -38.10 63.13
C GLU N 249 21.08 -38.22 62.75
N LEU N 250 21.47 -39.45 62.40
CA LEU N 250 22.86 -39.75 62.08
C LEU N 250 22.96 -39.92 60.57
N LYS N 251 22.29 -40.92 60.00
CA LYS N 251 22.34 -41.15 58.56
C LYS N 251 20.93 -41.10 58.00
N ALA N 252 20.63 -40.03 57.28
CA ALA N 252 19.32 -39.85 56.68
C ALA N 252 19.21 -40.65 55.37
N GLU N 253 17.99 -40.88 54.92
CA GLU N 253 17.76 -41.50 53.62
C GLU N 253 18.10 -40.58 52.46
N LYS N 254 18.42 -39.31 52.73
CA LYS N 254 18.76 -38.36 51.68
C LYS N 254 20.22 -37.94 51.70
N ASP N 255 20.78 -37.62 52.86
CA ASP N 255 22.05 -36.93 52.95
C ASP N 255 23.22 -37.92 52.99
N ASN N 256 24.43 -37.37 53.06
CA ASN N 256 25.63 -38.18 53.17
C ASN N 256 26.80 -37.26 53.54
N ALA N 257 27.99 -37.83 53.64
CA ALA N 257 29.19 -37.07 53.95
C ALA N 257 30.41 -37.84 53.46
N GLU N 258 31.47 -37.10 53.14
CA GLU N 258 32.79 -37.66 52.92
C GLU N 258 33.54 -37.83 54.24
N VAL N 259 34.54 -38.70 54.22
CA VAL N 259 35.37 -38.98 55.39
C VAL N 259 36.77 -38.47 55.08
N ARG N 260 37.27 -37.54 55.89
CA ARG N 260 38.61 -36.99 55.74
C ARG N 260 39.29 -36.97 57.11
N VAL N 261 40.48 -37.57 57.19
CA VAL N 261 41.17 -37.83 58.44
C VAL N 261 42.61 -37.41 58.30
N GLU N 262 43.27 -37.20 59.44
CA GLU N 262 44.72 -37.06 59.51
C GLU N 262 45.44 -38.39 59.68
N HIS N 263 44.74 -39.47 60.02
CA HIS N 263 45.37 -40.77 60.22
C HIS N 263 44.46 -41.86 59.68
N VAL N 264 45.06 -42.89 59.09
CA VAL N 264 44.31 -43.96 58.46
C VAL N 264 43.40 -44.65 59.48
N GLU N 265 43.92 -44.88 60.69
CA GLU N 265 43.14 -45.56 61.71
C GLU N 265 41.85 -44.81 62.03
N ASP N 266 41.81 -43.51 61.74
CA ASP N 266 40.64 -42.71 62.10
C ASP N 266 39.53 -42.82 61.06
N TYR N 267 39.83 -43.43 59.91
CA TYR N 267 38.82 -43.55 58.86
C TYR N 267 37.52 -44.09 59.42
N GLN N 268 37.57 -45.26 60.06
CA GLN N 268 36.38 -45.83 60.67
C GLN N 268 35.91 -45.01 61.86
N ALA N 269 36.84 -44.34 62.55
CA ALA N 269 36.48 -43.57 63.73
C ALA N 269 35.51 -42.44 63.39
N ILE N 270 35.65 -41.86 62.20
CA ILE N 270 34.79 -40.73 61.82
C ILE N 270 33.33 -41.17 61.79
N VAL N 271 33.06 -42.36 61.26
CA VAL N 271 31.69 -42.86 61.22
C VAL N 271 31.16 -43.03 62.64
N ASP N 272 31.99 -43.60 63.52
CA ASP N 272 31.56 -43.78 64.91
C ASP N 272 31.61 -42.46 65.68
N ALA N 273 32.51 -41.55 65.30
CA ALA N 273 32.54 -40.24 65.94
C ALA N 273 31.25 -39.48 65.69
N GLU N 274 30.73 -39.53 64.46
CA GLU N 274 29.44 -38.92 64.17
C GLU N 274 28.33 -39.59 64.98
N TRP N 275 28.41 -40.92 65.13
CA TRP N 275 27.48 -41.62 66.00
C TRP N 275 27.54 -41.05 67.41
N GLN N 276 28.75 -40.82 67.93
CA GLN N 276 28.88 -40.27 69.28
C GLN N 276 28.31 -38.85 69.36
N LEU N 277 28.53 -38.03 68.32
CA LEU N 277 28.05 -36.66 68.36
C LEU N 277 26.53 -36.61 68.50
N ILE N 278 25.83 -37.48 67.78
CA ILE N 278 24.38 -37.57 67.92
C ILE N 278 24.01 -38.21 69.26
N PHE N 279 24.72 -39.29 69.63
CA PHE N 279 24.46 -39.95 70.91
C PHE N 279 24.58 -38.99 72.08
N GLU N 280 25.65 -38.19 72.09
CA GLU N 280 25.89 -37.28 73.21
C GLU N 280 24.79 -36.24 73.31
N LYS N 281 24.33 -35.73 72.15
CA LYS N 281 23.15 -34.86 72.14
C LYS N 281 21.91 -35.58 72.67
N LEU N 282 21.70 -36.83 72.27
CA LEU N 282 20.58 -37.60 72.82
C LEU N 282 20.76 -37.83 74.32
N ARG N 283 21.99 -38.07 74.75
CA ARG N 283 22.24 -38.25 76.18
C ARG N 283 21.91 -37.00 76.99
N GLN N 284 22.29 -35.82 76.51
CA GLN N 284 21.97 -34.60 77.25
C GLN N 284 20.47 -34.37 77.32
N VAL N 285 19.72 -34.83 76.31
CA VAL N 285 18.27 -34.78 76.41
C VAL N 285 17.79 -35.67 77.54
N GLU N 286 18.36 -36.87 77.67
CA GLU N 286 18.04 -37.75 78.78
C GLU N 286 18.34 -37.08 80.12
N GLU N 287 19.47 -36.37 80.20
CA GLU N 287 19.80 -35.65 81.43
C GLU N 287 18.78 -34.58 81.74
N THR N 288 18.24 -33.92 80.72
CA THR N 288 17.16 -32.95 80.93
C THR N 288 15.97 -33.61 81.62
N GLY N 289 15.59 -34.80 81.17
CA GLY N 289 14.50 -35.53 81.78
C GLY N 289 13.20 -35.42 81.02
N ALA N 290 13.30 -35.22 79.71
CA ALA N 290 12.13 -35.14 78.84
C ALA N 290 11.50 -36.50 78.66
N ASN N 291 10.17 -36.52 78.49
CA ASN N 291 9.45 -37.70 78.07
C ASN N 291 9.05 -37.71 76.61
N ILE N 292 8.67 -36.57 76.05
CA ILE N 292 8.44 -36.42 74.61
C ILE N 292 9.35 -35.32 74.10
N VAL N 293 10.00 -35.57 72.97
CA VAL N 293 10.95 -34.64 72.37
C VAL N 293 10.43 -34.28 70.99
N LEU N 294 10.21 -32.99 70.74
CA LEU N 294 9.76 -32.49 69.46
C LEU N 294 10.93 -31.85 68.72
N SER N 295 10.84 -31.84 67.39
CA SER N 295 11.74 -31.03 66.59
C SER N 295 11.05 -30.68 65.27
N LYS N 296 11.33 -29.48 64.77
CA LYS N 296 10.90 -29.10 63.43
C LYS N 296 11.70 -29.81 62.35
N LEU N 297 12.84 -30.39 62.70
CA LEU N 297 13.74 -31.06 61.78
C LEU N 297 13.66 -32.57 61.97
N PRO N 298 14.23 -33.36 61.05
CA PRO N 298 14.08 -34.81 61.14
C PRO N 298 14.68 -35.38 62.42
N ILE N 299 14.06 -36.46 62.90
CA ILE N 299 14.60 -37.30 63.95
C ILE N 299 14.69 -38.72 63.43
N GLY N 300 15.90 -39.30 63.46
CA GLY N 300 16.20 -40.52 62.75
C GLY N 300 16.11 -41.76 63.62
N ASP N 301 16.77 -42.82 63.13
CA ASP N 301 16.64 -44.13 63.76
C ASP N 301 17.41 -44.20 65.08
N LEU N 302 18.68 -43.78 65.07
CA LEU N 302 19.47 -43.79 66.29
C LEU N 302 18.75 -43.05 67.41
N ALA N 303 18.18 -41.89 67.10
CA ALA N 303 17.42 -41.15 68.10
C ALA N 303 16.22 -41.95 68.60
N THR N 304 15.51 -42.62 67.69
CA THR N 304 14.35 -43.40 68.09
C THR N 304 14.76 -44.60 68.93
N GLN N 305 15.80 -45.33 68.51
CA GLN N 305 16.25 -46.48 69.27
C GLN N 305 16.78 -46.08 70.64
N PHE N 306 17.60 -45.03 70.69
CA PHE N 306 18.07 -44.51 71.97
C PHE N 306 16.90 -44.06 72.84
N PHE N 307 16.05 -43.18 72.31
CA PHE N 307 14.95 -42.66 73.11
C PHE N 307 14.03 -43.77 73.60
N ALA N 308 13.70 -44.72 72.72
CA ALA N 308 12.82 -45.82 73.10
C ALA N 308 13.40 -46.59 74.28
N ASP N 309 14.70 -46.88 74.24
CA ASP N 309 15.32 -47.63 75.34
C ASP N 309 15.38 -46.78 76.61
N ARG N 310 15.27 -45.46 76.47
CA ARG N 310 15.22 -44.54 77.60
C ARG N 310 13.79 -44.18 77.98
N ASN N 311 12.81 -44.87 77.40
CA ASN N 311 11.40 -44.61 77.62
C ASN N 311 11.04 -43.18 77.24
N ILE N 312 11.57 -42.70 76.13
CA ILE N 312 11.29 -41.37 75.62
C ILE N 312 10.66 -41.51 74.23
N PHE N 313 9.66 -40.68 73.95
CA PHE N 313 9.02 -40.64 72.65
C PHE N 313 9.50 -39.41 71.88
N CYS N 314 9.72 -39.59 70.58
CA CYS N 314 10.19 -38.50 69.74
C CYS N 314 9.24 -38.34 68.56
N ALA N 315 9.12 -37.09 68.09
CA ALA N 315 8.43 -36.81 66.84
C ALA N 315 9.06 -35.59 66.20
N GLY N 316 9.63 -35.77 65.00
CA GLY N 316 10.30 -34.69 64.31
C GLY N 316 9.54 -34.17 63.11
N ARG N 317 10.20 -33.32 62.32
CA ARG N 317 9.60 -32.72 61.12
C ARG N 317 8.27 -32.05 61.43
N VAL N 318 8.17 -31.43 62.61
CA VAL N 318 6.93 -30.80 63.04
C VAL N 318 6.82 -29.43 62.39
N SER N 319 5.65 -29.12 61.85
CA SER N 319 5.42 -27.83 61.22
C SER N 319 5.83 -26.69 62.16
N ALA N 320 6.43 -25.65 61.58
CA ALA N 320 6.90 -24.53 62.40
C ALA N 320 5.77 -23.93 63.22
N ASP N 321 4.57 -23.83 62.63
CA ASP N 321 3.43 -23.29 63.36
C ASP N 321 3.04 -24.17 64.54
N ASP N 322 3.15 -25.49 64.40
CA ASP N 322 2.83 -26.41 65.50
C ASP N 322 3.85 -26.33 66.63
N MET N 323 5.14 -26.22 66.30
CA MET N 323 6.16 -26.15 67.34
C MET N 323 5.91 -24.98 68.28
N ASN N 324 5.54 -23.82 67.74
CA ASN N 324 5.21 -22.68 68.60
C ASN N 324 3.97 -22.96 69.44
N ARG N 325 2.96 -23.61 68.84
CA ARG N 325 1.73 -23.89 69.57
C ARG N 325 1.94 -24.94 70.64
N VAL N 326 2.84 -25.89 70.41
CA VAL N 326 3.17 -26.88 71.44
C VAL N 326 3.68 -26.18 72.70
N ILE N 327 4.59 -25.23 72.52
CA ILE N 327 5.11 -24.47 73.65
C ILE N 327 3.98 -23.73 74.34
N GLN N 328 3.09 -23.13 73.56
CA GLN N 328 1.90 -22.48 74.10
C GLN N 328 0.96 -23.45 74.79
N ALA N 329 1.00 -24.73 74.44
CA ALA N 329 0.15 -25.74 75.06
C ALA N 329 0.74 -26.29 76.34
N VAL N 330 2.04 -26.61 76.34
CA VAL N 330 2.66 -27.34 77.44
C VAL N 330 3.33 -26.42 78.45
N GLY N 331 3.54 -25.15 78.11
CA GLY N 331 4.06 -24.20 79.08
C GLY N 331 5.56 -24.24 79.25
N GLY N 332 6.27 -24.83 78.29
CA GLY N 332 7.72 -24.92 78.36
C GLY N 332 8.41 -23.84 77.57
N SER N 333 9.61 -24.17 77.10
CA SER N 333 10.39 -23.24 76.28
C SER N 333 11.24 -24.00 75.26
N ILE N 334 11.26 -23.53 74.02
CA ILE N 334 12.03 -24.19 72.98
C ILE N 334 13.50 -23.77 73.07
N GLN N 335 14.39 -24.72 72.81
CA GLN N 335 15.82 -24.50 72.87
C GLN N 335 16.47 -25.03 71.59
N SER N 336 17.56 -24.39 71.16
CA SER N 336 18.27 -24.87 69.99
C SER N 336 19.33 -25.90 70.36
N THR N 337 20.04 -25.69 71.47
CA THR N 337 21.10 -26.59 71.88
C THR N 337 20.61 -27.55 72.95
N THR N 338 21.43 -28.57 73.22
CA THR N 338 21.11 -29.60 74.20
C THR N 338 21.96 -29.52 75.46
N SER N 339 23.08 -28.79 75.42
CA SER N 339 24.00 -28.70 76.54
C SER N 339 23.52 -27.73 77.60
N ASP N 340 22.74 -26.75 77.19
CA ASP N 340 22.33 -25.62 78.03
C ASP N 340 20.89 -25.73 78.52
N ILE N 341 20.24 -26.88 78.34
CA ILE N 341 18.85 -27.07 78.71
C ILE N 341 18.75 -27.34 80.20
N LYS N 342 17.79 -26.68 80.87
CA LYS N 342 17.36 -26.71 82.25
C LYS N 342 15.97 -27.32 82.37
N PRO N 343 15.62 -27.92 83.51
CA PRO N 343 14.26 -28.43 83.70
C PRO N 343 13.17 -27.36 83.57
N GLU N 344 13.48 -26.08 83.79
CA GLU N 344 12.46 -25.05 83.62
C GLU N 344 12.01 -24.92 82.18
N HIS N 345 12.75 -25.51 81.23
CA HIS N 345 12.36 -25.42 79.82
C HIS N 345 11.33 -26.47 79.46
N LEU N 346 11.05 -27.40 80.36
CA LEU N 346 10.13 -28.49 80.09
C LEU N 346 8.68 -28.06 80.33
N GLY N 347 7.79 -28.56 79.48
CA GLY N 347 6.36 -28.41 79.70
C GLY N 347 5.81 -29.65 80.39
N THR N 348 4.49 -29.62 80.59
CA THR N 348 3.80 -30.73 81.24
C THR N 348 2.45 -30.93 80.57
N CYS N 349 2.08 -32.20 80.36
CA CYS N 349 0.76 -32.54 79.90
C CYS N 349 0.10 -33.50 80.90
N ALA N 350 -1.24 -33.53 80.92
CA ALA N 350 -1.97 -34.57 81.63
C ALA N 350 -2.09 -35.87 80.84
N LEU N 351 -1.75 -35.86 79.56
CA LEU N 351 -1.82 -37.08 78.76
C LEU N 351 -1.06 -36.88 77.45
N PHE N 352 -0.35 -37.92 77.03
CA PHE N 352 0.10 -38.07 75.65
C PHE N 352 -0.51 -39.34 75.08
N GLU N 353 -1.02 -39.25 73.85
CA GLU N 353 -1.69 -40.37 73.23
C GLU N 353 -1.53 -40.29 71.72
N GLU N 354 -1.90 -41.38 71.03
CA GLU N 354 -1.90 -41.46 69.58
C GLU N 354 -3.33 -41.73 69.13
N MET N 355 -3.82 -40.92 68.20
CA MET N 355 -5.22 -41.02 67.79
C MET N 355 -5.35 -41.78 66.48
N GLN N 356 -6.57 -42.28 66.23
CA GLN N 356 -6.91 -43.01 65.02
C GLN N 356 -7.78 -42.18 64.10
N ILE N 357 -7.76 -40.86 64.27
CA ILE N 357 -8.56 -39.92 63.49
C ILE N 357 -8.21 -40.03 62.01
N GLY N 358 -9.23 -40.10 61.16
CA GLY N 358 -9.03 -40.23 59.72
C GLY N 358 -8.68 -41.63 59.28
N SER N 359 -8.80 -42.62 60.16
CA SER N 359 -8.42 -44.01 59.89
C SER N 359 -6.91 -44.11 59.65
N GLU N 360 -6.17 -43.17 60.23
CA GLU N 360 -4.71 -43.20 60.21
C GLU N 360 -4.18 -42.68 61.53
N ARG N 361 -3.09 -43.27 62.01
CA ARG N 361 -2.55 -42.88 63.30
C ARG N 361 -1.94 -41.49 63.23
N TYR N 362 -2.19 -40.68 64.25
CA TYR N 362 -1.57 -39.36 64.40
C TYR N 362 -1.18 -39.17 65.87
N ASN N 363 -0.09 -38.46 66.11
CA ASN N 363 0.31 -38.11 67.47
C ASN N 363 -0.44 -36.87 67.93
N LEU N 364 -0.67 -36.77 69.24
CA LEU N 364 -1.22 -35.56 69.82
C LEU N 364 -0.85 -35.47 71.30
N PHE N 365 -0.84 -34.24 71.81
CA PHE N 365 -0.89 -33.97 73.25
C PHE N 365 -2.36 -33.75 73.61
N GLN N 366 -2.71 -34.09 74.85
CA GLN N 366 -4.07 -33.89 75.33
C GLN N 366 -4.07 -33.44 76.78
N GLY N 367 -5.04 -32.59 77.13
CA GLY N 367 -5.23 -32.18 78.50
C GLY N 367 -4.08 -31.40 79.08
N CYS N 368 -3.47 -30.54 78.27
CA CYS N 368 -2.32 -29.76 78.70
C CYS N 368 -2.76 -28.74 79.74
N PRO N 369 -2.30 -28.83 81.00
CA PRO N 369 -2.79 -27.91 82.03
C PRO N 369 -2.48 -26.46 81.75
N GLN N 370 -1.49 -26.18 80.89
CA GLN N 370 -1.03 -24.82 80.64
C GLN N 370 -1.62 -24.21 79.37
N ALA N 371 -2.47 -24.96 78.67
CA ALA N 371 -2.91 -24.58 77.34
C ALA N 371 -3.70 -23.28 77.38
N LYS N 372 -3.46 -22.43 76.38
CA LYS N 372 -4.34 -21.30 76.07
C LYS N 372 -5.03 -21.50 74.72
N THR N 373 -4.85 -22.66 74.10
CA THR N 373 -5.30 -22.90 72.74
C THR N 373 -6.13 -24.18 72.71
N CYS N 374 -6.68 -24.48 71.54
CA CYS N 374 -7.23 -25.81 71.26
C CYS N 374 -7.09 -26.13 69.78
N THR N 375 -7.33 -27.40 69.46
CA THR N 375 -7.22 -27.91 68.09
C THR N 375 -8.53 -28.58 67.69
N LEU N 376 -9.03 -28.23 66.51
CA LEU N 376 -10.21 -28.88 65.94
C LEU N 376 -9.76 -29.73 64.76
N LEU N 377 -10.15 -31.00 64.76
CA LEU N 377 -9.82 -31.91 63.67
C LEU N 377 -11.04 -32.17 62.80
N LEU N 378 -10.93 -31.82 61.52
CA LEU N 378 -12.01 -31.97 60.55
C LEU N 378 -11.84 -33.26 59.76
N ARG N 379 -12.88 -34.08 59.75
CA ARG N 379 -12.92 -35.29 58.95
C ARG N 379 -13.94 -35.13 57.82
N GLY N 380 -13.83 -35.99 56.82
CA GLY N 380 -14.72 -35.93 55.68
C GLY N 380 -14.14 -36.66 54.50
N GLY N 381 -15.01 -36.94 53.54
CA GLY N 381 -14.66 -37.73 52.37
C GLY N 381 -13.98 -36.98 51.25
N ALA N 382 -13.76 -35.68 51.40
CA ALA N 382 -13.12 -34.88 50.36
C ALA N 382 -12.55 -33.63 50.98
N GLU N 383 -11.42 -33.16 50.43
CA GLU N 383 -10.82 -31.90 50.87
C GLU N 383 -11.72 -30.70 50.66
N GLN N 384 -12.49 -30.66 49.57
CA GLN N 384 -13.45 -29.60 49.32
C GLN N 384 -14.55 -29.54 50.36
N VAL N 385 -15.03 -30.70 50.83
CA VAL N 385 -16.03 -30.72 51.89
C VAL N 385 -15.41 -30.26 53.21
N ILE N 386 -14.22 -30.76 53.53
CA ILE N 386 -13.54 -30.33 54.74
C ILE N 386 -13.31 -28.83 54.74
N ALA N 387 -12.94 -28.27 53.58
CA ALA N 387 -12.80 -26.82 53.46
C ALA N 387 -14.12 -26.12 53.78
N GLU N 388 -15.24 -26.68 53.33
CA GLU N 388 -16.53 -26.09 53.65
C GLU N 388 -16.81 -26.18 55.14
N VAL N 389 -16.39 -27.27 55.78
CA VAL N 389 -16.56 -27.41 57.22
C VAL N 389 -15.76 -26.33 57.95
N GLU N 390 -14.51 -26.12 57.53
CA GLU N 390 -13.68 -25.09 58.15
C GLU N 390 -14.33 -23.72 58.05
N ARG N 391 -14.82 -23.36 56.86
CA ARG N 391 -15.50 -22.09 56.70
C ARG N 391 -16.73 -21.98 57.60
N SER N 392 -17.53 -23.05 57.68
CA SER N 392 -18.67 -23.05 58.59
C SER N 392 -18.23 -22.93 60.04
N LEU N 393 -17.17 -23.63 60.43
CA LEU N 393 -16.67 -23.52 61.79
C LEU N 393 -16.17 -22.10 62.09
N HIS N 394 -15.48 -21.49 61.13
CA HIS N 394 -14.96 -20.14 61.34
C HIS N 394 -16.10 -19.18 61.68
N ASP N 395 -17.14 -19.13 60.84
CA ASP N 395 -18.27 -18.26 61.12
C ASP N 395 -18.94 -18.63 62.44
N ALA N 396 -19.08 -19.92 62.73
CA ALA N 396 -19.66 -20.34 64.00
C ALA N 396 -18.80 -19.92 65.18
N ILE N 397 -17.47 -20.01 65.04
CA ILE N 397 -16.58 -19.59 66.12
C ILE N 397 -16.70 -18.09 66.35
N MET N 398 -16.76 -17.31 65.27
CA MET N 398 -16.81 -15.85 65.40
C MET N 398 -18.07 -15.40 66.13
N ILE N 399 -19.22 -15.99 65.77
CA ILE N 399 -20.47 -15.55 66.39
C ILE N 399 -20.54 -16.00 67.84
N VAL N 400 -19.95 -17.16 68.16
CA VAL N 400 -19.83 -17.58 69.55
C VAL N 400 -18.90 -16.64 70.31
N LYS N 401 -17.75 -16.31 69.71
CA LYS N 401 -16.81 -15.39 70.34
C LYS N 401 -17.47 -14.05 70.62
N ARG N 402 -18.11 -13.46 69.62
CA ARG N 402 -18.72 -12.15 69.74
C ARG N 402 -19.91 -12.13 70.70
N ALA N 403 -20.77 -13.15 70.65
CA ALA N 403 -21.88 -13.27 71.58
C ALA N 403 -21.42 -13.39 73.03
N LEU N 404 -20.30 -14.05 73.28
CA LEU N 404 -19.70 -14.14 74.62
C LEU N 404 -18.96 -12.88 75.01
N GLN N 405 -18.35 -12.19 74.05
CA GLN N 405 -17.47 -11.06 74.35
C GLN N 405 -18.24 -9.76 74.54
N ASN N 406 -19.21 -9.48 73.67
CA ASN N 406 -19.86 -8.17 73.60
C ASN N 406 -21.36 -8.38 73.78
N LYS N 407 -21.90 -7.90 74.90
CA LYS N 407 -23.29 -8.12 75.26
C LYS N 407 -24.23 -7.10 74.62
N LEU N 408 -23.70 -6.09 73.95
CA LEU N 408 -24.49 -5.01 73.36
C LEU N 408 -24.72 -5.35 71.89
N ILE N 409 -25.94 -5.76 71.57
CA ILE N 409 -26.23 -6.43 70.30
C ILE N 409 -27.29 -5.65 69.53
N VAL N 410 -27.35 -5.91 68.23
CA VAL N 410 -28.48 -5.51 67.41
C VAL N 410 -28.90 -6.72 66.59
N ALA N 411 -30.16 -6.71 66.14
CA ALA N 411 -30.67 -7.79 65.29
C ALA N 411 -29.97 -7.74 63.94
N GLY N 412 -29.63 -8.91 63.42
CA GLY N 412 -29.04 -9.02 62.10
C GLY N 412 -30.05 -9.31 61.02
N GLY N 413 -29.59 -9.89 59.92
CA GLY N 413 -30.47 -10.26 58.83
C GLY N 413 -31.06 -9.08 58.09
N GLY N 414 -30.45 -7.90 58.20
CA GLY N 414 -31.00 -6.69 57.64
C GLY N 414 -31.99 -5.95 58.52
N ALA N 415 -32.33 -6.52 59.68
CA ALA N 415 -33.34 -5.93 60.57
C ALA N 415 -32.93 -4.53 61.01
N THR N 416 -31.66 -4.36 61.37
CA THR N 416 -31.17 -3.06 61.80
C THR N 416 -31.18 -2.07 60.65
N GLU N 417 -30.72 -2.49 59.47
CA GLU N 417 -30.68 -1.59 58.32
C GLU N 417 -32.07 -1.07 57.97
N MET N 418 -33.09 -1.92 58.09
CA MET N 418 -34.45 -1.50 57.76
C MET N 418 -35.00 -0.54 58.81
N GLU N 419 -34.72 -0.81 60.09
CA GLU N 419 -35.12 0.13 61.13
C GLU N 419 -34.41 1.46 60.98
N VAL N 420 -33.11 1.43 60.65
CA VAL N 420 -32.39 2.67 60.36
C VAL N 420 -32.98 3.35 59.13
N SER N 421 -33.26 2.57 58.09
CA SER N 421 -33.85 3.13 56.88
C SER N 421 -35.14 3.90 57.20
N LYS N 422 -36.01 3.30 58.01
CA LYS N 422 -37.27 3.92 58.39
C LYS N 422 -37.06 5.29 59.02
N CYS N 423 -36.25 5.33 60.09
CA CYS N 423 -36.03 6.58 60.82
C CYS N 423 -35.37 7.65 59.95
N LEU N 424 -34.52 7.23 59.00
CA LEU N 424 -33.95 8.19 58.06
C LEU N 424 -35.02 8.79 57.15
N ARG N 425 -35.93 7.95 56.65
CA ARG N 425 -37.04 8.47 55.85
C ARG N 425 -37.95 9.36 56.71
N ASP N 426 -38.18 8.96 57.96
CA ASP N 426 -39.01 9.78 58.85
C ASP N 426 -38.39 11.16 59.05
N TYR N 427 -37.07 11.23 59.21
CA TYR N 427 -36.42 12.53 59.39
C TYR N 427 -36.58 13.39 58.14
N SER N 428 -36.56 12.77 56.96
CA SER N 428 -36.68 13.54 55.73
C SER N 428 -38.00 14.30 55.66
N LYS N 429 -38.99 13.90 56.47
CA LYS N 429 -40.26 14.59 56.47
C LYS N 429 -40.12 16.01 57.00
N THR N 430 -39.07 16.27 57.79
CA THR N 430 -38.85 17.59 58.36
C THR N 430 -37.61 18.28 57.80
N ILE N 431 -36.73 17.55 57.13
CA ILE N 431 -35.53 18.14 56.53
C ILE N 431 -35.88 18.83 55.22
N ALA N 432 -35.69 20.14 55.17
CA ALA N 432 -36.03 20.92 53.98
C ALA N 432 -34.80 21.07 53.08
N GLY N 433 -35.05 21.41 51.84
CA GLY N 433 -34.00 21.77 50.90
C GLY N 433 -33.26 20.58 50.33
N LYS N 434 -32.09 20.88 49.77
CA LYS N 434 -31.27 19.85 49.13
C LYS N 434 -30.94 18.73 50.10
N GLN N 435 -30.85 19.03 51.39
CA GLN N 435 -30.58 18.00 52.38
C GLN N 435 -31.62 16.90 52.33
N GLN N 436 -32.86 17.22 51.93
CA GLN N 436 -33.90 16.21 51.81
C GLN N 436 -33.53 15.16 50.76
N MET N 437 -32.87 15.60 49.69
CA MET N 437 -32.50 14.66 48.63
C MET N 437 -31.43 13.68 49.10
N ILE N 438 -30.50 14.15 49.93
CA ILE N 438 -29.37 13.32 50.33
C ILE N 438 -29.80 12.34 51.43
N ILE N 439 -30.58 12.82 52.40
CA ILE N 439 -31.06 11.94 53.46
C ILE N 439 -31.91 10.82 52.88
N ASN N 440 -32.65 11.09 51.80
CA ASN N 440 -33.40 10.02 51.13
C ASN N 440 -32.45 9.02 50.47
N ALA N 441 -31.45 9.51 49.74
CA ALA N 441 -30.50 8.61 49.11
C ALA N 441 -29.77 7.77 50.15
N PHE N 442 -29.39 8.38 51.28
CA PHE N 442 -28.72 7.63 52.33
C PHE N 442 -29.59 6.49 52.83
N ALA N 443 -30.86 6.79 53.11
CA ALA N 443 -31.79 5.74 53.52
C ALA N 443 -31.91 4.64 52.46
N LYS N 444 -31.95 5.04 51.18
CA LYS N 444 -32.02 4.04 50.11
C LYS N 444 -30.84 3.09 50.18
N ALA N 445 -29.63 3.63 50.40
CA ALA N 445 -28.45 2.78 50.45
C ALA N 445 -28.56 1.71 51.52
N LEU N 446 -29.18 2.03 52.65
CA LEU N 446 -29.31 1.06 53.74
C LEU N 446 -30.09 -0.17 53.32
N GLU N 447 -30.95 -0.04 52.31
CA GLU N 447 -31.81 -1.14 51.87
C GLU N 447 -31.07 -2.17 51.03
N VAL N 448 -29.86 -1.84 50.53
CA VAL N 448 -29.16 -2.77 49.65
C VAL N 448 -28.77 -4.05 50.39
N ILE N 449 -28.55 -3.96 51.70
CA ILE N 449 -28.13 -5.11 52.49
C ILE N 449 -29.23 -6.17 52.51
N PRO N 450 -30.45 -5.87 53.01
CA PRO N 450 -31.49 -6.92 52.93
C PRO N 450 -31.82 -7.34 51.51
N ARG N 451 -31.55 -6.46 50.54
CA ARG N 451 -31.78 -6.79 49.14
C ARG N 451 -30.81 -7.87 48.67
N GLN N 452 -29.51 -7.60 48.77
CA GLN N 452 -28.50 -8.54 48.31
C GLN N 452 -28.44 -9.80 49.18
N LEU N 453 -28.84 -9.71 50.44
CA LEU N 453 -29.06 -10.91 51.24
C LEU N 453 -30.14 -11.80 50.64
N CYS N 454 -31.24 -11.20 50.19
CA CYS N 454 -32.29 -11.97 49.53
C CYS N 454 -31.83 -12.51 48.18
N GLU N 455 -31.19 -11.65 47.37
CA GLU N 455 -30.77 -12.08 46.03
C GLU N 455 -29.73 -13.19 46.10
N ASN N 456 -28.74 -13.03 46.98
CA ASN N 456 -27.70 -14.06 47.11
C ASN N 456 -28.29 -15.37 47.63
N ALA N 457 -29.38 -15.29 48.40
CA ALA N 457 -30.03 -16.48 48.91
C ALA N 457 -30.98 -17.13 47.92
N GLY N 458 -31.20 -16.50 46.77
CA GLY N 458 -32.14 -16.99 45.78
C GLY N 458 -33.58 -16.66 46.07
N PHE N 459 -33.85 -15.64 46.87
CA PHE N 459 -35.22 -15.30 47.23
C PHE N 459 -35.78 -14.26 46.26
N ASP N 460 -37.10 -14.07 46.30
CA ASP N 460 -37.72 -12.95 45.63
C ASP N 460 -37.47 -11.67 46.41
N ALA N 461 -36.39 -10.97 46.09
CA ALA N 461 -35.99 -9.82 46.90
C ALA N 461 -37.07 -8.75 46.94
N ILE N 462 -37.80 -8.60 45.83
CA ILE N 462 -38.84 -7.56 45.77
C ILE N 462 -39.94 -7.85 46.78
N GLU N 463 -40.42 -9.09 46.81
CA GLU N 463 -41.45 -9.46 47.77
C GLU N 463 -40.98 -9.28 49.21
N ILE N 464 -39.78 -9.77 49.52
CA ILE N 464 -39.29 -9.72 50.90
C ILE N 464 -39.06 -8.28 51.34
N LEU N 465 -38.44 -7.46 50.49
CA LEU N 465 -38.21 -6.07 50.85
C LEU N 465 -39.51 -5.33 51.11
N ASN N 466 -40.52 -5.59 50.27
CA ASN N 466 -41.82 -4.94 50.47
C ASN N 466 -42.44 -5.35 51.80
N LYS N 467 -42.35 -6.63 52.14
CA LYS N 467 -42.90 -7.08 53.42
C LYS N 467 -42.12 -6.50 54.59
N LEU N 468 -40.80 -6.38 54.44
CA LEU N 468 -39.99 -5.78 55.50
C LEU N 468 -40.36 -4.31 55.73
N ARG N 469 -40.56 -3.57 54.64
CA ARG N 469 -40.99 -2.17 54.78
C ARG N 469 -42.32 -2.07 55.51
N LEU N 470 -43.27 -2.94 55.18
CA LEU N 470 -44.57 -2.91 55.86
C LEU N 470 -44.43 -3.29 57.32
N ALA N 471 -43.62 -4.32 57.61
CA ALA N 471 -43.43 -4.78 58.98
C ALA N 471 -42.88 -3.67 59.87
N HIS N 472 -41.84 -2.98 59.40
CA HIS N 472 -41.23 -1.94 60.23
C HIS N 472 -42.15 -0.73 60.36
N SER N 473 -42.90 -0.42 59.30
CA SER N 473 -43.91 0.63 59.37
C SER N 473 -44.96 0.35 60.44
N LYS N 474 -45.22 -0.92 60.76
CA LYS N 474 -46.15 -1.30 61.82
C LYS N 474 -45.49 -1.39 63.19
N GLY N 475 -44.18 -1.17 63.27
CA GLY N 475 -43.49 -1.20 64.54
C GLY N 475 -42.79 -2.50 64.85
N GLU N 476 -42.66 -3.38 63.87
CA GLU N 476 -41.98 -4.65 64.05
C GLU N 476 -40.49 -4.46 63.77
N LYS N 477 -39.78 -3.90 64.73
CA LYS N 477 -38.47 -3.30 64.51
C LYS N 477 -37.35 -4.33 64.39
N TRP N 478 -37.61 -5.59 64.74
CA TRP N 478 -36.58 -6.61 64.63
C TRP N 478 -36.77 -7.60 63.49
N TYR N 479 -37.72 -7.39 62.58
CA TYR N 479 -37.94 -8.36 61.50
C TYR N 479 -36.92 -8.15 60.38
N GLY N 480 -36.40 -9.26 59.84
CA GLY N 480 -35.48 -9.23 58.74
C GLY N 480 -35.60 -10.45 57.84
N VAL N 481 -34.55 -10.75 57.09
CA VAL N 481 -34.57 -11.80 56.09
C VAL N 481 -34.34 -13.13 56.80
N VAL N 482 -35.26 -14.07 56.62
CA VAL N 482 -35.12 -15.43 57.15
C VAL N 482 -34.54 -16.30 56.04
N PHE N 483 -33.46 -17.02 56.34
CA PHE N 483 -32.75 -17.76 55.30
C PHE N 483 -33.11 -19.24 55.31
N GLU N 484 -33.82 -19.69 56.33
CA GLU N 484 -34.28 -21.09 56.36
C GLU N 484 -35.61 -21.25 55.64
N THR N 485 -36.53 -20.31 55.85
CA THR N 485 -37.79 -20.24 55.11
C THR N 485 -37.86 -18.87 54.45
N GLU N 486 -38.20 -18.85 53.16
CA GLU N 486 -38.26 -17.60 52.42
C GLU N 486 -39.42 -16.74 52.89
N ASN N 487 -39.18 -15.94 53.93
CA ASN N 487 -40.16 -15.07 54.58
C ASN N 487 -39.40 -14.08 55.43
N ILE N 488 -40.14 -13.30 56.23
CA ILE N 488 -39.52 -12.41 57.20
C ILE N 488 -39.91 -12.83 58.61
N GLY N 489 -39.01 -12.57 59.55
CA GLY N 489 -39.26 -12.96 60.93
C GLY N 489 -38.34 -12.23 61.87
N ASP N 490 -38.61 -12.42 63.16
CA ASP N 490 -37.98 -11.63 64.22
C ASP N 490 -36.58 -12.17 64.47
N ASN N 491 -35.57 -11.46 63.96
CA ASN N 491 -34.20 -11.94 64.07
C ASN N 491 -33.68 -11.88 65.49
N PHE N 492 -34.20 -10.97 66.31
CA PHE N 492 -33.84 -10.95 67.72
C PHE N 492 -34.29 -12.23 68.42
N ALA N 493 -35.56 -12.59 68.26
CA ALA N 493 -36.07 -13.81 68.88
C ALA N 493 -35.34 -15.04 68.35
N LYS N 494 -34.92 -15.00 67.07
CA LYS N 494 -34.24 -16.13 66.46
C LYS N 494 -32.74 -16.16 66.77
N PHE N 495 -32.26 -15.24 67.60
CA PHE N 495 -30.86 -15.17 68.01
C PHE N 495 -29.92 -14.95 66.83
N VAL N 496 -30.38 -14.21 65.83
CA VAL N 496 -29.52 -13.81 64.71
C VAL N 496 -28.94 -12.45 65.11
N TRP N 497 -27.85 -12.50 65.87
CA TRP N 497 -27.29 -11.32 66.50
C TRP N 497 -25.94 -10.95 65.89
N GLU N 498 -25.55 -9.69 66.06
CA GLU N 498 -24.19 -9.23 65.93
C GLU N 498 -24.03 -8.03 66.84
N PRO N 499 -22.81 -7.75 67.33
CA PRO N 499 -22.63 -6.62 68.23
C PRO N 499 -23.07 -5.31 67.60
N ALA N 500 -23.62 -4.43 68.42
CA ALA N 500 -24.04 -3.12 67.93
C ALA N 500 -22.89 -2.37 67.28
N LEU N 501 -21.66 -2.55 67.78
CA LEU N 501 -20.51 -1.83 67.25
C LEU N 501 -20.25 -2.17 65.79
N VAL N 502 -20.70 -3.34 65.35
CA VAL N 502 -20.51 -3.74 63.95
C VAL N 502 -21.28 -2.82 63.03
N LYS N 503 -22.53 -2.51 63.38
CA LYS N 503 -23.35 -1.62 62.55
C LYS N 503 -22.93 -0.17 62.70
N ILE N 504 -22.53 0.25 63.91
CA ILE N 504 -22.11 1.63 64.11
C ILE N 504 -20.81 1.91 63.36
N ASN N 505 -19.82 1.03 63.53
CA ASN N 505 -18.53 1.26 62.90
C ASN N 505 -18.58 1.02 61.39
N ALA N 506 -19.36 0.04 60.96
CA ALA N 506 -19.48 -0.22 59.53
C ALA N 506 -20.13 0.95 58.80
N LEU N 507 -21.17 1.53 59.40
CA LEU N 507 -21.85 2.66 58.77
C LEU N 507 -20.98 3.91 58.79
N ASN N 508 -20.29 4.16 59.90
CA ASN N 508 -19.33 5.27 59.94
C ASN N 508 -18.21 5.05 58.93
N SER N 509 -17.69 3.82 58.84
CA SER N 509 -16.60 3.55 57.92
C SER N 509 -17.05 3.64 56.47
N ALA N 510 -18.22 3.08 56.14
CA ALA N 510 -18.71 3.15 54.77
C ALA N 510 -18.88 4.59 54.32
N THR N 511 -19.35 5.46 55.20
CA THR N 511 -19.53 6.87 54.84
C THR N 511 -18.18 7.56 54.71
N GLU N 512 -17.25 7.29 55.63
CA GLU N 512 -15.94 7.90 55.55
C GLU N 512 -15.28 7.62 54.20
N ALA N 513 -15.33 6.36 53.76
CA ALA N 513 -14.80 6.03 52.43
C ALA N 513 -15.62 6.73 51.35
N THR N 514 -16.95 6.76 51.50
CA THR N 514 -17.79 7.43 50.52
C THR N 514 -17.38 8.89 50.35
N ASN N 515 -17.29 9.62 51.47
CA ASN N 515 -16.98 11.05 51.40
C ASN N 515 -15.54 11.32 50.94
N LEU N 516 -14.58 10.51 51.39
CA LEU N 516 -13.22 10.70 50.95
C LEU N 516 -13.09 10.53 49.44
N ILE N 517 -13.71 9.49 48.89
CA ILE N 517 -13.67 9.27 47.45
C ILE N 517 -14.37 10.40 46.70
N LEU N 518 -15.56 10.78 47.15
CA LEU N 518 -16.31 11.84 46.49
C LEU N 518 -15.62 13.19 46.59
N SER N 519 -14.75 13.38 47.59
CA SER N 519 -14.10 14.66 47.79
C SER N 519 -12.97 14.92 46.80
N VAL N 520 -12.57 13.92 46.02
CA VAL N 520 -11.41 14.03 45.16
C VAL N 520 -11.87 14.53 43.79
N ASP N 521 -11.36 15.69 43.38
CA ASP N 521 -11.65 16.25 42.06
C ASP N 521 -10.48 16.18 41.10
N GLU N 522 -9.38 15.51 41.47
CA GLU N 522 -8.23 15.39 40.58
C GLU N 522 -7.37 14.20 41.01
N THR N 523 -6.77 13.54 40.03
CA THR N 523 -5.76 12.51 40.26
C THR N 523 -4.49 12.91 39.54
N ILE N 524 -3.37 12.82 40.25
CA ILE N 524 -2.06 13.12 39.69
C ILE N 524 -1.24 11.83 39.74
N THR N 525 -0.64 11.47 38.61
CA THR N 525 0.18 10.27 38.49
C THR N 525 1.54 10.65 37.89
N ASN N 526 2.60 10.26 38.57
CA ASN N 526 3.96 10.47 38.07
C ASN N 526 4.46 9.21 37.38
N LYS N 527 4.70 9.30 36.08
CA LYS N 527 5.13 8.18 35.27
C LYS N 527 6.56 8.39 34.79
N GLY N 528 7.21 7.28 34.43
CA GLY N 528 8.55 7.34 33.88
C GLY N 528 9.35 6.07 34.10
N GLN O 7 2.42 22.66 -0.41
CA GLN O 7 3.25 23.48 0.49
C GLN O 7 3.97 24.58 -0.30
N ASN O 8 4.92 24.16 -1.13
CA ASN O 8 5.73 25.13 -1.87
C ASN O 8 4.83 26.19 -2.48
N PRO O 9 4.98 27.46 -2.08
CA PRO O 9 4.13 28.51 -2.66
C PRO O 9 4.54 28.86 -4.08
N ASN O 10 3.60 29.41 -4.85
CA ASN O 10 3.90 29.92 -6.18
C ASN O 10 4.04 31.43 -6.09
N ALA O 11 4.81 32.03 -6.99
CA ALA O 11 4.91 33.47 -7.11
C ALA O 11 5.34 33.86 -8.52
N GLY O 12 4.95 35.06 -8.93
CA GLY O 12 5.32 35.56 -10.24
C GLY O 12 4.33 35.27 -11.34
N LEU O 13 3.43 34.31 -11.15
CA LEU O 13 2.42 33.99 -12.15
C LEU O 13 1.06 34.39 -11.61
N PHE O 14 0.46 35.41 -12.22
CA PHE O 14 -0.84 35.93 -11.80
C PHE O 14 -1.89 35.87 -12.90
N LYS O 15 -1.55 35.31 -14.06
CA LYS O 15 -2.47 35.24 -15.19
C LYS O 15 -3.52 34.15 -15.02
N GLN O 16 -3.08 32.94 -14.69
CA GLN O 16 -3.94 31.77 -14.54
C GLN O 16 -3.03 30.63 -14.14
N GLY O 17 -3.62 29.52 -13.70
CA GLY O 17 -2.85 28.29 -13.68
C GLY O 17 -2.25 28.02 -15.03
N TYR O 18 -0.92 28.03 -15.10
CA TYR O 18 -0.16 28.08 -16.34
C TYR O 18 1.29 27.66 -16.06
N ASN O 19 2.09 27.55 -17.11
CA ASN O 19 3.54 27.40 -16.95
C ASN O 19 4.17 28.70 -17.44
N SER O 20 4.53 29.57 -16.48
CA SER O 20 4.92 30.94 -16.80
C SER O 20 6.06 30.91 -17.82
N TYR O 21 5.94 31.72 -18.87
CA TYR O 21 7.00 31.86 -19.88
C TYR O 21 7.46 33.33 -19.89
N SER O 22 8.41 33.62 -19.00
CA SER O 22 8.96 34.96 -18.91
C SER O 22 10.47 34.94 -19.15
N ASN O 23 10.97 36.01 -19.77
CA ASN O 23 12.41 36.17 -19.96
C ASN O 23 13.17 36.21 -18.63
N ALA O 24 12.49 36.45 -17.52
CA ALA O 24 13.13 36.37 -16.21
C ALA O 24 13.76 35.02 -15.94
N ASP O 25 13.23 33.95 -16.53
CA ASP O 25 13.81 32.61 -16.42
C ASP O 25 14.55 32.19 -17.68
N GLY O 26 14.85 33.14 -18.56
CA GLY O 26 15.60 32.85 -19.76
C GLY O 26 14.72 32.38 -20.90
N GLN O 27 13.47 32.85 -20.93
CA GLN O 27 12.56 32.46 -22.00
C GLN O 27 13.11 32.81 -23.37
N ILE O 28 13.87 33.91 -23.47
CA ILE O 28 14.46 34.29 -24.76
C ILE O 28 15.34 33.16 -25.28
N ILE O 29 15.92 32.36 -24.39
CA ILE O 29 16.73 31.23 -24.82
C ILE O 29 15.84 30.02 -25.08
N LYS O 30 14.82 29.82 -24.24
CA LYS O 30 13.88 28.71 -24.47
C LYS O 30 13.19 28.83 -25.82
N SER O 31 12.83 30.05 -26.22
CA SER O 31 12.22 30.24 -27.53
C SER O 31 13.18 29.83 -28.64
N ILE O 32 14.44 30.22 -28.54
CA ILE O 32 15.43 29.82 -29.53
C ILE O 32 15.64 28.31 -29.48
N ALA O 33 15.76 27.75 -28.27
CA ALA O 33 15.97 26.32 -28.13
C ALA O 33 14.82 25.54 -28.76
N ALA O 34 13.58 26.03 -28.59
CA ALA O 34 12.45 25.38 -29.25
C ALA O 34 12.59 25.43 -30.77
N ILE O 35 13.04 26.56 -31.30
CA ILE O 35 13.18 26.69 -32.75
C ILE O 35 14.25 25.73 -33.27
N ARG O 36 15.27 25.46 -32.45
CA ARG O 36 16.37 24.60 -32.88
C ARG O 36 15.84 23.28 -33.44
N GLU O 37 14.72 22.79 -32.92
CA GLU O 37 14.20 21.50 -33.37
C GLU O 37 13.86 21.53 -34.85
N LEU O 38 13.04 22.50 -35.26
CA LEU O 38 12.70 22.67 -36.68
C LEU O 38 13.88 23.15 -37.51
N HIS O 39 14.82 23.89 -36.91
CA HIS O 39 16.02 24.28 -37.63
C HIS O 39 16.84 23.06 -38.04
N GLN O 40 17.09 22.15 -37.09
CA GLN O 40 17.86 20.95 -37.41
C GLN O 40 17.17 20.10 -38.47
N MET O 41 15.84 20.13 -38.52
CA MET O 41 15.11 19.42 -39.57
C MET O 41 15.44 20.00 -40.94
N CYS O 42 15.20 21.29 -41.13
CA CYS O 42 15.44 21.93 -42.42
C CYS O 42 16.91 22.03 -42.77
N LEU O 43 17.79 22.06 -41.78
CA LEU O 43 19.22 22.14 -42.05
C LEU O 43 19.72 21.00 -42.91
N THR O 44 19.06 19.84 -42.88
CA THR O 44 19.50 18.66 -43.62
C THR O 44 18.94 18.61 -45.03
N SER O 45 18.10 19.58 -45.40
CA SER O 45 17.48 19.62 -46.72
C SER O 45 18.29 20.39 -47.75
N MET O 46 18.87 21.53 -47.35
CA MET O 46 19.51 22.44 -48.29
C MET O 46 20.76 21.81 -48.91
N GLY O 47 20.94 22.04 -50.21
CA GLY O 47 22.15 21.66 -50.90
C GLY O 47 21.93 20.56 -51.90
N PRO O 48 22.78 20.50 -52.94
CA PRO O 48 22.62 19.45 -53.95
C PRO O 48 22.63 18.06 -53.35
N CYS O 49 23.25 17.89 -52.18
CA CYS O 49 23.37 16.60 -51.52
C CYS O 49 22.47 16.50 -50.29
N GLY O 50 21.38 17.26 -50.24
CA GLY O 50 20.50 17.25 -49.09
C GLY O 50 19.89 15.88 -48.86
N ARG O 51 19.18 15.77 -47.74
CA ARG O 51 18.58 14.53 -47.30
C ARG O 51 17.07 14.55 -47.48
N ASN O 52 16.49 13.35 -47.63
CA ASN O 52 15.07 13.16 -47.78
C ASN O 52 14.40 13.07 -46.40
N LYS O 53 13.11 13.37 -46.37
CA LYS O 53 12.30 13.17 -45.19
C LYS O 53 11.06 12.35 -45.54
N ILE O 54 10.69 11.44 -44.63
CA ILE O 54 9.50 10.63 -44.77
C ILE O 54 8.37 11.34 -44.03
N ILE O 55 7.28 11.60 -44.72
CA ILE O 55 6.08 12.15 -44.09
C ILE O 55 4.92 11.19 -44.32
N VAL O 56 4.23 10.83 -43.24
CA VAL O 56 3.04 10.00 -43.31
C VAL O 56 1.84 10.95 -43.28
N ASN O 57 1.15 11.06 -44.42
CA ASN O 57 -0.02 11.91 -44.50
C ASN O 57 -1.19 11.29 -43.75
N HIS O 58 -2.06 12.15 -43.21
CA HIS O 58 -3.29 11.70 -42.57
C HIS O 58 -4.19 10.89 -43.49
N LEU O 59 -3.99 10.97 -44.81
CA LEU O 59 -4.71 10.17 -45.77
C LEU O 59 -4.04 8.83 -46.04
N GLY O 60 -2.93 8.55 -45.37
CA GLY O 60 -2.23 7.30 -45.55
C GLY O 60 -1.26 7.29 -46.71
N LYS O 61 -0.93 8.47 -47.21
CA LYS O 61 0.03 8.64 -48.30
C LYS O 61 1.42 8.83 -47.72
N ILE O 62 2.38 8.04 -48.20
CA ILE O 62 3.77 8.16 -47.75
C ILE O 62 4.54 9.02 -48.74
N ILE O 63 5.16 10.09 -48.24
CA ILE O 63 5.92 11.02 -49.06
C ILE O 63 7.36 11.00 -48.57
N ILE O 64 8.30 10.77 -49.49
CA ILE O 64 9.73 10.86 -49.23
C ILE O 64 10.29 11.94 -50.14
N THR O 65 10.64 13.09 -49.57
CA THR O 65 10.92 14.28 -50.37
C THR O 65 12.01 15.11 -49.71
N ASN O 66 12.60 15.99 -50.50
CA ASN O 66 13.56 16.96 -49.98
C ASN O 66 12.88 18.26 -49.57
N ASP O 67 11.62 18.45 -49.97
CA ASP O 67 10.97 19.75 -49.86
C ASP O 67 10.82 20.17 -48.40
N ALA O 68 11.43 21.30 -48.06
CA ALA O 68 11.36 21.86 -46.71
C ALA O 68 9.98 22.42 -46.38
N ALA O 69 9.30 23.03 -47.34
CA ALA O 69 7.97 23.56 -47.08
C ALA O 69 7.01 22.44 -46.68
N THR O 70 7.09 21.28 -47.35
CA THR O 70 6.29 20.14 -46.95
C THR O 70 6.56 19.77 -45.50
N MET O 71 7.84 19.72 -45.11
CA MET O 71 8.20 19.36 -43.74
C MET O 71 7.50 20.27 -42.74
N LEU O 72 7.51 21.58 -42.99
CA LEU O 72 6.90 22.51 -42.05
C LEU O 72 5.39 22.51 -42.16
N ARG O 73 4.85 22.38 -43.37
CA ARG O 73 3.41 22.48 -43.55
C ARG O 73 2.69 21.29 -42.94
N GLU O 74 3.35 20.13 -42.93
CA GLU O 74 2.73 18.90 -42.43
C GLU O 74 2.91 18.73 -40.92
N LEU O 75 3.53 19.68 -40.24
CA LEU O 75 3.61 19.67 -38.79
C LEU O 75 2.57 20.62 -38.20
N ASP O 76 1.95 20.19 -37.10
CA ASP O 76 1.02 21.04 -36.36
C ASP O 76 1.79 21.82 -35.29
N ILE O 77 1.81 23.14 -35.47
CA ILE O 77 2.73 23.98 -34.71
C ILE O 77 1.97 25.08 -33.99
N VAL O 78 2.31 25.28 -32.72
CA VAL O 78 1.65 26.26 -31.86
C VAL O 78 2.66 27.32 -31.45
N HIS O 79 3.79 26.87 -30.88
CA HIS O 79 4.71 27.76 -30.16
C HIS O 79 4.97 29.03 -30.97
N PRO O 80 4.69 30.21 -30.42
CA PRO O 80 4.87 31.44 -31.21
C PRO O 80 6.24 31.60 -31.82
N ALA O 81 7.29 31.12 -31.15
CA ALA O 81 8.65 31.35 -31.63
C ALA O 81 8.87 30.76 -33.02
N VAL O 82 8.41 29.53 -33.25
CA VAL O 82 8.57 28.89 -34.54
C VAL O 82 7.52 29.39 -35.54
N LYS O 83 6.35 29.76 -35.05
CA LYS O 83 5.30 30.28 -35.93
C LYS O 83 5.79 31.50 -36.70
N VAL O 84 6.60 32.34 -36.06
CA VAL O 84 7.19 33.49 -36.76
C VAL O 84 8.01 33.00 -37.95
N LEU O 85 8.83 31.97 -37.76
CA LEU O 85 9.71 31.52 -38.83
C LEU O 85 8.94 30.73 -39.89
N VAL O 86 7.95 29.93 -39.47
CA VAL O 86 7.15 29.18 -40.43
C VAL O 86 6.30 30.12 -41.26
N MET O 87 5.66 31.09 -40.61
CA MET O 87 4.91 32.10 -41.35
C MET O 87 5.82 32.88 -42.30
N ALA O 88 7.02 33.24 -41.84
CA ALA O 88 7.98 33.88 -42.72
C ALA O 88 8.32 33.00 -43.91
N THR O 89 8.43 31.69 -43.69
CA THR O 89 8.70 30.77 -44.80
C THR O 89 7.58 30.82 -45.83
N GLU O 90 6.33 30.85 -45.38
CA GLU O 90 5.20 30.90 -46.29
C GLU O 90 5.24 32.20 -47.12
N GLN O 91 5.63 33.31 -46.49
CA GLN O 91 5.83 34.54 -47.24
C GLN O 91 6.85 34.33 -48.36
N GLN O 92 7.93 33.62 -48.06
CA GLN O 92 8.94 33.33 -49.08
C GLN O 92 8.35 32.50 -50.20
N LYS O 93 7.42 31.60 -49.88
CA LYS O 93 6.79 30.76 -50.91
C LYS O 93 5.85 31.57 -51.80
N ILE O 94 5.20 32.60 -51.25
CA ILE O 94 4.23 33.36 -52.03
C ILE O 94 4.90 34.41 -52.89
N ASP O 95 5.80 35.22 -52.34
CA ASP O 95 6.35 36.38 -53.02
C ASP O 95 7.60 36.05 -53.83
N MET O 96 8.10 34.82 -53.78
CA MET O 96 9.34 34.46 -54.45
C MET O 96 9.25 32.98 -54.83
N GLY O 97 9.87 32.63 -55.95
CA GLY O 97 9.84 31.26 -56.44
C GLY O 97 10.92 30.39 -55.85
N ASP O 98 11.67 30.93 -54.90
CA ASP O 98 12.80 30.22 -54.29
C ASP O 98 13.16 30.87 -52.97
N GLY O 99 14.13 30.27 -52.29
CA GLY O 99 14.58 30.80 -51.02
C GLY O 99 13.99 30.15 -49.79
N THR O 100 13.20 29.08 -49.97
CA THR O 100 12.56 28.43 -48.83
C THR O 100 13.56 28.06 -47.74
N ASN O 101 14.62 27.32 -48.09
CA ASN O 101 15.58 26.90 -47.08
C ASN O 101 16.41 28.07 -46.59
N LEU O 102 16.65 29.08 -47.43
CA LEU O 102 17.48 30.21 -47.04
C LEU O 102 16.85 30.98 -45.87
N VAL O 103 15.54 31.19 -45.92
CA VAL O 103 14.88 31.94 -44.86
C VAL O 103 14.86 31.14 -43.56
N MET O 104 14.43 29.88 -43.62
CA MET O 104 14.32 29.07 -42.41
C MET O 104 15.67 28.83 -41.77
N ILE O 105 16.68 28.49 -42.57
CA ILE O 105 17.99 28.15 -42.02
C ILE O 105 18.68 29.40 -41.47
N LEU O 106 18.70 30.46 -42.27
CA LEU O 106 19.39 31.68 -41.84
C LEU O 106 18.74 32.28 -40.60
N ALA O 107 17.40 32.32 -40.57
CA ALA O 107 16.70 32.84 -39.41
C ALA O 107 17.05 32.08 -38.14
N GLY O 108 17.11 30.75 -38.23
CA GLY O 108 17.52 29.96 -37.08
C GLY O 108 18.94 30.25 -36.66
N GLU O 109 19.85 30.37 -37.65
CA GLU O 109 21.25 30.62 -37.32
C GLU O 109 21.47 32.00 -36.72
N LEU O 110 20.73 33.01 -37.19
CA LEU O 110 20.78 34.32 -36.58
C LEU O 110 20.35 34.25 -35.12
N LEU O 111 19.36 33.41 -34.83
CA LEU O 111 18.95 33.19 -33.44
C LEU O 111 19.98 32.37 -32.68
N ASN O 112 20.62 31.40 -33.34
CA ASN O 112 21.60 30.57 -32.67
C ASN O 112 22.77 31.40 -32.17
N VAL O 113 23.35 32.23 -33.03
CA VAL O 113 24.45 33.10 -32.63
C VAL O 113 24.04 34.13 -31.60
N SER O 114 22.76 34.52 -31.58
CA SER O 114 22.27 35.45 -30.57
C SER O 114 22.39 34.89 -29.16
N GLU O 115 22.46 33.56 -29.04
CA GLU O 115 22.57 32.94 -27.72
C GLU O 115 23.85 33.38 -27.03
N LYS O 116 24.95 33.54 -27.78
CA LYS O 116 26.18 34.06 -27.19
C LYS O 116 26.02 35.52 -26.80
N LEU O 117 25.41 36.33 -27.67
CA LEU O 117 25.20 37.73 -27.35
C LEU O 117 24.29 37.91 -26.14
N ILE O 118 23.25 37.08 -26.04
CA ILE O 118 22.36 37.16 -24.88
C ILE O 118 23.11 36.76 -23.61
N SER O 119 23.84 35.64 -23.67
CA SER O 119 24.64 35.23 -22.52
C SER O 119 25.68 36.28 -22.17
N MET O 120 26.23 36.96 -23.17
CA MET O 120 27.21 38.02 -22.92
C MET O 120 26.60 39.09 -22.03
N GLY O 121 25.28 39.22 -22.04
CA GLY O 121 24.61 40.29 -21.33
C GLY O 121 24.13 41.39 -22.25
N LEU O 122 24.20 41.16 -23.56
CA LEU O 122 23.76 42.16 -24.53
C LEU O 122 22.25 42.07 -24.75
N SER O 123 21.57 43.20 -24.55
CA SER O 123 20.12 43.19 -24.50
C SER O 123 19.52 42.86 -25.86
N ALA O 124 18.27 42.41 -25.83
CA ALA O 124 17.55 42.09 -27.07
C ALA O 124 17.50 43.30 -27.99
N VAL O 125 17.35 44.50 -27.42
CA VAL O 125 17.30 45.71 -28.24
C VAL O 125 18.65 45.94 -28.90
N GLU O 126 19.74 45.85 -28.12
CA GLU O 126 21.07 46.09 -28.68
C GLU O 126 21.40 45.05 -29.76
N ILE O 127 20.97 43.81 -29.57
CA ILE O 127 21.19 42.77 -30.57
C ILE O 127 20.43 43.12 -31.85
N ILE O 128 19.15 43.49 -31.71
CA ILE O 128 18.32 43.78 -32.88
C ILE O 128 18.87 44.98 -33.63
N GLN O 129 19.25 46.03 -32.89
CA GLN O 129 19.76 47.24 -33.53
C GLN O 129 20.96 46.94 -34.41
N GLY O 130 21.89 46.09 -33.93
CA GLY O 130 23.02 45.70 -34.75
C GLY O 130 22.62 44.87 -35.95
N TYR O 131 21.68 43.94 -35.76
CA TYR O 131 21.20 43.13 -36.88
C TYR O 131 20.56 44.00 -37.97
N ASN O 132 19.78 45.01 -37.57
CA ASN O 132 19.19 45.91 -38.56
C ASN O 132 20.26 46.64 -39.34
N MET O 133 21.32 47.10 -38.67
CA MET O 133 22.44 47.72 -39.37
C MET O 133 23.11 46.73 -40.30
N ALA O 134 23.35 45.51 -39.84
CA ALA O 134 23.98 44.49 -40.68
C ALA O 134 23.14 44.18 -41.90
N ARG O 135 21.80 44.13 -41.74
CA ARG O 135 20.93 43.95 -42.89
C ARG O 135 21.13 45.05 -43.92
N LYS O 136 21.16 46.30 -43.46
CA LYS O 136 21.33 47.42 -44.40
C LYS O 136 22.66 47.33 -45.13
N PHE O 137 23.72 46.95 -44.42
CA PHE O 137 25.00 46.72 -45.08
C PHE O 137 24.90 45.55 -46.05
N THR O 138 24.26 44.47 -45.64
CA THR O 138 24.18 43.27 -46.48
C THR O 138 23.46 43.56 -47.78
N LEU O 139 22.32 44.25 -47.71
CA LEU O 139 21.53 44.52 -48.91
C LEU O 139 22.30 45.36 -49.90
N LYS O 140 23.05 46.35 -49.41
CA LYS O 140 23.86 47.19 -50.29
C LYS O 140 24.96 46.35 -50.95
N GLU O 141 25.59 45.46 -50.19
CA GLU O 141 26.65 44.63 -50.75
C GLU O 141 26.11 43.71 -51.84
N LEU O 142 24.92 43.14 -51.63
CA LEU O 142 24.36 42.23 -52.62
C LEU O 142 24.17 42.91 -53.97
N ASP O 143 23.76 44.19 -53.95
CA ASP O 143 23.67 44.94 -55.19
C ASP O 143 25.01 45.06 -55.90
N GLU O 144 26.11 45.18 -55.15
CA GLU O 144 27.44 45.37 -55.74
C GLU O 144 28.18 44.07 -55.98
N MET O 145 27.78 42.97 -55.34
CA MET O 145 28.46 41.69 -55.56
C MET O 145 27.98 40.98 -56.81
N VAL O 146 27.07 41.59 -57.56
CA VAL O 146 26.53 40.98 -58.78
C VAL O 146 27.65 40.80 -59.79
N VAL O 147 27.70 39.64 -60.43
CA VAL O 147 28.71 39.35 -61.44
C VAL O 147 28.08 39.22 -62.82
N GLY O 148 27.08 38.35 -62.96
CA GLY O 148 26.39 38.14 -64.22
C GLY O 148 25.04 38.82 -64.25
N GLU O 149 24.36 38.66 -65.38
CA GLU O 149 23.03 39.23 -65.58
C GLU O 149 22.31 38.40 -66.63
N ILE O 150 21.03 38.08 -66.37
CA ILE O 150 20.17 37.57 -67.42
C ILE O 150 19.63 38.73 -68.24
N THR O 151 19.71 38.60 -69.56
CA THR O 151 19.45 39.72 -70.47
C THR O 151 18.03 39.72 -71.01
N ASP O 152 17.14 38.88 -70.46
CA ASP O 152 15.72 38.87 -70.81
C ASP O 152 15.52 38.62 -72.31
N LYS O 153 16.31 37.70 -72.86
CA LYS O 153 16.12 37.29 -74.26
C LYS O 153 15.25 36.05 -74.33
N ASN O 154 15.19 35.27 -73.24
CA ASN O 154 14.35 34.08 -73.10
C ASN O 154 14.70 33.00 -74.11
N ASP O 155 15.94 32.95 -74.58
CA ASP O 155 16.38 31.84 -75.43
C ASP O 155 16.58 30.59 -74.57
N LYS O 156 16.68 29.44 -75.22
CA LYS O 156 16.83 28.17 -74.52
C LYS O 156 18.10 28.18 -73.67
N ASN O 157 19.21 28.63 -74.25
CA ASN O 157 20.48 28.64 -73.53
C ASN O 157 20.41 29.54 -72.31
N GLU O 158 19.68 30.66 -72.42
CA GLU O 158 19.57 31.58 -71.28
C GLU O 158 18.67 31.00 -70.19
N LEU O 159 17.54 30.40 -70.58
CA LEU O 159 16.66 29.79 -69.58
C LEU O 159 17.37 28.63 -68.88
N LEU O 160 18.12 27.82 -69.62
CA LEU O 160 18.82 26.69 -69.01
C LEU O 160 19.83 27.16 -67.98
N LYS O 161 20.50 28.29 -68.23
CA LYS O 161 21.47 28.80 -67.28
C LYS O 161 20.87 28.97 -65.89
N MET O 162 19.66 29.53 -65.82
CA MET O 162 18.95 29.69 -64.55
C MET O 162 18.30 28.39 -64.08
N ILE O 163 17.68 27.64 -65.00
CA ILE O 163 16.92 26.45 -64.60
C ILE O 163 17.83 25.42 -63.93
N LYS O 164 19.02 25.19 -64.49
CA LYS O 164 19.92 24.18 -63.93
C LYS O 164 20.08 24.31 -62.42
N PRO O 165 20.60 25.42 -61.86
CA PRO O 165 20.74 25.50 -60.40
C PRO O 165 19.42 25.44 -59.66
N VAL O 166 18.31 25.81 -60.30
CA VAL O 166 17.01 25.72 -59.65
C VAL O 166 16.61 24.26 -59.47
N ILE O 167 16.87 23.43 -60.48
CA ILE O 167 16.56 22.00 -60.36
C ILE O 167 17.41 21.35 -59.28
N SER O 168 18.68 21.76 -59.19
CA SER O 168 19.56 21.22 -58.16
C SER O 168 19.01 21.54 -56.78
N SER O 169 19.51 20.80 -55.78
CA SER O 169 19.10 20.82 -54.37
C SER O 169 17.74 20.14 -54.17
N LYS O 170 17.02 19.82 -55.23
CA LYS O 170 15.88 18.92 -55.17
C LYS O 170 16.13 17.61 -55.91
N LYS O 171 16.59 17.68 -57.15
CA LYS O 171 16.92 16.48 -57.91
C LYS O 171 18.31 16.64 -58.54
N TYR O 172 19.30 16.01 -57.94
CA TYR O 172 20.67 16.12 -58.44
C TYR O 172 21.06 14.85 -59.20
N GLY O 173 21.59 15.04 -60.41
CA GLY O 173 21.91 13.95 -61.30
C GLY O 173 20.87 13.74 -62.37
N SER O 174 19.68 14.29 -62.14
CA SER O 174 18.59 14.27 -63.11
C SER O 174 18.49 15.59 -63.86
N GLU O 175 19.43 16.51 -63.61
CA GLU O 175 19.34 17.87 -64.14
C GLU O 175 19.31 17.88 -65.67
N ASP O 176 20.05 16.99 -66.31
CA ASP O 176 20.11 16.94 -67.76
C ASP O 176 18.73 16.73 -68.39
N ILE O 177 17.91 15.86 -67.80
CA ILE O 177 16.57 15.63 -68.34
C ILE O 177 15.60 16.70 -67.86
N LEU O 178 15.62 16.98 -66.55
CA LEU O 178 14.63 17.90 -65.99
C LEU O 178 14.80 19.32 -66.54
N SER O 179 16.04 19.75 -66.75
CA SER O 179 16.28 21.08 -67.30
C SER O 179 15.69 21.22 -68.70
N GLU O 180 15.83 20.17 -69.53
CA GLU O 180 15.26 20.22 -70.87
C GLU O 180 13.74 20.27 -70.83
N LEU O 181 13.13 19.54 -69.89
CA LEU O 181 11.68 19.54 -69.77
C LEU O 181 11.12 20.91 -69.45
N VAL O 182 11.73 21.62 -68.51
CA VAL O 182 11.28 22.96 -68.13
C VAL O 182 11.60 23.98 -69.21
N SER O 183 12.83 23.99 -69.72
CA SER O 183 13.23 24.99 -70.71
C SER O 183 12.37 24.91 -71.97
N GLU O 184 12.11 23.70 -72.45
CA GLU O 184 11.25 23.55 -73.62
C GLU O 184 9.83 24.02 -73.36
N ALA O 185 9.27 23.69 -72.19
CA ALA O 185 7.95 24.18 -71.82
C ALA O 185 7.91 25.70 -71.69
N VAL O 186 8.94 26.29 -71.08
CA VAL O 186 8.93 27.74 -70.87
C VAL O 186 9.06 28.47 -72.21
N SER O 187 10.06 28.10 -73.02
CA SER O 187 10.30 28.78 -74.28
C SER O 187 9.11 28.63 -75.24
N HIS O 188 8.30 27.59 -75.07
CA HIS O 188 7.08 27.47 -75.86
C HIS O 188 6.07 28.55 -75.50
N VAL O 189 5.80 28.75 -74.21
CA VAL O 189 4.76 29.68 -73.78
C VAL O 189 5.30 31.05 -73.40
N LEU O 190 6.61 31.21 -73.25
CA LEU O 190 7.16 32.51 -72.86
C LEU O 190 7.66 33.26 -74.09
N PRO O 191 7.02 34.34 -74.51
CA PRO O 191 7.48 35.08 -75.68
C PRO O 191 8.75 35.87 -75.36
N VAL O 192 9.46 36.25 -76.43
CA VAL O 192 10.62 37.14 -76.33
C VAL O 192 10.05 38.56 -76.31
N ALA O 193 10.45 39.35 -75.33
CA ALA O 193 9.98 40.72 -75.19
C ALA O 193 11.02 41.52 -74.42
N GLN O 194 11.09 42.81 -74.74
CA GLN O 194 11.99 43.71 -74.04
C GLN O 194 11.49 45.14 -74.19
N GLN O 195 12.01 46.02 -73.32
CA GLN O 195 11.75 47.45 -73.37
C GLN O 195 10.27 47.79 -73.23
N ALA O 196 9.53 47.01 -72.42
CA ALA O 196 8.13 47.28 -72.14
C ALA O 196 7.73 46.54 -70.87
N GLY O 197 7.14 47.27 -69.93
CA GLY O 197 6.69 46.71 -68.67
C GLY O 197 5.19 46.73 -68.43
N GLU O 198 4.38 47.03 -69.45
CA GLU O 198 2.94 47.14 -69.23
C GLU O 198 2.25 45.78 -69.29
N ILE O 199 2.82 44.85 -70.03
CA ILE O 199 2.20 43.54 -70.29
C ILE O 199 2.87 42.51 -69.40
N PRO O 200 2.15 41.86 -68.50
CA PRO O 200 2.76 40.77 -67.73
C PRO O 200 2.96 39.53 -68.60
N TYR O 201 3.98 38.74 -68.24
CA TYR O 201 4.31 37.52 -68.95
C TYR O 201 4.50 36.39 -67.97
N PHE O 202 4.33 35.16 -68.48
CA PHE O 202 4.62 33.93 -67.73
C PHE O 202 3.62 33.74 -66.58
N ASN O 203 2.38 33.48 -66.94
CA ASN O 203 1.38 33.13 -65.94
C ASN O 203 1.76 31.82 -65.26
N VAL O 204 1.43 31.71 -63.97
CA VAL O 204 1.81 30.51 -63.21
C VAL O 204 1.12 29.29 -63.80
N ASP O 205 0.01 29.50 -64.51
CA ASP O 205 -0.71 28.38 -65.12
C ASP O 205 -0.21 28.07 -66.52
N SER O 206 0.80 28.79 -67.00
CA SER O 206 1.31 28.60 -68.35
C SER O 206 1.94 27.24 -68.58
N ILE O 207 2.35 26.54 -67.53
CA ILE O 207 2.94 25.21 -67.69
C ILE O 207 2.24 24.23 -66.75
N ARG O 208 1.56 23.24 -67.32
CA ARG O 208 0.98 22.17 -66.54
C ARG O 208 1.91 20.96 -66.52
N VAL O 209 1.89 20.22 -65.43
CA VAL O 209 2.66 18.98 -65.31
C VAL O 209 1.69 17.84 -65.05
N VAL O 210 1.82 16.77 -65.83
CA VAL O 210 1.02 15.56 -65.65
C VAL O 210 1.98 14.37 -65.56
N LYS O 211 1.44 13.25 -65.08
CA LYS O 211 2.28 12.11 -64.74
C LYS O 211 1.60 10.83 -65.21
N ILE O 212 2.40 9.92 -65.75
CA ILE O 212 1.95 8.58 -66.11
C ILE O 212 2.89 7.57 -65.46
N MET O 213 2.30 6.51 -64.90
CA MET O 213 3.11 5.49 -64.24
C MET O 213 3.90 4.69 -65.26
N GLY O 214 5.04 4.17 -64.82
CA GLY O 214 5.81 3.23 -65.62
C GLY O 214 7.08 3.82 -66.19
N GLY O 215 8.10 2.98 -66.38
CA GLY O 215 9.36 3.47 -66.91
C GLY O 215 10.07 4.37 -65.94
N SER O 216 10.81 5.34 -66.48
CA SER O 216 11.58 6.28 -65.69
C SER O 216 11.60 7.62 -66.42
N LEU O 217 12.36 8.58 -65.88
CA LEU O 217 12.31 9.94 -66.40
C LEU O 217 12.81 10.00 -67.83
N SER O 218 13.57 9.00 -68.27
CA SER O 218 14.13 9.02 -69.62
C SER O 218 13.04 9.00 -70.69
N ASN O 219 11.82 8.63 -70.32
CA ASN O 219 10.70 8.61 -71.25
C ASN O 219 9.85 9.87 -71.21
N SER O 220 10.31 10.91 -70.50
CA SER O 220 9.55 12.14 -70.41
C SER O 220 9.62 12.93 -71.71
N THR O 221 8.65 13.82 -71.90
CA THR O 221 8.62 14.70 -73.06
C THR O 221 7.81 15.94 -72.72
N VAL O 222 7.58 16.76 -73.75
CA VAL O 222 6.86 18.03 -73.60
C VAL O 222 5.82 18.12 -74.70
N ILE O 223 4.62 18.54 -74.34
CA ILE O 223 3.50 18.67 -75.28
C ILE O 223 3.22 20.15 -75.49
N LYS O 224 2.90 20.52 -76.73
CA LYS O 224 2.78 21.92 -77.12
C LYS O 224 1.42 22.50 -76.74
N GLY O 225 0.65 21.73 -75.98
CA GLY O 225 -0.69 22.15 -75.61
C GLY O 225 -1.17 21.36 -74.41
N MET O 226 -2.50 21.37 -74.26
CA MET O 226 -3.11 20.76 -73.08
C MET O 226 -3.38 19.27 -73.31
N VAL O 227 -3.23 18.49 -72.25
CA VAL O 227 -3.47 17.06 -72.26
C VAL O 227 -4.62 16.73 -71.32
N PHE O 228 -5.58 15.95 -71.82
CA PHE O 228 -6.75 15.53 -71.04
C PHE O 228 -6.75 14.01 -70.89
N ASN O 229 -7.12 13.55 -69.69
CA ASN O 229 -7.02 12.13 -69.40
C ASN O 229 -8.08 11.32 -70.14
N ARG O 230 -9.11 11.99 -70.66
CA ARG O 230 -10.21 11.28 -71.31
C ARG O 230 -9.91 11.05 -72.80
N GLU O 231 -10.40 9.92 -73.30
CA GLU O 231 -10.46 9.58 -74.70
C GLU O 231 -11.70 10.18 -75.36
N PRO O 232 -11.63 10.46 -76.68
CA PRO O 232 -12.84 10.86 -77.41
C PRO O 232 -13.94 9.82 -77.30
N GLU O 233 -15.09 10.22 -76.75
CA GLU O 233 -16.21 9.31 -76.52
C GLU O 233 -16.95 8.99 -77.81
N GLY O 234 -16.84 9.85 -78.82
CA GLY O 234 -17.51 9.62 -80.09
C GLY O 234 -16.71 8.71 -81.01
N HIS O 235 -17.27 8.50 -82.20
CA HIS O 235 -16.59 7.72 -83.23
C HIS O 235 -15.32 8.39 -83.76
N VAL O 236 -15.31 9.71 -83.87
CA VAL O 236 -14.14 10.43 -84.38
C VAL O 236 -13.11 10.45 -83.25
N LYS O 237 -11.88 10.03 -83.57
CA LYS O 237 -10.84 9.97 -82.55
C LYS O 237 -9.85 11.12 -82.69
N SER O 238 -9.93 11.86 -83.79
CA SER O 238 -9.03 12.98 -84.01
C SER O 238 -9.64 13.91 -85.06
N LEU O 239 -9.13 15.15 -85.09
CA LEU O 239 -9.53 16.09 -86.12
C LEU O 239 -8.60 15.98 -87.33
N SER O 240 -9.05 16.52 -88.46
CA SER O 240 -8.23 16.61 -89.65
C SER O 240 -7.14 17.66 -89.47
N GLU O 241 -6.29 17.78 -90.48
CA GLU O 241 -5.19 18.74 -90.48
C GLU O 241 -5.63 20.14 -90.88
N ASP O 242 -6.92 20.33 -91.11
CA ASP O 242 -7.49 21.63 -91.48
C ASP O 242 -7.29 22.59 -90.32
N LYS O 243 -7.13 23.88 -90.63
CA LYS O 243 -6.86 24.88 -89.61
C LYS O 243 -8.16 25.44 -89.05
N LYS O 244 -8.06 26.03 -87.85
CA LYS O 244 -9.15 26.77 -87.23
C LYS O 244 -10.43 25.94 -87.14
N HIS O 245 -10.32 24.79 -86.48
CA HIS O 245 -11.49 23.99 -86.13
C HIS O 245 -12.32 24.73 -85.08
N LYS O 246 -13.61 24.90 -85.32
CA LYS O 246 -14.48 25.53 -84.34
C LYS O 246 -14.79 24.55 -83.21
N VAL O 247 -14.75 25.04 -81.98
CA VAL O 247 -14.93 24.21 -80.79
C VAL O 247 -16.16 24.72 -80.03
N ALA O 248 -17.10 23.83 -79.77
CA ALA O 248 -18.26 24.13 -78.93
C ALA O 248 -18.10 23.45 -77.59
N VAL O 249 -18.28 24.21 -76.52
CA VAL O 249 -18.05 23.73 -75.15
C VAL O 249 -19.37 23.80 -74.40
N PHE O 250 -19.72 22.70 -73.72
CA PHE O 250 -20.97 22.61 -72.97
C PHE O 250 -20.67 22.15 -71.55
N THR O 251 -21.55 22.54 -70.61
CA THR O 251 -21.50 21.95 -69.28
C THR O 251 -22.69 21.03 -69.04
N CYS O 252 -23.86 21.40 -69.56
CA CYS O 252 -25.08 20.61 -69.41
C CYS O 252 -24.95 19.30 -70.19
N PRO O 253 -25.40 18.19 -69.62
CA PRO O 253 -25.36 16.92 -70.37
C PRO O 253 -26.00 17.07 -71.74
N LEU O 254 -25.42 16.39 -72.72
CA LEU O 254 -25.88 16.49 -74.10
C LEU O 254 -26.90 15.38 -74.34
N ASP O 255 -28.16 15.78 -74.42
CA ASP O 255 -29.28 14.85 -74.62
C ASP O 255 -30.47 15.68 -75.11
N ILE O 256 -31.67 15.16 -74.90
CA ILE O 256 -32.88 15.91 -75.24
C ILE O 256 -32.82 17.27 -74.56
N ALA O 257 -33.19 18.31 -75.31
CA ALA O 257 -33.15 19.67 -74.79
C ALA O 257 -34.03 19.80 -73.54
N ASN O 258 -33.56 20.61 -72.59
CA ASN O 258 -34.25 20.75 -71.32
C ASN O 258 -34.02 22.15 -70.73
N THR O 259 -34.54 22.38 -69.53
CA THR O 259 -34.46 23.68 -68.86
C THR O 259 -33.17 23.73 -68.06
N GLU O 260 -32.50 24.89 -68.09
CA GLU O 260 -31.24 25.05 -67.36
C GLU O 260 -31.35 24.56 -65.93
N THR O 261 -32.47 24.83 -65.26
CA THR O 261 -32.71 24.39 -63.89
C THR O 261 -33.83 23.37 -63.91
N LYS O 262 -33.60 22.22 -63.27
CA LYS O 262 -34.52 21.07 -63.27
C LYS O 262 -34.81 20.69 -64.72
N GLY O 263 -36.04 20.84 -65.21
CA GLY O 263 -36.36 20.47 -66.58
C GLY O 263 -36.59 18.99 -66.76
N THR O 264 -36.84 18.29 -65.66
CA THR O 264 -37.09 16.85 -65.68
C THR O 264 -38.53 16.60 -66.14
N VAL O 265 -38.70 15.76 -67.13
CA VAL O 265 -40.03 15.42 -67.64
C VAL O 265 -40.47 14.09 -67.02
N LEU O 266 -41.69 14.09 -66.47
CA LEU O 266 -42.30 12.89 -65.92
C LEU O 266 -43.30 12.32 -66.90
N LEU O 267 -43.28 11.00 -67.05
CA LEU O 267 -44.11 10.29 -68.03
C LEU O 267 -45.02 9.31 -67.29
N HIS O 268 -46.33 9.48 -67.46
CA HIS O 268 -47.33 8.65 -66.81
C HIS O 268 -48.26 7.96 -67.80
N ASN O 269 -48.59 8.64 -68.90
CA ASN O 269 -49.51 8.12 -69.90
C ASN O 269 -48.73 7.41 -70.99
N ALA O 270 -49.39 6.46 -71.66
CA ALA O 270 -48.79 5.79 -72.81
C ALA O 270 -48.43 6.78 -73.91
N GLN O 271 -49.30 7.77 -74.16
CA GLN O 271 -49.01 8.74 -75.22
C GLN O 271 -47.85 9.64 -74.85
N GLU O 272 -47.71 9.97 -73.56
CA GLU O 272 -46.58 10.80 -73.13
C GLU O 272 -45.25 10.11 -73.40
N MET O 273 -45.19 8.79 -73.17
CA MET O 273 -43.98 8.04 -73.47
C MET O 273 -43.71 8.00 -74.97
N LEU O 274 -44.77 7.85 -75.77
CA LEU O 274 -44.60 7.81 -77.21
C LEU O 274 -44.12 9.15 -77.75
N ASP O 275 -44.71 10.24 -77.26
CA ASP O 275 -44.33 11.57 -77.74
C ASP O 275 -42.96 11.99 -77.22
N PHE O 276 -42.66 11.71 -75.95
CA PHE O 276 -41.35 12.02 -75.41
C PHE O 276 -40.24 11.31 -76.19
N SER O 277 -40.42 10.01 -76.44
CA SER O 277 -39.41 9.24 -77.17
C SER O 277 -39.13 9.88 -78.52
N LYS O 278 -40.18 10.27 -79.24
CA LYS O 278 -40.00 11.00 -80.50
C LYS O 278 -39.31 12.34 -80.27
N GLY O 279 -39.62 13.02 -79.16
CA GLY O 279 -38.95 14.27 -78.87
C GLY O 279 -37.45 14.10 -78.72
N GLU O 280 -37.03 12.99 -78.14
CA GLU O 280 -35.60 12.75 -77.96
C GLU O 280 -34.87 12.74 -79.29
N GLU O 281 -35.41 12.01 -80.28
CA GLU O 281 -34.73 11.91 -81.57
C GLU O 281 -34.78 13.23 -82.32
N LYS O 282 -35.95 13.88 -82.33
CA LYS O 282 -36.10 15.11 -83.10
C LYS O 282 -35.34 16.27 -82.48
N GLN O 283 -35.40 16.43 -81.15
CA GLN O 283 -34.77 17.58 -80.51
C GLN O 283 -33.25 17.46 -80.53
N ILE O 284 -32.72 16.25 -80.31
CA ILE O 284 -31.27 16.08 -80.28
C ILE O 284 -30.68 16.29 -81.67
N ASP O 285 -31.31 15.72 -82.70
CA ASP O 285 -30.84 15.90 -84.06
C ASP O 285 -30.77 17.38 -84.42
N ALA O 286 -31.87 18.11 -84.24
CA ALA O 286 -31.90 19.53 -84.57
C ALA O 286 -30.83 20.29 -83.78
N MET O 287 -30.66 19.94 -82.51
CA MET O 287 -29.62 20.59 -81.70
C MET O 287 -28.23 20.33 -82.28
N MET O 288 -27.92 19.07 -82.59
CA MET O 288 -26.62 18.76 -83.17
C MET O 288 -26.49 19.31 -84.58
N LYS O 289 -27.61 19.45 -85.29
CA LYS O 289 -27.59 20.00 -86.63
C LYS O 289 -27.06 21.43 -86.63
N GLU O 290 -27.64 22.29 -85.78
CA GLU O 290 -27.16 23.66 -85.67
C GLU O 290 -25.68 23.71 -85.34
N ILE O 291 -25.23 22.87 -84.41
CA ILE O 291 -23.81 22.82 -84.07
C ILE O 291 -22.97 22.48 -85.30
N ALA O 292 -23.42 21.48 -86.08
CA ALA O 292 -22.71 21.14 -87.30
C ALA O 292 -22.81 22.25 -88.34
N ASP O 293 -23.98 22.87 -88.45
CA ASP O 293 -24.18 23.88 -89.48
C ASP O 293 -23.27 25.08 -89.28
N MET O 294 -22.92 25.37 -88.03
CA MET O 294 -21.97 26.45 -87.74
C MET O 294 -20.55 26.12 -88.15
N GLY O 295 -20.26 24.87 -88.52
CA GLY O 295 -18.92 24.43 -88.82
C GLY O 295 -18.14 23.91 -87.63
N VAL O 296 -18.82 23.47 -86.57
CA VAL O 296 -18.12 22.96 -85.40
C VAL O 296 -17.63 21.54 -85.68
N GLU O 297 -16.32 21.34 -85.53
CA GLU O 297 -15.73 20.02 -85.71
C GLU O 297 -15.35 19.32 -84.41
N CYS O 298 -15.36 20.01 -83.28
CA CYS O 298 -15.06 19.40 -81.99
C CYS O 298 -16.04 19.93 -80.95
N ILE O 299 -16.62 19.03 -80.16
CA ILE O 299 -17.51 19.40 -79.07
C ILE O 299 -16.90 18.89 -77.77
N VAL O 300 -16.81 19.77 -76.79
CA VAL O 300 -16.19 19.45 -75.50
C VAL O 300 -17.25 19.63 -74.42
N ALA O 301 -17.56 18.56 -73.69
CA ALA O 301 -18.62 18.55 -72.70
C ALA O 301 -17.99 18.45 -71.31
N GLY O 302 -18.54 19.21 -70.36
CA GLY O 302 -18.20 19.00 -68.97
C GLY O 302 -19.03 17.91 -68.32
N ALA O 303 -19.95 17.31 -69.06
CA ALA O 303 -20.86 16.29 -68.56
C ALA O 303 -20.99 15.17 -69.59
N GLY O 304 -21.78 14.16 -69.24
CA GLY O 304 -21.95 12.99 -70.09
C GLY O 304 -22.69 13.29 -71.38
N VAL O 305 -22.55 12.39 -72.36
CA VAL O 305 -23.20 12.55 -73.66
C VAL O 305 -24.06 11.32 -73.90
N GLY O 306 -25.35 11.54 -74.18
CA GLY O 306 -26.27 10.44 -74.31
C GLY O 306 -26.05 9.63 -75.57
N GLU O 307 -26.73 8.48 -75.62
CA GLU O 307 -26.54 7.56 -76.74
C GLU O 307 -26.97 8.19 -78.06
N LEU O 308 -28.13 8.86 -78.06
CA LEU O 308 -28.58 9.56 -79.26
C LEU O 308 -27.68 10.76 -79.58
N ALA O 309 -27.22 11.46 -78.55
CA ALA O 309 -26.31 12.59 -78.77
C ALA O 309 -25.02 12.12 -79.43
N LEU O 310 -24.47 11.00 -78.95
CA LEU O 310 -23.29 10.42 -79.61
C LEU O 310 -23.64 9.93 -81.02
N HIS O 311 -24.81 9.34 -81.20
CA HIS O 311 -25.22 8.89 -82.52
C HIS O 311 -25.21 10.02 -83.54
N TYR O 312 -25.85 11.15 -83.20
CA TYR O 312 -25.95 12.24 -84.15
C TYR O 312 -24.63 13.00 -84.28
N LEU O 313 -23.90 13.17 -83.17
CA LEU O 313 -22.57 13.76 -83.25
C LEU O 313 -21.66 12.96 -84.15
N ASN O 314 -21.77 11.63 -84.13
CA ASN O 314 -21.01 10.82 -85.08
C ASN O 314 -21.43 11.08 -86.51
N ARG O 315 -22.74 11.16 -86.76
CA ARG O 315 -23.22 11.42 -88.11
C ARG O 315 -22.68 12.73 -88.66
N TYR O 316 -22.51 13.73 -87.80
CA TYR O 316 -22.01 15.04 -88.20
C TYR O 316 -20.49 15.14 -88.14
N GLY O 317 -19.82 14.05 -87.78
CA GLY O 317 -18.36 14.04 -87.83
C GLY O 317 -17.71 14.95 -86.81
N ILE O 318 -18.37 15.15 -85.67
CA ILE O 318 -17.91 16.09 -84.65
C ILE O 318 -17.15 15.30 -83.59
N LEU O 319 -15.91 15.71 -83.32
CA LEU O 319 -15.11 15.06 -82.28
C LEU O 319 -15.73 15.32 -80.91
N VAL O 320 -15.97 14.25 -80.16
CA VAL O 320 -16.67 14.32 -78.89
C VAL O 320 -15.70 13.99 -77.77
N LEU O 321 -15.41 14.98 -76.93
CA LEU O 321 -14.39 14.84 -75.89
C LEU O 321 -14.98 15.35 -74.58
N LYS O 322 -14.97 14.50 -73.56
CA LYS O 322 -15.49 14.88 -72.25
C LYS O 322 -14.36 15.38 -71.36
N VAL O 323 -14.63 16.46 -70.62
CA VAL O 323 -13.68 16.97 -69.64
C VAL O 323 -14.40 17.08 -68.30
N PRO O 324 -14.30 16.08 -67.42
CA PRO O 324 -15.07 16.13 -66.17
C PRO O 324 -14.59 17.21 -65.22
N SER O 325 -13.38 17.73 -65.40
CA SER O 325 -12.83 18.75 -64.50
C SER O 325 -13.22 20.14 -64.97
N LYS O 326 -13.98 20.86 -64.14
CA LYS O 326 -14.32 22.25 -64.47
C LYS O 326 -13.09 23.14 -64.58
N PHE O 327 -12.06 22.87 -63.77
CA PHE O 327 -10.84 23.67 -63.83
C PHE O 327 -10.07 23.48 -65.13
N GLU O 328 -10.04 22.25 -65.65
CA GLU O 328 -9.47 21.99 -66.96
C GLU O 328 -10.21 22.73 -68.06
N LEU O 329 -11.54 22.80 -67.97
CA LEU O 329 -12.32 23.57 -68.94
C LEU O 329 -12.03 25.06 -68.81
N ARG O 330 -11.93 25.56 -67.57
CA ARG O 330 -11.61 26.96 -67.37
C ARG O 330 -10.26 27.31 -67.98
N ARG O 331 -9.29 26.39 -67.90
CA ARG O 331 -8.02 26.60 -68.58
C ARG O 331 -8.14 26.47 -70.09
N LEU O 332 -8.92 25.50 -70.58
CA LEU O 332 -9.12 25.36 -72.02
C LEU O 332 -9.71 26.63 -72.61
N CYS O 333 -10.60 27.30 -71.87
CA CYS O 333 -11.18 28.54 -72.35
C CYS O 333 -10.14 29.61 -72.59
N ARG O 334 -8.98 29.49 -71.96
CA ARG O 334 -7.89 30.45 -72.14
C ARG O 334 -7.05 30.17 -73.39
N VAL O 335 -7.26 29.03 -74.05
CA VAL O 335 -6.46 28.68 -75.22
C VAL O 335 -7.33 28.76 -76.47
N CYS O 336 -8.50 28.12 -76.42
CA CYS O 336 -9.35 28.03 -77.59
C CYS O 336 -10.34 29.20 -77.65
N GLY O 337 -10.52 29.90 -76.53
CA GLY O 337 -11.39 31.06 -76.46
C GLY O 337 -12.85 30.72 -76.29
N ALA O 338 -13.20 29.44 -76.18
CA ALA O 338 -14.59 29.05 -76.08
C ALA O 338 -15.13 29.37 -74.68
N THR O 339 -16.46 29.50 -74.61
CA THR O 339 -17.16 29.65 -73.34
C THR O 339 -18.10 28.47 -73.18
N PRO O 340 -18.11 27.81 -72.01
CA PRO O 340 -19.05 26.68 -71.82
C PRO O 340 -20.48 27.17 -71.78
N LEU O 341 -21.37 26.39 -72.39
CA LEU O 341 -22.81 26.65 -72.34
C LEU O 341 -23.43 25.89 -71.18
N PRO O 342 -23.94 26.58 -70.16
CA PRO O 342 -24.65 25.86 -69.09
C PRO O 342 -26.03 25.39 -69.50
N ARG O 343 -26.56 25.88 -70.61
CA ARG O 343 -27.88 25.52 -71.12
C ARG O 343 -27.75 24.39 -72.14
N LEU O 344 -28.88 23.79 -72.51
CA LEU O 344 -28.90 22.73 -73.50
C LEU O 344 -29.87 23.10 -74.61
N GLY O 345 -29.36 23.22 -75.84
CA GLY O 345 -30.13 23.65 -76.98
C GLY O 345 -29.95 25.11 -77.37
N ALA O 346 -28.93 25.79 -76.83
CA ALA O 346 -28.66 27.18 -77.16
C ALA O 346 -27.19 27.37 -77.55
N PRO O 347 -26.75 26.73 -78.64
CA PRO O 347 -25.33 26.79 -79.00
C PRO O 347 -24.98 28.11 -79.68
N THR O 348 -25.00 29.20 -78.93
CA THR O 348 -24.74 30.51 -79.49
C THR O 348 -23.36 30.53 -80.15
N PRO O 349 -23.25 30.98 -81.40
CA PRO O 349 -21.95 30.96 -82.09
C PRO O 349 -20.90 31.82 -81.42
N GLU O 350 -21.29 32.83 -80.64
CA GLU O 350 -20.31 33.71 -80.02
C GLU O 350 -19.46 32.96 -79.01
N GLU O 351 -19.95 31.81 -78.53
CA GLU O 351 -19.26 31.09 -77.45
C GLU O 351 -18.30 30.04 -78.02
N LEU O 352 -18.16 29.98 -79.34
CA LEU O 352 -17.30 28.98 -79.95
C LEU O 352 -15.84 29.40 -79.86
N GLY O 353 -14.96 28.40 -79.75
CA GLY O 353 -13.54 28.61 -79.79
C GLY O 353 -12.92 28.03 -81.05
N LEU O 354 -11.59 28.04 -81.08
CA LEU O 354 -10.82 27.53 -82.20
C LEU O 354 -9.72 26.62 -81.69
N VAL O 355 -9.42 25.56 -82.44
CA VAL O 355 -8.26 24.72 -82.19
C VAL O 355 -7.70 24.26 -83.53
N GLU O 356 -6.37 24.12 -83.60
CA GLU O 356 -5.72 23.66 -84.82
C GLU O 356 -5.69 22.14 -84.91
N THR O 357 -5.28 21.46 -83.84
CA THR O 357 -5.24 20.00 -83.82
C THR O 357 -5.78 19.48 -82.50
N VAL O 358 -6.62 18.45 -82.57
CA VAL O 358 -6.95 17.62 -81.42
C VAL O 358 -6.73 16.16 -81.81
N LYS O 359 -5.90 15.46 -81.04
CA LYS O 359 -5.45 14.11 -81.39
C LYS O 359 -5.48 13.22 -80.16
N THR O 360 -5.70 11.92 -80.40
CA THR O 360 -5.60 10.89 -79.39
C THR O 360 -4.20 10.29 -79.45
N MET O 361 -3.52 10.25 -78.31
CA MET O 361 -2.17 9.73 -78.22
C MET O 361 -2.04 8.79 -77.02
N GLU O 362 -1.07 7.89 -77.10
CA GLU O 362 -0.82 6.89 -76.06
C GLU O 362 0.49 7.24 -75.36
N ILE O 363 0.43 7.41 -74.04
CA ILE O 363 1.61 7.59 -73.21
C ILE O 363 1.67 6.44 -72.22
N GLY O 364 2.64 5.56 -72.38
CA GLY O 364 2.77 4.41 -71.51
C GLY O 364 1.68 3.38 -71.64
N GLY O 365 0.88 3.45 -72.70
CA GLY O 365 -0.31 2.65 -72.86
C GLY O 365 -1.59 3.34 -72.44
N ASP O 366 -1.50 4.47 -71.75
CA ASP O 366 -2.66 5.24 -71.33
C ASP O 366 -3.01 6.28 -72.40
N ARG O 367 -4.22 6.17 -72.93
CA ARG O 367 -4.65 7.08 -73.99
C ARG O 367 -5.08 8.41 -73.41
N VAL O 368 -4.59 9.51 -74.00
CA VAL O 368 -4.99 10.86 -73.63
C VAL O 368 -5.29 11.66 -74.89
N THR O 369 -6.02 12.75 -74.71
CA THR O 369 -6.36 13.67 -75.79
C THR O 369 -5.56 14.95 -75.61
N VAL O 370 -5.00 15.44 -76.72
CA VAL O 370 -4.22 16.67 -76.69
C VAL O 370 -4.89 17.72 -77.55
N PHE O 371 -4.94 18.95 -77.02
CA PHE O 371 -5.41 20.11 -77.76
C PHE O 371 -4.20 21.00 -78.02
N LYS O 372 -3.72 21.06 -79.26
CA LYS O 372 -2.45 21.70 -79.53
C LYS O 372 -2.45 22.43 -80.87
N GLN O 373 -1.38 23.16 -81.13
CA GLN O 373 -1.21 23.92 -82.36
C GLN O 373 0.21 23.71 -82.87
N GLU O 374 0.36 23.79 -84.20
CA GLU O 374 1.68 23.74 -84.83
C GLU O 374 1.84 24.98 -85.72
N GLN O 375 2.71 25.90 -85.27
CA GLN O 375 3.06 27.12 -86.00
C GLN O 375 1.85 28.02 -86.29
N GLY O 376 0.99 28.22 -85.30
CA GLY O 376 -0.11 29.15 -85.46
C GLY O 376 -1.13 29.08 -84.34
N GLU O 377 -1.77 30.21 -84.04
CA GLU O 377 -2.75 30.34 -82.97
C GLU O 377 -2.26 29.64 -81.70
N ILE O 378 -0.96 29.81 -81.45
CA ILE O 378 -0.20 28.99 -80.51
C ILE O 378 -0.65 29.20 -79.07
N SER O 379 -0.92 28.11 -78.37
CA SER O 379 -1.33 28.13 -76.97
C SER O 379 -0.26 28.78 -76.11
N ARG O 380 -0.71 29.52 -75.11
CA ARG O 380 0.15 30.00 -74.03
C ARG O 380 0.21 29.02 -72.85
N THR O 381 -0.39 27.84 -73.00
CA THR O 381 -0.31 26.80 -71.98
C THR O 381 0.32 25.56 -72.60
N SER O 382 1.29 24.97 -71.91
CA SER O 382 1.95 23.75 -72.33
C SER O 382 1.83 22.69 -71.23
N THR O 383 2.24 21.47 -71.57
CA THR O 383 2.21 20.35 -70.64
C THR O 383 3.54 19.62 -70.65
N ILE O 384 4.04 19.28 -69.47
CA ILE O 384 5.23 18.47 -69.30
C ILE O 384 4.80 17.07 -68.90
N ILE O 385 5.33 16.07 -69.59
CA ILE O 385 4.94 14.68 -69.40
C ILE O 385 6.03 14.03 -68.54
N LEU O 386 5.66 13.60 -67.34
CA LEU O 386 6.59 12.88 -66.48
C LEU O 386 6.24 11.40 -66.45
N ARG O 387 7.27 10.55 -66.35
CA ARG O 387 7.12 9.11 -66.30
C ARG O 387 7.86 8.57 -65.09
N GLY O 388 7.38 7.46 -64.55
CA GLY O 388 8.13 6.74 -63.54
C GLY O 388 7.32 5.60 -62.98
N ALA O 389 8.02 4.48 -62.76
CA ALA O 389 7.42 3.29 -62.17
C ALA O 389 7.21 3.38 -60.67
N THR O 390 7.92 4.28 -59.98
CA THR O 390 7.81 4.44 -58.54
C THR O 390 6.93 5.65 -58.25
N GLN O 391 5.85 5.43 -57.49
CA GLN O 391 4.89 6.50 -57.26
C GLN O 391 5.51 7.69 -56.55
N ASN O 392 6.37 7.41 -55.56
CA ASN O 392 7.00 8.49 -54.80
C ASN O 392 7.87 9.36 -55.70
N ASN O 393 8.83 8.74 -56.39
CA ASN O 393 9.73 9.50 -57.25
C ASN O 393 8.96 10.26 -58.32
N LEU O 394 7.89 9.66 -58.86
CA LEU O 394 7.09 10.34 -59.87
C LEU O 394 6.47 11.61 -59.32
N ASP O 395 5.93 11.55 -58.10
CA ASP O 395 5.38 12.75 -57.48
C ASP O 395 6.48 13.76 -57.16
N ASP O 396 7.62 13.28 -56.67
CA ASP O 396 8.69 14.19 -56.26
C ASP O 396 9.26 14.95 -57.46
N ILE O 397 9.36 14.30 -58.61
CA ILE O 397 9.84 14.98 -59.82
C ILE O 397 8.90 16.12 -60.19
N GLU O 398 7.59 15.89 -60.08
CA GLU O 398 6.62 16.95 -60.33
C GLU O 398 6.94 18.20 -59.52
N ARG O 399 7.31 18.01 -58.24
CA ARG O 399 7.69 19.15 -57.42
C ARG O 399 8.96 19.81 -57.95
N ALA O 400 9.92 19.01 -58.42
CA ALA O 400 11.14 19.57 -59.00
C ALA O 400 10.82 20.42 -60.22
N ILE O 401 9.85 19.99 -61.03
CA ILE O 401 9.45 20.78 -62.18
C ILE O 401 8.76 22.07 -61.73
N ASP O 402 7.92 21.98 -60.70
CA ASP O 402 7.28 23.17 -60.16
C ASP O 402 8.31 24.23 -59.78
N ASP O 403 9.40 23.82 -59.14
CA ASP O 403 10.44 24.77 -58.78
C ASP O 403 11.07 25.40 -60.02
N GLY O 404 11.32 24.60 -61.05
CA GLY O 404 11.82 25.14 -62.29
C GLY O 404 10.90 26.20 -62.88
N VAL O 405 9.59 25.91 -62.89
CA VAL O 405 8.62 26.87 -63.43
C VAL O 405 8.53 28.09 -62.53
N ALA O 406 8.39 27.86 -61.22
CA ALA O 406 8.22 28.97 -60.29
C ALA O 406 9.40 29.93 -60.33
N ALA O 407 10.62 29.38 -60.42
CA ALA O 407 11.80 30.22 -60.42
C ALA O 407 11.83 31.15 -61.64
N VAL O 408 11.40 30.65 -62.79
CA VAL O 408 11.42 31.46 -64.00
C VAL O 408 10.53 32.69 -63.83
N LYS O 409 9.44 32.54 -63.08
CA LYS O 409 8.62 33.70 -62.73
C LYS O 409 9.47 34.85 -62.20
N GLY O 410 10.55 34.54 -61.48
CA GLY O 410 11.39 35.58 -60.90
C GLY O 410 12.26 36.29 -61.91
N LEU O 411 12.32 35.80 -63.15
CA LEU O 411 13.09 36.42 -64.22
C LEU O 411 12.34 37.55 -64.90
N MET O 412 11.12 37.86 -64.45
CA MET O 412 10.28 38.86 -65.08
C MET O 412 10.74 40.25 -64.65
N LYS O 413 10.01 41.27 -65.13
CA LYS O 413 10.33 42.70 -65.00
C LYS O 413 11.07 43.07 -63.70
N PRO O 414 10.54 42.55 -62.35
CA PRO O 414 11.07 43.13 -61.10
C PRO O 414 12.48 42.66 -60.76
N SER O 415 13.45 43.14 -61.54
CA SER O 415 14.88 43.00 -61.24
C SER O 415 15.29 41.53 -61.08
N GLY O 416 14.83 40.68 -62.01
CA GLY O 416 15.21 39.28 -61.98
C GLY O 416 16.49 38.96 -62.72
N GLY O 417 17.19 39.98 -63.23
CA GLY O 417 18.33 39.71 -64.10
C GLY O 417 19.60 39.40 -63.34
N LYS O 418 19.80 40.05 -62.20
CA LYS O 418 21.13 40.14 -61.61
C LYS O 418 21.53 38.81 -60.98
N LEU O 419 22.73 38.34 -61.32
CA LEU O 419 23.21 37.05 -60.86
C LEU O 419 24.37 37.22 -59.90
N LEU O 420 24.45 36.33 -58.92
CA LEU O 420 25.54 36.21 -57.97
C LEU O 420 26.10 34.80 -57.99
N PRO O 421 27.42 34.65 -57.85
CA PRO O 421 28.00 33.29 -57.77
C PRO O 421 27.36 32.51 -56.63
N GLY O 422 26.98 31.27 -56.92
CA GLY O 422 26.29 30.42 -55.98
C GLY O 422 27.21 29.46 -55.26
N ALA O 423 26.64 28.32 -54.87
CA ALA O 423 27.36 27.29 -54.12
C ALA O 423 28.08 27.88 -52.91
N GLY O 424 27.44 28.85 -52.26
CA GLY O 424 28.02 29.45 -51.07
C GLY O 424 29.00 30.57 -51.30
N ALA O 425 29.40 30.81 -52.56
CA ALA O 425 30.39 31.86 -52.82
C ALA O 425 29.89 33.22 -52.36
N THR O 426 28.61 33.50 -52.56
CA THR O 426 28.05 34.77 -52.09
C THR O 426 28.15 34.91 -50.59
N GLU O 427 27.71 33.88 -49.85
CA GLU O 427 27.73 33.95 -48.40
C GLU O 427 29.14 34.09 -47.85
N ILE O 428 30.12 33.41 -48.46
CA ILE O 428 31.50 33.51 -48.00
C ILE O 428 32.00 34.94 -48.13
N GLU O 429 31.70 35.59 -49.26
CA GLU O 429 32.10 36.99 -49.43
C GLU O 429 31.35 37.90 -48.45
N LEU O 430 30.06 37.62 -48.24
CA LEU O 430 29.27 38.44 -47.32
C LEU O 430 29.84 38.38 -45.90
N ILE O 431 30.35 37.22 -45.48
CA ILE O 431 30.91 37.09 -44.14
C ILE O 431 32.07 38.07 -43.98
N SER O 432 32.96 38.12 -44.98
CA SER O 432 34.10 39.03 -44.90
C SER O 432 33.65 40.49 -44.94
N ARG O 433 32.73 40.83 -45.84
CA ARG O 433 32.32 42.22 -45.98
C ARG O 433 31.51 42.70 -44.79
N ILE O 434 30.58 41.87 -44.29
CA ILE O 434 29.79 42.26 -43.13
C ILE O 434 30.66 42.41 -41.89
N THR O 435 31.61 41.48 -41.69
CA THR O 435 32.52 41.59 -40.55
C THR O 435 33.27 42.92 -40.56
N LYS O 436 33.83 43.32 -41.71
CA LYS O 436 34.60 44.54 -41.77
C LYS O 436 33.74 45.75 -41.40
N TYR O 437 32.48 45.75 -41.86
CA TYR O 437 31.54 46.78 -41.43
C TYR O 437 31.36 46.78 -39.92
N GLY O 438 31.31 45.60 -39.29
CA GLY O 438 31.27 45.51 -37.85
C GLY O 438 32.44 46.18 -37.18
N GLU O 439 33.66 45.90 -37.63
CA GLU O 439 34.85 46.52 -37.09
C GLU O 439 34.86 48.04 -37.25
N ARG O 440 34.30 48.55 -38.35
CA ARG O 440 34.18 49.98 -38.57
C ARG O 440 33.07 50.62 -37.75
N THR O 441 31.98 49.89 -37.53
CA THR O 441 30.84 50.44 -36.78
C THR O 441 31.24 50.70 -35.34
N PRO O 442 31.03 51.91 -34.83
CA PRO O 442 31.41 52.21 -33.45
C PRO O 442 30.44 51.60 -32.45
N GLY O 443 30.94 51.42 -31.22
CA GLY O 443 30.09 51.07 -30.11
C GLY O 443 29.69 49.61 -30.10
N LEU O 444 28.68 49.31 -29.29
CA LEU O 444 28.27 47.93 -29.07
C LEU O 444 27.64 47.30 -30.30
N LEU O 445 27.27 48.09 -31.30
CA LEU O 445 26.66 47.52 -32.51
C LEU O 445 27.54 46.48 -33.16
N GLN O 446 28.87 46.60 -33.00
CA GLN O 446 29.79 45.67 -33.64
C GLN O 446 29.60 44.24 -33.15
N LEU O 447 29.05 44.07 -31.95
CA LEU O 447 28.91 42.73 -31.40
C LEU O 447 27.90 41.91 -32.20
N ALA O 448 26.75 42.51 -32.51
CA ALA O 448 25.71 41.79 -33.25
C ALA O 448 25.99 41.78 -34.74
N ILE O 449 26.62 42.83 -35.27
CA ILE O 449 26.95 42.86 -36.69
C ILE O 449 27.93 41.74 -37.03
N LYS O 450 28.94 41.53 -36.18
CA LYS O 450 29.87 40.43 -36.40
C LYS O 450 29.17 39.08 -36.34
N GLN O 451 28.28 38.89 -35.36
CA GLN O 451 27.55 37.64 -35.25
C GLN O 451 26.58 37.46 -36.42
N PHE O 452 26.02 38.58 -36.92
CA PHE O 452 25.23 38.51 -38.13
C PHE O 452 26.00 37.85 -39.27
N ALA O 453 27.27 38.26 -39.44
CA ALA O 453 28.12 37.61 -40.44
C ALA O 453 28.30 36.13 -40.15
N VAL O 454 28.53 35.78 -38.88
CA VAL O 454 28.82 34.40 -38.53
C VAL O 454 27.69 33.49 -38.99
N ALA O 455 26.44 33.93 -38.82
CA ALA O 455 25.30 33.10 -39.15
C ALA O 455 25.35 32.63 -40.60
N PHE O 456 25.96 33.42 -41.49
CA PHE O 456 25.94 33.09 -42.91
C PHE O 456 26.81 31.89 -43.25
N GLU O 457 27.75 31.51 -42.40
CA GLU O 457 28.59 30.35 -42.65
C GLU O 457 27.79 29.06 -42.73
N VAL O 458 26.53 29.06 -42.30
CA VAL O 458 25.74 27.84 -42.31
C VAL O 458 25.59 27.29 -43.72
N VAL O 459 25.61 28.17 -44.73
CA VAL O 459 25.42 27.76 -46.12
C VAL O 459 26.63 27.00 -46.64
N PRO O 460 27.85 27.58 -46.64
CA PRO O 460 29.01 26.76 -47.04
C PRO O 460 29.24 25.56 -46.12
N ARG O 461 28.79 25.65 -44.87
CA ARG O 461 28.91 24.52 -43.97
C ARG O 461 27.94 23.41 -44.35
N THR O 462 26.67 23.75 -44.58
CA THR O 462 25.68 22.76 -44.97
C THR O 462 26.03 22.11 -46.31
N LEU O 463 26.49 22.90 -47.28
CA LEU O 463 26.83 22.34 -48.58
C LEU O 463 27.94 21.30 -48.45
N ALA O 464 28.91 21.55 -47.59
CA ALA O 464 29.97 20.57 -47.36
C ALA O 464 29.47 19.39 -46.54
N GLU O 465 28.76 19.65 -45.45
CA GLU O 465 28.34 18.57 -44.56
C GLU O 465 27.46 17.57 -45.28
N THR O 466 26.46 18.08 -46.03
CA THR O 466 25.54 17.19 -46.72
C THR O 466 26.23 16.38 -47.80
N ALA O 467 27.35 16.85 -48.34
CA ALA O 467 28.10 16.12 -49.35
C ALA O 467 29.04 15.08 -48.76
N GLY O 468 29.08 14.95 -47.44
CA GLY O 468 29.98 14.00 -46.81
C GLY O 468 31.37 14.51 -46.59
N LEU O 469 31.60 15.81 -46.74
CA LEU O 469 32.92 16.40 -46.55
C LEU O 469 33.10 16.83 -45.11
N ASP O 470 34.36 16.83 -44.66
CA ASP O 470 34.69 17.28 -43.32
C ASP O 470 34.69 18.80 -43.29
N VAL O 471 33.68 19.39 -42.66
CA VAL O 471 33.54 20.84 -42.68
C VAL O 471 34.74 21.52 -42.04
N ASN O 472 35.44 20.81 -41.14
CA ASN O 472 36.58 21.39 -40.45
C ASN O 472 37.82 21.48 -41.32
N GLU O 473 37.81 20.87 -42.50
CA GLU O 473 38.83 21.06 -43.53
C GLU O 473 38.36 21.88 -44.72
N VAL O 474 37.08 21.77 -45.07
CA VAL O 474 36.56 22.52 -46.21
C VAL O 474 36.40 24.01 -45.86
N LEU O 475 35.82 24.30 -44.69
CA LEU O 475 35.56 25.70 -44.35
C LEU O 475 36.81 26.55 -44.35
N PRO O 476 37.92 26.17 -43.69
CA PRO O 476 39.11 27.04 -43.74
C PRO O 476 39.69 27.18 -45.13
N ASN O 477 39.46 26.22 -46.02
CA ASN O 477 39.90 26.36 -47.40
C ASN O 477 38.98 27.31 -48.16
N LEU O 478 37.68 27.27 -47.87
CA LEU O 478 36.74 28.19 -48.49
C LEU O 478 37.07 29.63 -48.11
N TYR O 479 37.41 29.87 -46.84
CA TYR O 479 37.74 31.22 -46.41
C TYR O 479 39.07 31.68 -46.99
N ALA O 480 40.06 30.78 -47.01
CA ALA O 480 41.35 31.14 -47.57
C ALA O 480 41.24 31.56 -49.03
N ALA O 481 40.39 30.90 -49.80
CA ALA O 481 40.17 31.26 -51.19
C ALA O 481 39.68 32.69 -51.37
N HIS O 482 38.82 33.18 -50.48
CA HIS O 482 38.31 34.54 -50.55
C HIS O 482 39.10 35.52 -49.69
N ASN O 483 39.85 35.03 -48.70
CA ASN O 483 40.61 35.88 -47.79
C ASN O 483 41.90 36.27 -48.52
N VAL O 484 41.77 37.12 -49.53
CA VAL O 484 42.88 37.52 -50.39
C VAL O 484 43.00 39.03 -50.35
N THR O 485 44.22 39.50 -50.58
CA THR O 485 44.51 40.93 -50.69
C THR O 485 44.90 41.22 -52.14
N GLU O 486 44.19 42.15 -52.77
CA GLU O 486 44.35 42.42 -54.19
C GLU O 486 44.85 43.85 -54.40
N PRO O 487 45.65 44.12 -55.45
CA PRO O 487 46.19 45.47 -55.68
C PRO O 487 45.16 46.41 -56.29
N GLY O 488 44.10 46.69 -55.54
CA GLY O 488 43.05 47.57 -56.01
C GLY O 488 41.85 47.63 -55.09
N ALA O 489 40.96 48.60 -55.31
CA ALA O 489 39.76 48.71 -54.49
C ALA O 489 38.71 47.69 -54.88
N VAL O 490 38.67 47.29 -56.14
CA VAL O 490 37.65 46.38 -56.64
C VAL O 490 38.19 44.96 -56.55
N LYS O 491 37.45 44.08 -55.89
CA LYS O 491 37.83 42.68 -55.73
C LYS O 491 37.38 41.87 -56.93
N THR O 492 38.33 41.23 -57.60
CA THR O 492 38.01 40.55 -58.86
C THR O 492 39.00 39.43 -59.17
N ASP O 493 39.06 39.05 -60.44
CA ASP O 493 40.01 38.04 -60.91
C ASP O 493 39.62 36.63 -60.45
N HIS O 494 38.93 36.54 -59.32
CA HIS O 494 38.31 35.26 -58.95
C HIS O 494 37.27 35.48 -57.86
N LEU O 495 36.02 35.68 -58.28
CA LEU O 495 34.88 35.78 -57.39
C LEU O 495 34.04 34.51 -57.43
N TYR O 496 34.59 33.47 -58.06
CA TYR O 496 33.84 32.25 -58.38
C TYR O 496 34.12 31.06 -57.48
N LYS O 497 34.82 31.24 -56.36
CA LYS O 497 35.24 30.08 -55.59
C LYS O 497 34.11 29.60 -54.69
N GLY O 498 33.56 28.42 -55.00
CA GLY O 498 32.41 27.90 -54.30
C GLY O 498 32.71 26.62 -53.55
N VAL O 499 31.65 25.97 -53.09
CA VAL O 499 31.77 24.76 -52.29
C VAL O 499 31.54 23.57 -53.23
N ASP O 500 32.47 22.62 -53.22
CA ASP O 500 32.31 21.38 -53.98
C ASP O 500 31.33 20.46 -53.27
N ILE O 501 30.49 19.77 -54.05
CA ILE O 501 29.55 18.77 -53.55
C ILE O 501 29.81 17.40 -54.18
N ASP O 502 30.97 17.23 -54.81
CA ASP O 502 31.32 15.98 -55.49
C ASP O 502 31.36 14.78 -54.54
N GLY O 503 30.98 13.62 -55.07
CA GLY O 503 31.05 12.36 -54.36
C GLY O 503 32.43 11.74 -54.41
N GLU O 504 33.41 12.42 -54.98
CA GLU O 504 34.78 11.92 -55.10
C GLU O 504 35.68 13.01 -54.53
N SER O 505 36.83 12.60 -53.99
CA SER O 505 37.82 13.53 -53.44
C SER O 505 38.36 14.51 -54.47
N ASP O 506 38.49 15.78 -54.08
CA ASP O 506 39.04 16.81 -54.95
C ASP O 506 39.61 17.99 -54.15
N GLU O 507 40.94 18.02 -54.03
CA GLU O 507 41.62 18.98 -53.16
C GLU O 507 41.30 20.38 -53.67
N GLY O 508 40.93 21.28 -52.76
CA GLY O 508 40.61 22.64 -53.16
C GLY O 508 39.14 22.79 -53.47
N VAL O 509 38.82 23.75 -54.33
CA VAL O 509 37.44 24.09 -54.67
C VAL O 509 37.34 24.26 -56.18
N LYS O 510 36.14 24.02 -56.71
CA LYS O 510 35.85 24.34 -58.11
C LYS O 510 35.29 25.75 -58.24
N ASP O 511 35.28 26.24 -59.48
CA ASP O 511 34.77 27.57 -59.80
C ASP O 511 33.31 27.50 -60.21
N ILE O 512 32.58 28.59 -59.93
CA ILE O 512 31.20 28.70 -60.38
C ILE O 512 31.12 28.71 -61.90
N ARG O 513 32.06 29.40 -62.55
CA ARG O 513 32.03 29.53 -64.01
C ARG O 513 32.12 28.18 -64.70
N GLU O 514 32.68 27.17 -64.02
CA GLU O 514 32.78 25.85 -64.63
C GLU O 514 31.42 25.18 -64.76
N GLU O 515 30.55 25.32 -63.75
CA GLU O 515 29.22 24.74 -63.80
C GLU O 515 28.09 25.75 -64.02
N ASN O 516 28.38 27.06 -64.01
CA ASN O 516 27.37 28.10 -64.20
C ASN O 516 26.27 28.02 -63.16
N ILE O 517 26.67 27.92 -61.89
CA ILE O 517 25.75 27.90 -60.76
C ILE O 517 25.63 29.31 -60.21
N TYR O 518 24.55 29.99 -60.58
CA TYR O 518 24.33 31.36 -60.13
C TYR O 518 23.02 31.45 -59.36
N ASP O 519 22.98 32.37 -58.40
CA ASP O 519 21.76 32.64 -57.64
C ASP O 519 21.16 33.95 -58.13
N MET O 520 19.87 34.16 -57.85
CA MET O 520 19.21 35.39 -58.24
C MET O 520 19.33 36.44 -57.14
N LEU O 521 19.66 37.67 -57.55
CA LEU O 521 19.75 38.76 -56.59
C LEU O 521 18.45 38.92 -55.82
N ALA O 522 17.31 38.95 -56.53
CA ALA O 522 16.03 39.17 -55.88
C ALA O 522 15.77 38.11 -54.83
N THR O 523 16.17 36.86 -55.10
CA THR O 523 15.96 35.79 -54.14
C THR O 523 16.83 35.99 -52.89
N LYS O 524 18.09 36.38 -53.10
CA LYS O 524 19.01 36.55 -51.98
C LYS O 524 18.61 37.75 -51.13
N LYS O 525 18.32 38.89 -51.77
CA LYS O 525 17.94 40.08 -51.02
C LYS O 525 16.63 39.87 -50.26
N PHE O 526 15.63 39.26 -50.91
CA PHE O 526 14.35 39.04 -50.26
C PHE O 526 14.47 38.04 -49.13
N ALA O 527 15.11 36.90 -49.38
CA ALA O 527 15.20 35.85 -48.37
C ALA O 527 15.93 36.33 -47.13
N ILE O 528 17.02 37.07 -47.32
CA ILE O 528 17.77 37.58 -46.17
C ILE O 528 16.97 38.64 -45.43
N ASN O 529 16.27 39.51 -46.17
CA ASN O 529 15.37 40.48 -45.55
C ASN O 529 14.32 39.78 -44.71
N VAL O 530 13.70 38.73 -45.25
CA VAL O 530 12.68 38.00 -44.50
C VAL O 530 13.29 37.31 -43.28
N ALA O 531 14.45 36.66 -43.47
CA ALA O 531 15.09 35.97 -42.35
C ALA O 531 15.42 36.94 -41.21
N THR O 532 15.89 38.14 -41.53
CA THR O 532 16.19 39.12 -40.50
C THR O 532 14.94 39.53 -39.73
N GLU O 533 13.82 39.76 -40.44
CA GLU O 533 12.58 40.10 -39.75
C GLU O 533 12.12 38.96 -38.86
N ALA O 534 12.29 37.71 -39.30
CA ALA O 534 11.90 36.57 -38.49
C ALA O 534 12.72 36.49 -37.22
N ALA O 535 14.05 36.54 -37.35
CA ALA O 535 14.92 36.49 -36.18
C ALA O 535 14.70 37.71 -35.28
N THR O 536 14.48 38.87 -35.88
CA THR O 536 14.23 40.08 -35.09
C THR O 536 13.02 39.91 -34.19
N THR O 537 11.91 39.43 -34.74
CA THR O 537 10.69 39.28 -33.95
C THR O 537 10.91 38.34 -32.76
N VAL O 538 11.50 37.17 -33.02
CA VAL O 538 11.64 36.16 -31.97
C VAL O 538 12.48 36.70 -30.82
N LEU O 539 13.58 37.38 -31.15
CA LEU O 539 14.47 37.90 -30.11
C LEU O 539 13.76 38.93 -29.23
N SER O 540 12.73 39.59 -29.76
CA SER O 540 12.08 40.66 -29.02
C SER O 540 11.04 40.14 -28.04
N ILE O 541 10.80 38.83 -28.02
CA ILE O 541 9.70 38.26 -27.25
C ILE O 541 10.24 37.91 -25.87
N ASP O 542 9.57 38.41 -24.83
CA ASP O 542 9.93 38.11 -23.44
C ASP O 542 8.75 37.53 -22.65
N GLN O 543 7.66 37.18 -23.33
CA GLN O 543 6.48 36.63 -22.66
C GLN O 543 5.57 35.94 -23.67
N ILE O 544 4.98 34.81 -23.29
CA ILE O 544 3.89 34.18 -24.03
C ILE O 544 2.62 34.32 -23.21
N ILE O 545 1.58 34.89 -23.83
CA ILE O 545 0.30 35.12 -23.18
C ILE O 545 -0.71 34.16 -23.77
N MET O 546 -1.47 33.48 -22.91
CA MET O 546 -2.52 32.57 -23.32
C MET O 546 -3.64 32.57 -22.29
N ALA O 547 -4.86 32.35 -22.78
CA ALA O 547 -6.01 32.13 -21.92
C ALA O 547 -6.42 30.66 -21.97
N LYS O 548 -6.79 30.13 -20.81
CA LYS O 548 -7.31 28.77 -20.75
C LYS O 548 -8.53 28.61 -21.66
N LYS O 549 -8.58 27.51 -22.40
CA LYS O 549 -9.70 27.22 -23.26
C LYS O 549 -10.81 26.50 -22.50
N GLN P 7 9.14 21.96 2.38
CA GLN P 7 8.73 22.96 1.40
C GLN P 7 8.20 24.21 2.07
N ASN P 8 7.16 24.06 2.87
CA ASN P 8 6.49 25.20 3.46
C ASN P 8 7.52 26.09 4.15
N PRO P 9 7.66 27.35 3.73
CA PRO P 9 8.65 28.24 4.38
C PRO P 9 8.19 28.71 5.75
N ASN P 10 9.15 29.08 6.60
CA ASN P 10 8.83 29.71 7.88
C ASN P 10 9.83 30.83 8.12
N ALA P 11 9.35 31.96 8.62
CA ALA P 11 10.18 33.11 8.94
C ALA P 11 10.29 33.29 10.45
N GLY P 12 11.43 33.82 10.87
CA GLY P 12 11.66 34.12 12.26
C GLY P 12 12.25 33.00 13.09
N LEU P 13 12.31 31.78 12.55
CA LEU P 13 12.81 30.63 13.29
C LEU P 13 14.22 30.29 12.80
N PHE P 14 15.23 30.87 13.44
CA PHE P 14 16.61 30.67 12.99
C PHE P 14 17.53 30.13 14.09
N LYS P 15 17.01 29.73 15.24
CA LYS P 15 17.84 29.27 16.35
C LYS P 15 17.60 27.79 16.61
N GLN P 16 18.55 26.95 16.20
CA GLN P 16 18.47 25.49 16.32
C GLN P 16 17.16 24.91 15.81
N GLY P 17 16.52 25.62 14.88
CA GLY P 17 15.26 25.15 14.32
C GLY P 17 14.08 25.17 15.27
N TYR P 18 14.21 25.85 16.42
CA TYR P 18 13.16 25.87 17.42
C TYR P 18 11.92 26.61 16.92
N ASN P 19 10.74 26.15 17.32
CA ASN P 19 9.50 26.90 17.07
C ASN P 19 9.25 27.74 18.32
N SER P 20 9.73 28.98 18.29
CA SER P 20 9.71 29.86 19.46
C SER P 20 8.90 31.10 19.14
N TYR P 21 7.75 31.25 19.81
CA TYR P 21 6.74 32.24 19.42
C TYR P 21 7.22 33.63 19.85
N SER P 22 6.97 34.61 18.99
CA SER P 22 7.30 35.99 19.31
C SER P 22 6.14 36.66 20.04
N ASN P 23 6.39 37.88 20.53
CA ASN P 23 5.31 38.67 21.11
C ASN P 23 4.09 38.74 20.20
N ALA P 24 4.28 38.99 18.90
CA ALA P 24 3.15 39.08 17.98
C ALA P 24 2.43 37.74 17.81
N ASP P 25 3.05 36.64 18.21
CA ASP P 25 2.45 35.31 18.08
C ASP P 25 1.70 34.91 19.35
N GLY P 26 1.65 35.79 20.35
CA GLY P 26 0.89 35.53 21.55
C GLY P 26 1.59 34.62 22.54
N GLN P 27 2.92 34.71 22.60
CA GLN P 27 3.66 33.90 23.58
C GLN P 27 3.15 34.12 24.99
N ILE P 28 2.80 35.37 25.33
CA ILE P 28 2.30 35.67 26.66
C ILE P 28 0.95 34.99 26.88
N ILE P 29 0.05 35.08 25.89
CA ILE P 29 -1.26 34.44 26.02
C ILE P 29 -1.10 32.92 26.11
N LYS P 30 -0.22 32.35 25.29
CA LYS P 30 0.00 30.91 25.34
C LYS P 30 0.64 30.49 26.65
N SER P 31 1.57 31.29 27.17
CA SER P 31 2.17 30.99 28.47
C SER P 31 1.11 31.02 29.57
N ILE P 32 0.22 32.01 29.54
CA ILE P 32 -0.83 32.08 30.55
C ILE P 32 -1.76 30.88 30.44
N ALA P 33 -2.09 30.48 29.21
CA ALA P 33 -2.94 29.31 29.02
C ALA P 33 -2.36 28.07 29.68
N ALA P 34 -1.03 27.89 29.58
CA ALA P 34 -0.39 26.78 30.26
C ALA P 34 -0.54 26.91 31.77
N ILE P 35 -0.45 28.13 32.30
CA ILE P 35 -0.57 28.33 33.74
C ILE P 35 -2.00 28.04 34.20
N ARG P 36 -2.99 28.35 33.34
CA ARG P 36 -4.38 28.17 33.72
C ARG P 36 -4.67 26.73 34.14
N GLU P 37 -3.95 25.77 33.55
CA GLU P 37 -4.14 24.37 33.93
C GLU P 37 -3.83 24.17 35.41
N LEU P 38 -2.74 24.75 35.90
CA LEU P 38 -2.40 24.68 37.31
C LEU P 38 -3.27 25.60 38.16
N HIS P 39 -3.70 26.73 37.62
CA HIS P 39 -4.62 27.61 38.35
C HIS P 39 -5.87 26.85 38.77
N GLN P 40 -6.52 26.17 37.82
CA GLN P 40 -7.72 25.41 38.15
C GLN P 40 -7.43 24.31 39.17
N MET P 41 -6.27 23.66 39.08
CA MET P 41 -5.93 22.63 40.04
C MET P 41 -5.88 23.20 41.45
N CYS P 42 -5.23 24.34 41.64
CA CYS P 42 -5.13 24.98 42.94
C CYS P 42 -6.40 25.71 43.34
N LEU P 43 -7.21 26.16 42.37
CA LEU P 43 -8.40 26.94 42.69
C LEU P 43 -9.36 26.22 43.62
N THR P 44 -9.44 24.90 43.53
CA THR P 44 -10.41 24.12 44.29
C THR P 44 -9.86 23.65 45.63
N SER P 45 -8.64 24.04 45.97
CA SER P 45 -8.00 23.69 47.24
C SER P 45 -8.39 24.61 48.39
N MET P 46 -8.47 25.91 48.13
CA MET P 46 -8.63 26.91 49.18
C MET P 46 -9.99 26.79 49.87
N GLY P 47 -10.00 27.02 51.17
CA GLY P 47 -11.22 27.14 51.92
C GLY P 47 -11.49 25.94 52.81
N PRO P 48 -12.30 26.13 53.85
CA PRO P 48 -12.59 25.00 54.75
C PRO P 48 -13.21 23.82 54.05
N CYS P 49 -13.85 24.04 52.90
CA CYS P 49 -14.49 22.99 52.13
C CYS P 49 -13.72 22.62 50.88
N GLY P 50 -12.41 22.87 50.87
CA GLY P 50 -11.61 22.54 49.71
C GLY P 50 -11.69 21.08 49.33
N ARG P 51 -11.24 20.79 48.11
CA ARG P 51 -11.33 19.46 47.53
C ARG P 51 -10.02 18.72 47.70
N ASN P 52 -10.12 17.40 47.78
CA ASN P 52 -8.97 16.51 47.92
C ASN P 52 -8.39 16.20 46.54
N LYS P 53 -7.12 15.81 46.53
CA LYS P 53 -6.48 15.30 45.33
C LYS P 53 -5.75 14.00 45.64
N ILE P 54 -5.78 13.07 44.70
CA ILE P 54 -5.03 11.83 44.78
C ILE P 54 -3.71 12.04 44.05
N ILE P 55 -2.61 11.71 44.72
CA ILE P 55 -1.27 11.80 44.14
C ILE P 55 -0.65 10.41 44.17
N VAL P 56 -0.23 9.92 43.01
CA VAL P 56 0.39 8.62 42.87
C VAL P 56 1.88 8.84 42.62
N ASN P 57 2.69 8.66 43.66
CA ASN P 57 4.13 8.83 43.52
C ASN P 57 4.72 7.74 42.65
N HIS P 58 5.70 8.11 41.83
CA HIS P 58 6.33 7.18 40.91
C HIS P 58 6.90 5.95 41.61
N LEU P 59 7.12 6.02 42.92
CA LEU P 59 7.62 4.89 43.70
C LEU P 59 6.53 3.92 44.10
N GLY P 60 5.28 4.17 43.71
CA GLY P 60 4.18 3.29 44.03
C GLY P 60 3.53 3.59 45.37
N LYS P 61 3.35 4.87 45.66
CA LYS P 61 2.73 5.32 46.91
C LYS P 61 1.61 6.28 46.57
N ILE P 62 0.40 5.97 47.05
CA ILE P 62 -0.78 6.78 46.76
C ILE P 62 -1.20 7.51 48.03
N ILE P 63 -1.30 8.84 47.95
CA ILE P 63 -1.71 9.67 49.06
C ILE P 63 -2.86 10.58 48.61
N ILE P 64 -3.60 11.10 49.58
CA ILE P 64 -4.62 12.11 49.35
C ILE P 64 -4.28 13.32 50.23
N THR P 65 -4.40 14.52 49.65
CA THR P 65 -4.13 15.74 50.38
C THR P 65 -5.01 16.87 49.86
N ASN P 66 -5.19 17.89 50.70
CA ASN P 66 -5.78 19.15 50.30
C ASN P 66 -4.72 20.17 49.89
N ASP P 67 -3.46 19.92 50.24
CA ASP P 67 -2.42 20.93 50.15
C ASP P 67 -1.91 21.08 48.73
N ALA P 68 -2.08 22.28 48.17
CA ALA P 68 -1.59 22.60 46.84
C ALA P 68 -0.08 22.53 46.73
N ALA P 69 0.65 22.98 47.76
CA ALA P 69 2.10 22.94 47.71
C ALA P 69 2.61 21.51 47.60
N THR P 70 2.00 20.59 48.35
CA THR P 70 2.32 19.18 48.21
C THR P 70 2.14 18.72 46.76
N MET P 71 0.99 19.04 46.17
CA MET P 71 0.75 18.70 44.78
C MET P 71 1.84 19.27 43.87
N LEU P 72 2.16 20.55 44.04
CA LEU P 72 3.12 21.20 43.15
C LEU P 72 4.50 20.56 43.27
N ARG P 73 4.87 20.12 44.48
CA ARG P 73 6.15 19.45 44.65
C ARG P 73 6.12 18.03 44.09
N GLU P 74 4.96 17.39 44.14
CA GLU P 74 4.82 16.04 43.59
C GLU P 74 4.64 16.05 42.07
N LEU P 75 4.12 17.13 41.50
CA LEU P 75 4.05 17.28 40.06
C LEU P 75 5.45 17.50 39.49
N ASP P 76 5.70 16.89 38.34
CA ASP P 76 6.87 17.21 37.53
C ASP P 76 6.56 18.40 36.61
N ILE P 77 6.96 19.58 37.06
CA ILE P 77 6.59 20.80 36.36
C ILE P 77 7.67 21.14 35.34
N VAL P 78 7.28 21.21 34.07
CA VAL P 78 8.21 21.37 32.95
C VAL P 78 8.12 22.79 32.42
N HIS P 79 6.92 23.21 32.07
CA HIS P 79 6.71 24.49 31.39
C HIS P 79 7.23 25.64 32.24
N PRO P 80 8.20 26.41 31.76
CA PRO P 80 8.73 27.51 32.58
C PRO P 80 7.69 28.50 33.08
N ALA P 81 6.61 28.70 32.32
CA ALA P 81 5.58 29.64 32.75
C ALA P 81 4.97 29.23 34.08
N VAL P 82 4.86 27.93 34.33
CA VAL P 82 4.34 27.44 35.60
C VAL P 82 5.42 27.44 36.68
N LYS P 83 6.67 27.14 36.31
CA LYS P 83 7.76 27.15 37.28
C LYS P 83 7.87 28.49 37.99
N VAL P 84 7.61 29.59 37.29
CA VAL P 84 7.64 30.90 37.92
C VAL P 84 6.71 30.95 39.12
N LEU P 85 5.51 30.40 38.98
CA LEU P 85 4.55 30.42 40.07
C LEU P 85 4.85 29.36 41.12
N VAL P 86 5.43 28.23 40.71
CA VAL P 86 5.79 27.18 41.67
C VAL P 86 6.93 27.66 42.56
N MET P 87 7.94 28.32 41.96
CA MET P 87 8.96 28.97 42.76
C MET P 87 8.36 30.01 43.69
N ALA P 88 7.35 30.75 43.21
CA ALA P 88 6.65 31.69 44.08
C ALA P 88 6.03 30.98 45.26
N THR P 89 5.48 29.78 45.03
CA THR P 89 4.93 28.99 46.14
C THR P 89 6.01 28.69 47.17
N GLU P 90 7.21 28.31 46.71
CA GLU P 90 8.30 28.02 47.64
C GLU P 90 8.64 29.24 48.48
N GLN P 91 8.51 30.44 47.90
CA GLN P 91 8.74 31.66 48.68
C GLN P 91 7.79 31.73 49.86
N GLN P 92 6.55 31.27 49.68
CA GLN P 92 5.59 31.29 50.78
C GLN P 92 5.97 30.28 51.85
N LYS P 93 6.71 29.23 51.46
CA LYS P 93 7.19 28.25 52.43
C LYS P 93 8.43 28.73 53.16
N ILE P 94 9.23 29.60 52.56
CA ILE P 94 10.43 30.12 53.19
C ILE P 94 10.07 31.37 53.98
N ASP P 95 10.34 31.33 55.28
CA ASP P 95 10.09 32.40 56.24
C ASP P 95 8.61 32.70 56.44
N MET P 96 7.70 31.86 55.97
CA MET P 96 6.26 32.02 56.15
C MET P 96 5.63 30.64 56.15
N GLY P 97 4.54 30.51 56.91
CA GLY P 97 3.91 29.22 57.11
C GLY P 97 2.56 29.07 56.43
N ASP P 98 2.22 30.02 55.57
CA ASP P 98 0.90 30.06 54.97
C ASP P 98 0.97 30.89 53.70
N GLY P 99 -0.17 30.94 52.99
CA GLY P 99 -0.26 31.77 51.81
C GLY P 99 0.00 31.05 50.50
N THR P 100 0.29 29.74 50.56
CA THR P 100 0.56 28.99 49.32
C THR P 100 -0.59 29.14 48.33
N ASN P 101 -1.82 28.85 48.76
CA ASN P 101 -2.97 28.98 47.87
C ASN P 101 -3.20 30.43 47.45
N LEU P 102 -2.90 31.39 48.32
CA LEU P 102 -3.15 32.79 48.00
C LEU P 102 -2.30 33.24 46.80
N VAL P 103 -1.04 32.80 46.74
CA VAL P 103 -0.17 33.20 45.64
C VAL P 103 -0.57 32.50 44.35
N MET P 104 -0.76 31.17 44.40
CA MET P 104 -1.11 30.43 43.20
C MET P 104 -2.44 30.92 42.62
N ILE P 105 -3.43 31.19 43.47
CA ILE P 105 -4.74 31.60 42.99
C ILE P 105 -4.70 33.04 42.50
N LEU P 106 -4.14 33.94 43.30
CA LEU P 106 -4.11 35.35 42.93
C LEU P 106 -3.25 35.59 41.70
N ALA P 107 -2.05 34.98 41.67
CA ALA P 107 -1.16 35.16 40.53
C ALA P 107 -1.81 34.70 39.23
N GLY P 108 -2.50 33.57 39.26
CA GLY P 108 -3.21 33.11 38.07
C GLY P 108 -4.28 34.09 37.62
N GLU P 109 -5.07 34.60 38.57
CA GLU P 109 -6.14 35.53 38.22
C GLU P 109 -5.58 36.84 37.68
N LEU P 110 -4.46 37.32 38.24
CA LEU P 110 -3.82 38.53 37.71
C LEU P 110 -3.42 38.33 36.26
N LEU P 111 -2.95 37.13 35.91
CA LEU P 111 -2.64 36.83 34.52
C LEU P 111 -3.91 36.73 33.68
N ASN P 112 -4.98 36.16 34.23
CA ASN P 112 -6.21 35.99 33.47
C ASN P 112 -6.80 37.35 33.07
N VAL P 113 -6.86 38.29 34.02
CA VAL P 113 -7.34 39.63 33.71
C VAL P 113 -6.36 40.42 32.85
N SER P 114 -5.07 40.12 32.93
CA SER P 114 -4.10 40.71 32.02
C SER P 114 -4.42 40.38 30.57
N GLU P 115 -4.74 39.11 30.28
CA GLU P 115 -5.14 38.73 28.94
C GLU P 115 -6.33 39.54 28.43
N LYS P 116 -7.29 39.85 29.32
CA LYS P 116 -8.40 40.70 28.91
C LYS P 116 -7.91 42.09 28.49
N LEU P 117 -6.84 42.57 29.13
CA LEU P 117 -6.28 43.87 28.75
C LEU P 117 -5.43 43.75 27.48
N ILE P 118 -4.69 42.65 27.34
CA ILE P 118 -3.89 42.44 26.14
C ILE P 118 -4.79 42.44 24.90
N SER P 119 -5.97 41.83 25.01
CA SER P 119 -6.88 41.79 23.87
C SER P 119 -7.28 43.19 23.44
N MET P 120 -7.18 44.17 24.35
CA MET P 120 -7.55 45.54 24.04
C MET P 120 -6.48 46.21 23.18
N GLY P 121 -5.25 45.71 23.24
CA GLY P 121 -4.12 46.40 22.67
C GLY P 121 -3.26 47.10 23.71
N LEU P 122 -3.52 46.83 24.99
CA LEU P 122 -2.73 47.40 26.06
C LEU P 122 -1.47 46.56 26.29
N SER P 123 -0.31 47.19 26.18
CA SER P 123 0.95 46.47 26.13
C SER P 123 1.26 45.82 27.47
N ALA P 124 2.08 44.77 27.42
CA ALA P 124 2.55 44.12 28.65
C ALA P 124 3.29 45.10 29.55
N VAL P 125 4.03 46.04 28.95
CA VAL P 125 4.75 47.04 29.75
C VAL P 125 3.75 47.91 30.51
N GLU P 126 2.72 48.40 29.82
CA GLU P 126 1.73 49.25 30.47
C GLU P 126 0.97 48.47 31.55
N ILE P 127 0.69 47.19 31.30
CA ILE P 127 -0.03 46.39 32.29
C ILE P 127 0.85 46.17 33.52
N ILE P 128 2.12 45.79 33.30
CA ILE P 128 3.01 45.52 34.43
C ILE P 128 3.20 46.76 35.27
N GLN P 129 3.39 47.92 34.62
CA GLN P 129 3.55 49.17 35.36
C GLN P 129 2.33 49.46 36.23
N GLY P 130 1.14 49.24 35.70
CA GLY P 130 -0.06 49.44 36.50
C GLY P 130 -0.16 48.47 37.67
N TYR P 131 0.21 47.21 37.44
CA TYR P 131 0.18 46.23 38.52
C TYR P 131 1.16 46.61 39.64
N ASN P 132 2.35 47.09 39.29
CA ASN P 132 3.31 47.49 40.32
C ASN P 132 2.76 48.64 41.16
N MET P 133 2.07 49.59 40.52
CA MET P 133 1.45 50.67 41.28
C MET P 133 0.35 50.13 42.19
N ALA P 134 -0.54 49.29 41.64
CA ALA P 134 -1.63 48.73 42.44
C ALA P 134 -1.09 47.89 43.59
N ARG P 135 0.02 47.18 43.38
CA ARG P 135 0.66 46.45 44.47
C ARG P 135 1.05 47.40 45.60
N LYS P 136 1.78 48.47 45.27
CA LYS P 136 2.23 49.40 46.30
C LYS P 136 1.06 50.04 47.02
N PHE P 137 0.01 50.40 46.29
CA PHE P 137 -1.22 50.86 46.93
C PHE P 137 -1.82 49.78 47.82
N THR P 138 -1.94 48.56 47.30
CA THR P 138 -2.54 47.48 48.08
C THR P 138 -1.80 47.26 49.39
N LEU P 139 -0.47 47.22 49.34
CA LEU P 139 0.32 46.95 50.53
C LEU P 139 0.10 48.03 51.59
N LYS P 140 -0.06 49.28 51.17
CA LYS P 140 -0.30 50.36 52.12
C LYS P 140 -1.70 50.24 52.73
N GLU P 141 -2.70 49.94 51.91
CA GLU P 141 -4.07 49.88 52.40
C GLU P 141 -4.22 48.78 53.45
N LEU P 142 -3.52 47.66 53.28
CA LEU P 142 -3.62 46.56 54.24
C LEU P 142 -3.23 47.00 55.65
N ASP P 143 -2.31 47.96 55.76
CA ASP P 143 -1.84 48.39 57.07
C ASP P 143 -2.97 48.97 57.91
N GLU P 144 -4.01 49.52 57.26
CA GLU P 144 -5.12 50.17 57.96
C GLU P 144 -6.29 49.25 58.22
N MET P 145 -6.22 47.98 57.81
CA MET P 145 -7.35 47.08 57.98
C MET P 145 -7.24 46.27 59.27
N VAL P 146 -6.28 46.60 60.13
CA VAL P 146 -6.02 45.79 61.31
C VAL P 146 -7.12 46.05 62.34
N VAL P 147 -7.68 44.97 62.89
CA VAL P 147 -8.69 45.09 63.93
C VAL P 147 -8.06 44.82 65.28
N GLY P 148 -7.54 43.60 65.47
CA GLY P 148 -6.83 43.24 66.67
C GLY P 148 -5.35 42.98 66.40
N GLU P 149 -4.67 42.52 67.44
CA GLU P 149 -3.25 42.22 67.35
C GLU P 149 -2.90 41.15 68.37
N ILE P 150 -2.10 40.18 67.96
CA ILE P 150 -1.54 39.21 68.89
C ILE P 150 -0.46 39.89 69.71
N THR P 151 -0.56 39.76 71.04
CA THR P 151 0.34 40.45 71.96
C THR P 151 1.54 39.62 72.37
N ASP P 152 1.69 38.40 71.83
CA ASP P 152 2.86 37.55 72.07
C ASP P 152 3.03 37.27 73.56
N LYS P 153 1.92 36.96 74.24
CA LYS P 153 2.00 36.56 75.64
C LYS P 153 2.08 35.04 75.76
N ASN P 154 1.94 34.33 74.65
CA ASN P 154 2.03 32.87 74.56
C ASN P 154 1.00 32.16 75.43
N ASP P 155 -0.15 32.79 75.67
CA ASP P 155 -1.23 32.12 76.38
C ASP P 155 -1.89 31.11 75.46
N LYS P 156 -2.37 30.01 76.03
CA LYS P 156 -3.06 28.97 75.25
C LYS P 156 -4.20 29.59 74.46
N ASN P 157 -4.93 30.53 75.07
CA ASN P 157 -6.12 31.07 74.43
C ASN P 157 -5.76 31.99 73.28
N GLU P 158 -4.72 32.82 73.46
CA GLU P 158 -4.23 33.64 72.36
C GLU P 158 -3.73 32.77 71.21
N LEU P 159 -3.08 31.65 71.53
CA LEU P 159 -2.61 30.76 70.48
C LEU P 159 -3.77 30.14 69.70
N LEU P 160 -4.83 29.72 70.42
CA LEU P 160 -5.96 29.10 69.75
C LEU P 160 -6.61 30.05 68.75
N LYS P 161 -6.66 31.34 69.08
CA LYS P 161 -7.25 32.30 68.15
C LYS P 161 -6.61 32.23 66.78
N MET P 162 -5.29 32.05 66.71
CA MET P 162 -4.59 31.93 65.45
C MET P 162 -4.54 30.50 64.93
N ILE P 163 -4.31 29.52 65.80
CA ILE P 163 -4.10 28.15 65.35
C ILE P 163 -5.35 27.60 64.67
N LYS P 164 -6.53 27.86 65.23
CA LYS P 164 -7.77 27.36 64.65
C LYS P 164 -7.96 27.70 63.19
N PRO P 165 -7.97 28.98 62.76
CA PRO P 165 -8.13 29.26 61.33
C PRO P 165 -6.98 28.74 60.48
N VAL P 166 -5.81 28.48 61.06
CA VAL P 166 -4.70 27.92 60.29
C VAL P 166 -4.95 26.45 59.98
N ILE P 167 -5.41 25.69 60.97
CA ILE P 167 -5.73 24.28 60.75
C ILE P 167 -6.90 24.15 59.77
N SER P 168 -7.88 25.03 59.89
CA SER P 168 -8.99 25.05 58.95
C SER P 168 -8.48 25.19 57.53
N SER P 169 -9.17 24.53 56.60
CA SER P 169 -8.89 24.43 55.17
C SER P 169 -7.84 23.36 54.88
N LYS P 170 -7.25 22.72 55.89
CA LYS P 170 -6.47 21.50 55.70
C LYS P 170 -7.22 20.30 56.26
N LYS P 171 -7.83 20.42 57.45
CA LYS P 171 -8.70 19.40 58.02
C LYS P 171 -9.94 20.05 58.61
N TYR P 172 -11.10 19.74 58.02
CA TYR P 172 -12.34 20.38 58.45
C TYR P 172 -13.18 19.42 59.27
N GLY P 173 -13.74 19.91 60.37
CA GLY P 173 -14.62 19.14 61.22
C GLY P 173 -13.91 18.64 62.46
N SER P 174 -12.58 18.58 62.39
CA SER P 174 -11.73 18.21 63.53
C SER P 174 -10.93 19.40 64.01
N GLU P 175 -11.34 20.61 63.61
CA GLU P 175 -10.55 21.82 63.87
C GLU P 175 -10.31 22.04 65.36
N ASP P 176 -11.34 21.84 66.18
CA ASP P 176 -11.21 22.06 67.61
C ASP P 176 -10.32 21.03 68.29
N ILE P 177 -10.39 19.77 67.86
CA ILE P 177 -9.54 18.73 68.42
C ILE P 177 -8.07 18.99 68.07
N LEU P 178 -7.80 19.24 66.79
CA LEU P 178 -6.42 19.49 66.35
C LEU P 178 -5.88 20.80 66.94
N SER P 179 -6.74 21.81 67.07
CA SER P 179 -6.30 23.07 67.64
C SER P 179 -5.84 22.90 69.08
N GLU P 180 -6.55 22.09 69.87
CA GLU P 180 -6.11 21.80 71.23
C GLU P 180 -4.77 21.07 71.23
N LEU P 181 -4.58 20.13 70.31
CA LEU P 181 -3.34 19.38 70.24
C LEU P 181 -2.15 20.27 69.91
N VAL P 182 -2.29 21.17 68.94
CA VAL P 182 -1.21 22.09 68.56
C VAL P 182 -1.02 23.18 69.61
N SER P 183 -2.11 23.83 70.02
CA SER P 183 -2.00 24.88 71.04
C SER P 183 -1.38 24.37 72.33
N GLU P 184 -1.77 23.17 72.77
CA GLU P 184 -1.17 22.61 73.97
C GLU P 184 0.33 22.38 73.78
N ALA P 185 0.72 21.70 72.71
CA ALA P 185 2.13 21.48 72.43
C ALA P 185 2.91 22.78 72.27
N VAL P 186 2.32 23.77 71.60
CA VAL P 186 2.99 25.05 71.43
C VAL P 186 3.16 25.74 72.77
N SER P 187 2.11 25.74 73.59
CA SER P 187 2.19 26.35 74.92
C SER P 187 3.20 25.64 75.81
N HIS P 188 3.49 24.37 75.52
CA HIS P 188 4.50 23.65 76.29
C HIS P 188 5.90 24.14 76.00
N VAL P 189 6.24 24.37 74.73
CA VAL P 189 7.60 24.72 74.34
C VAL P 189 7.85 26.22 74.45
N LEU P 190 6.82 27.05 74.33
CA LEU P 190 7.00 28.50 74.43
C LEU P 190 7.36 28.89 75.86
N PRO P 191 8.31 29.81 76.07
CA PRO P 191 8.58 30.28 77.42
C PRO P 191 7.51 31.23 77.92
N VAL P 192 7.49 31.48 79.23
CA VAL P 192 6.64 32.53 79.81
C VAL P 192 7.47 33.80 79.81
N ALA P 193 7.03 34.77 79.01
CA ALA P 193 7.76 36.03 78.85
C ALA P 193 6.83 37.04 78.19
N GLN P 194 7.17 38.31 78.36
CA GLN P 194 6.50 39.39 77.64
C GLN P 194 7.52 40.42 77.19
N GLN P 195 7.26 41.01 76.02
CA GLN P 195 8.06 42.10 75.47
C GLN P 195 9.55 41.73 75.34
N ALA P 196 9.83 40.46 74.98
CA ALA P 196 11.20 39.99 74.84
C ALA P 196 11.41 39.52 73.39
N GLY P 197 12.04 40.38 72.59
CA GLY P 197 12.33 40.08 71.20
C GLY P 197 13.79 40.02 70.83
N GLU P 198 14.70 40.02 71.80
CA GLU P 198 16.13 40.03 71.47
C GLU P 198 16.64 38.65 71.12
N ILE P 199 16.14 37.62 71.80
CA ILE P 199 16.63 36.25 71.63
C ILE P 199 15.58 35.47 70.85
N PRO P 200 15.92 34.88 69.71
CA PRO P 200 14.95 34.05 68.99
C PRO P 200 14.69 32.75 69.72
N TYR P 201 13.48 32.23 69.57
CA TYR P 201 13.10 30.96 70.16
C TYR P 201 11.93 30.37 69.39
N PHE P 202 11.59 29.13 69.75
CA PHE P 202 10.48 28.39 69.14
C PHE P 202 10.79 28.03 67.68
N ASN P 203 11.81 27.18 67.51
CA ASN P 203 12.05 26.53 66.24
C ASN P 203 10.91 25.56 65.93
N VAL P 204 10.52 25.50 64.65
CA VAL P 204 9.45 24.59 64.25
C VAL P 204 9.78 23.16 64.66
N ASP P 205 11.07 22.81 64.65
CA ASP P 205 11.48 21.46 65.00
C ASP P 205 11.23 21.14 66.46
N SER P 206 10.90 22.14 67.28
CA SER P 206 10.66 21.94 68.70
C SER P 206 9.42 21.10 68.97
N ILE P 207 8.54 20.92 67.98
CA ILE P 207 7.33 20.13 68.18
C ILE P 207 7.32 18.99 67.17
N ARG P 208 7.34 17.75 67.66
CA ARG P 208 7.24 16.59 66.80
C ARG P 208 5.80 16.08 66.78
N VAL P 209 5.41 15.47 65.68
CA VAL P 209 4.11 14.82 65.57
C VAL P 209 4.34 13.34 65.30
N VAL P 210 3.64 12.49 66.03
CA VAL P 210 3.75 11.04 65.90
C VAL P 210 2.35 10.46 65.69
N LYS P 211 2.27 9.49 64.78
CA LYS P 211 0.99 8.90 64.42
C LYS P 211 1.09 7.39 64.45
N ILE P 212 0.00 6.75 64.87
CA ILE P 212 -0.14 5.30 64.79
C ILE P 212 -1.46 4.98 64.08
N MET P 213 -1.43 3.96 63.24
CA MET P 213 -2.65 3.50 62.57
C MET P 213 -3.60 2.89 63.59
N GLY P 214 -4.90 3.16 63.41
CA GLY P 214 -5.92 2.63 64.31
C GLY P 214 -6.47 3.67 65.26
N GLY P 215 -7.70 3.46 65.71
CA GLY P 215 -8.33 4.41 66.61
C GLY P 215 -8.76 5.67 65.86
N SER P 216 -8.82 6.77 66.61
CA SER P 216 -9.26 8.05 66.08
C SER P 216 -8.69 9.16 66.96
N LEU P 217 -8.89 10.41 66.54
CA LEU P 217 -8.35 11.53 67.29
C LEU P 217 -8.99 11.66 68.66
N SER P 218 -10.07 10.92 68.90
CA SER P 218 -10.76 10.99 70.19
C SER P 218 -9.84 10.56 71.34
N ASN P 219 -8.79 9.81 71.05
CA ASN P 219 -7.81 9.43 72.06
C ASN P 219 -6.46 10.11 71.87
N SER P 220 -6.40 11.20 71.13
CA SER P 220 -5.15 11.91 70.92
C SER P 220 -4.74 12.64 72.20
N THR P 221 -3.45 12.97 72.28
CA THR P 221 -2.89 13.64 73.44
C THR P 221 -1.59 14.34 73.05
N VAL P 222 -0.93 14.92 74.04
CA VAL P 222 0.36 15.58 73.86
C VAL P 222 1.29 15.09 74.95
N ILE P 223 2.53 14.77 74.59
CA ILE P 223 3.52 14.25 75.51
C ILE P 223 4.55 15.35 75.77
N LYS P 224 4.91 15.56 77.04
CA LYS P 224 5.95 16.52 77.38
C LYS P 224 7.32 15.84 77.30
N GLY P 225 7.79 15.68 76.07
CA GLY P 225 9.02 14.97 75.82
C GLY P 225 8.98 14.29 74.47
N MET P 226 9.99 13.45 74.24
CA MET P 226 10.13 12.78 72.96
C MET P 226 9.57 11.36 73.03
N VAL P 227 9.00 10.91 71.92
CA VAL P 227 8.51 9.55 71.78
C VAL P 227 9.31 8.84 70.70
N PHE P 228 9.92 7.72 71.06
CA PHE P 228 10.78 6.95 70.17
C PHE P 228 10.09 5.65 69.79
N ASN P 229 10.34 5.20 68.55
CA ASN P 229 9.67 4.00 68.06
C ASN P 229 10.48 2.73 68.40
N ARG P 230 11.55 2.88 69.17
CA ARG P 230 12.35 1.73 69.54
C ARG P 230 11.99 1.24 70.95
N GLU P 231 12.13 -0.07 71.14
CA GLU P 231 11.80 -0.76 72.37
C GLU P 231 12.97 -0.76 73.35
N PRO P 232 12.70 -0.85 74.65
CA PRO P 232 13.78 -1.09 75.62
C PRO P 232 14.46 -2.43 75.41
N GLU P 233 15.57 -2.42 74.67
CA GLU P 233 16.28 -3.65 74.32
C GLU P 233 16.71 -4.46 75.54
N GLY P 234 17.06 -3.78 76.64
CA GLY P 234 17.54 -4.44 77.82
C GLY P 234 16.43 -5.01 78.68
N HIS P 235 16.83 -5.58 79.82
CA HIS P 235 15.86 -6.18 80.74
C HIS P 235 14.95 -5.14 81.40
N VAL P 236 15.49 -3.98 81.77
CA VAL P 236 14.68 -2.94 82.41
C VAL P 236 13.87 -2.23 81.35
N LYS P 237 12.54 -2.24 81.50
CA LYS P 237 11.68 -1.66 80.48
C LYS P 237 11.19 -0.28 80.91
N SER P 238 11.36 0.07 82.18
CA SER P 238 10.88 1.33 82.71
C SER P 238 11.73 1.75 83.89
N LEU P 239 11.72 3.05 84.17
CA LEU P 239 12.41 3.57 85.34
C LEU P 239 11.42 3.76 86.49
N SER P 240 11.95 4.08 87.67
CA SER P 240 11.12 4.19 88.86
C SER P 240 10.33 5.49 88.84
N GLU P 241 9.59 5.72 89.92
CA GLU P 241 8.76 6.91 90.07
C GLU P 241 9.56 8.08 90.64
N ASP P 242 10.84 7.87 90.92
CA ASP P 242 11.70 8.90 91.50
C ASP P 242 11.95 9.98 90.44
N LYS P 243 12.38 11.15 90.89
CA LYS P 243 12.78 12.21 89.97
C LYS P 243 14.26 12.13 89.64
N LYS P 244 14.63 12.67 88.47
CA LYS P 244 16.01 12.95 88.10
C LYS P 244 16.83 11.67 87.94
N HIS P 245 16.34 10.80 87.05
CA HIS P 245 17.12 9.62 86.64
C HIS P 245 18.24 10.07 85.72
N LYS P 246 19.48 9.73 86.07
CA LYS P 246 20.62 10.11 85.25
C LYS P 246 20.63 9.30 83.95
N VAL P 247 20.78 10.01 82.83
CA VAL P 247 20.74 9.42 81.50
C VAL P 247 22.09 9.64 80.82
N ALA P 248 22.69 8.55 80.36
CA ALA P 248 23.91 8.59 79.57
C ALA P 248 23.57 8.31 78.11
N VAL P 249 24.21 9.05 77.19
CA VAL P 249 23.96 8.90 75.76
C VAL P 249 25.30 8.65 75.08
N PHE P 250 25.34 7.63 74.23
CA PHE P 250 26.55 7.22 73.54
C PHE P 250 26.33 7.22 72.03
N THR P 251 27.37 7.56 71.28
CA THR P 251 27.35 7.32 69.85
C THR P 251 28.10 6.04 69.49
N CYS P 252 29.01 5.61 70.38
CA CYS P 252 29.75 4.37 70.18
C CYS P 252 28.88 3.17 70.53
N PRO P 253 28.91 2.12 69.72
CA PRO P 253 28.17 0.90 70.05
C PRO P 253 28.65 0.31 71.38
N LEU P 254 27.70 -0.23 72.13
CA LEU P 254 27.96 -0.67 73.51
C LEU P 254 28.49 -2.09 73.45
N ASP P 255 29.78 -2.20 73.12
CA ASP P 255 30.46 -3.48 72.94
C ASP P 255 31.95 -3.22 73.15
N ILE P 256 32.76 -4.26 72.94
CA ILE P 256 34.21 -4.15 73.11
C ILE P 256 34.74 -3.06 72.20
N ALA P 257 35.64 -2.22 72.72
CA ALA P 257 36.26 -1.19 71.91
C ALA P 257 37.10 -1.82 70.79
N ASN P 258 37.10 -1.16 69.64
CA ASN P 258 37.86 -1.59 68.47
C ASN P 258 39.23 -0.90 68.47
N THR P 259 40.00 -1.15 67.43
CA THR P 259 41.33 -0.58 67.27
C THR P 259 41.40 0.10 65.91
N GLU P 260 42.02 1.29 65.88
CA GLU P 260 42.07 2.06 64.64
C GLU P 260 42.80 1.32 63.54
N THR P 261 43.86 0.59 63.88
CA THR P 261 44.68 -0.12 62.91
C THR P 261 44.70 -1.60 63.29
N LYS P 262 44.32 -2.45 62.34
CA LYS P 262 44.29 -3.91 62.52
C LYS P 262 43.56 -4.22 63.83
N GLY P 263 44.20 -4.84 64.81
CA GLY P 263 43.52 -5.20 66.04
C GLY P 263 42.80 -6.53 65.95
N THR P 264 43.15 -7.35 64.96
CA THR P 264 42.57 -8.66 64.76
C THR P 264 43.21 -9.64 65.74
N VAL P 265 42.37 -10.39 66.46
CA VAL P 265 42.86 -11.39 67.39
C VAL P 265 42.88 -12.76 66.70
N LEU P 266 44.03 -13.42 66.76
CA LEU P 266 44.17 -14.77 66.23
C LEU P 266 44.43 -15.74 67.39
N LEU P 267 43.78 -16.90 67.32
CA LEU P 267 43.86 -17.90 68.38
C LEU P 267 44.45 -19.18 67.80
N HIS P 268 45.48 -19.71 68.47
CA HIS P 268 46.12 -20.95 68.08
C HIS P 268 46.06 -22.01 69.17
N ASN P 269 45.98 -21.59 70.43
CA ASN P 269 45.96 -22.49 71.57
C ASN P 269 44.65 -22.31 72.34
N ALA P 270 44.17 -23.40 72.93
CA ALA P 270 42.98 -23.33 73.76
C ALA P 270 43.13 -22.32 74.89
N GLN P 271 44.33 -22.19 75.46
CA GLN P 271 44.54 -21.23 76.53
C GLN P 271 44.37 -19.80 76.04
N GLU P 272 44.82 -19.52 74.80
CA GLU P 272 44.65 -18.19 74.25
C GLU P 272 43.17 -17.83 74.12
N MET P 273 42.34 -18.79 73.69
CA MET P 273 40.90 -18.56 73.64
C MET P 273 40.37 -18.16 75.00
N LEU P 274 40.78 -18.88 76.05
CA LEU P 274 40.31 -18.56 77.39
C LEU P 274 40.81 -17.18 77.84
N ASP P 275 42.06 -16.86 77.51
CA ASP P 275 42.64 -15.61 77.97
C ASP P 275 42.04 -14.39 77.26
N PHE P 276 41.84 -14.48 75.95
CA PHE P 276 41.24 -13.36 75.23
C PHE P 276 39.77 -13.21 75.57
N SER P 277 39.06 -14.32 75.78
CA SER P 277 37.67 -14.26 76.16
C SER P 277 37.50 -13.53 77.50
N LYS P 278 38.32 -13.90 78.48
CA LYS P 278 38.29 -13.20 79.77
C LYS P 278 38.68 -11.73 79.61
N GLY P 279 39.67 -11.44 78.77
CA GLY P 279 40.08 -10.08 78.53
C GLY P 279 38.94 -9.20 78.06
N GLU P 280 38.28 -9.62 76.98
CA GLU P 280 37.20 -8.82 76.41
C GLU P 280 36.06 -8.64 77.41
N GLU P 281 35.71 -9.71 78.13
CA GLU P 281 34.63 -9.62 79.11
C GLU P 281 34.98 -8.62 80.22
N LYS P 282 36.22 -8.63 80.67
CA LYS P 282 36.65 -7.69 81.70
C LYS P 282 36.70 -6.26 81.20
N GLN P 283 37.16 -6.04 79.96
CA GLN P 283 37.18 -4.70 79.41
C GLN P 283 35.78 -4.14 79.23
N ILE P 284 34.84 -4.96 78.75
CA ILE P 284 33.46 -4.50 78.61
C ILE P 284 32.86 -4.21 79.98
N ASP P 285 33.07 -5.11 80.95
CA ASP P 285 32.59 -4.86 82.30
C ASP P 285 33.13 -3.54 82.85
N ALA P 286 34.43 -3.31 82.67
CA ALA P 286 35.03 -2.08 83.15
C ALA P 286 34.34 -0.86 82.53
N MET P 287 34.03 -0.92 81.24
CA MET P 287 33.33 0.19 80.59
C MET P 287 31.90 0.29 81.10
N MET P 288 31.23 -0.85 81.30
CA MET P 288 29.87 -0.82 81.82
C MET P 288 29.85 -0.47 83.31
N LYS P 289 30.90 -0.87 84.04
CA LYS P 289 31.00 -0.55 85.45
C LYS P 289 31.18 0.95 85.66
N GLU P 290 32.11 1.55 84.92
CA GLU P 290 32.34 3.00 85.02
C GLU P 290 31.09 3.80 84.70
N ILE P 291 30.26 3.31 83.77
CA ILE P 291 28.97 3.96 83.53
C ILE P 291 28.08 3.86 84.76
N ALA P 292 27.94 2.65 85.30
CA ALA P 292 27.07 2.47 86.47
C ALA P 292 27.61 3.25 87.67
N ASP P 293 28.93 3.32 87.82
CA ASP P 293 29.51 3.95 89.00
C ASP P 293 29.22 5.44 89.05
N MET P 294 28.82 6.04 87.93
CA MET P 294 28.47 7.45 87.90
C MET P 294 27.02 7.71 88.29
N GLY P 295 26.27 6.67 88.65
CA GLY P 295 24.87 6.79 89.03
C GLY P 295 23.90 6.77 87.86
N VAL P 296 24.36 6.32 86.69
CA VAL P 296 23.51 6.29 85.50
C VAL P 296 22.46 5.20 85.65
N GLU P 297 21.19 5.58 85.46
CA GLU P 297 20.10 4.61 85.49
C GLU P 297 19.45 4.34 84.14
N CYS P 298 19.75 5.13 83.10
CA CYS P 298 19.29 4.84 81.75
C CYS P 298 20.41 5.16 80.77
N ILE P 299 20.59 4.29 79.78
CA ILE P 299 21.65 4.45 78.78
C ILE P 299 20.99 4.47 77.40
N VAL P 300 21.37 5.43 76.58
CA VAL P 300 20.83 5.57 75.23
C VAL P 300 21.99 5.42 74.26
N ALA P 301 21.85 4.50 73.30
CA ALA P 301 22.90 4.24 72.32
C ALA P 301 22.47 4.77 70.96
N GLY P 302 23.42 5.36 70.23
CA GLY P 302 23.18 5.64 68.83
C GLY P 302 23.41 4.45 67.92
N ALA P 303 23.77 3.31 68.51
CA ALA P 303 24.10 2.09 67.79
C ALA P 303 23.69 0.87 68.61
N GLY P 304 24.00 -0.31 68.09
CA GLY P 304 23.59 -1.55 68.72
C GLY P 304 24.33 -1.82 70.01
N VAL P 305 23.94 -2.93 70.64
CA VAL P 305 24.45 -3.31 71.96
C VAL P 305 24.87 -4.77 71.89
N GLY P 306 26.06 -5.07 72.41
CA GLY P 306 26.52 -6.44 72.46
C GLY P 306 25.87 -7.23 73.57
N GLU P 307 25.89 -8.56 73.40
CA GLU P 307 25.29 -9.45 74.40
C GLU P 307 25.89 -9.20 75.78
N LEU P 308 27.22 -9.12 75.86
CA LEU P 308 27.87 -8.91 77.15
C LEU P 308 27.45 -7.58 77.77
N ALA P 309 27.36 -6.53 76.95
CA ALA P 309 26.94 -5.23 77.46
C ALA P 309 25.52 -5.30 78.02
N LEU P 310 24.65 -6.06 77.37
CA LEU P 310 23.29 -6.25 77.89
C LEU P 310 23.32 -6.99 79.22
N HIS P 311 24.16 -8.00 79.35
CA HIS P 311 24.26 -8.75 80.60
C HIS P 311 24.72 -7.86 81.75
N TYR P 312 25.71 -7.00 81.48
CA TYR P 312 26.22 -6.12 82.53
C TYR P 312 25.26 -4.97 82.80
N LEU P 313 24.76 -4.32 81.75
CA LEU P 313 23.81 -3.23 81.96
C LEU P 313 22.55 -3.69 82.67
N ASN P 314 22.10 -4.91 82.38
CA ASN P 314 20.97 -5.48 83.11
C ASN P 314 21.30 -5.65 84.59
N ARG P 315 22.48 -6.20 84.89
CA ARG P 315 22.86 -6.42 86.29
C ARG P 315 23.00 -5.10 87.04
N TYR P 316 23.33 -4.01 86.33
CA TYR P 316 23.43 -2.69 86.92
C TYR P 316 22.09 -1.97 86.95
N GLY P 317 21.04 -2.59 86.42
CA GLY P 317 19.71 -1.98 86.49
C GLY P 317 19.54 -0.78 85.60
N ILE P 318 20.28 -0.73 84.50
CA ILE P 318 20.29 0.43 83.60
C ILE P 318 19.37 0.14 82.43
N LEU P 319 18.43 1.05 82.19
CA LEU P 319 17.49 0.89 81.08
C LEU P 319 18.22 1.12 79.77
N VAL P 320 18.10 0.17 78.84
CA VAL P 320 18.85 0.20 77.59
C VAL P 320 17.89 0.51 76.45
N LEU P 321 18.10 1.66 75.81
CA LEU P 321 17.16 2.15 74.78
C LEU P 321 18.00 2.62 73.59
N LYS P 322 17.72 2.06 72.42
CA LYS P 322 18.47 2.39 71.22
C LYS P 322 17.78 3.54 70.47
N VAL P 323 18.55 4.56 70.11
CA VAL P 323 18.04 5.67 69.32
C VAL P 323 18.98 5.87 68.13
N PRO P 324 18.70 5.27 66.98
CA PRO P 324 19.67 5.33 65.88
C PRO P 324 19.66 6.66 65.13
N SER P 325 18.63 7.48 65.33
CA SER P 325 18.48 8.71 64.56
C SER P 325 19.33 9.83 65.17
N LYS P 326 20.23 10.41 64.36
CA LYS P 326 21.02 11.54 64.83
C LYS P 326 20.15 12.72 65.23
N PHE P 327 19.03 12.94 64.54
CA PHE P 327 18.12 14.02 64.90
C PHE P 327 17.43 13.79 66.24
N GLU P 328 17.01 12.55 66.51
CA GLU P 328 16.44 12.22 67.81
C GLU P 328 17.43 12.37 68.94
N LEU P 329 18.70 12.01 68.71
CA LEU P 329 19.73 12.23 69.72
C LEU P 329 19.95 13.71 69.98
N ARG P 330 19.96 14.52 68.92
CA ARG P 330 20.09 15.96 69.08
C ARG P 330 18.88 16.53 69.81
N ARG P 331 17.68 16.04 69.48
CA ARG P 331 16.49 16.44 70.20
C ARG P 331 16.50 15.94 71.64
N LEU P 332 17.07 14.77 71.90
CA LEU P 332 17.18 14.28 73.26
C LEU P 332 17.96 15.25 74.13
N CYS P 333 18.93 15.95 73.54
CA CYS P 333 19.67 16.96 74.28
C CYS P 333 18.76 18.10 74.74
N ARG P 334 17.60 18.24 74.11
CA ARG P 334 16.62 19.24 74.52
C ARG P 334 15.63 18.71 75.56
N VAL P 335 15.73 17.45 75.95
CA VAL P 335 14.86 16.86 76.95
C VAL P 335 15.62 16.52 78.22
N CYS P 336 16.69 15.72 78.11
CA CYS P 336 17.45 15.31 79.29
C CYS P 336 18.72 16.13 79.43
N GLY P 337 19.19 16.73 78.34
CA GLY P 337 20.39 17.54 78.35
C GLY P 337 21.67 16.76 78.12
N ALA P 338 21.61 15.44 78.09
CA ALA P 338 22.80 14.63 77.90
C ALA P 338 23.46 14.92 76.56
N THR P 339 24.79 14.84 76.55
CA THR P 339 25.58 15.01 75.36
C THR P 339 26.09 13.65 74.89
N PRO P 340 25.78 13.23 73.66
CA PRO P 340 26.28 11.95 73.18
C PRO P 340 27.79 11.84 73.29
N LEU P 341 28.26 10.73 73.83
CA LEU P 341 29.67 10.50 74.06
C LEU P 341 30.30 9.94 72.80
N PRO P 342 31.30 10.60 72.20
CA PRO P 342 31.95 10.02 71.02
C PRO P 342 32.59 8.67 71.28
N ARG P 343 32.93 8.36 72.54
CA ARG P 343 33.59 7.11 72.90
C ARG P 343 32.69 6.31 73.84
N LEU P 344 33.27 5.29 74.47
CA LEU P 344 32.51 4.35 75.30
C LEU P 344 33.18 4.19 76.64
N GLY P 345 32.40 4.23 77.71
CA GLY P 345 32.86 3.88 79.04
C GLY P 345 33.27 5.06 79.90
N ALA P 346 33.03 6.30 79.45
CA ALA P 346 33.40 7.50 80.21
C ALA P 346 32.35 8.58 80.02
N PRO P 347 31.10 8.32 80.42
CA PRO P 347 30.05 9.34 80.27
C PRO P 347 30.14 10.41 81.35
N THR P 348 31.13 11.29 81.22
CA THR P 348 31.43 12.25 82.28
C THR P 348 30.12 12.76 82.90
N PRO P 349 30.05 12.87 84.23
CA PRO P 349 28.81 13.34 84.86
C PRO P 349 28.28 14.63 84.25
N GLU P 350 29.15 15.54 83.79
CA GLU P 350 28.66 16.79 83.21
C GLU P 350 27.88 16.52 81.94
N GLU P 351 28.15 15.40 81.27
CA GLU P 351 27.47 15.10 80.01
C GLU P 351 26.22 14.25 80.25
N LEU P 352 25.96 13.86 81.49
CA LEU P 352 24.74 13.14 81.82
C LEU P 352 23.54 14.08 81.84
N GLY P 353 22.39 13.55 81.43
CA GLY P 353 21.14 14.25 81.51
C GLY P 353 20.26 13.73 82.64
N LEU P 354 19.06 14.33 82.73
CA LEU P 354 18.08 13.95 83.73
C LEU P 354 16.72 13.82 83.08
N VAL P 355 16.05 12.69 83.32
CA VAL P 355 14.67 12.46 82.90
C VAL P 355 13.87 12.00 84.11
N GLU P 356 12.68 12.57 84.28
CA GLU P 356 11.84 12.17 85.40
C GLU P 356 11.17 10.82 85.17
N THR P 357 10.67 10.57 83.96
CA THR P 357 10.00 9.31 83.66
C THR P 357 10.46 8.78 82.30
N VAL P 358 10.83 7.50 82.26
CA VAL P 358 10.96 6.76 81.01
C VAL P 358 10.12 5.50 81.11
N LYS P 359 9.12 5.36 80.24
CA LYS P 359 8.21 4.24 80.26
C LYS P 359 7.82 3.84 78.84
N THR P 360 7.13 2.70 78.74
CA THR P 360 6.54 2.23 77.49
C THR P 360 5.05 2.54 77.52
N MET P 361 4.52 2.98 76.38
CA MET P 361 3.11 3.30 76.25
C MET P 361 2.52 2.60 75.02
N GLU P 362 1.22 2.30 75.10
CA GLU P 362 0.49 1.70 73.99
C GLU P 362 -0.36 2.79 73.33
N ILE P 363 -0.02 3.14 72.09
CA ILE P 363 -0.78 4.09 71.30
C ILE P 363 -1.23 3.38 70.03
N GLY P 364 -2.55 3.24 69.85
CA GLY P 364 -3.08 2.60 68.67
C GLY P 364 -2.81 1.11 68.58
N GLY P 365 -2.30 0.50 69.65
CA GLY P 365 -1.89 -0.88 69.67
C GLY P 365 -0.40 -1.09 69.54
N ASP P 366 0.33 -0.06 69.13
CA ASP P 366 1.78 -0.13 68.98
C ASP P 366 2.45 0.39 70.24
N ARG P 367 3.50 -0.32 70.67
CA ARG P 367 4.23 0.06 71.87
C ARG P 367 5.41 0.95 71.50
N VAL P 368 5.53 2.08 72.21
CA VAL P 368 6.62 3.03 72.01
C VAL P 368 7.26 3.34 73.35
N THR P 369 8.45 3.92 73.28
CA THR P 369 9.20 4.33 74.47
C THR P 369 9.18 5.84 74.60
N VAL P 370 8.86 6.33 75.79
CA VAL P 370 8.64 7.76 75.98
C VAL P 370 9.62 8.31 77.02
N PHE P 371 10.28 9.42 76.68
CA PHE P 371 11.16 10.13 77.60
C PHE P 371 10.51 11.45 77.95
N LYS P 372 9.96 11.59 79.16
CA LYS P 372 9.15 12.75 79.47
C LYS P 372 9.39 13.25 80.90
N GLN P 373 8.84 14.43 81.18
CA GLN P 373 8.82 15.01 82.52
C GLN P 373 7.43 15.53 82.82
N GLU P 374 7.06 15.52 84.11
CA GLU P 374 5.74 15.96 84.55
C GLU P 374 5.92 16.95 85.72
N GLN P 375 5.57 18.21 85.49
CA GLN P 375 5.68 19.29 86.46
C GLN P 375 7.11 19.52 86.97
N GLY P 376 8.11 19.44 86.09
CA GLY P 376 9.48 19.69 86.51
C GLY P 376 10.50 19.37 85.43
N GLU P 377 11.72 19.90 85.59
CA GLU P 377 12.82 19.68 84.65
C GLU P 377 12.27 19.64 83.21
N ILE P 378 11.46 20.65 82.90
CA ILE P 378 10.54 20.57 81.77
C ILE P 378 11.27 20.65 80.44
N SER P 379 10.90 19.75 79.54
CA SER P 379 11.51 19.61 78.22
C SER P 379 11.30 20.88 77.40
N ARG P 380 12.21 21.10 76.45
CA ARG P 380 12.05 22.13 75.44
C ARG P 380 11.40 21.59 74.17
N THR P 381 11.06 20.30 74.15
CA THR P 381 10.39 19.70 73.00
C THR P 381 9.02 19.19 73.44
N SER P 382 8.09 19.13 72.50
CA SER P 382 6.79 18.51 72.70
C SER P 382 6.47 17.56 71.55
N THR P 383 5.70 16.52 71.87
CA THR P 383 5.25 15.56 70.87
C THR P 383 3.73 15.49 70.88
N ILE P 384 3.14 15.56 69.68
CA ILE P 384 1.70 15.47 69.48
C ILE P 384 1.39 14.06 68.99
N ILE P 385 0.43 13.41 69.64
CA ILE P 385 0.13 12.00 69.39
C ILE P 385 -1.17 11.97 68.59
N LEU P 386 -1.09 11.42 67.37
CA LEU P 386 -2.25 11.28 66.51
C LEU P 386 -2.63 9.80 66.39
N ARG P 387 -3.91 9.55 66.16
CA ARG P 387 -4.42 8.21 65.87
C ARG P 387 -5.40 8.28 64.71
N GLY P 388 -5.51 7.20 63.96
CA GLY P 388 -6.55 7.09 62.94
C GLY P 388 -6.42 5.80 62.17
N ALA P 389 -7.58 5.21 61.88
CA ALA P 389 -7.65 3.93 61.18
C ALA P 389 -7.47 4.05 59.67
N THR P 390 -7.79 5.20 59.09
CA THR P 390 -7.78 5.39 57.64
C THR P 390 -6.42 5.96 57.25
N GLN P 391 -5.73 5.28 56.33
CA GLN P 391 -4.35 5.66 56.01
C GLN P 391 -4.29 7.07 55.42
N ASN P 392 -5.12 7.34 54.42
CA ASN P 392 -5.04 8.60 53.68
C ASN P 392 -5.39 9.79 54.56
N ASN P 393 -6.41 9.63 55.41
CA ASN P 393 -6.86 10.75 56.25
C ASN P 393 -5.85 11.06 57.34
N LEU P 394 -5.30 10.03 57.98
CA LEU P 394 -4.36 10.27 59.08
C LEU P 394 -3.10 10.98 58.59
N ASP P 395 -2.59 10.57 57.42
CA ASP P 395 -1.38 11.21 56.90
C ASP P 395 -1.58 12.70 56.68
N ASP P 396 -2.76 13.08 56.16
CA ASP P 396 -3.04 14.50 55.93
C ASP P 396 -3.22 15.26 57.24
N ILE P 397 -3.81 14.60 58.25
CA ILE P 397 -3.96 15.23 59.55
C ILE P 397 -2.60 15.60 60.13
N GLU P 398 -1.62 14.70 59.98
CA GLU P 398 -0.25 15.01 60.39
C GLU P 398 0.23 16.32 59.75
N ARG P 399 -0.01 16.49 58.45
CA ARG P 399 0.40 17.73 57.78
C ARG P 399 -0.33 18.92 58.39
N ALA P 400 -1.59 18.77 58.74
CA ALA P 400 -2.33 19.85 59.38
C ALA P 400 -1.66 20.29 60.68
N ILE P 401 -1.10 19.34 61.43
CA ILE P 401 -0.40 19.68 62.66
C ILE P 401 0.82 20.54 62.36
N ASP P 402 1.61 20.15 61.35
CA ASP P 402 2.80 20.91 61.01
C ASP P 402 2.45 22.34 60.60
N ASP P 403 1.36 22.50 59.84
CA ASP P 403 0.97 23.84 59.40
C ASP P 403 0.63 24.73 60.59
N GLY P 404 -0.04 24.18 61.59
CA GLY P 404 -0.36 24.95 62.77
C GLY P 404 0.90 25.49 63.45
N VAL P 405 1.90 24.62 63.61
CA VAL P 405 3.14 25.05 64.27
C VAL P 405 3.86 26.09 63.42
N ALA P 406 3.94 25.86 62.10
CA ALA P 406 4.63 26.79 61.24
C ALA P 406 4.00 28.17 61.29
N ALA P 407 2.66 28.22 61.31
CA ALA P 407 1.97 29.51 61.36
C ALA P 407 2.31 30.27 62.64
N VAL P 408 2.41 29.56 63.77
CA VAL P 408 2.79 30.21 65.02
C VAL P 408 4.16 30.87 64.87
N LYS P 409 5.09 30.20 64.18
CA LYS P 409 6.38 30.80 63.90
C LYS P 409 6.22 32.11 63.13
N GLY P 410 5.18 32.20 62.30
CA GLY P 410 4.92 33.43 61.56
C GLY P 410 4.65 34.62 62.46
N LEU P 411 4.38 34.38 63.74
CA LEU P 411 4.17 35.47 64.70
C LEU P 411 5.54 35.98 65.17
N MET P 412 6.08 36.91 64.41
CA MET P 412 7.48 37.32 64.54
C MET P 412 7.52 38.77 65.02
N LYS P 413 8.64 39.15 65.63
CA LYS P 413 8.81 40.50 66.16
C LYS P 413 8.21 41.59 65.30
N PRO P 414 8.49 41.65 63.76
CA PRO P 414 8.04 42.80 62.97
C PRO P 414 6.53 42.81 62.71
N SER P 415 5.76 43.04 63.77
CA SER P 415 4.31 43.23 63.68
C SER P 415 3.62 42.03 63.03
N GLY P 416 4.12 40.83 63.33
CA GLY P 416 3.49 39.64 62.79
C GLY P 416 2.14 39.35 63.39
N GLY P 417 1.79 40.04 64.47
CA GLY P 417 0.55 39.72 65.18
C GLY P 417 -0.65 40.49 64.68
N LYS P 418 -0.45 41.36 63.69
CA LYS P 418 -1.54 42.19 63.19
C LYS P 418 -2.60 41.33 62.52
N LEU P 419 -3.85 41.53 62.93
CA LEU P 419 -4.94 40.66 62.50
C LEU P 419 -5.90 41.44 61.61
N LEU P 420 -6.25 40.82 60.49
CA LEU P 420 -7.21 41.37 59.54
C LEU P 420 -8.37 40.41 59.39
N PRO P 421 -9.59 40.92 59.21
CA PRO P 421 -10.74 40.03 59.01
C PRO P 421 -10.51 39.10 57.82
N GLY P 422 -10.80 37.82 58.03
CA GLY P 422 -10.65 36.81 57.01
C GLY P 422 -11.94 36.48 56.32
N ALA P 423 -12.03 35.22 55.85
CA ALA P 423 -13.20 34.74 55.10
C ALA P 423 -13.49 35.61 53.89
N GLY P 424 -12.45 36.21 53.31
CA GLY P 424 -12.62 37.09 52.17
C GLY P 424 -12.96 38.52 52.48
N ALA P 425 -13.20 38.86 53.75
CA ALA P 425 -13.60 40.23 54.08
C ALA P 425 -12.52 41.22 53.68
N THR P 426 -11.25 40.89 53.98
CA THR P 426 -10.15 41.74 53.53
C THR P 426 -10.14 41.85 52.01
N GLU P 427 -10.32 40.73 51.31
CA GLU P 427 -10.25 40.73 49.85
C GLU P 427 -11.34 41.59 49.24
N ILE P 428 -12.54 41.59 49.83
CA ILE P 428 -13.64 42.38 49.30
C ILE P 428 -13.35 43.86 49.48
N GLU P 429 -12.91 44.27 50.68
CA GLU P 429 -12.60 45.67 50.91
C GLU P 429 -11.49 46.16 49.98
N LEU P 430 -10.52 45.29 49.69
CA LEU P 430 -9.44 45.67 48.76
C LEU P 430 -10.00 45.99 47.38
N ILE P 431 -11.02 45.26 46.94
CA ILE P 431 -11.60 45.52 45.63
C ILE P 431 -12.13 46.94 45.55
N SER P 432 -12.85 47.37 46.59
CA SER P 432 -13.39 48.73 46.61
C SER P 432 -12.27 49.77 46.66
N ARG P 433 -11.28 49.56 47.52
CA ARG P 433 -10.22 50.55 47.69
C ARG P 433 -9.33 50.63 46.46
N ILE P 434 -8.95 49.48 45.89
CA ILE P 434 -8.08 49.48 44.73
C ILE P 434 -8.78 50.11 43.53
N THR P 435 -10.08 49.82 43.35
CA THR P 435 -10.84 50.48 42.29
C THR P 435 -10.77 51.99 42.39
N LYS P 436 -10.96 52.54 43.59
CA LYS P 436 -10.89 53.99 43.76
C LYS P 436 -9.52 54.52 43.39
N TYR P 437 -8.46 53.77 43.75
CA TYR P 437 -7.12 54.13 43.30
C TYR P 437 -7.04 54.19 41.78
N GLY P 438 -7.63 53.23 41.09
CA GLY P 438 -7.70 53.27 39.64
C GLY P 438 -8.44 54.48 39.11
N GLU P 439 -9.63 54.73 39.64
CA GLU P 439 -10.46 55.85 39.19
C GLU P 439 -9.78 57.20 39.36
N ARG P 440 -8.97 57.37 40.40
CA ARG P 440 -8.22 58.61 40.62
C ARG P 440 -6.93 58.69 39.83
N THR P 441 -6.54 57.61 39.15
CA THR P 441 -5.30 57.59 38.40
C THR P 441 -5.56 57.94 36.95
N PRO P 442 -4.90 58.97 36.39
CA PRO P 442 -5.15 59.36 35.00
C PRO P 442 -4.52 58.39 34.03
N GLY P 443 -5.04 58.39 32.81
CA GLY P 443 -4.42 57.71 31.70
C GLY P 443 -4.65 56.20 31.71
N LEU P 444 -3.87 55.51 30.88
CA LEU P 444 -4.04 54.08 30.70
C LEU P 444 -3.73 53.29 31.96
N LEU P 445 -3.04 53.89 32.93
CA LEU P 445 -2.71 53.18 34.15
C LEU P 445 -3.95 52.66 34.86
N GLN P 446 -5.08 53.36 34.72
CA GLN P 446 -6.30 52.96 35.42
C GLN P 446 -6.82 51.62 34.91
N LEU P 447 -6.46 51.25 33.68
CA LEU P 447 -6.98 50.01 33.11
C LEU P 447 -6.43 48.79 33.86
N ALA P 448 -5.13 48.81 34.17
CA ALA P 448 -4.53 47.68 34.88
C ALA P 448 -4.83 47.72 36.37
N ILE P 449 -4.91 48.93 36.95
CA ILE P 449 -5.21 49.04 38.37
C ILE P 449 -6.61 48.50 38.66
N LYS P 450 -7.58 48.82 37.80
CA LYS P 450 -8.93 48.29 38.00
C LYS P 450 -8.97 46.77 37.85
N GLN P 451 -8.30 46.24 36.82
CA GLN P 451 -8.27 44.80 36.63
C GLN P 451 -7.51 44.11 37.76
N PHE P 452 -6.49 44.79 38.31
CA PHE P 452 -5.83 44.28 39.50
C PHE P 452 -6.84 44.03 40.62
N ALA P 453 -7.76 44.97 40.83
CA ALA P 453 -8.80 44.78 41.83
C ALA P 453 -9.67 43.57 41.49
N VAL P 454 -10.01 43.42 40.20
CA VAL P 454 -10.94 42.36 39.80
C VAL P 454 -10.42 41.00 40.26
N ALA P 455 -9.11 40.79 40.16
CA ALA P 455 -8.54 39.48 40.50
C ALA P 455 -8.87 39.08 41.92
N PHE P 456 -9.14 40.05 42.80
CA PHE P 456 -9.29 39.75 44.22
C PHE P 456 -10.64 39.14 44.58
N GLU P 457 -11.61 39.15 43.65
CA GLU P 457 -12.88 38.50 43.88
C GLU P 457 -12.77 36.98 43.80
N VAL P 458 -11.64 36.45 43.35
CA VAL P 458 -11.51 35.00 43.21
C VAL P 458 -11.59 34.30 44.56
N VAL P 459 -11.21 34.98 45.64
CA VAL P 459 -11.22 34.39 46.97
C VAL P 459 -12.65 34.23 47.48
N PRO P 460 -13.46 35.30 47.59
CA PRO P 460 -14.87 35.09 47.97
C PRO P 460 -15.63 34.21 46.99
N ARG P 461 -15.20 34.17 45.72
CA ARG P 461 -15.78 33.25 44.76
C ARG P 461 -15.41 31.81 45.10
N THR P 462 -14.10 31.55 45.24
CA THR P 462 -13.65 30.19 45.55
C THR P 462 -14.24 29.70 46.86
N LEU P 463 -14.26 30.55 47.89
CA LEU P 463 -14.84 30.15 49.17
C LEU P 463 -16.32 29.78 49.02
N ALA P 464 -17.05 30.50 48.16
CA ALA P 464 -18.43 30.14 47.90
C ALA P 464 -18.54 28.84 47.13
N GLU P 465 -17.74 28.68 46.08
CA GLU P 465 -17.86 27.50 45.22
C GLU P 465 -17.60 26.22 46.01
N THR P 466 -16.53 26.21 46.81
CA THR P 466 -16.22 25.03 47.60
C THR P 466 -17.28 24.70 48.63
N ALA P 467 -18.02 25.70 49.11
CA ALA P 467 -19.08 25.50 50.08
C ALA P 467 -20.40 25.07 49.44
N GLY P 468 -20.44 24.93 48.12
CA GLY P 468 -21.67 24.54 47.46
C GLY P 468 -22.63 25.67 47.21
N LEU P 469 -22.20 26.91 47.37
CA LEU P 469 -23.07 28.07 47.23
C LEU P 469 -23.02 28.60 45.79
N ASP P 470 -24.11 29.24 45.39
CA ASP P 470 -24.20 29.83 44.06
C ASP P 470 -23.47 31.17 44.08
N VAL P 471 -22.34 31.25 43.38
CA VAL P 471 -21.54 32.47 43.40
C VAL P 471 -22.35 33.65 42.88
N ASN P 472 -23.29 33.40 41.97
CA ASN P 472 -24.09 34.47 41.38
C ASN P 472 -25.05 35.11 42.38
N GLU P 473 -25.35 34.45 43.49
CA GLU P 473 -26.05 35.07 44.61
C GLU P 473 -25.15 35.50 45.75
N VAL P 474 -24.09 34.75 46.05
CA VAL P 474 -23.23 35.10 47.18
C VAL P 474 -22.43 36.36 46.88
N LEU P 475 -21.79 36.42 45.71
CA LEU P 475 -20.93 37.56 45.39
C LEU P 475 -21.66 38.89 45.41
N PRO P 476 -22.83 39.07 44.76
CA PRO P 476 -23.52 40.36 44.88
C PRO P 476 -24.01 40.64 46.28
N ASN P 477 -24.26 39.62 47.09
CA ASN P 477 -24.61 39.84 48.49
C ASN P 477 -23.40 40.28 49.29
N LEU P 478 -22.24 39.71 49.00
CA LEU P 478 -21.01 40.16 49.66
C LEU P 478 -20.68 41.60 49.28
N TYR P 479 -20.82 41.93 47.99
CA TYR P 479 -20.52 43.30 47.55
C TYR P 479 -21.50 44.30 48.17
N ALA P 480 -22.80 43.96 48.16
CA ALA P 480 -23.78 44.82 48.82
C ALA P 480 -23.52 44.93 50.31
N ALA P 481 -23.07 43.84 50.95
CA ALA P 481 -22.74 43.89 52.36
C ALA P 481 -21.64 44.89 52.69
N HIS P 482 -20.68 45.10 51.78
CA HIS P 482 -19.62 46.08 52.00
C HIS P 482 -19.92 47.42 51.35
N ASN P 483 -20.83 47.47 50.37
CA ASN P 483 -21.21 48.71 49.71
C ASN P 483 -22.44 49.26 50.44
N VAL P 484 -22.24 49.78 51.65
CA VAL P 484 -23.32 50.16 52.54
C VAL P 484 -23.12 51.61 52.97
N THR P 485 -24.17 52.17 53.58
CA THR P 485 -24.12 53.50 54.18
C THR P 485 -23.78 53.35 55.66
N GLU P 486 -22.70 54.02 56.08
CA GLU P 486 -22.31 53.99 57.48
C GLU P 486 -22.45 55.37 58.10
N PRO P 487 -22.63 55.46 59.47
CA PRO P 487 -22.73 56.77 60.14
C PRO P 487 -21.39 57.48 60.27
N GLY P 488 -20.80 57.82 59.12
CA GLY P 488 -19.51 58.45 59.09
C GLY P 488 -18.62 57.98 57.96
N ALA P 489 -17.50 58.66 57.74
CA ALA P 489 -16.61 58.29 56.64
C ALA P 489 -16.01 56.90 56.85
N VAL P 490 -15.78 56.52 58.10
CA VAL P 490 -15.08 55.27 58.42
C VAL P 490 -16.13 54.17 58.61
N LYS P 491 -15.95 53.06 57.90
CA LYS P 491 -16.84 51.91 58.00
C LYS P 491 -16.52 51.14 59.28
N THR P 492 -17.56 50.64 59.95
CA THR P 492 -17.39 49.87 61.17
C THR P 492 -17.95 48.45 61.09
N ASP P 493 -19.25 48.31 61.31
CA ASP P 493 -19.91 47.02 61.37
C ASP P 493 -19.68 46.18 60.11
N HIS P 494 -19.49 46.85 58.98
CA HIS P 494 -19.38 46.17 57.69
C HIS P 494 -17.93 46.18 57.20
N LEU P 495 -17.01 45.94 58.13
CA LEU P 495 -15.65 45.50 57.83
C LEU P 495 -15.51 44.00 58.06
N TYR P 496 -16.55 43.40 58.64
CA TYR P 496 -16.51 42.00 59.08
C TYR P 496 -17.39 41.05 58.27
N LYS P 497 -17.86 41.44 57.09
CA LYS P 497 -18.79 40.59 56.37
C LYS P 497 -18.03 39.66 55.43
N GLY P 498 -18.06 38.35 55.72
CA GLY P 498 -17.33 37.38 54.93
C GLY P 498 -18.19 36.26 54.39
N VAL P 499 -17.56 35.24 53.82
CA VAL P 499 -18.26 34.13 53.20
C VAL P 499 -18.70 33.19 54.31
N ASP P 500 -19.97 32.82 54.31
CA ASP P 500 -20.50 31.89 55.31
C ASP P 500 -20.34 30.46 54.81
N ILE P 501 -19.32 29.77 55.30
CA ILE P 501 -19.02 28.42 54.86
C ILE P 501 -19.91 27.46 55.64
N ASP P 502 -21.18 27.40 55.28
CA ASP P 502 -22.12 26.59 56.04
C ASP P 502 -22.67 25.42 55.25
N GLY P 503 -23.01 25.66 53.99
CA GLY P 503 -23.68 24.68 53.18
C GLY P 503 -25.19 24.73 53.29
N GLU P 504 -25.71 25.86 53.76
CA GLU P 504 -27.14 26.07 53.95
C GLU P 504 -27.77 26.43 52.60
N SER P 505 -29.08 26.65 52.62
CA SER P 505 -29.84 26.73 51.36
C SER P 505 -30.01 28.18 50.89
N ASP P 506 -30.60 29.03 51.72
CA ASP P 506 -31.20 30.28 51.24
C ASP P 506 -30.20 31.39 50.91
N GLU P 507 -29.52 31.99 51.88
CA GLU P 507 -28.80 33.21 51.58
C GLU P 507 -27.95 33.70 52.74
N GLY P 508 -27.12 34.71 52.46
CA GLY P 508 -26.51 35.52 53.51
C GLY P 508 -25.01 35.51 53.66
N VAL P 509 -24.53 36.33 54.58
CA VAL P 509 -23.11 36.46 54.89
C VAL P 509 -22.92 36.27 56.39
N LYS P 510 -21.67 36.13 56.83
CA LYS P 510 -21.40 35.84 58.22
C LYS P 510 -20.34 36.80 58.74
N ASP P 511 -20.47 37.16 60.02
CA ASP P 511 -19.60 38.13 60.66
C ASP P 511 -18.34 37.43 61.15
N ILE P 512 -17.17 37.96 60.78
CA ILE P 512 -15.91 37.39 61.23
C ILE P 512 -15.91 37.24 62.76
N ARG P 513 -16.53 38.19 63.45
CA ARG P 513 -16.49 38.19 64.91
C ARG P 513 -17.16 36.95 65.50
N GLU P 514 -18.09 36.33 64.76
CA GLU P 514 -18.81 35.17 65.28
C GLU P 514 -17.89 33.99 65.52
N GLU P 515 -16.84 33.83 64.69
CA GLU P 515 -15.93 32.71 64.82
C GLU P 515 -14.46 33.11 64.96
N ASN P 516 -14.17 34.41 65.01
CA ASN P 516 -12.80 34.91 65.16
C ASN P 516 -11.91 34.45 64.00
N ILE P 517 -12.41 34.63 62.79
CA ILE P 517 -11.69 34.28 61.57
C ILE P 517 -10.86 35.48 61.17
N TYR P 518 -9.57 35.44 61.48
CA TYR P 518 -8.67 36.53 61.14
C TYR P 518 -7.47 35.96 60.37
N ASP P 519 -6.95 36.77 59.45
CA ASP P 519 -5.72 36.44 58.76
C ASP P 519 -4.57 37.26 59.34
N MET P 520 -3.35 36.76 59.15
CA MET P 520 -2.17 37.50 59.58
C MET P 520 -1.75 38.49 58.49
N LEU P 521 -1.47 39.73 58.92
CA LEU P 521 -1.04 40.76 57.99
C LEU P 521 0.23 40.33 57.26
N ALA P 522 1.20 39.78 57.99
CA ALA P 522 2.46 39.38 57.38
C ALA P 522 2.24 38.36 56.27
N THR P 523 1.30 37.43 56.48
CA THR P 523 0.97 36.47 55.42
C THR P 523 0.34 37.15 54.23
N LYS P 524 -0.58 38.10 54.48
CA LYS P 524 -1.26 38.76 53.37
C LYS P 524 -0.31 39.64 52.56
N LYS P 525 0.40 40.55 53.23
CA LYS P 525 1.29 41.46 52.51
C LYS P 525 2.38 40.69 51.77
N PHE P 526 2.88 39.62 52.37
CA PHE P 526 3.86 38.78 51.68
C PHE P 526 3.26 38.15 50.42
N ALA P 527 2.05 37.60 50.53
CA ALA P 527 1.40 37.01 49.36
C ALA P 527 1.17 38.04 48.27
N ILE P 528 0.82 39.27 48.66
CA ILE P 528 0.58 40.32 47.69
C ILE P 528 1.86 40.64 46.91
N ASN P 529 2.99 40.71 47.62
CA ASN P 529 4.27 40.91 46.94
C ASN P 529 4.60 39.74 46.02
N VAL P 530 4.52 38.51 46.54
CA VAL P 530 4.94 37.35 45.76
C VAL P 530 4.02 37.16 44.56
N ALA P 531 2.72 37.25 44.76
CA ALA P 531 1.77 37.01 43.67
C ALA P 531 1.97 38.02 42.54
N THR P 532 2.20 39.29 42.88
CA THR P 532 2.40 40.30 41.84
C THR P 532 3.70 40.06 41.09
N GLU P 533 4.78 39.76 41.80
CA GLU P 533 6.05 39.49 41.13
C GLU P 533 5.93 38.29 40.20
N ALA P 534 5.23 37.25 40.64
CA ALA P 534 5.02 36.09 39.78
C ALA P 534 4.23 36.46 38.52
N ALA P 535 3.14 37.21 38.70
CA ALA P 535 2.32 37.58 37.56
C ALA P 535 3.08 38.48 36.59
N THR P 536 3.81 39.48 37.12
CA THR P 536 4.51 40.41 36.25
C THR P 536 5.73 39.77 35.62
N THR P 537 6.36 38.81 36.30
CA THR P 537 7.46 38.07 35.70
C THR P 537 7.00 37.32 34.45
N VAL P 538 5.89 36.59 34.56
CA VAL P 538 5.36 35.86 33.41
C VAL P 538 5.02 36.81 32.27
N LEU P 539 4.37 37.93 32.59
CA LEU P 539 3.99 38.89 31.56
C LEU P 539 5.21 39.50 30.87
N SER P 540 6.35 39.58 31.56
CA SER P 540 7.53 40.18 30.96
C SER P 540 8.19 39.27 29.94
N ILE P 541 7.79 38.01 29.89
CA ILE P 541 8.43 37.03 29.02
C ILE P 541 7.63 36.91 27.73
N ASP P 542 8.13 37.50 26.65
CA ASP P 542 7.48 37.45 25.35
C ASP P 542 8.10 36.41 24.43
N GLN P 543 9.07 35.63 24.93
CA GLN P 543 9.70 34.59 24.13
C GLN P 543 10.52 33.65 25.00
N ILE P 544 10.45 32.35 24.73
CA ILE P 544 11.25 31.34 25.41
C ILE P 544 12.16 30.68 24.40
N ILE P 545 13.46 30.67 24.68
CA ILE P 545 14.46 30.07 23.80
C ILE P 545 15.28 29.08 24.62
N MET P 546 15.41 27.86 24.10
CA MET P 546 16.22 26.82 24.72
C MET P 546 17.58 26.74 24.02
N ALA P 547 18.62 26.48 24.81
CA ALA P 547 19.96 26.38 24.27
C ALA P 547 20.84 25.63 25.24
N LYS P 548 21.89 25.01 24.71
CA LYS P 548 22.93 24.42 25.55
C LYS P 548 23.63 25.50 26.36
N LYS P 549 23.76 25.26 27.66
CA LYS P 549 24.48 26.18 28.54
C LYS P 549 25.92 25.72 28.76
N SER Q 94 64.52 -2.14 23.91
CA SER Q 94 63.95 -2.37 22.59
C SER Q 94 63.14 -3.67 22.58
N LYS Q 95 62.05 -3.66 23.33
CA LYS Q 95 61.14 -4.80 23.41
C LYS Q 95 60.07 -4.79 22.32
N PHE Q 96 60.07 -3.79 21.44
CA PHE Q 96 59.06 -3.61 20.41
C PHE Q 96 59.74 -3.45 19.05
N GLY Q 97 58.94 -3.10 18.04
CA GLY Q 97 59.45 -2.98 16.69
C GLY Q 97 58.46 -3.35 15.61
N GLU Q 98 57.27 -3.81 15.99
CA GLU Q 98 56.21 -4.12 15.04
C GLU Q 98 54.89 -3.61 15.60
N VAL Q 99 53.95 -3.34 14.69
CA VAL Q 99 52.65 -2.83 15.09
C VAL Q 99 51.82 -3.96 15.64
N PHE Q 100 51.33 -3.78 16.87
CA PHE Q 100 50.58 -4.82 17.58
C PHE Q 100 49.09 -4.61 17.33
N HIS Q 101 48.49 -5.50 16.53
CA HIS Q 101 47.06 -5.49 16.28
C HIS Q 101 46.38 -6.32 17.36
N ILE Q 102 45.58 -5.67 18.20
CA ILE Q 102 44.96 -6.30 19.35
C ILE Q 102 43.45 -6.36 19.17
N ASN Q 103 42.81 -7.14 20.02
CA ASN Q 103 41.36 -7.29 20.06
C ASN Q 103 40.79 -6.48 21.21
N LYS Q 104 39.46 -6.46 21.29
CA LYS Q 104 38.78 -5.72 22.35
C LYS Q 104 39.16 -6.17 23.76
N PRO Q 105 39.07 -7.46 24.13
CA PRO Q 105 39.41 -7.83 25.51
C PRO Q 105 40.89 -7.71 25.85
N GLU Q 106 41.77 -7.69 24.84
CA GLU Q 106 43.19 -7.57 25.08
C GLU Q 106 43.65 -6.13 25.25
N TYR Q 107 42.73 -5.17 25.36
CA TYR Q 107 43.11 -3.77 25.46
C TYR Q 107 43.72 -3.46 26.82
N ASN Q 108 43.10 -3.96 27.89
CA ASN Q 108 43.56 -3.63 29.24
C ASN Q 108 44.96 -4.17 29.54
N LYS Q 109 45.36 -5.25 28.89
CA LYS Q 109 46.66 -5.87 29.14
C LYS Q 109 47.77 -5.28 28.27
N GLU Q 110 47.48 -4.95 27.02
CA GLU Q 110 48.50 -4.48 26.09
C GLU Q 110 48.64 -2.97 26.06
N VAL Q 111 47.75 -2.22 26.71
CA VAL Q 111 47.77 -0.77 26.69
C VAL Q 111 47.93 -0.23 28.11
N THR Q 112 46.94 -0.53 28.97
CA THR Q 112 46.95 0.03 30.32
C THR Q 112 48.07 -0.57 31.16
N LEU Q 113 48.05 -1.90 31.33
CA LEU Q 113 49.07 -2.55 32.13
C LEU Q 113 50.43 -2.51 31.44
N ALA Q 114 50.44 -2.47 30.11
CA ALA Q 114 51.70 -2.43 29.38
C ALA Q 114 52.42 -1.09 29.59
N SER Q 115 51.65 -0.01 29.74
CA SER Q 115 52.25 1.31 29.93
C SER Q 115 53.02 1.41 31.24
N GLN Q 116 52.64 0.63 32.25
CA GLN Q 116 53.36 0.66 33.52
C GLN Q 116 54.77 0.10 33.41
N GLY Q 117 55.01 -0.80 32.46
CA GLY Q 117 56.35 -1.32 32.23
C GLY Q 117 56.88 -2.14 33.39
N LYS Q 118 57.97 -1.66 34.01
CA LYS Q 118 58.60 -2.40 35.09
C LYS Q 118 57.70 -2.53 36.31
N LYS Q 119 56.81 -1.55 36.53
CA LYS Q 119 55.90 -1.62 37.67
C LYS Q 119 54.86 -2.72 37.52
N ASP Q 132 62.46 2.00 40.26
CA ASP Q 132 62.78 1.96 38.83
C ASP Q 132 61.50 2.13 38.02
N ASP Q 133 61.11 3.40 37.87
CA ASP Q 133 59.89 3.74 37.13
C ASP Q 133 60.12 3.60 35.64
N GLY Q 134 60.18 2.36 35.15
CA GLY Q 134 60.39 2.10 33.74
C GLY Q 134 59.13 2.26 32.92
N GLY Q 135 58.61 3.49 32.86
CA GLY Q 135 57.42 3.74 32.07
C GLY Q 135 57.64 3.51 30.60
N VAL Q 136 56.55 3.18 29.91
CA VAL Q 136 56.56 2.86 28.49
C VAL Q 136 55.44 3.64 27.82
N TYR Q 137 55.79 4.35 26.75
CA TYR Q 137 54.79 5.09 25.97
C TYR Q 137 54.13 4.16 24.98
N VAL Q 138 52.79 4.19 24.95
CA VAL Q 138 51.99 3.31 24.10
C VAL Q 138 51.09 4.20 23.24
N PHE Q 139 51.35 4.20 21.94
CA PHE Q 139 50.54 4.94 20.97
C PHE Q 139 49.48 4.01 20.40
N VAL Q 140 48.21 4.35 20.66
CA VAL Q 140 47.07 3.55 20.23
C VAL Q 140 46.44 4.24 19.03
N HIS Q 141 46.01 3.45 18.06
CA HIS Q 141 45.38 3.94 16.84
C HIS Q 141 44.01 3.29 16.69
N LEU Q 142 42.96 4.11 16.75
CA LEU Q 142 41.60 3.65 16.46
C LEU Q 142 41.39 3.77 14.95
N SER Q 143 41.61 2.67 14.25
CA SER Q 143 41.63 2.68 12.79
C SER Q 143 40.22 2.62 12.21
N LEU Q 144 40.06 3.23 11.04
CA LEU Q 144 38.82 3.19 10.29
C LEU Q 144 39.18 3.24 8.81
N GLN Q 145 38.97 2.13 8.11
CA GLN Q 145 39.43 2.02 6.72
C GLN Q 145 38.74 3.01 5.78
N SER Q 146 37.56 3.52 6.14
CA SER Q 146 36.86 4.44 5.26
C SER Q 146 37.44 5.85 5.26
N LYS Q 147 38.34 6.16 6.18
CA LYS Q 147 38.94 7.48 6.29
C LYS Q 147 40.34 7.47 5.69
N LEU Q 148 40.67 8.51 4.93
CA LEU Q 148 41.98 8.59 4.30
C LEU Q 148 43.07 8.81 5.35
N GLN Q 149 42.77 9.57 6.40
CA GLN Q 149 43.77 9.86 7.43
C GLN Q 149 44.15 8.61 8.20
N SER Q 150 43.22 7.66 8.33
CA SER Q 150 43.50 6.44 9.06
C SER Q 150 44.57 5.61 8.35
N ARG Q 151 44.47 5.49 7.03
CA ARG Q 151 45.48 4.76 6.28
C ARG Q 151 46.82 5.50 6.29
N ILE Q 152 46.78 6.83 6.32
CA ILE Q 152 48.01 7.61 6.43
C ILE Q 152 48.65 7.39 7.79
N LEU Q 153 47.85 7.45 8.86
CA LEU Q 153 48.39 7.26 10.20
C LEU Q 153 48.89 5.84 10.40
N SER Q 154 48.28 4.88 9.72
CA SER Q 154 48.75 3.49 9.81
C SER Q 154 50.13 3.35 9.20
N HIS Q 155 50.40 4.08 8.11
CA HIS Q 155 51.72 4.03 7.49
C HIS Q 155 52.78 4.62 8.39
N LEU Q 156 52.42 5.68 9.14
CA LEU Q 156 53.37 6.29 10.05
C LEU Q 156 53.74 5.36 11.20
N PHE Q 157 52.76 4.58 11.68
CA PHE Q 157 53.02 3.63 12.74
C PHE Q 157 54.02 2.56 12.30
N GLN Q 158 53.89 2.08 11.06
CA GLN Q 158 54.82 1.07 10.56
C GLN Q 158 56.21 1.64 10.40
N SER Q 159 56.32 2.90 9.96
CA SER Q 159 57.63 3.52 9.77
C SER Q 159 58.29 3.80 11.11
N ALA Q 160 57.54 4.39 12.05
CA ALA Q 160 58.11 4.73 13.35
C ALA Q 160 58.45 3.47 14.15
N ALA Q 161 57.73 2.38 13.91
CA ALA Q 161 57.99 1.14 14.63
C ALA Q 161 59.37 0.58 14.31
N CYS Q 162 59.81 0.71 13.06
CA CYS Q 162 61.12 0.21 12.66
C CYS Q 162 62.27 1.08 13.16
N LYS Q 163 61.99 2.24 13.75
CA LYS Q 163 63.01 3.14 14.29
C LYS Q 163 63.02 3.19 15.81
N PHE Q 164 61.86 3.36 16.43
CA PHE Q 164 61.73 3.48 17.88
C PHE Q 164 61.24 2.13 18.42
N ARG Q 165 62.19 1.23 18.67
CA ARG Q 165 61.85 -0.09 19.18
C ARG Q 165 61.51 -0.09 20.67
N GLU Q 166 61.69 1.02 21.37
CA GLU Q 166 61.33 1.13 22.78
C GLU Q 166 59.89 1.60 22.99
N ILE Q 167 59.27 2.20 21.97
CA ILE Q 167 57.90 2.70 22.06
C ILE Q 167 56.98 1.67 21.43
N LYS Q 168 55.90 1.35 22.13
CA LYS Q 168 54.93 0.36 21.65
C LYS Q 168 53.88 1.03 20.78
N PHE Q 169 53.68 0.48 19.58
CA PHE Q 169 52.71 0.98 18.62
C PHE Q 169 51.56 -0.01 18.52
N VAL Q 170 50.37 0.44 18.89
CA VAL Q 170 49.17 -0.40 18.95
C VAL Q 170 48.17 0.14 17.95
N GLU Q 171 47.44 -0.78 17.30
CA GLU Q 171 46.40 -0.44 16.34
C GLU Q 171 45.20 -1.33 16.58
N ILE Q 172 44.01 -0.76 16.46
CA ILE Q 172 42.76 -1.49 16.69
C ILE Q 172 41.64 -0.80 15.91
N PRO Q 173 40.63 -1.50 15.42
CA PRO Q 173 39.48 -0.80 14.83
C PRO Q 173 38.74 0.03 15.86
N ALA Q 174 38.20 1.17 15.41
CA ALA Q 174 37.46 2.05 16.31
C ALA Q 174 36.14 1.43 16.74
N ASN Q 175 35.50 0.69 15.83
CA ASN Q 175 34.22 0.06 16.13
C ASN Q 175 34.31 -0.99 17.23
N ARG Q 176 35.46 -1.64 17.39
CA ARG Q 176 35.65 -2.67 18.41
C ARG Q 176 36.13 -2.12 19.74
N ALA Q 177 36.92 -1.04 19.72
CA ALA Q 177 37.45 -0.49 20.96
C ALA Q 177 36.35 0.18 21.77
N ILE Q 178 35.61 1.11 21.15
CA ILE Q 178 34.56 1.87 21.81
C ILE Q 178 33.25 1.56 21.10
N GLU Q 179 32.23 1.16 21.85
CA GLU Q 179 30.94 0.83 21.26
C GLU Q 179 30.25 2.09 20.75
N ASN Q 180 29.81 2.04 19.49
CA ASN Q 180 29.10 3.14 18.85
C ASN Q 180 29.92 4.43 18.84
N TYR Q 181 31.20 4.31 18.50
CA TYR Q 181 32.08 5.48 18.48
C TYR Q 181 31.72 6.36 17.29
N PRO Q 182 31.78 7.69 17.40
CA PRO Q 182 31.51 8.53 16.23
C PRO Q 182 32.54 8.32 15.13
N GLU Q 183 32.05 8.04 13.92
CA GLU Q 183 32.95 7.83 12.79
C GLU Q 183 33.62 9.13 12.36
N SER Q 184 32.97 10.27 12.60
CA SER Q 184 33.54 11.56 12.20
C SER Q 184 34.80 11.89 12.99
N ASN Q 185 34.94 11.36 14.20
CA ASN Q 185 36.12 11.62 15.03
C ASN Q 185 37.31 10.73 14.67
N CYS Q 186 37.10 9.67 13.90
CA CYS Q 186 38.21 8.80 13.53
C CYS Q 186 39.03 9.45 12.41
N PRO Q 187 40.36 9.21 12.31
CA PRO Q 187 41.19 8.38 13.20
C PRO Q 187 41.50 9.07 14.53
N THR Q 188 41.75 8.29 15.57
CA THR Q 188 42.02 8.80 16.90
C THR Q 188 43.35 8.24 17.39
N LEU Q 189 44.17 9.11 17.97
CA LEU Q 189 45.50 8.75 18.47
C LEU Q 189 45.53 9.04 19.97
N ILE Q 190 45.72 7.98 20.76
CA ILE Q 190 45.81 8.07 22.22
C ILE Q 190 47.22 7.68 22.63
N VAL Q 191 47.73 8.32 23.67
CA VAL Q 191 49.07 8.07 24.20
C VAL Q 191 48.95 7.76 25.68
N TYR Q 192 49.32 6.54 26.05
CA TYR Q 192 49.32 6.09 27.44
C TYR Q 192 50.74 6.09 27.99
N TYR Q 193 50.85 6.32 29.29
CA TYR Q 193 52.15 6.28 29.97
C TYR Q 193 51.90 6.09 31.45
N ARG Q 194 52.37 4.97 32.00
CA ARG Q 194 52.19 4.63 33.40
C ARG Q 194 50.71 4.59 33.77
N GLY Q 195 49.91 4.04 32.85
CA GLY Q 195 48.49 3.89 33.06
C GLY Q 195 47.66 5.14 32.89
N GLU Q 196 48.28 6.29 32.62
CA GLU Q 196 47.58 7.55 32.48
C GLU Q 196 47.63 8.01 31.02
N VAL Q 197 46.57 8.68 30.59
CA VAL Q 197 46.48 9.20 29.23
C VAL Q 197 47.22 10.53 29.16
N ILE Q 198 48.27 10.59 28.34
CA ILE Q 198 49.07 11.80 28.20
C ILE Q 198 48.48 12.72 27.15
N LYS Q 199 47.93 12.16 26.07
CA LYS Q 199 47.40 12.94 24.97
C LYS Q 199 46.25 12.19 24.32
N ASN Q 200 45.10 12.85 24.21
CA ASN Q 200 43.93 12.33 23.51
C ASN Q 200 43.78 13.18 22.25
N MET Q 201 44.46 12.77 21.18
CA MET Q 201 44.55 13.56 19.96
C MET Q 201 43.35 13.26 19.06
N ILE Q 202 42.93 14.28 18.31
CA ILE Q 202 41.78 14.23 17.42
C ILE Q 202 42.35 14.09 16.01
N THR Q 203 41.48 14.00 15.00
CA THR Q 203 41.86 13.87 13.60
C THR Q 203 42.97 14.84 13.20
N LEU Q 204 43.72 14.49 12.17
CA LEU Q 204 45.07 15.01 11.95
C LEU Q 204 45.11 16.40 11.31
N LEU Q 205 44.04 17.19 11.43
CA LEU Q 205 44.08 18.58 10.99
C LEU Q 205 45.20 19.34 11.69
N GLU Q 206 45.49 18.99 12.95
CA GLU Q 206 46.60 19.61 13.66
C GLU Q 206 47.95 19.25 13.05
N LEU Q 207 48.08 18.03 12.52
CA LEU Q 207 49.33 17.55 11.94
C LEU Q 207 49.33 17.67 10.42
N GLY Q 208 48.66 18.67 9.86
CA GLY Q 208 48.61 18.89 8.44
C GLY Q 208 47.43 18.25 7.73
N GLY Q 209 46.73 17.33 8.39
CA GLY Q 209 45.58 16.71 7.75
C GLY Q 209 46.00 15.67 6.74
N ASN Q 210 45.44 15.77 5.54
CA ASN Q 210 45.77 14.83 4.47
C ASN Q 210 47.21 14.94 4.00
N ASN Q 211 47.85 16.10 4.18
CA ASN Q 211 49.24 16.31 3.79
C ASN Q 211 50.21 16.03 4.94
N SER Q 212 49.82 15.17 5.88
CA SER Q 212 50.70 14.83 6.99
C SER Q 212 51.92 14.06 6.49
N LYS Q 213 53.07 14.35 7.07
CA LYS Q 213 54.34 13.74 6.69
C LYS Q 213 54.97 13.07 7.90
N MET Q 214 56.02 12.29 7.62
CA MET Q 214 56.73 11.59 8.69
C MET Q 214 57.45 12.56 9.61
N GLU Q 215 57.91 13.70 9.07
CA GLU Q 215 58.62 14.68 9.88
C GLU Q 215 57.68 15.29 10.93
N ASP Q 216 56.42 15.54 10.55
CA ASP Q 216 55.47 16.10 11.51
C ASP Q 216 55.13 15.11 12.60
N PHE Q 217 55.09 13.81 12.28
CA PHE Q 217 54.77 12.80 13.28
C PHE Q 217 55.90 12.66 14.29
N GLU Q 218 57.15 12.65 13.83
CA GLU Q 218 58.28 12.55 14.75
C GLU Q 218 58.35 13.76 15.67
N ASP Q 219 57.97 14.93 15.18
CA ASP Q 219 57.97 16.13 16.01
C ASP Q 219 56.93 16.01 17.12
N PHE Q 220 55.80 15.36 16.83
CA PHE Q 220 54.76 15.17 17.85
C PHE Q 220 55.25 14.25 18.96
N MET Q 221 56.07 13.24 18.59
CA MET Q 221 56.58 12.32 19.59
C MET Q 221 57.52 13.01 20.58
N VAL Q 222 58.17 14.09 20.16
CA VAL Q 222 59.07 14.81 21.05
C VAL Q 222 58.29 15.67 22.04
N LYS Q 223 57.14 16.19 21.60
CA LYS Q 223 56.35 17.07 22.47
C LYS Q 223 55.77 16.31 23.66
#